data_4K3N
#
_entry.id   4K3N
#
_cell.length_a   173.716
_cell.length_b   177.079
_cell.length_c   229.185
_cell.angle_alpha   90.00
_cell.angle_beta   90.00
_cell.angle_gamma   90.00
#
_symmetry.space_group_name_H-M   'P 21 21 21'
#
loop_
_entity.id
_entity.type
_entity.pdbx_description
1 polymer 'M17 leucyl aminopeptidase'
2 non-polymer 'ZINC ION'
3 non-polymer 'CARBONATE ION'
4 non-polymer '{(R)-amino[4-(1H-pyrazol-1-yl)phenyl]methyl}phosphonic acid'
5 non-polymer 'SULFATE ION'
6 non-polymer 'PENTAETHYLENE GLYCOL'
7 non-polymer 'NONAETHYLENE GLYCOL'
8 water water
#
_entity_poly.entity_id   1
_entity_poly.type   'polypeptide(L)'
_entity_poly.pdbx_seq_one_letter_code
;MASEVPQVVSLDPTSIPIEYNTPIHDIKVQVYDIKGGCNVEEGLTIFLVNNPGKENGPVKISSKVNDKQVSEFLKDENME
KFNVKLGTSKHFYMFNDNKNSVAVGYVGCGSVADLSEADMKRVVLSLVTMLHDNKLSKLTVVFEINVDKNLFRFFLETLF
YEYMTDERFKSTDKNVNMEYIKHLGVYINNADTYKEEVEKARVYYFGTYYASQLIAAPSNYCNPVSLSNAAVELAQKLNL
EYKILGVKELEELKMGAYLSVGKGSMYPNKFIHLTYKSKGDVKKKIALVGKGITFDSGGYNLKAAPGSMIDLMKFDMSGC
AAVLGCAYCVGTLKPENVEIHFLSAVCENMVSKNSYRPGDIITASNGKTIEVGNTDAEGRLTLADALVYAEKLGVDYIVD
IATLTGAMLYSLGTSYAGVFGNNEELINKILQSSKTSNEPVWWLPIINEYRATLNSKYADINQISSSVKASSIVASLFLK
EFVQNTAWAHIDIAGVSWNFKARKPKGFGVRLLTEFVLNDALHHHHHH
;
_entity_poly.pdbx_strand_id   A,B,C,D,E,F,G,H,I,J,K,L
#
# COMPACT_ATOMS: atom_id res chain seq x y z
N ALA A 2 -43.88 13.56 57.30
CA ALA A 2 -42.87 14.60 57.15
C ALA A 2 -42.23 14.92 58.49
N SER A 3 -41.07 15.57 58.44
CA SER A 3 -40.43 16.08 59.64
C SER A 3 -40.59 17.59 59.66
N GLU A 4 -40.52 18.18 60.85
CA GLU A 4 -40.53 19.62 61.01
C GLU A 4 -39.16 20.18 60.65
N VAL A 5 -39.16 21.17 59.77
CA VAL A 5 -37.93 21.88 59.42
C VAL A 5 -37.58 22.82 60.55
N PRO A 6 -36.38 22.67 61.13
CA PRO A 6 -35.97 23.60 62.19
C PRO A 6 -35.73 25.00 61.62
N GLN A 7 -36.00 26.02 62.42
CA GLN A 7 -35.79 27.41 62.00
C GLN A 7 -34.88 28.09 63.00
N VAL A 8 -34.11 29.06 62.54
CA VAL A 8 -33.38 29.91 63.48
C VAL A 8 -34.28 31.07 63.86
N VAL A 9 -34.89 31.70 62.85
CA VAL A 9 -35.89 32.72 63.12
C VAL A 9 -37.19 32.33 62.44
N SER A 10 -38.29 32.98 62.80
CA SER A 10 -39.60 32.58 62.28
C SER A 10 -39.76 32.81 60.78
N LEU A 11 -38.91 33.67 60.22
CA LEU A 11 -38.99 34.00 58.81
C LEU A 11 -38.21 32.99 57.96
N ASP A 12 -37.57 32.02 58.61
CA ASP A 12 -36.89 30.94 57.88
C ASP A 12 -37.93 30.05 57.21
N PRO A 13 -37.75 29.78 55.92
CA PRO A 13 -38.73 28.95 55.19
C PRO A 13 -38.76 27.51 55.69
N THR A 14 -39.94 26.91 55.70
CA THR A 14 -40.09 25.53 56.20
C THR A 14 -40.47 24.53 55.12
N SER A 15 -40.44 24.94 53.86
CA SER A 15 -40.64 24.01 52.74
C SER A 15 -40.06 24.61 51.46
N ILE A 16 -39.82 23.75 50.47
CA ILE A 16 -39.40 24.20 49.15
C ILE A 16 -40.64 24.47 48.32
N PRO A 17 -40.77 25.70 47.78
CA PRO A 17 -41.88 25.94 46.83
C PRO A 17 -41.70 25.09 45.58
N ILE A 18 -42.73 24.35 45.20
CA ILE A 18 -42.65 23.51 44.01
C ILE A 18 -43.85 23.80 43.13
N GLU A 19 -43.58 24.02 41.84
CA GLU A 19 -44.64 24.24 40.86
C GLU A 19 -44.86 22.94 40.09
N TYR A 20 -46.00 22.30 40.29
CA TYR A 20 -46.28 21.05 39.59
C TYR A 20 -47.07 21.28 38.31
N ASN A 21 -48.11 22.09 38.41
CA ASN A 21 -48.97 22.39 37.27
C ASN A 21 -48.44 23.59 36.52
N THR A 22 -47.49 23.38 35.62
CA THR A 22 -46.84 24.47 34.93
C THR A 22 -47.65 24.84 33.69
N PRO A 23 -47.44 26.07 33.18
CA PRO A 23 -48.07 26.49 31.92
C PRO A 23 -47.81 25.53 30.76
N ILE A 24 -46.66 24.85 30.76
CA ILE A 24 -46.37 23.87 29.73
C ILE A 24 -47.42 22.75 29.73
N HIS A 25 -47.95 22.43 30.89
CA HIS A 25 -48.95 21.37 30.99
C HIS A 25 -50.34 21.77 30.45
N ASP A 26 -50.58 23.07 30.30
CA ASP A 26 -51.85 23.51 29.72
C ASP A 26 -51.78 23.56 28.20
N ILE A 27 -50.60 23.36 27.65
CA ILE A 27 -50.42 23.46 26.20
C ILE A 27 -51.00 22.23 25.50
N LYS A 28 -51.92 22.46 24.57
CA LYS A 28 -52.44 21.38 23.73
C LYS A 28 -51.57 21.20 22.51
N VAL A 29 -51.08 19.98 22.32
CA VAL A 29 -50.18 19.70 21.20
C VAL A 29 -50.94 18.90 20.12
N GLN A 30 -50.84 19.37 18.89
CA GLN A 30 -51.46 18.69 17.77
C GLN A 30 -50.37 18.48 16.71
N VAL A 31 -50.22 17.24 16.24
CA VAL A 31 -49.20 16.94 15.24
C VAL A 31 -49.87 16.58 13.92
N TYR A 32 -49.41 17.19 12.84
CA TYR A 32 -49.98 16.93 11.53
C TYR A 32 -48.92 16.41 10.58
N ASP A 33 -49.35 15.64 9.59
CA ASP A 33 -48.44 15.22 8.53
C ASP A 33 -48.32 16.33 7.49
N ILE A 34 -47.09 16.72 7.19
CA ILE A 34 -46.78 17.73 6.21
C ILE A 34 -47.44 17.47 4.84
N LYS A 35 -47.57 16.20 4.46
CA LYS A 35 -48.16 15.86 3.16
C LYS A 35 -49.58 16.40 2.98
N GLY A 36 -50.24 16.75 4.08
CA GLY A 36 -51.57 17.32 4.04
C GLY A 36 -51.57 18.83 3.84
N GLY A 37 -50.39 19.42 3.85
CA GLY A 37 -50.24 20.85 3.68
C GLY A 37 -50.41 21.59 5.00
N CYS A 38 -49.86 22.79 5.08
CA CYS A 38 -49.92 23.55 6.32
C CYS A 38 -51.01 24.62 6.29
N ASN A 39 -51.89 24.59 7.28
CA ASN A 39 -52.81 25.70 7.51
C ASN A 39 -52.08 26.79 8.30
N VAL A 40 -52.22 28.05 7.88
CA VAL A 40 -51.50 29.16 8.48
C VAL A 40 -52.50 30.16 9.01
N GLU A 41 -52.73 30.14 10.31
CA GLU A 41 -53.75 30.97 10.91
C GLU A 41 -53.21 31.73 12.11
N GLU A 42 -53.92 31.72 13.23
CA GLU A 42 -53.55 32.60 14.34
C GLU A 42 -52.23 32.15 14.96
N GLY A 43 -51.60 33.05 15.70
CA GLY A 43 -50.40 32.73 16.43
C GLY A 43 -49.16 33.02 15.62
N LEU A 44 -48.14 32.17 15.79
CA LEU A 44 -46.90 32.32 15.02
C LEU A 44 -46.53 30.97 14.39
N THR A 45 -46.37 30.97 13.08
CA THR A 45 -46.00 29.76 12.36
C THR A 45 -44.54 29.81 11.94
N ILE A 46 -43.72 28.95 12.54
CA ILE A 46 -42.27 28.94 12.27
C ILE A 46 -41.84 27.73 11.44
N PHE A 47 -41.16 27.98 10.32
CA PHE A 47 -40.56 26.90 9.53
C PHE A 47 -39.12 26.63 9.96
N LEU A 48 -38.79 25.36 10.23
CA LEU A 48 -37.41 24.97 10.51
C LEU A 48 -36.72 24.55 9.21
N VAL A 49 -35.78 25.38 8.75
CA VAL A 49 -35.24 25.25 7.39
C VAL A 49 -33.72 25.12 7.38
N ASN A 50 -33.19 24.19 6.57
CA ASN A 50 -31.75 24.15 6.32
C ASN A 50 -31.38 24.26 4.84
N ASN A 51 -30.09 24.16 4.55
CA ASN A 51 -29.63 24.08 3.17
C ASN A 51 -28.33 23.30 3.15
N PRO A 52 -28.46 21.98 2.98
CA PRO A 52 -27.34 21.03 3.11
C PRO A 52 -26.18 21.35 2.19
N GLY A 53 -24.98 21.43 2.74
CA GLY A 53 -23.79 21.71 1.95
C GLY A 53 -23.59 23.18 1.60
N LYS A 54 -24.70 23.91 1.43
CA LYS A 54 -24.64 25.32 1.10
C LYS A 54 -24.58 26.19 2.35
N GLU A 55 -23.36 26.42 2.86
CA GLU A 55 -23.16 27.20 4.08
C GLU A 55 -23.73 28.60 3.90
N ASN A 56 -24.53 29.04 4.86
CA ASN A 56 -25.29 30.28 4.75
C ASN A 56 -26.11 30.33 3.46
N GLY A 57 -26.56 29.18 3.02
CA GLY A 57 -27.38 29.08 1.83
C GLY A 57 -28.72 29.77 2.01
N PRO A 58 -29.43 29.99 0.89
CA PRO A 58 -30.73 30.67 0.88
C PRO A 58 -31.86 29.83 1.47
N VAL A 59 -32.87 30.51 2.00
CA VAL A 59 -34.05 29.84 2.55
C VAL A 59 -34.95 29.40 1.40
N LYS A 60 -35.43 28.16 1.45
CA LYS A 60 -36.47 27.71 0.53
C LYS A 60 -37.52 26.93 1.31
N ILE A 61 -38.78 27.36 1.23
CA ILE A 61 -39.87 26.67 1.91
C ILE A 61 -40.42 25.58 1.00
N SER A 62 -40.22 24.32 1.39
CA SER A 62 -40.60 23.18 0.54
C SER A 62 -42.02 22.68 0.78
N SER A 63 -42.55 22.91 1.97
CA SER A 63 -43.85 22.35 2.34
C SER A 63 -45.00 23.00 1.61
N LYS A 64 -46.03 22.21 1.31
CA LYS A 64 -47.26 22.76 0.77
C LYS A 64 -47.92 23.64 1.83
N VAL A 65 -48.31 24.84 1.42
CA VAL A 65 -49.01 25.75 2.30
C VAL A 65 -50.43 25.92 1.78
N ASN A 66 -51.42 25.63 2.61
CA ASN A 66 -52.82 25.69 2.20
C ASN A 66 -53.40 27.09 2.26
N ASP A 67 -52.71 28.03 1.62
CA ASP A 67 -53.20 29.39 1.52
C ASP A 67 -52.48 30.09 0.38
N LYS A 68 -53.25 30.65 -0.54
CA LYS A 68 -52.68 31.27 -1.74
C LYS A 68 -51.81 32.50 -1.43
N GLN A 69 -52.27 33.37 -0.54
CA GLN A 69 -51.47 34.55 -0.17
C GLN A 69 -50.16 34.13 0.48
N VAL A 70 -50.24 33.19 1.41
CA VAL A 70 -49.05 32.77 2.15
C VAL A 70 -48.07 32.04 1.24
N SER A 71 -48.58 31.16 0.38
CA SER A 71 -47.72 30.45 -0.59
C SER A 71 -46.97 31.42 -1.47
N GLU A 72 -47.66 32.43 -1.97
CA GLU A 72 -47.02 33.47 -2.77
C GLU A 72 -45.94 34.21 -2.00
N PHE A 73 -46.27 34.61 -0.76
CA PHE A 73 -45.30 35.26 0.12
C PHE A 73 -44.06 34.39 0.31
N LEU A 74 -44.27 33.09 0.53
CA LEU A 74 -43.17 32.17 0.87
C LEU A 74 -42.49 31.51 -0.33
N LYS A 75 -42.71 32.06 -1.53
CA LYS A 75 -42.14 31.49 -2.74
C LYS A 75 -40.66 31.81 -2.83
N ASP A 76 -39.91 30.96 -3.55
CA ASP A 76 -38.46 31.02 -3.60
C ASP A 76 -37.85 32.42 -3.84
N GLU A 77 -38.36 33.14 -4.83
CA GLU A 77 -37.85 34.48 -5.16
C GLU A 77 -37.86 35.39 -3.94
N ASN A 78 -38.95 35.31 -3.17
CA ASN A 78 -39.11 36.15 -1.98
C ASN A 78 -38.25 35.72 -0.81
N MET A 79 -37.96 34.43 -0.75
CA MET A 79 -37.20 33.89 0.38
C MET A 79 -35.70 33.89 0.16
N GLU A 80 -35.27 34.11 -1.09
CA GLU A 80 -33.85 33.99 -1.43
C GLU A 80 -32.99 35.08 -0.79
N LYS A 81 -33.61 36.17 -0.37
CA LYS A 81 -32.88 37.22 0.33
C LYS A 81 -32.46 36.82 1.75
N PHE A 82 -33.08 35.76 2.28
CA PHE A 82 -32.76 35.29 3.63
C PHE A 82 -31.91 34.03 3.57
N ASN A 83 -31.14 33.77 4.62
CA ASN A 83 -30.28 32.59 4.64
C ASN A 83 -30.50 31.69 5.86
N VAL A 84 -29.90 30.51 5.84
CA VAL A 84 -30.20 29.48 6.84
C VAL A 84 -29.19 29.36 7.96
N LYS A 85 -28.33 30.37 8.10
CA LYS A 85 -27.27 30.33 9.12
C LYS A 85 -27.83 29.88 10.46
N LEU A 86 -27.21 28.85 11.03
CA LEU A 86 -27.67 28.23 12.28
C LEU A 86 -28.04 29.25 13.34
N GLY A 87 -29.30 29.22 13.77
CA GLY A 87 -29.78 30.13 14.81
C GLY A 87 -30.43 31.42 14.32
N THR A 88 -30.21 31.80 13.06
CA THR A 88 -30.82 33.04 12.60
C THR A 88 -32.32 32.85 12.42
N SER A 89 -33.06 33.95 12.48
CA SER A 89 -34.51 33.90 12.37
C SER A 89 -35.06 35.21 11.81
N LYS A 90 -36.27 35.13 11.28
CA LYS A 90 -36.92 36.29 10.69
C LYS A 90 -38.42 36.19 10.92
N HIS A 91 -39.07 37.33 11.13
CA HIS A 91 -40.53 37.37 11.28
C HIS A 91 -41.16 37.93 10.01
N PHE A 92 -42.28 37.34 9.60
CA PHE A 92 -43.04 37.79 8.44
C PHE A 92 -44.46 38.18 8.88
N TYR A 93 -45.07 39.12 8.16
CA TYR A 93 -46.45 39.56 8.41
C TYR A 93 -47.19 39.72 7.08
N MET A 94 -48.41 39.18 6.99
CA MET A 94 -49.18 39.23 5.75
C MET A 94 -50.64 38.93 6.05
N PHE A 95 -51.50 39.07 5.04
CA PHE A 95 -52.90 38.68 5.17
C PHE A 95 -53.14 37.39 4.39
N ASN A 96 -53.91 36.47 4.97
CA ASN A 96 -54.15 35.19 4.30
C ASN A 96 -55.38 35.22 3.38
N ASP A 97 -55.76 34.06 2.84
CA ASP A 97 -56.88 33.99 1.90
C ASP A 97 -58.22 34.43 2.48
N ASN A 98 -58.32 34.46 3.81
CA ASN A 98 -59.53 34.89 4.49
C ASN A 98 -59.44 36.33 5.04
N LYS A 99 -58.45 37.07 4.55
CA LYS A 99 -58.25 38.47 4.94
C LYS A 99 -57.94 38.68 6.42
N ASN A 100 -57.40 37.65 7.07
CA ASN A 100 -56.89 37.79 8.44
C ASN A 100 -55.37 37.89 8.43
N SER A 101 -54.83 38.79 9.25
CA SER A 101 -53.37 38.94 9.32
C SER A 101 -52.75 37.74 10.03
N VAL A 102 -51.65 37.23 9.48
CA VAL A 102 -50.97 36.10 10.08
C VAL A 102 -49.49 36.43 10.24
N ALA A 103 -48.90 35.86 11.29
CA ALA A 103 -47.47 36.00 11.54
C ALA A 103 -46.77 34.70 11.17
N VAL A 104 -45.70 34.81 10.37
CA VAL A 104 -44.96 33.66 9.88
C VAL A 104 -43.47 33.94 10.07
N GLY A 105 -42.65 32.90 10.06
CA GLY A 105 -41.21 33.09 10.10
C GLY A 105 -40.48 31.77 9.97
N TYR A 106 -39.16 31.82 10.14
CA TYR A 106 -38.34 30.62 10.08
C TYR A 106 -37.18 30.71 11.06
N VAL A 107 -36.64 29.56 11.45
CA VAL A 107 -35.37 29.54 12.16
C VAL A 107 -34.42 28.74 11.28
N GLY A 108 -33.21 29.26 11.08
CA GLY A 108 -32.25 28.59 10.22
C GLY A 108 -31.56 27.44 10.93
N CYS A 109 -31.52 26.28 10.27
CA CYS A 109 -30.91 25.10 10.86
C CYS A 109 -29.58 24.72 10.19
N GLY A 110 -28.95 25.72 9.56
CA GLY A 110 -27.59 25.56 9.04
C GLY A 110 -27.50 24.75 7.77
N SER A 111 -26.34 24.14 7.55
CA SER A 111 -26.08 23.42 6.31
C SER A 111 -25.62 21.97 6.53
N VAL A 112 -25.63 21.52 7.78
CA VAL A 112 -25.34 20.12 8.08
C VAL A 112 -26.63 19.36 8.41
N ALA A 113 -26.86 18.24 7.74
CA ALA A 113 -28.17 17.55 7.76
C ALA A 113 -28.56 16.91 9.10
N ASP A 114 -27.64 16.22 9.74
CA ASP A 114 -27.91 15.66 11.06
C ASP A 114 -27.48 16.66 12.14
N LEU A 115 -28.46 17.26 12.80
CA LEU A 115 -28.20 18.24 13.85
C LEU A 115 -27.75 17.55 15.14
N SER A 116 -26.65 18.01 15.71
CA SER A 116 -26.23 17.50 17.00
C SER A 116 -27.19 18.01 18.07
N GLU A 117 -27.16 17.39 19.23
CA GLU A 117 -27.93 17.84 20.37
C GLU A 117 -27.63 19.32 20.68
N ALA A 118 -26.40 19.73 20.44
CA ALA A 118 -25.98 21.10 20.70
C ALA A 118 -26.57 22.06 19.67
N ASP A 119 -26.52 21.67 18.40
CA ASP A 119 -27.13 22.44 17.31
C ASP A 119 -28.64 22.64 17.55
N MET A 120 -29.31 21.58 17.98
CA MET A 120 -30.75 21.63 18.17
C MET A 120 -31.09 22.60 19.29
N LYS A 121 -30.25 22.64 20.31
CA LYS A 121 -30.48 23.58 21.39
C LYS A 121 -30.37 25.01 20.91
N ARG A 122 -29.46 25.28 19.98
CA ARG A 122 -29.31 26.61 19.42
C ARG A 122 -30.55 26.97 18.61
N VAL A 123 -31.10 25.99 17.90
CA VAL A 123 -32.32 26.22 17.12
C VAL A 123 -33.48 26.54 18.07
N VAL A 124 -33.60 25.75 19.13
CA VAL A 124 -34.67 25.94 20.11
C VAL A 124 -34.61 27.28 20.82
N LEU A 125 -33.40 27.67 21.23
CA LEU A 125 -33.18 28.95 21.91
C LEU A 125 -33.59 30.11 21.01
N SER A 126 -33.26 29.99 19.73
CA SER A 126 -33.67 31.01 18.76
C SER A 126 -35.20 31.04 18.65
N LEU A 127 -35.81 29.87 18.58
CA LEU A 127 -37.27 29.78 18.59
C LEU A 127 -37.88 30.40 19.86
N VAL A 128 -37.31 30.08 21.02
CA VAL A 128 -37.82 30.62 22.27
C VAL A 128 -37.73 32.15 22.28
N THR A 129 -36.67 32.69 21.68
CA THR A 129 -36.52 34.14 21.57
C THR A 129 -37.70 34.76 20.81
N MET A 130 -38.30 33.99 19.92
CA MET A 130 -39.48 34.47 19.20
C MET A 130 -40.76 34.36 20.03
N LEU A 131 -40.74 33.48 21.02
CA LEU A 131 -41.90 33.30 21.90
C LEU A 131 -41.90 34.33 23.01
N HIS A 132 -40.71 34.77 23.42
CA HIS A 132 -40.61 35.73 24.50
C HIS A 132 -40.93 37.13 23.98
N ASP A 133 -41.58 37.92 24.85
CA ASP A 133 -41.94 39.29 24.53
C ASP A 133 -42.88 39.41 23.33
N ASN A 134 -43.64 38.35 23.08
CA ASN A 134 -44.72 38.38 22.11
C ASN A 134 -45.90 37.59 22.66
N LYS A 135 -47.00 38.27 22.99
CA LYS A 135 -48.17 37.58 23.53
C LYS A 135 -48.88 36.79 22.44
N LEU A 136 -48.62 35.49 22.41
CA LEU A 136 -49.15 34.60 21.39
C LEU A 136 -50.06 33.56 22.03
N SER A 137 -51.08 33.12 21.30
CA SER A 137 -52.00 32.11 21.83
C SER A 137 -51.56 30.75 21.32
N LYS A 138 -50.79 30.77 20.24
CA LYS A 138 -50.41 29.55 19.53
C LYS A 138 -49.08 29.71 18.81
N LEU A 139 -48.31 28.62 18.78
CA LEU A 139 -47.12 28.53 17.96
C LEU A 139 -47.28 27.30 17.07
N THR A 140 -46.93 27.44 15.80
CA THR A 140 -46.93 26.30 14.89
C THR A 140 -45.51 26.10 14.33
N VAL A 141 -45.04 24.86 14.35
CA VAL A 141 -43.68 24.57 13.93
C VAL A 141 -43.69 23.59 12.77
N VAL A 142 -43.06 23.97 11.66
CA VAL A 142 -43.00 23.11 10.48
C VAL A 142 -41.59 22.56 10.30
N PHE A 143 -41.47 21.25 10.40
CA PHE A 143 -40.18 20.58 10.26
C PHE A 143 -39.82 20.33 8.81
N GLU A 144 -38.91 21.14 8.28
CA GLU A 144 -38.36 20.89 6.96
C GLU A 144 -36.90 20.48 7.08
N ILE A 145 -36.61 19.76 8.16
CA ILE A 145 -35.32 19.17 8.42
C ILE A 145 -35.58 17.74 8.89
N ASN A 146 -34.58 16.87 8.79
CA ASN A 146 -34.74 15.49 9.20
C ASN A 146 -34.31 15.25 10.64
N VAL A 147 -35.18 14.62 11.43
CA VAL A 147 -34.88 14.31 12.82
C VAL A 147 -35.42 12.92 13.12
N ASP A 148 -34.65 12.13 13.86
CA ASP A 148 -35.17 10.84 14.29
C ASP A 148 -36.13 11.05 15.45
N LYS A 149 -36.76 9.97 15.90
CA LYS A 149 -37.76 10.05 16.97
C LYS A 149 -37.22 10.67 18.26
N ASN A 150 -36.01 10.25 18.66
CA ASN A 150 -35.40 10.77 19.88
C ASN A 150 -35.08 12.26 19.77
N LEU A 151 -34.59 12.67 18.60
CA LEU A 151 -34.25 14.09 18.39
C LEU A 151 -35.51 14.97 18.33
N PHE A 152 -36.59 14.42 17.78
CA PHE A 152 -37.86 15.12 17.81
C PHE A 152 -38.33 15.32 19.25
N ARG A 153 -38.33 14.26 20.04
CA ARG A 153 -38.66 14.37 21.46
C ARG A 153 -37.75 15.39 22.16
N PHE A 154 -36.45 15.35 21.84
CA PHE A 154 -35.48 16.26 22.44
C PHE A 154 -35.79 17.72 22.14
N PHE A 155 -36.22 17.99 20.91
CA PHE A 155 -36.68 19.32 20.50
C PHE A 155 -37.78 19.79 21.44
N LEU A 156 -38.81 18.96 21.61
CA LEU A 156 -39.97 19.32 22.43
C LEU A 156 -39.60 19.54 23.89
N GLU A 157 -38.76 18.66 24.43
CA GLU A 157 -38.29 18.74 25.82
C GLU A 157 -37.58 20.04 26.09
N THR A 158 -36.70 20.38 25.14
CA THR A 158 -35.82 21.53 25.30
C THR A 158 -36.65 22.78 25.13
N LEU A 159 -37.56 22.77 24.16
CA LEU A 159 -38.49 23.87 23.98
C LEU A 159 -39.27 24.12 25.26
N PHE A 160 -39.88 23.06 25.79
CA PHE A 160 -40.66 23.16 27.01
C PHE A 160 -39.78 23.69 28.15
N TYR A 161 -38.61 23.09 28.32
CA TYR A 161 -37.71 23.49 29.40
C TYR A 161 -37.28 24.96 29.31
N GLU A 162 -36.87 25.40 28.12
CA GLU A 162 -36.28 26.74 27.97
C GLU A 162 -37.34 27.83 27.94
N TYR A 163 -38.53 27.48 27.49
CA TYR A 163 -39.67 28.42 27.45
C TYR A 163 -40.11 28.75 28.87
N MET A 164 -40.14 27.74 29.72
CA MET A 164 -40.59 27.87 31.10
C MET A 164 -39.70 28.87 31.87
N THR A 165 -40.31 29.73 32.68
CA THR A 165 -39.57 30.70 33.51
C THR A 165 -39.90 30.53 34.99
N ASP A 166 -38.88 30.30 35.81
CA ASP A 166 -39.08 29.97 37.24
C ASP A 166 -39.22 31.24 38.06
N GLU A 167 -40.44 31.56 38.50
CA GLU A 167 -40.66 32.78 39.29
C GLU A 167 -41.03 32.51 40.75
N ARG A 168 -40.69 31.33 41.26
CA ARG A 168 -41.04 30.98 42.64
C ARG A 168 -40.50 31.96 43.68
N PHE A 169 -39.33 32.55 43.41
CA PHE A 169 -38.71 33.41 44.40
C PHE A 169 -38.82 34.90 44.07
N LYS A 170 -39.55 35.20 42.99
CA LYS A 170 -39.88 36.57 42.62
C LYS A 170 -41.03 37.06 43.48
N SER A 171 -40.99 38.34 43.84
CA SER A 171 -42.06 38.92 44.64
C SER A 171 -42.48 40.23 43.98
N THR A 172 -41.63 41.24 44.14
CA THR A 172 -41.89 42.55 43.55
C THR A 172 -41.46 42.66 42.09
N ASP A 173 -40.82 41.61 41.57
CA ASP A 173 -40.20 41.66 40.24
C ASP A 173 -40.72 40.58 39.28
N LYS A 174 -41.97 40.14 39.46
CA LYS A 174 -42.58 39.21 38.52
C LYS A 174 -42.74 39.91 37.15
N ASN A 175 -42.62 39.14 36.07
CA ASN A 175 -42.75 39.71 34.72
C ASN A 175 -44.22 39.98 34.44
N VAL A 176 -44.58 41.27 34.35
CA VAL A 176 -45.95 41.69 34.08
C VAL A 176 -46.50 41.14 32.75
N ASN A 177 -45.62 40.88 31.81
CA ASN A 177 -46.03 40.49 30.46
C ASN A 177 -45.92 38.99 30.20
N MET A 178 -45.70 38.22 31.26
CA MET A 178 -45.56 36.77 31.16
C MET A 178 -46.87 36.09 30.77
N GLU A 179 -46.89 35.46 29.62
CA GLU A 179 -48.10 34.91 29.03
C GLU A 179 -47.72 33.82 28.03
N TYR A 180 -48.17 32.59 28.29
CA TYR A 180 -47.75 31.43 27.49
C TYR A 180 -48.79 31.04 26.44
N ILE A 181 -48.33 30.46 25.34
CA ILE A 181 -49.23 29.89 24.33
C ILE A 181 -50.09 28.80 24.96
N LYS A 182 -51.25 28.55 24.37
CA LYS A 182 -52.15 27.51 24.85
C LYS A 182 -52.14 26.33 23.90
N HIS A 183 -51.60 26.54 22.72
CA HIS A 183 -51.62 25.54 21.65
C HIS A 183 -50.27 25.46 20.95
N LEU A 184 -49.87 24.23 20.61
CA LEU A 184 -48.66 24.04 19.84
C LEU A 184 -48.96 23.10 18.72
N GLY A 185 -48.81 23.58 17.49
CA GLY A 185 -48.98 22.73 16.33
C GLY A 185 -47.64 22.32 15.75
N VAL A 186 -47.55 21.08 15.31
CA VAL A 186 -46.32 20.55 14.71
C VAL A 186 -46.64 19.87 13.38
N TYR A 187 -45.97 20.28 12.32
CA TYR A 187 -46.11 19.61 11.03
C TYR A 187 -44.82 18.88 10.76
N ILE A 188 -44.92 17.60 10.42
CA ILE A 188 -43.74 16.79 10.16
C ILE A 188 -44.12 15.60 9.30
N ASN A 189 -43.19 15.14 8.46
CA ASN A 189 -43.42 13.94 7.66
C ASN A 189 -43.56 12.71 8.55
N ASN A 190 -44.41 11.77 8.14
CA ASN A 190 -44.63 10.54 8.91
C ASN A 190 -45.08 10.86 10.33
N ALA A 191 -46.00 11.82 10.44
CA ALA A 191 -46.44 12.36 11.71
C ALA A 191 -46.89 11.31 12.71
N ASP A 192 -47.55 10.26 12.22
CA ASP A 192 -48.08 9.24 13.12
C ASP A 192 -46.98 8.52 13.90
N THR A 193 -45.80 8.41 13.32
CA THR A 193 -44.68 7.78 14.02
C THR A 193 -44.10 8.66 15.12
N TYR A 194 -44.30 9.97 15.01
CA TYR A 194 -43.76 10.92 15.98
C TYR A 194 -44.71 11.23 17.14
N LYS A 195 -46.00 10.96 16.96
CA LYS A 195 -47.01 11.29 17.96
C LYS A 195 -46.74 10.72 19.34
N GLU A 196 -46.23 9.51 19.40
CA GLU A 196 -45.94 8.85 20.68
C GLU A 196 -44.87 9.57 21.50
N GLU A 197 -44.08 10.41 20.84
CA GLU A 197 -43.01 11.11 21.55
C GLU A 197 -43.55 12.32 22.31
N VAL A 198 -44.76 12.77 21.98
CA VAL A 198 -45.24 14.03 22.53
C VAL A 198 -45.43 13.98 24.04
N GLU A 199 -46.21 13.02 24.54
CA GLU A 199 -46.43 12.99 25.98
C GLU A 199 -45.19 12.50 26.72
N LYS A 200 -44.36 11.72 26.03
CA LYS A 200 -43.10 11.28 26.60
C LYS A 200 -42.22 12.50 26.85
N ALA A 201 -42.17 13.40 25.86
CA ALA A 201 -41.45 14.66 25.99
C ALA A 201 -41.97 15.51 27.15
N ARG A 202 -43.30 15.58 27.28
CA ARG A 202 -43.90 16.39 28.36
C ARG A 202 -43.51 15.81 29.73
N VAL A 203 -43.48 14.49 29.83
CA VAL A 203 -43.09 13.83 31.09
C VAL A 203 -41.60 14.08 31.37
N TYR A 204 -40.76 13.88 30.34
CA TYR A 204 -39.32 14.14 30.47
C TYR A 204 -39.03 15.61 30.80
N TYR A 205 -39.73 16.54 30.15
CA TYR A 205 -39.59 17.95 30.48
C TYR A 205 -39.87 18.18 31.96
N PHE A 206 -40.98 17.65 32.47
CA PHE A 206 -41.29 17.95 33.86
C PHE A 206 -40.31 17.31 34.85
N GLY A 207 -39.85 16.10 34.56
CA GLY A 207 -38.86 15.49 35.43
C GLY A 207 -37.62 16.36 35.52
N THR A 208 -37.17 16.83 34.36
CA THR A 208 -36.01 17.70 34.28
C THR A 208 -36.27 19.04 34.96
N TYR A 209 -37.44 19.62 34.71
CA TYR A 209 -37.77 20.91 35.30
C TYR A 209 -37.98 20.80 36.81
N TYR A 210 -38.58 19.69 37.24
CA TYR A 210 -38.71 19.41 38.67
C TYR A 210 -37.33 19.37 39.35
N ALA A 211 -36.39 18.63 38.78
CA ALA A 211 -35.04 18.56 39.31
C ALA A 211 -34.43 19.97 39.36
N SER A 212 -34.60 20.70 38.26
CA SER A 212 -34.16 22.07 38.16
C SER A 212 -34.68 22.94 39.32
N GLN A 213 -35.96 22.80 39.64
CA GLN A 213 -36.57 23.55 40.75
C GLN A 213 -35.92 23.27 42.10
N LEU A 214 -35.62 21.99 42.38
CA LEU A 214 -34.96 21.62 43.62
C LEU A 214 -33.54 22.18 43.68
N ILE A 215 -32.84 22.13 42.55
CA ILE A 215 -31.46 22.62 42.51
C ILE A 215 -31.40 24.14 42.65
N ALA A 216 -32.23 24.84 41.87
CA ALA A 216 -32.25 26.31 41.93
C ALA A 216 -32.71 26.80 43.30
N ALA A 217 -33.54 26.02 43.98
CA ALA A 217 -33.96 26.40 45.33
C ALA A 217 -32.75 26.52 46.24
N PRO A 218 -32.57 27.69 46.88
CA PRO A 218 -31.44 28.01 47.77
C PRO A 218 -31.42 27.13 49.01
N SER A 219 -30.27 27.07 49.67
CA SER A 219 -30.05 26.12 50.75
C SER A 219 -30.86 26.42 52.02
N ASN A 220 -31.37 27.64 52.15
CA ASN A 220 -32.30 27.92 53.24
C ASN A 220 -33.69 27.33 52.96
N TYR A 221 -34.08 27.31 51.70
CA TYR A 221 -35.36 26.69 51.33
C TYR A 221 -35.21 25.18 51.24
N CYS A 222 -34.12 24.74 50.60
CA CYS A 222 -33.91 23.35 50.29
C CYS A 222 -32.78 22.84 51.17
N ASN A 223 -33.15 22.27 52.31
CA ASN A 223 -32.21 21.72 53.27
C ASN A 223 -32.52 20.22 53.41
N PRO A 224 -31.78 19.47 54.23
CA PRO A 224 -32.07 18.02 54.25
C PRO A 224 -33.47 17.65 54.70
N VAL A 225 -34.08 18.45 55.58
CA VAL A 225 -35.41 18.12 56.05
C VAL A 225 -36.45 18.47 54.98
N SER A 226 -36.35 19.68 54.43
CA SER A 226 -37.28 20.14 53.40
C SER A 226 -37.16 19.31 52.12
N LEU A 227 -35.94 18.92 51.77
CA LEU A 227 -35.73 18.10 50.56
C LEU A 227 -36.31 16.70 50.69
N SER A 228 -36.08 16.06 51.84
CA SER A 228 -36.68 14.75 52.09
C SER A 228 -38.21 14.86 52.17
N ASN A 229 -38.71 15.97 52.73
CA ASN A 229 -40.16 16.18 52.75
C ASN A 229 -40.73 16.27 51.34
N ALA A 230 -40.02 16.95 50.44
CA ALA A 230 -40.49 17.03 49.06
C ALA A 230 -40.48 15.66 48.38
N ALA A 231 -39.47 14.85 48.70
CA ALA A 231 -39.41 13.50 48.15
C ALA A 231 -40.61 12.67 48.63
N VAL A 232 -41.01 12.88 49.89
CA VAL A 232 -42.18 12.17 50.43
C VAL A 232 -43.44 12.59 49.70
N GLU A 233 -43.60 13.89 49.52
CA GLU A 233 -44.76 14.43 48.82
C GLU A 233 -44.82 13.87 47.39
N LEU A 234 -43.67 13.84 46.71
CA LEU A 234 -43.59 13.31 45.35
C LEU A 234 -44.02 11.85 45.34
N ALA A 235 -43.50 11.09 46.30
CA ALA A 235 -43.81 9.67 46.38
C ALA A 235 -45.31 9.47 46.59
N GLN A 236 -45.91 10.30 47.43
CA GLN A 236 -47.35 10.18 47.70
C GLN A 236 -48.15 10.48 46.42
N LYS A 237 -47.73 11.49 45.68
CA LYS A 237 -48.43 11.85 44.44
C LYS A 237 -48.30 10.79 43.36
N LEU A 238 -47.19 10.05 43.38
CA LEU A 238 -46.94 9.05 42.34
C LEU A 238 -47.29 7.64 42.79
N ASN A 239 -47.66 7.48 44.05
CA ASN A 239 -47.86 6.15 44.63
C ASN A 239 -46.62 5.27 44.61
N LEU A 240 -45.48 5.85 44.92
CA LEU A 240 -44.25 5.09 45.11
C LEU A 240 -44.19 4.74 46.57
N GLU A 241 -43.47 3.67 46.90
CA GLU A 241 -43.20 3.38 48.29
C GLU A 241 -42.12 4.35 48.75
N TYR A 242 -42.11 4.68 50.03
CA TYR A 242 -41.07 5.58 50.53
C TYR A 242 -40.70 5.29 51.97
N LYS A 243 -39.43 5.54 52.27
CA LYS A 243 -38.90 5.41 53.61
C LYS A 243 -37.85 6.51 53.74
N ILE A 244 -37.98 7.33 54.78
CA ILE A 244 -36.98 8.35 55.07
C ILE A 244 -36.31 7.91 56.36
N LEU A 245 -35.01 7.61 56.30
CA LEU A 245 -34.25 7.20 57.47
C LEU A 245 -33.72 8.40 58.21
N GLY A 246 -33.99 8.46 59.52
CA GLY A 246 -33.51 9.52 60.37
C GLY A 246 -32.24 9.13 61.09
N VAL A 247 -31.68 10.06 61.87
CA VAL A 247 -30.40 9.85 62.54
C VAL A 247 -30.34 8.58 63.38
N LYS A 248 -31.37 8.33 64.18
CA LYS A 248 -31.36 7.17 65.06
C LYS A 248 -31.23 5.88 64.25
N GLU A 249 -31.96 5.82 63.15
CA GLU A 249 -31.91 4.68 62.24
C GLU A 249 -30.57 4.61 61.50
N LEU A 250 -30.02 5.78 61.16
CA LEU A 250 -28.71 5.82 60.52
C LEU A 250 -27.61 5.37 61.50
N GLU A 251 -27.76 5.72 62.78
CA GLU A 251 -26.82 5.28 63.79
C GLU A 251 -26.84 3.76 63.92
N GLU A 252 -28.04 3.20 63.97
CA GLU A 252 -28.23 1.75 64.10
C GLU A 252 -27.59 1.00 62.93
N LEU A 253 -27.64 1.62 61.76
CA LEU A 253 -27.05 1.06 60.54
C LEU A 253 -25.56 1.39 60.46
N LYS A 254 -25.06 2.09 61.48
CA LYS A 254 -23.67 2.47 61.58
C LYS A 254 -23.12 3.21 60.37
N MET A 255 -23.92 4.10 59.78
CA MET A 255 -23.46 4.91 58.65
C MET A 255 -22.57 6.08 59.08
N GLY A 256 -21.39 5.76 59.61
CA GLY A 256 -20.55 6.76 60.22
C GLY A 256 -19.97 7.79 59.27
N ALA A 257 -19.77 7.39 58.01
CA ALA A 257 -19.12 8.28 57.07
C ALA A 257 -20.12 9.37 56.68
N TYR A 258 -21.32 8.93 56.36
CA TYR A 258 -22.42 9.83 56.03
C TYR A 258 -22.82 10.72 57.21
N LEU A 259 -22.95 10.13 58.39
CA LEU A 259 -23.30 10.89 59.59
C LEU A 259 -22.25 11.96 59.95
N SER A 260 -20.98 11.64 59.75
CA SER A 260 -19.92 12.56 60.14
C SER A 260 -20.01 13.85 59.33
N VAL A 261 -20.38 13.72 58.05
CA VAL A 261 -20.47 14.89 57.19
C VAL A 261 -21.53 15.87 57.70
N GLY A 262 -22.63 15.33 58.23
CA GLY A 262 -23.76 16.15 58.65
C GLY A 262 -23.68 16.64 60.10
N LYS A 263 -22.64 16.24 60.81
CA LYS A 263 -22.52 16.57 62.23
C LYS A 263 -22.64 18.06 62.48
N GLY A 264 -22.03 18.85 61.61
CA GLY A 264 -21.96 20.29 61.81
C GLY A 264 -23.20 21.06 61.36
N SER A 265 -24.22 20.36 60.89
CA SER A 265 -25.42 21.06 60.40
C SER A 265 -26.53 21.15 61.46
N MET A 266 -27.34 22.20 61.35
CA MET A 266 -28.49 22.34 62.23
C MET A 266 -29.64 21.46 61.75
N TYR A 267 -29.49 20.92 60.54
CA TYR A 267 -30.51 20.06 59.96
C TYR A 267 -30.11 18.60 60.11
N PRO A 268 -30.98 17.78 60.73
CA PRO A 268 -30.63 16.37 60.90
C PRO A 268 -30.50 15.68 59.54
N ASN A 269 -29.55 14.75 59.42
CA ASN A 269 -29.47 13.93 58.23
C ASN A 269 -30.78 13.21 57.94
N LYS A 270 -31.15 13.16 56.66
CA LYS A 270 -32.29 12.37 56.21
C LYS A 270 -31.93 11.56 54.96
N PHE A 271 -32.06 10.24 55.04
CA PHE A 271 -31.75 9.36 53.93
C PHE A 271 -33.05 9.02 53.19
N ILE A 272 -33.13 9.41 51.92
CA ILE A 272 -34.32 9.19 51.10
C ILE A 272 -34.24 7.81 50.46
N HIS A 273 -35.30 7.02 50.60
CA HIS A 273 -35.40 5.76 49.88
C HIS A 273 -36.79 5.63 49.26
N LEU A 274 -36.90 5.90 47.96
CA LEU A 274 -38.14 5.68 47.21
C LEU A 274 -38.05 4.36 46.45
N THR A 275 -39.18 3.71 46.26
CA THR A 275 -39.22 2.47 45.48
C THR A 275 -40.38 2.41 44.50
N TYR A 276 -40.05 2.18 43.23
CA TYR A 276 -41.03 1.82 42.23
C TYR A 276 -40.93 0.32 42.00
N LYS A 277 -42.06 -0.36 42.01
CA LYS A 277 -42.08 -1.77 41.60
C LYS A 277 -43.14 -1.99 40.53
N SER A 278 -42.76 -2.62 39.42
CA SER A 278 -43.70 -2.97 38.38
C SER A 278 -44.69 -3.99 38.92
N LYS A 279 -45.90 -4.02 38.36
CA LYS A 279 -46.90 -5.00 38.79
C LYS A 279 -46.59 -6.39 38.23
N GLY A 280 -45.88 -6.43 37.11
CA GLY A 280 -45.52 -7.69 36.48
C GLY A 280 -44.47 -8.46 37.26
N ASP A 281 -43.90 -9.50 36.66
CA ASP A 281 -42.83 -10.25 37.31
C ASP A 281 -41.50 -9.49 37.17
N VAL A 282 -40.82 -9.24 38.28
CA VAL A 282 -39.61 -8.41 38.28
C VAL A 282 -38.41 -9.11 37.63
N LYS A 283 -37.92 -8.54 36.55
CA LYS A 283 -36.81 -9.11 35.79
C LYS A 283 -35.49 -8.40 36.09
N LYS A 284 -35.58 -7.15 36.53
CA LYS A 284 -34.40 -6.35 36.81
C LYS A 284 -34.63 -5.48 38.04
N LYS A 285 -33.59 -5.41 38.88
CA LYS A 285 -33.60 -4.53 40.05
C LYS A 285 -32.46 -3.54 39.96
N ILE A 286 -32.78 -2.26 40.16
CA ILE A 286 -31.81 -1.19 39.96
C ILE A 286 -31.83 -0.22 41.15
N ALA A 287 -30.65 0.20 41.62
CA ALA A 287 -30.58 1.29 42.59
C ALA A 287 -29.95 2.53 41.94
N LEU A 288 -30.62 3.67 42.09
CA LEU A 288 -30.10 4.92 41.58
C LEU A 288 -29.77 5.80 42.77
N VAL A 289 -28.51 6.16 42.89
CA VAL A 289 -28.02 6.90 44.05
C VAL A 289 -27.59 8.30 43.63
N GLY A 290 -28.10 9.32 44.31
CA GLY A 290 -27.69 10.67 44.00
C GLY A 290 -27.05 11.34 45.19
N LYS A 291 -25.98 12.10 44.93
CA LYS A 291 -25.35 12.91 45.98
C LYS A 291 -26.32 14.01 46.42
N GLY A 292 -26.55 14.09 47.72
CA GLY A 292 -27.55 15.00 48.25
C GLY A 292 -27.01 15.98 49.27
N ILE A 293 -26.01 16.77 48.88
CA ILE A 293 -25.46 17.78 49.78
C ILE A 293 -26.18 19.10 49.53
N THR A 294 -27.06 19.51 50.46
CA THR A 294 -27.94 20.65 50.18
C THR A 294 -27.21 21.99 50.22
N PHE A 295 -26.11 22.03 50.95
CA PHE A 295 -25.12 23.10 50.82
C PHE A 295 -23.76 22.56 51.19
N ASP A 296 -22.76 22.92 50.40
CA ASP A 296 -21.40 22.45 50.64
C ASP A 296 -20.51 23.67 50.88
N SER A 297 -20.32 24.02 52.15
CA SER A 297 -19.47 25.15 52.51
C SER A 297 -18.01 24.71 52.42
N GLY A 298 -17.81 23.40 52.36
CA GLY A 298 -16.48 22.82 52.47
C GLY A 298 -16.17 22.28 53.86
N GLY A 299 -16.94 22.72 54.86
CA GLY A 299 -16.61 22.40 56.24
C GLY A 299 -15.32 23.12 56.66
N TYR A 300 -14.60 22.57 57.64
CA TYR A 300 -13.36 23.23 58.09
C TYR A 300 -12.37 23.49 56.95
N ASN A 301 -12.35 22.62 55.94
CA ASN A 301 -11.68 22.96 54.68
C ASN A 301 -12.55 23.90 53.85
N LEU A 302 -12.82 25.06 54.43
CA LEU A 302 -13.77 26.01 53.87
C LEU A 302 -13.44 26.42 52.42
N LYS A 303 -14.47 26.52 51.59
CA LYS A 303 -14.28 27.00 50.23
C LYS A 303 -13.97 28.51 50.26
N ALA A 304 -12.71 28.87 50.44
CA ALA A 304 -12.33 30.28 50.49
C ALA A 304 -11.34 30.66 49.39
N ALA A 305 -10.85 29.65 48.66
CA ALA A 305 -9.87 29.90 47.61
C ALA A 305 -10.55 30.56 46.42
N PRO A 306 -9.81 31.39 45.67
CA PRO A 306 -10.41 32.02 44.49
C PRO A 306 -10.89 30.97 43.50
N GLY A 307 -12.09 31.12 42.95
CA GLY A 307 -12.63 30.13 42.04
C GLY A 307 -13.33 28.94 42.67
N SER A 308 -13.43 28.90 44.01
CA SER A 308 -14.09 27.77 44.64
C SER A 308 -15.63 27.85 44.57
N MET A 309 -16.15 29.01 44.14
CA MET A 309 -17.57 29.22 43.90
C MET A 309 -18.49 28.73 45.03
N ILE A 310 -18.24 29.20 46.24
CA ILE A 310 -19.06 28.79 47.37
C ILE A 310 -20.52 29.20 47.17
N ASP A 311 -20.74 30.30 46.43
CA ASP A 311 -22.11 30.79 46.21
C ASP A 311 -22.97 29.90 45.30
N LEU A 312 -22.32 28.97 44.58
CA LEU A 312 -23.04 28.03 43.72
C LEU A 312 -23.45 26.76 44.46
N MET A 313 -23.01 26.63 45.71
CA MET A 313 -22.99 25.31 46.35
C MET A 313 -24.34 24.76 46.82
N LYS A 314 -25.41 25.53 46.64
CA LYS A 314 -26.76 25.01 46.76
C LYS A 314 -26.98 23.91 45.72
N PHE A 315 -26.13 23.85 44.70
CA PHE A 315 -26.31 22.92 43.59
C PHE A 315 -25.76 21.52 43.88
N ASP A 316 -25.20 21.35 45.06
CA ASP A 316 -24.53 20.09 45.40
C ASP A 316 -25.51 18.97 45.76
N MET A 317 -26.79 19.20 45.52
CA MET A 317 -27.78 18.11 45.58
C MET A 317 -28.35 17.79 44.19
N SER A 318 -27.64 18.24 43.14
CA SER A 318 -28.06 18.02 41.75
C SER A 318 -28.25 16.53 41.46
N GLY A 319 -27.43 15.70 42.07
CA GLY A 319 -27.50 14.26 41.84
C GLY A 319 -28.77 13.69 42.45
N CYS A 320 -29.07 14.11 43.68
CA CYS A 320 -30.34 13.77 44.33
C CYS A 320 -31.50 14.28 43.47
N ALA A 321 -31.38 15.50 42.98
CA ALA A 321 -32.46 16.08 42.17
C ALA A 321 -32.74 15.24 40.92
N ALA A 322 -31.69 14.78 40.24
CA ALA A 322 -31.88 14.00 39.02
C ALA A 322 -32.49 12.63 39.32
N VAL A 323 -32.11 12.05 40.45
CA VAL A 323 -32.71 10.76 40.85
C VAL A 323 -34.20 10.93 41.14
N LEU A 324 -34.56 12.01 41.85
CA LEU A 324 -35.97 12.32 42.10
C LEU A 324 -36.74 12.65 40.81
N GLY A 325 -36.10 13.38 39.90
CA GLY A 325 -36.71 13.67 38.61
C GLY A 325 -36.96 12.40 37.83
N CYS A 326 -35.99 11.50 37.88
CA CYS A 326 -36.16 10.17 37.31
C CYS A 326 -37.33 9.41 37.97
N ALA A 327 -37.46 9.53 39.29
CA ALA A 327 -38.59 8.91 39.99
C ALA A 327 -39.90 9.45 39.45
N TYR A 328 -39.95 10.75 39.17
CA TYR A 328 -41.16 11.31 38.58
C TYR A 328 -41.46 10.65 37.25
N CYS A 329 -40.44 10.54 36.39
CA CYS A 329 -40.67 10.02 35.04
C CYS A 329 -41.09 8.55 35.08
N VAL A 330 -40.41 7.79 35.93
CA VAL A 330 -40.64 6.35 36.04
C VAL A 330 -42.02 6.09 36.66
N GLY A 331 -42.34 6.82 37.72
CA GLY A 331 -43.63 6.65 38.38
C GLY A 331 -44.79 7.06 37.50
N THR A 332 -44.50 7.89 36.50
CA THR A 332 -45.53 8.42 35.60
C THR A 332 -45.70 7.49 34.42
N LEU A 333 -44.59 7.02 33.85
CA LEU A 333 -44.63 6.19 32.64
C LEU A 333 -44.81 4.71 32.95
N LYS A 334 -44.55 4.33 34.19
CA LYS A 334 -44.80 2.98 34.68
C LYS A 334 -44.22 1.88 33.81
N PRO A 335 -42.88 1.74 33.79
CA PRO A 335 -42.30 0.64 33.01
C PRO A 335 -42.59 -0.72 33.65
N GLU A 336 -42.59 -1.78 32.84
CA GLU A 336 -42.88 -3.13 33.34
C GLU A 336 -41.61 -3.90 33.69
N ASN A 337 -41.75 -4.93 34.51
CA ASN A 337 -40.68 -5.89 34.78
C ASN A 337 -39.44 -5.35 35.49
N VAL A 338 -39.57 -4.20 36.16
CA VAL A 338 -38.44 -3.62 36.90
C VAL A 338 -38.83 -3.17 38.29
N GLU A 339 -37.83 -3.15 39.16
CA GLU A 339 -37.98 -2.60 40.51
C GLU A 339 -36.86 -1.58 40.65
N ILE A 340 -37.21 -0.32 40.86
CA ILE A 340 -36.19 0.72 40.94
C ILE A 340 -36.15 1.30 42.35
N HIS A 341 -34.95 1.37 42.93
CA HIS A 341 -34.77 2.09 44.17
C HIS A 341 -34.13 3.45 43.91
N PHE A 342 -34.75 4.51 44.43
CA PHE A 342 -34.24 5.87 44.30
C PHE A 342 -33.68 6.34 45.65
N LEU A 343 -32.36 6.50 45.71
CA LEU A 343 -31.65 6.68 46.98
C LEU A 343 -30.85 7.97 47.04
N SER A 344 -30.89 8.63 48.20
CA SER A 344 -30.01 9.79 48.45
C SER A 344 -29.71 9.97 49.93
N ALA A 345 -28.42 10.01 50.25
CA ALA A 345 -27.98 10.30 51.61
C ALA A 345 -27.88 11.82 51.75
N VAL A 346 -28.97 12.45 52.18
CA VAL A 346 -29.05 13.91 52.19
C VAL A 346 -28.52 14.52 53.51
N CYS A 347 -27.71 15.57 53.39
CA CYS A 347 -27.16 16.27 54.54
C CYS A 347 -26.55 17.58 54.09
N GLU A 348 -25.99 18.35 55.03
CA GLU A 348 -25.46 19.69 54.76
C GLU A 348 -24.07 19.80 55.38
N ASN A 349 -23.10 20.32 54.62
CA ASN A 349 -21.69 20.33 55.05
C ASN A 349 -21.30 21.71 55.60
N MET A 350 -21.30 21.85 56.92
CA MET A 350 -21.21 23.17 57.56
C MET A 350 -20.07 23.28 58.56
N VAL A 351 -19.81 24.51 58.98
CA VAL A 351 -18.74 24.80 59.94
C VAL A 351 -19.38 25.11 61.28
N SER A 352 -18.91 24.43 62.33
CA SER A 352 -19.60 24.45 63.61
C SER A 352 -18.66 23.90 64.66
N LYS A 353 -19.02 24.09 65.93
CA LYS A 353 -18.30 23.40 66.99
C LYS A 353 -18.51 21.89 66.84
N ASN A 354 -19.61 21.50 66.20
CA ASN A 354 -19.99 20.09 66.10
C ASN A 354 -19.50 19.36 64.84
N SER A 355 -18.80 20.07 63.98
CA SER A 355 -18.37 19.54 62.68
C SER A 355 -17.28 18.46 62.80
N TYR A 356 -17.25 17.53 61.86
CA TYR A 356 -16.09 16.65 61.79
C TYR A 356 -14.86 17.45 61.35
N ARG A 357 -13.67 16.95 61.67
CA ARG A 357 -12.44 17.70 61.42
C ARG A 357 -11.54 17.03 60.41
N PRO A 358 -10.73 17.83 59.69
CA PRO A 358 -9.65 17.25 58.89
C PRO A 358 -8.80 16.36 59.80
N GLY A 359 -8.55 15.12 59.38
CA GLY A 359 -7.75 14.18 60.17
C GLY A 359 -8.59 13.15 60.92
N ASP A 360 -9.88 13.46 61.14
CA ASP A 360 -10.78 12.54 61.84
C ASP A 360 -10.80 11.17 61.17
N ILE A 361 -10.89 10.12 61.97
CA ILE A 361 -11.05 8.77 61.43
C ILE A 361 -12.46 8.26 61.75
N ILE A 362 -13.21 7.92 60.71
CA ILE A 362 -14.61 7.56 60.84
C ILE A 362 -14.89 6.18 60.22
N THR A 363 -15.93 5.50 60.69
CA THR A 363 -16.17 4.14 60.24
C THR A 363 -17.43 4.07 59.39
N ALA A 364 -17.29 3.58 58.16
CA ALA A 364 -18.42 3.47 57.25
C ALA A 364 -19.27 2.28 57.64
N SER A 365 -20.46 2.14 57.07
CA SER A 365 -21.34 1.04 57.46
C SER A 365 -20.83 -0.36 57.09
N ASN A 366 -19.86 -0.45 56.18
CA ASN A 366 -19.31 -1.76 55.86
C ASN A 366 -18.09 -2.13 56.72
N GLY A 367 -17.78 -1.28 57.69
CA GLY A 367 -16.71 -1.52 58.63
C GLY A 367 -15.36 -0.91 58.27
N LYS A 368 -15.26 -0.36 57.06
CA LYS A 368 -14.01 0.26 56.63
C LYS A 368 -13.79 1.58 57.35
N THR A 369 -12.63 1.73 57.99
CA THR A 369 -12.27 2.99 58.62
C THR A 369 -11.64 3.92 57.60
N ILE A 370 -11.94 5.21 57.72
CA ILE A 370 -11.60 6.18 56.70
C ILE A 370 -10.92 7.37 57.33
N GLU A 371 -9.74 7.73 56.83
CA GLU A 371 -9.09 8.94 57.31
C GLU A 371 -9.48 10.14 56.46
N VAL A 372 -10.08 11.13 57.10
CA VAL A 372 -10.54 12.32 56.42
C VAL A 372 -9.36 13.26 56.19
N GLY A 373 -8.97 13.44 54.94
CA GLY A 373 -7.87 14.34 54.62
C GLY A 373 -8.33 15.75 54.28
N ASN A 374 -9.63 15.90 53.98
CA ASN A 374 -10.17 17.19 53.57
C ASN A 374 -11.68 17.11 53.72
N THR A 375 -12.26 17.98 54.55
CA THR A 375 -13.70 17.93 54.83
C THR A 375 -14.54 18.34 53.63
N ASP A 376 -13.88 18.90 52.62
CA ASP A 376 -14.55 19.33 51.39
C ASP A 376 -14.61 18.19 50.37
N ALA A 377 -14.09 17.01 50.72
CA ALA A 377 -14.33 15.85 49.88
C ALA A 377 -15.42 15.04 50.57
N GLU A 378 -16.53 15.72 50.85
CA GLU A 378 -17.59 15.13 51.67
C GLU A 378 -18.54 14.26 50.87
N GLY A 379 -18.65 14.51 49.57
CA GLY A 379 -19.63 13.80 48.75
C GLY A 379 -19.34 12.31 48.72
N ARG A 380 -18.08 11.96 48.59
CA ARG A 380 -17.71 10.57 48.41
C ARG A 380 -17.92 9.79 49.72
N LEU A 381 -17.87 10.50 50.84
CA LEU A 381 -18.14 9.90 52.15
C LEU A 381 -19.61 9.55 52.30
N THR A 382 -20.49 10.46 51.89
CA THR A 382 -21.92 10.17 51.99
C THR A 382 -22.28 9.07 51.00
N LEU A 383 -21.68 9.12 49.82
CA LEU A 383 -21.93 8.12 48.79
C LEU A 383 -21.42 6.74 49.20
N ALA A 384 -20.33 6.72 49.97
CA ALA A 384 -19.81 5.45 50.50
C ALA A 384 -20.91 4.67 51.24
N ASP A 385 -21.59 5.33 52.16
CA ASP A 385 -22.63 4.64 52.94
C ASP A 385 -23.89 4.39 52.11
N ALA A 386 -24.16 5.26 51.14
CA ALA A 386 -25.32 5.08 50.27
C ALA A 386 -25.12 3.87 49.37
N LEU A 387 -23.86 3.67 48.93
CA LEU A 387 -23.51 2.53 48.09
C LEU A 387 -23.57 1.20 48.85
N VAL A 388 -23.12 1.18 50.12
CA VAL A 388 -23.26 -0.01 50.96
C VAL A 388 -24.75 -0.38 51.15
N TYR A 389 -25.57 0.64 51.41
CA TYR A 389 -26.99 0.47 51.62
C TYR A 389 -27.63 -0.08 50.35
N ALA A 390 -27.24 0.48 49.21
CA ALA A 390 -27.74 0.06 47.91
C ALA A 390 -27.41 -1.40 47.64
N GLU A 391 -26.17 -1.80 47.89
CA GLU A 391 -25.77 -3.16 47.56
C GLU A 391 -26.52 -4.20 48.42
N LYS A 392 -26.86 -3.84 49.65
CA LYS A 392 -27.64 -4.73 50.53
C LYS A 392 -29.06 -4.94 50.04
N LEU A 393 -29.54 -4.07 49.15
CA LEU A 393 -30.89 -4.25 48.60
C LEU A 393 -30.92 -5.44 47.66
N GLY A 394 -29.75 -5.85 47.17
CA GLY A 394 -29.66 -6.99 46.27
C GLY A 394 -30.18 -6.66 44.88
N VAL A 395 -29.54 -5.69 44.25
CA VAL A 395 -29.96 -5.25 42.92
C VAL A 395 -29.01 -5.78 41.86
N ASP A 396 -29.42 -5.67 40.59
CA ASP A 396 -28.56 -6.03 39.47
C ASP A 396 -27.56 -4.93 39.09
N TYR A 397 -28.00 -3.68 39.20
CA TYR A 397 -27.15 -2.53 38.89
C TYR A 397 -27.25 -1.46 39.96
N ILE A 398 -26.12 -0.85 40.28
CA ILE A 398 -26.10 0.38 41.05
C ILE A 398 -25.53 1.49 40.17
N VAL A 399 -26.28 2.58 40.03
CA VAL A 399 -25.77 3.75 39.33
C VAL A 399 -25.85 4.94 40.25
N ASP A 400 -24.74 5.65 40.41
CA ASP A 400 -24.80 6.87 41.17
C ASP A 400 -24.55 8.07 40.27
N ILE A 401 -25.08 9.21 40.67
CA ILE A 401 -24.91 10.42 39.90
C ILE A 401 -24.63 11.55 40.89
N ALA A 402 -23.60 12.34 40.64
CA ALA A 402 -23.13 13.28 41.65
C ALA A 402 -22.34 14.46 41.08
N THR A 403 -22.51 15.64 41.67
CA THR A 403 -21.62 16.77 41.42
C THR A 403 -20.37 16.60 42.29
N LEU A 404 -19.53 15.64 41.91
CA LEU A 404 -18.52 15.15 42.84
C LEU A 404 -17.18 15.88 42.81
N THR A 405 -16.70 16.20 41.61
CA THR A 405 -15.36 16.81 41.49
C THR A 405 -15.28 17.99 40.52
N GLY A 406 -14.89 19.15 41.02
CA GLY A 406 -14.60 20.31 40.19
C GLY A 406 -13.64 20.05 39.05
N ALA A 407 -12.75 19.06 39.21
CA ALA A 407 -11.84 18.66 38.15
C ALA A 407 -12.54 18.28 36.83
N MET A 408 -13.82 17.93 36.89
CA MET A 408 -14.56 17.59 35.67
C MET A 408 -14.50 18.73 34.66
N LEU A 409 -14.49 19.96 35.17
CA LEU A 409 -14.46 21.15 34.31
C LEU A 409 -13.19 21.23 33.49
N TYR A 410 -12.14 20.56 33.98
CA TYR A 410 -10.82 20.54 33.36
C TYR A 410 -10.66 19.35 32.43
N SER A 411 -11.48 18.33 32.63
CA SER A 411 -11.45 17.14 31.79
C SER A 411 -12.46 17.24 30.65
N LEU A 412 -13.76 17.24 30.97
CA LEU A 412 -14.78 17.21 29.93
C LEU A 412 -15.48 18.55 29.74
N GLY A 413 -15.33 19.43 30.72
CA GLY A 413 -15.92 20.75 30.65
C GLY A 413 -17.40 20.79 31.02
N THR A 414 -18.12 21.74 30.41
CA THR A 414 -19.47 22.04 30.81
C THR A 414 -20.57 21.28 30.06
N SER A 415 -20.23 20.56 29.00
CA SER A 415 -21.24 19.91 28.16
CA SER A 415 -21.28 19.91 28.23
C SER A 415 -21.36 18.38 28.35
N TYR A 416 -20.21 17.73 28.57
CA TYR A 416 -20.22 16.26 28.71
C TYR A 416 -19.97 15.83 30.15
N ALA A 417 -20.81 14.92 30.65
CA ALA A 417 -20.58 14.33 31.96
C ALA A 417 -19.61 13.15 31.80
N GLY A 418 -18.98 12.73 32.88
CA GLY A 418 -18.11 11.56 32.83
C GLY A 418 -18.76 10.38 33.52
N VAL A 419 -18.63 9.20 32.93
CA VAL A 419 -19.07 7.97 33.58
C VAL A 419 -17.86 7.09 33.82
N PHE A 420 -17.84 6.45 35.00
CA PHE A 420 -16.78 5.53 35.40
C PHE A 420 -17.53 4.31 35.91
N GLY A 421 -16.87 3.16 35.96
CA GLY A 421 -17.52 1.99 36.52
C GLY A 421 -16.63 0.77 36.66
N ASN A 422 -17.21 -0.32 37.13
CA ASN A 422 -16.47 -1.56 37.36
C ASN A 422 -16.94 -2.67 36.43
N ASN A 423 -17.76 -2.31 35.44
CA ASN A 423 -18.46 -3.30 34.63
C ASN A 423 -18.76 -2.70 33.27
N GLU A 424 -18.18 -3.29 32.23
CA GLU A 424 -18.28 -2.72 30.89
C GLU A 424 -19.70 -2.70 30.33
N GLU A 425 -20.42 -3.81 30.53
CA GLU A 425 -21.79 -3.93 30.06
C GLU A 425 -22.64 -2.79 30.57
N LEU A 426 -22.54 -2.53 31.87
CA LEU A 426 -23.32 -1.47 32.49
C LEU A 426 -22.91 -0.10 31.94
N ILE A 427 -21.61 0.13 31.78
CA ILE A 427 -21.12 1.40 31.20
C ILE A 427 -21.68 1.65 29.79
N ASN A 428 -21.66 0.62 28.96
CA ASN A 428 -22.21 0.72 27.61
C ASN A 428 -23.72 1.00 27.61
N LYS A 429 -24.44 0.42 28.56
CA LYS A 429 -25.86 0.72 28.72
C LYS A 429 -26.07 2.19 29.09
N ILE A 430 -25.17 2.72 29.91
CA ILE A 430 -25.23 4.16 30.22
C ILE A 430 -24.95 4.98 28.98
N LEU A 431 -23.90 4.62 28.25
CA LEU A 431 -23.54 5.34 27.03
C LEU A 431 -24.66 5.28 26.01
N GLN A 432 -25.37 4.14 25.98
CA GLN A 432 -26.47 3.98 25.05
C GLN A 432 -27.63 4.89 25.44
N SER A 433 -27.89 4.99 26.74
CA SER A 433 -28.90 5.89 27.29
C SER A 433 -28.55 7.35 27.05
N SER A 434 -27.25 7.66 27.07
CA SER A 434 -26.78 9.00 26.73
C SER A 434 -27.17 9.35 25.28
N LYS A 435 -27.03 8.37 24.38
CA LYS A 435 -27.42 8.59 22.99
C LYS A 435 -28.91 8.83 22.83
N THR A 436 -29.72 8.03 23.49
CA THR A 436 -31.16 8.12 23.25
C THR A 436 -31.81 9.27 24.03
N SER A 437 -31.18 9.70 25.11
CA SER A 437 -31.67 10.83 25.91
C SER A 437 -31.16 12.17 25.38
N ASN A 438 -30.08 12.11 24.59
CA ASN A 438 -29.35 13.29 24.14
C ASN A 438 -28.73 14.14 25.27
N GLU A 439 -28.43 13.49 26.38
CA GLU A 439 -27.64 14.10 27.44
C GLU A 439 -26.28 13.44 27.40
N PRO A 440 -25.27 14.14 26.83
CA PRO A 440 -23.96 13.54 26.51
C PRO A 440 -23.10 13.18 27.72
N VAL A 441 -22.53 11.99 27.65
CA VAL A 441 -21.70 11.43 28.72
C VAL A 441 -20.47 10.82 28.04
N TRP A 442 -19.31 10.90 28.68
CA TRP A 442 -18.11 10.29 28.14
C TRP A 442 -17.50 9.32 29.14
N TRP A 443 -17.06 8.17 28.65
CA TRP A 443 -16.47 7.14 29.50
C TRP A 443 -15.03 7.50 29.88
N LEU A 444 -14.76 7.56 31.18
CA LEU A 444 -13.44 7.85 31.72
C LEU A 444 -12.98 6.65 32.53
N PRO A 445 -11.64 6.47 32.67
CA PRO A 445 -11.12 5.25 33.29
C PRO A 445 -11.00 5.31 34.80
N ILE A 446 -11.15 4.17 35.47
CA ILE A 446 -10.75 4.06 36.86
C ILE A 446 -9.34 3.48 36.82
N ILE A 447 -8.35 4.35 37.02
CA ILE A 447 -6.95 3.95 36.86
C ILE A 447 -6.39 3.33 38.14
N ASN A 448 -6.34 2.01 38.17
CA ASN A 448 -5.96 1.29 39.39
C ASN A 448 -4.59 1.63 39.95
N GLU A 449 -3.69 2.14 39.10
CA GLU A 449 -2.35 2.51 39.56
C GLU A 449 -2.41 3.57 40.68
N TYR A 450 -3.46 4.39 40.69
CA TYR A 450 -3.57 5.46 41.66
C TYR A 450 -4.09 4.96 43.02
N ARG A 451 -4.59 3.73 43.05
CA ARG A 451 -5.19 3.17 44.27
C ARG A 451 -4.28 3.22 45.49
N ALA A 452 -3.00 2.93 45.30
CA ALA A 452 -2.04 2.94 46.40
C ALA A 452 -1.97 4.30 47.08
N THR A 453 -2.28 5.37 46.35
CA THR A 453 -2.20 6.71 46.93
C THR A 453 -3.31 6.99 47.94
N LEU A 454 -4.24 6.04 48.06
CA LEU A 454 -5.31 6.09 49.06
C LEU A 454 -5.01 5.25 50.30
N ASN A 455 -3.80 4.67 50.38
CA ASN A 455 -3.38 3.91 51.55
C ASN A 455 -3.15 4.83 52.75
N SER A 456 -3.87 4.57 53.83
CA SER A 456 -3.70 5.38 55.04
C SER A 456 -2.69 4.71 55.97
N LYS A 457 -1.91 5.51 56.67
CA LYS A 457 -0.98 4.98 57.68
C LYS A 457 -1.73 4.38 58.86
N TYR A 458 -2.92 4.92 59.17
CA TYR A 458 -3.66 4.55 60.38
C TYR A 458 -5.03 3.91 60.15
N ALA A 459 -5.79 4.47 59.22
CA ALA A 459 -7.12 3.96 58.88
C ALA A 459 -6.99 2.90 57.79
N ASP A 460 -8.10 2.24 57.46
CA ASP A 460 -8.11 1.28 56.35
C ASP A 460 -7.89 1.99 55.00
N ILE A 461 -8.37 3.22 54.89
CA ILE A 461 -8.26 3.92 53.61
C ILE A 461 -8.30 5.45 53.77
N ASN A 462 -7.64 6.16 52.85
CA ASN A 462 -7.71 7.62 52.79
C ASN A 462 -8.89 8.04 51.94
N GLN A 463 -9.58 9.08 52.36
CA GLN A 463 -10.67 9.69 51.59
C GLN A 463 -10.13 10.41 50.33
N ILE A 464 -8.94 11.00 50.43
CA ILE A 464 -8.34 11.71 49.30
C ILE A 464 -6.92 11.24 49.04
N SER A 465 -6.44 11.55 47.85
CA SER A 465 -5.08 11.23 47.46
C SER A 465 -4.15 12.33 47.95
N SER A 466 -2.93 11.95 48.27
CA SER A 466 -1.92 12.88 48.71
C SER A 466 -1.21 13.48 47.51
N SER A 467 -1.01 12.66 46.48
CA SER A 467 -0.15 13.02 45.36
C SER A 467 -0.84 13.10 43.99
N VAL A 468 -2.00 12.46 43.83
CA VAL A 468 -2.65 12.42 42.52
C VAL A 468 -3.69 13.53 42.32
N LYS A 469 -3.47 14.37 41.31
CA LYS A 469 -4.37 15.50 41.05
C LYS A 469 -5.59 15.14 40.22
N ALA A 470 -5.58 13.95 39.63
CA ALA A 470 -6.73 13.45 38.86
C ALA A 470 -7.89 13.07 39.80
N SER A 471 -8.49 14.08 40.43
CA SER A 471 -9.41 13.85 41.52
C SER A 471 -10.70 13.13 41.13
N SER A 472 -11.14 13.27 39.88
CA SER A 472 -12.36 12.59 39.46
C SER A 472 -12.10 11.09 39.42
N ILE A 473 -10.87 10.72 39.09
CA ILE A 473 -10.48 9.32 39.05
C ILE A 473 -10.27 8.76 40.46
N VAL A 474 -9.52 9.49 41.29
CA VAL A 474 -9.31 9.09 42.67
C VAL A 474 -10.64 8.90 43.42
N ALA A 475 -11.56 9.86 43.28
CA ALA A 475 -12.87 9.75 43.89
C ALA A 475 -13.57 8.47 43.47
N SER A 476 -13.47 8.14 42.19
CA SER A 476 -14.06 6.92 41.67
C SER A 476 -13.41 5.68 42.29
N LEU A 477 -12.09 5.75 42.50
CA LEU A 477 -11.38 4.65 43.15
C LEU A 477 -11.89 4.47 44.57
N PHE A 478 -12.10 5.58 45.26
CA PHE A 478 -12.62 5.55 46.62
C PHE A 478 -14.01 4.90 46.66
N LEU A 479 -14.91 5.36 45.80
CA LEU A 479 -16.26 4.80 45.72
C LEU A 479 -16.28 3.31 45.42
N LYS A 480 -15.37 2.86 44.55
CA LYS A 480 -15.36 1.46 44.15
C LYS A 480 -15.11 0.53 45.35
N GLU A 481 -14.41 1.03 46.35
CA GLU A 481 -14.13 0.25 47.55
C GLU A 481 -15.41 -0.08 48.33
N PHE A 482 -16.52 0.53 47.94
CA PHE A 482 -17.77 0.36 48.67
C PHE A 482 -18.85 -0.39 47.90
N VAL A 483 -18.44 -0.97 46.76
CA VAL A 483 -19.28 -1.90 46.01
C VAL A 483 -18.50 -3.21 45.85
N GLN A 484 -18.99 -4.27 46.46
CA GLN A 484 -18.21 -5.51 46.52
C GLN A 484 -18.45 -6.46 45.37
N ASN A 485 -19.70 -6.66 44.99
CA ASN A 485 -19.98 -7.66 43.97
C ASN A 485 -21.18 -7.35 43.10
N THR A 486 -21.39 -6.07 42.81
CA THR A 486 -22.50 -5.65 41.97
C THR A 486 -21.96 -4.78 40.84
N ALA A 487 -22.54 -4.90 39.65
CA ALA A 487 -22.17 -4.00 38.56
C ALA A 487 -22.55 -2.59 38.97
N TRP A 488 -21.61 -1.67 38.86
CA TRP A 488 -21.79 -0.32 39.35
C TRP A 488 -21.17 0.71 38.40
N ALA A 489 -21.90 1.81 38.20
CA ALA A 489 -21.40 2.95 37.43
C ALA A 489 -21.64 4.25 38.19
N HIS A 490 -20.82 5.24 37.88
CA HIS A 490 -20.73 6.50 38.63
C HIS A 490 -20.71 7.61 37.60
N ILE A 491 -21.66 8.56 37.70
CA ILE A 491 -21.77 9.65 36.75
C ILE A 491 -21.46 10.98 37.45
N ASP A 492 -20.34 11.60 37.07
CA ASP A 492 -19.90 12.84 37.70
C ASP A 492 -20.41 14.01 36.85
N ILE A 493 -21.35 14.76 37.41
CA ILE A 493 -22.00 15.87 36.71
C ILE A 493 -21.60 17.23 37.29
N ALA A 494 -20.49 17.25 38.01
CA ALA A 494 -20.01 18.50 38.61
C ALA A 494 -19.84 19.62 37.59
N GLY A 495 -19.45 19.24 36.36
CA GLY A 495 -19.21 20.23 35.34
C GLY A 495 -20.42 20.65 34.56
N VAL A 496 -21.37 19.73 34.37
CA VAL A 496 -22.51 19.97 33.48
C VAL A 496 -23.79 20.41 34.18
N SER A 497 -23.87 20.26 35.50
CA SER A 497 -25.14 20.48 36.18
C SER A 497 -25.67 21.91 36.06
N TRP A 498 -24.79 22.87 36.27
CA TRP A 498 -25.17 24.28 36.23
C TRP A 498 -24.88 24.91 34.87
N ASN A 499 -25.85 25.64 34.34
CA ASN A 499 -25.67 26.38 33.08
C ASN A 499 -25.18 27.77 33.43
N PHE A 500 -23.87 27.97 33.34
CA PHE A 500 -23.26 29.22 33.77
C PHE A 500 -23.72 30.41 32.94
N LYS A 501 -23.83 30.21 31.63
CA LYS A 501 -24.30 31.24 30.72
C LYS A 501 -25.71 31.71 31.05
N ALA A 502 -26.63 30.76 31.19
CA ALA A 502 -28.04 31.08 31.48
C ALA A 502 -28.32 31.32 32.96
N ARG A 503 -27.36 31.04 33.83
CA ARG A 503 -27.49 31.26 35.27
C ARG A 503 -28.61 30.43 35.89
N LYS A 504 -28.69 29.17 35.47
CA LYS A 504 -29.73 28.27 35.95
C LYS A 504 -29.24 26.82 35.88
N PRO A 505 -29.86 25.92 36.66
CA PRO A 505 -29.47 24.50 36.52
C PRO A 505 -30.01 23.88 35.24
N LYS A 506 -29.45 22.77 34.82
CA LYS A 506 -29.95 22.05 33.65
C LYS A 506 -30.96 20.95 33.99
N GLY A 507 -31.00 20.56 35.25
CA GLY A 507 -31.65 19.32 35.62
C GLY A 507 -31.02 18.14 34.89
N PHE A 508 -29.70 18.16 34.73
CA PHE A 508 -29.00 17.12 33.94
C PHE A 508 -29.11 15.74 34.59
N GLY A 509 -29.37 14.73 33.76
CA GLY A 509 -29.33 13.35 34.23
C GLY A 509 -30.70 12.70 34.35
N VAL A 510 -31.75 13.50 34.46
CA VAL A 510 -33.09 12.94 34.58
C VAL A 510 -33.42 12.05 33.39
N ARG A 511 -33.25 12.59 32.19
CA ARG A 511 -33.63 11.88 30.99
C ARG A 511 -32.69 10.72 30.74
N LEU A 512 -31.41 10.96 31.01
CA LEU A 512 -30.39 9.91 30.92
C LEU A 512 -30.76 8.69 31.75
N LEU A 513 -31.02 8.92 33.03
CA LEU A 513 -31.35 7.83 33.95
C LEU A 513 -32.67 7.16 33.57
N THR A 514 -33.65 7.97 33.15
CA THR A 514 -34.94 7.38 32.78
C THR A 514 -34.80 6.47 31.56
N GLU A 515 -34.07 6.93 30.54
CA GLU A 515 -33.85 6.11 29.35
C GLU A 515 -33.17 4.81 29.74
N PHE A 516 -32.22 4.90 30.65
CA PHE A 516 -31.54 3.72 31.19
C PHE A 516 -32.53 2.71 31.78
N VAL A 517 -33.45 3.21 32.61
CA VAL A 517 -34.46 2.34 33.22
C VAL A 517 -35.38 1.76 32.15
N LEU A 518 -35.86 2.63 31.26
CA LEU A 518 -36.81 2.23 30.23
C LEU A 518 -36.25 1.23 29.20
N ASN A 519 -35.07 1.51 28.65
CA ASN A 519 -34.44 0.65 27.66
C ASN A 519 -34.20 -0.77 28.18
N ASP A 520 -34.07 -0.90 29.49
CA ASP A 520 -33.86 -2.21 30.12
C ASP A 520 -35.16 -2.95 30.36
N SER B 3 -15.56 14.05 82.84
CA SER B 3 -15.03 12.80 82.33
C SER B 3 -15.91 12.18 81.25
N GLU B 4 -17.20 12.49 81.24
CA GLU B 4 -18.07 12.01 80.16
C GLU B 4 -17.79 12.80 78.87
N VAL B 5 -17.43 12.09 77.80
CA VAL B 5 -17.13 12.72 76.51
C VAL B 5 -18.42 13.00 75.74
N PRO B 6 -18.71 14.29 75.49
CA PRO B 6 -19.91 14.64 74.70
C PRO B 6 -19.80 14.07 73.29
N GLN B 7 -20.93 13.71 72.71
CA GLN B 7 -20.98 13.15 71.36
C GLN B 7 -21.98 13.95 70.54
N VAL B 8 -21.77 14.04 69.23
CA VAL B 8 -22.82 14.60 68.38
C VAL B 8 -23.78 13.52 67.90
N VAL B 9 -23.21 12.38 67.50
CA VAL B 9 -24.01 11.21 67.17
C VAL B 9 -23.46 10.05 67.98
N SER B 10 -24.24 8.98 68.10
CA SER B 10 -23.84 7.84 68.94
C SER B 10 -22.59 7.15 68.43
N LEU B 11 -22.20 7.43 67.18
CA LEU B 11 -21.01 6.83 66.59
C LEU B 11 -19.72 7.56 66.96
N ASP B 12 -19.82 8.73 67.59
CA ASP B 12 -18.62 9.46 68.01
C ASP B 12 -17.89 8.70 69.14
N PRO B 13 -16.58 8.47 68.97
CA PRO B 13 -15.82 7.71 69.99
C PRO B 13 -15.79 8.47 71.30
N THR B 14 -15.75 7.74 72.42
CA THR B 14 -15.74 8.36 73.74
C THR B 14 -14.47 8.06 74.53
N SER B 15 -13.47 7.48 73.87
CA SER B 15 -12.17 7.28 74.50
C SER B 15 -11.08 7.13 73.46
N ILE B 16 -9.84 7.39 73.86
CA ILE B 16 -8.73 7.09 72.99
C ILE B 16 -8.31 5.64 73.20
N PRO B 17 -8.24 4.86 72.11
CA PRO B 17 -7.64 3.53 72.27
C PRO B 17 -6.15 3.64 72.55
N ILE B 18 -5.71 3.02 73.66
CA ILE B 18 -4.30 2.99 74.02
C ILE B 18 -3.84 1.55 74.08
N GLU B 19 -2.67 1.29 73.51
CA GLU B 19 -2.07 -0.02 73.59
C GLU B 19 -0.94 0.09 74.60
N TYR B 20 -1.08 -0.61 75.73
CA TYR B 20 -0.10 -0.55 76.80
C TYR B 20 0.90 -1.70 76.71
N ASN B 21 0.39 -2.91 76.66
CA ASN B 21 1.23 -4.09 76.46
C ASN B 21 1.42 -4.32 74.97
N THR B 22 2.52 -3.81 74.44
CA THR B 22 2.79 -3.93 73.02
C THR B 22 3.59 -5.20 72.75
N PRO B 23 3.60 -5.66 71.49
CA PRO B 23 4.43 -6.81 71.14
C PRO B 23 5.89 -6.64 71.56
N ILE B 24 6.40 -5.40 71.52
CA ILE B 24 7.76 -5.12 71.96
C ILE B 24 7.98 -5.56 73.40
N HIS B 25 6.95 -5.42 74.23
CA HIS B 25 7.09 -5.83 75.62
C HIS B 25 7.21 -7.34 75.79
N ASP B 26 6.81 -8.08 74.76
CA ASP B 26 6.88 -9.54 74.82
C ASP B 26 8.23 -10.07 74.34
N ILE B 27 9.09 -9.16 73.88
CA ILE B 27 10.41 -9.58 73.43
C ILE B 27 11.32 -9.85 74.63
N LYS B 28 11.84 -11.07 74.71
CA LYS B 28 12.81 -11.41 75.74
C LYS B 28 14.18 -10.99 75.24
N VAL B 29 14.81 -10.07 75.95
CA VAL B 29 16.09 -9.53 75.52
C VAL B 29 17.24 -10.12 76.35
N GLN B 30 18.25 -10.63 75.66
CA GLN B 30 19.41 -11.23 76.31
C GLN B 30 20.68 -10.57 75.78
N VAL B 31 21.54 -10.14 76.69
CA VAL B 31 22.81 -9.53 76.32
C VAL B 31 23.99 -10.42 76.73
N TYR B 32 24.87 -10.72 75.77
CA TYR B 32 26.01 -11.59 76.00
C TYR B 32 27.29 -10.86 75.66
N ASP B 33 28.38 -11.23 76.32
CA ASP B 33 29.67 -10.66 75.94
C ASP B 33 30.22 -11.32 74.68
N ILE B 34 30.68 -10.47 73.78
CA ILE B 34 31.21 -10.85 72.48
C ILE B 34 32.48 -11.71 72.57
N LYS B 35 33.22 -11.59 73.68
CA LYS B 35 34.50 -12.29 73.84
C LYS B 35 34.30 -13.80 73.92
N GLY B 36 33.13 -14.21 74.39
CA GLY B 36 32.79 -15.63 74.47
C GLY B 36 32.38 -16.23 73.15
N GLY B 37 32.32 -15.40 72.10
CA GLY B 37 31.94 -15.84 70.76
C GLY B 37 30.44 -15.92 70.55
N CYS B 38 30.00 -15.92 69.30
CA CYS B 38 28.57 -15.94 69.00
C CYS B 38 28.08 -17.33 68.64
N ASN B 39 26.98 -17.75 69.26
CA ASN B 39 26.28 -18.94 68.81
C ASN B 39 25.28 -18.58 67.71
N VAL B 40 25.33 -19.31 66.60
CA VAL B 40 24.38 -19.11 65.52
C VAL B 40 23.49 -20.35 65.44
N GLU B 41 22.29 -20.25 66.03
CA GLU B 41 21.44 -21.43 66.15
C GLU B 41 20.13 -21.33 65.40
N GLU B 42 19.51 -20.14 65.38
CA GLU B 42 18.16 -20.01 64.83
C GLU B 42 17.68 -18.57 64.66
N GLY B 43 16.77 -18.38 63.72
CA GLY B 43 16.25 -17.07 63.41
C GLY B 43 17.17 -16.32 62.45
N LEU B 44 17.47 -15.08 62.78
CA LEU B 44 18.32 -14.25 61.93
C LEU B 44 19.40 -13.60 62.78
N THR B 45 20.65 -13.77 62.39
CA THR B 45 21.77 -13.16 63.12
C THR B 45 22.41 -12.09 62.25
N ILE B 46 22.51 -10.88 62.79
CA ILE B 46 22.94 -9.72 62.01
C ILE B 46 24.18 -9.10 62.63
N PHE B 47 25.21 -8.90 61.82
CA PHE B 47 26.43 -8.26 62.26
C PHE B 47 26.40 -6.78 61.88
N LEU B 48 26.63 -5.90 62.87
CA LEU B 48 26.79 -4.49 62.57
C LEU B 48 28.27 -4.27 62.33
N VAL B 49 28.63 -4.00 61.08
CA VAL B 49 30.03 -3.88 60.72
C VAL B 49 30.34 -2.53 60.12
N ASN B 50 31.57 -2.07 60.37
CA ASN B 50 32.09 -0.91 59.68
C ASN B 50 33.44 -1.24 59.08
N ASN B 51 34.03 -0.27 58.41
CA ASN B 51 35.42 -0.35 57.99
C ASN B 51 35.96 1.06 58.04
N PRO B 52 36.54 1.45 59.19
CA PRO B 52 37.01 2.82 59.38
C PRO B 52 38.03 3.18 58.31
N GLY B 53 37.98 4.42 57.82
CA GLY B 53 38.84 4.82 56.73
C GLY B 53 38.22 4.56 55.37
N LYS B 54 38.42 3.35 54.84
CA LYS B 54 37.90 2.96 53.53
C LYS B 54 36.41 3.27 53.36
N GLU B 55 36.10 4.15 52.42
CA GLU B 55 34.75 4.69 52.24
C GLU B 55 33.67 3.61 52.17
N ASN B 56 33.81 2.72 51.19
CA ASN B 56 32.94 1.57 51.06
C ASN B 56 33.78 0.31 51.11
N GLY B 57 34.64 0.25 52.12
CA GLY B 57 35.54 -0.87 52.32
C GLY B 57 34.82 -2.20 52.47
N PRO B 58 35.54 -3.30 52.29
CA PRO B 58 34.94 -4.63 52.38
C PRO B 58 34.38 -4.93 53.77
N VAL B 59 33.49 -5.92 53.82
CA VAL B 59 32.96 -6.43 55.07
C VAL B 59 33.95 -7.41 55.67
N LYS B 60 34.40 -7.14 56.90
CA LYS B 60 35.29 -8.05 57.63
C LYS B 60 34.64 -8.45 58.96
N ILE B 61 34.35 -9.74 59.12
CA ILE B 61 33.74 -10.23 60.35
C ILE B 61 34.80 -10.60 61.39
N SER B 62 35.00 -9.71 62.37
CA SER B 62 36.06 -9.87 63.37
C SER B 62 35.71 -10.84 64.51
N SER B 63 34.50 -10.72 65.04
CA SER B 63 34.08 -11.50 66.22
C SER B 63 34.20 -13.01 66.02
N LYS B 64 34.36 -13.74 67.13
CA LYS B 64 34.41 -15.20 67.08
C LYS B 64 33.01 -15.78 66.96
N VAL B 65 32.89 -16.82 66.14
CA VAL B 65 31.63 -17.48 65.88
C VAL B 65 31.77 -18.95 66.26
N ASN B 66 31.10 -19.36 67.33
CA ASN B 66 31.26 -20.71 67.88
C ASN B 66 30.58 -21.77 67.01
N ASP B 67 30.97 -21.80 65.75
CA ASP B 67 30.44 -22.76 64.78
C ASP B 67 31.43 -22.83 63.62
N LYS B 68 31.89 -24.03 63.29
CA LYS B 68 32.86 -24.21 62.23
C LYS B 68 32.26 -23.80 60.89
N GLN B 69 31.08 -24.36 60.61
CA GLN B 69 30.42 -24.11 59.33
C GLN B 69 30.19 -22.61 59.06
N VAL B 70 29.59 -21.92 60.02
CA VAL B 70 29.34 -20.49 59.87
C VAL B 70 30.63 -19.65 59.82
N SER B 71 31.63 -20.04 60.61
CA SER B 71 32.92 -19.33 60.61
C SER B 71 33.57 -19.40 59.25
N GLU B 72 33.48 -20.57 58.62
CA GLU B 72 33.98 -20.74 57.26
C GLU B 72 33.26 -19.80 56.29
N PHE B 73 31.94 -19.68 56.46
CA PHE B 73 31.14 -18.84 55.58
C PHE B 73 31.54 -17.37 55.64
N LEU B 74 31.75 -16.87 56.86
CA LEU B 74 32.04 -15.45 57.07
C LEU B 74 33.51 -15.10 56.95
N LYS B 75 34.28 -16.00 56.33
CA LYS B 75 35.70 -15.78 56.04
C LYS B 75 35.86 -14.56 55.12
N ASP B 76 36.93 -13.79 55.37
CA ASP B 76 37.21 -12.56 54.62
C ASP B 76 37.09 -12.76 53.12
N GLU B 77 37.54 -13.92 52.64
CA GLU B 77 37.48 -14.25 51.23
C GLU B 77 36.04 -14.17 50.72
N ASN B 78 35.12 -14.75 51.49
CA ASN B 78 33.70 -14.78 51.12
C ASN B 78 32.97 -13.46 51.37
N MET B 79 33.54 -12.61 52.21
CA MET B 79 32.88 -11.35 52.58
C MET B 79 33.37 -10.18 51.74
N GLU B 80 34.49 -10.38 51.06
CA GLU B 80 35.15 -9.32 50.31
C GLU B 80 34.23 -8.63 49.29
N LYS B 81 33.31 -9.39 48.72
CA LYS B 81 32.39 -8.87 47.70
C LYS B 81 31.37 -7.88 48.27
N PHE B 82 31.21 -7.87 49.59
CA PHE B 82 30.25 -6.97 50.23
C PHE B 82 30.97 -5.81 50.88
N ASN B 83 30.32 -4.64 50.86
CA ASN B 83 30.91 -3.42 51.41
C ASN B 83 30.06 -2.85 52.54
N VAL B 84 30.62 -1.88 53.26
CA VAL B 84 30.02 -1.40 54.50
C VAL B 84 29.23 -0.10 54.38
N LYS B 85 28.97 0.35 53.15
CA LYS B 85 28.27 1.61 52.93
C LYS B 85 27.04 1.70 53.82
N LEU B 86 26.90 2.84 54.51
CA LEU B 86 25.83 3.07 55.48
C LEU B 86 24.46 2.63 54.95
N GLY B 87 23.79 1.77 55.70
CA GLY B 87 22.44 1.36 55.36
C GLY B 87 22.32 0.11 54.53
N THR B 88 23.42 -0.30 53.91
CA THR B 88 23.45 -1.53 53.13
C THR B 88 23.20 -2.74 54.03
N SER B 89 22.48 -3.74 53.50
CA SER B 89 22.26 -4.98 54.22
C SER B 89 22.31 -6.17 53.26
N LYS B 90 22.69 -7.33 53.78
CA LYS B 90 22.72 -8.57 53.01
C LYS B 90 22.20 -9.73 53.88
N HIS B 91 21.53 -10.69 53.25
CA HIS B 91 21.11 -11.91 53.94
C HIS B 91 21.93 -13.11 53.46
N PHE B 92 22.26 -14.00 54.39
CA PHE B 92 22.96 -15.23 54.04
C PHE B 92 22.17 -16.45 54.53
N TYR B 93 22.35 -17.57 53.85
CA TYR B 93 21.69 -18.83 54.21
C TYR B 93 22.72 -19.96 54.20
N MET B 94 22.72 -20.79 55.25
CA MET B 94 23.70 -21.86 55.38
C MET B 94 23.29 -22.88 56.43
N PHE B 95 24.05 -23.96 56.54
CA PHE B 95 23.80 -24.96 57.57
C PHE B 95 24.90 -24.91 58.62
N ASN B 96 24.50 -24.95 59.89
CA ASN B 96 25.48 -24.94 60.97
C ASN B 96 26.05 -26.34 61.25
N ASP B 97 26.97 -26.43 62.20
CA ASP B 97 27.57 -27.71 62.57
C ASP B 97 26.51 -28.72 63.03
N ASN B 98 25.41 -28.20 63.57
CA ASN B 98 24.28 -29.02 63.98
C ASN B 98 23.55 -29.61 62.77
N LYS B 99 23.94 -29.18 61.57
CA LYS B 99 23.23 -29.49 60.32
C LYS B 99 21.82 -28.88 60.28
N ASN B 100 21.62 -27.81 61.05
CA ASN B 100 20.40 -27.01 60.98
C ASN B 100 20.62 -25.80 60.08
N SER B 101 19.58 -25.37 59.36
CA SER B 101 19.66 -24.19 58.51
C SER B 101 19.62 -22.93 59.36
N VAL B 102 20.51 -21.98 59.08
CA VAL B 102 20.50 -20.70 59.78
C VAL B 102 20.55 -19.50 58.83
N ALA B 103 19.88 -18.43 59.21
CA ALA B 103 19.95 -17.17 58.49
C ALA B 103 20.93 -16.22 59.19
N VAL B 104 21.84 -15.66 58.40
CA VAL B 104 22.84 -14.71 58.89
C VAL B 104 22.88 -13.56 57.91
N GLY B 105 23.40 -12.41 58.34
CA GLY B 105 23.55 -11.27 57.45
C GLY B 105 24.28 -10.15 58.15
N TYR B 106 24.31 -8.97 57.52
CA TYR B 106 24.94 -7.81 58.14
C TYR B 106 24.27 -6.52 57.71
N VAL B 107 24.51 -5.46 58.46
CA VAL B 107 24.10 -4.12 58.08
C VAL B 107 25.33 -3.21 58.05
N GLY B 108 25.54 -2.53 56.93
CA GLY B 108 26.70 -1.66 56.79
C GLY B 108 26.57 -0.42 57.66
N CYS B 109 27.64 -0.12 58.40
CA CYS B 109 27.65 1.04 59.29
C CYS B 109 28.68 2.10 58.87
N GLY B 110 29.12 2.04 57.62
CA GLY B 110 30.00 3.06 57.07
C GLY B 110 31.47 2.98 57.46
N SER B 111 32.16 4.10 57.28
CA SER B 111 33.60 4.17 57.48
C SER B 111 33.98 5.17 58.58
N VAL B 112 33.04 6.01 58.97
CA VAL B 112 33.24 6.93 60.08
C VAL B 112 33.15 6.16 61.40
N ALA B 113 34.14 6.35 62.26
CA ALA B 113 34.29 5.51 63.45
C ALA B 113 33.36 5.88 64.61
N ASP B 114 32.60 6.96 64.45
CA ASP B 114 31.64 7.40 65.47
C ASP B 114 30.28 7.77 64.86
N LEU B 115 29.36 6.81 64.84
CA LEU B 115 28.05 7.00 64.20
C LEU B 115 27.24 8.11 64.85
N SER B 116 26.61 8.94 64.03
CA SER B 116 25.76 9.99 64.56
C SER B 116 24.36 9.47 64.85
N GLU B 117 23.62 10.24 65.65
CA GLU B 117 22.24 9.96 65.97
C GLU B 117 21.41 9.68 64.71
N ALA B 118 21.52 10.56 63.71
CA ALA B 118 20.85 10.35 62.44
C ALA B 118 21.39 9.12 61.70
N ASP B 119 22.69 8.85 61.84
CA ASP B 119 23.34 7.70 61.20
C ASP B 119 22.82 6.40 61.79
N MET B 120 22.76 6.36 63.12
CA MET B 120 22.33 5.15 63.82
C MET B 120 20.89 4.82 63.45
N LYS B 121 20.07 5.86 63.29
CA LYS B 121 18.70 5.68 62.87
C LYS B 121 18.65 5.02 61.50
N ARG B 122 19.56 5.39 60.61
CA ARG B 122 19.64 4.76 59.30
C ARG B 122 20.04 3.29 59.40
N VAL B 123 20.87 2.96 60.38
CA VAL B 123 21.26 1.58 60.59
C VAL B 123 20.05 0.76 61.03
N VAL B 124 19.35 1.29 62.04
CA VAL B 124 18.20 0.62 62.61
C VAL B 124 17.10 0.41 61.57
N LEU B 125 16.85 1.44 60.75
CA LEU B 125 15.87 1.37 59.68
C LEU B 125 16.17 0.25 58.69
N SER B 126 17.44 0.11 58.31
CA SER B 126 17.88 -1.00 57.48
C SER B 126 17.59 -2.34 58.16
N LEU B 127 17.86 -2.38 59.47
CA LEU B 127 17.60 -3.56 60.28
C LEU B 127 16.10 -3.91 60.34
N VAL B 128 15.27 -2.89 60.48
CA VAL B 128 13.83 -3.09 60.59
C VAL B 128 13.26 -3.61 59.26
N THR B 129 13.90 -3.20 58.17
CA THR B 129 13.51 -3.69 56.85
C THR B 129 13.72 -5.20 56.77
N MET B 130 14.73 -5.68 57.47
CA MET B 130 15.02 -7.11 57.50
C MET B 130 14.03 -7.86 58.38
N LEU B 131 13.44 -7.17 59.34
CA LEU B 131 12.43 -7.80 60.20
C LEU B 131 11.06 -7.84 59.54
N HIS B 132 10.82 -6.89 58.65
CA HIS B 132 9.44 -6.57 58.24
C HIS B 132 8.67 -7.54 57.36
N ASP B 133 9.33 -8.23 56.43
CA ASP B 133 8.57 -9.19 55.64
C ASP B 133 9.14 -10.59 55.76
N ASN B 134 9.45 -10.95 57.00
CA ASN B 134 10.04 -12.24 57.32
C ASN B 134 9.53 -12.68 58.68
N LYS B 135 8.73 -13.74 58.71
CA LYS B 135 8.23 -14.26 59.97
C LYS B 135 9.36 -14.96 60.72
N LEU B 136 9.93 -14.24 61.69
CA LEU B 136 11.06 -14.74 62.47
C LEU B 136 10.70 -14.81 63.95
N SER B 137 11.26 -15.78 64.66
CA SER B 137 11.02 -15.92 66.09
C SER B 137 12.10 -15.18 66.88
N LYS B 138 13.26 -14.97 66.27
CA LYS B 138 14.36 -14.39 67.01
C LYS B 138 15.31 -13.59 66.14
N LEU B 139 15.71 -12.42 66.65
CA LEU B 139 16.76 -11.65 66.01
C LEU B 139 18.00 -11.68 66.90
N THR B 140 19.16 -11.85 66.30
CA THR B 140 20.40 -11.71 67.04
C THR B 140 21.24 -10.62 66.38
N VAL B 141 21.68 -9.66 67.19
CA VAL B 141 22.49 -8.56 66.71
C VAL B 141 23.88 -8.58 67.36
N VAL B 142 24.93 -8.60 66.53
CA VAL B 142 26.31 -8.61 67.01
C VAL B 142 27.00 -7.28 66.71
N PHE B 143 27.40 -6.57 67.76
CA PHE B 143 28.02 -5.25 67.62
C PHE B 143 29.52 -5.31 67.33
N GLU B 144 29.89 -5.07 66.08
CA GLU B 144 31.30 -4.98 65.70
C GLU B 144 31.66 -3.53 65.45
N ILE B 145 30.99 -2.63 66.18
CA ILE B 145 31.21 -1.20 66.09
C ILE B 145 31.20 -0.67 67.52
N ASN B 146 31.70 0.56 67.71
CA ASN B 146 31.76 1.13 69.04
C ASN B 146 30.60 2.08 69.31
N VAL B 147 29.92 1.83 70.42
CA VAL B 147 28.82 2.67 70.85
C VAL B 147 28.94 2.89 72.36
N ASP B 148 28.77 4.12 72.80
CA ASP B 148 28.75 4.37 74.24
C ASP B 148 27.39 3.96 74.78
N LYS B 149 27.24 3.90 76.11
CA LYS B 149 26.01 3.42 76.70
C LYS B 149 24.74 4.10 76.18
N ASN B 150 24.78 5.43 76.07
CA ASN B 150 23.65 6.20 75.55
C ASN B 150 23.30 5.80 74.12
N LEU B 151 24.31 5.55 73.30
CA LEU B 151 24.08 5.19 71.91
C LEU B 151 23.50 3.80 71.80
N PHE B 152 23.93 2.90 72.67
CA PHE B 152 23.38 1.56 72.70
C PHE B 152 21.90 1.63 73.05
N ARG B 153 21.58 2.43 74.06
CA ARG B 153 20.20 2.62 74.50
C ARG B 153 19.37 3.22 73.37
N PHE B 154 19.98 4.18 72.66
CA PHE B 154 19.34 4.83 71.52
C PHE B 154 19.06 3.82 70.39
N PHE B 155 20.00 2.90 70.17
CA PHE B 155 19.82 1.86 69.16
C PHE B 155 18.56 1.05 69.49
N LEU B 156 18.46 0.62 70.74
CA LEU B 156 17.36 -0.23 71.19
C LEU B 156 16.01 0.50 71.15
N GLU B 157 16.00 1.71 71.69
CA GLU B 157 14.81 2.58 71.66
C GLU B 157 14.26 2.75 70.27
N THR B 158 15.17 2.97 69.34
CA THR B 158 14.84 3.30 67.96
C THR B 158 14.38 2.05 67.26
N LEU B 159 15.05 0.94 67.53
CA LEU B 159 14.62 -0.35 67.02
C LEU B 159 13.19 -0.65 67.44
N PHE B 160 12.94 -0.54 68.75
CA PHE B 160 11.63 -0.85 69.31
C PHE B 160 10.57 0.04 68.69
N TYR B 161 10.86 1.34 68.63
CA TYR B 161 9.89 2.30 68.11
C TYR B 161 9.57 2.10 66.63
N GLU B 162 10.59 1.88 65.81
CA GLU B 162 10.36 1.71 64.38
C GLU B 162 9.74 0.35 64.05
N TYR B 163 10.02 -0.66 64.88
CA TYR B 163 9.54 -2.02 64.67
C TYR B 163 8.04 -2.08 64.92
N MET B 164 7.61 -1.35 65.94
CA MET B 164 6.22 -1.32 66.37
C MET B 164 5.31 -0.65 65.34
N THR B 165 4.22 -1.31 64.96
CA THR B 165 3.24 -0.73 64.04
C THR B 165 1.90 -0.48 64.74
N ASP B 166 1.35 0.73 64.53
CA ASP B 166 0.13 1.16 65.21
C ASP B 166 -1.08 0.78 64.36
N GLU B 167 -1.85 -0.20 64.84
CA GLU B 167 -3.01 -0.68 64.10
C GLU B 167 -4.31 -0.39 64.83
N ARG B 168 -4.28 0.54 65.78
CA ARG B 168 -5.47 0.89 66.53
C ARG B 168 -6.65 1.28 65.65
N PHE B 169 -6.38 1.88 64.50
CA PHE B 169 -7.48 2.42 63.67
C PHE B 169 -7.71 1.62 62.38
N LYS B 170 -7.01 0.51 62.27
CA LYS B 170 -7.25 -0.46 61.22
C LYS B 170 -8.38 -1.40 61.61
N SER B 171 -9.24 -1.72 60.66
CA SER B 171 -10.30 -2.71 60.88
C SER B 171 -10.30 -3.70 59.73
N THR B 172 -10.64 -3.19 58.56
CA THR B 172 -10.65 -3.96 57.31
C THR B 172 -9.24 -4.29 56.77
N ASP B 173 -8.27 -3.40 57.03
CA ASP B 173 -6.95 -3.47 56.39
C ASP B 173 -5.84 -4.07 57.27
N LYS B 174 -6.07 -5.32 57.69
CA LYS B 174 -5.17 -6.16 58.49
C LYS B 174 -3.66 -5.90 58.50
N ASN B 175 -3.00 -6.21 57.39
CA ASN B 175 -1.67 -6.85 57.40
C ASN B 175 -1.74 -8.08 58.30
N VAL B 176 -2.12 -9.20 57.67
CA VAL B 176 -2.30 -10.47 58.36
C VAL B 176 -1.01 -11.28 58.39
N ASN B 177 0.04 -10.75 57.76
CA ASN B 177 1.35 -11.39 57.78
C ASN B 177 2.24 -10.86 58.89
N MET B 178 1.64 -10.21 59.89
CA MET B 178 2.45 -9.59 60.93
C MET B 178 2.69 -10.47 62.16
N GLU B 179 3.96 -10.72 62.42
CA GLU B 179 4.41 -11.48 63.58
C GLU B 179 5.70 -10.89 64.08
N TYR B 180 5.72 -10.59 65.38
CA TYR B 180 6.87 -10.00 66.02
C TYR B 180 7.82 -11.08 66.55
N ILE B 181 9.13 -10.82 66.48
CA ILE B 181 10.10 -11.73 67.09
C ILE B 181 9.74 -11.80 68.57
N LYS B 182 10.09 -12.92 69.20
CA LYS B 182 9.84 -13.10 70.62
C LYS B 182 11.13 -13.01 71.42
N HIS B 183 12.24 -12.99 70.69
CA HIS B 183 13.58 -12.99 71.29
C HIS B 183 14.53 -12.07 70.56
N LEU B 184 15.32 -11.32 71.34
CA LEU B 184 16.38 -10.49 70.78
C LEU B 184 17.67 -10.82 71.50
N GLY B 185 18.66 -11.34 70.78
CA GLY B 185 19.95 -11.58 71.37
C GLY B 185 20.90 -10.47 70.95
N VAL B 186 21.75 -10.04 71.86
CA VAL B 186 22.72 -9.00 71.55
C VAL B 186 24.13 -9.44 71.99
N TYR B 187 25.10 -9.24 71.11
CA TYR B 187 26.50 -9.49 71.46
C TYR B 187 27.27 -8.19 71.43
N ILE B 188 27.89 -7.84 72.55
CA ILE B 188 28.64 -6.60 72.61
C ILE B 188 29.84 -6.64 73.57
N ASN B 189 30.88 -5.90 73.22
CA ASN B 189 32.02 -5.67 74.10
C ASN B 189 31.60 -5.12 75.46
N ASN B 190 32.15 -5.68 76.53
CA ASN B 190 31.85 -5.24 77.90
C ASN B 190 30.35 -5.24 78.17
N ALA B 191 29.70 -6.35 77.86
CA ALA B 191 28.25 -6.47 77.92
C ALA B 191 27.67 -6.00 79.25
N ASP B 192 28.42 -6.22 80.33
CA ASP B 192 27.94 -5.94 81.68
C ASP B 192 27.54 -4.49 81.92
N THR B 193 28.24 -3.55 81.30
CA THR B 193 27.87 -2.14 81.41
C THR B 193 26.60 -1.81 80.62
N TYR B 194 26.38 -2.54 79.54
CA TYR B 194 25.24 -2.28 78.65
C TYR B 194 23.91 -2.86 79.10
N LYS B 195 23.97 -3.94 79.89
CA LYS B 195 22.76 -4.65 80.32
C LYS B 195 21.70 -3.75 80.94
N GLU B 196 22.12 -2.82 81.79
CA GLU B 196 21.17 -1.93 82.46
C GLU B 196 20.40 -1.04 81.47
N GLU B 197 20.99 -0.78 80.31
CA GLU B 197 20.37 0.05 79.29
C GLU B 197 19.15 -0.60 78.65
N VAL B 198 19.03 -1.94 78.77
CA VAL B 198 17.93 -2.64 78.12
C VAL B 198 16.57 -2.19 78.62
N GLU B 199 16.31 -2.34 79.90
CA GLU B 199 15.00 -1.97 80.41
C GLU B 199 14.80 -0.46 80.44
N LYS B 200 15.90 0.31 80.50
CA LYS B 200 15.77 1.75 80.37
C LYS B 200 15.30 2.06 78.96
N ALA B 201 15.86 1.36 77.98
CA ALA B 201 15.45 1.55 76.59
C ALA B 201 14.00 1.16 76.40
N ARG B 202 13.58 0.09 77.05
CA ARG B 202 12.20 -0.37 76.90
C ARG B 202 11.24 0.64 77.53
N VAL B 203 11.63 1.24 78.64
CA VAL B 203 10.82 2.28 79.28
C VAL B 203 10.72 3.53 78.39
N TYR B 204 11.87 4.01 77.94
CA TYR B 204 11.94 5.14 77.02
C TYR B 204 11.15 4.88 75.75
N TYR B 205 11.26 3.66 75.21
CA TYR B 205 10.49 3.28 74.03
C TYR B 205 9.01 3.50 74.28
N PHE B 206 8.50 2.98 75.40
CA PHE B 206 7.07 3.11 75.59
C PHE B 206 6.60 4.53 75.86
N GLY B 207 7.39 5.29 76.61
CA GLY B 207 7.03 6.68 76.88
C GLY B 207 6.89 7.42 75.57
N THR B 208 7.84 7.16 74.68
CA THR B 208 7.86 7.80 73.36
C THR B 208 6.70 7.28 72.51
N TYR B 209 6.48 5.97 72.54
CA TYR B 209 5.43 5.36 71.73
C TYR B 209 4.03 5.72 72.23
N TYR B 210 3.88 5.85 73.54
CA TYR B 210 2.66 6.30 74.16
C TYR B 210 2.32 7.72 73.67
N ALA B 211 3.34 8.58 73.63
CA ALA B 211 3.12 9.95 73.18
C ALA B 211 2.66 9.90 71.74
N SER B 212 3.34 9.07 70.96
CA SER B 212 3.01 8.86 69.56
C SER B 212 1.55 8.44 69.36
N GLN B 213 1.05 7.57 70.23
CA GLN B 213 -0.33 7.09 70.14
C GLN B 213 -1.35 8.21 70.38
N LEU B 214 -1.07 9.05 71.37
CA LEU B 214 -1.93 10.20 71.64
C LEU B 214 -1.91 11.20 70.47
N ILE B 215 -0.73 11.41 69.90
CA ILE B 215 -0.59 12.36 68.79
C ILE B 215 -1.32 11.87 67.52
N ALA B 216 -1.02 10.65 67.11
CA ALA B 216 -1.63 10.03 65.92
C ALA B 216 -3.15 9.85 66.04
N ALA B 217 -3.63 9.60 67.26
CA ALA B 217 -5.07 9.51 67.49
C ALA B 217 -5.74 10.80 66.99
N PRO B 218 -6.69 10.68 66.04
CA PRO B 218 -7.34 11.87 65.49
C PRO B 218 -8.15 12.63 66.54
N SER B 219 -8.58 13.83 66.16
CA SER B 219 -9.17 14.78 67.08
C SER B 219 -10.57 14.38 67.51
N ASN B 220 -11.25 13.55 66.73
CA ASN B 220 -12.52 13.02 67.22
C ASN B 220 -12.32 11.97 68.31
N TYR B 221 -11.18 11.29 68.28
CA TYR B 221 -10.87 10.31 69.31
C TYR B 221 -10.22 11.01 70.50
N CYS B 222 -9.22 11.85 70.19
CA CYS B 222 -8.43 12.55 71.19
C CYS B 222 -8.88 14.01 71.28
N ASN B 223 -9.84 14.25 72.16
CA ASN B 223 -10.36 15.58 72.42
C ASN B 223 -9.99 15.95 73.86
N PRO B 224 -10.28 17.19 74.30
CA PRO B 224 -9.85 17.58 75.64
C PRO B 224 -10.38 16.69 76.76
N VAL B 225 -11.58 16.14 76.61
CA VAL B 225 -12.14 15.30 77.67
C VAL B 225 -11.47 13.93 77.65
N SER B 226 -11.38 13.31 76.47
CA SER B 226 -10.76 11.99 76.36
C SER B 226 -9.28 12.02 76.70
N LEU B 227 -8.57 13.06 76.30
CA LEU B 227 -7.14 13.16 76.59
C LEU B 227 -6.90 13.31 78.09
N SER B 228 -7.68 14.14 78.75
CA SER B 228 -7.56 14.29 80.21
C SER B 228 -7.97 13.02 80.93
N ASN B 229 -8.95 12.30 80.37
CA ASN B 229 -9.32 10.97 80.88
C ASN B 229 -8.16 9.98 80.77
N ALA B 230 -7.46 10.00 79.64
CA ALA B 230 -6.33 9.12 79.43
C ALA B 230 -5.24 9.43 80.45
N ALA B 231 -5.01 10.72 80.68
CA ALA B 231 -4.01 11.16 81.65
C ALA B 231 -4.35 10.66 83.06
N VAL B 232 -5.63 10.68 83.39
CA VAL B 232 -6.04 10.18 84.71
C VAL B 232 -5.72 8.70 84.83
N GLU B 233 -5.98 7.96 83.76
CA GLU B 233 -5.79 6.51 83.76
C GLU B 233 -4.29 6.17 83.83
N LEU B 234 -3.47 7.00 83.20
CA LEU B 234 -2.02 6.82 83.27
C LEU B 234 -1.55 7.06 84.70
N ALA B 235 -2.02 8.16 85.29
CA ALA B 235 -1.67 8.49 86.66
C ALA B 235 -2.06 7.38 87.64
N GLN B 236 -3.22 6.76 87.40
CA GLN B 236 -3.65 5.66 88.26
C GLN B 236 -2.76 4.43 88.11
N LYS B 237 -2.35 4.12 86.88
CA LYS B 237 -1.48 2.98 86.64
C LYS B 237 -0.10 3.17 87.25
N LEU B 238 0.32 4.43 87.35
CA LEU B 238 1.67 4.77 87.81
C LEU B 238 1.68 5.20 89.27
N ASN B 239 0.51 5.24 89.90
CA ASN B 239 0.36 5.73 91.27
C ASN B 239 0.83 7.18 91.47
N LEU B 240 0.59 8.03 90.48
CA LEU B 240 0.88 9.46 90.58
C LEU B 240 -0.34 10.18 91.17
N GLU B 241 -0.11 11.23 91.94
CA GLU B 241 -1.24 12.06 92.35
C GLU B 241 -1.67 12.79 91.09
N TYR B 242 -2.95 13.12 91.01
CA TYR B 242 -3.47 13.75 89.81
C TYR B 242 -4.65 14.62 90.16
N LYS B 243 -4.84 15.65 89.35
CA LYS B 243 -5.99 16.54 89.47
C LYS B 243 -6.31 17.04 88.07
N ILE B 244 -7.60 17.04 87.71
CA ILE B 244 -8.04 17.64 86.45
C ILE B 244 -8.96 18.81 86.76
N LEU B 245 -8.57 20.01 86.33
CA LEU B 245 -9.36 21.19 86.59
C LEU B 245 -10.41 21.35 85.49
N GLY B 246 -11.66 21.54 85.88
CA GLY B 246 -12.74 21.76 84.92
C GLY B 246 -13.04 23.24 84.84
N VAL B 247 -14.00 23.60 83.98
CA VAL B 247 -14.33 24.99 83.69
C VAL B 247 -14.61 25.83 84.94
N LYS B 248 -15.39 25.30 85.87
CA LYS B 248 -15.75 26.07 87.07
C LYS B 248 -14.50 26.43 87.87
N GLU B 249 -13.58 25.48 87.98
CA GLU B 249 -12.32 25.71 88.66
C GLU B 249 -11.45 26.68 87.86
N LEU B 250 -11.43 26.54 86.55
CA LEU B 250 -10.61 27.41 85.72
C LEU B 250 -11.14 28.84 85.75
N GLU B 251 -12.46 29.00 85.81
CA GLU B 251 -13.06 30.32 86.00
C GLU B 251 -12.64 30.95 87.33
N GLU B 252 -12.73 30.15 88.40
CA GLU B 252 -12.29 30.59 89.72
C GLU B 252 -10.82 31.06 89.70
N LEU B 253 -9.99 30.38 88.91
CA LEU B 253 -8.57 30.73 88.82
C LEU B 253 -8.34 31.87 87.82
N LYS B 254 -9.41 32.30 87.16
CA LYS B 254 -9.37 33.42 86.21
C LYS B 254 -8.44 33.18 85.02
N MET B 255 -8.40 31.93 84.57
CA MET B 255 -7.60 31.60 83.39
C MET B 255 -8.32 31.98 82.11
N GLY B 256 -8.45 33.29 81.89
CA GLY B 256 -9.22 33.81 80.78
C GLY B 256 -8.59 33.70 79.40
N ALA B 257 -7.26 33.63 79.36
CA ALA B 257 -6.58 33.43 78.08
C ALA B 257 -6.85 32.02 77.57
N TYR B 258 -6.68 31.04 78.45
CA TYR B 258 -6.92 29.63 78.17
C TYR B 258 -8.41 29.37 77.89
N LEU B 259 -9.28 29.88 78.74
CA LEU B 259 -10.72 29.66 78.55
C LEU B 259 -11.23 30.23 77.22
N SER B 260 -10.69 31.37 76.81
CA SER B 260 -11.13 32.02 75.56
C SER B 260 -10.86 31.15 74.33
N VAL B 261 -9.69 30.52 74.31
CA VAL B 261 -9.33 29.65 73.19
C VAL B 261 -10.34 28.51 73.02
N GLY B 262 -10.76 27.91 74.13
CA GLY B 262 -11.68 26.78 74.08
C GLY B 262 -13.16 27.15 73.93
N LYS B 263 -13.49 28.43 73.86
CA LYS B 263 -14.89 28.87 73.85
C LYS B 263 -15.71 28.27 72.73
N GLY B 264 -15.12 28.14 71.56
CA GLY B 264 -15.84 27.63 70.40
C GLY B 264 -15.90 26.12 70.28
N SER B 265 -15.41 25.41 71.29
CA SER B 265 -15.36 23.95 71.20
C SER B 265 -16.55 23.32 71.92
N MET B 266 -16.99 22.16 71.43
CA MET B 266 -18.07 21.44 72.10
C MET B 266 -17.50 20.65 73.27
N TYR B 267 -16.17 20.60 73.37
CA TYR B 267 -15.50 19.89 74.47
C TYR B 267 -15.03 20.88 75.52
N PRO B 268 -15.46 20.70 76.77
CA PRO B 268 -15.05 21.64 77.83
C PRO B 268 -13.55 21.55 78.09
N ASN B 269 -12.94 22.70 78.38
CA ASN B 269 -11.52 22.72 78.70
C ASN B 269 -11.22 21.83 79.90
N LYS B 270 -10.08 21.14 79.85
CA LYS B 270 -9.62 20.30 80.95
C LYS B 270 -8.13 20.54 81.19
N PHE B 271 -7.78 21.02 82.38
CA PHE B 271 -6.38 21.27 82.72
C PHE B 271 -5.81 20.06 83.47
N ILE B 272 -4.79 19.43 82.90
CA ILE B 272 -4.17 18.25 83.48
C ILE B 272 -3.05 18.63 84.45
N HIS B 273 -3.07 18.05 85.64
CA HIS B 273 -2.01 18.26 86.63
C HIS B 273 -1.69 16.93 87.31
N LEU B 274 -0.60 16.28 86.89
CA LEU B 274 -0.12 15.07 87.56
C LEU B 274 1.11 15.45 88.37
N THR B 275 1.39 14.71 89.43
CA THR B 275 2.58 14.97 90.22
C THR B 275 3.34 13.69 90.58
N TYR B 276 4.65 13.70 90.30
CA TYR B 276 5.52 12.69 90.83
C TYR B 276 6.34 13.31 91.96
N LYS B 277 6.39 12.62 93.10
CA LYS B 277 7.22 13.07 94.21
C LYS B 277 8.07 11.94 94.77
N SER B 278 9.38 12.19 94.86
CA SER B 278 10.31 11.23 95.46
C SER B 278 10.00 11.01 96.94
N LYS B 279 10.37 9.83 97.43
CA LYS B 279 10.13 9.45 98.83
C LYS B 279 10.97 10.23 99.85
N GLY B 280 12.16 10.65 99.46
CA GLY B 280 13.09 11.25 100.40
C GLY B 280 13.08 12.76 100.50
N ASP B 281 14.26 13.35 100.67
CA ASP B 281 14.40 14.79 100.64
C ASP B 281 14.10 15.25 99.21
N VAL B 282 13.31 16.30 99.07
CA VAL B 282 13.04 16.85 97.75
C VAL B 282 14.02 17.99 97.51
N LYS B 283 14.95 17.80 96.57
CA LYS B 283 15.99 18.80 96.34
C LYS B 283 15.68 19.74 95.17
N LYS B 284 14.78 19.32 94.30
CA LYS B 284 14.47 20.11 93.11
C LYS B 284 13.01 19.92 92.72
N LYS B 285 12.34 21.03 92.43
CA LYS B 285 10.94 21.00 92.05
C LYS B 285 10.86 21.51 90.62
N ILE B 286 10.21 20.74 89.76
CA ILE B 286 10.19 21.04 88.33
C ILE B 286 8.75 21.01 87.82
N ALA B 287 8.36 22.02 87.04
CA ALA B 287 7.11 21.98 86.30
C ALA B 287 7.40 21.76 84.81
N LEU B 288 6.78 20.73 84.24
CA LEU B 288 6.86 20.46 82.80
C LEU B 288 5.51 20.81 82.20
N VAL B 289 5.50 21.78 81.29
CA VAL B 289 4.25 22.26 80.68
C VAL B 289 4.16 21.88 79.21
N GLY B 290 3.07 21.21 78.81
CA GLY B 290 2.90 20.84 77.42
C GLY B 290 1.72 21.54 76.77
N LYS B 291 1.94 22.11 75.58
CA LYS B 291 0.82 22.67 74.81
C LYS B 291 -0.16 21.55 74.41
N GLY B 292 -1.43 21.73 74.76
CA GLY B 292 -2.40 20.67 74.53
C GLY B 292 -3.60 21.09 73.72
N ILE B 293 -3.39 21.48 72.47
CA ILE B 293 -4.49 21.82 71.57
C ILE B 293 -4.84 20.58 70.75
N THR B 294 -6.02 20.00 71.01
CA THR B 294 -6.33 18.68 70.47
C THR B 294 -6.70 18.71 69.00
N PHE B 295 -7.31 19.83 68.58
CA PHE B 295 -7.34 20.21 67.18
C PHE B 295 -7.16 21.71 67.07
N ASP B 296 -6.35 22.15 66.12
CA ASP B 296 -6.16 23.58 65.91
C ASP B 296 -6.66 23.97 64.52
N SER B 297 -7.92 24.41 64.44
CA SER B 297 -8.50 24.81 63.16
C SER B 297 -7.97 26.16 62.75
N GLY B 298 -7.44 26.90 63.71
CA GLY B 298 -7.07 28.29 63.51
C GLY B 298 -8.09 29.24 64.13
N GLY B 299 -9.30 28.74 64.39
CA GLY B 299 -10.40 29.61 64.80
C GLY B 299 -10.80 30.53 63.66
N TYR B 300 -11.38 31.68 63.97
CA TYR B 300 -11.82 32.59 62.91
C TYR B 300 -10.72 32.98 61.93
N ASN B 301 -9.47 32.99 62.41
CA ASN B 301 -8.32 33.06 61.51
C ASN B 301 -8.02 31.66 60.96
N LEU B 302 -8.99 31.13 60.23
CA LEU B 302 -9.00 29.73 59.79
C LEU B 302 -7.78 29.37 58.97
N LYS B 303 -7.23 28.18 59.21
CA LYS B 303 -6.11 27.68 58.41
C LYS B 303 -6.57 27.32 57.01
N ALA B 304 -6.68 28.34 56.15
CA ALA B 304 -7.17 28.14 54.80
C ALA B 304 -6.08 28.46 53.76
N ALA B 305 -5.02 29.13 54.20
CA ALA B 305 -3.95 29.48 53.26
C ALA B 305 -3.24 28.21 52.79
N PRO B 306 -2.76 28.22 51.54
CA PRO B 306 -1.87 27.17 51.02
C PRO B 306 -0.73 26.89 51.98
N GLY B 307 -0.53 25.61 52.31
CA GLY B 307 0.60 25.21 53.14
C GLY B 307 0.36 25.31 54.64
N SER B 308 -0.87 25.61 55.05
CA SER B 308 -1.16 25.74 56.47
C SER B 308 -1.38 24.38 57.14
N MET B 309 -1.55 23.34 56.33
CA MET B 309 -1.60 21.94 56.79
C MET B 309 -2.66 21.61 57.85
N ILE B 310 -3.87 22.08 57.62
CA ILE B 310 -4.92 21.92 58.62
C ILE B 310 -5.21 20.43 58.96
N ASP B 311 -4.94 19.54 58.01
CA ASP B 311 -5.19 18.11 58.22
C ASP B 311 -4.19 17.49 59.20
N LEU B 312 -3.11 18.20 59.48
CA LEU B 312 -2.08 17.73 60.41
C LEU B 312 -2.41 18.14 61.84
N MET B 313 -3.39 19.02 62.02
CA MET B 313 -3.52 19.73 63.29
C MET B 313 -4.02 18.93 64.49
N LYS B 314 -4.32 17.65 64.30
CA LYS B 314 -4.51 16.77 65.45
C LYS B 314 -3.20 16.66 66.25
N PHE B 315 -2.09 17.11 65.67
CA PHE B 315 -0.79 16.90 66.32
C PHE B 315 -0.44 18.05 67.26
N ASP B 316 -1.38 18.96 67.47
CA ASP B 316 -1.05 20.21 68.14
C ASP B 316 -1.12 20.05 69.66
N MET B 317 -1.33 18.81 70.10
CA MET B 317 -1.15 18.47 71.50
C MET B 317 0.08 17.60 71.68
N SER B 318 1.02 17.69 70.72
CA SER B 318 2.29 16.94 70.80
C SER B 318 3.06 17.26 72.08
N GLY B 319 3.00 18.52 72.52
CA GLY B 319 3.72 18.94 73.71
C GLY B 319 3.14 18.27 74.94
N CYS B 320 1.82 18.25 75.00
CA CYS B 320 1.12 17.55 76.08
C CYS B 320 1.47 16.06 76.04
N ALA B 321 1.52 15.49 74.84
CA ALA B 321 1.85 14.07 74.70
C ALA B 321 3.25 13.81 75.21
N ALA B 322 4.17 14.71 74.88
CA ALA B 322 5.55 14.58 75.33
C ALA B 322 5.60 14.59 76.85
N VAL B 323 4.88 15.52 77.45
CA VAL B 323 4.86 15.65 78.91
C VAL B 323 4.26 14.43 79.62
N LEU B 324 3.19 13.87 79.06
CA LEU B 324 2.60 12.64 79.62
C LEU B 324 3.51 11.43 79.43
N GLY B 325 4.16 11.34 78.27
CA GLY B 325 5.13 10.27 78.02
C GLY B 325 6.28 10.34 79.02
N CYS B 326 6.73 11.55 79.30
CA CYS B 326 7.75 11.76 80.33
C CYS B 326 7.24 11.31 81.70
N ALA B 327 5.95 11.53 81.97
CA ALA B 327 5.39 11.11 83.26
C ALA B 327 5.40 9.59 83.36
N TYR B 328 5.19 8.91 82.24
CA TYR B 328 5.31 7.46 82.23
C TYR B 328 6.73 7.04 82.63
N CYS B 329 7.74 7.61 81.96
CA CYS B 329 9.13 7.21 82.25
C CYS B 329 9.54 7.55 83.69
N VAL B 330 9.25 8.77 84.13
CA VAL B 330 9.59 9.20 85.48
C VAL B 330 8.86 8.35 86.53
N GLY B 331 7.58 8.09 86.29
CA GLY B 331 6.79 7.29 87.22
C GLY B 331 7.24 5.84 87.24
N THR B 332 7.89 5.39 86.16
CA THR B 332 8.36 4.01 86.09
C THR B 332 9.76 3.90 86.66
N LEU B 333 10.62 4.85 86.33
CA LEU B 333 12.00 4.84 86.77
C LEU B 333 12.15 5.33 88.22
N LYS B 334 11.18 6.10 88.69
CA LYS B 334 11.15 6.57 90.08
C LYS B 334 12.44 7.25 90.59
N PRO B 335 12.85 8.38 89.97
CA PRO B 335 14.10 9.02 90.42
C PRO B 335 13.95 9.60 91.82
N GLU B 336 15.06 9.79 92.52
CA GLU B 336 15.05 10.31 93.88
C GLU B 336 15.23 11.83 93.90
N ASN B 337 14.90 12.43 95.05
CA ASN B 337 15.25 13.82 95.36
C ASN B 337 14.48 14.86 94.55
N VAL B 338 13.34 14.47 94.01
CA VAL B 338 12.71 15.29 93.00
C VAL B 338 11.18 15.33 93.10
N GLU B 339 10.60 16.46 92.72
CA GLU B 339 9.16 16.61 92.64
C GLU B 339 8.82 17.18 91.26
N ILE B 340 8.10 16.41 90.45
CA ILE B 340 7.79 16.84 89.09
C ILE B 340 6.30 17.07 88.94
N HIS B 341 5.93 18.22 88.42
CA HIS B 341 4.54 18.50 88.06
C HIS B 341 4.38 18.46 86.54
N PHE B 342 3.39 17.69 86.09
CA PHE B 342 3.15 17.49 84.67
C PHE B 342 1.85 18.19 84.29
N LEU B 343 1.98 19.28 83.55
CA LEU B 343 0.84 20.16 83.32
C LEU B 343 0.50 20.31 81.85
N SER B 344 -0.80 20.38 81.56
CA SER B 344 -1.26 20.81 80.24
C SER B 344 -2.63 21.46 80.32
N ALA B 345 -2.70 22.66 79.77
CA ALA B 345 -3.98 23.33 79.57
C ALA B 345 -4.60 22.80 78.27
N VAL B 346 -5.46 21.79 78.38
CA VAL B 346 -5.99 21.13 77.19
C VAL B 346 -7.28 21.80 76.69
N CYS B 347 -7.35 22.05 75.39
CA CYS B 347 -8.57 22.54 74.77
C CYS B 347 -8.52 22.34 73.27
N GLU B 348 -9.53 22.82 72.57
CA GLU B 348 -9.67 22.64 71.12
C GLU B 348 -10.04 24.00 70.50
N ASN B 349 -9.36 24.39 69.41
CA ASN B 349 -9.52 25.72 68.76
C ASN B 349 -10.43 25.63 67.53
N MET B 350 -11.68 26.04 67.68
CA MET B 350 -12.69 25.77 66.66
C MET B 350 -13.46 27.02 66.23
N VAL B 351 -14.25 26.89 65.17
CA VAL B 351 -15.04 28.01 64.63
C VAL B 351 -16.50 27.81 65.00
N SER B 352 -17.10 28.81 65.64
CA SER B 352 -18.41 28.63 66.22
C SER B 352 -19.03 29.97 66.49
N LYS B 353 -20.33 30.00 66.72
CA LYS B 353 -20.97 31.22 67.21
C LYS B 353 -20.36 31.63 68.56
N ASN B 354 -19.83 30.64 69.29
CA ASN B 354 -19.28 30.88 70.61
C ASN B 354 -17.77 31.15 70.66
N SER B 355 -17.09 31.11 69.52
CA SER B 355 -15.63 31.28 69.51
C SER B 355 -15.16 32.66 69.94
N TYR B 356 -13.93 32.77 70.43
CA TYR B 356 -13.32 34.08 70.59
C TYR B 356 -12.99 34.66 69.20
N ARG B 357 -12.87 35.98 69.11
CA ARG B 357 -12.71 36.67 67.82
C ARG B 357 -11.38 37.40 67.76
N PRO B 358 -10.85 37.59 66.54
CA PRO B 358 -9.73 38.52 66.32
C PRO B 358 -10.11 39.86 66.91
N GLY B 359 -9.21 40.46 67.69
CA GLY B 359 -9.50 41.74 68.31
C GLY B 359 -9.98 41.66 69.75
N ASP B 360 -10.54 40.51 70.16
CA ASP B 360 -11.04 40.37 71.52
C ASP B 360 -9.93 40.71 72.52
N ILE B 361 -10.31 41.31 73.63
CA ILE B 361 -9.34 41.55 74.71
C ILE B 361 -9.74 40.66 75.87
N ILE B 362 -8.78 39.86 76.33
CA ILE B 362 -9.02 38.85 77.32
C ILE B 362 -7.99 39.00 78.44
N THR B 363 -8.36 38.49 79.61
CA THR B 363 -7.59 38.70 80.82
C THR B 363 -7.00 37.40 81.35
N ALA B 364 -5.67 37.33 81.36
CA ALA B 364 -4.95 36.15 81.86
C ALA B 364 -5.00 36.08 83.40
N SER B 365 -4.64 34.93 83.96
CA SER B 365 -4.77 34.73 85.40
C SER B 365 -3.80 35.56 86.24
N ASN B 366 -2.80 36.17 85.61
CA ASN B 366 -1.93 37.10 86.34
C ASN B 366 -2.40 38.55 86.18
N GLY B 367 -3.62 38.73 85.68
CA GLY B 367 -4.17 40.07 85.54
C GLY B 367 -3.80 40.86 84.29
N LYS B 368 -2.84 40.35 83.50
CA LYS B 368 -2.50 41.01 82.23
C LYS B 368 -3.60 40.87 81.17
N THR B 369 -4.03 41.99 80.61
CA THR B 369 -4.97 41.96 79.49
C THR B 369 -4.22 41.80 78.18
N ILE B 370 -4.79 41.00 77.29
CA ILE B 370 -4.16 40.60 76.05
C ILE B 370 -5.10 40.91 74.90
N GLU B 371 -4.58 41.62 73.91
CA GLU B 371 -5.33 41.86 72.70
C GLU B 371 -5.03 40.73 71.72
N VAL B 372 -6.07 39.98 71.36
CA VAL B 372 -5.90 38.85 70.46
C VAL B 372 -5.80 39.37 69.04
N GLY B 373 -4.64 39.24 68.43
CA GLY B 373 -4.45 39.75 67.07
C GLY B 373 -4.79 38.71 66.01
N ASN B 374 -4.74 37.45 66.39
CA ASN B 374 -4.94 36.35 65.45
C ASN B 374 -5.34 35.12 66.28
N THR B 375 -6.50 34.56 65.98
CA THR B 375 -7.02 33.48 66.81
C THR B 375 -6.22 32.18 66.61
N ASP B 376 -5.37 32.17 65.58
CA ASP B 376 -4.54 31.01 65.26
C ASP B 376 -3.20 31.09 65.99
N ALA B 377 -2.99 32.12 66.80
CA ALA B 377 -1.87 32.11 67.72
C ALA B 377 -2.38 31.71 69.11
N GLU B 378 -3.07 30.57 69.18
CA GLU B 378 -3.81 30.22 70.39
C GLU B 378 -2.96 29.51 71.42
N GLY B 379 -1.91 28.85 70.97
CA GLY B 379 -1.04 28.07 71.83
C GLY B 379 -0.46 28.91 72.96
N ARG B 380 0.16 30.03 72.60
CA ARG B 380 0.79 30.93 73.57
C ARG B 380 -0.20 31.49 74.60
N LEU B 381 -1.46 31.63 74.22
CA LEU B 381 -2.51 32.02 75.17
C LEU B 381 -2.76 30.92 76.21
N THR B 382 -2.88 29.68 75.76
CA THR B 382 -3.14 28.60 76.72
C THR B 382 -1.92 28.43 77.60
N LEU B 383 -0.74 28.59 77.00
CA LEU B 383 0.51 28.42 77.72
C LEU B 383 0.72 29.54 78.75
N ALA B 384 0.27 30.75 78.43
CA ALA B 384 0.36 31.87 79.37
C ALA B 384 -0.27 31.50 80.71
N ASP B 385 -1.51 31.04 80.66
CA ASP B 385 -2.21 30.67 81.89
C ASP B 385 -1.60 29.43 82.57
N ALA B 386 -1.06 28.51 81.77
CA ALA B 386 -0.37 27.32 82.30
C ALA B 386 0.93 27.69 83.00
N LEU B 387 1.61 28.70 82.47
CA LEU B 387 2.86 29.16 83.04
C LEU B 387 2.62 29.86 84.38
N VAL B 388 1.57 30.66 84.44
CA VAL B 388 1.20 31.34 85.68
C VAL B 388 0.87 30.32 86.75
N TYR B 389 0.07 29.32 86.38
CA TYR B 389 -0.25 28.21 87.27
C TYR B 389 1.04 27.52 87.73
N ALA B 390 1.92 27.21 86.79
CA ALA B 390 3.17 26.54 87.12
C ALA B 390 3.99 27.35 88.13
N GLU B 391 4.10 28.67 87.91
CA GLU B 391 4.96 29.46 88.79
C GLU B 391 4.39 29.55 90.20
N LYS B 392 3.07 29.43 90.32
CA LYS B 392 2.42 29.44 91.63
C LYS B 392 2.73 28.18 92.43
N LEU B 393 3.13 27.09 91.76
CA LEU B 393 3.53 25.87 92.47
C LEU B 393 4.83 26.09 93.25
N GLY B 394 5.54 27.17 92.93
CA GLY B 394 6.78 27.50 93.61
C GLY B 394 7.87 26.49 93.28
N VAL B 395 8.16 26.38 91.98
CA VAL B 395 9.17 25.44 91.52
C VAL B 395 10.54 26.08 91.21
N ASP B 396 11.54 25.24 91.00
CA ASP B 396 12.88 25.73 90.66
C ASP B 396 13.01 25.97 89.17
N TYR B 397 12.38 25.09 88.39
CA TYR B 397 12.44 25.15 86.93
C TYR B 397 11.06 25.00 86.32
N ILE B 398 10.77 25.81 85.31
CA ILE B 398 9.61 25.59 84.46
C ILE B 398 10.12 25.36 83.04
N VAL B 399 9.81 24.20 82.48
CA VAL B 399 10.11 23.93 81.09
C VAL B 399 8.80 23.65 80.36
N ASP B 400 8.53 24.41 79.30
CA ASP B 400 7.38 24.08 78.46
C ASP B 400 7.88 23.48 77.15
N ILE B 401 7.03 22.66 76.53
CA ILE B 401 7.31 22.07 75.23
C ILE B 401 6.04 22.18 74.39
N ALA B 402 6.18 22.65 73.15
CA ALA B 402 5.02 23.03 72.33
C ALA B 402 5.28 22.99 70.82
N THR B 403 4.27 22.59 70.04
CA THR B 403 4.29 22.76 68.59
C THR B 403 3.79 24.17 68.32
N LEU B 404 4.63 25.17 68.58
CA LEU B 404 4.12 26.54 68.74
C LEU B 404 4.12 27.33 67.44
N THR B 405 5.21 27.23 66.66
CA THR B 405 5.35 28.06 65.47
C THR B 405 5.81 27.32 64.21
N GLY B 406 5.04 27.42 63.14
CA GLY B 406 5.45 26.85 61.85
C GLY B 406 6.77 27.40 61.32
N ALA B 407 7.15 28.58 61.80
CA ALA B 407 8.42 29.18 61.37
C ALA B 407 9.63 28.34 61.76
N MET B 408 9.45 27.40 62.68
CA MET B 408 10.55 26.52 63.08
C MET B 408 11.07 25.75 61.86
N LEU B 409 10.17 25.45 60.92
CA LEU B 409 10.56 24.76 59.69
C LEU B 409 11.53 25.57 58.83
N TYR B 410 11.54 26.89 59.02
CA TYR B 410 12.44 27.78 58.27
C TYR B 410 13.73 28.10 59.02
N SER B 411 13.77 27.79 60.31
CA SER B 411 14.96 28.09 61.11
C SER B 411 15.82 26.84 61.28
N LEU B 412 15.26 25.83 61.91
CA LEU B 412 16.01 24.61 62.17
C LEU B 412 15.51 23.44 61.34
N GLY B 413 14.29 23.54 60.83
CA GLY B 413 13.77 22.47 59.98
C GLY B 413 13.16 21.31 60.76
N THR B 414 13.36 20.09 60.27
CA THR B 414 12.61 18.94 60.79
C THR B 414 13.41 18.05 61.76
N SER B 415 14.73 18.30 61.89
CA SER B 415 15.55 17.46 62.76
C SER B 415 15.80 18.01 64.16
N TYR B 416 16.01 19.32 64.27
CA TYR B 416 16.39 19.95 65.54
C TYR B 416 15.26 20.82 66.05
N ALA B 417 14.88 20.65 67.30
CA ALA B 417 13.93 21.55 67.94
C ALA B 417 14.70 22.77 68.43
N GLY B 418 13.98 23.85 68.72
CA GLY B 418 14.61 25.04 69.25
C GLY B 418 14.30 25.20 70.73
N VAL B 419 15.29 25.67 71.50
CA VAL B 419 15.02 25.99 72.90
C VAL B 419 15.32 27.46 73.17
N PHE B 420 14.38 28.10 73.84
CA PHE B 420 14.48 29.50 74.21
C PHE B 420 14.38 29.52 75.73
N GLY B 421 14.84 30.59 76.38
CA GLY B 421 14.76 30.63 77.84
C GLY B 421 15.23 31.93 78.47
N ASN B 422 14.96 32.08 79.76
CA ASN B 422 15.40 33.25 80.50
C ASN B 422 16.59 32.94 81.41
N ASN B 423 17.13 31.73 81.33
CA ASN B 423 18.14 31.28 82.28
C ASN B 423 19.19 30.37 81.64
N GLU B 424 20.43 30.85 81.57
CA GLU B 424 21.49 30.15 80.86
C GLU B 424 21.80 28.75 81.44
N GLU B 425 21.76 28.62 82.75
CA GLU B 425 22.03 27.34 83.41
C GLU B 425 20.98 26.30 83.03
N LEU B 426 19.72 26.69 83.13
CA LEU B 426 18.61 25.84 82.70
C LEU B 426 18.77 25.48 81.23
N ILE B 427 19.09 26.47 80.39
CA ILE B 427 19.30 26.16 78.98
C ILE B 427 20.40 25.12 78.77
N ASN B 428 21.51 25.27 79.48
CA ASN B 428 22.61 24.31 79.35
C ASN B 428 22.21 22.90 79.78
N LYS B 429 21.40 22.78 80.81
CA LYS B 429 20.88 21.49 81.25
C LYS B 429 20.03 20.84 80.17
N ILE B 430 19.22 21.64 79.49
CA ILE B 430 18.40 21.09 78.43
C ILE B 430 19.28 20.63 77.27
N LEU B 431 20.30 21.42 76.93
CA LEU B 431 21.23 21.02 75.88
C LEU B 431 21.99 19.74 76.25
N GLN B 432 22.36 19.61 77.52
CA GLN B 432 22.99 18.38 77.98
C GLN B 432 22.01 17.22 77.86
N SER B 433 20.76 17.46 78.24
CA SER B 433 19.72 16.43 78.12
C SER B 433 19.49 16.05 76.66
N SER B 434 19.65 17.02 75.76
CA SER B 434 19.54 16.75 74.32
C SER B 434 20.60 15.74 73.87
N LYS B 435 21.81 15.91 74.39
CA LYS B 435 22.95 15.08 74.00
C LYS B 435 22.79 13.64 74.48
N THR B 436 22.40 13.48 75.74
CA THR B 436 22.23 12.15 76.32
C THR B 436 20.94 11.42 75.88
N SER B 437 19.87 12.16 75.57
CA SER B 437 18.65 11.54 75.03
C SER B 437 18.75 11.29 73.53
N ASN B 438 19.72 11.96 72.92
CA ASN B 438 19.90 11.92 71.48
C ASN B 438 18.69 12.46 70.75
N GLU B 439 18.01 13.40 71.39
CA GLU B 439 16.96 14.18 70.74
C GLU B 439 17.50 15.60 70.56
N PRO B 440 17.92 15.94 69.34
CA PRO B 440 18.71 17.15 69.06
C PRO B 440 17.94 18.46 69.26
N VAL B 441 18.58 19.39 69.96
CA VAL B 441 17.97 20.69 70.24
C VAL B 441 19.01 21.79 69.96
N TRP B 442 18.56 22.96 69.50
CA TRP B 442 19.48 24.06 69.26
C TRP B 442 19.00 25.32 69.97
N TRP B 443 19.92 25.97 70.68
CA TRP B 443 19.59 27.18 71.44
C TRP B 443 19.36 28.37 70.50
N LEU B 444 18.18 28.97 70.61
CA LEU B 444 17.82 30.15 69.83
C LEU B 444 17.57 31.33 70.78
N PRO B 445 17.80 32.57 70.31
CA PRO B 445 17.75 33.71 71.24
C PRO B 445 16.37 34.35 71.41
N ILE B 446 16.12 34.86 72.61
CA ILE B 446 14.99 35.74 72.85
C ILE B 446 15.47 37.18 72.65
N ILE B 447 15.21 37.71 71.46
CA ILE B 447 15.72 39.01 71.08
C ILE B 447 14.81 40.11 71.60
N ASN B 448 15.25 40.78 72.66
CA ASN B 448 14.42 41.77 73.35
C ASN B 448 14.02 42.99 72.52
N GLU B 449 14.78 43.30 71.49
CA GLU B 449 14.43 44.40 70.61
C GLU B 449 13.02 44.23 70.01
N TYR B 450 12.56 42.99 69.81
CA TYR B 450 11.23 42.78 69.22
C TYR B 450 10.08 42.98 70.20
N ARG B 451 10.39 43.06 71.49
CA ARG B 451 9.36 43.18 72.53
C ARG B 451 8.42 44.37 72.33
N ALA B 452 8.97 45.51 71.90
CA ALA B 452 8.17 46.70 71.65
C ALA B 452 7.07 46.47 70.62
N THR B 453 7.25 45.48 69.75
CA THR B 453 6.23 45.20 68.75
C THR B 453 5.04 44.41 69.34
N LEU B 454 5.15 43.99 70.59
CA LEU B 454 4.01 43.40 71.28
C LEU B 454 3.24 44.45 72.06
N ASN B 455 3.61 45.72 71.90
CA ASN B 455 2.91 46.77 72.62
C ASN B 455 1.49 46.93 72.08
N SER B 456 0.51 47.00 72.96
CA SER B 456 -0.88 47.16 72.54
C SER B 456 -1.33 48.58 72.83
N LYS B 457 -2.09 49.15 71.91
CA LYS B 457 -2.68 50.47 72.14
C LYS B 457 -3.71 50.43 73.26
N TYR B 458 -4.42 49.30 73.38
CA TYR B 458 -5.53 49.21 74.32
C TYR B 458 -5.31 48.24 75.49
N ALA B 459 -4.78 47.06 75.19
CA ALA B 459 -4.53 46.07 76.24
C ALA B 459 -3.13 46.24 76.82
N ASP B 460 -2.80 45.41 77.81
CA ASP B 460 -1.46 45.43 78.37
C ASP B 460 -0.42 44.94 77.37
N ILE B 461 -0.83 44.00 76.52
CA ILE B 461 0.08 43.37 75.58
C ILE B 461 -0.65 42.80 74.39
N ASN B 462 0.01 42.81 73.23
CA ASN B 462 -0.49 42.14 72.04
C ASN B 462 -0.05 40.70 72.03
N GLN B 463 -0.92 39.84 71.51
CA GLN B 463 -0.67 38.41 71.34
C GLN B 463 0.40 38.16 70.28
N ILE B 464 0.32 38.89 69.17
CA ILE B 464 1.27 38.71 68.07
C ILE B 464 1.94 40.03 67.71
N SER B 465 2.96 39.95 66.85
CA SER B 465 3.71 41.13 66.44
C SER B 465 3.09 41.75 65.21
N SER B 466 3.05 43.07 65.19
CA SER B 466 2.62 43.83 64.03
C SER B 466 3.62 43.65 62.89
N SER B 467 4.92 43.71 63.22
CA SER B 467 5.95 43.88 62.20
C SER B 467 7.01 42.79 62.10
N VAL B 468 7.20 41.99 63.15
CA VAL B 468 8.30 41.02 63.13
C VAL B 468 7.87 39.65 62.61
N LYS B 469 8.61 39.14 61.62
CA LYS B 469 8.31 37.83 61.00
C LYS B 469 8.94 36.65 61.74
N ALA B 470 9.85 36.94 62.67
CA ALA B 470 10.48 35.88 63.46
C ALA B 470 9.53 35.43 64.56
N SER B 471 8.50 34.68 64.18
CA SER B 471 7.41 34.36 65.09
C SER B 471 7.81 33.41 66.22
N SER B 472 8.86 32.61 66.02
CA SER B 472 9.29 31.71 67.07
C SER B 472 9.86 32.52 68.22
N ILE B 473 10.58 33.59 67.87
CA ILE B 473 11.14 34.48 68.87
C ILE B 473 10.05 35.35 69.52
N VAL B 474 9.15 35.90 68.70
CA VAL B 474 8.07 36.71 69.24
C VAL B 474 7.22 35.92 70.23
N ALA B 475 6.90 34.68 69.87
CA ALA B 475 6.10 33.84 70.77
C ALA B 475 6.84 33.65 72.10
N SER B 476 8.16 33.42 72.01
CA SER B 476 8.99 33.29 73.20
C SER B 476 8.92 34.54 74.08
N LEU B 477 8.98 35.70 73.43
CA LEU B 477 8.88 36.98 74.13
C LEU B 477 7.53 37.12 74.84
N PHE B 478 6.45 36.69 74.18
CA PHE B 478 5.13 36.71 74.78
C PHE B 478 5.07 35.81 76.01
N LEU B 479 5.55 34.57 75.87
CA LEU B 479 5.53 33.60 76.96
C LEU B 479 6.30 34.11 78.16
N LYS B 480 7.43 34.77 77.91
CA LYS B 480 8.30 35.24 78.98
C LYS B 480 7.58 36.23 79.90
N GLU B 481 6.60 36.94 79.36
CA GLU B 481 5.81 37.88 80.15
C GLU B 481 4.96 37.22 81.24
N PHE B 482 4.87 35.88 81.20
CA PHE B 482 4.04 35.16 82.17
C PHE B 482 4.86 34.30 83.11
N VAL B 483 6.16 34.60 83.17
CA VAL B 483 7.05 34.01 84.18
C VAL B 483 7.76 35.18 84.81
N GLN B 484 7.53 35.39 86.11
CA GLN B 484 8.03 36.58 86.80
C GLN B 484 9.44 36.44 87.37
N ASN B 485 9.71 35.32 88.01
CA ASN B 485 10.96 35.18 88.74
C ASN B 485 11.42 33.74 88.96
N THR B 486 11.29 32.93 87.90
CA THR B 486 11.62 31.51 87.96
C THR B 486 12.37 31.12 86.70
N ALA B 487 13.43 30.33 86.83
CA ALA B 487 14.17 29.84 85.67
C ALA B 487 13.22 29.09 84.73
N TRP B 488 13.19 29.50 83.47
CA TRP B 488 12.22 28.99 82.51
C TRP B 488 12.81 28.77 81.14
N ALA B 489 12.43 27.65 80.51
CA ALA B 489 12.82 27.41 79.14
C ALA B 489 11.65 26.87 78.35
N HIS B 490 11.71 27.06 77.04
CA HIS B 490 10.61 26.81 76.13
C HIS B 490 11.20 26.06 74.95
N ILE B 491 10.64 24.89 74.67
CA ILE B 491 11.13 24.05 73.59
C ILE B 491 10.08 24.02 72.48
N ASP B 492 10.41 24.60 71.33
CA ASP B 492 9.47 24.67 70.23
C ASP B 492 9.69 23.48 69.31
N ILE B 493 8.71 22.58 69.28
CA ILE B 493 8.84 21.33 68.52
C ILE B 493 7.95 21.28 67.29
N ALA B 494 7.49 22.45 66.83
CA ALA B 494 6.59 22.52 65.69
C ALA B 494 7.19 21.88 64.44
N GLY B 495 8.50 22.02 64.28
CA GLY B 495 9.16 21.48 63.11
C GLY B 495 9.51 20.00 63.21
N VAL B 496 9.76 19.51 64.42
CA VAL B 496 10.27 18.14 64.57
C VAL B 496 9.22 17.09 64.97
N SER B 497 8.06 17.53 65.45
CA SER B 497 7.08 16.58 66.03
C SER B 497 6.58 15.51 65.06
N TRP B 498 6.26 15.92 63.84
CA TRP B 498 5.73 15.00 62.84
C TRP B 498 6.80 14.50 61.85
N ASN B 499 6.88 13.19 61.68
CA ASN B 499 7.80 12.61 60.69
C ASN B 499 7.08 12.59 59.35
N PHE B 500 7.31 13.61 58.53
CA PHE B 500 6.58 13.77 57.26
C PHE B 500 6.85 12.65 56.27
N LYS B 501 8.07 12.12 56.29
CA LYS B 501 8.45 11.04 55.39
C LYS B 501 7.80 9.70 55.79
N ALA B 502 7.77 9.41 57.09
CA ALA B 502 7.16 8.17 57.56
C ALA B 502 5.66 8.34 57.83
N ARG B 503 5.16 9.55 57.67
CA ARG B 503 3.74 9.86 57.91
C ARG B 503 3.25 9.47 59.32
N LYS B 504 4.06 9.73 60.33
CA LYS B 504 3.73 9.38 61.71
C LYS B 504 4.44 10.31 62.69
N PRO B 505 3.95 10.39 63.94
CA PRO B 505 4.62 11.24 64.93
C PRO B 505 5.93 10.63 65.40
N LYS B 506 6.79 11.46 65.97
CA LYS B 506 8.04 10.96 66.50
C LYS B 506 7.96 10.69 67.99
N GLY B 507 6.95 11.27 68.63
CA GLY B 507 6.91 11.29 70.09
C GLY B 507 8.07 12.11 70.61
N PHE B 508 8.45 13.15 69.88
CA PHE B 508 9.64 13.94 70.22
C PHE B 508 9.53 14.62 71.59
N GLY B 509 10.59 14.52 72.38
CA GLY B 509 10.65 15.22 73.65
C GLY B 509 10.51 14.37 74.90
N VAL B 510 9.92 13.19 74.81
CA VAL B 510 9.78 12.32 75.97
C VAL B 510 11.14 11.98 76.60
N ARG B 511 12.06 11.51 75.77
CA ARG B 511 13.39 11.14 76.27
C ARG B 511 14.19 12.35 76.72
N LEU B 512 14.04 13.45 75.98
CA LEU B 512 14.71 14.69 76.33
C LEU B 512 14.30 15.16 77.72
N LEU B 513 12.99 15.17 77.98
CA LEU B 513 12.48 15.66 79.26
C LEU B 513 12.83 14.70 80.40
N THR B 514 12.82 13.42 80.11
CA THR B 514 13.13 12.41 81.12
C THR B 514 14.60 12.50 81.53
N GLU B 515 15.49 12.60 80.56
CA GLU B 515 16.92 12.77 80.82
C GLU B 515 17.16 14.03 81.63
N PHE B 516 16.42 15.09 81.33
CA PHE B 516 16.48 16.33 82.10
C PHE B 516 16.13 16.08 83.56
N VAL B 517 15.01 15.41 83.79
CA VAL B 517 14.57 15.04 85.13
C VAL B 517 15.59 14.15 85.85
N LEU B 518 16.09 13.15 85.15
CA LEU B 518 16.96 12.14 85.76
C LEU B 518 18.34 12.69 86.11
N ASN B 519 18.97 13.36 85.15
CA ASN B 519 20.30 13.90 85.36
C ASN B 519 20.32 14.98 86.44
N ASP B 520 19.17 15.58 86.69
CA ASP B 520 19.02 16.55 87.78
C ASP B 520 18.68 15.84 89.09
N SER C 3 -31.76 42.50 77.05
CA SER C 3 -31.13 43.12 78.22
C SER C 3 -29.93 42.34 78.79
N GLU C 4 -30.12 41.08 79.17
CA GLU C 4 -29.01 40.29 79.72
C GLU C 4 -28.04 39.78 78.65
N VAL C 5 -26.77 40.13 78.77
CA VAL C 5 -25.78 39.70 77.78
C VAL C 5 -25.39 38.23 78.01
N PRO C 6 -25.61 37.38 77.00
CA PRO C 6 -25.24 35.96 77.15
C PRO C 6 -23.73 35.78 77.28
N GLN C 7 -23.31 34.80 78.07
CA GLN C 7 -21.88 34.49 78.23
C GLN C 7 -21.58 33.05 77.87
N VAL C 8 -20.39 32.78 77.33
CA VAL C 8 -19.95 31.39 77.14
C VAL C 8 -19.31 30.88 78.44
N VAL C 9 -18.44 31.71 79.03
CA VAL C 9 -17.87 31.41 80.34
C VAL C 9 -18.09 32.63 81.22
N SER C 10 -18.01 32.44 82.54
CA SER C 10 -18.26 33.53 83.49
C SER C 10 -17.26 34.70 83.39
N LEU C 11 -16.13 34.50 82.72
CA LEU C 11 -15.18 35.61 82.53
C LEU C 11 -15.54 36.53 81.35
N ASP C 12 -16.55 36.16 80.58
CA ASP C 12 -17.01 36.99 79.44
C ASP C 12 -17.68 38.27 79.95
N PRO C 13 -17.23 39.43 79.44
CA PRO C 13 -17.79 40.75 79.84
C PRO C 13 -19.27 40.82 79.54
N THR C 14 -20.03 41.54 80.38
CA THR C 14 -21.47 41.68 80.17
C THR C 14 -21.86 43.13 79.97
N SER C 15 -20.87 44.00 79.82
CA SER C 15 -21.12 45.40 79.47
C SER C 15 -19.91 46.01 78.81
N ILE C 16 -20.12 47.10 78.09
CA ILE C 16 -19.01 47.90 77.58
C ILE C 16 -18.60 48.88 78.66
N PRO C 17 -17.31 48.86 79.07
CA PRO C 17 -16.92 49.91 80.01
C PRO C 17 -16.91 51.26 79.28
N ILE C 18 -17.51 52.25 79.91
CA ILE C 18 -17.63 53.56 79.28
C ILE C 18 -17.18 54.62 80.26
N GLU C 19 -16.30 55.51 79.81
CA GLU C 19 -15.90 56.64 80.65
C GLU C 19 -16.67 57.88 80.20
N TYR C 20 -17.49 58.42 81.09
CA TYR C 20 -18.27 59.63 80.80
C TYR C 20 -17.60 60.87 81.38
N ASN C 21 -17.25 60.81 82.66
CA ASN C 21 -16.55 61.90 83.30
C ASN C 21 -15.07 61.79 83.00
N THR C 22 -14.62 62.38 81.90
CA THR C 22 -13.21 62.23 81.49
C THR C 22 -12.37 63.36 82.10
N PRO C 23 -11.03 63.18 82.12
CA PRO C 23 -10.17 64.26 82.62
C PRO C 23 -10.36 65.56 81.85
N ILE C 24 -10.69 65.46 80.57
CA ILE C 24 -10.94 66.67 79.77
C ILE C 24 -12.04 67.52 80.39
N HIS C 25 -13.04 66.84 80.93
CA HIS C 25 -14.19 67.51 81.54
C HIS C 25 -13.82 68.24 82.84
N ASP C 26 -12.68 67.89 83.43
CA ASP C 26 -12.22 68.55 84.64
C ASP C 26 -11.40 69.80 84.35
N ILE C 27 -11.15 70.05 83.07
CA ILE C 27 -10.33 71.19 82.69
C ILE C 27 -11.14 72.49 82.73
N LYS C 28 -10.68 73.46 83.50
CA LYS C 28 -11.29 74.78 83.52
C LYS C 28 -10.70 75.60 82.37
N VAL C 29 -11.56 76.03 81.46
CA VAL C 29 -11.12 76.78 80.29
C VAL C 29 -11.48 78.26 80.42
N GLN C 30 -10.52 79.14 80.14
CA GLN C 30 -10.75 80.58 80.20
C GLN C 30 -10.26 81.18 78.90
N VAL C 31 -11.08 82.04 78.31
CA VAL C 31 -10.67 82.77 77.11
C VAL C 31 -10.49 84.23 77.46
N TYR C 32 -9.39 84.81 76.99
CA TYR C 32 -9.07 86.21 77.26
C TYR C 32 -8.79 86.89 75.94
N ASP C 33 -9.10 88.19 75.86
CA ASP C 33 -8.77 88.92 74.64
C ASP C 33 -7.29 89.23 74.59
N ILE C 34 -6.66 88.96 73.47
CA ILE C 34 -5.22 89.10 73.35
C ILE C 34 -4.73 90.56 73.45
N LYS C 35 -5.63 91.53 73.24
CA LYS C 35 -5.17 92.92 73.28
C LYS C 35 -4.94 93.43 74.71
N GLY C 36 -5.43 92.69 75.70
CA GLY C 36 -5.13 93.00 77.09
C GLY C 36 -3.73 92.56 77.51
N GLY C 37 -2.98 92.00 76.56
CA GLY C 37 -1.68 91.41 76.87
C GLY C 37 -1.79 90.06 77.54
N CYS C 38 -0.69 89.28 77.50
CA CYS C 38 -0.68 87.91 78.03
C CYS C 38 0.05 87.81 79.36
N ASN C 39 -0.59 87.21 80.36
CA ASN C 39 0.09 86.92 81.61
C ASN C 39 0.73 85.53 81.56
N VAL C 40 1.99 85.47 81.98
CA VAL C 40 2.73 84.22 81.97
C VAL C 40 3.21 83.94 83.38
N GLU C 41 2.47 83.11 84.10
CA GLU C 41 2.77 82.91 85.53
C GLU C 41 3.07 81.48 85.92
N GLU C 42 2.64 80.52 85.13
CA GLU C 42 2.79 79.11 85.49
C GLU C 42 2.48 78.15 84.35
N GLY C 43 2.82 76.88 84.57
CA GLY C 43 2.64 75.85 83.56
C GLY C 43 3.34 76.17 82.25
N LEU C 44 2.71 75.75 81.16
CA LEU C 44 3.27 75.93 79.85
C LEU C 44 2.42 76.93 79.05
N THR C 45 3.08 77.92 78.45
CA THR C 45 2.41 78.92 77.61
C THR C 45 2.93 78.79 76.19
N ILE C 46 2.05 78.38 75.29
CA ILE C 46 2.43 78.13 73.90
C ILE C 46 1.84 79.14 72.93
N PHE C 47 2.72 79.74 72.13
CA PHE C 47 2.31 80.68 71.09
C PHE C 47 2.14 79.95 69.78
N LEU C 48 1.01 80.15 69.12
CA LEU C 48 0.81 79.62 67.78
C LEU C 48 1.21 80.72 66.80
N VAL C 49 2.31 80.54 66.10
CA VAL C 49 2.82 81.60 65.24
C VAL C 49 3.11 81.10 63.82
N ASN C 50 2.86 81.96 62.84
CA ASN C 50 3.18 81.66 61.46
C ASN C 50 4.05 82.79 60.91
N ASN C 51 4.36 82.73 59.62
CA ASN C 51 5.10 83.80 58.96
C ASN C 51 4.68 83.78 57.50
N PRO C 52 3.60 84.51 57.19
CA PRO C 52 2.91 84.46 55.89
C PRO C 52 3.79 84.79 54.70
N GLY C 53 3.93 83.87 53.77
CA GLY C 53 4.66 84.13 52.53
C GLY C 53 6.17 83.95 52.57
N LYS C 54 6.71 83.68 53.76
CA LYS C 54 8.15 83.40 53.89
C LYS C 54 8.37 81.97 54.37
N GLU C 55 8.68 81.08 53.44
CA GLU C 55 8.87 79.65 53.75
C GLU C 55 9.92 79.42 54.84
N ASN C 56 9.53 78.70 55.89
CA ASN C 56 10.39 78.51 57.06
C ASN C 56 10.90 79.85 57.60
N GLY C 57 10.01 80.83 57.61
CA GLY C 57 10.34 82.16 58.10
C GLY C 57 10.63 82.15 59.57
N PRO C 58 11.22 83.24 60.08
CA PRO C 58 11.57 83.36 61.51
C PRO C 58 10.36 83.47 62.42
N VAL C 59 10.48 82.92 63.63
CA VAL C 59 9.48 83.16 64.66
C VAL C 59 9.52 84.63 65.08
N LYS C 60 8.36 85.29 65.04
CA LYS C 60 8.21 86.62 65.61
C LYS C 60 6.95 86.69 66.46
N ILE C 61 7.11 87.03 67.74
CA ILE C 61 5.96 87.06 68.64
C ILE C 61 5.36 88.46 68.79
N SER C 62 4.16 88.63 68.26
CA SER C 62 3.54 89.94 68.11
C SER C 62 2.64 90.36 69.26
N SER C 63 2.28 89.41 70.12
CA SER C 63 1.39 89.72 71.24
C SER C 63 2.12 90.49 72.32
N LYS C 64 1.39 91.31 73.07
CA LYS C 64 1.96 91.98 74.23
C LYS C 64 1.96 90.99 75.39
N VAL C 65 3.12 90.87 76.04
CA VAL C 65 3.26 89.98 77.18
C VAL C 65 3.44 90.83 78.46
N ASN C 66 2.55 90.65 79.42
CA ASN C 66 2.55 91.46 80.64
C ASN C 66 3.56 91.01 81.69
N ASP C 67 4.81 90.88 81.28
CA ASP C 67 5.89 90.53 82.18
C ASP C 67 7.19 90.96 81.51
N LYS C 68 7.98 91.75 82.22
CA LYS C 68 9.19 92.32 81.64
C LYS C 68 10.19 91.24 81.23
N GLN C 69 10.45 90.30 82.13
CA GLN C 69 11.43 89.26 81.86
C GLN C 69 11.08 88.40 80.66
N VAL C 70 9.82 87.96 80.60
CA VAL C 70 9.35 87.15 79.49
C VAL C 70 9.34 87.92 78.17
N SER C 71 8.92 89.19 78.22
CA SER C 71 8.92 90.02 77.02
C SER C 71 10.32 90.13 76.41
N GLU C 72 11.32 90.31 77.26
CA GLU C 72 12.72 90.38 76.81
C GLU C 72 13.15 89.08 76.14
N PHE C 73 12.77 87.97 76.75
CA PHE C 73 13.17 86.66 76.26
C PHE C 73 12.65 86.44 74.85
N LEU C 74 11.43 86.92 74.59
CA LEU C 74 10.75 86.64 73.33
C LEU C 74 10.95 87.76 72.29
N LYS C 75 11.96 88.60 72.49
CA LYS C 75 12.31 89.63 71.52
C LYS C 75 12.68 88.99 70.20
N ASP C 76 12.47 89.71 69.09
CA ASP C 76 12.79 89.18 67.77
C ASP C 76 14.24 88.69 67.68
N GLU C 77 15.15 89.43 68.31
CA GLU C 77 16.56 89.03 68.34
C GLU C 77 16.74 87.62 68.92
N ASN C 78 16.06 87.32 70.01
CA ASN C 78 16.19 86.00 70.63
CA ASN C 78 16.19 86.00 70.63
C ASN C 78 15.43 84.91 69.89
N MET C 79 14.36 85.30 69.21
CA MET C 79 13.49 84.33 68.53
C MET C 79 13.93 84.02 67.11
N GLU C 80 14.76 84.87 66.52
CA GLU C 80 15.05 84.74 65.10
C GLU C 80 15.73 83.40 64.75
N LYS C 81 16.38 82.78 65.72
CA LYS C 81 17.03 81.49 65.49
C LYS C 81 16.02 80.36 65.26
N PHE C 82 14.74 80.65 65.51
CA PHE C 82 13.69 79.63 65.35
C PHE C 82 12.81 79.91 64.14
N ASN C 83 12.33 78.87 63.48
CA ASN C 83 11.46 79.07 62.34
C ASN C 83 10.04 78.48 62.52
N VAL C 84 9.15 78.85 61.60
CA VAL C 84 7.71 78.59 61.76
C VAL C 84 7.22 77.38 60.97
N LYS C 85 8.16 76.57 60.49
CA LYS C 85 7.83 75.34 59.78
C LYS C 85 6.67 74.60 60.45
N LEU C 86 5.61 74.36 59.67
CA LEU C 86 4.38 73.75 60.16
C LEU C 86 4.66 72.50 60.97
N GLY C 87 4.27 72.52 62.24
CA GLY C 87 4.45 71.36 63.10
C GLY C 87 5.69 71.40 63.99
N THR C 88 6.63 72.30 63.70
CA THR C 88 7.83 72.39 64.53
C THR C 88 7.44 73.03 65.85
N SER C 89 8.18 72.71 66.91
CA SER C 89 7.91 73.33 68.20
C SER C 89 9.18 73.42 69.01
N LYS C 90 9.16 74.30 70.01
CA LYS C 90 10.33 74.54 70.85
C LYS C 90 9.82 74.83 72.24
N HIS C 91 10.62 74.45 73.24
CA HIS C 91 10.36 74.75 74.65
C HIS C 91 11.38 75.78 75.13
N PHE C 92 10.91 76.76 75.90
CA PHE C 92 11.80 77.73 76.56
C PHE C 92 11.61 77.65 78.07
N TYR C 93 12.68 77.97 78.81
CA TYR C 93 12.63 78.05 80.28
C TYR C 93 13.24 79.37 80.73
N MET C 94 12.56 80.05 81.66
CA MET C 94 13.01 81.36 82.14
C MET C 94 12.34 81.72 83.46
N PHE C 95 12.80 82.80 84.08
CA PHE C 95 12.13 83.35 85.25
C PHE C 95 11.38 84.62 84.90
N ASN C 96 10.18 84.77 85.46
CA ASN C 96 9.38 85.96 85.19
C ASN C 96 9.68 87.07 86.18
N ASP C 97 8.86 88.13 86.16
CA ASP C 97 9.06 89.25 87.07
C ASP C 97 8.95 88.85 88.54
N ASN C 98 8.08 87.89 88.84
CA ASN C 98 7.88 87.41 90.20
C ASN C 98 9.00 86.51 90.71
N LYS C 99 10.10 86.45 89.96
CA LYS C 99 11.19 85.52 90.25
C LYS C 99 10.72 84.07 90.23
N ASN C 100 9.70 83.79 89.42
CA ASN C 100 9.16 82.43 89.30
C ASN C 100 9.60 81.73 88.02
N SER C 101 9.92 80.46 88.16
CA SER C 101 10.22 79.58 87.04
C SER C 101 9.02 79.51 86.12
N VAL C 102 9.26 79.66 84.83
CA VAL C 102 8.18 79.68 83.87
C VAL C 102 8.56 78.97 82.56
N ALA C 103 7.62 78.23 81.98
CA ALA C 103 7.84 77.50 80.72
C ALA C 103 7.01 78.10 79.57
N VAL C 104 7.68 78.37 78.46
CA VAL C 104 7.08 79.01 77.29
C VAL C 104 7.55 78.24 76.07
N GLY C 105 6.77 78.27 74.99
CA GLY C 105 7.19 77.67 73.74
C GLY C 105 6.34 78.16 72.58
N TYR C 106 6.51 77.55 71.41
CA TYR C 106 5.67 77.89 70.28
C TYR C 106 5.48 76.65 69.41
N VAL C 107 4.47 76.69 68.55
CA VAL C 107 4.28 75.69 67.51
C VAL C 107 4.19 76.42 66.17
N GLY C 108 5.02 76.05 65.21
CA GLY C 108 4.99 76.68 63.90
C GLY C 108 3.73 76.31 63.11
N CYS C 109 3.07 77.31 62.53
CA CYS C 109 1.88 77.07 61.73
C CYS C 109 2.13 77.43 60.26
N GLY C 110 3.39 77.44 59.85
CA GLY C 110 3.75 77.53 58.45
C GLY C 110 3.63 78.89 57.78
N SER C 111 3.40 78.87 56.47
CA SER C 111 3.38 80.09 55.65
C SER C 111 1.98 80.48 55.19
N VAL C 112 1.16 79.49 54.85
CA VAL C 112 -0.20 79.76 54.37
C VAL C 112 -1.06 80.33 55.48
N ALA C 113 -1.57 81.55 55.28
CA ALA C 113 -2.39 82.21 56.30
C ALA C 113 -3.78 81.59 56.45
N ASP C 114 -4.06 80.57 55.64
CA ASP C 114 -5.30 79.81 55.77
C ASP C 114 -5.02 78.33 56.01
N LEU C 115 -5.09 77.93 57.29
CA LEU C 115 -4.80 76.54 57.67
C LEU C 115 -5.91 75.57 57.27
N SER C 116 -5.54 74.46 56.65
CA SER C 116 -6.51 73.42 56.37
C SER C 116 -6.76 72.53 57.59
N GLU C 117 -7.87 71.81 57.54
CA GLU C 117 -8.20 70.76 58.49
C GLU C 117 -6.97 69.90 58.80
N ALA C 118 -6.27 69.46 57.76
CA ALA C 118 -5.09 68.60 57.94
C ALA C 118 -3.95 69.35 58.61
N ASP C 119 -3.73 70.60 58.21
CA ASP C 119 -2.68 71.42 58.79
C ASP C 119 -2.91 71.65 60.28
N MET C 120 -4.15 72.01 60.62
CA MET C 120 -4.50 72.29 62.01
C MET C 120 -4.34 71.06 62.90
N LYS C 121 -4.65 69.89 62.35
CA LYS C 121 -4.44 68.66 63.10
C LYS C 121 -2.94 68.44 63.32
N ARG C 122 -2.11 68.80 62.34
CA ARG C 122 -0.65 68.76 62.52
C ARG C 122 -0.25 69.65 63.68
N VAL C 123 -0.81 70.86 63.73
CA VAL C 123 -0.49 71.81 64.80
C VAL C 123 -0.88 71.26 66.15
N VAL C 124 -2.11 70.75 66.24
CA VAL C 124 -2.62 70.17 67.49
C VAL C 124 -1.78 68.97 67.94
N LEU C 125 -1.39 68.13 66.99
CA LEU C 125 -0.55 66.98 67.33
C LEU C 125 0.81 67.41 67.89
N SER C 126 1.39 68.47 67.34
CA SER C 126 2.66 68.96 67.87
C SER C 126 2.49 69.45 69.32
N LEU C 127 1.44 70.23 69.54
CA LEU C 127 1.07 70.69 70.89
C LEU C 127 0.88 69.54 71.89
N VAL C 128 0.20 68.49 71.47
CA VAL C 128 -0.02 67.34 72.35
C VAL C 128 1.30 66.64 72.70
N THR C 129 2.25 66.66 71.77
CA THR C 129 3.57 66.09 72.03
C THR C 129 4.23 66.83 73.20
N MET C 130 3.91 68.12 73.32
CA MET C 130 4.43 68.93 74.41
C MET C 130 3.72 68.69 75.74
N LEU C 131 2.51 68.14 75.67
CA LEU C 131 1.73 67.90 76.87
C LEU C 131 2.05 66.53 77.42
N HIS C 132 2.38 65.60 76.53
CA HIS C 132 2.70 64.26 76.96
C HIS C 132 4.11 64.21 77.55
N ASP C 133 4.30 63.36 78.57
CA ASP C 133 5.61 63.17 79.20
C ASP C 133 6.12 64.42 79.88
N ASN C 134 5.18 65.28 80.26
CA ASN C 134 5.49 66.48 81.03
C ASN C 134 4.33 66.74 81.98
N LYS C 135 4.57 66.60 83.27
CA LYS C 135 3.51 66.78 84.25
C LYS C 135 3.23 68.26 84.48
N LEU C 136 2.11 68.73 83.93
CA LEU C 136 1.72 70.14 83.97
C LEU C 136 0.33 70.30 84.58
N SER C 137 0.13 71.40 85.30
CA SER C 137 -1.18 71.67 85.88
C SER C 137 -1.99 72.60 84.98
N LYS C 138 -1.28 73.30 84.08
CA LYS C 138 -1.92 74.32 83.28
C LYS C 138 -1.24 74.52 81.91
N LEU C 139 -2.07 74.69 80.89
CA LEU C 139 -1.60 75.03 79.55
C LEU C 139 -2.26 76.35 79.15
N THR C 140 -1.48 77.24 78.56
CA THR C 140 -2.02 78.48 78.01
C THR C 140 -1.65 78.56 76.53
N VAL C 141 -2.63 78.84 75.67
CA VAL C 141 -2.38 78.91 74.24
C VAL C 141 -2.65 80.32 73.73
N VAL C 142 -1.67 80.90 73.05
CA VAL C 142 -1.83 82.26 72.51
C VAL C 142 -1.91 82.24 71.00
N PHE C 143 -3.09 82.56 70.48
CA PHE C 143 -3.32 82.54 69.03
C PHE C 143 -2.77 83.78 68.35
N GLU C 144 -1.67 83.63 67.61
CA GLU C 144 -1.14 84.69 66.78
C GLU C 144 -1.31 84.32 65.31
N ILE C 145 -2.35 83.54 65.05
CA ILE C 145 -2.78 83.21 63.71
C ILE C 145 -4.27 83.50 63.62
N ASN C 146 -4.78 83.68 62.40
CA ASN C 146 -6.20 83.93 62.21
C ASN C 146 -6.95 82.63 61.98
N VAL C 147 -8.02 82.43 62.75
CA VAL C 147 -8.89 81.26 62.56
C VAL C 147 -10.33 81.72 62.67
N ASP C 148 -11.22 81.16 61.86
CA ASP C 148 -12.64 81.48 62.04
C ASP C 148 -13.19 80.68 63.23
N LYS C 149 -14.48 80.85 63.52
CA LYS C 149 -15.07 80.20 64.69
C LYS C 149 -15.06 78.67 64.60
N ASN C 150 -15.42 78.12 63.44
CA ASN C 150 -15.46 76.66 63.28
C ASN C 150 -14.06 76.05 63.43
N LEU C 151 -13.04 76.78 62.99
CA LEU C 151 -11.67 76.27 63.09
C LEU C 151 -11.11 76.38 64.52
N PHE C 152 -11.51 77.43 65.24
CA PHE C 152 -11.16 77.55 66.65
C PHE C 152 -11.77 76.41 67.43
N ARG C 153 -13.01 76.08 67.08
CA ARG C 153 -13.69 74.99 67.76
C ARG C 153 -13.02 73.68 67.39
N PHE C 154 -12.62 73.56 66.12
CA PHE C 154 -11.95 72.35 65.65
C PHE C 154 -10.64 72.15 66.41
N PHE C 155 -9.90 73.24 66.64
CA PHE C 155 -8.66 73.21 67.41
C PHE C 155 -8.90 72.60 68.79
N LEU C 156 -9.95 73.04 69.47
CA LEU C 156 -10.23 72.56 70.82
C LEU C 156 -10.68 71.11 70.83
N GLU C 157 -11.66 70.79 69.98
CA GLU C 157 -12.12 69.41 69.81
C GLU C 157 -10.98 68.44 69.56
N THR C 158 -10.09 68.82 68.66
CA THR C 158 -8.97 67.97 68.26
C THR C 158 -7.97 67.88 69.39
N LEU C 159 -7.72 69.01 70.05
CA LEU C 159 -6.84 69.01 71.21
C LEU C 159 -7.38 68.10 72.30
N PHE C 160 -8.65 68.24 72.63
CA PHE C 160 -9.27 67.37 73.66
C PHE C 160 -9.17 65.90 73.28
N TYR C 161 -9.58 65.57 72.05
CA TYR C 161 -9.64 64.19 71.61
C TYR C 161 -8.27 63.54 71.59
N GLU C 162 -7.28 64.25 71.06
CA GLU C 162 -5.93 63.68 70.94
C GLU C 162 -5.24 63.58 72.28
N TYR C 163 -5.52 64.53 73.17
CA TYR C 163 -4.91 64.56 74.50
C TYR C 163 -5.37 63.36 75.32
N MET C 164 -6.66 63.07 75.20
CA MET C 164 -7.29 61.99 75.97
C MET C 164 -6.68 60.62 75.60
N THR C 165 -6.32 59.83 76.62
CA THR C 165 -5.80 58.48 76.40
C THR C 165 -6.76 57.45 76.99
N ASP C 166 -7.10 56.44 76.21
CA ASP C 166 -8.11 55.47 76.61
C ASP C 166 -7.45 54.27 77.30
N GLU C 167 -7.53 54.23 78.62
CA GLU C 167 -6.96 53.13 79.38
C GLU C 167 -7.99 52.14 79.96
N ARG C 168 -9.17 52.04 79.35
CA ARG C 168 -10.22 51.15 79.84
C ARG C 168 -9.79 49.68 79.85
N PHE C 169 -8.88 49.30 78.95
CA PHE C 169 -8.52 47.89 78.87
C PHE C 169 -7.09 47.65 79.33
N LYS C 170 -6.53 48.66 79.97
CA LYS C 170 -5.22 48.54 80.60
C LYS C 170 -5.42 48.01 82.02
N SER C 171 -4.52 47.14 82.46
CA SER C 171 -4.62 46.58 83.80
C SER C 171 -3.27 46.68 84.50
N THR C 172 -2.32 45.88 84.04
CA THR C 172 -0.96 45.92 84.58
C THR C 172 -0.06 46.92 83.86
N ASP C 173 -0.55 47.50 82.77
CA ASP C 173 0.25 48.41 81.94
C ASP C 173 -0.35 49.81 81.83
N LYS C 174 -0.95 50.31 82.91
CA LYS C 174 -1.38 51.70 82.90
C LYS C 174 -0.17 52.64 82.93
N ASN C 175 -0.33 53.83 82.35
CA ASN C 175 0.74 54.81 82.37
C ASN C 175 0.83 55.44 83.76
N VAL C 176 1.89 55.11 84.50
CA VAL C 176 2.07 55.58 85.88
C VAL C 176 2.30 57.09 85.92
N ASN C 177 2.69 57.66 84.78
CA ASN C 177 3.02 59.08 84.70
C ASN C 177 1.90 59.93 84.10
N MET C 178 0.77 59.28 83.86
CA MET C 178 -0.40 59.95 83.31
C MET C 178 -0.94 61.05 84.23
N GLU C 179 -0.75 62.31 83.85
CA GLU C 179 -1.35 63.43 84.57
C GLU C 179 -1.87 64.45 83.56
N TYR C 180 -3.10 64.91 83.78
CA TYR C 180 -3.74 65.90 82.90
C TYR C 180 -3.73 67.29 83.53
N ILE C 181 -3.46 68.31 82.71
CA ILE C 181 -3.69 69.69 83.11
C ILE C 181 -5.11 69.90 83.68
N LYS C 182 -5.25 70.85 84.61
CA LYS C 182 -6.54 71.13 85.21
C LYS C 182 -7.07 72.45 84.69
N HIS C 183 -6.22 73.21 84.01
CA HIS C 183 -6.58 74.53 83.49
C HIS C 183 -6.08 74.73 82.09
N LEU C 184 -6.91 75.37 81.25
CA LEU C 184 -6.52 75.78 79.92
C LEU C 184 -6.85 77.26 79.72
N GLY C 185 -5.83 78.07 79.46
CA GLY C 185 -6.05 79.48 79.15
C GLY C 185 -5.89 79.71 77.66
N VAL C 186 -6.76 80.53 77.08
CA VAL C 186 -6.66 80.82 75.66
C VAL C 186 -6.69 82.33 75.43
N TYR C 187 -5.67 82.84 74.76
CA TYR C 187 -5.62 84.25 74.36
C TYR C 187 -5.87 84.36 72.86
N ILE C 188 -6.88 85.14 72.49
CA ILE C 188 -7.24 85.28 71.07
C ILE C 188 -7.81 86.67 70.80
N ASN C 189 -7.65 87.17 69.58
CA ASN C 189 -8.27 88.42 69.16
C ASN C 189 -9.79 88.29 69.12
N ASN C 190 -10.48 89.34 69.58
CA ASN C 190 -11.95 89.36 69.59
C ASN C 190 -12.51 88.17 70.36
N ALA C 191 -11.99 87.94 71.57
CA ALA C 191 -12.28 86.73 72.33
C ALA C 191 -13.76 86.48 72.60
N ASP C 192 -14.53 87.56 72.72
CA ASP C 192 -15.94 87.42 73.09
C ASP C 192 -16.72 86.54 72.12
N THR C 193 -16.38 86.60 70.84
CA THR C 193 -17.09 85.83 69.82
C THR C 193 -16.69 84.34 69.83
N TYR C 194 -15.53 84.04 70.40
CA TYR C 194 -15.01 82.67 70.42
C TYR C 194 -15.43 81.92 71.67
N LYS C 195 -15.89 82.65 72.68
CA LYS C 195 -16.22 82.05 73.97
C LYS C 195 -17.30 80.99 73.91
N GLU C 196 -18.26 81.14 73.01
CA GLU C 196 -19.38 80.20 72.92
C GLU C 196 -18.94 78.87 72.28
N GLU C 197 -17.81 78.90 71.58
CA GLU C 197 -17.28 77.70 70.94
C GLU C 197 -16.71 76.70 71.94
N VAL C 198 -16.30 77.19 73.11
CA VAL C 198 -15.62 76.33 74.09
C VAL C 198 -16.47 75.15 74.56
N GLU C 199 -17.67 75.42 75.06
CA GLU C 199 -18.46 74.30 75.55
C GLU C 199 -19.07 73.49 74.41
N LYS C 200 -19.24 74.12 73.24
CA LYS C 200 -19.61 73.37 72.05
C LYS C 200 -18.50 72.36 71.70
N ALA C 201 -17.25 72.82 71.77
CA ALA C 201 -16.10 71.95 71.52
C ALA C 201 -16.05 70.79 72.50
N ARG C 202 -16.35 71.08 73.77
CA ARG C 202 -16.35 70.04 74.77
C ARG C 202 -17.42 68.98 74.46
N VAL C 203 -18.59 69.44 74.05
CA VAL C 203 -19.70 68.54 73.75
C VAL C 203 -19.35 67.70 72.53
N TYR C 204 -18.83 68.36 71.49
CA TYR C 204 -18.40 67.70 70.26
C TYR C 204 -17.27 66.74 70.53
N TYR C 205 -16.34 67.13 71.39
CA TYR C 205 -15.25 66.23 71.73
C TYR C 205 -15.81 64.97 72.34
N PHE C 206 -16.69 65.12 73.34
CA PHE C 206 -17.20 63.93 73.99
C PHE C 206 -18.04 63.02 73.09
N GLY C 207 -18.88 63.62 72.24
CA GLY C 207 -19.62 62.83 71.27
C GLY C 207 -18.66 61.95 70.46
N THR C 208 -17.58 62.58 70.00
CA THR C 208 -16.57 61.89 69.20
C THR C 208 -15.81 60.86 70.03
N TYR C 209 -15.39 61.26 71.23
CA TYR C 209 -14.67 60.34 72.10
C TYR C 209 -15.55 59.15 72.48
N TYR C 210 -16.82 59.43 72.75
CA TYR C 210 -17.79 58.39 73.12
C TYR C 210 -17.91 57.37 72.00
N ALA C 211 -18.06 57.87 70.78
CA ALA C 211 -18.13 57.02 69.62
C ALA C 211 -16.88 56.16 69.51
N SER C 212 -15.73 56.77 69.74
CA SER C 212 -14.46 56.04 69.63
C SER C 212 -14.31 54.98 70.73
N GLN C 213 -14.88 55.24 71.90
CA GLN C 213 -14.85 54.27 72.98
C GLN C 213 -15.63 53.02 72.57
N LEU C 214 -16.77 53.23 71.93
CA LEU C 214 -17.60 52.13 71.47
C LEU C 214 -16.90 51.35 70.36
N ILE C 215 -16.30 52.08 69.42
CA ILE C 215 -15.59 51.43 68.32
C ILE C 215 -14.40 50.62 68.81
N ALA C 216 -13.56 51.25 69.63
CA ALA C 216 -12.34 50.61 70.12
C ALA C 216 -12.62 49.38 70.99
N ALA C 217 -13.74 49.40 71.71
CA ALA C 217 -14.13 48.26 72.53
C ALA C 217 -14.25 47.02 71.66
N PRO C 218 -13.56 45.94 72.03
CA PRO C 218 -13.52 44.74 71.20
C PRO C 218 -14.85 44.02 71.21
N SER C 219 -15.00 43.10 70.26
CA SER C 219 -16.29 42.50 70.01
C SER C 219 -16.78 41.58 71.13
N ASN C 220 -15.91 41.18 72.06
CA ASN C 220 -16.40 40.44 73.21
C ASN C 220 -17.10 41.37 74.21
N TYR C 221 -16.62 42.61 74.31
CA TYR C 221 -17.22 43.60 75.19
C TYR C 221 -18.42 44.29 74.53
N CYS C 222 -18.23 44.65 73.27
CA CYS C 222 -19.21 45.40 72.51
C CYS C 222 -19.86 44.46 71.52
N ASN C 223 -20.99 43.89 71.94
CA ASN C 223 -21.75 42.93 71.15
C ASN C 223 -23.15 43.52 70.99
N PRO C 224 -24.05 42.83 70.25
CA PRO C 224 -25.30 43.56 69.99
C PRO C 224 -26.14 43.85 71.24
N VAL C 225 -26.05 43.01 72.26
CA VAL C 225 -26.80 43.24 73.48
C VAL C 225 -26.18 44.37 74.31
N SER C 226 -24.88 44.31 74.52
CA SER C 226 -24.20 45.33 75.34
C SER C 226 -24.21 46.72 74.68
N LEU C 227 -24.23 46.74 73.35
CA LEU C 227 -24.20 48.02 72.63
C LEU C 227 -25.59 48.67 72.68
N SER C 228 -26.62 47.86 72.49
CA SER C 228 -27.98 48.33 72.67
C SER C 228 -28.23 48.72 74.13
N ASN C 229 -27.69 47.94 75.06
CA ASN C 229 -27.74 48.35 76.47
C ASN C 229 -27.08 49.71 76.73
N ALA C 230 -25.92 49.94 76.12
CA ALA C 230 -25.22 51.21 76.27
C ALA C 230 -26.10 52.35 75.78
N ALA C 231 -26.76 52.12 74.65
CA ALA C 231 -27.57 53.16 73.99
C ALA C 231 -28.77 53.57 74.85
N VAL C 232 -29.36 52.61 75.55
CA VAL C 232 -30.44 52.90 76.51
C VAL C 232 -29.93 53.76 77.65
N GLU C 233 -28.73 53.43 78.14
CA GLU C 233 -28.15 54.17 79.25
C GLU C 233 -27.93 55.60 78.84
N LEU C 234 -27.37 55.78 77.64
CA LEU C 234 -27.16 57.10 77.07
C LEU C 234 -28.47 57.87 76.93
N ALA C 235 -29.51 57.21 76.42
CA ALA C 235 -30.82 57.84 76.23
C ALA C 235 -31.43 58.28 77.56
N GLN C 236 -31.32 57.42 78.57
CA GLN C 236 -31.80 57.74 79.92
C GLN C 236 -31.09 58.96 80.48
N LYS C 237 -29.77 59.04 80.29
CA LYS C 237 -28.98 60.16 80.79
C LYS C 237 -29.35 61.47 80.11
N LEU C 238 -29.77 61.39 78.85
CA LEU C 238 -30.07 62.58 78.07
C LEU C 238 -31.56 62.88 78.01
N ASN C 239 -32.36 62.04 78.66
CA ASN C 239 -33.82 62.15 78.55
C ASN C 239 -34.35 62.00 77.11
N LEU C 240 -33.71 61.15 76.30
CA LEU C 240 -34.26 60.84 74.99
C LEU C 240 -35.26 59.72 75.15
N GLU C 241 -36.33 59.74 74.35
CA GLU C 241 -37.20 58.58 74.22
C GLU C 241 -36.38 57.46 73.57
N TYR C 242 -36.68 56.22 73.89
CA TYR C 242 -35.91 55.11 73.34
C TYR C 242 -36.75 53.87 73.28
N LYS C 243 -36.45 53.02 72.32
CA LYS C 243 -36.91 51.65 72.39
C LYS C 243 -35.93 50.75 71.66
N ILE C 244 -35.76 49.55 72.17
CA ILE C 244 -34.90 48.56 71.55
C ILE C 244 -35.82 47.46 71.03
N LEU C 245 -35.77 47.20 69.73
CA LEU C 245 -36.59 46.15 69.17
C LEU C 245 -35.84 44.83 69.22
N GLY C 246 -36.48 43.84 69.83
CA GLY C 246 -35.91 42.50 69.95
C GLY C 246 -36.41 41.60 68.84
N VAL C 247 -35.91 40.36 68.82
CA VAL C 247 -36.12 39.44 67.72
C VAL C 247 -37.60 39.23 67.35
N LYS C 248 -38.45 39.00 68.35
CA LYS C 248 -39.86 38.78 68.08
C LYS C 248 -40.52 39.98 67.39
N GLU C 249 -40.16 41.18 67.84
CA GLU C 249 -40.65 42.40 67.19
C GLU C 249 -40.12 42.53 65.78
N LEU C 250 -38.84 42.16 65.60
CA LEU C 250 -38.20 42.19 64.28
C LEU C 250 -38.84 41.19 63.32
N GLU C 251 -39.18 40.01 63.86
CA GLU C 251 -39.90 39.03 63.07
C GLU C 251 -41.26 39.58 62.63
N GLU C 252 -42.02 40.14 63.58
CA GLU C 252 -43.31 40.77 63.28
C GLU C 252 -43.19 41.86 62.21
N LEU C 253 -42.07 42.59 62.20
CA LEU C 253 -41.86 43.63 61.17
C LEU C 253 -41.26 43.04 59.89
N LYS C 254 -41.05 41.73 59.89
CA LYS C 254 -40.58 41.02 58.70
C LYS C 254 -39.22 41.51 58.18
N MET C 255 -38.33 41.90 59.09
CA MET C 255 -36.99 42.31 58.68
C MET C 255 -36.11 41.11 58.39
N GLY C 256 -36.39 40.43 57.28
CA GLY C 256 -35.68 39.19 56.96
C GLY C 256 -34.24 39.34 56.49
N ALA C 257 -33.89 40.51 55.99
CA ALA C 257 -32.53 40.72 55.53
C ALA C 257 -31.63 40.94 56.74
N TYR C 258 -32.07 41.82 57.63
CA TYR C 258 -31.37 42.10 58.88
C TYR C 258 -31.28 40.86 59.76
N LEU C 259 -32.39 40.14 59.90
CA LEU C 259 -32.37 38.96 60.77
C LEU C 259 -31.48 37.83 60.28
N SER C 260 -31.37 37.67 58.96
CA SER C 260 -30.56 36.59 58.41
C SER C 260 -29.07 36.81 58.74
N VAL C 261 -28.59 38.05 58.61
CA VAL C 261 -27.19 38.36 58.94
C VAL C 261 -26.84 37.91 60.37
N GLY C 262 -27.77 38.11 61.32
CA GLY C 262 -27.50 37.77 62.71
C GLY C 262 -27.75 36.31 63.09
N LYS C 263 -28.31 35.53 62.17
CA LYS C 263 -28.68 34.14 62.46
C LYS C 263 -27.54 33.33 63.11
N GLY C 264 -26.32 33.55 62.64
CA GLY C 264 -25.18 32.78 63.11
C GLY C 264 -24.58 33.21 64.43
N SER C 265 -25.18 34.23 65.06
CA SER C 265 -24.58 34.81 66.27
C SER C 265 -25.21 34.28 67.56
N MET C 266 -24.40 34.16 68.61
CA MET C 266 -24.89 33.84 69.94
C MET C 266 -25.58 35.04 70.59
N TYR C 267 -25.42 36.23 70.02
CA TYR C 267 -26.12 37.42 70.55
C TYR C 267 -27.35 37.72 69.72
N PRO C 268 -28.50 37.91 70.38
CA PRO C 268 -29.72 38.18 69.60
C PRO C 268 -29.63 39.56 68.96
N ASN C 269 -30.26 39.73 67.80
CA ASN C 269 -30.30 41.03 67.14
C ASN C 269 -30.98 42.04 68.04
N LYS C 270 -30.47 43.27 68.06
CA LYS C 270 -31.12 44.37 68.77
C LYS C 270 -31.16 45.59 67.87
N PHE C 271 -32.35 46.11 67.61
CA PHE C 271 -32.51 47.29 66.77
C PHE C 271 -32.69 48.52 67.68
N ILE C 272 -31.75 49.45 67.63
CA ILE C 272 -31.79 50.64 68.48
C ILE C 272 -32.61 51.74 67.83
N HIS C 273 -33.49 52.39 68.60
CA HIS C 273 -34.30 53.51 68.12
C HIS C 273 -34.41 54.56 69.22
N LEU C 274 -33.56 55.58 69.14
CA LEU C 274 -33.67 56.71 70.07
C LEU C 274 -34.33 57.87 69.32
N THR C 275 -35.01 58.76 70.04
CA THR C 275 -35.60 59.92 69.40
C THR C 275 -35.37 61.19 70.20
N TYR C 276 -34.93 62.24 69.52
CA TYR C 276 -34.92 63.56 70.12
C TYR C 276 -36.05 64.36 69.47
N LYS C 277 -36.84 65.03 70.28
CA LYS C 277 -37.88 65.89 69.72
C LYS C 277 -37.85 67.28 70.35
N SER C 278 -37.73 68.30 69.51
CA SER C 278 -37.72 69.68 69.99
C SER C 278 -39.03 69.98 70.69
N LYS C 279 -39.00 70.90 71.65
CA LYS C 279 -40.20 71.25 72.39
C LYS C 279 -41.11 72.19 71.59
N GLY C 280 -40.56 72.82 70.56
CA GLY C 280 -41.32 73.78 69.79
C GLY C 280 -42.19 73.18 68.70
N ASP C 281 -42.37 73.93 67.62
CA ASP C 281 -42.96 73.37 66.42
C ASP C 281 -41.89 72.53 65.74
N VAL C 282 -42.28 71.40 65.14
CA VAL C 282 -41.33 70.56 64.43
C VAL C 282 -41.37 70.84 62.94
N LYS C 283 -40.27 71.36 62.40
CA LYS C 283 -40.20 71.76 60.99
C LYS C 283 -39.46 70.75 60.13
N LYS C 284 -38.49 70.05 60.73
CA LYS C 284 -37.73 69.03 60.01
C LYS C 284 -37.68 67.74 60.84
N LYS C 285 -38.05 66.62 60.21
CA LYS C 285 -37.93 65.31 60.82
C LYS C 285 -36.81 64.59 60.08
N ILE C 286 -35.86 64.01 60.83
CA ILE C 286 -34.68 63.39 60.25
C ILE C 286 -34.44 62.00 60.84
N ALA C 287 -34.17 61.01 59.98
CA ALA C 287 -33.68 59.72 60.45
C ALA C 287 -32.18 59.58 60.15
N LEU C 288 -31.39 59.31 61.19
CA LEU C 288 -29.97 58.95 61.03
C LEU C 288 -29.79 57.46 61.26
N VAL C 289 -29.27 56.78 60.24
CA VAL C 289 -29.11 55.33 60.31
C VAL C 289 -27.63 54.93 60.32
N GLY C 290 -27.22 54.18 61.34
CA GLY C 290 -25.82 53.78 61.44
C GLY C 290 -25.63 52.28 61.32
N LYS C 291 -24.68 51.86 60.48
CA LYS C 291 -24.43 50.43 60.32
C LYS C 291 -23.83 49.91 61.63
N GLY C 292 -24.39 48.82 62.15
CA GLY C 292 -24.03 48.35 63.47
C GLY C 292 -23.69 46.88 63.52
N ILE C 293 -22.61 46.52 62.83
CA ILE C 293 -22.14 45.14 62.87
C ILE C 293 -21.04 45.08 63.91
N THR C 294 -21.28 44.39 65.04
CA THR C 294 -20.36 44.47 66.17
C THR C 294 -19.10 43.67 65.95
N PHE C 295 -19.20 42.64 65.11
CA PHE C 295 -18.03 42.00 64.53
C PHE C 295 -18.38 41.44 63.18
N ASP C 296 -17.55 41.72 62.18
CA ASP C 296 -17.79 41.18 60.86
C ASP C 296 -16.75 40.14 60.47
N SER C 297 -17.07 38.87 60.70
CA SER C 297 -16.15 37.79 60.35
C SER C 297 -16.16 37.55 58.85
N GLY C 298 -17.19 38.07 58.19
CA GLY C 298 -17.45 37.73 56.79
C GLY C 298 -18.51 36.64 56.64
N GLY C 299 -18.75 35.88 57.72
CA GLY C 299 -19.65 34.74 57.64
C GLY C 299 -19.01 33.64 56.80
N TYR C 300 -19.81 32.80 56.15
CA TYR C 300 -19.24 31.72 55.34
C TYR C 300 -18.30 32.21 54.25
N ASN C 301 -18.54 33.43 53.75
CA ASN C 301 -17.51 34.13 52.96
C ASN C 301 -16.48 34.76 53.91
N LEU C 302 -15.81 33.90 54.68
CA LEU C 302 -14.93 34.31 55.76
C LEU C 302 -13.83 35.24 55.27
N LYS C 303 -13.52 36.26 56.05
CA LYS C 303 -12.39 37.15 55.75
C LYS C 303 -11.06 36.42 55.90
N ALA C 304 -10.69 35.66 54.89
CA ALA C 304 -9.46 34.86 54.97
C ALA C 304 -8.40 35.31 53.96
N ALA C 305 -8.77 36.16 53.02
CA ALA C 305 -7.83 36.62 52.01
C ALA C 305 -6.80 37.59 52.62
N PRO C 306 -5.58 37.62 52.08
CA PRO C 306 -4.59 38.57 52.58
C PRO C 306 -5.12 39.98 52.39
N GLY C 307 -4.99 40.83 53.40
CA GLY C 307 -5.53 42.19 53.32
C GLY C 307 -6.98 42.34 53.73
N SER C 308 -7.60 41.25 54.18
CA SER C 308 -9.00 41.34 54.58
C SER C 308 -9.16 41.97 55.96
N MET C 309 -8.07 41.97 56.75
CA MET C 309 -8.02 42.69 58.03
C MET C 309 -9.13 42.27 59.00
N ILE C 310 -9.23 40.97 59.25
CA ILE C 310 -10.28 40.49 60.11
C ILE C 310 -10.11 41.02 61.54
N ASP C 311 -8.88 41.34 61.91
CA ASP C 311 -8.57 41.76 63.28
C ASP C 311 -9.07 43.17 63.58
N LEU C 312 -9.45 43.89 62.53
CA LEU C 312 -9.98 45.24 62.65
C LEU C 312 -11.52 45.27 62.73
N MET C 313 -12.17 44.14 62.47
CA MET C 313 -13.62 44.17 62.22
C MET C 313 -14.54 44.45 63.42
N LYS C 314 -13.96 44.61 64.61
CA LYS C 314 -14.72 45.22 65.71
C LYS C 314 -15.19 46.63 65.34
N PHE C 315 -14.62 47.20 64.29
CA PHE C 315 -14.93 48.60 63.94
C PHE C 315 -16.15 48.73 63.05
N ASP C 316 -16.80 47.62 62.77
CA ASP C 316 -17.85 47.62 61.76
C ASP C 316 -19.17 48.13 62.31
N MET C 317 -19.16 48.57 63.57
CA MET C 317 -20.30 49.28 64.15
C MET C 317 -19.96 50.78 64.30
N SER C 318 -18.94 51.24 63.56
CA SER C 318 -18.51 52.63 63.59
C SER C 318 -19.64 53.58 63.19
N GLY C 319 -20.52 53.10 62.32
CA GLY C 319 -21.62 53.92 61.85
C GLY C 319 -22.62 54.13 62.96
N CYS C 320 -22.97 53.03 63.64
CA CYS C 320 -23.86 53.11 64.81
C CYS C 320 -23.24 54.02 65.87
N ALA C 321 -21.92 53.89 66.06
CA ALA C 321 -21.21 54.69 67.06
C ALA C 321 -21.32 56.17 66.76
N ALA C 322 -21.16 56.53 65.49
CA ALA C 322 -21.27 57.92 65.06
C ALA C 322 -22.69 58.42 65.33
N VAL C 323 -23.67 57.57 65.07
CA VAL C 323 -25.07 57.94 65.31
C VAL C 323 -25.35 58.16 66.79
N LEU C 324 -24.77 57.33 67.65
CA LEU C 324 -24.96 57.48 69.09
C LEU C 324 -24.22 58.70 69.63
N GLY C 325 -23.02 58.95 69.09
CA GLY C 325 -22.27 60.15 69.45
C GLY C 325 -23.07 61.38 69.05
N CYS C 326 -23.70 61.34 67.88
CA CYS C 326 -24.57 62.44 67.47
C CYS C 326 -25.76 62.60 68.45
N ALA C 327 -26.34 61.48 68.87
CA ALA C 327 -27.41 61.54 69.86
C ALA C 327 -26.94 62.25 71.14
N TYR C 328 -25.71 61.98 71.56
CA TYR C 328 -25.18 62.69 72.73
C TYR C 328 -25.14 64.20 72.47
N CYS C 329 -24.55 64.62 71.37
CA CYS C 329 -24.44 66.06 71.07
C CYS C 329 -25.80 66.74 70.91
N VAL C 330 -26.67 66.17 70.10
CA VAL C 330 -28.01 66.73 69.89
C VAL C 330 -28.79 66.78 71.20
N GLY C 331 -28.75 65.68 71.94
CA GLY C 331 -29.44 65.62 73.23
C GLY C 331 -28.90 66.60 74.25
N THR C 332 -27.61 66.92 74.13
CA THR C 332 -26.97 67.88 75.02
C THR C 332 -27.25 69.32 74.59
N LEU C 333 -27.11 69.60 73.29
CA LEU C 333 -27.24 70.96 72.77
C LEU C 333 -28.69 71.42 72.52
N LYS C 334 -29.58 70.45 72.34
CA LYS C 334 -31.03 70.71 72.28
C LYS C 334 -31.48 71.73 71.23
N PRO C 335 -31.27 71.43 69.95
CA PRO C 335 -31.71 72.33 68.86
C PRO C 335 -33.22 72.44 68.84
N GLU C 336 -33.73 73.56 68.32
CA GLU C 336 -35.18 73.77 68.18
C GLU C 336 -35.67 73.21 66.85
N ASN C 337 -37.00 73.12 66.72
CA ASN C 337 -37.65 72.91 65.44
C ASN C 337 -37.36 71.58 64.74
N VAL C 338 -36.94 70.57 65.49
CA VAL C 338 -36.46 69.35 64.86
C VAL C 338 -36.90 68.07 65.59
N GLU C 339 -37.02 66.97 64.84
CA GLU C 339 -37.25 65.66 65.41
C GLU C 339 -36.25 64.68 64.78
N ILE C 340 -35.45 64.02 65.61
CA ILE C 340 -34.36 63.21 65.09
C ILE C 340 -34.52 61.79 65.57
N HIS C 341 -34.48 60.84 64.64
CA HIS C 341 -34.48 59.44 65.01
C HIS C 341 -33.09 58.86 64.78
N PHE C 342 -32.52 58.30 65.84
CA PHE C 342 -31.20 57.70 65.81
C PHE C 342 -31.42 56.20 65.77
N LEU C 343 -31.08 55.60 64.62
CA LEU C 343 -31.42 54.20 64.32
C LEU C 343 -30.19 53.34 64.04
N SER C 344 -30.19 52.11 64.55
CA SER C 344 -29.19 51.12 64.13
C SER C 344 -29.71 49.70 64.27
N ALA C 345 -29.58 48.94 63.19
CA ALA C 345 -29.89 47.52 63.20
C ALA C 345 -28.63 46.76 63.62
N VAL C 346 -28.50 46.50 64.92
CA VAL C 346 -27.27 45.92 65.46
C VAL C 346 -27.29 44.39 65.42
N CYS C 347 -26.21 43.79 64.96
CA CYS C 347 -26.05 42.34 64.96
C CYS C 347 -24.58 42.01 64.72
N GLU C 348 -24.26 40.72 64.75
CA GLU C 348 -22.89 40.25 64.62
C GLU C 348 -22.85 39.23 63.49
N ASN C 349 -21.84 39.30 62.61
CA ASN C 349 -21.76 38.43 61.41
C ASN C 349 -20.78 37.27 61.61
N MET C 350 -21.32 36.08 61.88
CA MET C 350 -20.50 34.96 62.39
C MET C 350 -20.68 33.65 61.64
N VAL C 351 -19.83 32.66 61.97
CA VAL C 351 -19.88 31.37 61.29
C VAL C 351 -20.36 30.28 62.23
N SER C 352 -21.38 29.56 61.79
CA SER C 352 -22.14 28.73 62.71
C SER C 352 -22.91 27.71 61.90
N LYS C 353 -23.40 26.67 62.57
CA LYS C 353 -24.42 25.81 61.96
C LYS C 353 -25.64 26.67 61.62
N ASN C 354 -25.81 27.77 62.35
CA ASN C 354 -27.04 28.58 62.22
C ASN C 354 -26.98 29.74 61.23
N SER C 355 -25.80 29.98 60.65
CA SER C 355 -25.59 31.14 59.78
C SER C 355 -26.35 31.08 58.45
N TYR C 356 -26.65 32.25 57.89
CA TYR C 356 -27.14 32.27 56.51
C TYR C 356 -26.01 31.89 55.56
N ARG C 357 -26.36 31.40 54.38
CA ARG C 357 -25.38 30.88 53.42
C ARG C 357 -25.32 31.75 52.18
N PRO C 358 -24.16 31.73 51.49
CA PRO C 358 -24.04 32.26 50.13
C PRO C 358 -25.11 31.57 49.30
N GLY C 359 -25.88 32.33 48.55
CA GLY C 359 -26.92 31.75 47.73
C GLY C 359 -28.32 31.81 48.34
N ASP C 360 -28.41 31.97 49.65
CA ASP C 360 -29.72 32.03 50.30
C ASP C 360 -30.57 33.15 49.70
N ILE C 361 -31.87 32.90 49.56
CA ILE C 361 -32.77 33.97 49.14
C ILE C 361 -33.60 34.36 50.34
N ILE C 362 -33.53 35.64 50.69
CA ILE C 362 -34.19 36.15 51.90
C ILE C 362 -35.12 37.30 51.53
N THR C 363 -36.04 37.64 52.45
CA THR C 363 -37.07 38.62 52.13
C THR C 363 -37.01 39.84 53.04
N ALA C 364 -36.83 41.01 52.44
CA ALA C 364 -36.71 42.26 53.21
C ALA C 364 -38.09 42.75 53.67
N SER C 365 -38.12 43.69 54.61
CA SER C 365 -39.37 44.12 55.19
C SER C 365 -40.30 44.87 54.21
N ASN C 366 -39.77 45.30 53.08
CA ASN C 366 -40.63 45.88 52.04
C ASN C 366 -41.07 44.82 51.03
N GLY C 367 -40.82 43.55 51.33
CA GLY C 367 -41.27 42.46 50.48
C GLY C 367 -40.35 42.11 49.32
N LYS C 368 -39.26 42.84 49.13
CA LYS C 368 -38.31 42.46 48.08
C LYS C 368 -37.47 41.25 48.47
N THR C 369 -37.42 40.27 47.58
CA THR C 369 -36.59 39.08 47.80
C THR C 369 -35.17 39.38 47.34
N ILE C 370 -34.18 38.93 48.11
CA ILE C 370 -32.78 39.24 47.82
C ILE C 370 -31.97 37.96 47.74
N GLU C 371 -31.22 37.80 46.66
CA GLU C 371 -30.31 36.67 46.55
C GLU C 371 -28.95 37.09 47.12
N VAL C 372 -28.55 36.42 48.20
CA VAL C 372 -27.27 36.67 48.83
C VAL C 372 -26.14 36.06 48.00
N GLY C 373 -25.29 36.91 47.43
CA GLY C 373 -24.19 36.42 46.63
C GLY C 373 -22.92 36.30 47.46
N ASN C 374 -22.88 37.01 48.58
CA ASN C 374 -21.69 37.00 49.45
C ASN C 374 -22.07 37.41 50.87
N THR C 375 -21.88 36.51 51.83
CA THR C 375 -22.28 36.76 53.22
C THR C 375 -21.47 37.87 53.87
N ASP C 376 -20.37 38.22 53.22
CA ASP C 376 -19.49 39.29 53.69
C ASP C 376 -19.96 40.65 53.16
N ALA C 377 -21.03 40.67 52.37
CA ALA C 377 -21.70 41.93 52.05
C ALA C 377 -22.94 42.10 52.92
N GLU C 378 -22.75 41.90 54.21
CA GLU C 378 -23.86 41.85 55.15
C GLU C 378 -24.40 43.23 55.55
N GLY C 379 -23.53 44.24 55.53
CA GLY C 379 -23.89 45.55 55.99
C GLY C 379 -25.09 46.14 55.24
N ARG C 380 -25.12 45.92 53.93
CA ARG C 380 -26.19 46.51 53.12
C ARG C 380 -27.53 45.79 53.32
N LEU C 381 -27.46 44.53 53.77
CA LEU C 381 -28.70 43.81 54.09
C LEU C 381 -29.32 44.37 55.36
N THR C 382 -28.47 44.62 56.37
CA THR C 382 -28.98 45.20 57.61
C THR C 382 -29.48 46.62 57.39
N LEU C 383 -28.75 47.40 56.59
CA LEU C 383 -29.18 48.75 56.25
C LEU C 383 -30.48 48.77 55.43
N ALA C 384 -30.68 47.78 54.58
CA ALA C 384 -31.90 47.70 53.77
C ALA C 384 -33.14 47.74 54.66
N ASP C 385 -33.17 46.89 55.66
CA ASP C 385 -34.30 46.87 56.58
C ASP C 385 -34.36 48.13 57.45
N ALA C 386 -33.21 48.68 57.82
CA ALA C 386 -33.23 49.89 58.65
C ALA C 386 -33.73 51.09 57.84
N LEU C 387 -33.43 51.10 56.55
CA LEU C 387 -33.91 52.18 55.68
C LEU C 387 -35.42 52.09 55.48
N VAL C 388 -35.94 50.88 55.27
CA VAL C 388 -37.38 50.66 55.18
C VAL C 388 -38.08 51.13 56.46
N TYR C 389 -37.50 50.77 57.59
CA TYR C 389 -38.01 51.21 58.89
C TYR C 389 -37.99 52.75 58.97
N ALA C 390 -36.87 53.34 58.57
CA ALA C 390 -36.71 54.80 58.61
C ALA C 390 -37.78 55.51 57.78
N GLU C 391 -37.99 55.03 56.55
CA GLU C 391 -38.96 55.69 55.68
C GLU C 391 -40.40 55.60 56.22
N LYS C 392 -40.70 54.52 56.94
CA LYS C 392 -42.02 54.36 57.54
C LYS C 392 -42.28 55.39 58.63
N LEU C 393 -41.22 56.01 59.14
CA LEU C 393 -41.38 57.03 60.18
C LEU C 393 -41.90 58.35 59.62
N GLY C 394 -41.85 58.50 58.31
CA GLY C 394 -42.35 59.71 57.66
C GLY C 394 -41.46 60.91 57.89
N VAL C 395 -40.17 60.76 57.63
CA VAL C 395 -39.22 61.85 57.85
C VAL C 395 -38.97 62.61 56.56
N ASP C 396 -38.30 63.76 56.69
CA ASP C 396 -37.93 64.58 55.54
C ASP C 396 -36.62 64.12 54.89
N TYR C 397 -35.69 63.65 55.72
CA TYR C 397 -34.41 63.17 55.23
C TYR C 397 -34.03 61.89 55.94
N ILE C 398 -33.39 60.98 55.20
CA ILE C 398 -32.75 59.83 55.81
C ILE C 398 -31.27 59.92 55.46
N VAL C 399 -30.41 59.93 56.47
CA VAL C 399 -28.97 59.88 56.21
C VAL C 399 -28.45 58.63 56.89
N ASP C 400 -27.79 57.77 56.13
CA ASP C 400 -27.10 56.63 56.71
C ASP C 400 -25.57 56.82 56.70
N ILE C 401 -24.89 56.17 57.63
CA ILE C 401 -23.44 56.29 57.73
C ILE C 401 -22.92 54.90 58.07
N ALA C 402 -21.93 54.43 57.31
CA ALA C 402 -21.55 53.01 57.40
C ALA C 402 -20.12 52.75 56.95
N THR C 403 -19.45 51.82 57.62
CA THR C 403 -18.18 51.30 57.11
C THR C 403 -18.50 50.21 56.11
N LEU C 404 -18.98 50.63 54.93
CA LEU C 404 -19.65 49.71 54.01
C LEU C 404 -18.75 48.95 53.03
N THR C 405 -17.79 49.64 52.42
CA THR C 405 -16.96 49.03 51.38
C THR C 405 -15.46 49.36 51.52
N GLY C 406 -14.64 48.31 51.53
CA GLY C 406 -13.20 48.50 51.53
C GLY C 406 -12.72 49.23 50.29
N ALA C 407 -13.56 49.24 49.26
CA ALA C 407 -13.24 49.92 48.02
C ALA C 407 -12.97 51.41 48.25
N MET C 408 -13.49 51.96 49.33
CA MET C 408 -13.25 53.38 49.64
C MET C 408 -11.76 53.71 49.77
N LEU C 409 -10.99 52.74 50.25
CA LEU C 409 -9.53 52.89 50.37
C LEU C 409 -8.87 53.19 49.01
N TYR C 410 -9.50 52.69 47.94
CA TYR C 410 -8.97 52.86 46.60
C TYR C 410 -9.59 54.03 45.86
N SER C 411 -10.59 54.64 46.46
CA SER C 411 -11.22 55.78 45.79
C SER C 411 -10.86 57.11 46.47
N LEU C 412 -11.06 57.19 47.78
CA LEU C 412 -10.78 58.44 48.47
C LEU C 412 -9.68 58.27 49.51
N GLY C 413 -9.46 57.03 49.94
CA GLY C 413 -8.40 56.74 50.89
C GLY C 413 -8.83 56.93 52.34
N THR C 414 -7.87 57.34 53.17
CA THR C 414 -8.06 57.41 54.62
C THR C 414 -8.51 58.78 55.15
N SER C 415 -8.57 59.81 54.29
CA SER C 415 -8.88 61.18 54.75
C SER C 415 -10.32 61.64 54.54
N TYR C 416 -10.86 61.37 53.35
CA TYR C 416 -12.19 61.86 52.96
C TYR C 416 -13.17 60.69 52.92
N ALA C 417 -14.35 60.89 53.51
CA ALA C 417 -15.45 59.94 53.35
C ALA C 417 -16.16 60.20 52.02
N GLY C 418 -16.86 59.19 51.50
CA GLY C 418 -17.68 59.37 50.30
C GLY C 418 -19.13 59.57 50.69
N VAL C 419 -19.84 60.46 50.00
CA VAL C 419 -21.28 60.60 50.18
C VAL C 419 -21.98 60.33 48.84
N PHE C 420 -23.03 59.53 48.89
CA PHE C 420 -23.85 59.20 47.73
C PHE C 420 -25.28 59.56 48.11
N GLY C 421 -26.15 59.78 47.14
CA GLY C 421 -27.52 60.09 47.51
C GLY C 421 -28.47 60.15 46.34
N ASN C 422 -29.77 60.27 46.62
CA ASN C 422 -30.76 60.38 45.57
C ASN C 422 -31.33 61.79 45.43
N ASN C 423 -30.70 62.76 46.10
CA ASN C 423 -31.25 64.12 46.21
C ASN C 423 -30.14 65.17 46.34
N GLU C 424 -30.09 66.10 45.40
CA GLU C 424 -28.97 67.03 45.32
C GLU C 424 -28.94 67.99 46.50
N GLU C 425 -30.11 68.47 46.88
CA GLU C 425 -30.23 69.37 48.02
C GLU C 425 -29.70 68.72 49.31
N LEU C 426 -30.13 67.49 49.58
CA LEU C 426 -29.64 66.78 50.76
C LEU C 426 -28.12 66.61 50.71
N ILE C 427 -27.61 66.14 49.57
CA ILE C 427 -26.16 65.98 49.38
C ILE C 427 -25.39 67.27 49.65
N ASN C 428 -25.90 68.39 49.15
CA ASN C 428 -25.25 69.68 49.38
C ASN C 428 -25.24 70.08 50.86
N LYS C 429 -26.32 69.78 51.57
CA LYS C 429 -26.34 70.04 53.01
C LYS C 429 -25.30 69.22 53.75
N ILE C 430 -25.06 68.00 53.30
CA ILE C 430 -24.02 67.15 53.90
C ILE C 430 -22.63 67.74 53.65
N LEU C 431 -22.39 68.19 52.42
CA LEU C 431 -21.13 68.82 52.07
C LEU C 431 -20.92 70.11 52.86
N GLN C 432 -22.01 70.84 53.09
CA GLN C 432 -21.91 72.06 53.88
C GLN C 432 -21.57 71.71 55.32
N SER C 433 -22.20 70.66 55.84
CA SER C 433 -21.84 70.17 57.17
C SER C 433 -20.41 69.66 57.25
N SER C 434 -19.91 69.11 56.14
CA SER C 434 -18.53 68.66 56.08
C SER C 434 -17.61 69.85 56.30
N LYS C 435 -17.97 70.98 55.68
CA LYS C 435 -17.19 72.20 55.80
C LYS C 435 -17.14 72.75 57.21
N THR C 436 -18.30 72.82 57.87
CA THR C 436 -18.34 73.43 59.19
C THR C 436 -17.89 72.48 60.30
N SER C 437 -18.03 71.17 60.06
CA SER C 437 -17.53 70.19 61.03
C SER C 437 -16.05 69.90 60.83
N ASN C 438 -15.53 70.30 59.67
CA ASN C 438 -14.18 69.96 59.26
C ASN C 438 -13.90 68.47 59.25
N GLU C 439 -14.95 67.68 59.05
CA GLU C 439 -14.79 66.28 58.72
C GLU C 439 -15.05 66.15 57.23
N PRO C 440 -13.99 65.87 56.47
CA PRO C 440 -14.03 65.96 55.00
C PRO C 440 -14.77 64.80 54.32
N VAL C 441 -15.55 65.19 53.33
CA VAL C 441 -16.44 64.32 52.61
C VAL C 441 -16.42 64.71 51.12
N TRP C 442 -16.46 63.73 50.22
CA TRP C 442 -16.50 64.02 48.79
C TRP C 442 -17.67 63.31 48.11
N TRP C 443 -18.37 64.04 47.23
CA TRP C 443 -19.55 63.49 46.54
C TRP C 443 -19.12 62.48 45.47
N LEU C 444 -19.67 61.27 45.54
CA LEU C 444 -19.39 60.23 44.55
C LEU C 444 -20.72 59.85 43.90
N PRO C 445 -20.69 59.42 42.62
CA PRO C 445 -21.94 59.22 41.87
C PRO C 445 -22.59 57.87 42.09
N ILE C 446 -23.91 57.83 42.01
CA ILE C 446 -24.62 56.57 41.91
C ILE C 446 -24.86 56.35 40.43
N ILE C 447 -24.12 55.39 39.87
CA ILE C 447 -24.13 55.18 38.42
C ILE C 447 -25.18 54.16 38.04
N ASN C 448 -26.27 54.64 37.46
CA ASN C 448 -27.42 53.78 37.17
C ASN C 448 -27.14 52.69 36.15
N GLU C 449 -26.15 52.90 35.30
CA GLU C 449 -25.80 51.90 34.32
C GLU C 449 -25.41 50.54 34.96
N TYR C 450 -24.90 50.57 36.19
CA TYR C 450 -24.51 49.35 36.89
C TYR C 450 -25.70 48.63 37.52
N ARG C 451 -26.86 49.27 37.52
CA ARG C 451 -28.03 48.71 38.20
C ARG C 451 -28.42 47.32 37.67
N ALA C 452 -28.26 47.11 36.36
CA ALA C 452 -28.62 45.83 35.75
C ALA C 452 -27.77 44.68 36.28
N THR C 453 -26.56 44.97 36.77
CA THR C 453 -25.69 43.92 37.30
C THR C 453 -26.23 43.34 38.61
N LEU C 454 -27.22 44.02 39.19
CA LEU C 454 -27.90 43.51 40.39
C LEU C 454 -29.14 42.67 40.07
N ASN C 455 -29.47 42.54 38.79
CA ASN C 455 -30.61 41.72 38.41
C ASN C 455 -30.37 40.25 38.75
N SER C 456 -31.30 39.65 39.48
CA SER C 456 -31.12 38.26 39.89
C SER C 456 -31.96 37.37 39.00
N LYS C 457 -31.46 36.18 38.72
CA LYS C 457 -32.21 35.21 37.93
C LYS C 457 -33.46 34.72 38.68
N TYR C 458 -33.37 34.59 40.00
CA TYR C 458 -34.44 33.97 40.76
C TYR C 458 -35.16 34.93 41.71
N ALA C 459 -34.39 35.74 42.42
CA ALA C 459 -34.94 36.69 43.40
C ALA C 459 -35.24 38.02 42.72
N ASP C 460 -35.89 38.93 43.45
CA ASP C 460 -36.12 40.27 42.90
C ASP C 460 -34.81 41.01 42.62
N ILE C 461 -33.79 40.77 43.43
CA ILE C 461 -32.54 41.55 43.30
C ILE C 461 -31.34 40.80 43.86
N ASN C 462 -30.16 41.10 43.31
CA ASN C 462 -28.92 40.57 43.86
C ASN C 462 -28.34 41.53 44.88
N GLN C 463 -27.81 40.97 45.94
CA GLN C 463 -27.11 41.73 46.97
C GLN C 463 -25.80 42.31 46.41
N ILE C 464 -25.11 41.55 45.57
CA ILE C 464 -23.85 42.03 45.00
C ILE C 464 -23.83 41.96 43.48
N SER C 465 -22.87 42.66 42.89
CA SER C 465 -22.72 42.67 41.45
C SER C 465 -21.90 41.48 41.01
N SER C 466 -22.19 40.98 39.81
CA SER C 466 -21.44 39.89 39.22
C SER C 466 -20.20 40.42 38.51
N SER C 467 -20.37 41.55 37.84
CA SER C 467 -19.36 42.07 36.92
C SER C 467 -18.65 43.34 37.40
N VAL C 468 -19.35 44.19 38.14
CA VAL C 468 -18.80 45.50 38.49
C VAL C 468 -17.91 45.48 39.73
N LYS C 469 -16.70 46.03 39.61
CA LYS C 469 -15.76 46.10 40.72
C LYS C 469 -15.91 47.36 41.57
N ALA C 470 -16.66 48.35 41.06
CA ALA C 470 -16.89 49.57 41.82
C ALA C 470 -17.91 49.33 42.93
N SER C 471 -17.47 48.64 43.98
CA SER C 471 -18.39 48.14 44.99
C SER C 471 -19.06 49.22 45.86
N SER C 472 -18.41 50.37 46.05
CA SER C 472 -19.03 51.44 46.82
C SER C 472 -20.23 52.01 46.06
N ILE C 473 -20.15 52.00 44.73
CA ILE C 473 -21.26 52.48 43.90
C ILE C 473 -22.38 51.42 43.86
N VAL C 474 -21.99 50.17 43.62
CA VAL C 474 -22.95 49.07 43.62
C VAL C 474 -23.73 48.99 44.92
N ALA C 475 -23.01 49.09 46.05
CA ALA C 475 -23.66 49.04 47.35
C ALA C 475 -24.70 50.17 47.49
N SER C 476 -24.36 51.35 46.99
CA SER C 476 -25.29 52.47 47.04
C SER C 476 -26.53 52.22 46.18
N LEU C 477 -26.34 51.60 45.01
CA LEU C 477 -27.46 51.24 44.14
C LEU C 477 -28.39 50.27 44.87
N PHE C 478 -27.79 49.33 45.61
CA PHE C 478 -28.58 48.37 46.36
C PHE C 478 -29.42 49.07 47.43
N LEU C 479 -28.78 49.92 48.23
CA LEU C 479 -29.48 50.65 49.29
C LEU C 479 -30.61 51.52 48.73
N LYS C 480 -30.36 52.11 47.56
CA LYS C 480 -31.36 52.99 46.96
C LYS C 480 -32.68 52.27 46.68
N GLU C 481 -32.61 50.96 46.47
CA GLU C 481 -33.82 50.17 46.24
C GLU C 481 -34.69 50.05 47.49
N PHE C 482 -34.19 50.53 48.63
CA PHE C 482 -34.96 50.44 49.87
C PHE C 482 -35.43 51.78 50.42
N VAL C 483 -35.33 52.81 49.58
CA VAL C 483 -35.89 54.11 49.87
C VAL C 483 -36.80 54.46 48.70
N GLN C 484 -38.10 54.62 48.95
CA GLN C 484 -39.06 54.72 47.86
C GLN C 484 -39.28 56.16 47.36
N ASN C 485 -39.43 57.10 48.29
CA ASN C 485 -39.80 58.46 47.92
C ASN C 485 -39.43 59.48 48.98
N THR C 486 -38.21 59.35 49.50
CA THR C 486 -37.70 60.23 50.53
C THR C 486 -36.28 60.63 50.17
N ALA C 487 -35.91 61.88 50.43
CA ALA C 487 -34.54 62.31 50.21
C ALA C 487 -33.61 61.52 51.13
N TRP C 488 -32.63 60.85 50.54
CA TRP C 488 -31.74 59.97 51.31
C TRP C 488 -30.30 60.18 50.87
N ALA C 489 -29.38 60.16 51.83
CA ALA C 489 -27.96 60.24 51.52
C ALA C 489 -27.22 59.17 52.32
N HIS C 490 -26.10 58.72 51.77
CA HIS C 490 -25.37 57.57 52.30
C HIS C 490 -23.90 57.94 52.42
N ILE C 491 -23.34 57.83 53.62
CA ILE C 491 -21.96 58.22 53.89
C ILE C 491 -21.12 56.99 54.17
N ASP C 492 -20.24 56.62 53.24
CA ASP C 492 -19.41 55.42 53.40
C ASP C 492 -18.10 55.81 54.09
N ILE C 493 -17.95 55.40 55.35
CA ILE C 493 -16.76 55.77 56.15
C ILE C 493 -15.78 54.61 56.34
N ALA C 494 -15.84 53.63 55.44
CA ALA C 494 -15.00 52.44 55.59
C ALA C 494 -13.51 52.77 55.54
N GLY C 495 -13.16 53.85 54.83
CA GLY C 495 -11.77 54.20 54.62
C GLY C 495 -11.24 55.12 55.70
N VAL C 496 -12.11 55.99 56.21
CA VAL C 496 -11.70 57.01 57.16
C VAL C 496 -11.94 56.68 58.63
N SER C 497 -12.68 55.62 58.93
CA SER C 497 -13.09 55.41 60.32
C SER C 497 -11.92 55.13 61.27
N TRP C 498 -10.99 54.30 60.82
CA TRP C 498 -9.88 53.89 61.67
C TRP C 498 -8.63 54.66 61.32
N ASN C 499 -8.02 55.27 62.32
CA ASN C 499 -6.74 55.94 62.14
C ASN C 499 -5.63 54.90 62.22
N PHE C 500 -5.16 54.46 61.05
CA PHE C 500 -4.21 53.36 60.98
C PHE C 500 -2.86 53.71 61.59
N LYS C 501 -2.42 54.94 61.41
CA LYS C 501 -1.14 55.40 61.96
C LYS C 501 -1.16 55.49 63.49
N ALA C 502 -2.24 56.01 64.05
CA ALA C 502 -2.33 56.13 65.51
C ALA C 502 -2.93 54.88 66.17
N ARG C 503 -3.36 53.91 65.35
CA ARG C 503 -3.93 52.64 65.86
C ARG C 503 -5.15 52.84 66.78
N LYS C 504 -6.07 53.70 66.35
CA LYS C 504 -7.26 53.99 67.14
C LYS C 504 -8.35 54.55 66.22
N PRO C 505 -9.62 54.55 66.66
CA PRO C 505 -10.70 55.13 65.86
C PRO C 505 -10.69 56.64 65.90
N LYS C 506 -11.25 57.26 64.86
CA LYS C 506 -11.41 58.72 64.83
C LYS C 506 -12.73 59.16 65.43
N GLY C 507 -13.71 58.26 65.51
CA GLY C 507 -15.06 58.67 65.90
C GLY C 507 -15.64 59.51 64.77
N PHE C 508 -15.23 59.20 63.55
CA PHE C 508 -15.61 59.99 62.38
C PHE C 508 -17.13 60.05 62.21
N GLY C 509 -17.64 61.27 61.97
CA GLY C 509 -19.03 61.42 61.58
C GLY C 509 -19.90 62.07 62.62
N VAL C 510 -19.49 62.02 63.89
CA VAL C 510 -20.31 62.58 64.96
C VAL C 510 -20.55 64.08 64.71
N ARG C 511 -19.46 64.80 64.48
CA ARG C 511 -19.53 66.25 64.29
C ARG C 511 -20.20 66.61 62.98
N LEU C 512 -19.91 65.85 61.94
CA LEU C 512 -20.56 66.02 60.64
C LEU C 512 -22.08 65.89 60.81
N LEU C 513 -22.52 64.81 61.44
CA LEU C 513 -23.94 64.58 61.63
C LEU C 513 -24.59 65.63 62.54
N THR C 514 -23.87 66.06 63.56
CA THR C 514 -24.44 67.06 64.46
C THR C 514 -24.59 68.40 63.77
N GLU C 515 -23.55 68.81 63.04
CA GLU C 515 -23.60 70.04 62.27
C GLU C 515 -24.75 70.02 61.26
N PHE C 516 -25.00 68.84 60.67
CA PHE C 516 -26.11 68.68 59.74
C PHE C 516 -27.45 68.98 60.42
N VAL C 517 -27.66 68.37 61.57
CA VAL C 517 -28.89 68.55 62.35
C VAL C 517 -29.04 69.99 62.84
N LEU C 518 -27.95 70.53 63.39
CA LEU C 518 -27.96 71.89 63.91
C LEU C 518 -28.23 72.94 62.84
N ASN C 519 -27.55 72.83 61.71
CA ASN C 519 -27.68 73.84 60.67
C ASN C 519 -29.03 73.78 59.98
N ASP C 520 -29.66 72.60 59.96
CA ASP C 520 -31.00 72.47 59.38
C ASP C 520 -32.09 72.80 60.39
N ALA D 2 8.24 59.17 7.89
CA ALA D 2 8.53 57.77 8.17
C ALA D 2 9.87 57.58 8.87
N SER D 3 9.86 56.74 9.90
CA SER D 3 11.07 56.14 10.43
C SER D 3 10.88 54.64 10.24
N GLU D 4 11.96 53.89 10.06
CA GLU D 4 11.81 52.48 9.73
C GLU D 4 11.47 51.61 10.95
N VAL D 5 10.44 50.77 10.85
CA VAL D 5 10.08 49.88 11.95
C VAL D 5 10.99 48.66 12.00
N PRO D 6 11.69 48.46 13.13
CA PRO D 6 12.57 47.29 13.24
C PRO D 6 11.76 46.01 13.30
N GLN D 7 12.30 44.94 12.73
CA GLN D 7 11.62 43.65 12.74
C GLN D 7 12.52 42.62 13.41
N VAL D 8 11.93 41.57 13.96
CA VAL D 8 12.73 40.44 14.47
C VAL D 8 12.79 39.38 13.38
N VAL D 9 11.64 39.14 12.75
CA VAL D 9 11.57 38.26 11.58
C VAL D 9 10.89 39.03 10.44
N SER D 10 11.02 38.53 9.20
CA SER D 10 10.50 39.26 8.06
C SER D 10 8.98 39.30 8.06
N LEU D 11 8.36 38.47 8.88
CA LEU D 11 6.90 38.41 8.94
C LEU D 11 6.32 39.45 9.92
N ASP D 12 7.17 40.11 10.68
CA ASP D 12 6.72 41.17 11.59
C ASP D 12 6.22 42.36 10.79
N PRO D 13 5.02 42.86 11.10
CA PRO D 13 4.47 43.96 10.32
C PRO D 13 5.17 45.30 10.58
N THR D 14 5.14 46.20 9.60
CA THR D 14 5.89 47.45 9.68
C THR D 14 5.00 48.69 9.57
N SER D 15 3.69 48.49 9.65
CA SER D 15 2.77 49.61 9.77
C SER D 15 1.45 49.14 10.38
N ILE D 16 0.71 50.08 10.94
CA ILE D 16 -0.63 49.81 11.44
C ILE D 16 -1.57 49.95 10.26
N PRO D 17 -2.36 48.91 9.98
CA PRO D 17 -3.39 49.08 8.94
C PRO D 17 -4.44 50.08 9.43
N ILE D 18 -4.81 51.04 8.59
CA ILE D 18 -5.77 52.07 8.98
C ILE D 18 -6.86 52.21 7.92
N GLU D 19 -8.10 52.26 8.36
CA GLU D 19 -9.22 52.44 7.47
C GLU D 19 -9.71 53.87 7.61
N TYR D 20 -9.58 54.66 6.55
CA TYR D 20 -10.07 56.05 6.55
C TYR D 20 -11.45 56.13 5.94
N ASN D 21 -11.59 55.66 4.70
CA ASN D 21 -12.88 55.61 4.03
C ASN D 21 -13.66 54.41 4.55
N THR D 22 -14.74 54.66 5.29
CA THR D 22 -15.52 53.58 5.86
C THR D 22 -16.91 53.64 5.26
N PRO D 23 -17.65 52.51 5.31
CA PRO D 23 -19.00 52.48 4.75
C PRO D 23 -19.92 53.50 5.40
N ILE D 24 -19.63 53.90 6.64
CA ILE D 24 -20.39 54.94 7.32
C ILE D 24 -20.35 56.25 6.54
N HIS D 25 -19.21 56.55 5.94
CA HIS D 25 -19.06 57.80 5.21
C HIS D 25 -19.92 57.88 3.95
N ASP D 26 -20.37 56.74 3.45
CA ASP D 26 -21.21 56.69 2.25
C ASP D 26 -22.69 56.72 2.56
N ILE D 27 -23.04 56.80 3.84
CA ILE D 27 -24.44 56.84 4.22
C ILE D 27 -25.01 58.23 4.01
N LYS D 28 -26.04 58.33 3.17
CA LYS D 28 -26.71 59.61 2.98
C LYS D 28 -27.81 59.76 4.04
N VAL D 29 -27.76 60.88 4.76
CA VAL D 29 -28.68 61.06 5.89
C VAL D 29 -29.71 62.15 5.61
N GLN D 30 -30.98 61.86 5.88
CA GLN D 30 -32.04 62.85 5.72
C GLN D 30 -32.84 62.94 7.01
N VAL D 31 -33.06 64.16 7.49
CA VAL D 31 -33.83 64.36 8.71
C VAL D 31 -35.16 65.05 8.35
N TYR D 32 -36.27 64.42 8.74
CA TYR D 32 -37.62 64.90 8.43
C TYR D 32 -38.37 65.25 9.70
N ASP D 33 -39.30 66.19 9.64
CA ASP D 33 -40.05 66.51 10.84
C ASP D 33 -41.14 65.44 11.08
N ILE D 34 -41.27 65.00 12.32
CA ILE D 34 -42.24 63.97 12.65
C ILE D 34 -43.71 64.44 12.54
N LYS D 35 -43.93 65.75 12.58
CA LYS D 35 -45.30 66.27 12.55
C LYS D 35 -45.99 65.97 11.22
N GLY D 36 -45.19 65.75 10.18
CA GLY D 36 -45.72 65.55 8.84
C GLY D 36 -46.11 64.12 8.49
N GLY D 37 -45.95 63.20 9.43
CA GLY D 37 -46.21 61.81 9.13
C GLY D 37 -45.00 61.15 8.49
N CYS D 38 -45.03 59.82 8.38
CA CYS D 38 -43.87 59.05 7.93
C CYS D 38 -44.10 58.30 6.62
N ASN D 39 -43.10 58.30 5.75
CA ASN D 39 -43.14 57.47 4.55
C ASN D 39 -42.38 56.17 4.73
N VAL D 40 -43.05 55.06 4.42
CA VAL D 40 -42.45 53.73 4.44
C VAL D 40 -42.70 53.06 3.10
N GLU D 41 -41.66 52.93 2.29
CA GLU D 41 -41.80 52.24 1.02
C GLU D 41 -40.50 51.53 0.74
N GLU D 42 -39.56 51.70 1.65
CA GLU D 42 -38.23 51.19 1.43
C GLU D 42 -37.52 50.78 2.72
N GLY D 43 -36.86 49.64 2.66
CA GLY D 43 -35.94 49.22 3.70
C GLY D 43 -36.56 49.02 5.06
N LEU D 44 -35.73 49.17 6.08
CA LEU D 44 -36.12 48.93 7.46
C LEU D 44 -36.60 50.21 8.12
N THR D 45 -37.78 50.16 8.73
CA THR D 45 -38.25 51.31 9.48
C THR D 45 -38.41 50.94 10.95
N ILE D 46 -37.77 51.70 11.83
CA ILE D 46 -37.77 51.38 13.24
C ILE D 46 -38.31 52.55 14.06
N PHE D 47 -39.35 52.29 14.82
CA PHE D 47 -39.88 53.27 15.76
C PHE D 47 -39.22 53.13 17.14
N LEU D 48 -38.79 54.26 17.70
CA LEU D 48 -38.31 54.31 19.08
C LEU D 48 -39.48 54.73 19.95
N VAL D 49 -39.91 53.82 20.82
CA VAL D 49 -41.16 53.97 21.54
C VAL D 49 -40.98 53.75 23.03
N ASN D 50 -41.64 54.55 23.84
CA ASN D 50 -41.65 54.29 25.27
C ASN D 50 -43.08 54.22 25.81
N ASN D 51 -43.20 54.02 27.11
CA ASN D 51 -44.49 54.07 27.78
C ASN D 51 -44.30 54.65 29.17
N PRO D 52 -44.42 55.99 29.28
CA PRO D 52 -44.31 56.64 30.58
C PRO D 52 -45.32 56.09 31.60
N GLY D 53 -44.90 55.94 32.83
CA GLY D 53 -45.76 55.40 33.86
C GLY D 53 -45.80 53.88 33.89
N LYS D 54 -46.27 53.27 32.80
CA LYS D 54 -46.45 51.82 32.73
C LYS D 54 -45.14 51.05 32.47
N GLU D 55 -44.54 50.53 33.55
CA GLU D 55 -43.29 49.77 33.45
C GLU D 55 -43.48 48.55 32.56
N ASN D 56 -42.58 48.37 31.58
CA ASN D 56 -42.69 47.30 30.61
C ASN D 56 -44.07 47.27 29.93
N GLY D 57 -44.66 48.45 29.76
CA GLY D 57 -46.00 48.56 29.18
C GLY D 57 -46.02 48.28 27.70
N PRO D 58 -47.21 48.27 27.10
CA PRO D 58 -47.33 47.89 25.69
C PRO D 58 -46.77 48.97 24.75
N VAL D 59 -46.40 48.52 23.54
CA VAL D 59 -45.96 49.41 22.49
C VAL D 59 -47.20 50.01 21.86
N LYS D 60 -47.18 51.32 21.66
CA LYS D 60 -48.23 51.99 20.91
C LYS D 60 -47.52 52.94 19.97
N ILE D 61 -47.84 52.87 18.67
CA ILE D 61 -47.22 53.76 17.69
C ILE D 61 -48.19 54.89 17.35
N SER D 62 -47.72 56.12 17.42
CA SER D 62 -48.62 57.27 17.23
C SER D 62 -48.54 57.88 15.84
N SER D 63 -47.34 57.92 15.26
CA SER D 63 -47.14 58.55 13.96
C SER D 63 -48.08 58.01 12.89
N LYS D 64 -48.56 58.90 12.03
CA LYS D 64 -49.27 58.46 10.85
C LYS D 64 -48.27 57.99 9.82
N VAL D 65 -48.61 56.91 9.12
CA VAL D 65 -47.73 56.30 8.15
C VAL D 65 -48.44 56.24 6.81
N ASN D 66 -47.75 56.60 5.73
CA ASN D 66 -48.38 56.72 4.42
C ASN D 66 -48.45 55.43 3.63
N ASP D 67 -48.67 54.32 4.32
CA ASP D 67 -48.83 53.03 3.67
C ASP D 67 -49.92 52.23 4.37
N LYS D 68 -50.89 51.74 3.59
CA LYS D 68 -52.04 51.06 4.17
C LYS D 68 -51.64 49.76 4.86
N GLN D 69 -50.79 48.98 4.20
CA GLN D 69 -50.36 47.69 4.74
C GLN D 69 -49.60 47.88 6.06
N VAL D 70 -48.69 48.85 6.10
CA VAL D 70 -47.89 49.10 7.28
C VAL D 70 -48.74 49.75 8.38
N SER D 71 -49.64 50.64 7.98
CA SER D 71 -50.58 51.25 8.92
C SER D 71 -51.36 50.19 9.69
N GLU D 72 -51.83 49.18 8.96
CA GLU D 72 -52.53 48.06 9.58
C GLU D 72 -51.65 47.22 10.52
N PHE D 73 -50.40 46.97 10.10
CA PHE D 73 -49.46 46.25 10.96
C PHE D 73 -49.28 46.99 12.28
N LEU D 74 -49.25 48.32 12.19
CA LEU D 74 -48.90 49.18 13.33
C LEU D 74 -50.07 49.54 14.24
N LYS D 75 -51.25 49.00 13.96
CA LYS D 75 -52.42 49.30 14.80
C LYS D 75 -52.21 48.82 16.23
N ASP D 76 -52.89 49.48 17.17
CA ASP D 76 -52.67 49.30 18.60
C ASP D 76 -52.81 47.85 19.04
N GLU D 77 -53.79 47.18 18.46
CA GLU D 77 -54.14 45.80 18.82
C GLU D 77 -53.01 44.83 18.49
N ASN D 78 -52.31 45.07 17.38
CA ASN D 78 -51.12 44.32 17.03
C ASN D 78 -49.92 44.68 17.91
N MET D 79 -49.69 45.97 18.10
CA MET D 79 -48.51 46.43 18.83
C MET D 79 -48.57 46.17 20.32
N GLU D 80 -49.78 46.04 20.87
CA GLU D 80 -49.91 45.84 22.32
C GLU D 80 -49.38 44.47 22.74
N LYS D 81 -49.14 43.60 21.77
CA LYS D 81 -48.61 42.28 22.08
C LYS D 81 -47.11 42.36 22.44
N PHE D 82 -46.50 43.52 22.16
CA PHE D 82 -45.09 43.75 22.46
C PHE D 82 -44.98 44.77 23.59
N ASN D 83 -43.82 44.79 24.26
CA ASN D 83 -43.60 45.74 25.35
C ASN D 83 -42.37 46.65 25.15
N VAL D 84 -42.32 47.74 25.92
CA VAL D 84 -41.28 48.76 25.72
C VAL D 84 -40.04 48.58 26.60
N LYS D 85 -39.88 47.44 27.26
CA LYS D 85 -38.72 47.27 28.13
C LYS D 85 -37.44 47.63 27.39
N LEU D 86 -36.62 48.47 28.02
CA LEU D 86 -35.46 49.08 27.38
C LEU D 86 -34.60 48.09 26.61
N GLY D 87 -34.50 48.28 25.29
CA GLY D 87 -33.66 47.44 24.46
C GLY D 87 -34.38 46.30 23.75
N THR D 88 -35.61 46.03 24.15
CA THR D 88 -36.41 44.98 23.52
C THR D 88 -36.82 45.41 22.12
N SER D 89 -36.66 44.51 21.15
CA SER D 89 -37.04 44.83 19.77
C SER D 89 -37.79 43.70 19.08
N LYS D 90 -38.58 44.05 18.08
CA LYS D 90 -39.21 43.11 17.16
C LYS D 90 -39.20 43.81 15.81
N HIS D 91 -38.98 43.06 14.74
CA HIS D 91 -39.21 43.60 13.40
C HIS D 91 -39.75 42.51 12.49
N PHE D 92 -40.54 42.94 11.51
CA PHE D 92 -41.26 42.01 10.63
C PHE D 92 -41.09 42.44 9.18
N TYR D 93 -40.95 41.46 8.29
CA TYR D 93 -40.92 41.72 6.86
C TYR D 93 -42.33 41.62 6.31
N MET D 94 -42.68 42.54 5.41
CA MET D 94 -44.01 42.55 4.82
C MET D 94 -43.94 43.23 3.46
N PHE D 95 -45.01 43.12 2.69
CA PHE D 95 -45.13 43.86 1.44
C PHE D 95 -45.90 45.13 1.70
N ASN D 96 -45.47 46.23 1.08
CA ASN D 96 -46.20 47.48 1.26
C ASN D 96 -47.29 47.65 0.20
N ASP D 97 -47.83 48.86 0.07
CA ASP D 97 -48.93 49.11 -0.87
C ASP D 97 -48.53 48.88 -2.32
N ASN D 98 -47.24 49.03 -2.60
CA ASN D 98 -46.72 48.88 -3.95
C ASN D 98 -46.09 47.50 -4.14
N LYS D 99 -46.42 46.59 -3.25
CA LYS D 99 -45.92 45.22 -3.30
C LYS D 99 -44.39 45.13 -3.29
N ASN D 100 -43.76 46.12 -2.66
CA ASN D 100 -42.32 46.04 -2.39
C ASN D 100 -42.08 45.51 -0.99
N SER D 101 -40.98 44.77 -0.82
CA SER D 101 -40.60 44.22 0.46
C SER D 101 -40.03 45.30 1.38
N VAL D 102 -40.68 45.54 2.51
CA VAL D 102 -40.14 46.44 3.54
C VAL D 102 -40.07 45.70 4.88
N ALA D 103 -39.30 46.24 5.82
CA ALA D 103 -39.30 45.70 7.18
C ALA D 103 -39.63 46.81 8.16
N VAL D 104 -40.47 46.47 9.14
CA VAL D 104 -40.97 47.41 10.14
C VAL D 104 -40.87 46.84 11.55
N GLY D 105 -40.45 47.70 12.49
CA GLY D 105 -40.39 47.28 13.87
C GLY D 105 -40.20 48.43 14.84
N TYR D 106 -39.71 48.11 16.03
CA TYR D 106 -39.57 49.10 17.07
C TYR D 106 -38.42 48.69 17.98
N VAL D 107 -37.88 49.66 18.70
CA VAL D 107 -37.01 49.36 19.86
C VAL D 107 -37.64 49.98 21.11
N GLY D 108 -37.73 49.21 22.19
CA GLY D 108 -38.28 49.74 23.43
C GLY D 108 -37.34 50.73 24.12
N CYS D 109 -37.89 51.86 24.57
CA CYS D 109 -37.07 52.86 25.23
C CYS D 109 -37.49 53.06 26.69
N GLY D 110 -38.13 52.05 27.26
CA GLY D 110 -38.44 52.03 28.67
C GLY D 110 -39.64 52.88 29.05
N SER D 111 -39.70 53.26 30.32
CA SER D 111 -40.81 54.04 30.85
C SER D 111 -40.35 55.37 31.45
N VAL D 112 -39.08 55.73 31.23
CA VAL D 112 -38.57 57.01 31.72
C VAL D 112 -38.37 57.99 30.56
N ALA D 113 -39.01 59.16 30.65
CA ALA D 113 -39.00 60.16 29.59
C ALA D 113 -37.59 60.55 29.14
N ASP D 114 -36.72 60.79 30.11
CA ASP D 114 -35.36 61.22 29.80
C ASP D 114 -34.37 60.07 29.81
N LEU D 115 -33.72 59.85 28.67
CA LEU D 115 -32.75 58.77 28.51
C LEU D 115 -31.32 59.23 28.82
N SER D 116 -30.56 58.43 29.56
CA SER D 116 -29.16 58.74 29.80
C SER D 116 -28.40 58.27 28.59
N GLU D 117 -27.12 58.63 28.49
CA GLU D 117 -26.27 58.09 27.44
C GLU D 117 -26.24 56.57 27.50
N ALA D 118 -26.28 56.02 28.71
CA ALA D 118 -26.23 54.57 28.89
C ALA D 118 -27.50 53.95 28.31
N ASP D 119 -28.65 54.56 28.61
CA ASP D 119 -29.92 54.12 28.07
C ASP D 119 -29.92 54.15 26.54
N MET D 120 -29.50 55.28 25.99
CA MET D 120 -29.44 55.47 24.54
C MET D 120 -28.49 54.48 23.88
N LYS D 121 -27.39 54.16 24.55
CA LYS D 121 -26.47 53.15 24.04
C LYS D 121 -27.17 51.77 23.95
N ARG D 122 -28.05 51.46 24.89
CA ARG D 122 -28.77 50.19 24.85
C ARG D 122 -29.75 50.17 23.68
N VAL D 123 -30.40 51.30 23.46
CA VAL D 123 -31.30 51.41 22.32
C VAL D 123 -30.54 51.20 21.03
N VAL D 124 -29.39 51.85 20.90
CA VAL D 124 -28.61 51.75 19.67
C VAL D 124 -28.14 50.31 19.41
N LEU D 125 -27.67 49.66 20.45
CA LEU D 125 -27.19 48.28 20.36
C LEU D 125 -28.28 47.37 19.81
N SER D 126 -29.49 47.56 20.31
CA SER D 126 -30.60 46.78 19.81
C SER D 126 -30.84 47.08 18.32
N LEU D 127 -30.74 48.36 17.96
CA LEU D 127 -30.91 48.75 16.56
C LEU D 127 -29.80 48.13 15.69
N VAL D 128 -28.56 48.16 16.19
CA VAL D 128 -27.42 47.63 15.45
C VAL D 128 -27.51 46.12 15.22
N THR D 129 -27.99 45.39 16.23
CA THR D 129 -28.22 43.95 16.10
C THR D 129 -29.13 43.67 14.91
N MET D 130 -30.16 44.49 14.72
CA MET D 130 -31.02 44.36 13.55
C MET D 130 -30.27 44.70 12.28
N LEU D 131 -29.44 45.72 12.32
CA LEU D 131 -28.71 46.10 11.12
C LEU D 131 -27.73 45.01 10.68
N HIS D 132 -27.08 44.37 11.64
CA HIS D 132 -26.06 43.35 11.34
C HIS D 132 -26.65 42.07 10.76
N ASP D 133 -27.96 41.90 10.87
CA ASP D 133 -28.61 40.73 10.32
C ASP D 133 -29.53 41.07 9.15
N ASN D 134 -29.38 42.24 8.57
CA ASN D 134 -30.26 42.58 7.45
C ASN D 134 -29.58 43.29 6.26
N LYS D 135 -30.08 43.01 5.05
CA LYS D 135 -29.47 43.52 3.82
C LYS D 135 -30.13 44.77 3.29
N LEU D 136 -30.48 45.65 4.22
CA LEU D 136 -31.23 46.86 3.94
C LEU D 136 -30.43 47.84 3.10
N SER D 137 -31.09 48.52 2.17
CA SER D 137 -30.45 49.65 1.50
C SER D 137 -30.59 50.89 2.39
N LYS D 138 -31.69 50.94 3.12
CA LYS D 138 -32.03 52.13 3.90
C LYS D 138 -32.52 51.76 5.28
N LEU D 139 -32.14 52.56 6.27
CA LEU D 139 -32.77 52.50 7.58
C LEU D 139 -33.52 53.80 7.84
N THR D 140 -34.75 53.69 8.34
CA THR D 140 -35.48 54.88 8.80
C THR D 140 -35.77 54.73 10.28
N VAL D 141 -35.40 55.76 11.05
CA VAL D 141 -35.59 55.71 12.48
C VAL D 141 -36.57 56.80 12.89
N VAL D 142 -37.67 56.40 13.52
CA VAL D 142 -38.72 57.34 13.88
C VAL D 142 -38.71 57.60 15.39
N PHE D 143 -38.43 58.84 15.78
CA PHE D 143 -38.32 59.18 17.20
C PHE D 143 -39.65 59.52 17.82
N GLU D 144 -40.28 58.56 18.49
CA GLU D 144 -41.48 58.84 19.26
C GLU D 144 -41.12 58.96 20.74
N ILE D 145 -39.93 59.52 20.96
CA ILE D 145 -39.39 59.80 22.29
C ILE D 145 -38.76 61.19 22.25
N ASN D 146 -38.25 61.64 23.39
CA ASN D 146 -37.68 62.97 23.52
C ASN D 146 -36.17 63.00 23.70
N VAL D 147 -35.46 63.65 22.78
CA VAL D 147 -34.01 63.81 22.93
C VAL D 147 -33.60 65.23 22.58
N ASP D 148 -32.59 65.76 23.28
CA ASP D 148 -32.06 67.07 22.92
C ASP D 148 -31.04 66.92 21.78
N LYS D 149 -30.56 68.06 21.28
CA LYS D 149 -29.58 68.07 20.19
C LYS D 149 -28.32 67.24 20.46
N ASN D 150 -27.72 67.38 21.65
CA ASN D 150 -26.51 66.64 21.98
C ASN D 150 -26.77 65.13 22.02
N LEU D 151 -27.92 64.75 22.57
CA LEU D 151 -28.26 63.34 22.70
C LEU D 151 -28.61 62.75 21.33
N PHE D 152 -29.21 63.56 20.47
CA PHE D 152 -29.45 63.13 19.10
C PHE D 152 -28.14 62.91 18.36
N ARG D 153 -27.19 63.81 18.56
CA ARG D 153 -25.89 63.61 17.91
C ARG D 153 -25.20 62.39 18.51
N PHE D 154 -25.45 62.13 19.79
CA PHE D 154 -24.88 60.97 20.46
C PHE D 154 -25.41 59.68 19.83
N PHE D 155 -26.73 59.64 19.64
CA PHE D 155 -27.39 58.53 18.96
C PHE D 155 -26.70 58.20 17.63
N LEU D 156 -26.49 59.22 16.80
CA LEU D 156 -25.87 59.03 15.49
C LEU D 156 -24.43 58.52 15.62
N GLU D 157 -23.64 59.17 16.47
CA GLU D 157 -22.24 58.80 16.67
C GLU D 157 -22.14 57.36 17.14
N THR D 158 -23.04 56.98 18.03
CA THR D 158 -22.99 55.66 18.63
C THR D 158 -23.46 54.64 17.61
N LEU D 159 -24.51 55.01 16.88
CA LEU D 159 -24.99 54.16 15.79
C LEU D 159 -23.88 53.92 14.79
N PHE D 160 -23.28 54.99 14.29
CA PHE D 160 -22.17 54.87 13.35
C PHE D 160 -21.06 53.99 13.93
N TYR D 161 -20.64 54.30 15.14
CA TYR D 161 -19.50 53.60 15.74
C TYR D 161 -19.77 52.11 15.96
N GLU D 162 -20.94 51.78 16.50
CA GLU D 162 -21.26 50.39 16.80
C GLU D 162 -21.59 49.56 15.56
N TYR D 163 -22.18 50.21 14.57
CA TYR D 163 -22.51 49.59 13.29
C TYR D 163 -21.26 49.12 12.56
N MET D 164 -20.24 49.99 12.56
CA MET D 164 -18.98 49.75 11.87
C MET D 164 -18.21 48.58 12.52
N THR D 165 -17.77 47.65 11.69
CA THR D 165 -17.04 46.47 12.17
C THR D 165 -15.59 46.51 11.66
N ASP D 166 -14.65 46.30 12.58
CA ASP D 166 -13.21 46.33 12.27
C ASP D 166 -12.70 44.97 11.82
N GLU D 167 -12.44 44.84 10.53
CA GLU D 167 -12.05 43.58 9.92
C GLU D 167 -10.63 43.61 9.37
N ARG D 168 -9.83 44.57 9.83
CA ARG D 168 -8.45 44.72 9.37
C ARG D 168 -7.58 43.48 9.59
N PHE D 169 -7.86 42.71 10.63
CA PHE D 169 -7.01 41.57 10.96
C PHE D 169 -7.66 40.23 10.62
N LYS D 170 -8.84 40.29 9.99
CA LYS D 170 -9.51 39.10 9.46
C LYS D 170 -8.88 38.77 8.11
N SER D 171 -8.86 37.48 7.73
CA SER D 171 -8.38 37.12 6.41
C SER D 171 -9.54 36.99 5.41
N ASN D 177 -24.49 37.96 5.89
CA ASN D 177 -25.74 38.20 6.62
C ASN D 177 -26.18 39.67 6.59
N MET D 178 -25.36 40.54 6.03
CA MET D 178 -25.69 41.96 5.96
C MET D 178 -24.97 42.72 4.85
N GLU D 179 -25.33 43.99 4.73
CA GLU D 179 -24.65 44.95 3.87
C GLU D 179 -24.93 46.30 4.47
N TYR D 180 -23.96 47.19 4.39
CA TYR D 180 -24.16 48.53 4.94
C TYR D 180 -25.23 49.30 4.17
N ILE D 181 -26.18 49.88 4.91
CA ILE D 181 -27.17 50.76 4.32
C ILE D 181 -26.47 51.91 3.60
N LYS D 182 -27.13 52.45 2.58
CA LYS D 182 -26.60 53.61 1.87
C LYS D 182 -27.39 54.87 2.23
N HIS D 183 -28.46 54.67 3.01
CA HIS D 183 -29.36 55.75 3.38
C HIS D 183 -29.85 55.61 4.82
N LEU D 184 -29.86 56.72 5.54
CA LEU D 184 -30.46 56.78 6.85
C LEU D 184 -31.47 57.93 6.87
N GLY D 185 -32.74 57.59 7.14
CA GLY D 185 -33.76 58.61 7.35
C GLY D 185 -34.09 58.72 8.82
N VAL D 186 -34.31 59.96 9.28
CA VAL D 186 -34.68 60.22 10.66
C VAL D 186 -35.93 61.09 10.68
N TYR D 187 -36.96 60.68 11.43
CA TYR D 187 -38.11 61.54 11.69
C TYR D 187 -38.07 61.93 13.15
N ILE D 188 -38.08 63.22 13.43
CA ILE D 188 -37.96 63.70 14.79
C ILE D 188 -38.57 65.09 14.85
N ASN D 189 -39.03 65.50 16.04
CA ASN D 189 -39.66 66.82 16.17
C ASN D 189 -38.63 67.94 16.04
N ASN D 190 -39.00 69.02 15.36
CA ASN D 190 -38.09 70.13 15.06
C ASN D 190 -36.85 69.65 14.31
N ALA D 191 -37.09 68.89 13.24
CA ALA D 191 -36.03 68.35 12.38
C ALA D 191 -35.00 69.40 11.99
N ASP D 192 -35.43 70.62 11.70
CA ASP D 192 -34.53 71.65 11.18
C ASP D 192 -33.38 72.00 12.12
N THR D 193 -33.63 71.96 13.43
CA THR D 193 -32.60 72.26 14.42
C THR D 193 -31.59 71.13 14.58
N TYR D 194 -32.00 69.91 14.26
CA TYR D 194 -31.15 68.72 14.42
C TYR D 194 -30.26 68.46 13.22
N LYS D 195 -30.62 69.07 12.09
CA LYS D 195 -29.90 68.83 10.86
C LYS D 195 -28.41 69.14 10.96
N GLU D 196 -28.07 70.19 11.71
CA GLU D 196 -26.67 70.59 11.82
C GLU D 196 -25.85 69.62 12.68
N GLU D 197 -26.53 68.68 13.34
CA GLU D 197 -25.83 67.71 14.17
C GLU D 197 -25.29 66.54 13.35
N VAL D 198 -25.86 66.32 12.16
CA VAL D 198 -25.54 65.11 11.39
C VAL D 198 -24.08 65.01 10.97
N GLU D 199 -23.55 66.06 10.33
CA GLU D 199 -22.16 66.00 9.89
C GLU D 199 -21.17 66.16 11.04
N LYS D 200 -21.63 66.77 12.13
CA LYS D 200 -20.78 66.81 13.33
C LYS D 200 -20.65 65.39 13.87
N ALA D 201 -21.77 64.69 13.90
CA ALA D 201 -21.79 63.29 14.32
C ALA D 201 -20.85 62.43 13.49
N ARG D 202 -20.82 62.67 12.18
CA ARG D 202 -19.99 61.88 11.29
C ARG D 202 -18.51 62.16 11.55
N VAL D 203 -18.17 63.41 11.82
CA VAL D 203 -16.81 63.74 12.20
C VAL D 203 -16.44 63.07 13.55
N TYR D 204 -17.33 63.15 14.53
CA TYR D 204 -17.04 62.63 15.86
C TYR D 204 -16.89 61.12 15.84
N TYR D 205 -17.76 60.47 15.07
CA TYR D 205 -17.67 59.04 14.82
C TYR D 205 -16.31 58.66 14.29
N PHE D 206 -15.81 59.36 13.28
CA PHE D 206 -14.54 58.89 12.72
C PHE D 206 -13.36 59.16 13.65
N GLY D 207 -13.37 60.28 14.37
CA GLY D 207 -12.34 60.52 15.37
C GLY D 207 -12.28 59.37 16.37
N THR D 208 -13.46 58.98 16.86
CA THR D 208 -13.61 57.91 17.84
C THR D 208 -13.21 56.57 17.23
N TYR D 209 -13.73 56.29 16.04
CA TYR D 209 -13.40 55.04 15.36
C TYR D 209 -11.91 54.98 15.02
N TYR D 210 -11.35 56.11 14.59
CA TYR D 210 -9.91 56.16 14.34
C TYR D 210 -9.14 55.77 15.61
N ALA D 211 -9.54 56.35 16.74
CA ALA D 211 -8.88 56.07 18.01
C ALA D 211 -8.99 54.58 18.33
N SER D 212 -10.19 54.06 18.12
CA SER D 212 -10.48 52.66 18.34
C SER D 212 -9.53 51.77 17.52
N GLN D 213 -9.29 52.15 16.26
CA GLN D 213 -8.42 51.38 15.38
C GLN D 213 -7.00 51.24 15.92
N LEU D 214 -6.43 52.35 16.41
CA LEU D 214 -5.08 52.33 16.99
C LEU D 214 -5.02 51.49 18.26
N ILE D 215 -6.06 51.60 19.09
CA ILE D 215 -6.08 50.89 20.36
C ILE D 215 -6.15 49.39 20.13
N ALA D 216 -7.07 48.99 19.25
CA ALA D 216 -7.30 47.57 18.97
C ALA D 216 -6.15 46.91 18.24
N ALA D 217 -5.43 47.71 17.45
CA ALA D 217 -4.25 47.22 16.75
C ALA D 217 -3.28 46.65 17.78
N PRO D 218 -2.91 45.38 17.65
CA PRO D 218 -2.02 44.75 18.63
C PRO D 218 -0.62 45.38 18.65
N SER D 219 0.12 45.11 19.73
CA SER D 219 1.41 45.76 19.97
C SER D 219 2.51 45.33 19.00
N ASN D 220 2.33 44.23 18.27
CA ASN D 220 3.25 43.94 17.18
C ASN D 220 2.99 44.85 15.96
N TYR D 221 1.73 45.22 15.73
CA TYR D 221 1.43 46.16 14.65
C TYR D 221 1.64 47.60 15.10
N CYS D 222 1.14 47.93 16.28
CA CYS D 222 1.16 49.30 16.80
C CYS D 222 2.23 49.40 17.88
N ASN D 223 3.40 49.88 17.47
CA ASN D 223 4.54 50.04 18.36
C ASN D 223 4.95 51.52 18.27
N PRO D 224 5.96 51.95 19.05
CA PRO D 224 6.24 53.39 19.05
C PRO D 224 6.61 53.97 17.68
N VAL D 225 7.29 53.20 16.85
CA VAL D 225 7.66 53.69 15.51
C VAL D 225 6.46 53.73 14.58
N SER D 226 5.64 52.68 14.59
CA SER D 226 4.51 52.61 13.67
C SER D 226 3.40 53.55 14.10
N LEU D 227 3.21 53.74 15.40
CA LEU D 227 2.22 54.68 15.90
C LEU D 227 2.59 56.13 15.54
N SER D 228 3.84 56.50 15.75
CA SER D 228 4.29 57.85 15.38
C SER D 228 4.23 58.08 13.87
N ASN D 229 4.59 57.07 13.08
CA ASN D 229 4.37 57.10 11.64
C ASN D 229 2.91 57.37 11.27
N ALA D 230 1.97 56.71 11.97
CA ALA D 230 0.56 56.92 11.68
C ALA D 230 0.17 58.36 12.04
N ALA D 231 0.72 58.87 13.14
CA ALA D 231 0.46 60.26 13.52
C ALA D 231 0.92 61.25 12.45
N VAL D 232 2.08 60.97 11.83
CA VAL D 232 2.60 61.79 10.74
C VAL D 232 1.67 61.80 9.53
N GLU D 233 1.22 60.61 9.12
CA GLU D 233 0.31 60.48 7.99
C GLU D 233 -1.01 61.20 8.27
N LEU D 234 -1.48 61.12 9.51
CA LEU D 234 -2.70 61.84 9.89
C LEU D 234 -2.49 63.34 9.76
N ALA D 235 -1.38 63.84 10.30
CA ALA D 235 -1.06 65.26 10.22
C ALA D 235 -0.99 65.73 8.77
N GLN D 236 -0.34 64.94 7.93
CA GLN D 236 -0.21 65.27 6.51
C GLN D 236 -1.58 65.38 5.82
N LYS D 237 -2.49 64.48 6.16
CA LYS D 237 -3.83 64.52 5.55
C LYS D 237 -4.67 65.67 6.06
N LEU D 238 -4.40 66.12 7.27
CA LEU D 238 -5.19 67.20 7.87
C LEU D 238 -4.48 68.54 7.72
N ASN D 239 -3.24 68.50 7.24
CA ASN D 239 -2.45 69.72 7.09
C ASN D 239 -2.07 70.34 8.42
N LEU D 240 -1.76 69.49 9.40
CA LEU D 240 -1.29 69.96 10.70
C LEU D 240 0.24 70.01 10.65
N GLU D 241 0.83 70.93 11.43
CA GLU D 241 2.27 70.92 11.62
C GLU D 241 2.54 69.68 12.44
N TYR D 242 3.71 69.06 12.24
CA TYR D 242 4.07 67.86 12.98
C TYR D 242 5.56 67.75 13.21
N LYS D 243 5.92 67.16 14.35
CA LYS D 243 7.31 66.93 14.70
C LYS D 243 7.32 65.62 15.48
N ILE D 244 8.23 64.72 15.12
CA ILE D 244 8.45 63.51 15.91
C ILE D 244 9.86 63.59 16.47
N LEU D 245 9.98 63.62 17.80
CA LEU D 245 11.30 63.68 18.40
C LEU D 245 11.81 62.26 18.61
N GLY D 246 13.06 62.01 18.19
CA GLY D 246 13.69 60.71 18.37
C GLY D 246 14.64 60.71 19.55
N VAL D 247 15.28 59.58 19.80
CA VAL D 247 16.10 59.39 21.00
C VAL D 247 17.17 60.46 21.25
N LYS D 248 17.93 60.81 20.20
CA LYS D 248 18.98 61.82 20.34
C LYS D 248 18.43 63.18 20.81
N GLU D 249 17.29 63.57 20.25
CA GLU D 249 16.66 64.82 20.67
C GLU D 249 16.11 64.71 22.09
N LEU D 250 15.57 63.53 22.41
CA LEU D 250 15.02 63.30 23.74
C LEU D 250 16.14 63.32 24.78
N GLU D 251 17.31 62.79 24.41
CA GLU D 251 18.46 62.84 25.31
C GLU D 251 18.90 64.29 25.52
N GLU D 252 18.94 65.06 24.44
CA GLU D 252 19.31 66.48 24.50
C GLU D 252 18.34 67.27 25.36
N LEU D 253 17.06 66.86 25.34
CA LEU D 253 16.04 67.49 26.18
C LEU D 253 16.03 66.89 27.59
N LYS D 254 16.91 65.93 27.84
CA LYS D 254 17.06 65.35 29.17
C LYS D 254 15.80 64.68 29.72
N MET D 255 15.05 64.02 28.86
CA MET D 255 13.81 63.35 29.30
C MET D 255 14.13 61.97 29.87
N GLY D 256 14.84 61.95 31.00
CA GLY D 256 15.31 60.72 31.59
C GLY D 256 14.23 59.80 32.14
N ALA D 257 13.09 60.37 32.54
CA ALA D 257 12.01 59.54 33.06
C ALA D 257 11.37 58.75 31.92
N TYR D 258 10.96 59.46 30.89
CA TYR D 258 10.41 58.87 29.66
C TYR D 258 11.37 57.87 29.01
N LEU D 259 12.62 58.28 28.83
CA LEU D 259 13.59 57.41 28.19
C LEU D 259 13.83 56.10 28.97
N SER D 260 13.79 56.18 30.30
CA SER D 260 14.02 55.02 31.15
C SER D 260 13.00 53.91 30.91
N VAL D 261 11.73 54.30 30.78
CA VAL D 261 10.66 53.36 30.51
C VAL D 261 10.91 52.55 29.24
N GLY D 262 11.43 53.23 28.21
CA GLY D 262 11.62 52.59 26.93
C GLY D 262 12.92 51.82 26.76
N LYS D 263 13.80 51.86 27.78
CA LYS D 263 15.13 51.24 27.65
C LYS D 263 15.09 49.77 27.22
N GLY D 264 14.13 49.03 27.77
CA GLY D 264 14.07 47.59 27.51
C GLY D 264 13.43 47.22 26.19
N SER D 265 13.02 48.22 25.41
CA SER D 265 12.28 47.92 24.18
C SER D 265 13.17 47.85 22.95
N MET D 266 12.74 47.05 21.97
CA MET D 266 13.42 47.00 20.68
C MET D 266 12.98 48.15 19.78
N TYR D 267 11.97 48.89 20.21
CA TYR D 267 11.51 50.04 19.44
C TYR D 267 12.01 51.31 20.11
N PRO D 268 12.67 52.20 19.35
CA PRO D 268 13.14 53.46 19.93
C PRO D 268 11.96 54.31 20.38
N ASN D 269 12.11 55.06 21.46
CA ASN D 269 11.08 56.03 21.85
C ASN D 269 10.81 57.02 20.72
N LYS D 270 9.55 57.42 20.56
CA LYS D 270 9.18 58.48 19.63
C LYS D 270 8.19 59.41 20.31
N PHE D 271 8.50 60.71 20.35
CA PHE D 271 7.60 61.67 20.98
C PHE D 271 6.83 62.37 19.87
N ILE D 272 5.50 62.27 19.92
CA ILE D 272 4.64 62.89 18.91
C ILE D 272 4.24 64.31 19.30
N HIS D 273 4.42 65.24 18.36
CA HIS D 273 3.98 66.62 18.57
C HIS D 273 3.31 67.13 17.31
N LEU D 274 1.98 67.21 17.36
CA LEU D 274 1.16 67.78 16.27
C LEU D 274 0.65 69.13 16.73
N THR D 275 0.42 70.03 15.78
CA THR D 275 -0.07 71.36 16.13
C THR D 275 -1.14 71.80 15.13
N TYR D 276 -2.33 72.13 15.64
CA TYR D 276 -3.32 72.85 14.84
C TYR D 276 -3.24 74.31 15.22
N LYS D 277 -3.18 75.20 14.23
CA LYS D 277 -3.27 76.63 14.51
C LYS D 277 -4.37 77.28 13.67
N SER D 278 -5.24 78.05 14.31
CA SER D 278 -6.29 78.77 13.57
C SER D 278 -5.66 79.85 12.70
N LYS D 279 -6.31 80.17 11.59
CA LYS D 279 -5.80 81.20 10.67
C LYS D 279 -5.85 82.61 11.30
N GLY D 280 -6.81 82.83 12.19
CA GLY D 280 -7.01 84.14 12.77
C GLY D 280 -6.09 84.48 13.93
N ASP D 281 -6.57 85.34 14.84
CA ASP D 281 -5.84 85.66 16.05
C ASP D 281 -5.87 84.42 16.97
N VAL D 282 -4.79 84.17 17.69
CA VAL D 282 -4.81 83.06 18.64
C VAL D 282 -5.12 83.60 20.03
N LYS D 283 -6.26 83.17 20.58
CA LYS D 283 -6.70 83.68 21.87
C LYS D 283 -6.49 82.67 23.00
N LYS D 284 -6.51 81.38 22.67
CA LYS D 284 -6.24 80.35 23.67
C LYS D 284 -5.29 79.29 23.12
N LYS D 285 -4.34 78.87 23.94
CA LYS D 285 -3.39 77.84 23.56
C LYS D 285 -3.59 76.67 24.50
N ILE D 286 -3.68 75.47 23.93
CA ILE D 286 -3.99 74.26 24.69
C ILE D 286 -3.00 73.14 24.33
N ALA D 287 -2.50 72.43 25.33
CA ALA D 287 -1.74 71.20 25.07
C ALA D 287 -2.57 70.01 25.50
N LEU D 288 -2.77 69.04 24.61
CA LEU D 288 -3.45 67.81 24.98
C LEU D 288 -2.41 66.72 25.02
N VAL D 289 -2.36 65.98 26.13
CA VAL D 289 -1.29 65.01 26.37
C VAL D 289 -1.85 63.62 26.59
N GLY D 290 -1.44 62.67 25.76
CA GLY D 290 -1.98 61.33 25.85
C GLY D 290 -0.92 60.32 26.26
N LYS D 291 -1.24 59.46 27.23
CA LYS D 291 -0.33 58.38 27.61
C LYS D 291 -0.20 57.43 26.42
N GLY D 292 1.03 57.17 25.99
CA GLY D 292 1.23 56.35 24.81
C GLY D 292 2.12 55.14 25.05
N ILE D 293 1.64 54.19 25.85
CA ILE D 293 2.42 52.98 26.07
C ILE D 293 1.85 51.90 25.16
N THR D 294 2.60 51.54 24.12
CA THR D 294 2.05 50.67 23.07
C THR D 294 1.86 49.24 23.55
N PHE D 295 2.69 48.83 24.50
CA PHE D 295 2.43 47.64 25.30
C PHE D 295 3.01 47.80 26.68
N ASP D 296 2.22 47.46 27.69
CA ASP D 296 2.68 47.57 29.05
C ASP D 296 2.79 46.17 29.62
N SER D 297 3.98 45.58 29.63
CA SER D 297 4.17 44.25 30.23
C SER D 297 4.27 44.37 31.74
N GLY D 298 4.48 45.61 32.20
CA GLY D 298 4.77 45.87 33.59
C GLY D 298 6.27 46.02 33.86
N GLY D 299 7.10 45.60 32.92
CA GLY D 299 8.55 45.61 33.13
C GLY D 299 8.95 44.56 34.15
N TYR D 300 10.08 44.74 34.82
CA TYR D 300 10.50 43.76 35.84
C TYR D 300 9.44 43.56 36.90
N ASN D 301 8.62 44.57 37.16
CA ASN D 301 7.41 44.35 37.96
C ASN D 301 6.32 43.77 37.05
N LEU D 302 6.61 42.60 36.48
CA LEU D 302 5.76 41.97 35.47
C LEU D 302 4.30 41.81 35.90
N LYS D 303 3.39 42.01 34.95
CA LYS D 303 1.98 41.75 35.19
C LYS D 303 1.72 40.24 35.21
N ALA D 304 1.88 39.65 36.39
CA ALA D 304 1.78 38.21 36.56
C ALA D 304 0.71 37.89 37.60
N ALA D 305 0.27 38.90 38.34
CA ALA D 305 -0.74 38.68 39.37
C ALA D 305 -2.09 38.38 38.72
N PRO D 306 -2.93 37.57 39.39
CA PRO D 306 -4.29 37.32 38.89
C PRO D 306 -5.03 38.62 38.71
N GLY D 307 -5.74 38.78 37.60
CA GLY D 307 -6.46 40.01 37.34
C GLY D 307 -5.66 41.14 36.69
N SER D 308 -4.35 40.96 36.53
CA SER D 308 -3.54 42.05 35.97
C SER D 308 -3.76 42.26 34.47
N MET D 309 -4.44 41.31 33.82
CA MET D 309 -4.87 41.44 32.42
C MET D 309 -3.79 41.82 31.42
N ILE D 310 -2.71 41.05 31.38
CA ILE D 310 -1.59 41.39 30.53
C ILE D 310 -1.99 41.38 29.06
N ASP D 311 -2.97 40.55 28.71
CA ASP D 311 -3.38 40.41 27.31
C ASP D 311 -4.11 41.66 26.80
N LEU D 312 -4.52 42.53 27.71
CA LEU D 312 -5.27 43.74 27.36
C LEU D 312 -4.32 44.92 27.12
N MET D 313 -3.05 44.74 27.44
CA MET D 313 -2.15 45.89 27.58
C MET D 313 -1.71 46.59 26.30
N LYS D 314 -2.10 46.08 25.14
CA LYS D 314 -2.04 46.88 23.92
C LYS D 314 -2.89 48.15 24.03
N PHE D 315 -3.82 48.18 24.99
CA PHE D 315 -4.71 49.34 25.11
C PHE D 315 -4.08 50.51 25.88
N ASP D 316 -2.84 50.34 26.32
CA ASP D 316 -2.21 51.34 27.18
C ASP D 316 -1.75 52.61 26.45
N MET D 317 -2.04 52.69 25.16
CA MET D 317 -1.84 53.93 24.42
C MET D 317 -3.20 54.57 24.11
N SER D 318 -4.23 54.20 24.87
CA SER D 318 -5.58 54.75 24.67
C SER D 318 -5.59 56.26 24.79
N GLY D 319 -4.76 56.78 25.69
CA GLY D 319 -4.65 58.22 25.86
C GLY D 319 -4.13 58.87 24.60
N CYS D 320 -3.05 58.30 24.06
CA CYS D 320 -2.48 58.78 22.81
C CYS D 320 -3.52 58.70 21.68
N ALA D 321 -4.24 57.59 21.60
CA ALA D 321 -5.26 57.43 20.55
C ALA D 321 -6.37 58.48 20.63
N ALA D 322 -6.79 58.83 21.85
CA ALA D 322 -7.88 59.81 22.02
C ALA D 322 -7.43 61.22 21.60
N VAL D 323 -6.16 61.51 21.86
CA VAL D 323 -5.56 62.77 21.46
C VAL D 323 -5.43 62.86 19.94
N LEU D 324 -5.06 61.74 19.31
CA LEU D 324 -4.94 61.74 17.85
C LEU D 324 -6.33 61.78 17.20
N GLY D 325 -7.30 61.11 17.80
CA GLY D 325 -8.66 61.19 17.30
C GLY D 325 -9.15 62.61 17.40
N CYS D 326 -8.82 63.26 18.52
CA CYS D 326 -9.17 64.67 18.68
C CYS D 326 -8.54 65.54 17.60
N ALA D 327 -7.26 65.31 17.31
CA ALA D 327 -6.60 66.03 16.21
C ALA D 327 -7.36 65.84 14.90
N TYR D 328 -7.91 64.64 14.68
CA TYR D 328 -8.69 64.43 13.47
C TYR D 328 -9.91 65.36 13.46
N CYS D 329 -10.68 65.35 14.55
CA CYS D 329 -11.91 66.17 14.62
C CYS D 329 -11.58 67.66 14.54
N VAL D 330 -10.50 68.06 15.19
CA VAL D 330 -10.13 69.47 15.23
C VAL D 330 -9.62 69.96 13.86
N GLY D 331 -8.79 69.14 13.23
CA GLY D 331 -8.22 69.48 11.94
C GLY D 331 -9.29 69.48 10.86
N THR D 332 -10.37 68.75 11.12
CA THR D 332 -11.50 68.68 10.19
C THR D 332 -12.50 69.81 10.41
N LEU D 333 -12.82 70.10 11.66
CA LEU D 333 -13.83 71.11 11.96
C LEU D 333 -13.26 72.53 11.97
N LYS D 334 -11.95 72.63 12.15
CA LYS D 334 -11.22 73.89 12.06
C LYS D 334 -11.77 75.04 12.92
N PRO D 335 -11.73 74.89 14.25
CA PRO D 335 -12.19 75.96 15.15
C PRO D 335 -11.33 77.22 15.03
N GLU D 336 -11.91 78.37 15.37
CA GLU D 336 -11.20 79.64 15.27
C GLU D 336 -10.53 80.02 16.58
N ASN D 337 -9.60 80.96 16.49
CA ASN D 337 -9.00 81.57 17.67
C ASN D 337 -8.25 80.62 18.61
N VAL D 338 -7.86 79.45 18.14
CA VAL D 338 -7.12 78.52 19.01
C VAL D 338 -5.84 77.96 18.40
N GLU D 339 -4.93 77.57 19.27
CA GLU D 339 -3.75 76.82 18.89
C GLU D 339 -3.66 75.59 19.80
N ILE D 340 -3.74 74.41 19.21
CA ILE D 340 -3.77 73.17 19.98
C ILE D 340 -2.53 72.34 19.70
N HIS D 341 -1.87 71.90 20.76
CA HIS D 341 -0.74 70.97 20.66
C HIS D 341 -1.18 69.57 21.10
N PHE D 342 -0.96 68.60 20.22
CA PHE D 342 -1.35 67.23 20.48
C PHE D 342 -0.07 66.46 20.75
N LEU D 343 0.12 66.02 21.98
CA LEU D 343 1.40 65.47 22.41
C LEU D 343 1.26 64.03 22.92
N SER D 344 2.30 63.22 22.70
CA SER D 344 2.38 61.90 23.35
C SER D 344 3.82 61.38 23.38
N ALA D 345 4.29 61.05 24.57
CA ALA D 345 5.59 60.42 24.74
C ALA D 345 5.40 58.90 24.59
N VAL D 346 5.58 58.41 23.37
CA VAL D 346 5.26 57.04 23.02
C VAL D 346 6.46 56.13 23.26
N CYS D 347 6.22 54.99 23.90
CA CYS D 347 7.27 54.00 24.12
C CYS D 347 6.60 52.68 24.48
N GLU D 348 7.43 51.66 24.70
CA GLU D 348 6.93 50.34 25.06
C GLU D 348 7.66 49.80 26.31
N ASN D 349 6.91 49.22 27.26
CA ASN D 349 7.44 48.85 28.58
C ASN D 349 7.72 47.35 28.69
N MET D 350 9.00 46.98 28.57
CA MET D 350 9.37 45.59 28.34
C MET D 350 10.43 45.04 29.30
N VAL D 351 10.64 43.73 29.24
CA VAL D 351 11.61 43.06 30.12
C VAL D 351 12.81 42.63 29.32
N SER D 352 13.99 43.05 29.75
CA SER D 352 15.19 42.91 28.93
C SER D 352 16.39 43.05 29.84
N LYS D 353 17.56 42.64 29.36
CA LYS D 353 18.82 43.00 30.02
C LYS D 353 18.95 44.54 30.09
N ASN D 354 18.25 45.21 29.18
CA ASN D 354 18.36 46.67 29.01
C ASN D 354 17.34 47.49 29.78
N SER D 355 16.37 46.82 30.40
CA SER D 355 15.25 47.52 31.04
C SER D 355 15.69 48.33 32.25
N TYR D 356 14.93 49.36 32.60
CA TYR D 356 15.10 49.97 33.92
C TYR D 356 14.62 49.02 35.02
N ARG D 357 15.14 49.22 36.22
CA ARG D 357 14.88 48.30 37.35
C ARG D 357 14.07 48.96 38.44
N PRO D 358 13.27 48.16 39.18
CA PRO D 358 12.71 48.68 40.43
C PRO D 358 13.87 49.19 41.28
N GLY D 359 13.71 50.40 41.83
CA GLY D 359 14.73 50.99 42.66
C GLY D 359 15.62 52.00 41.95
N ASP D 360 15.69 51.95 40.62
CA ASP D 360 16.52 52.88 39.86
C ASP D 360 16.11 54.33 40.18
N ILE D 361 17.08 55.23 40.26
CA ILE D 361 16.78 56.64 40.40
C ILE D 361 17.11 57.31 39.09
N ILE D 362 16.11 57.95 38.49
CA ILE D 362 16.21 58.55 37.18
C ILE D 362 15.87 60.05 37.28
N THR D 363 16.34 60.85 36.32
CA THR D 363 16.19 62.30 36.40
C THR D 363 15.29 62.83 35.29
N ALA D 364 14.25 63.54 35.68
CA ALA D 364 13.31 64.09 34.72
C ALA D 364 13.85 65.37 34.09
N SER D 365 13.21 65.80 33.01
CA SER D 365 13.70 66.95 32.25
C SER D 365 13.63 68.27 33.01
N ASN D 366 12.89 68.32 34.12
CA ASN D 366 12.89 69.53 34.92
C ASN D 366 13.89 69.45 36.07
N GLY D 367 14.75 68.43 36.03
CA GLY D 367 15.80 68.27 37.03
C GLY D 367 15.42 67.44 38.25
N LYS D 368 14.16 67.04 38.36
CA LYS D 368 13.73 66.25 39.52
C LYS D 368 14.17 64.79 39.43
N THR D 369 14.82 64.32 40.48
CA THR D 369 15.18 62.91 40.55
C THR D 369 14.02 62.11 41.12
N ILE D 370 13.79 60.94 40.55
CA ILE D 370 12.63 60.09 40.86
C ILE D 370 13.10 58.70 41.25
N GLU D 371 12.63 58.21 42.39
CA GLU D 371 12.94 56.85 42.78
C GLU D 371 11.84 55.93 42.28
N VAL D 372 12.22 55.02 41.38
CA VAL D 372 11.26 54.08 40.80
C VAL D 372 10.92 53.00 41.81
N GLY D 373 9.69 52.96 42.30
CA GLY D 373 9.27 51.95 43.26
C GLY D 373 8.66 50.73 42.59
N ASN D 374 8.19 50.91 41.36
CA ASN D 374 7.53 49.85 40.62
C ASN D 374 7.56 50.16 39.14
N THR D 375 8.20 49.30 38.36
CA THR D 375 8.33 49.56 36.92
C THR D 375 7.00 49.50 36.18
N ASP D 376 5.97 48.99 36.83
CA ASP D 376 4.62 48.94 36.26
C ASP D 376 3.85 50.26 36.51
N ALA D 377 4.48 51.22 37.18
CA ALA D 377 3.93 52.58 37.25
C ALA D 377 4.62 53.48 36.23
N GLU D 378 4.78 52.96 35.01
CA GLU D 378 5.60 53.61 33.99
C GLU D 378 4.90 54.81 33.35
N GLY D 379 3.56 54.80 33.39
CA GLY D 379 2.79 55.81 32.69
C GLY D 379 3.12 57.20 33.20
N ARG D 380 3.10 57.35 34.51
CA ARG D 380 3.30 58.65 35.12
C ARG D 380 4.70 59.19 34.86
N LEU D 381 5.65 58.28 34.60
CA LEU D 381 7.03 58.69 34.29
C LEU D 381 7.09 59.31 32.90
N THR D 382 6.43 58.68 31.93
CA THR D 382 6.40 59.25 30.58
C THR D 382 5.63 60.56 30.56
N LEU D 383 4.51 60.59 31.29
CA LEU D 383 3.70 61.79 31.39
C LEU D 383 4.46 62.96 32.03
N ALA D 384 5.30 62.67 33.03
CA ALA D 384 6.05 63.69 33.73
C ALA D 384 6.89 64.51 32.74
N ASP D 385 7.61 63.80 31.87
CA ASP D 385 8.42 64.51 30.89
C ASP D 385 7.56 65.18 29.82
N ALA D 386 6.40 64.58 29.53
CA ALA D 386 5.48 65.16 28.53
C ALA D 386 4.88 66.46 29.07
N LEU D 387 4.57 66.47 30.36
CA LEU D 387 4.02 67.65 31.01
C LEU D 387 5.05 68.78 31.08
N VAL D 388 6.28 68.46 31.42
CA VAL D 388 7.37 69.44 31.39
C VAL D 388 7.49 70.01 29.97
N TYR D 389 7.45 69.13 28.98
CA TYR D 389 7.51 69.57 27.58
C TYR D 389 6.31 70.47 27.24
N ALA D 390 5.12 70.07 27.69
CA ALA D 390 3.92 70.87 27.40
C ALA D 390 3.96 72.26 28.04
N GLU D 391 4.33 72.36 29.31
CA GLU D 391 4.36 73.67 29.96
C GLU D 391 5.36 74.64 29.30
N LYS D 392 6.44 74.11 28.75
CA LYS D 392 7.42 74.94 28.05
C LYS D 392 6.82 75.58 26.81
N LEU D 393 5.74 75.00 26.28
CA LEU D 393 5.10 75.55 25.09
C LEU D 393 4.39 76.87 25.38
N GLY D 394 4.21 77.18 26.66
CA GLY D 394 3.53 78.41 27.07
C GLY D 394 2.06 78.44 26.72
N VAL D 395 1.31 77.47 27.26
CA VAL D 395 -0.10 77.34 26.93
C VAL D 395 -0.97 77.82 28.08
N ASP D 396 -2.26 77.96 27.82
CA ASP D 396 -3.20 78.37 28.87
C ASP D 396 -3.72 77.16 29.67
N TYR D 397 -3.93 76.03 28.99
CA TYR D 397 -4.43 74.81 29.62
C TYR D 397 -3.60 73.59 29.20
N ILE D 398 -3.33 72.71 30.14
CA ILE D 398 -2.74 71.42 29.81
C ILE D 398 -3.75 70.36 30.27
N VAL D 399 -4.18 69.49 29.37
CA VAL D 399 -5.06 68.39 29.74
C VAL D 399 -4.41 67.10 29.33
N ASP D 400 -4.17 66.19 30.27
CA ASP D 400 -3.63 64.89 29.92
C ASP D 400 -4.73 63.85 30.05
N ILE D 401 -4.67 62.81 29.23
CA ILE D 401 -5.63 61.72 29.29
C ILE D 401 -4.87 60.41 29.24
N ALA D 402 -5.20 59.47 30.12
CA ALA D 402 -4.34 58.31 30.30
C ALA D 402 -5.03 57.14 30.98
N THR D 403 -4.75 55.92 30.51
CA THR D 403 -5.13 54.70 31.23
C THR D 403 -4.16 54.48 32.38
N LEU D 404 -4.29 55.27 33.44
CA LEU D 404 -3.18 55.36 34.38
C LEU D 404 -3.22 54.36 35.53
N THR D 405 -4.39 54.15 36.12
CA THR D 405 -4.48 53.37 37.36
C THR D 405 -5.65 52.37 37.39
N GLY D 406 -5.33 51.10 37.63
CA GLY D 406 -6.33 50.05 37.76
C GLY D 406 -7.36 50.32 38.84
N ALA D 407 -6.97 51.09 39.85
CA ALA D 407 -7.88 51.46 40.95
C ALA D 407 -9.17 52.13 40.48
N MET D 408 -9.16 52.74 39.29
CA MET D 408 -10.35 53.41 38.77
C MET D 408 -11.53 52.44 38.70
N LEU D 409 -11.22 51.17 38.48
CA LEU D 409 -12.24 50.13 38.47
C LEU D 409 -12.93 50.00 39.81
N TYR D 410 -12.22 50.33 40.89
CA TYR D 410 -12.81 50.20 42.22
C TYR D 410 -13.41 51.51 42.71
N SER D 411 -13.12 52.60 42.00
CA SER D 411 -13.70 53.89 42.38
C SER D 411 -14.91 54.22 41.52
N LEU D 412 -14.70 54.46 40.23
CA LEU D 412 -15.79 54.87 39.34
C LEU D 412 -16.26 53.73 38.45
N GLY D 413 -15.40 52.72 38.29
CA GLY D 413 -15.74 51.56 37.49
C GLY D 413 -15.52 51.77 36.01
N THR D 414 -16.37 51.14 35.21
CA THR D 414 -16.17 51.06 33.77
C THR D 414 -16.94 52.09 32.96
N SER D 415 -17.80 52.87 33.62
CA SER D 415 -18.65 53.84 32.90
C SER D 415 -18.13 55.28 32.93
N TYR D 416 -17.67 55.73 34.09
CA TYR D 416 -17.26 57.12 34.27
C TYR D 416 -15.75 57.22 34.46
N ALA D 417 -15.10 58.10 33.69
CA ALA D 417 -13.67 58.40 33.88
C ALA D 417 -13.52 59.33 35.08
N GLY D 418 -12.32 59.44 35.64
CA GLY D 418 -12.06 60.41 36.69
C GLY D 418 -11.32 61.62 36.16
N VAL D 419 -11.69 62.81 36.64
CA VAL D 419 -10.88 63.99 36.35
C VAL D 419 -10.30 64.57 37.63
N PHE D 420 -9.01 64.85 37.60
CA PHE D 420 -8.29 65.47 38.71
C PHE D 420 -7.63 66.72 38.13
N GLY D 421 -7.37 67.72 38.95
CA GLY D 421 -6.74 68.91 38.41
C GLY D 421 -6.28 69.88 39.47
N ASN D 422 -5.54 70.91 39.05
CA ASN D 422 -5.06 71.94 39.96
C ASN D 422 -5.81 73.28 39.81
N ASN D 423 -6.85 73.27 38.99
CA ASN D 423 -7.58 74.50 38.64
C ASN D 423 -9.08 74.22 38.48
N GLU D 424 -9.90 74.84 39.32
CA GLU D 424 -11.34 74.55 39.33
C GLU D 424 -12.05 74.95 38.04
N GLU D 425 -11.65 76.08 37.46
CA GLU D 425 -12.24 76.56 36.20
C GLU D 425 -12.01 75.54 35.11
N LEU D 426 -10.79 75.03 35.02
CA LEU D 426 -10.47 74.03 34.01
C LEU D 426 -11.27 72.75 34.24
N ILE D 427 -11.33 72.30 35.49
CA ILE D 427 -12.11 71.11 35.82
C ILE D 427 -13.60 71.27 35.40
N ASN D 428 -14.21 72.40 35.77
CA ASN D 428 -15.58 72.69 35.34
C ASN D 428 -15.78 72.71 33.83
N LYS D 429 -14.77 73.20 33.10
CA LYS D 429 -14.82 73.16 31.64
C LYS D 429 -14.83 71.72 31.11
N ILE D 430 -13.98 70.87 31.69
CA ILE D 430 -13.97 69.45 31.36
C ILE D 430 -15.32 68.81 31.68
N LEU D 431 -15.89 69.14 32.83
CA LEU D 431 -17.17 68.57 33.22
C LEU D 431 -18.26 69.02 32.26
N GLN D 432 -18.20 70.28 31.81
CA GLN D 432 -19.18 70.75 30.84
C GLN D 432 -19.01 70.02 29.51
N SER D 433 -17.77 69.76 29.11
CA SER D 433 -17.50 69.01 27.89
C SER D 433 -17.94 67.56 28.03
N SER D 434 -17.88 67.04 29.26
CA SER D 434 -18.42 65.71 29.52
C SER D 434 -19.90 65.68 29.25
N LYS D 435 -20.60 66.70 29.72
CA LYS D 435 -22.06 66.78 29.55
C LYS D 435 -22.44 66.83 28.08
N THR D 436 -21.78 67.69 27.31
CA THR D 436 -22.19 67.86 25.91
C THR D 436 -21.69 66.77 24.97
N SER D 437 -20.57 66.14 25.31
CA SER D 437 -20.07 65.01 24.52
C SER D 437 -20.75 63.70 24.90
N ASN D 438 -21.39 63.68 26.06
CA ASN D 438 -21.98 62.46 26.62
C ASN D 438 -20.95 61.35 26.88
N GLU D 439 -19.72 61.75 27.19
CA GLU D 439 -18.70 60.84 27.68
C GLU D 439 -18.50 61.16 29.17
N PRO D 440 -19.05 60.31 30.05
CA PRO D 440 -19.19 60.68 31.47
C PRO D 440 -17.87 60.70 32.25
N VAL D 441 -17.73 61.75 33.05
CA VAL D 441 -16.52 62.01 33.83
C VAL D 441 -16.99 62.51 35.20
N TRP D 442 -16.24 62.17 36.26
CA TRP D 442 -16.54 62.64 37.60
C TRP D 442 -15.30 63.26 38.20
N TRP D 443 -15.49 64.41 38.85
CA TRP D 443 -14.40 65.12 39.52
C TRP D 443 -13.96 64.36 40.80
N LEU D 444 -12.68 63.99 40.86
CA LEU D 444 -12.13 63.35 42.04
C LEU D 444 -11.04 64.27 42.63
N PRO D 445 -10.83 64.20 43.96
CA PRO D 445 -9.96 65.19 44.59
C PRO D 445 -8.48 64.83 44.54
N ILE D 446 -7.64 65.84 44.39
CA ILE D 446 -6.22 65.68 44.63
C ILE D 446 -5.99 66.00 46.11
N ILE D 447 -5.85 64.96 46.93
CA ILE D 447 -5.79 65.16 48.39
C ILE D 447 -4.37 65.40 48.89
N ASN D 448 -4.09 66.65 49.28
CA ASN D 448 -2.74 67.09 49.62
C ASN D 448 -2.09 66.36 50.77
N GLU D 449 -2.92 65.86 51.68
CA GLU D 449 -2.42 65.17 52.86
C GLU D 449 -1.63 63.90 52.47
N TYR D 450 -1.90 63.37 51.29
CA TYR D 450 -1.22 62.17 50.84
C TYR D 450 0.14 62.46 50.21
N ARG D 451 0.45 63.72 49.95
CA ARG D 451 1.69 64.08 49.25
C ARG D 451 2.94 63.58 49.96
N ALA D 452 2.93 63.63 51.29
CA ALA D 452 4.07 63.17 52.10
C ALA D 452 4.49 61.74 51.78
N THR D 453 3.54 60.90 51.32
CA THR D 453 3.87 59.51 51.01
C THR D 453 4.80 59.40 49.79
N LEU D 454 4.92 60.50 49.01
CA LEU D 454 5.84 60.52 47.88
C LEU D 454 7.24 61.03 48.24
N ASN D 455 7.50 61.27 49.52
CA ASN D 455 8.84 61.75 49.92
C ASN D 455 9.86 60.61 49.96
N SER D 456 10.72 60.55 48.96
CA SER D 456 11.79 59.56 48.89
C SER D 456 12.91 59.84 49.89
N LYS D 457 13.50 58.78 50.42
CA LYS D 457 14.65 58.91 51.30
C LYS D 457 15.88 59.43 50.53
N TYR D 458 15.98 59.06 49.25
CA TYR D 458 17.19 59.34 48.49
C TYR D 458 16.96 60.33 47.35
N ALA D 459 15.86 60.16 46.63
CA ALA D 459 15.57 61.00 45.47
C ALA D 459 14.72 62.20 45.87
N ASP D 460 14.46 63.10 44.93
CA ASP D 460 13.61 64.25 45.21
C ASP D 460 12.20 63.80 45.52
N ILE D 461 11.75 62.77 44.81
CA ILE D 461 10.38 62.28 44.96
C ILE D 461 10.30 60.80 44.62
N ASN D 462 9.32 60.11 45.22
CA ASN D 462 8.97 58.74 44.90
C ASN D 462 7.99 58.70 43.73
N GLN D 463 8.13 57.69 42.88
CA GLN D 463 7.19 57.40 41.82
C GLN D 463 5.83 56.90 42.35
N ILE D 464 5.85 56.06 43.38
CA ILE D 464 4.63 55.52 43.97
C ILE D 464 4.64 55.62 45.50
N SER D 465 3.47 55.37 46.09
CA SER D 465 3.39 55.26 47.53
C SER D 465 3.76 53.86 47.97
N SER D 466 4.31 53.73 49.18
CA SER D 466 4.43 52.42 49.78
C SER D 466 3.10 52.10 50.46
N SER D 467 2.59 53.05 51.23
CA SER D 467 1.43 52.83 52.11
C SER D 467 0.03 53.08 51.50
N VAL D 468 -0.19 54.25 50.91
CA VAL D 468 -1.54 54.67 50.46
C VAL D 468 -2.13 53.85 49.30
N LYS D 469 -3.35 53.33 49.49
CA LYS D 469 -4.01 52.54 48.45
C LYS D 469 -4.78 53.37 47.41
N ALA D 470 -5.04 54.64 47.73
CA ALA D 470 -5.73 55.52 46.77
C ALA D 470 -4.78 55.94 45.65
N SER D 471 -4.43 54.97 44.81
CA SER D 471 -3.36 55.19 43.83
C SER D 471 -3.72 56.19 42.76
N SER D 472 -5.02 56.35 42.46
CA SER D 472 -5.40 57.29 41.40
C SER D 472 -5.12 58.73 41.85
N ILE D 473 -5.28 58.96 43.16
CA ILE D 473 -5.00 60.27 43.73
C ILE D 473 -3.49 60.47 43.87
N VAL D 474 -2.80 59.43 44.34
CA VAL D 474 -1.36 59.51 44.48
C VAL D 474 -0.67 59.77 43.14
N ALA D 475 -1.13 59.07 42.10
CA ALA D 475 -0.60 59.28 40.75
C ALA D 475 -0.84 60.72 40.31
N SER D 476 -2.00 61.27 40.65
CA SER D 476 -2.33 62.67 40.31
C SER D 476 -1.39 63.62 41.04
N LEU D 477 -1.11 63.32 42.31
CA LEU D 477 -0.13 64.10 43.08
C LEU D 477 1.26 64.06 42.46
N PHE D 478 1.65 62.90 41.93
CA PHE D 478 2.95 62.79 41.28
C PHE D 478 2.98 63.66 40.03
N LEU D 479 1.95 63.56 39.19
CA LEU D 479 1.90 64.35 37.96
C LEU D 479 1.92 65.84 38.23
N LYS D 480 1.25 66.24 39.31
CA LYS D 480 1.10 67.67 39.61
C LYS D 480 2.45 68.32 39.86
N GLU D 481 3.41 67.51 40.29
CA GLU D 481 4.75 68.01 40.59
C GLU D 481 5.47 68.41 39.30
N PHE D 482 4.89 68.10 38.15
CA PHE D 482 5.56 68.41 36.90
C PHE D 482 4.84 69.51 36.11
N VAL D 483 3.87 70.14 36.78
CA VAL D 483 3.24 71.35 36.26
C VAL D 483 3.44 72.46 37.29
N GLN D 484 4.21 73.49 36.94
CA GLN D 484 4.56 74.49 37.94
C GLN D 484 3.62 75.66 38.05
N ASN D 485 3.16 76.18 36.92
CA ASN D 485 2.35 77.40 36.94
C ASN D 485 1.36 77.51 35.81
N THR D 486 0.70 76.40 35.50
CA THR D 486 -0.26 76.35 34.41
C THR D 486 -1.48 75.55 34.83
N ALA D 487 -2.66 76.02 34.45
CA ALA D 487 -3.90 75.29 34.73
C ALA D 487 -3.83 73.93 34.07
N TRP D 488 -4.10 72.88 34.85
CA TRP D 488 -3.88 71.52 34.39
C TRP D 488 -4.93 70.56 34.93
N ALA D 489 -5.41 69.68 34.05
CA ALA D 489 -6.35 68.63 34.44
C ALA D 489 -5.82 67.30 33.93
N HIS D 490 -6.22 66.22 34.58
CA HIS D 490 -5.74 64.89 34.29
C HIS D 490 -6.95 63.97 34.28
N ILE D 491 -7.13 63.26 33.17
CA ILE D 491 -8.30 62.41 33.00
C ILE D 491 -7.84 60.95 32.97
N ASP D 492 -8.25 60.18 33.96
CA ASP D 492 -7.77 58.80 34.10
C ASP D 492 -8.85 57.87 33.53
N ILE D 493 -8.57 57.30 32.36
CA ILE D 493 -9.56 56.50 31.65
C ILE D 493 -9.28 55.00 31.72
N ALA D 494 -8.44 54.60 32.69
CA ALA D 494 -8.05 53.19 32.87
C ALA D 494 -9.25 52.25 32.96
N GLY D 495 -10.30 52.70 33.61
CA GLY D 495 -11.46 51.85 33.82
C GLY D 495 -12.46 51.88 32.68
N VAL D 496 -12.47 52.97 31.92
CA VAL D 496 -13.51 53.19 30.91
C VAL D 496 -13.08 52.91 29.48
N SER D 497 -11.77 52.81 29.26
CA SER D 497 -11.24 52.76 27.90
C SER D 497 -11.69 51.54 27.09
N TRP D 498 -11.63 50.37 27.72
CA TRP D 498 -11.94 49.12 27.04
C TRP D 498 -13.37 48.64 27.35
N ASN D 499 -14.10 48.26 26.31
CA ASN D 499 -15.43 47.69 26.51
C ASN D 499 -15.32 46.18 26.71
N PHE D 500 -15.23 45.76 27.96
CA PHE D 500 -14.97 44.34 28.26
C PHE D 500 -16.06 43.43 27.71
N LYS D 501 -17.31 43.83 27.89
CA LYS D 501 -18.44 43.05 27.41
C LYS D 501 -18.40 42.84 25.89
N ALA D 502 -18.04 43.87 25.14
CA ALA D 502 -18.04 43.79 23.68
C ALA D 502 -16.66 43.46 23.12
N ARG D 503 -15.67 43.31 24.00
CA ARG D 503 -14.32 42.92 23.59
C ARG D 503 -13.70 43.87 22.57
N LYS D 504 -13.84 45.17 22.78
CA LYS D 504 -13.33 46.18 21.85
C LYS D 504 -13.12 47.52 22.57
N PRO D 505 -12.29 48.42 22.00
CA PRO D 505 -12.09 49.75 22.62
C PRO D 505 -13.37 50.59 22.52
N LYS D 506 -13.45 51.66 23.30
CA LYS D 506 -14.52 52.64 23.17
C LYS D 506 -14.09 53.88 22.36
N GLY D 507 -12.78 54.05 22.18
CA GLY D 507 -12.24 55.29 21.65
C GLY D 507 -12.67 56.42 22.58
N PHE D 508 -12.65 56.15 23.88
CA PHE D 508 -13.10 57.11 24.89
C PHE D 508 -12.20 58.32 24.94
N GLY D 509 -12.82 59.50 24.94
CA GLY D 509 -12.07 60.73 25.16
C GLY D 509 -12.06 61.64 23.96
N VAL D 510 -12.20 61.07 22.77
CA VAL D 510 -12.14 61.86 21.54
C VAL D 510 -13.18 62.99 21.53
N ARG D 511 -14.44 62.63 21.76
CA ARG D 511 -15.51 63.62 21.68
C ARG D 511 -15.44 64.60 22.86
N LEU D 512 -15.00 64.08 24.00
CA LEU D 512 -14.82 64.89 25.21
C LEU D 512 -13.81 66.01 24.98
N LEU D 513 -12.61 65.64 24.53
CA LEU D 513 -11.56 66.61 24.28
C LEU D 513 -11.96 67.59 23.17
N THR D 514 -12.63 67.08 22.15
CA THR D 514 -13.03 67.92 21.02
C THR D 514 -14.05 68.96 21.44
N GLU D 515 -15.02 68.55 22.22
CA GLU D 515 -16.00 69.48 22.76
C GLU D 515 -15.30 70.53 23.63
N PHE D 516 -14.31 70.08 24.40
CA PHE D 516 -13.54 70.99 25.23
C PHE D 516 -12.87 72.08 24.38
N VAL D 517 -12.20 71.68 23.32
CA VAL D 517 -11.49 72.63 22.46
C VAL D 517 -12.46 73.55 21.73
N LEU D 518 -13.57 72.96 21.29
CA LEU D 518 -14.56 73.65 20.45
C LEU D 518 -15.41 74.66 21.19
N ASN D 519 -15.66 74.42 22.48
CA ASN D 519 -16.61 75.26 23.20
C ASN D 519 -16.03 76.06 24.36
N ASP D 520 -14.72 75.95 24.59
CA ASP D 520 -14.08 76.58 25.75
C ASP D 520 -12.65 77.09 25.48
N SER E 3 36.32 48.44 32.57
CA SER E 3 36.30 49.75 33.22
C SER E 3 35.25 50.72 32.64
N GLU E 4 35.00 50.67 31.34
CA GLU E 4 33.96 51.54 30.76
C GLU E 4 32.53 51.00 31.00
N VAL E 5 31.67 51.80 31.63
CA VAL E 5 30.31 51.38 31.97
C VAL E 5 29.38 51.50 30.76
N PRO E 6 28.81 50.37 30.30
CA PRO E 6 27.93 50.47 29.12
C PRO E 6 26.66 51.22 29.47
N GLN E 7 26.12 51.96 28.50
CA GLN E 7 24.87 52.69 28.68
C GLN E 7 23.84 52.24 27.66
N VAL E 8 22.57 52.28 28.02
CA VAL E 8 21.52 52.11 27.03
C VAL E 8 21.21 53.46 26.40
N VAL E 9 21.08 54.49 27.23
CA VAL E 9 20.84 55.85 26.73
C VAL E 9 21.90 56.75 27.32
N SER E 10 22.12 57.90 26.69
CA SER E 10 23.23 58.79 27.08
C SER E 10 23.03 59.34 28.51
N LEU E 11 21.80 59.27 29.00
CA LEU E 11 21.49 59.72 30.36
C LEU E 11 21.81 58.68 31.45
N ASP E 12 22.18 57.48 31.05
CA ASP E 12 22.51 56.44 32.03
C ASP E 12 23.82 56.76 32.73
N PRO E 13 23.82 56.71 34.08
CA PRO E 13 25.02 57.12 34.84
C PRO E 13 26.16 56.14 34.64
N THR E 14 27.39 56.64 34.69
CA THR E 14 28.55 55.81 34.42
C THR E 14 29.46 55.66 35.63
N SER E 15 29.01 56.15 36.79
CA SER E 15 29.73 55.89 38.04
C SER E 15 28.81 56.00 39.25
N ILE E 16 29.23 55.44 40.38
CA ILE E 16 28.50 55.64 41.62
C ILE E 16 29.02 56.92 42.26
N PRO E 17 28.13 57.87 42.57
CA PRO E 17 28.65 59.01 43.34
C PRO E 17 29.06 58.55 44.73
N ILE E 18 30.23 59.02 45.20
CA ILE E 18 30.73 58.66 46.53
C ILE E 18 31.18 59.90 47.26
N GLU E 19 30.74 60.03 48.50
CA GLU E 19 31.18 61.14 49.34
C GLU E 19 32.23 60.59 50.30
N TYR E 20 33.45 61.11 50.23
CA TYR E 20 34.51 60.66 51.14
C TYR E 20 34.67 61.61 52.31
N ASN E 21 34.73 62.90 52.01
CA ASN E 21 34.84 63.93 53.04
C ASN E 21 33.46 64.35 53.52
N THR E 22 33.05 63.84 54.68
CA THR E 22 31.71 64.11 55.19
C THR E 22 31.77 65.15 56.32
N PRO E 23 30.64 65.82 56.61
CA PRO E 23 30.63 66.78 57.73
C PRO E 23 31.05 66.14 59.07
N ILE E 24 30.78 64.86 59.25
CA ILE E 24 31.19 64.16 60.46
C ILE E 24 32.70 64.29 60.66
N HIS E 25 33.46 64.29 59.57
CA HIS E 25 34.91 64.36 59.68
C HIS E 25 35.41 65.71 60.19
N ASP E 26 34.56 66.74 60.14
CA ASP E 26 34.95 68.07 60.61
C ASP E 26 34.57 68.30 62.07
N ILE E 27 34.00 67.30 62.72
CA ILE E 27 33.56 67.47 64.09
C ILE E 27 34.75 67.27 65.04
N LYS E 28 35.06 68.30 65.82
CA LYS E 28 36.08 68.17 66.86
C LYS E 28 35.45 67.60 68.13
N VAL E 29 36.02 66.49 68.60
CA VAL E 29 35.48 65.79 69.76
C VAL E 29 36.41 65.93 70.95
N GLN E 30 35.85 66.30 72.09
CA GLN E 30 36.60 66.40 73.33
C GLN E 30 35.92 65.56 74.39
N VAL E 31 36.69 64.78 75.12
CA VAL E 31 36.13 63.97 76.21
C VAL E 31 36.67 64.50 77.53
N TYR E 32 35.76 64.84 78.44
CA TYR E 32 36.11 65.36 79.76
C TYR E 32 35.62 64.38 80.82
N ASP E 33 36.28 64.38 81.98
CA ASP E 33 35.80 63.58 83.10
C ASP E 33 34.69 64.36 83.80
N ILE E 34 33.68 63.64 84.27
CA ILE E 34 32.55 64.27 84.97
C ILE E 34 33.00 64.93 86.27
N LYS E 35 33.97 64.31 86.92
CA LYS E 35 34.56 64.88 88.13
C LYS E 35 35.15 66.24 87.78
N GLY E 36 34.79 67.26 88.56
CA GLY E 36 35.18 68.62 88.25
C GLY E 36 33.96 69.44 87.83
N GLY E 37 32.87 68.74 87.51
CA GLY E 37 31.64 69.39 87.08
C GLY E 37 31.56 69.59 85.58
N CYS E 38 30.34 69.77 85.07
CA CYS E 38 30.15 70.02 83.64
C CYS E 38 29.92 71.50 83.40
N ASN E 39 30.65 72.08 82.45
CA ASN E 39 30.37 73.44 82.03
C ASN E 39 29.27 73.45 80.94
N VAL E 40 28.37 74.41 81.02
CA VAL E 40 27.29 74.56 80.04
C VAL E 40 27.37 75.98 79.50
N GLU E 41 28.04 76.14 78.37
CA GLU E 41 28.34 77.48 77.84
C GLU E 41 27.60 77.78 76.56
N GLU E 42 27.35 76.76 75.74
CA GLU E 42 26.75 76.97 74.42
C GLU E 42 26.14 75.71 73.84
N GLY E 43 25.40 75.89 72.74
CA GLY E 43 24.84 74.80 71.98
C GLY E 43 23.84 73.99 72.79
N LEU E 44 23.83 72.67 72.57
CA LEU E 44 22.91 71.76 73.24
C LEU E 44 23.69 70.84 74.17
N THR E 45 23.17 70.66 75.38
CA THR E 45 23.74 69.72 76.35
C THR E 45 22.67 68.71 76.75
N ILE E 46 22.98 67.44 76.57
CA ILE E 46 22.00 66.36 76.78
C ILE E 46 22.55 65.39 77.80
N PHE E 47 21.78 65.12 78.85
CA PHE E 47 22.13 64.11 79.83
C PHE E 47 21.53 62.77 79.48
N LEU E 48 22.34 61.72 79.53
CA LEU E 48 21.85 60.37 79.34
C LEU E 48 21.55 59.81 80.72
N VAL E 49 20.27 59.53 80.97
CA VAL E 49 19.78 59.29 82.32
C VAL E 49 18.90 58.04 82.38
N ASN E 50 19.13 57.18 83.36
CA ASN E 50 18.24 56.05 83.60
C ASN E 50 17.60 56.14 84.98
N ASN E 51 16.78 55.14 85.32
CA ASN E 51 16.28 55.02 86.68
C ASN E 51 16.10 53.54 87.00
N PRO E 52 17.14 52.92 87.56
CA PRO E 52 17.13 51.48 87.78
C PRO E 52 15.97 51.02 88.67
N GLY E 53 15.30 49.95 88.24
CA GLY E 53 14.15 49.45 88.97
C GLY E 53 12.87 50.20 88.64
N LYS E 54 12.85 51.51 88.93
CA LYS E 54 11.68 52.35 88.71
C LYS E 54 11.37 52.51 87.24
N GLU E 55 10.56 51.60 86.70
CA GLU E 55 10.13 51.64 85.29
C GLU E 55 9.37 52.92 84.96
N ASN E 56 9.75 53.59 83.87
CA ASN E 56 9.22 54.91 83.54
C ASN E 56 9.39 55.89 84.71
N GLY E 57 10.45 55.69 85.47
CA GLY E 57 10.70 56.50 86.65
C GLY E 57 11.05 57.94 86.28
N PRO E 58 11.13 58.80 87.30
CA PRO E 58 11.43 60.22 87.10
C PRO E 58 12.88 60.43 86.70
N VAL E 59 13.14 61.54 86.01
CA VAL E 59 14.50 61.95 85.66
C VAL E 59 15.13 62.65 86.84
N LYS E 60 16.37 62.30 87.15
CA LYS E 60 17.13 62.93 88.21
C LYS E 60 18.57 63.06 87.70
N ILE E 61 19.10 64.27 87.72
CA ILE E 61 20.46 64.54 87.24
C ILE E 61 21.42 64.54 88.43
N SER E 62 22.42 63.66 88.40
CA SER E 62 23.38 63.63 89.50
C SER E 62 24.66 64.45 89.28
N SER E 63 24.98 64.81 88.03
CA SER E 63 26.22 65.55 87.75
C SER E 63 26.14 67.01 88.20
N LYS E 64 27.22 67.47 88.84
CA LYS E 64 27.38 68.89 89.14
C LYS E 64 27.53 69.69 87.84
N VAL E 65 26.78 70.78 87.72
CA VAL E 65 26.90 71.66 86.57
C VAL E 65 27.42 73.01 87.02
N ASN E 66 28.47 73.50 86.38
CA ASN E 66 29.12 74.75 86.82
C ASN E 66 28.46 76.02 86.26
N ASP E 67 27.14 76.01 86.20
CA ASP E 67 26.37 77.18 85.78
C ASP E 67 25.16 77.24 86.70
N LYS E 68 24.94 78.39 87.34
CA LYS E 68 23.86 78.50 88.31
C LYS E 68 22.44 78.48 87.71
N GLN E 69 22.25 79.15 86.57
CA GLN E 69 20.94 79.11 85.91
C GLN E 69 20.60 77.69 85.47
N VAL E 70 21.55 77.02 84.84
CA VAL E 70 21.28 75.68 84.35
C VAL E 70 21.09 74.68 85.51
N SER E 71 21.87 74.86 86.58
CA SER E 71 21.73 74.04 87.77
C SER E 71 20.31 74.13 88.33
N GLU E 72 19.76 75.34 88.31
CA GLU E 72 18.41 75.55 88.81
C GLU E 72 17.40 74.82 87.93
N PHE E 73 17.59 74.92 86.61
CA PHE E 73 16.75 74.18 85.67
C PHE E 73 16.79 72.69 85.98
N LEU E 74 17.97 72.18 86.30
CA LEU E 74 18.16 70.75 86.50
C LEU E 74 17.84 70.25 87.92
N LYS E 75 17.19 71.08 88.73
CA LYS E 75 16.83 70.67 90.09
C LYS E 75 15.86 69.49 90.05
N ASP E 76 15.92 68.63 91.06
CA ASP E 76 15.10 67.42 91.12
C ASP E 76 13.63 67.71 90.91
N GLU E 77 13.16 68.79 91.52
CA GLU E 77 11.76 69.16 91.43
C GLU E 77 11.32 69.43 90.00
N ASN E 78 12.21 70.01 89.19
CA ASN E 78 11.91 70.23 87.77
C ASN E 78 12.00 68.98 86.93
N MET E 79 13.09 68.23 87.11
CA MET E 79 13.36 67.09 86.25
C MET E 79 12.40 65.92 86.47
N GLU E 80 11.82 65.83 87.65
CA GLU E 80 10.92 64.73 87.97
C GLU E 80 9.59 64.85 87.22
N LYS E 81 9.40 65.99 86.55
CA LYS E 81 8.22 66.20 85.71
C LYS E 81 8.36 65.33 84.47
N PHE E 82 9.60 64.90 84.22
CA PHE E 82 9.93 64.09 83.05
C PHE E 82 10.27 62.68 83.48
N ASN E 83 10.19 61.73 82.54
CA ASN E 83 10.50 60.33 82.85
C ASN E 83 11.54 59.69 81.93
N VAL E 84 12.09 58.56 82.36
CA VAL E 84 13.24 57.94 81.69
C VAL E 84 12.91 56.83 80.68
N LYS E 85 11.62 56.67 80.36
CA LYS E 85 11.23 55.68 79.37
C LYS E 85 12.17 55.75 78.17
N LEU E 86 12.67 54.59 77.77
CA LEU E 86 13.71 54.46 76.74
C LEU E 86 13.43 55.32 75.51
N GLY E 87 14.31 56.29 75.27
CA GLY E 87 14.25 57.09 74.05
C GLY E 87 13.42 58.35 74.18
N THR E 88 12.71 58.48 75.30
CA THR E 88 11.94 59.72 75.55
C THR E 88 12.92 60.85 75.80
N SER E 89 12.64 62.01 75.23
CA SER E 89 13.50 63.17 75.43
C SER E 89 12.72 64.47 75.63
N LYS E 90 13.34 65.41 76.32
CA LYS E 90 12.87 66.79 76.36
C LYS E 90 14.11 67.67 76.26
N HIS E 91 13.99 68.83 75.64
CA HIS E 91 15.05 69.83 75.69
C HIS E 91 14.47 71.23 75.68
N PHE E 92 15.10 72.14 76.44
CA PHE E 92 14.62 73.50 76.65
C PHE E 92 15.67 74.53 76.32
N TYR E 93 15.26 75.63 75.69
CA TYR E 93 16.15 76.78 75.52
C TYR E 93 16.06 77.73 76.72
N MET E 94 17.20 78.26 77.14
CA MET E 94 17.28 79.15 78.29
C MET E 94 18.56 79.99 78.26
N PHE E 95 18.62 81.00 79.10
CA PHE E 95 19.85 81.77 79.22
C PHE E 95 20.68 81.22 80.36
N ASN E 96 21.98 81.03 80.16
CA ASN E 96 22.88 80.59 81.22
C ASN E 96 23.40 81.79 82.00
N ASP E 97 24.44 81.60 82.82
CA ASP E 97 24.95 82.67 83.68
C ASP E 97 25.48 83.87 82.90
N ASN E 98 25.91 83.63 81.68
CA ASN E 98 26.48 84.70 80.86
C ASN E 98 25.46 85.37 79.96
N LYS E 99 24.17 85.09 80.18
CA LYS E 99 23.11 85.51 79.26
C LYS E 99 23.34 85.02 77.83
N ASN E 100 23.97 83.85 77.70
CA ASN E 100 24.11 83.18 76.41
C ASN E 100 23.02 82.13 76.24
N SER E 101 22.45 82.06 75.05
CA SER E 101 21.45 81.04 74.74
C SER E 101 22.07 79.64 74.74
N VAL E 102 21.54 78.77 75.59
CA VAL E 102 21.91 77.36 75.61
C VAL E 102 20.65 76.51 75.62
N ALA E 103 20.76 75.28 75.11
CA ALA E 103 19.64 74.33 75.19
C ALA E 103 20.09 73.16 76.04
N VAL E 104 19.21 72.69 76.94
CA VAL E 104 19.57 71.64 77.89
C VAL E 104 18.43 70.64 77.96
N GLY E 105 18.76 69.35 77.98
CA GLY E 105 17.73 68.33 78.06
C GLY E 105 18.32 66.99 78.38
N TYR E 106 17.55 65.94 78.13
CA TYR E 106 17.97 64.60 78.48
C TYR E 106 17.42 63.62 77.46
N VAL E 107 17.99 62.41 77.43
CA VAL E 107 17.40 61.29 76.70
C VAL E 107 17.23 60.17 77.71
N GLY E 108 16.03 59.61 77.80
CA GLY E 108 15.76 58.57 78.78
C GLY E 108 16.42 57.27 78.38
N CYS E 109 17.05 56.60 79.33
CA CYS E 109 17.73 55.33 79.07
C CYS E 109 17.06 54.18 79.81
N GLY E 110 15.82 54.41 80.22
CA GLY E 110 14.98 53.35 80.81
C GLY E 110 15.42 52.91 82.19
N SER E 111 15.23 51.63 82.46
CA SER E 111 15.40 51.10 83.81
C SER E 111 16.53 50.08 84.00
N VAL E 112 17.12 49.59 82.92
CA VAL E 112 18.16 48.58 83.09
C VAL E 112 19.56 49.22 83.12
N ALA E 113 20.40 48.74 84.01
CA ALA E 113 21.74 49.33 84.19
C ALA E 113 22.62 49.16 82.95
N ASP E 114 22.49 48.03 82.26
CA ASP E 114 23.31 47.79 81.07
C ASP E 114 22.49 47.82 79.78
N LEU E 115 22.81 48.76 78.89
CA LEU E 115 22.06 48.91 77.65
C LEU E 115 22.55 47.93 76.61
N SER E 116 21.62 47.25 75.94
CA SER E 116 21.99 46.44 74.79
C SER E 116 22.31 47.37 73.62
N GLU E 117 22.88 46.82 72.55
CA GLU E 117 23.11 47.62 71.35
C GLU E 117 21.80 48.19 70.79
N ALA E 118 20.72 47.41 70.89
CA ALA E 118 19.42 47.88 70.41
C ALA E 118 18.91 49.06 71.25
N ASP E 119 19.12 48.97 72.57
CA ASP E 119 18.72 50.06 73.48
C ASP E 119 19.51 51.32 73.14
N MET E 120 20.82 51.16 73.00
CA MET E 120 21.68 52.28 72.68
C MET E 120 21.33 52.95 71.35
N LYS E 121 20.95 52.17 70.35
CA LYS E 121 20.51 52.76 69.08
C LYS E 121 19.27 53.62 69.29
N ARG E 122 18.36 53.18 70.15
CA ARG E 122 17.16 53.98 70.41
C ARG E 122 17.52 55.28 71.14
N VAL E 123 18.51 55.21 72.01
CA VAL E 123 18.96 56.40 72.72
C VAL E 123 19.53 57.38 71.69
N VAL E 124 20.40 56.87 70.84
CA VAL E 124 21.02 57.71 69.81
C VAL E 124 20.00 58.33 68.85
N LEU E 125 19.04 57.52 68.41
CA LEU E 125 18.02 57.99 67.48
C LEU E 125 17.28 59.18 68.07
N SER E 126 17.08 59.16 69.39
CA SER E 126 16.37 60.24 70.05
C SER E 126 17.27 61.47 70.10
N LEU E 127 18.57 61.23 70.27
CA LEU E 127 19.53 62.32 70.26
C LEU E 127 19.62 62.95 68.86
N VAL E 128 19.69 62.11 67.84
CA VAL E 128 19.80 62.58 66.46
C VAL E 128 18.57 63.40 65.99
N THR E 129 17.38 63.03 66.45
CA THR E 129 16.19 63.81 66.15
C THR E 129 16.35 65.25 66.64
N MET E 130 16.93 65.39 67.83
CA MET E 130 17.20 66.72 68.37
C MET E 130 18.22 67.46 67.53
N LEU E 131 19.25 66.75 67.07
CA LEU E 131 20.27 67.36 66.23
C LEU E 131 19.71 67.82 64.90
N HIS E 132 18.82 67.03 64.32
CA HIS E 132 18.23 67.37 63.01
C HIS E 132 17.24 68.52 63.10
N ASP E 133 16.78 68.83 64.31
CA ASP E 133 15.72 69.84 64.50
C ASP E 133 16.24 71.16 65.06
N ASN E 134 17.53 71.21 65.39
CA ASN E 134 18.12 72.40 65.98
C ASN E 134 19.38 72.84 65.22
N LYS E 135 19.51 74.13 64.93
CA LYS E 135 20.76 74.64 64.35
C LYS E 135 21.77 74.86 65.46
N LEU E 136 22.81 74.05 65.50
CA LEU E 136 23.72 74.01 66.63
C LEU E 136 25.15 74.01 66.15
N SER E 137 26.02 74.73 66.85
CA SER E 137 27.44 74.61 66.54
C SER E 137 28.05 73.53 67.42
N LYS E 138 27.32 73.15 68.47
CA LYS E 138 27.88 72.19 69.43
C LYS E 138 26.87 71.31 70.17
N LEU E 139 27.20 70.03 70.30
CA LEU E 139 26.48 69.15 71.18
C LEU E 139 27.41 68.69 72.31
N THR E 140 26.88 68.61 73.53
CA THR E 140 27.62 68.04 74.63
C THR E 140 26.76 66.93 75.21
N VAL E 141 27.34 65.75 75.38
CA VAL E 141 26.57 64.65 75.92
C VAL E 141 27.17 64.27 77.26
N VAL E 142 26.33 64.18 78.28
CA VAL E 142 26.77 63.80 79.62
C VAL E 142 26.25 62.39 79.97
N PHE E 143 27.19 61.46 80.15
CA PHE E 143 26.85 60.07 80.47
C PHE E 143 26.61 59.84 81.94
N GLU E 144 25.36 59.72 82.34
CA GLU E 144 25.05 59.27 83.70
C GLU E 144 24.55 57.84 83.69
N ILE E 145 25.07 57.06 82.74
CA ILE E 145 24.80 55.64 82.64
C ILE E 145 26.13 54.95 82.45
N ASN E 146 26.13 53.63 82.57
CA ASN E 146 27.37 52.87 82.44
C ASN E 146 27.54 52.30 81.05
N VAL E 147 28.70 52.55 80.45
CA VAL E 147 29.01 51.95 79.16
C VAL E 147 30.46 51.52 79.21
N ASP E 148 30.75 50.35 78.65
CA ASP E 148 32.14 49.93 78.58
C ASP E 148 32.79 50.58 77.36
N LYS E 149 34.09 50.39 77.15
CA LYS E 149 34.77 51.04 76.03
C LYS E 149 34.14 50.72 74.67
N ASN E 150 33.77 49.47 74.43
CA ASN E 150 33.18 49.12 73.14
C ASN E 150 31.82 49.78 72.96
N LEU E 151 31.01 49.80 74.02
CA LEU E 151 29.69 50.40 73.90
C LEU E 151 29.78 51.93 73.72
N PHE E 152 30.81 52.54 74.32
CA PHE E 152 31.04 53.96 74.11
C PHE E 152 31.40 54.24 72.65
N ARG E 153 32.30 53.42 72.10
CA ARG E 153 32.67 53.59 70.70
C ARG E 153 31.46 53.37 69.79
N PHE E 154 30.65 52.37 70.15
CA PHE E 154 29.41 52.09 69.42
C PHE E 154 28.45 53.28 69.46
N PHE E 155 28.36 53.96 70.60
CA PHE E 155 27.53 55.16 70.71
C PHE E 155 27.98 56.22 69.70
N LEU E 156 29.29 56.46 69.63
CA LEU E 156 29.84 57.44 68.69
C LEU E 156 29.62 57.03 67.23
N GLU E 157 29.89 55.77 66.92
CA GLU E 157 29.73 55.27 65.55
C GLU E 157 28.31 55.43 65.08
N THR E 158 27.37 55.03 65.93
CA THR E 158 25.94 55.07 65.58
C THR E 158 25.51 56.53 65.48
N LEU E 159 25.97 57.34 66.42
CA LEU E 159 25.67 58.76 66.41
C LEU E 159 26.10 59.37 65.09
N PHE E 160 27.36 59.16 64.71
CA PHE E 160 27.86 59.69 63.45
C PHE E 160 27.07 59.15 62.27
N TYR E 161 26.83 57.86 62.26
CA TYR E 161 26.17 57.21 61.13
C TYR E 161 24.75 57.70 60.97
N GLU E 162 24.02 57.78 62.07
CA GLU E 162 22.62 58.20 62.00
C GLU E 162 22.45 59.70 61.71
N TYR E 163 23.40 60.50 62.18
CA TYR E 163 23.39 61.96 62.01
C TYR E 163 23.62 62.29 60.54
N MET E 164 24.58 61.59 59.92
CA MET E 164 24.94 61.84 58.53
C MET E 164 23.75 61.58 57.61
N THR E 165 23.52 62.49 56.68
CA THR E 165 22.40 62.34 55.75
C THR E 165 22.89 62.23 54.31
N ASP E 166 22.44 61.20 53.61
CA ASP E 166 22.94 60.88 52.28
C ASP E 166 22.12 61.64 51.23
N GLU E 167 22.73 62.65 50.62
CA GLU E 167 22.01 63.53 49.72
C GLU E 167 22.51 63.45 48.29
N ARG E 168 23.27 62.39 48.00
CA ARG E 168 23.86 62.21 46.67
C ARG E 168 22.85 62.23 45.53
N PHE E 169 21.61 61.78 45.80
CA PHE E 169 20.64 61.65 44.72
C PHE E 169 19.55 62.70 44.76
N LYS E 170 19.75 63.71 45.61
CA LYS E 170 18.86 64.86 45.70
C LYS E 170 19.33 65.94 44.74
N SER E 171 18.39 66.63 44.10
CA SER E 171 18.75 67.75 43.23
C SER E 171 17.94 68.99 43.58
N GLU E 179 23.37 72.38 58.10
CA GLU E 179 24.52 72.80 58.90
C GLU E 179 24.75 71.89 60.11
N TYR E 180 25.84 71.13 60.09
CA TYR E 180 26.16 70.17 61.15
C TYR E 180 26.91 70.84 62.30
N ILE E 181 26.88 70.22 63.49
CA ILE E 181 27.68 70.72 64.62
C ILE E 181 29.16 70.64 64.23
N LYS E 182 29.97 71.52 64.82
CA LYS E 182 31.40 71.53 64.54
C LYS E 182 32.16 70.96 65.73
N HIS E 183 31.43 70.79 66.83
CA HIS E 183 32.03 70.37 68.09
C HIS E 183 31.17 69.35 68.81
N LEU E 184 31.82 68.33 69.39
CA LEU E 184 31.14 67.37 70.23
C LEU E 184 31.91 67.24 71.54
N GLY E 185 31.25 67.56 72.65
CA GLY E 185 31.86 67.35 73.95
C GLY E 185 31.21 66.16 74.62
N VAL E 186 32.00 65.40 75.37
CA VAL E 186 31.50 64.24 76.09
C VAL E 186 31.98 64.29 77.54
N TYR E 187 31.06 64.26 78.48
CA TYR E 187 31.45 64.10 79.88
C TYR E 187 31.17 62.68 80.32
N ILE E 188 32.19 62.01 80.85
CA ILE E 188 32.02 60.63 81.29
C ILE E 188 33.01 60.33 82.40
N ASN E 189 32.59 59.48 83.34
CA ASN E 189 33.50 59.09 84.40
C ASN E 189 34.65 58.26 83.83
N ASN E 190 35.87 58.53 84.31
CA ASN E 190 37.09 57.89 83.81
C ASN E 190 37.36 58.17 82.34
N ALA E 191 37.23 59.45 81.96
CA ALA E 191 37.31 59.89 80.58
C ALA E 191 38.57 59.42 79.85
N ASP E 192 39.68 59.32 80.58
CA ASP E 192 40.95 59.00 79.94
C ASP E 192 40.97 57.64 79.24
N THR E 193 40.21 56.69 79.77
CA THR E 193 40.18 55.35 79.15
C THR E 193 39.34 55.34 77.86
N TYR E 194 38.49 56.34 77.68
CA TYR E 194 37.59 56.36 76.53
C TYR E 194 38.12 57.12 75.32
N LYS E 195 39.16 57.93 75.52
CA LYS E 195 39.63 58.85 74.49
C LYS E 195 40.09 58.15 73.22
N GLU E 196 40.76 57.02 73.36
CA GLU E 196 41.26 56.30 72.19
C GLU E 196 40.16 55.71 71.32
N GLU E 197 38.97 55.54 71.89
CA GLU E 197 37.83 55.05 71.11
C GLU E 197 37.33 56.05 70.07
N VAL E 198 37.62 57.33 70.27
CA VAL E 198 37.06 58.39 69.42
C VAL E 198 37.46 58.25 67.94
N GLU E 199 38.76 58.22 67.67
CA GLU E 199 39.19 58.20 66.28
C GLU E 199 38.97 56.83 65.64
N LYS E 200 38.89 55.79 66.48
CA LYS E 200 38.52 54.47 66.00
C LYS E 200 37.06 54.51 65.54
N ALA E 201 36.21 55.11 66.37
CA ALA E 201 34.81 55.30 66.03
C ALA E 201 34.63 56.08 64.72
N ARG E 202 35.45 57.12 64.54
CA ARG E 202 35.35 57.91 63.31
C ARG E 202 35.70 57.04 62.10
N VAL E 203 36.74 56.22 62.23
CA VAL E 203 37.09 55.29 61.16
C VAL E 203 35.97 54.24 60.91
N TYR E 204 35.45 53.66 61.98
CA TYR E 204 34.40 52.65 61.85
C TYR E 204 33.13 53.26 61.25
N TYR E 205 32.78 54.46 61.70
CA TYR E 205 31.68 55.21 61.09
C TYR E 205 31.85 55.30 59.57
N PHE E 206 33.04 55.66 59.10
CA PHE E 206 33.13 55.85 57.66
C PHE E 206 33.06 54.55 56.88
N GLY E 207 33.72 53.51 57.38
CA GLY E 207 33.63 52.21 56.74
C GLY E 207 32.16 51.80 56.57
N THR E 208 31.38 52.03 57.62
CA THR E 208 29.96 51.68 57.65
C THR E 208 29.15 52.59 56.72
N TYR E 209 29.43 53.88 56.78
CA TYR E 209 28.76 54.85 55.91
C TYR E 209 29.11 54.61 54.44
N TYR E 210 30.37 54.29 54.17
CA TYR E 210 30.79 53.98 52.80
C TYR E 210 30.07 52.75 52.29
N ALA E 211 29.95 51.73 53.13
CA ALA E 211 29.24 50.53 52.72
C ALA E 211 27.81 50.90 52.42
N SER E 212 27.23 51.72 53.30
CA SER E 212 25.85 52.20 53.13
C SER E 212 25.63 52.97 51.82
N GLN E 213 26.64 53.75 51.43
CA GLN E 213 26.56 54.50 50.18
C GLN E 213 26.49 53.58 48.98
N LEU E 214 27.31 52.53 48.98
CA LEU E 214 27.25 51.56 47.89
C LEU E 214 25.91 50.84 47.86
N ILE E 215 25.41 50.48 49.04
CA ILE E 215 24.17 49.71 49.10
C ILE E 215 22.99 50.58 48.63
N ALA E 216 22.91 51.81 49.14
CA ALA E 216 21.77 52.69 48.85
C ALA E 216 21.78 53.11 47.38
N ALA E 217 22.97 53.13 46.78
CA ALA E 217 23.07 53.45 45.36
C ALA E 217 22.28 52.42 44.54
N PRO E 218 21.34 52.91 43.72
CA PRO E 218 20.47 52.05 42.92
C PRO E 218 21.25 51.33 41.83
N SER E 219 20.61 50.31 41.25
CA SER E 219 21.31 49.39 40.37
C SER E 219 21.68 49.99 39.02
N ASN E 220 21.03 51.06 38.62
CA ASN E 220 21.48 51.77 37.42
C ASN E 220 22.81 52.47 37.68
N TYR E 221 23.00 52.97 38.91
CA TYR E 221 24.23 53.66 39.28
C TYR E 221 25.30 52.67 39.70
N CYS E 222 24.87 51.69 40.49
CA CYS E 222 25.76 50.70 41.06
C CYS E 222 25.53 49.38 40.34
N ASN E 223 26.38 49.11 39.35
CA ASN E 223 26.30 47.90 38.57
C ASN E 223 27.66 47.19 38.63
N PRO E 224 27.79 46.01 38.02
CA PRO E 224 29.08 45.33 38.24
C PRO E 224 30.30 46.11 37.75
N VAL E 225 30.14 46.96 36.73
CA VAL E 225 31.27 47.73 36.22
C VAL E 225 31.57 48.93 37.12
N SER E 226 30.54 49.66 37.51
CA SER E 226 30.75 50.82 38.37
C SER E 226 31.18 50.42 39.78
N LEU E 227 30.72 49.27 40.26
CA LEU E 227 31.07 48.85 41.62
C LEU E 227 32.52 48.41 41.69
N SER E 228 32.99 47.68 40.68
CA SER E 228 34.41 47.30 40.65
C SER E 228 35.29 48.51 40.43
N ASN E 229 34.84 49.46 39.61
CA ASN E 229 35.58 50.70 39.45
C ASN E 229 35.72 51.43 40.79
N ALA E 230 34.65 51.43 41.58
CA ALA E 230 34.66 52.09 42.88
C ALA E 230 35.67 51.41 43.80
N ALA E 231 35.72 50.08 43.72
CA ALA E 231 36.66 49.33 44.56
C ALA E 231 38.10 49.65 44.19
N VAL E 232 38.36 49.83 42.90
CA VAL E 232 39.71 50.21 42.46
C VAL E 232 40.09 51.57 43.03
N GLU E 233 39.15 52.51 42.97
CA GLU E 233 39.42 53.84 43.49
C GLU E 233 39.71 53.80 44.99
N LEU E 234 38.97 52.98 45.72
CA LEU E 234 39.17 52.85 47.14
C LEU E 234 40.55 52.26 47.39
N ALA E 235 40.92 51.25 46.61
CA ALA E 235 42.20 50.58 46.79
C ALA E 235 43.35 51.56 46.54
N GLN E 236 43.18 52.40 45.53
CA GLN E 236 44.19 53.38 45.19
C GLN E 236 44.40 54.42 46.29
N LYS E 237 43.31 54.88 46.89
CA LYS E 237 43.40 55.81 48.01
C LYS E 237 44.06 55.19 49.24
N LEU E 238 43.83 53.91 49.48
CA LEU E 238 44.34 53.25 50.69
C LEU E 238 45.66 52.54 50.40
N ASN E 239 46.14 52.65 49.17
CA ASN E 239 47.31 51.90 48.71
C ASN E 239 47.25 50.39 48.94
N LEU E 240 46.09 49.82 48.63
CA LEU E 240 45.93 48.37 48.63
C LEU E 240 46.27 47.85 47.24
N GLU E 241 46.81 46.64 47.17
CA GLU E 241 46.97 45.99 45.88
C GLU E 241 45.57 45.70 45.37
N TYR E 242 45.39 45.72 44.06
CA TYR E 242 44.08 45.42 43.51
C TYR E 242 44.16 44.70 42.19
N LYS E 243 43.09 43.97 41.88
CA LYS E 243 42.99 43.17 40.68
C LYS E 243 41.49 42.97 40.41
N ILE E 244 41.04 43.39 39.23
CA ILE E 244 39.67 43.15 38.78
C ILE E 244 39.70 42.09 37.67
N LEU E 245 39.03 40.97 37.89
CA LEU E 245 39.00 39.90 36.89
C LEU E 245 37.83 40.07 35.94
N GLY E 246 38.12 40.13 34.64
CA GLY E 246 37.10 40.27 33.61
C GLY E 246 36.70 38.91 33.07
N VAL E 247 35.72 38.92 32.16
CA VAL E 247 35.10 37.70 31.64
C VAL E 247 36.09 36.69 31.03
N LYS E 248 37.02 37.17 30.22
CA LYS E 248 38.05 36.30 29.65
C LYS E 248 38.83 35.55 30.73
N GLU E 249 39.25 36.27 31.76
CA GLU E 249 40.00 35.64 32.84
C GLU E 249 39.09 34.67 33.61
N LEU E 250 37.86 35.10 33.85
CA LEU E 250 36.89 34.27 34.54
C LEU E 250 36.61 32.99 33.75
N GLU E 251 36.48 33.11 32.43
CA GLU E 251 36.33 31.91 31.59
C GLU E 251 37.55 30.99 31.70
N GLU E 252 38.76 31.56 31.61
CA GLU E 252 39.99 30.78 31.81
C GLU E 252 40.01 30.04 33.15
N LEU E 253 39.41 30.65 34.17
CA LEU E 253 39.40 30.06 35.50
C LEU E 253 38.19 29.12 35.67
N LYS E 254 37.41 28.96 34.59
CA LYS E 254 36.30 28.02 34.57
C LYS E 254 35.24 28.30 35.64
N MET E 255 35.03 29.57 35.97
CA MET E 255 34.00 29.94 36.94
C MET E 255 32.60 29.87 36.32
N GLY E 256 32.16 28.66 36.00
CA GLY E 256 30.90 28.47 35.30
C GLY E 256 29.67 28.80 36.12
N ALA E 257 29.77 28.70 37.44
CA ALA E 257 28.60 28.97 38.26
C ALA E 257 28.37 30.48 38.32
N TYR E 258 29.43 31.21 38.62
CA TYR E 258 29.39 32.66 38.69
C TYR E 258 29.02 33.30 37.34
N LEU E 259 29.66 32.85 36.25
CA LEU E 259 29.36 33.42 34.94
C LEU E 259 27.92 33.19 34.49
N SER E 260 27.36 32.03 34.83
CA SER E 260 26.00 31.69 34.39
C SER E 260 24.99 32.68 34.96
N VAL E 261 25.17 33.07 36.21
CA VAL E 261 24.29 34.04 36.85
C VAL E 261 24.30 35.38 36.10
N GLY E 262 25.46 35.76 35.59
CA GLY E 262 25.60 37.06 34.92
C GLY E 262 25.27 37.05 33.43
N LYS E 263 24.94 35.88 32.89
CA LYS E 263 24.70 35.77 31.43
C LYS E 263 23.65 36.73 30.91
N GLY E 264 22.57 36.91 31.66
CA GLY E 264 21.46 37.73 31.19
C GLY E 264 21.61 39.22 31.43
N SER E 265 22.78 39.66 31.90
CA SER E 265 22.98 41.09 32.20
C SER E 265 23.67 41.82 31.04
N MET E 266 23.39 43.12 30.89
CA MET E 266 24.13 43.95 29.94
C MET E 266 25.49 44.36 30.49
N TYR E 267 25.70 44.18 31.80
CA TYR E 267 26.99 44.49 32.42
C TYR E 267 27.85 43.24 32.55
N PRO E 268 29.07 43.27 32.01
CA PRO E 268 29.97 42.12 32.16
C PRO E 268 30.32 41.86 33.62
N ASN E 269 30.44 40.58 33.99
CA ASN E 269 30.88 40.18 35.32
C ASN E 269 32.25 40.76 35.64
N LYS E 270 32.43 41.22 36.87
CA LYS E 270 33.72 41.71 37.33
C LYS E 270 33.98 41.12 38.70
N PHE E 271 35.12 40.46 38.85
CA PHE E 271 35.49 39.86 40.12
C PHE E 271 36.49 40.77 40.82
N ILE E 272 36.13 41.28 42.00
CA ILE E 272 36.99 42.19 42.76
C ILE E 272 37.94 41.42 43.67
N HIS E 273 39.24 41.76 43.63
CA HIS E 273 40.23 41.18 44.55
C HIS E 273 41.18 42.27 45.02
N LEU E 274 40.95 42.74 46.24
CA LEU E 274 41.84 43.70 46.90
C LEU E 274 42.65 42.96 47.95
N THR E 275 43.88 43.40 48.19
CA THR E 275 44.70 42.75 49.20
C THR E 275 45.35 43.75 50.14
N TYR E 276 45.15 43.56 51.44
CA TYR E 276 45.94 44.29 52.42
C TYR E 276 47.05 43.38 52.93
N LYS E 277 48.24 43.94 53.12
CA LYS E 277 49.34 43.14 53.63
C LYS E 277 50.18 43.95 54.61
N SER E 278 50.27 43.47 55.85
CA SER E 278 51.09 44.13 56.88
C SER E 278 52.55 44.21 56.46
N LYS E 279 53.26 45.21 56.97
CA LYS E 279 54.67 45.40 56.63
C LYS E 279 55.58 44.31 57.17
N GLY E 280 55.29 43.81 58.38
CA GLY E 280 56.18 42.87 59.05
C GLY E 280 56.16 41.43 58.53
N ASP E 281 56.06 40.48 59.45
CA ASP E 281 55.88 39.09 59.09
C ASP E 281 54.37 38.82 59.01
N VAL E 282 53.94 38.03 58.03
CA VAL E 282 52.53 37.66 57.95
C VAL E 282 52.27 36.39 58.77
N LYS E 283 51.47 36.50 59.83
CA LYS E 283 51.20 35.35 60.68
C LYS E 283 49.84 34.69 60.44
N LYS E 284 48.92 35.44 59.83
CA LYS E 284 47.58 34.95 59.51
C LYS E 284 47.13 35.47 58.14
N LYS E 285 46.59 34.57 57.32
CA LYS E 285 46.03 34.95 56.02
C LYS E 285 44.51 34.78 56.08
N ILE E 286 43.76 35.78 55.64
CA ILE E 286 42.29 35.76 55.72
C ILE E 286 41.69 36.18 54.37
N ALA E 287 40.69 35.43 53.91
CA ALA E 287 39.89 35.84 52.75
C ALA E 287 38.50 36.22 53.23
N LEU E 288 38.09 37.45 52.91
CA LEU E 288 36.74 37.90 53.19
C LEU E 288 35.98 38.00 51.86
N VAL E 289 34.84 37.34 51.80
CA VAL E 289 34.09 37.16 50.56
C VAL E 289 32.70 37.76 50.70
N GLY E 290 32.36 38.73 49.87
CA GLY E 290 31.03 39.30 49.95
C GLY E 290 30.19 38.97 48.73
N LYS E 291 28.92 38.66 48.95
CA LYS E 291 28.00 38.45 47.84
C LYS E 291 27.80 39.79 47.14
N GLY E 292 27.94 39.80 45.82
CA GLY E 292 27.93 41.05 45.06
C GLY E 292 26.96 41.07 43.89
N ILE E 293 25.68 40.88 44.19
CA ILE E 293 24.67 40.92 43.14
C ILE E 293 24.11 42.33 43.12
N THR E 294 24.39 43.09 42.08
CA THR E 294 24.06 44.51 42.09
C THR E 294 22.57 44.78 41.90
N PHE E 295 21.89 43.85 41.24
CA PHE E 295 20.44 43.78 41.27
C PHE E 295 20.01 42.32 41.10
N ASP E 296 19.10 41.88 41.96
CA ASP E 296 18.62 40.52 41.88
C ASP E 296 17.15 40.53 41.48
N SER E 297 16.86 40.34 40.21
CA SER E 297 15.47 40.31 39.74
C SER E 297 14.87 38.94 40.04
N GLY E 298 15.74 37.98 40.34
CA GLY E 298 15.33 36.59 40.45
C GLY E 298 15.61 35.81 39.18
N GLY E 299 15.81 36.53 38.08
CA GLY E 299 15.98 35.89 36.79
C GLY E 299 14.67 35.31 36.33
N TYR E 300 14.71 34.25 35.55
CA TYR E 300 13.48 33.59 35.09
C TYR E 300 12.55 33.18 36.22
N ASN E 301 13.11 32.80 37.38
CA ASN E 301 12.32 32.71 38.60
C ASN E 301 12.07 34.12 39.18
N LEU E 302 11.32 34.93 38.43
CA LEU E 302 11.18 36.34 38.75
C LEU E 302 10.63 36.59 40.15
N LYS E 303 11.13 37.62 40.82
CA LYS E 303 10.55 38.00 42.10
C LYS E 303 9.21 38.69 41.86
N ALA E 304 8.16 37.87 41.72
CA ALA E 304 6.84 38.38 41.39
C ALA E 304 5.79 38.01 42.45
N ALA E 305 6.17 37.17 43.41
CA ALA E 305 5.27 36.80 44.49
C ALA E 305 5.12 37.94 45.51
N PRO E 306 3.91 38.08 46.08
CA PRO E 306 3.69 39.06 47.16
C PRO E 306 4.72 38.89 48.28
N GLY E 307 5.37 39.99 48.66
CA GLY E 307 6.37 39.97 49.71
C GLY E 307 7.80 39.69 49.24
N SER E 308 7.99 39.57 47.93
CA SER E 308 9.32 39.23 47.42
C SER E 308 10.21 40.49 47.34
N MET E 309 9.58 41.65 47.50
CA MET E 309 10.27 42.94 47.58
C MET E 309 11.33 43.20 46.52
N ILE E 310 10.95 43.07 45.26
CA ILE E 310 11.90 43.27 44.18
C ILE E 310 12.48 44.69 44.18
N ASP E 311 11.74 45.64 44.75
CA ASP E 311 12.22 47.02 44.77
C ASP E 311 13.39 47.24 45.75
N LEU E 312 13.67 46.24 46.59
CA LEU E 312 14.75 46.31 47.56
C LEU E 312 16.07 45.74 47.00
N MET E 313 15.98 45.08 45.86
CA MET E 313 17.04 44.16 45.47
C MET E 313 18.36 44.77 44.98
N LYS E 314 18.42 46.10 44.93
CA LYS E 314 19.71 46.79 44.79
C LYS E 314 20.60 46.50 46.00
N PHE E 315 20.00 46.01 47.08
CA PHE E 315 20.75 45.76 48.32
C PHE E 315 21.47 44.41 48.32
N ASP E 316 21.35 43.67 47.22
CA ASP E 316 21.89 42.31 47.17
C ASP E 316 23.41 42.27 46.97
N MET E 317 24.03 43.44 47.03
CA MET E 317 25.50 43.53 47.06
C MET E 317 25.97 44.02 48.42
N SER E 318 25.09 43.93 49.42
CA SER E 318 25.40 44.32 50.79
C SER E 318 26.63 43.62 51.34
N GLY E 319 26.85 42.37 50.94
CA GLY E 319 27.97 41.60 51.45
C GLY E 319 29.25 42.15 50.85
N CYS E 320 29.21 42.39 49.54
CA CYS E 320 30.34 43.05 48.89
C CYS E 320 30.59 44.39 49.56
N ALA E 321 29.53 45.16 49.81
CA ALA E 321 29.70 46.48 50.46
C ALA E 321 30.36 46.38 51.82
N ALA E 322 29.92 45.42 52.63
CA ALA E 322 30.51 45.21 53.96
C ALA E 322 32.00 44.91 53.83
N VAL E 323 32.36 44.08 52.85
CA VAL E 323 33.75 43.69 52.67
C VAL E 323 34.62 44.89 52.24
N LEU E 324 34.09 45.73 51.36
CA LEU E 324 34.81 46.92 50.92
C LEU E 324 34.89 47.93 52.06
N GLY E 325 33.84 48.00 52.87
CA GLY E 325 33.85 48.87 54.04
C GLY E 325 34.91 48.40 55.02
N CYS E 326 35.05 47.09 55.14
CA CYS E 326 36.10 46.50 55.96
C CYS E 326 37.49 46.89 55.44
N ALA E 327 37.69 46.80 54.13
CA ALA E 327 38.96 47.20 53.54
C ALA E 327 39.30 48.66 53.86
N TYR E 328 38.30 49.53 53.88
CA TYR E 328 38.56 50.92 54.31
C TYR E 328 39.14 50.94 55.73
N CYS E 329 38.49 50.26 56.66
CA CYS E 329 38.94 50.30 58.06
C CYS E 329 40.32 49.67 58.25
N VAL E 330 40.52 48.51 57.62
CA VAL E 330 41.78 47.79 57.72
C VAL E 330 42.91 48.58 57.06
N GLY E 331 42.65 49.15 55.89
CA GLY E 331 43.64 49.94 55.18
C GLY E 331 43.98 51.23 55.90
N THR E 332 43.04 51.70 56.72
CA THR E 332 43.25 52.93 57.48
C THR E 332 43.98 52.64 58.79
N LEU E 333 43.53 51.61 59.52
CA LEU E 333 44.07 51.31 60.84
C LEU E 333 45.35 50.46 60.79
N LYS E 334 45.55 49.77 59.67
CA LYS E 334 46.79 49.02 59.42
C LYS E 334 47.22 48.03 60.49
N PRO E 335 46.45 46.95 60.67
CA PRO E 335 46.87 45.95 61.67
C PRO E 335 48.18 45.28 61.25
N GLU E 336 48.92 44.80 62.24
CA GLU E 336 50.17 44.10 61.97
C GLU E 336 49.94 42.61 61.73
N ASN E 337 50.89 41.97 61.07
CA ASN E 337 51.02 40.51 61.04
C ASN E 337 49.92 39.75 60.27
N VAL E 338 49.15 40.45 59.45
CA VAL E 338 48.10 39.78 58.67
C VAL E 338 48.12 40.12 57.19
N GLU E 339 47.59 39.18 56.40
CA GLU E 339 47.33 39.42 55.00
C GLU E 339 45.84 39.20 54.73
N ILE E 340 45.16 40.24 54.24
CA ILE E 340 43.71 40.15 54.04
C ILE E 340 43.34 40.28 52.58
N HIS E 341 42.55 39.32 52.09
CA HIS E 341 42.05 39.36 50.73
C HIS E 341 40.57 39.71 50.74
N PHE E 342 40.22 40.78 50.02
CA PHE E 342 38.86 41.25 49.96
C PHE E 342 38.30 40.91 48.58
N LEU E 343 37.31 40.02 48.56
CA LEU E 343 36.86 39.37 47.33
C LEU E 343 35.38 39.53 47.14
N SER E 344 34.97 39.72 45.89
CA SER E 344 33.55 39.63 45.55
C SER E 344 33.38 39.28 44.10
N ALA E 345 32.58 38.25 43.83
CA ALA E 345 32.20 37.93 42.46
C ALA E 345 30.96 38.74 42.07
N VAL E 346 31.19 39.91 41.47
CA VAL E 346 30.10 40.86 41.21
C VAL E 346 29.44 40.60 39.86
N CYS E 347 28.11 40.62 39.86
CA CYS E 347 27.32 40.45 38.64
C CYS E 347 25.89 40.92 38.90
N GLU E 348 25.04 40.83 37.88
CA GLU E 348 23.64 41.27 37.97
C GLU E 348 22.70 40.15 37.46
N ASN E 349 21.63 39.86 38.20
CA ASN E 349 20.77 38.71 37.87
C ASN E 349 19.50 39.15 37.12
N MET E 350 19.50 39.01 35.80
CA MET E 350 18.44 39.62 34.98
C MET E 350 17.70 38.66 34.07
N VAL E 351 16.62 39.15 33.48
CA VAL E 351 15.82 38.35 32.55
C VAL E 351 16.08 38.78 31.11
N SER E 352 16.41 37.82 30.26
CA SER E 352 16.91 38.13 28.93
C SER E 352 16.87 36.90 28.05
N LYS E 353 16.94 37.06 26.74
CA LYS E 353 17.14 35.92 25.87
C LYS E 353 18.44 35.19 26.27
N ASN E 354 19.38 35.91 26.89
CA ASN E 354 20.69 35.35 27.24
C ASN E 354 20.79 34.71 28.63
N SER E 355 19.76 34.87 29.46
CA SER E 355 19.83 34.40 30.85
C SER E 355 20.01 32.89 30.99
N TYR E 356 20.59 32.45 32.11
CA TYR E 356 20.50 31.04 32.44
C TYR E 356 19.07 30.70 32.83
N ARG E 357 18.71 29.42 32.71
CA ARG E 357 17.34 28.93 32.94
C ARG E 357 17.22 27.98 34.11
N PRO E 358 16.01 27.90 34.72
CA PRO E 358 15.70 26.84 35.67
C PRO E 358 15.97 25.51 34.98
N GLY E 359 16.64 24.59 35.67
CA GLY E 359 16.96 23.31 35.08
C GLY E 359 18.35 23.22 34.46
N ASP E 360 18.97 24.36 34.17
CA ASP E 360 20.29 24.34 33.54
C ASP E 360 21.32 23.61 34.41
N ILE E 361 22.22 22.86 33.78
CA ILE E 361 23.32 22.25 34.52
C ILE E 361 24.61 22.97 34.16
N ILE E 362 25.28 23.50 35.18
CA ILE E 362 26.46 24.33 34.99
C ILE E 362 27.64 23.76 35.77
N THR E 363 28.85 24.15 35.40
CA THR E 363 30.05 23.57 36.01
C THR E 363 30.87 24.62 36.76
N ALA E 364 31.02 24.42 38.06
CA ALA E 364 31.81 25.33 38.90
C ALA E 364 33.33 25.17 38.67
N SER E 365 34.11 26.11 39.16
CA SER E 365 35.55 26.12 38.90
C SER E 365 36.29 24.92 39.50
N ASN E 366 35.65 24.23 40.44
CA ASN E 366 36.26 23.03 41.01
C ASN E 366 35.79 21.75 40.33
N GLY E 367 35.15 21.90 39.18
CA GLY E 367 34.70 20.76 38.40
C GLY E 367 33.36 20.16 38.81
N LYS E 368 32.76 20.66 39.89
CA LYS E 368 31.46 20.16 40.32
C LYS E 368 30.33 20.66 39.40
N THR E 369 29.50 19.74 38.91
CA THR E 369 28.34 20.14 38.10
C THR E 369 27.16 20.43 39.02
N ILE E 370 26.42 21.48 38.69
CA ILE E 370 25.33 21.95 39.53
C ILE E 370 24.04 22.04 38.73
N GLU E 371 22.98 21.42 39.24
CA GLU E 371 21.67 21.56 38.63
C GLU E 371 20.97 22.76 39.24
N VAL E 372 20.65 23.74 38.41
CA VAL E 372 19.94 24.93 38.86
C VAL E 372 18.46 24.59 39.06
N GLY E 373 17.98 24.73 40.27
CA GLY E 373 16.58 24.46 40.56
C GLY E 373 15.76 25.74 40.56
N ASN E 374 16.45 26.86 40.78
CA ASN E 374 15.79 28.16 40.90
C ASN E 374 16.78 29.29 40.63
N THR E 375 16.54 30.05 39.57
CA THR E 375 17.49 31.10 39.17
C THR E 375 17.55 32.23 40.20
N ASP E 376 16.61 32.24 41.15
CA ASP E 376 16.61 33.22 42.23
C ASP E 376 17.49 32.73 43.41
N ALA E 377 18.09 31.57 43.27
CA ALA E 377 19.08 31.16 44.27
C ALA E 377 20.46 31.36 43.66
N GLU E 378 20.70 32.58 43.16
CA GLU E 378 21.90 32.89 42.39
C GLU E 378 23.10 33.19 43.27
N GLY E 379 22.84 33.68 44.48
CA GLY E 379 23.91 34.11 45.36
C GLY E 379 24.88 32.97 45.65
N ARG E 380 24.34 31.82 46.01
CA ARG E 380 25.18 30.68 46.36
C ARG E 380 26.02 30.18 45.18
N LEU E 381 25.55 30.43 43.97
CA LEU E 381 26.29 30.05 42.76
C LEU E 381 27.51 30.94 42.55
N THR E 382 27.35 32.24 42.79
CA THR E 382 28.47 33.16 42.68
C THR E 382 29.48 32.92 43.82
N LEU E 383 28.96 32.68 45.02
CA LEU E 383 29.77 32.39 46.19
C LEU E 383 30.59 31.11 46.04
N ALA E 384 30.01 30.13 45.34
CA ALA E 384 30.67 28.86 45.10
C ALA E 384 32.02 29.05 44.42
N ASP E 385 32.02 29.79 43.32
CA ASP E 385 33.25 30.07 42.59
C ASP E 385 34.18 31.01 43.37
N ALA E 386 33.60 31.99 44.06
CA ALA E 386 34.40 32.85 44.95
C ALA E 386 35.09 32.05 46.07
N LEU E 387 34.40 31.04 46.59
CA LEU E 387 34.96 30.19 47.64
C LEU E 387 36.11 29.32 47.11
N VAL E 388 35.95 28.78 45.91
CA VAL E 388 37.01 28.02 45.27
C VAL E 388 38.24 28.91 45.03
N TYR E 389 37.99 30.14 44.60
CA TYR E 389 39.05 31.11 44.33
C TYR E 389 39.77 31.44 45.63
N ALA E 390 38.99 31.63 46.68
CA ALA E 390 39.52 31.98 48.00
C ALA E 390 40.42 30.88 48.56
N GLU E 391 39.97 29.63 48.49
CA GLU E 391 40.77 28.55 49.06
C GLU E 391 42.08 28.36 48.29
N LYS E 392 42.08 28.63 46.99
CA LYS E 392 43.32 28.54 46.22
C LYS E 392 44.38 29.56 46.65
N LEU E 393 43.97 30.60 47.37
CA LEU E 393 44.90 31.62 47.88
C LEU E 393 45.71 31.10 49.05
N GLY E 394 45.34 29.94 49.58
CA GLY E 394 46.03 29.35 50.71
C GLY E 394 45.94 30.21 51.97
N VAL E 395 44.71 30.47 52.43
CA VAL E 395 44.49 31.28 53.62
C VAL E 395 44.22 30.43 54.85
N ASP E 396 44.27 31.03 56.03
CA ASP E 396 43.94 30.32 57.26
C ASP E 396 42.43 30.30 57.51
N TYR E 397 41.77 31.39 57.12
CA TYR E 397 40.33 31.53 57.36
C TYR E 397 39.67 32.07 56.10
N ILE E 398 38.47 31.58 55.82
CA ILE E 398 37.60 32.18 54.83
C ILE E 398 36.32 32.56 55.54
N VAL E 399 35.91 33.82 55.41
CA VAL E 399 34.62 34.25 55.94
C VAL E 399 33.85 34.91 54.82
N ASP E 400 32.64 34.42 54.55
CA ASP E 400 31.80 35.11 53.58
C ASP E 400 30.64 35.78 54.30
N ILE E 401 30.13 36.83 53.68
CA ILE E 401 29.01 37.55 54.23
C ILE E 401 28.10 37.86 53.06
N ALA E 402 26.81 37.64 53.24
CA ALA E 402 25.88 37.60 52.12
C ALA E 402 24.43 37.77 52.56
N THR E 403 23.66 38.54 51.78
CA THR E 403 22.19 38.60 51.89
C THR E 403 21.62 37.38 51.17
N LEU E 404 21.76 36.21 51.77
CA LEU E 404 21.62 34.97 51.01
C LEU E 404 20.21 34.39 51.03
N THR E 405 19.56 34.38 52.20
CA THR E 405 18.27 33.71 52.30
C THR E 405 17.21 34.52 53.04
N GLY E 406 16.08 34.77 52.37
CA GLY E 406 14.95 35.42 53.01
C GLY E 406 14.41 34.68 54.23
N ALA E 407 14.71 33.39 54.33
CA ALA E 407 14.30 32.61 55.50
C ALA E 407 14.83 33.21 56.80
N MET E 408 15.91 33.97 56.72
CA MET E 408 16.52 34.56 57.91
C MET E 408 15.51 35.45 58.66
N LEU E 409 14.58 36.03 57.91
CA LEU E 409 13.54 36.85 58.51
C LEU E 409 12.66 36.05 59.45
N TYR E 410 12.53 34.75 59.17
CA TYR E 410 11.65 33.87 59.94
C TYR E 410 12.38 33.12 61.04
N SER E 411 13.71 33.20 61.05
CA SER E 411 14.50 32.54 62.09
C SER E 411 14.99 33.55 63.13
N LEU E 412 15.89 34.44 62.73
CA LEU E 412 16.47 35.42 63.65
C LEU E 412 15.82 36.81 63.52
N GLY E 413 15.29 37.10 62.33
CA GLY E 413 14.55 38.33 62.11
C GLY E 413 15.40 39.45 61.55
N THR E 414 15.09 40.69 61.91
CA THR E 414 15.79 41.85 61.37
C THR E 414 16.95 42.37 62.24
N SER E 415 17.12 41.81 63.44
CA SER E 415 18.16 42.32 64.36
C SER E 415 19.48 41.53 64.39
N TYR E 416 19.41 40.21 64.38
CA TYR E 416 20.61 39.37 64.47
C TYR E 416 20.88 38.64 63.17
N ALA E 417 22.13 38.68 62.72
CA ALA E 417 22.54 37.93 61.54
C ALA E 417 22.82 36.48 61.99
N GLY E 418 22.81 35.56 61.04
CA GLY E 418 23.10 34.17 61.35
C GLY E 418 24.52 33.82 60.93
N VAL E 419 25.23 33.04 61.75
CA VAL E 419 26.55 32.57 61.36
C VAL E 419 26.57 31.04 61.32
N PHE E 420 27.15 30.50 60.24
CA PHE E 420 27.24 29.07 59.99
C PHE E 420 28.70 28.83 59.68
N GLY E 421 29.18 27.60 59.87
CA GLY E 421 30.58 27.33 59.59
C GLY E 421 30.98 25.88 59.79
N ASN E 422 32.21 25.56 59.35
CA ASN E 422 32.73 24.20 59.45
C ASN E 422 33.80 24.07 60.54
N ASN E 423 34.02 25.17 61.27
CA ASN E 423 35.10 25.21 62.26
C ASN E 423 34.65 25.95 63.51
N GLU E 424 34.58 25.23 64.62
CA GLU E 424 34.05 25.78 65.86
C GLU E 424 34.88 26.98 66.37
N GLU E 425 36.19 26.89 66.23
CA GLU E 425 37.08 27.95 66.70
C GLU E 425 36.86 29.25 65.91
N LEU E 426 36.73 29.12 64.58
CA LEU E 426 36.45 30.28 63.73
C LEU E 426 35.11 30.89 64.09
N ILE E 427 34.10 30.05 64.32
CA ILE E 427 32.77 30.57 64.69
C ILE E 427 32.85 31.38 65.98
N ASN E 428 33.60 30.87 66.96
CA ASN E 428 33.72 31.57 68.23
C ASN E 428 34.44 32.92 68.10
N LYS E 429 35.34 33.02 67.13
CA LYS E 429 36.01 34.28 66.83
C LYS E 429 35.04 35.27 66.23
N ILE E 430 34.17 34.80 65.33
CA ILE E 430 33.10 35.65 64.79
C ILE E 430 32.18 36.13 65.91
N LEU E 431 31.81 35.22 66.82
CA LEU E 431 30.90 35.57 67.91
C LEU E 431 31.53 36.59 68.85
N GLN E 432 32.83 36.45 69.07
CA GLN E 432 33.55 37.41 69.90
C GLN E 432 33.61 38.77 69.20
N SER E 433 33.83 38.76 67.90
CA SER E 433 33.82 39.99 67.11
C SER E 433 32.45 40.65 67.10
N SER E 434 31.40 39.83 67.14
CA SER E 434 30.04 40.37 67.23
C SER E 434 29.84 41.12 68.54
N LYS E 435 30.40 40.54 69.61
CA LYS E 435 30.35 41.13 70.93
C LYS E 435 31.05 42.49 70.99
N THR E 436 32.27 42.58 70.46
CA THR E 436 33.02 43.84 70.54
C THR E 436 32.61 44.87 69.49
N SER E 437 32.10 44.42 68.35
CA SER E 437 31.59 45.36 67.36
C SER E 437 30.18 45.84 67.73
N ASN E 438 29.51 45.09 68.60
CA ASN E 438 28.08 45.32 68.88
C ASN E 438 27.18 45.17 67.65
N GLU E 439 27.60 44.38 66.67
CA GLU E 439 26.73 43.97 65.56
C GLU E 439 26.32 42.53 65.84
N PRO E 440 25.06 42.34 66.21
CA PRO E 440 24.64 41.03 66.76
C PRO E 440 24.50 39.91 65.73
N VAL E 441 25.05 38.76 66.11
CA VAL E 441 25.11 37.59 65.26
C VAL E 441 24.74 36.38 66.13
N TRP E 442 24.12 35.36 65.55
CA TRP E 442 23.81 34.14 66.31
C TRP E 442 24.24 32.90 65.54
N TRP E 443 24.86 31.95 66.25
CA TRP E 443 25.36 30.71 65.64
C TRP E 443 24.21 29.73 65.34
N LEU E 444 24.07 29.38 64.06
CA LEU E 444 23.06 28.41 63.60
C LEU E 444 23.77 27.19 63.01
N PRO E 445 23.14 26.01 63.11
CA PRO E 445 23.84 24.77 62.78
C PRO E 445 23.78 24.45 61.30
N ILE E 446 24.82 23.77 60.80
CA ILE E 446 24.77 23.17 59.49
C ILE E 446 24.36 21.72 59.73
N ILE E 447 23.08 21.41 59.48
CA ILE E 447 22.55 20.08 59.80
C ILE E 447 22.78 19.06 58.69
N ASN E 448 23.72 18.15 58.93
CA ASN E 448 24.19 17.21 57.92
C ASN E 448 23.11 16.28 57.40
N GLU E 449 22.09 16.05 58.21
CA GLU E 449 20.96 15.22 57.80
C GLU E 449 20.25 15.77 56.57
N TYR E 450 20.38 17.08 56.31
CA TYR E 450 19.67 17.69 55.17
C TYR E 450 20.46 17.61 53.86
N ARG E 451 21.74 17.23 53.96
CA ARG E 451 22.63 17.20 52.80
C ARG E 451 22.12 16.30 51.68
N ALA E 452 21.45 15.23 52.06
CA ALA E 452 20.91 14.30 51.06
C ALA E 452 19.91 14.95 50.09
N THR E 453 19.25 16.03 50.50
CA THR E 453 18.28 16.70 49.63
C THR E 453 18.93 17.49 48.49
N LEU E 454 20.25 17.58 48.50
CA LEU E 454 20.95 18.24 47.40
C LEU E 454 21.53 17.20 46.43
N ASN E 455 21.17 15.94 46.62
CA ASN E 455 21.63 14.88 45.73
C ASN E 455 20.86 14.91 44.39
N SER E 456 21.43 15.59 43.40
CA SER E 456 20.78 15.73 42.09
C SER E 456 20.68 14.37 41.37
N LYS E 457 19.66 14.20 40.56
CA LYS E 457 19.54 12.98 39.77
C LYS E 457 20.57 12.94 38.63
N TYR E 458 20.92 14.11 38.11
CA TYR E 458 21.76 14.20 36.91
C TYR E 458 23.11 14.87 37.14
N ALA E 459 23.13 15.96 37.90
CA ALA E 459 24.37 16.69 38.19
C ALA E 459 25.01 16.15 39.46
N ASP E 460 26.21 16.61 39.76
CA ASP E 460 26.90 16.20 40.98
C ASP E 460 26.11 16.63 42.19
N ILE E 461 25.52 17.82 42.09
CA ILE E 461 24.79 18.36 43.23
C ILE E 461 23.70 19.31 42.76
N ASN E 462 22.63 19.39 43.55
CA ASN E 462 21.58 20.40 43.40
C ASN E 462 21.95 21.74 44.01
N GLN E 463 21.45 22.80 43.40
CA GLN E 463 21.61 24.15 43.90
C GLN E 463 20.70 24.38 45.12
N ILE E 464 19.50 23.79 45.06
CA ILE E 464 18.52 23.98 46.11
C ILE E 464 17.84 22.67 46.49
N SER E 465 17.14 22.68 47.62
CA SER E 465 16.34 21.53 48.01
C SER E 465 14.94 21.68 47.43
N SER E 466 14.31 20.56 47.10
CA SER E 466 12.90 20.59 46.77
C SER E 466 12.04 20.58 48.04
N SER E 467 12.38 19.72 48.98
CA SER E 467 11.51 19.48 50.14
C SER E 467 11.83 20.28 51.41
N VAL E 468 13.12 20.51 51.70
CA VAL E 468 13.50 21.14 52.97
C VAL E 468 13.31 22.66 52.99
N LYS E 469 12.50 23.14 53.93
CA LYS E 469 12.16 24.57 54.02
C LYS E 469 13.21 25.38 54.80
N ALA E 470 14.08 24.70 55.53
CA ALA E 470 15.15 25.37 56.27
C ALA E 470 16.24 25.83 55.30
N SER E 471 15.91 26.80 54.45
CA SER E 471 16.79 27.14 53.33
C SER E 471 18.12 27.82 53.71
N SER E 472 18.20 28.43 54.88
CA SER E 472 19.44 29.09 55.29
C SER E 472 20.48 28.02 55.61
N ILE E 473 20.00 26.91 56.14
CA ILE E 473 20.86 25.75 56.44
C ILE E 473 21.22 25.02 55.15
N VAL E 474 20.25 24.82 54.27
CA VAL E 474 20.52 24.14 53.00
C VAL E 474 21.53 24.95 52.17
N ALA E 475 21.36 26.26 52.12
CA ALA E 475 22.33 27.11 51.42
C ALA E 475 23.74 26.93 52.01
N SER E 476 23.84 26.85 53.34
CA SER E 476 25.13 26.64 53.99
C SER E 476 25.73 25.29 53.63
N LEU E 477 24.90 24.26 53.54
CA LEU E 477 25.35 22.95 53.10
C LEU E 477 25.91 23.03 51.69
N PHE E 478 25.21 23.77 50.82
CA PHE E 478 25.69 23.95 49.45
C PHE E 478 27.06 24.62 49.43
N LEU E 479 27.17 25.74 50.14
CA LEU E 479 28.42 26.50 50.16
C LEU E 479 29.54 25.65 50.69
N LYS E 480 29.24 24.83 51.69
CA LYS E 480 30.26 23.98 52.32
C LYS E 480 30.90 23.02 51.32
N GLU E 481 30.18 22.67 50.26
CA GLU E 481 30.72 21.77 49.25
C GLU E 481 31.86 22.40 48.46
N PHE E 482 32.06 23.71 48.63
CA PHE E 482 33.08 24.44 47.88
C PHE E 482 34.27 24.91 48.71
N VAL E 483 34.32 24.42 49.95
CA VAL E 483 35.48 24.64 50.82
C VAL E 483 35.95 23.25 51.24
N GLN E 484 37.16 22.86 50.83
CA GLN E 484 37.60 21.48 51.02
C GLN E 484 38.39 21.24 52.30
N ASN E 485 39.32 22.12 52.62
CA ASN E 485 40.13 21.90 53.82
C ASN E 485 40.65 23.17 54.48
N THR E 486 39.75 24.12 54.70
CA THR E 486 40.11 25.40 55.29
C THR E 486 38.98 25.80 56.25
N ALA E 487 39.33 26.42 57.37
CA ALA E 487 38.31 26.92 58.30
C ALA E 487 37.44 27.97 57.59
N TRP E 488 36.13 27.76 57.62
CA TRP E 488 35.24 28.67 56.91
C TRP E 488 34.00 28.93 57.74
N ALA E 489 33.56 30.19 57.70
CA ALA E 489 32.31 30.63 58.34
C ALA E 489 31.55 31.48 57.33
N HIS E 490 30.24 31.53 57.48
CA HIS E 490 29.34 32.13 56.52
C HIS E 490 28.31 32.96 57.28
N ILE E 491 28.24 34.25 56.98
CA ILE E 491 27.33 35.13 57.70
C ILE E 491 26.19 35.55 56.78
N ASP E 492 24.98 35.20 57.17
CA ASP E 492 23.81 35.48 56.33
C ASP E 492 23.12 36.72 56.87
N ILE E 493 23.25 37.84 56.14
CA ILE E 493 22.73 39.13 56.59
C ILE E 493 21.46 39.55 55.84
N ALA E 494 20.80 38.60 55.19
CA ALA E 494 19.59 38.88 54.42
C ALA E 494 18.52 39.58 55.27
N GLY E 495 18.43 39.23 56.54
CA GLY E 495 17.44 39.85 57.40
C GLY E 495 17.87 41.17 58.01
N VAL E 496 19.16 41.34 58.26
CA VAL E 496 19.60 42.49 59.02
C VAL E 496 20.14 43.64 58.19
N SER E 497 20.37 43.44 56.90
CA SER E 497 21.10 44.46 56.12
C SER E 497 20.34 45.77 55.91
N TRP E 498 19.05 45.66 55.62
CA TRP E 498 18.25 46.84 55.34
C TRP E 498 17.42 47.24 56.56
N ASN E 499 17.52 48.52 56.93
CA ASN E 499 16.70 49.08 57.98
C ASN E 499 15.33 49.47 57.43
N PHE E 500 14.34 48.60 57.61
CA PHE E 500 13.04 48.84 56.97
C PHE E 500 12.30 50.05 57.49
N LYS E 501 12.41 50.29 58.79
CA LYS E 501 11.72 51.43 59.39
C LYS E 501 12.30 52.74 58.89
N ALA E 502 13.63 52.82 58.87
CA ALA E 502 14.33 54.06 58.50
C ALA E 502 14.57 54.18 56.99
N ARG E 503 14.23 53.15 56.25
CA ARG E 503 14.30 53.16 54.78
C ARG E 503 15.72 53.40 54.25
N LYS E 504 16.68 52.68 54.81
CA LYS E 504 18.07 52.88 54.46
C LYS E 504 18.90 51.68 54.87
N PRO E 505 20.13 51.54 54.32
CA PRO E 505 20.99 50.42 54.72
C PRO E 505 21.48 50.59 56.17
N LYS E 506 21.92 49.50 56.79
CA LYS E 506 22.64 49.59 58.05
C LYS E 506 24.16 49.62 57.84
N GLY E 507 24.63 49.19 56.68
CA GLY E 507 26.05 48.96 56.48
C GLY E 507 26.53 47.83 57.38
N PHE E 508 25.63 46.88 57.64
CA PHE E 508 25.90 45.82 58.59
C PHE E 508 27.09 44.98 58.18
N GLY E 509 27.99 44.74 59.13
CA GLY E 509 29.07 43.79 58.93
C GLY E 509 30.47 44.39 58.84
N VAL E 510 30.56 45.66 58.43
CA VAL E 510 31.86 46.34 58.35
C VAL E 510 32.61 46.24 59.69
N ARG E 511 31.94 46.61 60.77
CA ARG E 511 32.62 46.67 62.07
C ARG E 511 32.88 45.28 62.63
N LEU E 512 31.93 44.39 62.41
CA LEU E 512 32.10 42.97 62.74
C LEU E 512 33.37 42.43 62.11
N LEU E 513 33.51 42.62 60.80
CA LEU E 513 34.63 42.05 60.08
C LEU E 513 35.94 42.72 60.50
N THR E 514 35.89 44.02 60.72
CA THR E 514 37.09 44.75 61.14
C THR E 514 37.59 44.28 62.51
N GLU E 515 36.68 44.16 63.47
CA GLU E 515 37.01 43.62 64.78
C GLU E 515 37.59 42.21 64.67
N PHE E 516 37.04 41.41 63.75
CA PHE E 516 37.57 40.08 63.51
C PHE E 516 39.02 40.11 63.03
N VAL E 517 39.31 40.98 62.07
CA VAL E 517 40.67 41.14 61.55
C VAL E 517 41.62 41.65 62.62
N LEU E 518 41.19 42.69 63.36
CA LEU E 518 42.07 43.37 64.32
C LEU E 518 42.42 42.57 65.58
N ASN E 519 41.47 41.78 66.08
CA ASN E 519 41.57 41.25 67.44
C ASN E 519 41.72 39.73 67.49
N SER F 3 24.93 25.45 11.64
CA SER F 3 24.50 24.58 12.71
C SER F 3 25.37 24.81 13.94
N GLU F 4 26.06 25.94 13.95
CA GLU F 4 26.86 26.34 15.11
C GLU F 4 25.94 26.84 16.21
N VAL F 5 26.11 26.31 17.41
CA VAL F 5 25.29 26.71 18.55
C VAL F 5 25.85 28.01 19.09
N PRO F 6 25.01 29.06 19.17
CA PRO F 6 25.52 30.31 19.77
C PRO F 6 25.76 30.16 21.27
N GLN F 7 26.78 30.86 21.76
CA GLN F 7 27.12 30.88 23.18
C GLN F 7 27.07 32.31 23.74
N VAL F 8 26.70 32.45 24.99
CA VAL F 8 26.85 33.72 25.69
C VAL F 8 28.25 33.81 26.28
N VAL F 9 28.70 32.73 26.91
CA VAL F 9 30.07 32.64 27.43
C VAL F 9 30.73 31.37 26.88
N SER F 10 32.07 31.34 26.90
CA SER F 10 32.80 30.21 26.33
C SER F 10 32.51 28.87 27.02
N LEU F 11 31.95 28.94 28.23
CA LEU F 11 31.64 27.74 28.99
C LEU F 11 30.28 27.14 28.63
N ASP F 12 29.46 27.86 27.86
CA ASP F 12 28.18 27.29 27.42
C ASP F 12 28.42 26.12 26.47
N PRO F 13 27.71 25.01 26.71
CA PRO F 13 27.87 23.79 25.89
C PRO F 13 27.34 23.97 24.48
N THR F 14 27.96 23.28 23.53
CA THR F 14 27.61 23.42 22.13
C THR F 14 27.05 22.14 21.52
N SER F 15 26.85 21.13 22.35
CA SER F 15 26.14 19.93 21.91
C SER F 15 25.49 19.21 23.09
N ILE F 16 24.53 18.35 22.77
CA ILE F 16 23.95 17.46 23.75
C ILE F 16 24.82 16.20 23.81
N PRO F 17 25.34 15.86 25.00
CA PRO F 17 26.04 14.57 25.08
C PRO F 17 25.02 13.44 24.90
N ILE F 18 25.35 12.45 24.08
CA ILE F 18 24.46 11.33 23.85
C ILE F 18 25.22 10.03 24.02
N GLU F 19 24.65 9.11 24.78
CA GLU F 19 25.22 7.78 24.91
C GLU F 19 24.50 6.82 23.95
N TYR F 20 25.23 6.26 22.99
CA TYR F 20 24.63 5.30 22.07
C TYR F 20 24.95 3.88 22.48
N ASN F 21 26.22 3.61 22.72
CA ASN F 21 26.69 2.31 23.15
C ASN F 21 26.55 2.15 24.65
N THR F 22 25.40 1.68 25.09
CA THR F 22 25.14 1.53 26.52
C THR F 22 25.47 0.11 26.99
N PRO F 23 25.72 -0.06 28.30
CA PRO F 23 26.05 -1.39 28.82
C PRO F 23 24.89 -2.38 28.74
N ILE F 24 23.67 -1.88 28.54
CA ILE F 24 22.55 -2.77 28.27
C ILE F 24 22.82 -3.55 26.98
N HIS F 25 23.46 -2.89 26.02
CA HIS F 25 23.75 -3.51 24.74
C HIS F 25 24.79 -4.64 24.83
N ASP F 26 25.45 -4.76 25.98
CA ASP F 26 26.45 -5.80 26.18
C ASP F 26 25.89 -7.05 26.83
N ILE F 27 24.65 -6.96 27.33
CA ILE F 27 24.02 -8.09 28.00
C ILE F 27 23.61 -9.20 27.03
N LYS F 28 24.23 -10.38 27.16
CA LYS F 28 23.80 -11.57 26.44
C LYS F 28 22.52 -12.14 27.06
N VAL F 29 21.49 -12.32 26.24
CA VAL F 29 20.20 -12.83 26.71
C VAL F 29 19.90 -14.26 26.20
N GLN F 30 19.47 -15.13 27.13
CA GLN F 30 19.09 -16.51 26.80
C GLN F 30 17.72 -16.84 27.40
N VAL F 31 16.85 -17.44 26.59
CA VAL F 31 15.52 -17.82 27.05
C VAL F 31 15.36 -19.35 27.10
N TYR F 32 15.02 -19.88 28.26
CA TYR F 32 14.89 -21.33 28.44
C TYR F 32 13.50 -21.72 28.89
N ASP F 33 13.08 -22.91 28.52
CA ASP F 33 11.81 -23.47 28.97
C ASP F 33 11.96 -23.90 30.42
N ILE F 34 10.91 -23.73 31.23
CA ILE F 34 11.01 -24.03 32.65
C ILE F 34 10.81 -25.53 32.95
N LYS F 35 10.32 -26.27 31.96
CA LYS F 35 10.03 -27.70 32.14
C LYS F 35 11.28 -28.51 32.42
N GLY F 36 12.40 -28.12 31.80
CA GLY F 36 13.65 -28.85 31.95
C GLY F 36 14.36 -28.54 33.25
N GLY F 37 13.69 -27.83 34.15
CA GLY F 37 14.31 -27.43 35.41
C GLY F 37 15.24 -26.24 35.25
N CYS F 38 15.47 -25.52 36.33
CA CYS F 38 16.38 -24.37 36.28
C CYS F 38 17.74 -24.77 36.81
N ASN F 39 18.78 -24.31 36.12
CA ASN F 39 20.14 -24.43 36.63
C ASN F 39 20.53 -23.15 37.39
N VAL F 40 21.11 -23.31 38.57
CA VAL F 40 21.55 -22.18 39.37
C VAL F 40 23.04 -22.31 39.63
N GLU F 41 23.85 -21.66 38.80
CA GLU F 41 25.30 -21.84 38.87
C GLU F 41 26.03 -20.56 39.22
N GLU F 42 25.37 -19.41 39.09
CA GLU F 42 26.04 -18.12 39.23
C GLU F 42 25.09 -16.92 39.40
N GLY F 43 25.66 -15.80 39.80
CA GLY F 43 24.93 -14.55 39.88
C GLY F 43 23.71 -14.63 40.78
N LEU F 44 22.66 -13.94 40.36
CA LEU F 44 21.42 -13.84 41.12
C LEU F 44 20.27 -14.49 40.34
N THR F 45 19.48 -15.31 41.02
CA THR F 45 18.33 -15.98 40.40
C THR F 45 17.06 -15.58 41.13
N ILE F 46 16.11 -15.03 40.39
CA ILE F 46 14.91 -14.47 41.00
C ILE F 46 13.66 -15.17 40.47
N PHE F 47 12.82 -15.62 41.39
CA PHE F 47 11.52 -16.22 41.02
C PHE F 47 10.40 -15.20 41.03
N LEU F 48 9.68 -15.08 39.92
CA LEU F 48 8.50 -14.22 39.87
C LEU F 48 7.30 -15.05 40.32
N VAL F 49 6.79 -14.75 41.51
CA VAL F 49 5.84 -15.62 42.18
C VAL F 49 4.58 -14.86 42.58
N ASN F 50 3.43 -15.47 42.34
CA ASN F 50 2.18 -14.93 42.85
C ASN F 50 1.52 -15.94 43.77
N ASN F 51 0.29 -15.62 44.18
CA ASN F 51 -0.54 -16.53 44.94
C ASN F 51 -1.97 -16.06 44.66
N PRO F 52 -2.67 -16.74 43.74
CA PRO F 52 -4.05 -16.32 43.47
C PRO F 52 -4.98 -16.80 44.59
N GLY F 53 -5.96 -15.97 44.94
CA GLY F 53 -6.73 -16.19 46.16
C GLY F 53 -5.98 -15.60 47.35
N LYS F 54 -5.06 -16.38 47.90
CA LYS F 54 -3.97 -15.89 48.75
C LYS F 54 -4.28 -14.99 49.94
N GLU F 55 -3.56 -13.86 49.94
CA GLU F 55 -3.84 -12.70 50.77
C GLU F 55 -3.49 -11.41 50.01
N ASN F 56 -2.23 -11.06 49.69
CA ASN F 56 -0.88 -11.39 50.24
C ASN F 56 -0.44 -12.74 50.83
N GLY F 57 -0.75 -13.85 50.16
CA GLY F 57 -0.43 -15.16 50.70
C GLY F 57 1.06 -15.46 50.70
N PRO F 58 1.41 -16.71 51.06
CA PRO F 58 2.79 -17.19 51.12
C PRO F 58 3.43 -17.43 49.75
N VAL F 59 4.75 -17.26 49.68
CA VAL F 59 5.53 -17.63 48.50
C VAL F 59 5.66 -19.14 48.44
N LYS F 60 5.28 -19.73 47.31
CA LYS F 60 5.51 -21.16 47.10
C LYS F 60 6.07 -21.36 45.69
N ILE F 61 7.26 -21.96 45.62
CA ILE F 61 7.97 -22.14 44.36
C ILE F 61 7.58 -23.45 43.68
N SER F 62 7.22 -23.36 42.41
CA SER F 62 6.70 -24.52 41.68
C SER F 62 7.72 -25.14 40.74
N SER F 63 8.70 -24.35 40.30
CA SER F 63 9.66 -24.83 39.32
C SER F 63 10.69 -25.81 39.89
N LYS F 64 11.16 -26.72 39.05
CA LYS F 64 12.22 -27.64 39.45
C LYS F 64 13.58 -26.94 39.33
N VAL F 65 14.43 -27.14 40.34
CA VAL F 65 15.74 -26.52 40.40
C VAL F 65 16.83 -27.58 40.48
N ASN F 66 17.75 -27.57 39.52
CA ASN F 66 18.76 -28.62 39.41
C ASN F 66 19.98 -28.48 40.33
N ASP F 67 19.75 -28.00 41.54
CA ASP F 67 20.79 -27.88 42.55
C ASP F 67 20.20 -28.28 43.90
N LYS F 68 20.88 -29.20 44.59
CA LYS F 68 20.36 -29.75 45.85
C LYS F 68 20.21 -28.68 46.93
N GLN F 69 21.25 -27.88 47.14
CA GLN F 69 21.25 -26.88 48.20
C GLN F 69 20.22 -25.75 47.96
N VAL F 70 20.16 -25.25 46.74
CA VAL F 70 19.16 -24.25 46.39
C VAL F 70 17.75 -24.80 46.52
N SER F 71 17.52 -26.00 46.00
CA SER F 71 16.21 -26.65 46.10
C SER F 71 15.78 -26.83 47.56
N GLU F 72 16.75 -27.01 48.45
CA GLU F 72 16.46 -27.07 49.88
C GLU F 72 16.03 -25.70 50.38
N PHE F 73 16.77 -24.68 49.96
CA PHE F 73 16.46 -23.31 50.31
C PHE F 73 15.04 -22.96 49.93
N LEU F 74 14.63 -23.45 48.76
CA LEU F 74 13.36 -23.06 48.14
C LEU F 74 12.17 -23.93 48.56
N LYS F 75 12.35 -24.74 49.59
CA LYS F 75 11.28 -25.63 50.03
C LYS F 75 10.17 -24.83 50.70
N ASP F 76 8.95 -25.35 50.64
CA ASP F 76 7.75 -24.62 51.07
C ASP F 76 7.84 -24.07 52.50
N GLU F 77 8.48 -24.82 53.38
CA GLU F 77 8.59 -24.42 54.79
C GLU F 77 9.45 -23.17 54.95
N ASN F 78 10.48 -23.04 54.13
CA ASN F 78 11.29 -21.83 54.16
C ASN F 78 10.53 -20.70 53.48
N MET F 79 10.00 -20.97 52.31
CA MET F 79 9.40 -19.92 51.49
C MET F 79 8.10 -19.31 52.06
N GLU F 80 7.36 -20.10 52.82
CA GLU F 80 6.13 -19.60 53.45
C GLU F 80 6.41 -18.50 54.48
N LYS F 81 7.68 -18.36 54.86
CA LYS F 81 8.10 -17.28 55.75
C LYS F 81 7.95 -15.92 55.07
N PHE F 82 7.78 -15.94 53.75
CA PHE F 82 7.68 -14.71 52.96
C PHE F 82 6.34 -14.65 52.24
N ASN F 83 5.96 -13.44 51.80
CA ASN F 83 4.65 -13.26 51.16
C ASN F 83 4.76 -12.62 49.77
N VAL F 84 3.69 -12.74 48.98
CA VAL F 84 3.72 -12.34 47.58
C VAL F 84 3.20 -10.94 47.33
N LYS F 85 3.02 -10.14 48.39
CA LYS F 85 2.57 -8.75 48.22
C LYS F 85 3.38 -8.08 47.11
N LEU F 86 2.70 -7.33 46.25
CA LEU F 86 3.28 -6.84 44.99
C LEU F 86 4.51 -5.98 45.24
N GLY F 87 5.63 -6.41 44.68
CA GLY F 87 6.86 -5.63 44.78
C GLY F 87 7.71 -6.01 45.99
N THR F 88 7.18 -6.88 46.83
CA THR F 88 7.95 -7.36 47.98
C THR F 88 9.00 -8.34 47.49
N SER F 89 10.22 -8.22 48.02
CA SER F 89 11.30 -9.11 47.60
C SER F 89 12.20 -9.53 48.75
N LYS F 90 12.87 -10.66 48.53
CA LYS F 90 13.83 -11.19 49.47
C LYS F 90 14.90 -11.84 48.62
N HIS F 91 16.15 -11.72 49.03
CA HIS F 91 17.20 -12.51 48.40
C HIS F 91 18.35 -12.80 49.34
N PHE F 92 18.94 -13.98 49.15
CA PHE F 92 19.93 -14.51 50.06
C PHE F 92 21.10 -15.08 49.25
N TYR F 93 22.30 -14.86 49.77
CA TYR F 93 23.51 -15.47 49.21
C TYR F 93 23.79 -16.80 49.89
N MET F 94 24.15 -17.81 49.10
CA MET F 94 24.44 -19.13 49.64
C MET F 94 25.38 -19.90 48.71
N PHE F 95 25.84 -21.06 49.17
CA PHE F 95 26.68 -21.93 48.34
C PHE F 95 25.85 -23.02 47.68
N ASN F 96 26.08 -23.24 46.40
CA ASN F 96 25.38 -24.28 45.65
C ASN F 96 26.11 -25.63 45.71
N ASP F 97 25.71 -26.57 44.86
CA ASP F 97 26.28 -27.91 44.87
C ASP F 97 27.78 -27.96 44.53
N ASN F 98 28.28 -26.92 43.87
CA ASN F 98 29.71 -26.91 43.53
C ASN F 98 30.47 -25.88 44.36
N LYS F 99 29.95 -25.59 45.53
CA LYS F 99 30.58 -24.66 46.48
C LYS F 99 30.80 -23.27 45.91
N ASN F 100 30.00 -22.89 44.92
CA ASN F 100 30.08 -21.55 44.34
C ASN F 100 29.04 -20.62 44.95
N SER F 101 29.40 -19.34 45.04
CA SER F 101 28.51 -18.34 45.61
C SER F 101 27.36 -18.02 44.65
N VAL F 102 26.13 -18.29 45.10
CA VAL F 102 24.92 -18.00 44.34
C VAL F 102 23.94 -17.17 45.17
N ALA F 103 23.30 -16.19 44.54
CA ALA F 103 22.23 -15.42 45.16
C ALA F 103 20.86 -15.89 44.62
N VAL F 104 19.90 -16.08 45.52
CA VAL F 104 18.58 -16.60 45.14
C VAL F 104 17.49 -15.85 45.90
N GLY F 105 16.41 -15.51 45.20
CA GLY F 105 15.31 -14.79 45.82
C GLY F 105 14.07 -14.77 44.97
N TYR F 106 13.14 -13.87 45.32
CA TYR F 106 11.87 -13.77 44.62
C TYR F 106 11.37 -12.32 44.60
N VAL F 107 10.49 -12.02 43.66
CA VAL F 107 9.68 -10.81 43.71
C VAL F 107 8.20 -11.25 43.73
N GLY F 108 7.43 -10.67 44.65
CA GLY F 108 6.01 -10.98 44.72
C GLY F 108 5.23 -10.26 43.64
N CYS F 109 4.32 -11.00 42.99
CA CYS F 109 3.46 -10.45 41.95
C CYS F 109 1.99 -10.43 42.38
N GLY F 110 1.76 -10.42 43.70
CA GLY F 110 0.41 -10.28 44.22
C GLY F 110 -0.50 -11.46 43.97
N SER F 111 -1.80 -11.19 43.90
CA SER F 111 -2.81 -12.24 43.82
C SER F 111 -3.61 -12.30 42.51
N VAL F 112 -3.55 -11.24 41.71
CA VAL F 112 -4.21 -11.25 40.40
C VAL F 112 -3.35 -12.03 39.39
N ALA F 113 -4.01 -12.73 38.47
CA ALA F 113 -3.29 -13.58 37.52
C ALA F 113 -2.82 -12.83 36.27
N ASP F 114 -3.50 -11.73 35.95
CA ASP F 114 -3.10 -10.88 34.83
C ASP F 114 -2.49 -9.58 35.34
N LEU F 115 -1.17 -9.46 35.21
CA LEU F 115 -0.49 -8.23 35.61
C LEU F 115 -0.81 -7.10 34.65
N SER F 116 -1.14 -5.92 35.19
CA SER F 116 -1.25 -4.72 34.37
C SER F 116 0.15 -4.19 34.11
N GLU F 117 0.25 -3.24 33.19
CA GLU F 117 1.51 -2.56 32.93
C GLU F 117 2.04 -1.93 34.23
N ALA F 118 1.14 -1.31 34.99
CA ALA F 118 1.48 -0.68 36.26
C ALA F 118 2.08 -1.68 37.26
N ASP F 119 1.42 -2.84 37.38
CA ASP F 119 1.87 -3.91 38.27
C ASP F 119 3.23 -4.43 37.86
N MET F 120 3.35 -4.80 36.58
CA MET F 120 4.61 -5.31 36.03
C MET F 120 5.74 -4.33 36.28
N LYS F 121 5.43 -3.05 36.16
CA LYS F 121 6.39 -2.00 36.44
C LYS F 121 6.84 -2.06 37.92
N ARG F 122 5.91 -2.34 38.83
CA ARG F 122 6.29 -2.50 40.24
C ARG F 122 7.20 -3.71 40.43
N VAL F 123 6.93 -4.77 39.68
CA VAL F 123 7.78 -5.96 39.74
C VAL F 123 9.21 -5.63 39.31
N VAL F 124 9.34 -4.98 38.16
CA VAL F 124 10.66 -4.64 37.63
C VAL F 124 11.47 -3.75 38.58
N LEU F 125 10.80 -2.74 39.16
CA LEU F 125 11.44 -1.80 40.07
C LEU F 125 12.10 -2.48 41.28
N SER F 126 11.39 -3.46 41.84
CA SER F 126 11.93 -4.26 42.93
C SER F 126 13.16 -5.04 42.48
N LEU F 127 13.06 -5.63 41.30
CA LEU F 127 14.14 -6.38 40.68
C LEU F 127 15.36 -5.45 40.44
N VAL F 128 15.10 -4.27 39.91
CA VAL F 128 16.18 -3.33 39.60
C VAL F 128 16.93 -2.90 40.87
N THR F 129 16.17 -2.70 41.95
CA THR F 129 16.72 -2.36 43.25
C THR F 129 17.78 -3.39 43.68
N MET F 130 17.51 -4.67 43.41
CA MET F 130 18.48 -5.70 43.76
C MET F 130 19.71 -5.65 42.87
N LEU F 131 19.53 -5.34 41.58
CA LEU F 131 20.65 -5.26 40.65
C LEU F 131 21.57 -4.09 40.99
N HIS F 132 20.99 -2.94 41.32
CA HIS F 132 21.76 -1.77 41.71
C HIS F 132 22.47 -1.97 43.04
N ASP F 133 22.00 -2.92 43.83
CA ASP F 133 22.56 -3.17 45.16
C ASP F 133 23.52 -4.35 45.17
N ASN F 134 23.68 -5.00 44.02
CA ASN F 134 24.48 -6.20 43.96
C ASN F 134 25.43 -6.25 42.78
N LYS F 135 26.68 -6.64 43.07
CA LYS F 135 27.70 -6.84 42.05
C LYS F 135 27.51 -8.26 41.51
N LEU F 136 27.03 -8.34 40.27
CA LEU F 136 26.62 -9.60 39.70
C LEU F 136 27.10 -9.69 38.26
N SER F 137 27.48 -10.90 37.86
CA SER F 137 27.86 -11.15 36.48
C SER F 137 26.62 -11.50 35.66
N LYS F 138 25.59 -11.98 36.34
CA LYS F 138 24.44 -12.56 35.65
C LYS F 138 23.19 -12.51 36.50
N LEU F 139 22.08 -12.19 35.85
CA LEU F 139 20.76 -12.29 36.44
C LEU F 139 19.98 -13.39 35.72
N THR F 140 19.27 -14.19 36.50
CA THR F 140 18.38 -15.18 35.94
C THR F 140 16.99 -14.93 36.52
N VAL F 141 16.01 -14.79 35.63
CA VAL F 141 14.64 -14.56 36.03
C VAL F 141 13.81 -15.76 35.58
N VAL F 142 13.04 -16.34 36.48
CA VAL F 142 12.17 -17.45 36.11
C VAL F 142 10.70 -17.08 36.33
N PHE F 143 9.92 -17.18 35.26
CA PHE F 143 8.52 -16.78 35.33
C PHE F 143 7.64 -17.89 35.88
N GLU F 144 7.12 -17.68 37.10
CA GLU F 144 6.13 -18.59 37.67
C GLU F 144 4.76 -17.91 37.64
N ILE F 145 4.59 -17.03 36.66
CA ILE F 145 3.34 -16.33 36.41
C ILE F 145 3.17 -16.40 34.90
N ASN F 146 1.95 -16.17 34.37
CA ASN F 146 1.81 -16.10 32.92
C ASN F 146 1.71 -14.67 32.39
N VAL F 147 2.50 -14.40 31.34
CA VAL F 147 2.47 -13.13 30.64
C VAL F 147 2.39 -13.44 29.15
N ASP F 148 1.77 -12.57 28.37
CA ASP F 148 1.77 -12.77 26.93
C ASP F 148 3.06 -12.20 26.33
N LYS F 149 3.19 -12.32 25.00
CA LYS F 149 4.41 -11.91 24.33
C LYS F 149 4.68 -10.41 24.49
N ASN F 150 3.66 -9.59 24.32
CA ASN F 150 3.82 -8.15 24.50
C ASN F 150 4.27 -7.77 25.91
N LEU F 151 3.65 -8.41 26.90
CA LEU F 151 3.97 -8.13 28.29
C LEU F 151 5.36 -8.65 28.67
N PHE F 152 5.75 -9.80 28.13
CA PHE F 152 7.11 -10.28 28.29
C PHE F 152 8.08 -9.22 27.76
N ARG F 153 7.77 -8.68 26.59
CA ARG F 153 8.67 -7.70 25.98
C ARG F 153 8.69 -6.42 26.80
N PHE F 154 7.54 -6.05 27.34
CA PHE F 154 7.43 -4.90 28.24
C PHE F 154 8.33 -5.10 29.46
N PHE F 155 8.30 -6.30 30.03
CA PHE F 155 9.17 -6.64 31.16
C PHE F 155 10.62 -6.35 30.81
N LEU F 156 11.06 -6.86 29.66
CA LEU F 156 12.45 -6.68 29.25
C LEU F 156 12.80 -5.20 29.04
N GLU F 157 11.91 -4.46 28.38
CA GLU F 157 12.17 -3.05 28.08
C GLU F 157 12.25 -2.24 29.36
N THR F 158 11.32 -2.52 30.25
CA THR F 158 11.25 -1.80 31.52
C THR F 158 12.49 -2.12 32.35
N LEU F 159 12.90 -3.40 32.37
CA LEU F 159 14.11 -3.81 33.06
C LEU F 159 15.35 -3.07 32.55
N PHE F 160 15.58 -3.15 31.24
CA PHE F 160 16.71 -2.46 30.62
C PHE F 160 16.66 -0.95 30.93
N TYR F 161 15.51 -0.33 30.69
CA TYR F 161 15.36 1.11 30.86
C TYR F 161 15.61 1.55 32.30
N GLU F 162 15.00 0.86 33.26
CA GLU F 162 15.13 1.24 34.65
C GLU F 162 16.51 0.92 35.21
N TYR F 163 17.12 -0.14 34.70
CA TYR F 163 18.45 -0.56 35.13
C TYR F 163 19.51 0.46 34.72
N MET F 164 19.33 1.00 33.52
CA MET F 164 20.28 1.95 32.95
C MET F 164 20.26 3.26 33.74
N THR F 165 21.46 3.76 34.07
CA THR F 165 21.58 5.02 34.81
C THR F 165 22.32 6.08 33.99
N ASP F 166 21.69 7.25 33.83
CA ASP F 166 22.22 8.34 33.02
C ASP F 166 23.23 9.18 33.81
N GLU F 167 24.51 9.01 33.51
CA GLU F 167 25.55 9.75 34.22
C GLU F 167 26.29 10.79 33.36
N ARG F 168 25.66 11.21 32.26
CA ARG F 168 26.27 12.17 31.36
C ARG F 168 26.67 13.48 32.03
N PHE F 169 25.91 13.90 33.04
CA PHE F 169 26.14 15.20 33.66
C PHE F 169 26.83 15.11 35.01
N LYS F 170 27.31 13.92 35.35
CA LYS F 170 28.10 13.68 36.56
C LYS F 170 29.56 13.93 36.24
N SER F 171 30.31 14.43 37.22
CA SER F 171 31.73 14.70 37.00
C SER F 171 32.54 14.41 38.25
N GLU F 179 30.12 -2.45 35.69
CA GLU F 179 29.47 -2.81 36.95
C GLU F 179 28.14 -3.53 36.67
N TYR F 180 27.72 -3.49 35.41
CA TYR F 180 26.46 -4.10 34.97
C TYR F 180 26.63 -5.59 34.74
N ILE F 181 25.52 -6.34 34.83
CA ILE F 181 25.55 -7.76 34.48
C ILE F 181 25.88 -7.91 33.01
N LYS F 182 26.51 -9.03 32.65
CA LYS F 182 26.88 -9.30 31.27
C LYS F 182 25.99 -10.38 30.64
N HIS F 183 25.14 -10.99 31.47
CA HIS F 183 24.25 -12.05 31.00
C HIS F 183 22.89 -11.97 31.68
N LEU F 184 21.83 -12.21 30.90
CA LEU F 184 20.49 -12.36 31.44
C LEU F 184 19.92 -13.71 31.00
N GLY F 185 19.57 -14.56 31.96
CA GLY F 185 18.86 -15.80 31.66
C GLY F 185 17.38 -15.65 31.98
N VAL F 186 16.53 -16.24 31.15
CA VAL F 186 15.09 -16.23 31.42
C VAL F 186 14.50 -17.64 31.32
N TYR F 187 13.87 -18.10 32.39
CA TYR F 187 13.10 -19.34 32.35
C TYR F 187 11.61 -19.04 32.22
N ILE F 188 11.00 -19.56 31.16
CA ILE F 188 9.57 -19.32 30.93
C ILE F 188 8.92 -20.49 30.20
N ASN F 189 7.67 -20.78 30.52
CA ASN F 189 6.90 -21.79 29.79
C ASN F 189 6.78 -21.41 28.32
N ASN F 190 6.95 -22.41 27.45
CA ASN F 190 6.90 -22.19 26.00
C ASN F 190 7.91 -21.14 25.55
N ALA F 191 9.15 -21.32 26.00
CA ALA F 191 10.24 -20.38 25.75
C ALA F 191 10.33 -19.91 24.31
N ASP F 192 10.27 -20.86 23.37
CA ASP F 192 10.50 -20.56 21.97
C ASP F 192 9.57 -19.47 21.39
N THR F 193 8.38 -19.32 21.96
CA THR F 193 7.45 -18.30 21.49
C THR F 193 7.81 -16.88 21.95
N TYR F 194 8.72 -16.78 22.91
CA TYR F 194 9.09 -15.48 23.49
C TYR F 194 10.41 -14.93 22.94
N LYS F 195 11.18 -15.78 22.26
CA LYS F 195 12.54 -15.45 21.82
C LYS F 195 12.63 -14.24 20.88
N GLU F 196 11.65 -14.10 19.99
CA GLU F 196 11.64 -13.01 19.04
C GLU F 196 11.47 -11.66 19.72
N GLU F 197 10.96 -11.69 20.95
CA GLU F 197 10.68 -10.45 21.68
C GLU F 197 11.94 -9.79 22.22
N VAL F 198 13.02 -10.56 22.32
CA VAL F 198 14.21 -10.12 23.03
C VAL F 198 14.91 -8.93 22.39
N GLU F 199 15.29 -9.07 21.12
CA GLU F 199 16.00 -7.99 20.45
C GLU F 199 15.08 -6.83 20.14
N LYS F 200 13.79 -7.13 20.00
CA LYS F 200 12.81 -6.07 19.78
C LYS F 200 12.75 -5.22 21.05
N ALA F 201 12.80 -5.89 22.19
CA ALA F 201 12.81 -5.19 23.47
C ALA F 201 14.02 -4.29 23.57
N ARG F 202 15.17 -4.80 23.16
CA ARG F 202 16.41 -4.04 23.22
C ARG F 202 16.35 -2.80 22.32
N VAL F 203 15.72 -2.91 21.15
CA VAL F 203 15.51 -1.74 20.29
C VAL F 203 14.53 -0.76 20.95
N TYR F 204 13.43 -1.29 21.47
CA TYR F 204 12.43 -0.47 22.14
C TYR F 204 13.00 0.23 23.36
N TYR F 205 13.83 -0.49 24.11
CA TYR F 205 14.57 0.12 25.22
C TYR F 205 15.36 1.33 24.74
N PHE F 206 16.15 1.16 23.69
CA PHE F 206 17.02 2.27 23.32
C PHE F 206 16.31 3.49 22.76
N GLY F 207 15.28 3.26 21.95
CA GLY F 207 14.48 4.37 21.43
C GLY F 207 13.96 5.18 22.61
N THR F 208 13.51 4.45 23.63
CA THR F 208 12.94 5.05 24.83
C THR F 208 14.02 5.76 25.64
N TYR F 209 15.17 5.12 25.79
CA TYR F 209 16.27 5.71 26.55
C TYR F 209 16.88 6.90 25.81
N TYR F 210 16.94 6.83 24.49
CA TYR F 210 17.39 7.96 23.67
C TYR F 210 16.48 9.17 23.84
N ALA F 211 15.16 8.93 23.81
CA ALA F 211 14.20 9.99 24.07
C ALA F 211 14.46 10.62 25.44
N SER F 212 14.61 9.76 26.44
CA SER F 212 14.92 10.17 27.81
C SER F 212 16.16 11.08 27.91
N GLN F 213 17.22 10.71 27.20
CA GLN F 213 18.46 11.49 27.22
C GLN F 213 18.24 12.92 26.68
N LEU F 214 17.41 13.04 25.65
CA LEU F 214 17.12 14.35 25.09
C LEU F 214 16.29 15.15 26.06
N ILE F 215 15.32 14.49 26.70
CA ILE F 215 14.44 15.19 27.60
C ILE F 215 15.18 15.63 28.85
N ALA F 216 15.97 14.73 29.42
CA ALA F 216 16.73 14.99 30.65
C ALA F 216 17.79 16.05 30.43
N ALA F 217 18.36 16.08 29.24
CA ALA F 217 19.34 17.10 28.89
C ALA F 217 18.71 18.49 29.09
N PRO F 218 19.34 19.31 29.95
CA PRO F 218 18.82 20.63 30.29
C PRO F 218 18.86 21.58 29.10
N SER F 219 18.13 22.68 29.21
CA SER F 219 17.93 23.60 28.09
C SER F 219 19.18 24.33 27.63
N ASN F 220 20.18 24.46 28.49
CA ASN F 220 21.44 25.04 28.04
C ASN F 220 22.17 24.09 27.11
N TYR F 221 22.04 22.78 27.36
CA TYR F 221 22.64 21.75 26.50
C TYR F 221 21.76 21.47 25.29
N CYS F 222 20.48 21.22 25.56
CA CYS F 222 19.52 20.88 24.53
C CYS F 222 18.70 22.11 24.15
N ASN F 223 19.15 22.80 23.10
CA ASN F 223 18.47 23.99 22.58
C ASN F 223 18.09 23.71 21.12
N PRO F 224 17.36 24.64 20.46
CA PRO F 224 16.87 24.32 19.11
C PRO F 224 17.96 23.93 18.10
N VAL F 225 19.15 24.48 18.25
CA VAL F 225 20.25 24.20 17.32
C VAL F 225 20.90 22.84 17.62
N SER F 226 21.19 22.59 18.89
CA SER F 226 21.82 21.34 19.29
C SER F 226 20.88 20.15 19.15
N LEU F 227 19.58 20.38 19.31
CA LEU F 227 18.60 19.29 19.17
C LEU F 227 18.47 18.90 17.71
N SER F 228 18.42 19.89 16.82
CA SER F 228 18.37 19.58 15.38
C SER F 228 19.69 18.96 14.89
N ASN F 229 20.81 19.41 15.44
CA ASN F 229 22.10 18.76 15.15
C ASN F 229 22.07 17.30 15.58
N ALA F 230 21.57 17.04 16.78
CA ALA F 230 21.44 15.68 17.26
C ALA F 230 20.53 14.84 16.37
N ALA F 231 19.45 15.43 15.88
CA ALA F 231 18.54 14.72 14.99
C ALA F 231 19.19 14.34 13.65
N VAL F 232 19.98 15.26 13.11
CA VAL F 232 20.76 14.99 11.90
C VAL F 232 21.74 13.84 12.11
N GLU F 233 22.47 13.90 13.21
CA GLU F 233 23.42 12.83 13.54
C GLU F 233 22.71 11.48 13.66
N LEU F 234 21.50 11.50 14.24
CA LEU F 234 20.71 10.27 14.35
C LEU F 234 20.31 9.73 12.97
N ALA F 235 19.83 10.61 12.09
CA ALA F 235 19.40 10.18 10.76
C ALA F 235 20.57 9.62 9.96
N GLN F 236 21.72 10.28 10.06
CA GLN F 236 22.94 9.83 9.39
C GLN F 236 23.34 8.41 9.81
N LYS F 237 23.20 8.12 11.10
CA LYS F 237 23.53 6.80 11.62
C LYS F 237 22.51 5.73 11.22
N LEU F 238 21.30 6.17 10.89
CA LEU F 238 20.23 5.25 10.51
C LEU F 238 19.95 5.23 9.01
N ASN F 239 20.66 6.07 8.25
CA ASN F 239 20.38 6.22 6.81
C ASN F 239 18.98 6.76 6.50
N LEU F 240 18.47 7.65 7.35
CA LEU F 240 17.19 8.28 7.09
C LEU F 240 17.46 9.53 6.26
N GLU F 241 16.53 9.90 5.37
CA GLU F 241 16.66 11.20 4.74
C GLU F 241 16.41 12.25 5.83
N TYR F 242 17.07 13.40 5.74
CA TYR F 242 16.86 14.46 6.71
C TYR F 242 16.87 15.82 6.07
N LYS F 243 16.21 16.77 6.72
CA LYS F 243 16.14 18.13 6.24
C LYS F 243 15.89 19.00 7.46
N ILE F 244 16.74 20.00 7.67
CA ILE F 244 16.54 20.97 8.74
C ILE F 244 16.24 22.31 8.10
N LEU F 245 15.04 22.84 8.38
CA LEU F 245 14.64 24.12 7.81
C LEU F 245 15.04 25.25 8.76
N GLY F 246 15.75 26.24 8.22
CA GLY F 246 16.19 27.38 8.98
C GLY F 246 15.23 28.56 8.90
N VAL F 247 15.58 29.64 9.58
CA VAL F 247 14.71 30.83 9.67
C VAL F 247 14.29 31.37 8.31
N LYS F 248 15.25 31.47 7.39
CA LYS F 248 14.99 32.00 6.05
C LYS F 248 13.94 31.18 5.30
N GLU F 249 14.06 29.86 5.33
CA GLU F 249 13.04 29.03 4.70
C GLU F 249 11.71 29.08 5.44
N LEU F 250 11.77 29.18 6.76
CA LEU F 250 10.55 29.23 7.55
C LEU F 250 9.79 30.53 7.25
N GLU F 251 10.54 31.61 7.02
CA GLU F 251 9.91 32.86 6.62
C GLU F 251 9.28 32.73 5.22
N GLU F 252 10.00 32.10 4.29
CA GLU F 252 9.48 31.84 2.96
C GLU F 252 8.20 31.02 3.02
N LEU F 253 8.15 30.05 3.92
CA LEU F 253 6.95 29.23 4.05
C LEU F 253 5.86 29.94 4.85
N LYS F 254 6.18 31.13 5.35
CA LYS F 254 5.22 31.97 6.08
C LYS F 254 4.74 31.31 7.39
N MET F 255 5.64 30.60 8.07
CA MET F 255 5.27 29.99 9.36
C MET F 255 5.31 31.01 10.49
N GLY F 256 4.35 31.94 10.48
CA GLY F 256 4.33 33.03 11.42
C GLY F 256 3.94 32.66 12.85
N ALA F 257 3.17 31.60 13.00
CA ALA F 257 2.77 31.19 14.35
C ALA F 257 4.00 30.61 15.03
N TYR F 258 4.67 29.71 14.33
CA TYR F 258 5.89 29.08 14.82
C TYR F 258 7.05 30.06 15.01
N LEU F 259 7.25 30.96 14.05
CA LEU F 259 8.34 31.92 14.18
C LEU F 259 8.14 32.91 15.34
N SER F 260 6.88 33.26 15.62
CA SER F 260 6.58 34.22 16.68
C SER F 260 6.97 33.72 18.05
N VAL F 261 6.81 32.42 18.26
CA VAL F 261 7.13 31.82 19.55
C VAL F 261 8.63 31.93 19.80
N GLY F 262 9.40 31.82 18.74
CA GLY F 262 10.85 31.78 18.88
C GLY F 262 11.53 33.14 18.88
N LYS F 263 10.75 34.20 18.63
CA LYS F 263 11.33 35.56 18.47
C LYS F 263 12.22 35.98 19.63
N GLY F 264 11.84 35.60 20.84
CA GLY F 264 12.57 36.05 22.01
C GLY F 264 13.78 35.21 22.37
N SER F 265 14.12 34.22 21.54
CA SER F 265 15.20 33.27 21.89
C SER F 265 16.49 33.64 21.20
N MET F 266 17.62 33.41 21.87
CA MET F 266 18.93 33.61 21.25
C MET F 266 19.25 32.46 20.28
N TYR F 267 18.43 31.40 20.33
CA TYR F 267 18.63 30.25 19.46
C TYR F 267 17.67 30.36 18.29
N PRO F 268 18.21 30.38 17.06
CA PRO F 268 17.32 30.47 15.89
C PRO F 268 16.43 29.22 15.78
N ASN F 269 15.18 29.40 15.35
CA ASN F 269 14.27 28.28 15.12
C ASN F 269 14.86 27.23 14.18
N LYS F 270 14.60 25.96 14.45
CA LYS F 270 15.02 24.89 13.53
C LYS F 270 13.86 23.92 13.37
N PHE F 271 13.47 23.64 12.13
CA PHE F 271 12.39 22.69 11.87
C PHE F 271 13.00 21.35 11.43
N ILE F 272 12.72 20.29 12.17
CA ILE F 272 13.27 18.97 11.85
C ILE F 272 12.33 18.18 10.93
N HIS F 273 12.88 17.63 9.85
CA HIS F 273 12.14 16.74 8.97
C HIS F 273 13.01 15.55 8.61
N LEU F 274 12.74 14.41 9.24
CA LEU F 274 13.39 13.16 8.88
C LEU F 274 12.38 12.30 8.11
N THR F 275 12.86 11.49 7.17
CA THR F 275 11.97 10.61 6.44
C THR F 275 12.50 9.17 6.36
N TYR F 276 11.65 8.22 6.73
CA TYR F 276 11.94 6.81 6.53
C TYR F 276 11.12 6.27 5.36
N LYS F 277 11.75 5.53 4.46
CA LYS F 277 10.96 4.78 3.48
C LYS F 277 11.23 3.27 3.48
N SER F 278 10.16 2.51 3.64
CA SER F 278 10.17 1.06 3.46
C SER F 278 10.67 0.67 2.08
N LYS F 279 11.22 -0.53 1.98
CA LYS F 279 11.69 -1.06 0.70
C LYS F 279 10.53 -1.28 -0.23
N GLY F 280 9.46 -1.87 0.32
CA GLY F 280 8.37 -2.34 -0.49
C GLY F 280 7.51 -1.28 -1.16
N ASP F 281 6.31 -1.71 -1.56
CA ASP F 281 5.33 -0.83 -2.17
C ASP F 281 4.67 -0.03 -1.05
N VAL F 282 4.62 1.30 -1.18
CA VAL F 282 4.08 2.13 -0.12
C VAL F 282 2.58 1.89 0.01
N LYS F 283 2.14 1.48 1.19
CA LYS F 283 0.72 1.27 1.44
C LYS F 283 0.18 2.29 2.44
N LYS F 284 1.06 2.89 3.21
CA LYS F 284 0.68 3.91 4.19
C LYS F 284 1.75 4.98 4.33
N LYS F 285 1.34 6.24 4.28
CA LYS F 285 2.23 7.36 4.51
C LYS F 285 1.79 8.06 5.80
N ILE F 286 2.73 8.29 6.69
CA ILE F 286 2.42 8.81 8.01
C ILE F 286 3.33 9.96 8.37
N ALA F 287 2.76 11.01 8.98
CA ALA F 287 3.58 12.09 9.51
C ALA F 287 3.41 12.08 11.01
N LEU F 288 4.53 11.94 11.72
CA LEU F 288 4.53 12.00 13.17
C LEU F 288 5.10 13.34 13.57
N VAL F 289 4.32 14.13 14.30
CA VAL F 289 4.70 15.51 14.63
C VAL F 289 4.87 15.63 16.14
N GLY F 290 6.05 16.05 16.58
CA GLY F 290 6.32 16.20 18.00
C GLY F 290 6.48 17.66 18.40
N LYS F 291 5.92 18.04 19.54
CA LYS F 291 6.12 19.38 20.09
C LYS F 291 7.59 19.48 20.56
N GLY F 292 8.29 20.51 20.11
CA GLY F 292 9.69 20.64 20.48
C GLY F 292 10.06 21.99 21.07
N ILE F 293 9.48 22.32 22.23
CA ILE F 293 9.87 23.53 22.93
C ILE F 293 11.01 23.18 23.90
N THR F 294 12.22 23.62 23.58
CA THR F 294 13.38 23.17 24.34
C THR F 294 13.42 23.77 25.75
N PHE F 295 12.82 24.94 25.90
CA PHE F 295 12.52 25.48 27.21
C PHE F 295 11.29 26.37 27.14
N ASP F 296 10.32 26.08 27.99
CA ASP F 296 9.10 26.88 28.00
C ASP F 296 9.06 27.74 29.27
N SER F 297 9.49 28.99 29.16
CA SER F 297 9.50 29.88 30.33
C SER F 297 8.10 30.42 30.53
N GLY F 298 7.29 30.33 29.47
CA GLY F 298 5.96 30.94 29.44
C GLY F 298 5.92 32.19 28.57
N GLY F 299 7.07 32.80 28.33
CA GLY F 299 7.09 34.09 27.64
C GLY F 299 6.63 35.20 28.59
N TYR F 300 6.05 36.26 28.06
CA TYR F 300 5.59 37.36 28.91
C TYR F 300 4.52 36.90 29.89
N ASN F 301 3.76 35.89 29.50
CA ASN F 301 2.93 35.16 30.46
C ASN F 301 3.84 34.17 31.20
N LEU F 302 4.76 34.70 31.98
CA LEU F 302 5.81 33.92 32.62
C LEU F 302 5.24 32.89 33.61
N LYS F 303 5.89 31.73 33.70
CA LYS F 303 5.49 30.71 34.66
C LYS F 303 5.93 31.12 36.05
N ALA F 304 5.12 31.94 36.71
CA ALA F 304 5.46 32.49 38.02
C ALA F 304 4.46 32.05 39.10
N ALA F 305 3.34 31.51 38.68
CA ALA F 305 2.29 31.06 39.59
C ALA F 305 2.69 29.79 40.32
N PRO F 306 2.27 29.65 41.59
CA PRO F 306 2.56 28.45 42.37
C PRO F 306 2.12 27.21 41.63
N GLY F 307 3.03 26.25 41.45
CA GLY F 307 2.68 25.01 40.78
C GLY F 307 2.91 25.01 39.28
N SER F 308 3.44 26.11 38.74
CA SER F 308 3.67 26.17 37.30
C SER F 308 4.95 25.43 36.90
N MET F 309 5.74 25.03 37.90
CA MET F 309 6.90 24.16 37.71
C MET F 309 7.83 24.57 36.57
N ILE F 310 8.28 25.82 36.59
CA ILE F 310 9.16 26.31 35.56
C ILE F 310 10.46 25.49 35.47
N ASP F 311 10.87 24.85 36.58
CA ASP F 311 12.15 24.13 36.59
C ASP F 311 12.09 22.81 35.81
N LEU F 312 10.87 22.39 35.46
CA LEU F 312 10.66 21.16 34.70
C LEU F 312 10.67 21.41 33.19
N MET F 313 10.65 22.67 32.79
CA MET F 313 10.25 23.02 31.43
C MET F 313 11.28 22.72 30.33
N LYS F 314 12.42 22.15 30.71
CA LYS F 314 13.29 21.51 29.72
C LYS F 314 12.57 20.31 29.09
N PHE F 315 11.51 19.83 29.75
CA PHE F 315 10.84 18.61 29.28
C PHE F 315 9.86 18.89 28.16
N ASP F 316 9.71 20.16 27.81
CA ASP F 316 8.66 20.56 26.88
C ASP F 316 8.98 20.24 25.42
N MET F 317 10.09 19.51 25.21
CA MET F 317 10.39 18.95 23.90
C MET F 317 10.22 17.42 23.93
N SER F 318 9.45 16.92 24.90
CA SER F 318 9.21 15.49 25.06
C SER F 318 8.54 14.87 23.82
N GLY F 319 7.68 15.65 23.15
CA GLY F 319 7.00 15.14 21.97
C GLY F 319 8.02 14.89 20.87
N CYS F 320 8.86 15.88 20.64
CA CYS F 320 9.94 15.77 19.68
C CYS F 320 10.85 14.58 20.00
N ALA F 321 11.16 14.37 21.28
CA ALA F 321 12.00 13.24 21.68
C ALA F 321 11.35 11.89 21.37
N ALA F 322 10.04 11.80 21.60
CA ALA F 322 9.31 10.56 21.35
C ALA F 322 9.32 10.26 19.86
N VAL F 323 9.11 11.29 19.05
CA VAL F 323 9.19 11.15 17.60
C VAL F 323 10.60 10.74 17.13
N LEU F 324 11.63 11.33 17.74
CA LEU F 324 13.00 10.96 17.37
C LEU F 324 13.33 9.54 17.82
N GLY F 325 12.87 9.17 19.01
CA GLY F 325 13.13 7.83 19.52
C GLY F 325 12.42 6.81 18.65
N CYS F 326 11.20 7.16 18.23
CA CYS F 326 10.45 6.33 17.29
C CYS F 326 11.25 6.19 16.00
N ALA F 327 11.86 7.28 15.54
CA ALA F 327 12.70 7.21 14.35
C ALA F 327 13.81 6.18 14.54
N TYR F 328 14.44 6.15 15.71
CA TYR F 328 15.44 5.12 15.97
C TYR F 328 14.86 3.71 15.80
N CYS F 329 13.72 3.46 16.42
CA CYS F 329 13.13 2.11 16.38
C CYS F 329 12.74 1.70 14.97
N VAL F 330 12.12 2.62 14.23
CA VAL F 330 11.68 2.35 12.85
C VAL F 330 12.88 2.17 11.93
N GLY F 331 13.87 3.05 12.08
CA GLY F 331 15.06 2.98 11.25
C GLY F 331 15.83 1.69 11.48
N THR F 332 15.64 1.10 12.66
CA THR F 332 16.41 -0.08 13.04
C THR F 332 15.68 -1.37 12.65
N LEU F 333 14.41 -1.47 13.04
CA LEU F 333 13.59 -2.65 12.77
C LEU F 333 13.18 -2.76 11.31
N LYS F 334 13.16 -1.60 10.64
CA LYS F 334 12.89 -1.52 9.21
C LYS F 334 11.55 -2.12 8.74
N PRO F 335 10.42 -1.62 9.28
CA PRO F 335 9.12 -2.13 8.86
C PRO F 335 8.90 -1.91 7.38
N GLU F 336 8.00 -2.69 6.77
CA GLU F 336 7.78 -2.59 5.33
C GLU F 336 6.46 -1.93 4.96
N ASN F 337 6.40 -1.48 3.70
CA ASN F 337 5.21 -0.88 3.13
C ASN F 337 4.72 0.42 3.80
N VAL F 338 5.63 1.10 4.50
CA VAL F 338 5.30 2.39 5.09
C VAL F 338 6.35 3.47 4.81
N GLU F 339 5.87 4.70 4.64
CA GLU F 339 6.75 5.85 4.54
C GLU F 339 6.43 6.75 5.71
N ILE F 340 7.44 7.08 6.52
CA ILE F 340 7.19 7.84 7.73
C ILE F 340 7.94 9.17 7.70
N HIS F 341 7.24 10.26 8.02
CA HIS F 341 7.89 11.55 8.19
C HIS F 341 7.96 11.89 9.68
N PHE F 342 9.12 12.34 10.13
CA PHE F 342 9.30 12.67 11.54
C PHE F 342 9.55 14.17 11.63
N LEU F 343 8.60 14.89 12.20
CA LEU F 343 8.61 16.34 12.12
C LEU F 343 8.66 16.96 13.50
N SER F 344 9.39 18.07 13.62
CA SER F 344 9.28 18.89 14.82
C SER F 344 9.67 20.33 14.55
N ALA F 345 8.78 21.25 14.90
CA ALA F 345 9.06 22.66 14.85
C ALA F 345 9.74 23.06 16.16
N VAL F 346 11.07 23.08 16.16
CA VAL F 346 11.81 23.28 17.41
C VAL F 346 12.11 24.76 17.65
N CYS F 347 11.89 25.22 18.88
CA CYS F 347 12.23 26.59 19.25
C CYS F 347 12.21 26.71 20.76
N GLU F 348 12.46 27.91 21.26
CA GLU F 348 12.55 28.14 22.70
C GLU F 348 11.69 29.36 23.06
N ASN F 349 10.84 29.22 24.08
CA ASN F 349 9.89 30.30 24.45
C ASN F 349 10.44 31.19 25.59
N MET F 350 10.98 32.35 25.24
CA MET F 350 11.74 33.15 26.21
C MET F 350 11.23 34.59 26.41
N VAL F 351 11.80 35.29 27.40
CA VAL F 351 11.41 36.66 27.70
C VAL F 351 12.52 37.60 27.25
N SER F 352 12.17 38.59 26.44
CA SER F 352 13.17 39.41 25.77
C SER F 352 12.55 40.69 25.24
N LYS F 353 13.35 41.66 24.85
CA LYS F 353 12.84 42.80 24.11
C LYS F 353 12.21 42.32 22.80
N ASN F 354 12.70 41.18 22.33
CA ASN F 354 12.31 40.66 21.02
C ASN F 354 11.10 39.73 21.01
N SER F 355 10.58 39.38 22.19
CA SER F 355 9.54 38.34 22.29
C SER F 355 8.21 38.76 21.69
N TYR F 356 7.40 37.79 21.28
CA TYR F 356 6.00 38.09 20.97
C TYR F 356 5.28 38.41 22.26
N ARG F 357 4.19 39.17 22.14
CA ARG F 357 3.47 39.71 23.30
C ARG F 357 2.08 39.12 23.39
N PRO F 358 1.55 39.05 24.62
CA PRO F 358 0.12 38.79 24.81
C PRO F 358 -0.66 39.80 23.99
N GLY F 359 -1.60 39.35 23.17
CA GLY F 359 -2.38 40.25 22.35
C GLY F 359 -1.95 40.37 20.89
N ASP F 360 -0.71 39.99 20.60
CA ASP F 360 -0.21 40.04 19.22
C ASP F 360 -1.10 39.21 18.29
N ILE F 361 -1.28 39.70 17.08
CA ILE F 361 -1.98 38.91 16.08
C ILE F 361 -0.96 38.45 15.06
N ILE F 362 -0.86 37.13 14.91
CA ILE F 362 0.14 36.52 14.06
C ILE F 362 -0.55 35.73 12.96
N THR F 363 0.19 35.40 11.91
CA THR F 363 -0.42 34.75 10.75
C THR F 363 0.21 33.38 10.47
N ALA F 364 -0.59 32.33 10.56
CA ALA F 364 -0.11 30.98 10.27
C ALA F 364 0.18 30.76 8.77
N SER F 365 0.86 29.66 8.47
CA SER F 365 1.27 29.36 7.10
C SER F 365 0.10 28.98 6.19
N ASN F 366 -1.07 28.73 6.77
CA ASN F 366 -2.25 28.50 5.94
C ASN F 366 -3.09 29.77 5.77
N GLY F 367 -2.52 30.90 6.18
CA GLY F 367 -3.20 32.18 6.03
C GLY F 367 -4.06 32.61 7.21
N LYS F 368 -4.30 31.71 8.17
CA LYS F 368 -5.16 32.05 9.29
C LYS F 368 -4.48 33.00 10.25
N THR F 369 -5.17 34.09 10.58
CA THR F 369 -4.68 35.01 11.60
C THR F 369 -5.11 34.51 12.98
N ILE F 370 -4.19 34.61 13.93
CA ILE F 370 -4.40 34.09 15.28
C ILE F 370 -4.12 35.19 16.31
N GLU F 371 -5.07 35.44 17.22
CA GLU F 371 -4.85 36.39 18.30
C GLU F 371 -4.25 35.65 19.49
N VAL F 372 -3.07 36.08 19.94
CA VAL F 372 -2.41 35.40 21.04
C VAL F 372 -3.03 35.89 22.33
N GLY F 373 -3.64 34.97 23.07
CA GLY F 373 -4.29 35.32 24.31
C GLY F 373 -3.34 35.11 25.48
N ASN F 374 -2.34 34.25 25.28
CA ASN F 374 -1.43 33.87 26.35
C ASN F 374 -0.17 33.27 25.73
N THR F 375 0.99 33.89 25.98
CA THR F 375 2.22 33.46 25.31
C THR F 375 2.70 32.11 25.81
N ASP F 376 2.08 31.64 26.88
CA ASP F 376 2.42 30.34 27.48
C ASP F 376 1.55 29.23 26.87
N ALA F 377 0.66 29.58 25.94
CA ALA F 377 0.04 28.56 25.10
C ALA F 377 0.78 28.54 23.76
N GLU F 378 2.09 28.33 23.82
CA GLU F 378 2.95 28.46 22.65
C GLU F 378 2.99 27.19 21.82
N GLY F 379 2.85 26.04 22.47
CA GLY F 379 3.01 24.76 21.81
C GLY F 379 2.05 24.60 20.66
N ARG F 380 0.80 25.01 20.87
CA ARG F 380 -0.23 24.84 19.87
C ARG F 380 0.03 25.74 18.67
N LEU F 381 0.72 26.87 18.89
CA LEU F 381 1.09 27.75 17.77
C LEU F 381 2.15 27.08 16.89
N THR F 382 3.17 26.51 17.52
CA THR F 382 4.20 25.82 16.77
C THR F 382 3.60 24.60 16.05
N LEU F 383 2.71 23.89 16.72
CA LEU F 383 2.06 22.71 16.13
C LEU F 383 1.15 23.05 14.93
N ALA F 384 0.48 24.20 15.00
CA ALA F 384 -0.36 24.66 13.89
C ALA F 384 0.43 24.70 12.59
N ASP F 385 1.59 25.32 12.63
CA ASP F 385 2.42 25.44 11.44
C ASP F 385 3.02 24.08 11.01
N ALA F 386 3.35 23.25 11.99
CA ALA F 386 3.86 21.92 11.69
C ALA F 386 2.79 21.08 11.01
N LEU F 387 1.55 21.21 11.49
CA LEU F 387 0.42 20.46 10.94
C LEU F 387 0.12 20.85 9.50
N VAL F 388 0.19 22.15 9.20
CA VAL F 388 0.03 22.65 7.82
C VAL F 388 1.11 22.05 6.92
N TYR F 389 2.35 22.06 7.42
CA TYR F 389 3.47 21.46 6.73
C TYR F 389 3.25 19.96 6.52
N ALA F 390 2.82 19.27 7.58
CA ALA F 390 2.58 17.84 7.52
C ALA F 390 1.49 17.51 6.50
N GLU F 391 0.43 18.31 6.45
CA GLU F 391 -0.66 17.99 5.53
C GLU F 391 -0.25 18.15 4.06
N LYS F 392 0.62 19.12 3.79
CA LYS F 392 1.15 19.31 2.45
C LYS F 392 1.98 18.11 1.96
N LEU F 393 2.40 17.24 2.88
CA LEU F 393 3.16 16.07 2.46
C LEU F 393 2.24 15.05 1.79
N GLY F 394 0.94 15.27 1.91
CA GLY F 394 -0.05 14.34 1.38
C GLY F 394 0.07 12.94 1.95
N VAL F 395 -0.06 12.83 3.27
CA VAL F 395 0.04 11.54 3.94
C VAL F 395 -1.35 11.02 4.28
N ASP F 396 -1.42 9.78 4.75
CA ASP F 396 -2.70 9.19 5.11
C ASP F 396 -3.11 9.51 6.54
N TYR F 397 -2.13 9.45 7.46
CA TYR F 397 -2.35 9.76 8.86
C TYR F 397 -1.37 10.83 9.32
N ILE F 398 -1.86 11.81 10.07
CA ILE F 398 -0.98 12.68 10.84
C ILE F 398 -1.23 12.40 12.33
N VAL F 399 -0.18 12.07 13.07
CA VAL F 399 -0.32 11.92 14.50
C VAL F 399 0.62 12.91 15.16
N ASP F 400 0.12 13.73 16.07
CA ASP F 400 1.01 14.60 16.81
C ASP F 400 1.06 14.16 18.27
N ILE F 401 2.22 14.37 18.90
CA ILE F 401 2.36 14.03 20.31
C ILE F 401 3.00 15.24 20.99
N ALA F 402 2.45 15.66 22.13
CA ALA F 402 2.87 16.91 22.77
C ALA F 402 2.59 16.98 24.25
N THR F 403 3.50 17.60 25.01
CA THR F 403 3.24 18.00 26.39
C THR F 403 2.48 19.31 26.35
N LEU F 404 1.21 19.26 25.96
CA LEU F 404 0.52 20.48 25.56
C LEU F 404 -0.25 21.22 26.66
N THR F 405 -0.91 20.48 27.54
CA THR F 405 -1.77 21.10 28.56
C THR F 405 -1.62 20.47 29.95
N GLY F 406 -1.26 21.30 30.94
CA GLY F 406 -1.22 20.88 32.33
C GLY F 406 -2.55 20.35 32.85
N ALA F 407 -3.65 20.67 32.17
CA ALA F 407 -4.96 20.18 32.57
C ALA F 407 -5.05 18.65 32.53
N MET F 408 -4.19 18.02 31.73
CA MET F 408 -4.16 16.55 31.68
C MET F 408 -3.92 15.94 33.07
N LEU F 409 -3.23 16.66 33.94
CA LEU F 409 -3.01 16.13 35.28
C LEU F 409 -4.30 15.99 36.06
N TYR F 410 -5.31 16.77 35.68
CA TYR F 410 -6.58 16.78 36.40
C TYR F 410 -7.63 15.90 35.72
N SER F 411 -7.32 15.44 34.53
CA SER F 411 -8.25 14.56 33.83
C SER F 411 -7.77 13.12 33.94
N LEU F 412 -6.66 12.80 33.29
CA LEU F 412 -6.17 11.42 33.31
C LEU F 412 -5.04 11.21 34.30
N GLY F 413 -4.33 12.28 34.64
CA GLY F 413 -3.28 12.18 35.64
C GLY F 413 -1.93 11.84 35.05
N THR F 414 -1.11 11.14 35.82
CA THR F 414 0.27 10.86 35.46
C THR F 414 0.52 9.54 34.73
N SER F 415 -0.50 8.67 34.66
CA SER F 415 -0.33 7.33 34.07
C SER F 415 -0.81 7.16 32.63
N TYR F 416 -1.98 7.72 32.30
CA TYR F 416 -2.56 7.60 30.96
C TYR F 416 -2.46 8.90 30.19
N ALA F 417 -1.96 8.84 28.96
CA ALA F 417 -1.98 10.00 28.05
C ALA F 417 -3.38 10.11 27.47
N GLY F 418 -3.76 11.29 27.00
CA GLY F 418 -5.01 11.42 26.29
C GLY F 418 -4.82 11.51 24.78
N VAL F 419 -5.69 10.84 24.02
CA VAL F 419 -5.72 11.00 22.58
C VAL F 419 -7.05 11.62 22.14
N PHE F 420 -6.96 12.60 21.24
CA PHE F 420 -8.09 13.30 20.64
C PHE F 420 -7.90 13.18 19.13
N GLY F 421 -8.98 13.23 18.36
CA GLY F 421 -8.81 13.13 16.91
C GLY F 421 -10.02 13.49 16.08
N ASN F 422 -9.83 13.55 14.77
CA ASN F 422 -10.93 13.83 13.84
C ASN F 422 -11.42 12.58 13.08
N ASN F 423 -10.89 11.43 13.45
CA ASN F 423 -11.10 10.19 12.69
C ASN F 423 -11.08 8.97 13.61
N GLU F 424 -12.23 8.30 13.71
CA GLU F 424 -12.36 7.19 14.67
C GLU F 424 -11.51 5.97 14.35
N GLU F 425 -11.33 5.68 13.07
CA GLU F 425 -10.47 4.56 12.67
C GLU F 425 -9.03 4.77 13.15
N LEU F 426 -8.50 5.98 12.96
CA LEU F 426 -7.14 6.28 13.40
C LEU F 426 -7.04 6.22 14.92
N ILE F 427 -8.01 6.82 15.59
CA ILE F 427 -8.01 6.83 17.05
C ILE F 427 -7.96 5.40 17.57
N ASN F 428 -8.76 4.53 16.96
CA ASN F 428 -8.80 3.14 17.37
C ASN F 428 -7.47 2.43 17.14
N LYS F 429 -6.80 2.75 16.04
CA LYS F 429 -5.45 2.23 15.80
C LYS F 429 -4.47 2.63 16.90
N ILE F 430 -4.55 3.89 17.33
CA ILE F 430 -3.75 4.37 18.45
C ILE F 430 -4.06 3.61 19.75
N LEU F 431 -5.35 3.41 20.04
CA LEU F 431 -5.74 2.66 21.22
C LEU F 431 -5.20 1.22 21.18
N GLN F 432 -5.16 0.63 20.00
CA GLN F 432 -4.61 -0.71 19.83
C GLN F 432 -3.12 -0.71 20.10
N SER F 433 -2.44 0.32 19.61
CA SER F 433 -1.00 0.44 19.80
C SER F 433 -0.67 0.71 21.26
N SER F 434 -1.64 1.25 21.98
CA SER F 434 -1.47 1.47 23.41
C SER F 434 -1.51 0.13 24.11
N LYS F 435 -2.36 -0.76 23.60
CA LYS F 435 -2.50 -2.08 24.21
C LYS F 435 -1.24 -2.92 23.97
N THR F 436 -0.74 -2.92 22.73
CA THR F 436 0.43 -3.74 22.41
C THR F 436 1.75 -3.12 22.87
N SER F 437 1.80 -1.80 23.01
CA SER F 437 3.01 -1.17 23.52
C SER F 437 3.05 -1.17 25.06
N ASN F 438 1.88 -1.32 25.68
CA ASN F 438 1.73 -1.14 27.12
C ASN F 438 2.10 0.27 27.64
N GLU F 439 1.95 1.26 26.78
CA GLU F 439 1.93 2.66 27.19
C GLU F 439 0.48 3.10 27.11
N PRO F 440 -0.18 3.29 28.27
CA PRO F 440 -1.64 3.47 28.25
C PRO F 440 -2.12 4.84 27.80
N VAL F 441 -3.17 4.83 26.99
CA VAL F 441 -3.75 6.03 26.41
C VAL F 441 -5.27 5.95 26.56
N TRP F 442 -5.93 7.10 26.76
CA TRP F 442 -7.39 7.13 26.82
C TRP F 442 -7.97 8.16 25.84
N TRP F 443 -9.00 7.74 25.12
CA TRP F 443 -9.63 8.57 24.12
C TRP F 443 -10.52 9.62 24.79
N LEU F 444 -10.22 10.89 24.53
CA LEU F 444 -10.99 12.01 25.05
C LEU F 444 -11.64 12.72 23.87
N PRO F 445 -12.82 13.32 24.09
CA PRO F 445 -13.54 13.87 22.94
C PRO F 445 -13.09 15.27 22.55
N ILE F 446 -13.23 15.58 21.26
CA ILE F 446 -13.18 16.95 20.79
C ILE F 446 -14.61 17.50 20.70
N ILE F 447 -15.01 18.25 21.72
CA ILE F 447 -16.39 18.73 21.85
C ILE F 447 -16.62 20.02 21.04
N ASN F 448 -17.38 19.92 19.96
CA ASN F 448 -17.49 21.03 19.01
C ASN F 448 -18.27 22.21 19.55
N GLU F 449 -19.05 21.97 20.60
CA GLU F 449 -19.80 23.04 21.24
C GLU F 449 -18.87 24.10 21.83
N TYR F 450 -17.62 23.73 22.12
CA TYR F 450 -16.69 24.69 22.70
C TYR F 450 -15.96 25.50 21.63
N ARG F 451 -16.08 25.12 20.37
CA ARG F 451 -15.39 25.82 19.28
C ARG F 451 -15.69 27.33 19.23
N ALA F 452 -16.93 27.71 19.56
CA ALA F 452 -17.31 29.11 19.48
C ALA F 452 -16.47 30.01 20.38
N THR F 453 -15.89 29.42 21.42
CA THR F 453 -15.08 30.17 22.37
C THR F 453 -13.74 30.61 21.78
N LEU F 454 -13.41 30.10 20.60
CA LEU F 454 -12.18 30.49 19.91
C LEU F 454 -12.44 31.57 18.87
N ASN F 455 -13.67 32.08 18.80
CA ASN F 455 -13.99 33.15 17.87
C ASN F 455 -13.40 34.48 18.33
N SER F 456 -12.32 34.92 17.68
CA SER F 456 -11.68 36.19 17.99
C SER F 456 -12.50 37.37 17.47
N LYS F 457 -12.49 38.49 18.20
CA LYS F 457 -13.15 39.70 17.74
C LYS F 457 -12.41 40.32 16.55
N TYR F 458 -11.08 40.17 16.52
CA TYR F 458 -10.24 40.81 15.50
C TYR F 458 -9.55 39.86 14.50
N ALA F 459 -9.02 38.74 14.99
CA ALA F 459 -8.35 37.77 14.13
C ALA F 459 -9.32 36.70 13.64
N ASP F 460 -8.87 35.81 12.77
CA ASP F 460 -9.71 34.69 12.32
C ASP F 460 -10.05 33.76 13.46
N ILE F 461 -9.11 33.60 14.40
CA ILE F 461 -9.29 32.69 15.51
C ILE F 461 -8.46 33.09 16.73
N ASN F 462 -8.95 32.72 17.92
CA ASN F 462 -8.20 32.84 19.16
C ASN F 462 -7.34 31.61 19.41
N GLN F 463 -6.19 31.85 20.03
CA GLN F 463 -5.28 30.81 20.47
C GLN F 463 -5.86 30.08 21.68
N ILE F 464 -6.49 30.82 22.59
CA ILE F 464 -7.01 30.24 23.81
C ILE F 464 -8.45 30.64 24.02
N SER F 465 -9.11 29.98 24.95
CA SER F 465 -10.44 30.36 25.37
C SER F 465 -10.30 31.26 26.59
N SER F 466 -11.20 32.22 26.74
CA SER F 466 -11.23 32.96 28.01
C SER F 466 -12.18 32.29 29.01
N SER F 467 -13.26 31.67 28.52
CA SER F 467 -14.29 31.11 29.40
C SER F 467 -14.19 29.61 29.69
N VAL F 468 -13.49 28.84 28.85
CA VAL F 468 -13.56 27.38 28.98
C VAL F 468 -12.33 26.77 29.64
N LYS F 469 -12.54 26.09 30.77
CA LYS F 469 -11.45 25.50 31.54
C LYS F 469 -11.04 24.10 31.07
N ALA F 470 -11.80 23.53 30.14
CA ALA F 470 -11.41 22.25 29.54
C ALA F 470 -10.34 22.53 28.50
N SER F 471 -9.15 22.89 28.96
CA SER F 471 -8.13 23.42 28.06
C SER F 471 -7.56 22.37 27.11
N SER F 472 -7.55 21.10 27.53
CA SER F 472 -7.03 20.06 26.67
C SER F 472 -7.92 19.88 25.45
N ILE F 473 -9.22 20.08 25.63
CA ILE F 473 -10.17 19.97 24.51
C ILE F 473 -10.07 21.21 23.63
N VAL F 474 -10.02 22.38 24.26
CA VAL F 474 -9.87 23.64 23.52
C VAL F 474 -8.61 23.62 22.64
N ALA F 475 -7.49 23.22 23.22
CA ALA F 475 -6.25 23.11 22.47
C ALA F 475 -6.40 22.16 21.27
N SER F 476 -7.13 21.06 21.46
CA SER F 476 -7.46 20.14 20.36
C SER F 476 -8.35 20.78 19.30
N LEU F 477 -9.31 21.60 19.73
CA LEU F 477 -10.16 22.31 18.77
C LEU F 477 -9.33 23.29 17.94
N PHE F 478 -8.38 23.95 18.58
CA PHE F 478 -7.49 24.86 17.89
C PHE F 478 -6.65 24.11 16.85
N LEU F 479 -6.01 23.03 17.29
CA LEU F 479 -5.16 22.22 16.40
C LEU F 479 -5.94 21.70 15.21
N LYS F 480 -7.20 21.37 15.43
CA LYS F 480 -8.01 20.73 14.41
C LYS F 480 -8.28 21.71 13.27
N GLU F 481 -8.20 23.00 13.57
CA GLU F 481 -8.40 24.03 12.55
C GLU F 481 -7.28 24.03 11.51
N PHE F 482 -6.18 23.33 11.79
CA PHE F 482 -5.04 23.34 10.87
C PHE F 482 -4.83 22.00 10.12
N VAL F 483 -5.83 21.13 10.21
CA VAL F 483 -5.89 19.95 9.35
C VAL F 483 -7.23 19.98 8.61
N GLN F 484 -7.20 19.97 7.30
CA GLN F 484 -8.43 20.17 6.53
C GLN F 484 -9.06 18.86 6.05
N ASN F 485 -8.26 17.97 5.50
CA ASN F 485 -8.84 16.78 4.89
C ASN F 485 -7.98 15.53 5.04
N THR F 486 -7.41 15.35 6.24
CA THR F 486 -6.54 14.22 6.49
C THR F 486 -6.85 13.66 7.87
N ALA F 487 -6.91 12.34 7.99
CA ALA F 487 -7.14 11.72 9.30
C ALA F 487 -6.00 12.10 10.26
N TRP F 488 -6.37 12.59 11.45
CA TRP F 488 -5.41 13.16 12.38
C TRP F 488 -5.73 12.83 13.83
N ALA F 489 -4.69 12.58 14.61
CA ALA F 489 -4.89 12.38 16.04
C ALA F 489 -3.80 13.10 16.80
N HIS F 490 -4.11 13.43 18.05
CA HIS F 490 -3.28 14.27 18.89
C HIS F 490 -3.17 13.60 20.24
N ILE F 491 -1.94 13.32 20.66
CA ILE F 491 -1.69 12.67 21.93
C ILE F 491 -1.08 13.69 22.88
N ASP F 492 -1.81 13.99 23.96
CA ASP F 492 -1.35 14.97 24.93
C ASP F 492 -0.67 14.21 26.07
N ILE F 493 0.64 14.39 26.18
CA ILE F 493 1.43 13.69 27.18
C ILE F 493 1.96 14.60 28.29
N ALA F 494 1.30 15.74 28.49
CA ALA F 494 1.72 16.68 29.53
C ALA F 494 1.75 16.03 30.92
N GLY F 495 0.80 15.14 31.20
CA GLY F 495 0.76 14.47 32.49
C GLY F 495 1.72 13.30 32.66
N VAL F 496 2.00 12.60 31.56
CA VAL F 496 2.68 11.31 31.68
C VAL F 496 4.18 11.33 31.41
N SER F 497 4.65 12.39 30.77
CA SER F 497 6.02 12.43 30.26
C SER F 497 7.07 12.33 31.35
N TRP F 498 6.90 13.11 32.40
CA TRP F 498 7.89 13.15 33.46
C TRP F 498 7.51 12.25 34.63
N ASN F 499 8.44 11.39 35.05
CA ASN F 499 8.25 10.55 36.24
C ASN F 499 8.61 11.32 37.51
N PHE F 500 7.61 11.94 38.13
CA PHE F 500 7.84 12.80 39.28
C PHE F 500 8.50 12.11 40.48
N LYS F 501 8.10 10.87 40.75
CA LYS F 501 8.66 10.14 41.88
C LYS F 501 10.12 9.72 41.65
N ALA F 502 10.45 9.30 40.43
CA ALA F 502 11.82 8.87 40.13
C ALA F 502 12.71 10.02 39.68
N ARG F 503 12.10 11.19 39.48
CA ARG F 503 12.84 12.40 39.09
C ARG F 503 13.58 12.25 37.77
N LYS F 504 12.86 11.75 36.77
CA LYS F 504 13.45 11.48 35.47
C LYS F 504 12.34 11.33 34.42
N PRO F 505 12.70 11.39 33.12
CA PRO F 505 11.66 11.21 32.09
C PRO F 505 11.25 9.74 31.93
N LYS F 506 10.11 9.52 31.29
CA LYS F 506 9.70 8.16 30.96
C LYS F 506 10.09 7.80 29.54
N GLY F 507 10.39 8.81 28.72
CA GLY F 507 10.53 8.59 27.29
C GLY F 507 9.21 8.10 26.72
N PHE F 508 8.11 8.60 27.28
CA PHE F 508 6.77 8.15 26.92
C PHE F 508 6.46 8.36 25.44
N GLY F 509 5.94 7.31 24.81
CA GLY F 509 5.39 7.44 23.48
C GLY F 509 6.23 6.84 22.37
N VAL F 510 7.48 6.53 22.64
CA VAL F 510 8.34 5.96 21.61
C VAL F 510 7.81 4.61 21.17
N ARG F 511 7.45 3.80 22.15
CA ARG F 511 6.98 2.45 21.89
C ARG F 511 5.58 2.46 21.31
N LEU F 512 4.75 3.37 21.81
CA LEU F 512 3.40 3.57 21.29
C LEU F 512 3.40 3.89 19.80
N LEU F 513 4.21 4.88 19.41
CA LEU F 513 4.27 5.28 18.01
C LEU F 513 4.91 4.18 17.13
N THR F 514 5.89 3.47 17.67
CA THR F 514 6.53 2.43 16.87
C THR F 514 5.55 1.27 16.64
N GLU F 515 4.84 0.86 17.69
CA GLU F 515 3.82 -0.15 17.54
C GLU F 515 2.77 0.29 16.52
N PHE F 516 2.37 1.55 16.60
CA PHE F 516 1.44 2.11 15.63
C PHE F 516 1.94 1.92 14.20
N VAL F 517 3.19 2.31 13.95
CA VAL F 517 3.80 2.16 12.64
C VAL F 517 3.88 0.68 12.23
N LEU F 518 4.30 -0.17 13.17
CA LEU F 518 4.50 -1.60 12.90
C LEU F 518 3.19 -2.36 12.65
N ASN F 519 2.20 -2.11 13.50
CA ASN F 519 0.91 -2.81 13.40
C ASN F 519 0.11 -2.50 12.13
N ASP F 520 0.38 -1.35 11.51
CA ASP F 520 -0.35 -0.93 10.32
C ASP F 520 -0.26 -1.97 9.20
N ALA G 2 -38.37 -53.84 -34.93
CA ALA G 2 -37.40 -52.79 -35.21
C ALA G 2 -36.76 -52.28 -33.93
N SER G 3 -35.56 -51.71 -34.06
CA SER G 3 -34.89 -51.13 -32.90
C SER G 3 -35.02 -49.62 -32.92
N GLU G 4 -35.04 -49.02 -31.74
CA GLU G 4 -35.07 -47.57 -31.62
C GLU G 4 -33.68 -46.99 -31.92
N VAL G 5 -33.65 -46.01 -32.79
CA VAL G 5 -32.42 -45.30 -33.12
C VAL G 5 -32.06 -44.33 -31.99
N PRO G 6 -30.87 -44.51 -31.38
CA PRO G 6 -30.45 -43.56 -30.34
C PRO G 6 -30.19 -42.17 -30.92
N GLN G 7 -30.45 -41.14 -30.13
CA GLN G 7 -30.21 -39.77 -30.55
C GLN G 7 -29.33 -39.08 -29.52
N VAL G 8 -28.55 -38.10 -29.96
CA VAL G 8 -27.85 -37.23 -29.03
C VAL G 8 -28.74 -36.05 -28.65
N VAL G 9 -29.37 -35.45 -29.66
CA VAL G 9 -30.39 -34.43 -29.44
C VAL G 9 -31.68 -34.85 -30.15
N SER G 10 -32.80 -34.25 -29.74
CA SER G 10 -34.10 -34.66 -30.27
C SER G 10 -34.25 -34.33 -31.76
N LEU G 11 -33.34 -33.52 -32.29
CA LEU G 11 -33.38 -33.16 -33.71
C LEU G 11 -32.65 -34.19 -34.58
N ASP G 12 -31.96 -35.13 -33.95
CA ASP G 12 -31.32 -36.21 -34.69
C ASP G 12 -32.38 -37.09 -35.34
N PRO G 13 -32.22 -37.38 -36.64
CA PRO G 13 -33.22 -38.19 -37.35
C PRO G 13 -33.22 -39.66 -36.91
N THR G 14 -34.41 -40.28 -36.92
CA THR G 14 -34.58 -41.65 -36.44
C THR G 14 -34.93 -42.67 -37.52
N SER G 15 -34.87 -42.27 -38.79
CA SER G 15 -35.08 -43.20 -39.89
C SER G 15 -34.53 -42.62 -41.18
N ILE G 16 -34.24 -43.48 -42.15
CA ILE G 16 -33.80 -43.03 -43.47
C ILE G 16 -35.04 -42.78 -44.32
N PRO G 17 -35.21 -41.54 -44.80
CA PRO G 17 -36.34 -41.30 -45.71
C PRO G 17 -36.16 -42.11 -46.96
N ILE G 18 -37.21 -42.81 -47.38
CA ILE G 18 -37.14 -43.66 -48.57
C ILE G 18 -38.34 -43.43 -49.45
N GLU G 19 -38.08 -43.22 -50.73
CA GLU G 19 -39.16 -43.05 -51.71
C GLU G 19 -39.33 -44.37 -52.47
N TYR G 20 -40.47 -45.01 -52.29
CA TYR G 20 -40.74 -46.26 -53.02
C TYR G 20 -41.58 -45.99 -54.26
N ASN G 21 -42.62 -45.17 -54.10
CA ASN G 21 -43.49 -44.80 -55.22
C ASN G 21 -42.92 -43.62 -55.99
N THR G 22 -41.95 -43.88 -56.87
CA THR G 22 -41.28 -42.82 -57.62
C THR G 22 -42.07 -42.49 -58.88
N PRO G 23 -41.87 -41.27 -59.41
CA PRO G 23 -42.55 -40.84 -60.63
C PRO G 23 -42.32 -41.79 -61.80
N ILE G 24 -41.17 -42.46 -61.81
CA ILE G 24 -40.88 -43.45 -62.85
C ILE G 24 -41.93 -44.56 -62.84
N HIS G 25 -42.41 -44.91 -61.64
CA HIS G 25 -43.42 -45.96 -61.53
C HIS G 25 -44.79 -45.55 -62.08
N ASP G 26 -45.02 -44.24 -62.21
CA ASP G 26 -46.27 -43.76 -62.80
C ASP G 26 -46.24 -43.71 -64.33
N ILE G 27 -45.05 -43.93 -64.92
CA ILE G 27 -44.90 -43.88 -66.38
C ILE G 27 -45.46 -45.11 -67.07
N LYS G 28 -46.44 -44.89 -67.95
CA LYS G 28 -46.95 -45.97 -68.78
C LYS G 28 -46.10 -46.10 -70.02
N VAL G 29 -45.54 -47.29 -70.21
CA VAL G 29 -44.65 -47.57 -71.34
C VAL G 29 -45.41 -48.36 -72.41
N GLN G 30 -45.32 -47.90 -73.66
CA GLN G 30 -45.92 -48.62 -74.78
C GLN G 30 -44.83 -48.86 -75.84
N VAL G 31 -44.62 -50.12 -76.22
CA VAL G 31 -43.61 -50.44 -77.25
C VAL G 31 -44.33 -50.76 -78.54
N TYR G 32 -43.84 -50.20 -79.65
CA TYR G 32 -44.44 -50.45 -80.96
C TYR G 32 -43.40 -50.98 -81.93
N ASP G 33 -43.85 -51.81 -82.87
CA ASP G 33 -42.95 -52.22 -83.93
C ASP G 33 -42.79 -51.09 -84.94
N ILE G 34 -41.54 -50.77 -85.26
CA ILE G 34 -41.22 -49.70 -86.20
C ILE G 34 -41.83 -49.94 -87.59
N LYS G 35 -42.08 -51.22 -87.93
CA LYS G 35 -42.67 -51.56 -89.22
C LYS G 35 -44.04 -50.93 -89.45
N GLY G 36 -44.77 -50.64 -88.37
CA GLY G 36 -46.09 -50.06 -88.47
C GLY G 36 -46.08 -48.56 -88.67
N GLY G 37 -44.89 -47.97 -88.73
CA GLY G 37 -44.72 -46.54 -88.84
C GLY G 37 -44.88 -45.82 -87.51
N CYS G 38 -44.25 -44.65 -87.38
CA CYS G 38 -44.33 -43.89 -86.14
C CYS G 38 -45.41 -42.83 -86.19
N ASN G 39 -46.29 -42.85 -85.19
CA ASN G 39 -47.23 -41.75 -85.00
C ASN G 39 -46.56 -40.63 -84.19
N VAL G 40 -46.56 -39.42 -84.74
CA VAL G 40 -45.94 -38.27 -84.10
C VAL G 40 -47.00 -37.28 -83.60
N GLU G 41 -47.23 -37.28 -82.28
CA GLU G 41 -48.22 -36.39 -81.70
C GLU G 41 -47.67 -35.67 -80.47
N GLU G 42 -48.39 -35.71 -79.36
CA GLU G 42 -48.02 -34.87 -78.22
C GLU G 42 -46.67 -35.25 -77.61
N GLY G 43 -46.11 -34.34 -76.83
CA GLY G 43 -44.87 -34.60 -76.13
C GLY G 43 -43.66 -34.34 -77.00
N LEU G 44 -42.63 -35.17 -76.82
CA LEU G 44 -41.40 -35.03 -77.59
C LEU G 44 -41.05 -36.38 -78.23
N THR G 45 -40.85 -36.39 -79.53
CA THR G 45 -40.46 -37.62 -80.22
C THR G 45 -38.99 -37.58 -80.62
N ILE G 46 -38.17 -38.42 -80.00
CA ILE G 46 -36.73 -38.44 -80.30
C ILE G 46 -36.30 -39.66 -81.13
N PHE G 47 -35.63 -39.43 -82.25
CA PHE G 47 -34.98 -40.49 -83.02
C PHE G 47 -33.53 -40.74 -82.57
N LEU G 48 -33.21 -42.01 -82.29
CA LEU G 48 -31.83 -42.41 -82.00
C LEU G 48 -31.17 -42.84 -83.31
N VAL G 49 -30.26 -42.02 -83.81
CA VAL G 49 -29.70 -42.25 -85.14
C VAL G 49 -28.18 -42.32 -85.17
N ASN G 50 -27.66 -43.17 -86.05
CA ASN G 50 -26.22 -43.19 -86.28
C ASN G 50 -25.88 -43.15 -87.76
N ASN G 51 -24.60 -43.22 -88.07
CA ASN G 51 -24.18 -43.31 -89.45
C ASN G 51 -22.88 -44.10 -89.48
N PRO G 52 -23.00 -45.43 -89.64
CA PRO G 52 -21.87 -46.37 -89.52
C PRO G 52 -20.71 -46.00 -90.44
N GLY G 53 -19.49 -46.05 -89.90
CA GLY G 53 -18.29 -45.74 -90.66
C GLY G 53 -18.04 -44.24 -90.80
N LYS G 54 -19.05 -43.53 -91.29
CA LYS G 54 -18.93 -42.10 -91.58
C LYS G 54 -18.87 -41.22 -90.32
N GLU G 55 -17.66 -40.95 -89.85
CA GLU G 55 -17.43 -40.10 -88.68
C GLU G 55 -18.12 -38.75 -88.82
N ASN G 56 -18.99 -38.43 -87.86
CA ASN G 56 -19.77 -37.20 -87.90
C ASN G 56 -20.55 -37.07 -89.20
N GLY G 57 -21.00 -38.21 -89.72
CA GLY G 57 -21.80 -38.22 -90.93
C GLY G 57 -23.14 -37.55 -90.73
N PRO G 58 -23.90 -37.42 -91.82
CA PRO G 58 -25.23 -36.79 -91.81
C PRO G 58 -26.32 -37.65 -91.16
N VAL G 59 -27.26 -36.98 -90.49
CA VAL G 59 -28.48 -37.61 -89.96
C VAL G 59 -29.38 -38.04 -91.11
N LYS G 60 -29.90 -39.25 -91.05
CA LYS G 60 -30.92 -39.71 -91.99
C LYS G 60 -31.99 -40.46 -91.21
N ILE G 61 -33.25 -40.09 -91.42
CA ILE G 61 -34.33 -40.79 -90.75
C ILE G 61 -34.86 -41.90 -91.64
N SER G 62 -34.68 -43.15 -91.22
CA SER G 62 -35.07 -44.29 -92.05
C SER G 62 -36.47 -44.82 -91.75
N SER G 63 -36.95 -44.59 -90.52
CA SER G 63 -38.26 -45.11 -90.12
C SER G 63 -39.40 -44.45 -90.89
N LYS G 64 -40.44 -45.22 -91.18
CA LYS G 64 -41.65 -44.62 -91.73
C LYS G 64 -42.34 -43.81 -90.65
N VAL G 65 -42.75 -42.60 -91.02
CA VAL G 65 -43.51 -41.72 -90.15
C VAL G 65 -44.93 -41.49 -90.72
N ASN G 66 -45.96 -41.78 -89.91
CA ASN G 66 -47.34 -41.67 -90.35
C ASN G 66 -47.93 -40.26 -90.29
N ASP G 67 -47.27 -39.34 -90.97
CA ASP G 67 -47.71 -37.97 -91.07
C ASP G 67 -46.95 -37.35 -92.22
N LYS G 68 -47.66 -36.76 -93.17
CA LYS G 68 -47.02 -36.18 -94.35
C LYS G 68 -46.17 -34.96 -94.01
N GLN G 69 -46.69 -34.06 -93.19
CA GLN G 69 -45.93 -32.89 -92.76
C GLN G 69 -44.63 -33.31 -92.08
N VAL G 70 -44.72 -34.17 -91.08
CA VAL G 70 -43.53 -34.61 -90.35
C VAL G 70 -42.55 -35.32 -91.28
N SER G 71 -43.09 -36.12 -92.20
CA SER G 71 -42.29 -36.85 -93.19
C SER G 71 -41.50 -35.90 -94.05
N GLU G 72 -42.14 -34.83 -94.49
CA GLU G 72 -41.49 -33.81 -95.31
C GLU G 72 -40.36 -33.17 -94.53
N PHE G 73 -40.65 -32.79 -93.28
CA PHE G 73 -39.66 -32.11 -92.44
C PHE G 73 -38.43 -32.98 -92.28
N LEU G 74 -38.65 -34.28 -92.07
CA LEU G 74 -37.57 -35.22 -91.76
C LEU G 74 -36.87 -35.83 -92.99
N LYS G 75 -37.16 -35.31 -94.18
CA LYS G 75 -36.54 -35.82 -95.40
C LYS G 75 -35.03 -35.57 -95.37
N ASP G 76 -34.27 -36.47 -96.01
CA ASP G 76 -32.80 -36.41 -96.05
C ASP G 76 -32.23 -35.02 -96.35
N GLU G 77 -32.85 -34.31 -97.28
CA GLU G 77 -32.34 -33.02 -97.68
C GLU G 77 -32.38 -32.02 -96.53
N ASN G 78 -33.42 -32.13 -95.69
CA ASN G 78 -33.54 -31.24 -94.55
C ASN G 78 -32.69 -31.70 -93.37
N MET G 79 -32.43 -33.00 -93.29
CA MET G 79 -31.66 -33.56 -92.17
C MET G 79 -30.15 -33.54 -92.38
N GLU G 80 -29.73 -33.37 -93.64
CA GLU G 80 -28.32 -33.52 -93.99
C GLU G 80 -27.42 -32.50 -93.32
N LYS G 81 -27.98 -31.37 -92.89
CA LYS G 81 -27.15 -30.35 -92.24
C LYS G 81 -26.86 -30.68 -90.76
N PHE G 82 -27.49 -31.72 -90.24
CA PHE G 82 -27.21 -32.17 -88.89
C PHE G 82 -26.37 -33.45 -88.90
N ASN G 83 -25.53 -33.63 -87.89
CA ASN G 83 -24.70 -34.83 -87.85
C ASN G 83 -24.95 -35.72 -86.63
N VAL G 84 -24.30 -36.88 -86.61
CA VAL G 84 -24.63 -37.95 -85.69
C VAL G 84 -23.65 -38.12 -84.55
N LYS G 85 -22.71 -37.17 -84.44
CA LYS G 85 -21.66 -37.22 -83.41
C LYS G 85 -22.21 -37.62 -82.04
N LEU G 86 -21.56 -38.59 -81.40
CA LEU G 86 -22.08 -39.19 -80.17
C LEU G 86 -22.53 -38.14 -79.17
N GLY G 87 -23.82 -38.17 -78.81
CA GLY G 87 -24.33 -37.32 -77.75
C GLY G 87 -24.87 -35.98 -78.22
N THR G 88 -24.65 -35.66 -79.49
CA THR G 88 -25.19 -34.39 -79.98
C THR G 88 -26.70 -34.57 -80.13
N SER G 89 -27.44 -33.46 -80.13
CA SER G 89 -28.90 -33.53 -80.24
C SER G 89 -29.46 -32.22 -80.76
N LYS G 90 -30.68 -32.28 -81.31
CA LYS G 90 -31.37 -31.11 -81.86
C LYS G 90 -32.87 -31.23 -81.61
N HIS G 91 -33.54 -30.11 -81.35
CA HIS G 91 -35.00 -30.06 -81.25
C HIS G 91 -35.60 -29.50 -82.55
N PHE G 92 -36.73 -30.05 -82.97
CA PHE G 92 -37.45 -29.56 -84.15
C PHE G 92 -38.88 -29.18 -83.77
N TYR G 93 -39.46 -28.21 -84.48
CA TYR G 93 -40.85 -27.78 -84.25
C TYR G 93 -41.56 -27.66 -85.61
N MET G 94 -42.78 -28.17 -85.68
CA MET G 94 -43.56 -28.18 -86.92
C MET G 94 -45.01 -28.49 -86.61
N PHE G 95 -45.88 -28.28 -87.59
CA PHE G 95 -47.28 -28.70 -87.48
C PHE G 95 -47.51 -30.02 -88.20
N ASN G 96 -48.31 -30.91 -87.60
CA ASN G 96 -48.57 -32.21 -88.22
C ASN G 96 -49.78 -32.16 -89.15
N ASP G 97 -50.23 -33.31 -89.64
CA ASP G 97 -51.34 -33.36 -90.61
C ASP G 97 -52.66 -32.89 -90.03
N ASN G 98 -52.79 -32.94 -88.71
CA ASN G 98 -54.01 -32.52 -88.05
C ASN G 98 -53.91 -31.08 -87.52
N LYS G 99 -52.92 -30.34 -87.98
CA LYS G 99 -52.72 -28.94 -87.60
C LYS G 99 -52.36 -28.74 -86.13
N ASN G 100 -51.80 -29.77 -85.51
CA ASN G 100 -51.29 -29.66 -84.15
C ASN G 100 -49.78 -29.50 -84.17
N SER G 101 -49.26 -28.59 -83.35
CA SER G 101 -47.81 -28.41 -83.24
C SER G 101 -47.19 -29.62 -82.58
N VAL G 102 -46.07 -30.10 -83.11
CA VAL G 102 -45.38 -31.22 -82.50
C VAL G 102 -43.91 -30.93 -82.31
N ALA G 103 -43.32 -31.53 -81.27
CA ALA G 103 -41.89 -31.41 -81.02
C ALA G 103 -41.20 -32.72 -81.39
N VAL G 104 -40.16 -32.61 -82.22
CA VAL G 104 -39.42 -33.77 -82.68
C VAL G 104 -37.93 -33.46 -82.51
N GLY G 105 -37.09 -34.49 -82.49
CA GLY G 105 -35.67 -34.29 -82.48
C GLY G 105 -34.90 -35.58 -82.61
N TYR G 106 -33.58 -35.52 -82.42
CA TYR G 106 -32.77 -36.72 -82.48
C TYR G 106 -31.62 -36.65 -81.48
N VAL G 107 -31.07 -37.80 -81.12
CA VAL G 107 -29.81 -37.87 -80.39
C VAL G 107 -28.83 -38.65 -81.27
N GLY G 108 -27.64 -38.10 -81.47
CA GLY G 108 -26.65 -38.75 -82.31
C GLY G 108 -25.95 -39.90 -81.61
N CYS G 109 -25.90 -41.04 -82.26
CA CYS G 109 -25.30 -42.24 -81.67
C CYS G 109 -23.96 -42.59 -82.29
N GLY G 110 -23.39 -41.65 -83.03
CA GLY G 110 -22.04 -41.81 -83.55
C GLY G 110 -21.93 -42.66 -84.79
N SER G 111 -20.77 -43.27 -84.98
CA SER G 111 -20.43 -43.91 -86.23
C SER G 111 -20.10 -45.39 -86.07
N VAL G 112 -20.24 -45.90 -84.85
CA VAL G 112 -19.86 -47.27 -84.54
C VAL G 112 -21.07 -48.17 -84.25
N ALA G 113 -21.16 -49.28 -84.99
CA ALA G 113 -22.36 -50.12 -84.99
C ALA G 113 -22.71 -50.76 -83.63
N ASP G 114 -21.72 -50.99 -82.79
CA ASP G 114 -21.99 -51.53 -81.47
C ASP G 114 -21.66 -50.57 -80.35
N LEU G 115 -22.71 -49.94 -79.79
CA LEU G 115 -22.55 -49.03 -78.68
C LEU G 115 -22.12 -49.79 -77.43
N SER G 116 -21.10 -49.30 -76.75
CA SER G 116 -20.73 -49.87 -75.47
C SER G 116 -21.65 -49.32 -74.40
N GLU G 117 -21.60 -49.95 -73.24
CA GLU G 117 -22.30 -49.50 -72.05
C GLU G 117 -22.08 -47.99 -71.80
N ALA G 118 -20.83 -47.54 -71.97
CA ALA G 118 -20.47 -46.14 -71.74
C ALA G 118 -21.02 -45.21 -72.83
N ASP G 119 -20.98 -45.65 -74.08
CA ASP G 119 -21.57 -44.86 -75.18
C ASP G 119 -23.07 -44.68 -74.97
N MET G 120 -23.73 -45.76 -74.57
CA MET G 120 -25.19 -45.74 -74.37
C MET G 120 -25.55 -44.79 -73.23
N LYS G 121 -24.73 -44.76 -72.19
CA LYS G 121 -24.88 -43.78 -71.11
C LYS G 121 -24.81 -42.34 -71.64
N ARG G 122 -23.83 -42.06 -72.50
CA ARG G 122 -23.74 -40.72 -73.10
C ARG G 122 -25.00 -40.38 -73.90
N VAL G 123 -25.51 -41.36 -74.66
CA VAL G 123 -26.76 -41.16 -75.39
C VAL G 123 -27.86 -40.81 -74.41
N VAL G 124 -28.00 -41.62 -73.35
CA VAL G 124 -29.07 -41.41 -72.37
C VAL G 124 -28.98 -40.04 -71.70
N LEU G 125 -27.77 -39.64 -71.31
CA LEU G 125 -27.53 -38.33 -70.71
C LEU G 125 -28.00 -37.17 -71.61
N SER G 126 -27.73 -37.27 -72.91
CA SER G 126 -28.19 -36.24 -73.85
C SER G 126 -29.71 -36.23 -73.89
N LEU G 127 -30.30 -37.41 -73.86
CA LEU G 127 -31.76 -37.53 -73.90
C LEU G 127 -32.37 -36.88 -72.65
N VAL G 128 -31.80 -37.22 -71.50
CA VAL G 128 -32.26 -36.67 -70.24
C VAL G 128 -32.18 -35.13 -70.23
N THR G 129 -31.16 -34.60 -70.91
CA THR G 129 -31.02 -33.14 -71.01
C THR G 129 -32.21 -32.54 -71.74
N MET G 130 -32.79 -33.30 -72.68
CA MET G 130 -33.98 -32.83 -73.39
C MET G 130 -35.24 -32.94 -72.55
N LEU G 131 -35.24 -33.87 -71.58
CA LEU G 131 -36.38 -34.03 -70.69
C LEU G 131 -36.37 -32.95 -69.60
N HIS G 132 -35.18 -32.61 -69.13
CA HIS G 132 -35.05 -31.61 -68.08
C HIS G 132 -35.38 -30.23 -68.61
N ASP G 133 -36.03 -29.42 -67.78
CA ASP G 133 -36.37 -28.04 -68.12
C ASP G 133 -37.33 -27.94 -69.30
N ASN G 134 -38.06 -29.02 -69.54
CA ASN G 134 -39.14 -29.02 -70.52
C ASN G 134 -40.32 -29.78 -69.96
N LYS G 135 -41.39 -29.06 -69.63
CA LYS G 135 -42.58 -29.71 -69.08
C LYS G 135 -43.30 -30.54 -70.14
N LEU G 136 -43.01 -31.83 -70.16
CA LEU G 136 -43.54 -32.73 -71.18
C LEU G 136 -44.48 -33.75 -70.55
N SER G 137 -45.53 -34.14 -71.28
CA SER G 137 -46.42 -35.17 -70.79
C SER G 137 -45.99 -36.53 -71.30
N LYS G 138 -45.30 -36.53 -72.44
CA LYS G 138 -44.88 -37.78 -73.09
C LYS G 138 -43.50 -37.66 -73.73
N LEU G 139 -42.75 -38.74 -73.68
CA LEU G 139 -41.55 -38.89 -74.50
C LEU G 139 -41.77 -40.09 -75.41
N THR G 140 -41.39 -39.96 -76.67
CA THR G 140 -41.43 -41.08 -77.61
C THR G 140 -40.01 -41.29 -78.17
N VAL G 141 -39.51 -42.52 -78.09
CA VAL G 141 -38.15 -42.82 -78.57
C VAL G 141 -38.19 -43.79 -79.76
N VAL G 142 -37.54 -43.44 -80.86
CA VAL G 142 -37.47 -44.32 -82.01
C VAL G 142 -36.06 -44.84 -82.20
N PHE G 143 -35.90 -46.16 -82.12
CA PHE G 143 -34.58 -46.78 -82.28
C PHE G 143 -34.24 -47.02 -83.75
N GLU G 144 -33.32 -46.23 -84.27
CA GLU G 144 -32.78 -46.52 -85.60
C GLU G 144 -31.36 -47.01 -85.43
N ILE G 145 -31.12 -47.68 -84.31
CA ILE G 145 -29.84 -48.30 -84.02
C ILE G 145 -30.10 -49.74 -83.59
N ASN G 146 -29.07 -50.58 -83.72
CA ASN G 146 -29.17 -51.97 -83.31
C ASN G 146 -28.79 -52.13 -81.85
N VAL G 147 -29.68 -52.70 -81.06
CA VAL G 147 -29.37 -52.99 -79.65
C VAL G 147 -29.86 -54.40 -79.36
N ASP G 148 -29.09 -55.17 -78.61
CA ASP G 148 -29.62 -56.47 -78.19
C ASP G 148 -30.58 -56.24 -77.03
N LYS G 149 -31.24 -57.30 -76.57
CA LYS G 149 -32.22 -57.17 -75.51
C LYS G 149 -31.64 -56.62 -74.21
N ASN G 150 -30.42 -57.00 -73.88
CA ASN G 150 -29.80 -56.52 -72.65
C ASN G 150 -29.50 -55.03 -72.76
N LEU G 151 -29.06 -54.60 -73.92
CA LEU G 151 -28.70 -53.21 -74.10
C LEU G 151 -29.96 -52.33 -74.18
N PHE G 152 -31.04 -52.89 -74.73
CA PHE G 152 -32.34 -52.19 -74.72
C PHE G 152 -32.79 -52.00 -73.29
N ARG G 153 -32.63 -53.05 -72.47
CA ARG G 153 -33.03 -52.95 -71.06
C ARG G 153 -32.17 -51.93 -70.35
N PHE G 154 -30.86 -51.95 -70.64
CA PHE G 154 -29.91 -51.05 -70.02
C PHE G 154 -30.24 -49.60 -70.36
N PHE G 155 -30.72 -49.38 -71.59
CA PHE G 155 -31.15 -48.05 -72.01
C PHE G 155 -32.28 -47.54 -71.12
N LEU G 156 -33.28 -48.39 -70.91
CA LEU G 156 -34.43 -48.04 -70.08
C LEU G 156 -34.05 -47.85 -68.62
N GLU G 157 -33.21 -48.75 -68.10
CA GLU G 157 -32.74 -48.66 -66.71
C GLU G 157 -32.02 -47.36 -66.49
N THR G 158 -31.18 -47.00 -67.45
CA THR G 158 -30.31 -45.83 -67.32
C THR G 158 -31.12 -44.55 -67.45
N LEU G 159 -32.07 -44.56 -68.39
CA LEU G 159 -33.00 -43.45 -68.56
C LEU G 159 -33.80 -43.19 -67.28
N PHE G 160 -34.49 -44.21 -66.78
CA PHE G 160 -35.23 -44.09 -65.53
C PHE G 160 -34.33 -43.56 -64.39
N TYR G 161 -33.13 -44.14 -64.28
CA TYR G 161 -32.21 -43.74 -63.21
C TYR G 161 -31.76 -42.28 -63.29
N GLU G 162 -31.28 -41.86 -64.46
CA GLU G 162 -30.75 -40.50 -64.61
C GLU G 162 -31.84 -39.44 -64.61
N TYR G 163 -33.02 -39.81 -65.07
CA TYR G 163 -34.15 -38.88 -65.09
C TYR G 163 -34.58 -38.55 -63.66
N MET G 164 -34.56 -39.55 -62.79
CA MET G 164 -34.98 -39.36 -61.39
C MET G 164 -34.09 -38.34 -60.69
N THR G 165 -34.71 -37.49 -59.89
CA THR G 165 -33.98 -36.52 -59.09
C THR G 165 -34.38 -36.73 -57.63
N ASP G 166 -33.38 -36.97 -56.78
CA ASP G 166 -33.61 -37.32 -55.38
C ASP G 166 -33.74 -36.06 -54.54
N GLU G 167 -34.97 -35.73 -54.10
CA GLU G 167 -35.17 -34.51 -53.34
C GLU G 167 -35.52 -34.73 -51.87
N ARG G 168 -35.20 -35.91 -51.35
CA ARG G 168 -35.53 -36.24 -49.96
C ARG G 168 -34.93 -35.26 -48.96
N PHE G 169 -33.76 -34.70 -49.25
CA PHE G 169 -33.09 -33.85 -48.27
C PHE G 169 -33.22 -32.36 -48.56
N LYS G 170 -33.96 -32.05 -49.62
CA LYS G 170 -34.30 -30.67 -49.98
C LYS G 170 -35.44 -30.16 -49.08
N SER G 171 -35.36 -28.91 -48.67
CA SER G 171 -36.45 -28.31 -47.92
C SER G 171 -36.87 -27.00 -48.54
N THR G 172 -35.96 -26.04 -48.52
CA THR G 172 -36.25 -24.70 -49.06
C THR G 172 -35.87 -24.60 -50.54
N ASP G 173 -35.18 -25.62 -51.04
CA ASP G 173 -34.57 -25.60 -52.37
C ASP G 173 -35.14 -26.66 -53.33
N LYS G 174 -36.39 -27.06 -53.10
CA LYS G 174 -37.06 -27.95 -54.06
C LYS G 174 -37.16 -27.29 -55.44
N ASN G 175 -37.01 -28.09 -56.50
CA ASN G 175 -37.17 -27.58 -57.86
C ASN G 175 -38.66 -27.40 -58.13
N VAL G 176 -39.11 -26.14 -58.16
CA VAL G 176 -40.54 -25.85 -58.32
C VAL G 176 -41.08 -26.16 -59.71
N ASN G 177 -40.19 -26.50 -60.65
CA ASN G 177 -40.58 -26.78 -62.02
C ASN G 177 -40.52 -28.25 -62.40
N MET G 178 -40.18 -29.10 -61.43
CA MET G 178 -40.08 -30.54 -61.66
C MET G 178 -41.44 -31.15 -62.03
N GLU G 179 -41.55 -31.62 -63.27
CA GLU G 179 -42.69 -32.41 -63.71
C GLU G 179 -42.14 -33.57 -64.54
N TYR G 180 -42.66 -34.76 -64.29
CA TYR G 180 -42.22 -35.96 -65.02
C TYR G 180 -43.24 -36.36 -66.09
N ILE G 181 -42.75 -36.89 -67.22
CA ILE G 181 -43.65 -37.45 -68.24
C ILE G 181 -44.50 -38.55 -67.61
N LYS G 182 -45.68 -38.74 -68.16
CA LYS G 182 -46.58 -39.79 -67.70
C LYS G 182 -46.57 -40.95 -68.69
N HIS G 183 -46.00 -40.73 -69.87
CA HIS G 183 -46.03 -41.76 -70.91
C HIS G 183 -44.71 -41.88 -71.64
N LEU G 184 -44.35 -43.12 -71.95
CA LEU G 184 -43.11 -43.39 -72.68
C LEU G 184 -43.44 -44.30 -73.85
N GLY G 185 -43.27 -43.79 -75.07
CA GLY G 185 -43.47 -44.61 -76.25
C GLY G 185 -42.12 -45.03 -76.80
N VAL G 186 -42.01 -46.28 -77.21
CA VAL G 186 -40.78 -46.80 -77.81
C VAL G 186 -41.10 -47.47 -79.13
N TYR G 187 -40.41 -47.06 -80.18
CA TYR G 187 -40.54 -47.68 -81.49
C TYR G 187 -39.24 -48.41 -81.80
N ILE G 188 -39.35 -49.70 -82.08
CA ILE G 188 -38.17 -50.51 -82.33
C ILE G 188 -38.55 -51.70 -83.20
N ASN G 189 -37.60 -52.23 -83.94
CA ASN G 189 -37.90 -53.40 -84.75
C ASN G 189 -37.98 -54.67 -83.92
N ASN G 190 -38.84 -55.59 -84.36
CA ASN G 190 -39.12 -56.83 -83.63
C ASN G 190 -39.49 -56.53 -82.19
N ALA G 191 -40.50 -55.66 -82.02
CA ALA G 191 -40.87 -55.11 -80.72
C ALA G 191 -41.33 -56.17 -79.74
N ASP G 192 -42.10 -57.14 -80.23
CA ASP G 192 -42.58 -58.24 -79.37
C ASP G 192 -41.47 -58.87 -78.54
N THR G 193 -40.27 -58.96 -79.10
CA THR G 193 -39.14 -59.59 -78.42
C THR G 193 -38.54 -58.72 -77.31
N TYR G 194 -38.73 -57.41 -77.40
CA TYR G 194 -38.18 -56.45 -76.44
C TYR G 194 -39.14 -56.11 -75.30
N LYS G 195 -40.42 -56.41 -75.47
CA LYS G 195 -41.46 -56.05 -74.51
C LYS G 195 -41.20 -56.59 -73.11
N GLU G 196 -40.67 -57.80 -73.01
CA GLU G 196 -40.47 -58.40 -71.70
C GLU G 196 -39.32 -57.74 -70.95
N GLU G 197 -38.52 -56.93 -71.63
CA GLU G 197 -37.45 -56.20 -70.98
C GLU G 197 -37.97 -54.97 -70.22
N VAL G 198 -39.17 -54.52 -70.57
CA VAL G 198 -39.68 -53.26 -70.02
C VAL G 198 -39.87 -53.33 -68.52
N GLU G 199 -40.65 -54.29 -68.02
CA GLU G 199 -40.85 -54.35 -66.58
C GLU G 199 -39.62 -54.83 -65.81
N LYS G 200 -38.78 -55.61 -66.47
CA LYS G 200 -37.53 -56.02 -65.85
C LYS G 200 -36.65 -54.78 -65.63
N ALA G 201 -36.62 -53.89 -66.63
CA ALA G 201 -35.89 -52.64 -66.51
C ALA G 201 -36.43 -51.79 -65.37
N ARG G 202 -37.76 -51.71 -65.25
CA ARG G 202 -38.34 -50.90 -64.19
C ARG G 202 -37.95 -51.45 -62.82
N VAL G 203 -37.96 -52.78 -62.69
CA VAL G 203 -37.52 -53.44 -61.45
C VAL G 203 -36.03 -53.18 -61.19
N TYR G 204 -35.20 -53.37 -62.22
CA TYR G 204 -33.76 -53.14 -62.06
C TYR G 204 -33.46 -51.68 -61.70
N TYR G 205 -34.15 -50.76 -62.39
CA TYR G 205 -34.06 -49.34 -62.06
C TYR G 205 -34.35 -49.14 -60.57
N PHE G 206 -35.45 -49.67 -60.04
CA PHE G 206 -35.71 -49.36 -58.65
C PHE G 206 -34.69 -49.96 -57.68
N GLY G 207 -34.28 -51.19 -57.92
CA GLY G 207 -33.29 -51.81 -57.05
C GLY G 207 -32.05 -50.94 -57.03
N THR G 208 -31.70 -50.38 -58.19
CA THR G 208 -30.50 -49.57 -58.30
C THR G 208 -30.71 -48.23 -57.60
N TYR G 209 -31.86 -47.62 -57.86
CA TYR G 209 -32.18 -46.32 -57.28
C TYR G 209 -32.36 -46.42 -55.77
N TYR G 210 -32.99 -47.49 -55.31
CA TYR G 210 -33.12 -47.77 -53.88
C TYR G 210 -31.74 -47.85 -53.22
N ALA G 211 -30.83 -48.63 -53.82
CA ALA G 211 -29.46 -48.68 -53.32
C ALA G 211 -28.83 -47.28 -53.21
N SER G 212 -28.95 -46.48 -54.26
CA SER G 212 -28.37 -45.13 -54.24
C SER G 212 -29.03 -44.24 -53.18
N GLN G 213 -30.33 -44.41 -52.97
CA GLN G 213 -31.02 -43.68 -51.90
C GLN G 213 -30.40 -43.94 -50.53
N LEU G 214 -30.05 -45.21 -50.27
CA LEU G 214 -29.42 -45.58 -49.01
C LEU G 214 -27.99 -45.04 -48.93
N ILE G 215 -27.28 -45.09 -50.05
CA ILE G 215 -25.89 -44.62 -50.05
C ILE G 215 -25.83 -43.09 -49.90
N ALA G 216 -26.65 -42.38 -50.68
CA ALA G 216 -26.72 -40.90 -50.60
C ALA G 216 -27.16 -40.41 -49.23
N ALA G 217 -27.99 -41.19 -48.55
CA ALA G 217 -28.40 -40.83 -47.19
C ALA G 217 -27.16 -40.68 -46.31
N PRO G 218 -26.96 -39.50 -45.72
CA PRO G 218 -25.83 -39.23 -44.82
C PRO G 218 -25.88 -40.11 -43.58
N SER G 219 -24.75 -40.17 -42.88
CA SER G 219 -24.54 -41.09 -41.78
C SER G 219 -25.32 -40.79 -40.51
N ASN G 220 -25.83 -39.56 -40.39
CA ASN G 220 -26.72 -39.27 -39.28
C ASN G 220 -28.14 -39.81 -39.53
N TYR G 221 -28.52 -39.93 -40.80
CA TYR G 221 -29.79 -40.54 -41.18
C TYR G 221 -29.64 -42.06 -41.31
N CYS G 222 -28.61 -42.47 -42.04
CA CYS G 222 -28.37 -43.88 -42.31
C CYS G 222 -27.23 -44.35 -41.41
N ASN G 223 -27.60 -44.99 -40.31
CA ASN G 223 -26.65 -45.48 -39.33
C ASN G 223 -26.97 -46.96 -39.14
N PRO G 224 -26.22 -47.70 -38.30
CA PRO G 224 -26.50 -49.14 -38.29
C PRO G 224 -27.91 -49.54 -37.84
N VAL G 225 -28.52 -48.77 -36.95
CA VAL G 225 -29.87 -49.09 -36.49
C VAL G 225 -30.92 -48.74 -37.56
N SER G 226 -30.86 -47.54 -38.10
CA SER G 226 -31.81 -47.13 -39.13
C SER G 226 -31.64 -47.93 -40.43
N LEU G 227 -30.40 -48.30 -40.76
CA LEU G 227 -30.19 -49.11 -41.99
C LEU G 227 -30.74 -50.52 -41.84
N SER G 228 -30.55 -51.12 -40.67
CA SER G 228 -31.15 -52.42 -40.39
C SER G 228 -32.66 -52.32 -40.31
N ASN G 229 -33.18 -51.21 -39.75
CA ASN G 229 -34.63 -51.01 -39.74
C ASN G 229 -35.18 -50.92 -41.16
N ALA G 230 -34.48 -50.21 -42.04
CA ALA G 230 -34.90 -50.11 -43.44
C ALA G 230 -34.94 -51.50 -44.10
N ALA G 231 -33.95 -52.32 -43.79
CA ALA G 231 -33.90 -53.67 -44.36
C ALA G 231 -35.09 -54.51 -43.87
N VAL G 232 -35.47 -54.32 -42.61
CA VAL G 232 -36.64 -55.02 -42.07
C VAL G 232 -37.89 -54.62 -42.85
N GLU G 233 -38.06 -53.32 -43.03
CA GLU G 233 -39.21 -52.80 -43.77
C GLU G 233 -39.26 -53.34 -45.20
N LEU G 234 -38.11 -53.37 -45.87
CA LEU G 234 -38.02 -53.92 -47.22
C LEU G 234 -38.47 -55.37 -47.26
N ALA G 235 -37.97 -56.17 -46.31
CA ALA G 235 -38.36 -57.59 -46.25
C ALA G 235 -39.86 -57.77 -45.96
N GLN G 236 -40.42 -56.94 -45.11
CA GLN G 236 -41.84 -57.07 -44.81
C GLN G 236 -42.65 -56.77 -46.07
N LYS G 237 -42.18 -55.81 -46.85
CA LYS G 237 -42.85 -55.45 -48.10
C LYS G 237 -42.74 -56.53 -49.17
N LEU G 238 -41.58 -57.19 -49.23
CA LEU G 238 -41.35 -58.21 -50.25
C LEU G 238 -41.74 -59.60 -49.79
N ASN G 239 -42.16 -59.72 -48.53
CA ASN G 239 -42.37 -61.03 -47.91
C ASN G 239 -41.12 -61.91 -47.87
N LEU G 240 -39.97 -61.30 -47.58
CA LEU G 240 -38.77 -62.08 -47.34
C LEU G 240 -38.69 -62.45 -45.87
N GLU G 241 -37.93 -63.50 -45.55
CA GLU G 241 -37.63 -63.82 -44.16
C GLU G 241 -36.53 -62.87 -43.74
N TYR G 242 -36.51 -62.50 -42.46
CA TYR G 242 -35.46 -61.62 -41.98
C TYR G 242 -35.09 -61.94 -40.54
N LYS G 243 -33.85 -61.67 -40.22
CA LYS G 243 -33.35 -61.76 -38.86
C LYS G 243 -32.32 -60.64 -38.76
N ILE G 244 -32.46 -59.80 -37.74
CA ILE G 244 -31.44 -58.81 -37.42
C ILE G 244 -30.76 -59.28 -36.15
N LEU G 245 -29.46 -59.55 -36.22
CA LEU G 245 -28.71 -60.00 -35.06
C LEU G 245 -28.19 -58.78 -34.31
N GLY G 246 -28.46 -58.73 -33.00
CA GLY G 246 -28.02 -57.64 -32.15
C GLY G 246 -26.73 -58.01 -31.42
N VAL G 247 -26.22 -57.09 -30.62
CA VAL G 247 -24.93 -57.29 -29.92
C VAL G 247 -24.88 -58.57 -29.08
N LYS G 248 -25.94 -58.86 -28.33
CA LYS G 248 -25.93 -60.05 -27.48
C LYS G 248 -25.77 -61.31 -28.31
N GLU G 249 -26.50 -61.39 -29.41
CA GLU G 249 -26.40 -62.56 -30.29
C GLU G 249 -25.04 -62.64 -30.96
N LEU G 250 -24.53 -61.50 -31.37
CA LEU G 250 -23.22 -61.41 -32.01
C LEU G 250 -22.11 -61.84 -31.04
N GLU G 251 -22.27 -61.49 -29.78
CA GLU G 251 -21.31 -61.92 -28.76
C GLU G 251 -21.35 -63.43 -28.61
N GLU G 252 -22.56 -63.98 -28.55
CA GLU G 252 -22.73 -65.42 -28.45
C GLU G 252 -22.07 -66.13 -29.62
N LEU G 253 -22.16 -65.52 -30.79
CA LEU G 253 -21.55 -66.08 -32.00
C LEU G 253 -20.05 -65.77 -32.06
N LYS G 254 -19.56 -65.02 -31.07
CA LYS G 254 -18.14 -64.72 -30.97
C LYS G 254 -17.58 -64.00 -32.19
N MET G 255 -18.37 -63.09 -32.77
CA MET G 255 -17.89 -62.28 -33.90
C MET G 255 -17.00 -61.14 -33.42
N GLY G 256 -15.83 -61.47 -32.85
CA GLY G 256 -15.00 -60.45 -32.25
C GLY G 256 -14.44 -59.43 -33.23
N ALA G 257 -14.27 -59.85 -34.49
CA ALA G 257 -13.63 -58.98 -35.45
C ALA G 257 -14.61 -57.86 -35.82
N TYR G 258 -15.82 -58.26 -36.17
CA TYR G 258 -16.91 -57.34 -36.49
C TYR G 258 -17.28 -56.43 -35.30
N LEU G 259 -17.40 -57.02 -34.11
CA LEU G 259 -17.75 -56.25 -32.92
C LEU G 259 -16.69 -55.21 -32.54
N SER G 260 -15.41 -55.53 -32.72
CA SER G 260 -14.33 -54.59 -32.39
C SER G 260 -14.44 -53.30 -33.19
N VAL G 261 -14.76 -53.42 -34.48
CA VAL G 261 -14.89 -52.25 -35.34
C VAL G 261 -15.95 -51.29 -34.82
N GLY G 262 -17.05 -51.84 -34.31
CA GLY G 262 -18.18 -51.01 -33.92
C GLY G 262 -18.13 -50.54 -32.47
N LYS G 263 -17.08 -50.93 -31.74
CA LYS G 263 -16.97 -50.60 -30.33
C LYS G 263 -17.08 -49.10 -30.07
N GLY G 264 -16.45 -48.30 -30.93
CA GLY G 264 -16.44 -46.87 -30.71
C GLY G 264 -17.68 -46.13 -31.18
N SER G 265 -18.70 -46.84 -31.66
CA SER G 265 -19.90 -46.17 -32.16
C SER G 265 -20.98 -46.05 -31.10
N MET G 266 -21.79 -44.99 -31.22
CA MET G 266 -22.95 -44.81 -30.36
C MET G 266 -24.10 -45.70 -30.83
N TYR G 267 -23.96 -46.26 -32.04
CA TYR G 267 -24.98 -47.14 -32.61
C TYR G 267 -24.58 -48.61 -32.45
N PRO G 268 -25.43 -49.40 -31.78
CA PRO G 268 -25.08 -50.83 -31.62
C PRO G 268 -24.97 -51.50 -32.99
N ASN G 269 -24.04 -52.44 -33.12
CA ASN G 269 -23.93 -53.25 -34.33
C ASN G 269 -25.23 -53.97 -34.64
N LYS G 270 -25.57 -54.05 -35.92
CA LYS G 270 -26.75 -54.79 -36.36
C LYS G 270 -26.37 -55.63 -37.57
N PHE G 271 -26.58 -56.94 -37.49
CA PHE G 271 -26.23 -57.82 -38.61
C PHE G 271 -27.51 -58.20 -39.37
N ILE G 272 -27.58 -57.81 -40.64
CA ILE G 272 -28.76 -58.07 -41.47
C ILE G 272 -28.66 -59.44 -42.11
N HIS G 273 -29.74 -60.21 -42.01
CA HIS G 273 -29.82 -61.49 -42.69
C HIS G 273 -31.22 -61.61 -43.29
N LEU G 274 -31.31 -61.37 -44.59
CA LEU G 274 -32.56 -61.54 -45.31
C LEU G 274 -32.49 -62.86 -46.05
N THR G 275 -33.62 -63.55 -46.18
CA THR G 275 -33.65 -64.76 -46.99
C THR G 275 -34.82 -64.79 -47.96
N TYR G 276 -34.50 -65.08 -49.22
CA TYR G 276 -35.48 -65.46 -50.22
C TYR G 276 -35.38 -66.97 -50.47
N LYS G 277 -36.49 -67.67 -50.38
CA LYS G 277 -36.51 -69.06 -50.83
C LYS G 277 -37.56 -69.28 -51.92
N SER G 278 -37.15 -69.87 -53.04
CA SER G 278 -38.09 -70.21 -54.11
C SER G 278 -39.12 -71.20 -53.60
N LYS G 279 -40.30 -71.20 -54.20
CA LYS G 279 -41.37 -72.12 -53.78
C LYS G 279 -41.11 -73.55 -54.26
N GLY G 280 -40.29 -73.71 -55.29
CA GLY G 280 -40.01 -75.03 -55.84
C GLY G 280 -38.94 -75.80 -55.09
N ASP G 281 -38.36 -76.80 -55.74
CA ASP G 281 -37.24 -77.53 -55.17
C ASP G 281 -35.99 -76.67 -55.27
N VAL G 282 -35.32 -76.45 -54.14
CA VAL G 282 -34.12 -75.61 -54.13
C VAL G 282 -32.97 -76.34 -54.80
N LYS G 283 -32.46 -75.79 -55.90
CA LYS G 283 -31.38 -76.43 -56.63
C LYS G 283 -30.05 -75.69 -56.50
N LYS G 284 -30.09 -74.49 -55.93
CA LYS G 284 -28.88 -73.72 -55.67
C LYS G 284 -29.05 -72.78 -54.48
N LYS G 285 -28.04 -72.73 -53.61
CA LYS G 285 -28.06 -71.81 -52.47
C LYS G 285 -26.91 -70.82 -52.56
N ILE G 286 -27.23 -69.54 -52.35
CA ILE G 286 -26.26 -68.46 -52.51
C ILE G 286 -26.32 -67.49 -51.35
N ALA G 287 -25.15 -67.01 -50.91
CA ALA G 287 -25.07 -65.94 -49.92
C ALA G 287 -24.44 -64.72 -50.56
N LEU G 288 -25.10 -63.58 -50.48
CA LEU G 288 -24.56 -62.34 -50.99
C LEU G 288 -24.24 -61.49 -49.77
N VAL G 289 -22.97 -61.06 -49.68
CA VAL G 289 -22.50 -60.34 -48.50
C VAL G 289 -22.04 -58.94 -48.86
N GLY G 290 -22.59 -57.92 -48.19
CA GLY G 290 -22.21 -56.55 -48.50
C GLY G 290 -21.54 -55.88 -47.33
N LYS G 291 -20.49 -55.11 -47.61
CA LYS G 291 -19.83 -54.32 -46.58
C LYS G 291 -20.81 -53.24 -46.15
N GLY G 292 -21.02 -53.10 -44.84
CA GLY G 292 -22.01 -52.17 -44.33
C GLY G 292 -21.48 -51.21 -43.30
N ILE G 293 -20.44 -50.45 -43.66
CA ILE G 293 -19.93 -49.45 -42.72
C ILE G 293 -20.66 -48.13 -43.01
N THR G 294 -21.49 -47.68 -42.08
CA THR G 294 -22.40 -46.57 -42.38
C THR G 294 -21.69 -45.23 -42.36
N PHE G 295 -20.62 -45.17 -41.57
CA PHE G 295 -19.61 -44.11 -41.70
C PHE G 295 -18.23 -44.64 -41.36
N ASP G 296 -17.24 -44.30 -42.18
CA ASP G 296 -15.87 -44.74 -41.90
C ASP G 296 -14.97 -43.53 -41.71
N SER G 297 -14.78 -43.13 -40.45
CA SER G 297 -13.90 -42.02 -40.10
C SER G 297 -12.45 -42.46 -40.18
N GLY G 298 -12.26 -43.77 -40.22
CA GLY G 298 -10.93 -44.35 -40.10
C GLY G 298 -10.63 -44.90 -38.72
N GLY G 299 -11.37 -44.47 -37.70
CA GLY G 299 -11.02 -44.83 -36.34
C GLY G 299 -9.78 -44.06 -35.88
N TYR G 300 -9.05 -44.61 -34.90
CA TYR G 300 -7.83 -43.94 -34.44
C TYR G 300 -6.81 -43.72 -35.56
N ASN G 301 -6.84 -44.59 -36.57
CA ASN G 301 -6.16 -44.26 -37.83
C ASN G 301 -7.04 -43.31 -38.68
N LEU G 302 -7.32 -42.16 -38.11
CA LEU G 302 -8.27 -41.19 -38.67
C LEU G 302 -7.94 -40.78 -40.11
N LYS G 303 -8.97 -40.66 -40.95
CA LYS G 303 -8.79 -40.20 -42.32
C LYS G 303 -8.51 -38.69 -42.33
N ALA G 304 -7.24 -38.34 -42.18
CA ALA G 304 -6.85 -36.94 -42.11
C ALA G 304 -5.84 -36.57 -43.18
N ALA G 305 -5.35 -37.56 -43.91
CA ALA G 305 -4.36 -37.32 -44.95
C ALA G 305 -5.02 -36.68 -46.17
N PRO G 306 -4.27 -35.84 -46.89
CA PRO G 306 -4.75 -35.26 -48.15
C PRO G 306 -5.26 -36.36 -49.07
N GLY G 307 -6.48 -36.21 -49.58
CA GLY G 307 -7.06 -37.19 -50.49
C GLY G 307 -7.84 -38.32 -49.84
N SER G 308 -7.87 -38.37 -48.51
CA SER G 308 -8.56 -39.47 -47.85
C SER G 308 -10.10 -39.37 -47.95
N MET G 309 -10.61 -38.19 -48.28
CA MET G 309 -12.04 -38.00 -48.57
C MET G 309 -13.02 -38.48 -47.50
N ILE G 310 -12.75 -38.08 -46.25
CA ILE G 310 -13.61 -38.46 -45.13
C ILE G 310 -15.07 -37.99 -45.35
N ASP G 311 -15.25 -36.96 -46.19
CA ASP G 311 -16.60 -36.45 -46.45
C ASP G 311 -17.46 -37.37 -47.35
N LEU G 312 -16.80 -38.31 -48.00
CA LEU G 312 -17.46 -39.26 -48.89
C LEU G 312 -17.90 -40.53 -48.15
N MET G 313 -17.45 -40.67 -46.90
CA MET G 313 -17.46 -41.99 -46.26
C MET G 313 -18.81 -42.50 -45.73
N LYS G 314 -19.87 -41.70 -45.92
CA LYS G 314 -21.22 -42.22 -45.81
C LYS G 314 -21.44 -43.31 -46.86
N PHE G 315 -20.58 -43.33 -47.88
CA PHE G 315 -20.73 -44.30 -48.99
C PHE G 315 -20.15 -45.68 -48.71
N ASP G 316 -19.63 -45.87 -47.50
CA ASP G 316 -18.93 -47.11 -47.19
C ASP G 316 -19.88 -48.26 -46.85
N MET G 317 -21.18 -48.03 -46.99
CA MET G 317 -22.15 -49.12 -46.91
C MET G 317 -22.75 -49.43 -48.28
N SER G 318 -22.04 -49.01 -49.34
CA SER G 318 -22.51 -49.22 -50.72
C SER G 318 -22.67 -50.70 -51.04
N GLY G 319 -21.83 -51.53 -50.43
CA GLY G 319 -21.90 -52.97 -50.64
C GLY G 319 -23.20 -53.52 -50.09
N CYS G 320 -23.53 -53.11 -48.86
CA CYS G 320 -24.78 -53.49 -48.23
C CYS G 320 -25.97 -52.97 -49.02
N ALA G 321 -25.83 -51.78 -49.58
CA ALA G 321 -26.88 -51.20 -50.42
C ALA G 321 -27.12 -52.03 -51.69
N ALA G 322 -26.05 -52.46 -52.34
CA ALA G 322 -26.19 -53.30 -53.53
C ALA G 322 -26.88 -54.61 -53.17
N VAL G 323 -26.51 -55.20 -52.03
CA VAL G 323 -27.13 -56.46 -51.60
C VAL G 323 -28.63 -56.29 -51.34
N LEU G 324 -29.01 -55.19 -50.68
CA LEU G 324 -30.42 -54.93 -50.42
C LEU G 324 -31.20 -54.58 -51.71
N GLY G 325 -30.53 -53.90 -52.64
CA GLY G 325 -31.15 -53.60 -53.92
C GLY G 325 -31.39 -54.88 -54.68
N CYS G 326 -30.43 -55.79 -54.62
CA CYS G 326 -30.60 -57.12 -55.19
C CYS G 326 -31.78 -57.86 -54.55
N ALA G 327 -31.92 -57.75 -53.23
CA ALA G 327 -33.02 -58.37 -52.51
C ALA G 327 -34.36 -57.86 -53.05
N TYR G 328 -34.43 -56.56 -53.31
CA TYR G 328 -35.64 -55.98 -53.92
C TYR G 328 -35.94 -56.64 -55.27
N CYS G 329 -34.94 -56.67 -56.15
CA CYS G 329 -35.13 -57.24 -57.49
C CYS G 329 -35.53 -58.72 -57.41
N VAL G 330 -34.82 -59.48 -56.59
CA VAL G 330 -35.08 -60.91 -56.44
C VAL G 330 -36.47 -61.18 -55.84
N GLY G 331 -36.81 -60.48 -54.77
CA GLY G 331 -38.13 -60.63 -54.15
C GLY G 331 -39.28 -60.24 -55.07
N THR G 332 -38.99 -59.36 -56.02
CA THR G 332 -40.01 -58.87 -56.93
C THR G 332 -40.15 -59.83 -58.09
N LEU G 333 -39.02 -60.29 -58.60
CA LEU G 333 -39.00 -61.11 -59.81
C LEU G 333 -39.24 -62.58 -59.50
N LYS G 334 -38.98 -62.97 -58.25
CA LYS G 334 -39.21 -64.33 -57.76
C LYS G 334 -38.69 -65.44 -58.65
N PRO G 335 -37.36 -65.55 -58.79
CA PRO G 335 -36.78 -66.64 -59.59
C PRO G 335 -37.03 -68.00 -58.93
N GLU G 336 -36.98 -69.08 -59.72
CA GLU G 336 -37.28 -70.41 -59.22
C GLU G 336 -36.02 -71.20 -58.85
N ASN G 337 -36.18 -72.19 -57.99
CA ASN G 337 -35.12 -73.16 -57.65
C ASN G 337 -33.86 -72.59 -56.98
N VAL G 338 -34.01 -71.51 -56.23
CA VAL G 338 -32.87 -70.93 -55.54
C VAL G 338 -33.23 -70.47 -54.14
N GLU G 339 -32.22 -70.41 -53.29
CA GLU G 339 -32.38 -69.85 -51.97
C GLU G 339 -31.26 -68.83 -51.82
N ILE G 340 -31.62 -67.57 -51.54
CA ILE G 340 -30.63 -66.51 -51.47
C ILE G 340 -30.60 -65.90 -50.08
N HIS G 341 -29.39 -65.78 -49.53
CA HIS G 341 -29.20 -65.07 -48.28
C HIS G 341 -28.56 -63.73 -48.53
N PHE G 342 -29.17 -62.67 -48.01
CA PHE G 342 -28.65 -61.33 -48.19
C PHE G 342 -28.12 -60.89 -46.84
N LEU G 343 -26.80 -60.68 -46.77
CA LEU G 343 -26.12 -60.53 -45.49
C LEU G 343 -25.34 -59.24 -45.44
N SER G 344 -25.37 -58.56 -44.30
CA SER G 344 -24.47 -57.43 -44.08
C SER G 344 -24.17 -57.22 -42.59
N ALA G 345 -22.90 -57.18 -42.25
CA ALA G 345 -22.52 -56.91 -40.87
C ALA G 345 -22.37 -55.40 -40.71
N VAL G 346 -23.46 -54.74 -40.32
CA VAL G 346 -23.53 -53.29 -40.31
C VAL G 346 -22.99 -52.67 -39.01
N CYS G 347 -22.12 -51.68 -39.15
CA CYS G 347 -21.60 -50.94 -38.00
C CYS G 347 -21.02 -49.61 -38.45
N GLU G 348 -20.52 -48.82 -37.51
CA GLU G 348 -19.95 -47.50 -37.80
C GLU G 348 -18.56 -47.42 -37.18
N ASN G 349 -17.59 -46.83 -37.89
CA ASN G 349 -16.17 -46.86 -37.45
C ASN G 349 -15.74 -45.48 -36.93
N MET G 350 -15.71 -45.32 -35.61
CA MET G 350 -15.66 -43.98 -35.01
C MET G 350 -14.51 -43.84 -34.01
N VAL G 351 -14.29 -42.61 -33.56
CA VAL G 351 -13.23 -42.36 -32.60
C VAL G 351 -13.84 -42.06 -31.24
N SER G 352 -13.37 -42.76 -30.20
CA SER G 352 -14.07 -42.73 -28.92
C SER G 352 -13.14 -43.25 -27.85
N LYS G 353 -13.48 -43.02 -26.58
CA LYS G 353 -12.79 -43.72 -25.50
C LYS G 353 -12.96 -45.23 -25.64
N ASN G 354 -14.01 -45.65 -26.33
CA ASN G 354 -14.40 -47.05 -26.44
C ASN G 354 -13.91 -47.80 -27.69
N SER G 355 -13.34 -47.06 -28.64
CA SER G 355 -12.86 -47.62 -29.90
C SER G 355 -11.80 -48.69 -29.75
N TYR G 356 -11.76 -49.63 -30.70
CA TYR G 356 -10.58 -50.49 -30.79
C TYR G 356 -9.35 -49.68 -31.20
N ARG G 357 -8.16 -50.17 -30.86
CA ARG G 357 -6.91 -49.45 -31.11
C ARG G 357 -6.02 -50.14 -32.14
N PRO G 358 -5.19 -49.34 -32.84
CA PRO G 358 -4.10 -49.92 -33.64
C PRO G 358 -3.27 -50.84 -32.75
N GLY G 359 -3.03 -52.08 -33.18
CA GLY G 359 -2.26 -53.02 -32.38
C GLY G 359 -3.09 -54.04 -31.60
N ASP G 360 -4.35 -53.72 -31.33
CA ASP G 360 -5.24 -54.66 -30.65
C ASP G 360 -5.25 -56.03 -31.31
N ILE G 361 -5.29 -57.09 -30.50
CA ILE G 361 -5.48 -58.43 -31.05
C ILE G 361 -6.89 -58.92 -30.70
N ILE G 362 -7.64 -59.26 -31.74
CA ILE G 362 -9.06 -59.60 -31.59
C ILE G 362 -9.33 -60.98 -32.22
N THR G 363 -10.41 -61.63 -31.80
CA THR G 363 -10.65 -63.00 -32.24
C THR G 363 -11.89 -63.11 -33.11
N ALA G 364 -11.73 -63.61 -34.33
CA ALA G 364 -12.86 -63.79 -35.23
C ALA G 364 -13.71 -64.99 -34.81
N SER G 365 -14.90 -65.13 -35.41
CA SER G 365 -15.82 -66.20 -35.02
C SER G 365 -15.33 -67.59 -35.42
N ASN G 366 -14.32 -67.68 -36.27
CA ASN G 366 -13.77 -68.99 -36.61
C ASN G 366 -12.52 -69.31 -35.76
N GLY G 367 -12.28 -68.51 -34.72
CA GLY G 367 -11.17 -68.77 -33.81
C GLY G 367 -9.84 -68.13 -34.18
N LYS G 368 -9.76 -67.52 -35.36
CA LYS G 368 -8.52 -66.88 -35.78
C LYS G 368 -8.29 -65.55 -35.07
N THR G 369 -7.11 -65.41 -34.46
CA THR G 369 -6.74 -64.15 -33.84
C THR G 369 -6.10 -63.25 -34.90
N ILE G 370 -6.37 -61.96 -34.79
CA ILE G 370 -6.02 -61.00 -35.83
C ILE G 370 -5.35 -59.82 -35.16
N GLU G 371 -4.17 -59.44 -35.64
CA GLU G 371 -3.52 -58.26 -35.11
C GLU G 371 -3.96 -57.08 -35.97
N VAL G 372 -4.55 -56.08 -35.34
CA VAL G 372 -5.01 -54.90 -36.06
C VAL G 372 -3.84 -53.93 -36.31
N GLY G 373 -3.47 -53.78 -37.58
CA GLY G 373 -2.37 -52.89 -37.93
C GLY G 373 -2.84 -51.47 -38.20
N ASN G 374 -4.10 -51.35 -38.61
CA ASN G 374 -4.67 -50.07 -39.00
C ASN G 374 -6.18 -50.16 -38.85
N THR G 375 -6.74 -49.30 -37.99
CA THR G 375 -8.17 -49.34 -37.72
C THR G 375 -9.01 -48.92 -38.93
N ASP G 376 -8.35 -48.31 -39.91
CA ASP G 376 -9.03 -47.89 -41.16
C ASP G 376 -9.09 -49.05 -42.17
N ALA G 377 -8.54 -50.21 -41.81
CA ALA G 377 -8.80 -51.40 -42.63
C ALA G 377 -9.91 -52.19 -41.94
N GLU G 378 -11.00 -51.49 -41.63
CA GLU G 378 -12.05 -52.07 -40.80
C GLU G 378 -13.00 -52.95 -41.60
N GLY G 379 -13.15 -52.69 -42.89
CA GLY G 379 -14.08 -53.43 -43.74
C GLY G 379 -13.79 -54.91 -43.79
N ARG G 380 -12.51 -55.28 -43.89
CA ARG G 380 -12.14 -56.69 -44.04
C ARG G 380 -12.36 -57.45 -42.74
N LEU G 381 -12.39 -56.72 -41.62
CA LEU G 381 -12.63 -57.33 -40.32
C LEU G 381 -14.11 -57.67 -40.18
N THR G 382 -14.98 -56.76 -40.60
CA THR G 382 -16.41 -57.02 -40.50
C THR G 382 -16.78 -58.11 -41.48
N LEU G 383 -16.12 -58.09 -42.63
CA LEU G 383 -16.38 -59.08 -43.67
C LEU G 383 -15.92 -60.46 -43.27
N ALA G 384 -14.80 -60.54 -42.54
CA ALA G 384 -14.29 -61.83 -42.07
C ALA G 384 -15.39 -62.58 -41.33
N ASP G 385 -16.03 -61.92 -40.36
CA ASP G 385 -17.08 -62.56 -39.59
C ASP G 385 -18.33 -62.83 -40.42
N ALA G 386 -18.66 -61.94 -41.35
CA ALA G 386 -19.84 -62.17 -42.18
C ALA G 386 -19.61 -63.38 -43.09
N LEU G 387 -18.37 -63.55 -43.54
CA LEU G 387 -18.02 -64.68 -44.38
C LEU G 387 -18.06 -66.01 -43.61
N VAL G 388 -17.61 -66.00 -42.36
CA VAL G 388 -17.73 -67.19 -41.51
C VAL G 388 -19.20 -67.54 -41.31
N TYR G 389 -20.01 -66.53 -41.03
CA TYR G 389 -21.45 -66.72 -40.85
C TYR G 389 -22.06 -67.31 -42.10
N ALA G 390 -21.68 -66.76 -43.25
CA ALA G 390 -22.19 -67.20 -44.54
C ALA G 390 -21.87 -68.66 -44.81
N GLU G 391 -20.61 -69.05 -44.59
CA GLU G 391 -20.23 -70.41 -44.93
C GLU G 391 -20.98 -71.40 -44.06
N LYS G 392 -21.29 -71.01 -42.82
CA LYS G 392 -22.05 -71.88 -41.94
C LYS G 392 -23.48 -72.11 -42.41
N LEU G 393 -23.98 -71.28 -43.32
CA LEU G 393 -25.32 -71.45 -43.85
C LEU G 393 -25.39 -72.66 -44.78
N GLY G 394 -24.21 -73.10 -45.24
CA GLY G 394 -24.11 -74.25 -46.12
C GLY G 394 -24.61 -73.94 -47.53
N VAL G 395 -23.93 -73.00 -48.19
CA VAL G 395 -24.37 -72.59 -49.53
C VAL G 395 -23.41 -73.08 -50.61
N ASP G 396 -23.82 -72.92 -51.86
CA ASP G 396 -22.98 -73.27 -52.99
C ASP G 396 -21.97 -72.18 -53.38
N TYR G 397 -22.40 -70.91 -53.34
CA TYR G 397 -21.52 -69.78 -53.61
C TYR G 397 -21.68 -68.70 -52.55
N ILE G 398 -20.55 -68.09 -52.20
CA ILE G 398 -20.56 -66.88 -51.41
C ILE G 398 -19.98 -65.77 -52.29
N VAL G 399 -20.71 -64.67 -52.44
CA VAL G 399 -20.21 -63.52 -53.18
C VAL G 399 -20.29 -62.31 -52.27
N ASP G 400 -19.16 -61.63 -52.06
CA ASP G 400 -19.21 -60.38 -51.33
C ASP G 400 -19.01 -59.19 -52.27
N ILE G 401 -19.52 -58.04 -51.85
CA ILE G 401 -19.34 -56.81 -52.60
C ILE G 401 -19.07 -55.71 -51.58
N ALA G 402 -18.07 -54.89 -51.86
CA ALA G 402 -17.57 -53.96 -50.85
C ALA G 402 -16.79 -52.79 -51.44
N THR G 403 -16.92 -51.61 -50.84
CA THR G 403 -16.06 -50.47 -51.12
C THR G 403 -14.83 -50.66 -50.24
N LEU G 404 -13.96 -51.57 -50.62
CA LEU G 404 -12.97 -52.09 -49.68
C LEU G 404 -11.62 -51.41 -49.70
N THR G 405 -11.14 -51.01 -50.88
CA THR G 405 -9.80 -50.46 -51.00
C THR G 405 -9.74 -49.27 -51.97
N GLY G 406 -9.31 -48.11 -51.47
CA GLY G 406 -9.08 -46.95 -52.31
C GLY G 406 -8.11 -47.21 -53.44
N ALA G 407 -7.26 -48.23 -53.29
CA ALA G 407 -6.33 -48.61 -54.34
C ALA G 407 -7.01 -48.99 -55.66
N MET G 408 -8.30 -49.31 -55.60
CA MET G 408 -9.05 -49.60 -56.82
C MET G 408 -9.00 -48.45 -57.82
N LEU G 409 -8.97 -47.23 -57.31
CA LEU G 409 -8.87 -46.05 -58.17
C LEU G 409 -7.57 -46.01 -58.97
N TYR G 410 -6.52 -46.66 -58.46
CA TYR G 410 -5.21 -46.68 -59.12
C TYR G 410 -5.04 -47.86 -60.05
N SER G 411 -5.89 -48.88 -59.90
CA SER G 411 -5.82 -50.04 -60.78
C SER G 411 -6.85 -49.96 -61.91
N LEU G 412 -8.13 -50.04 -61.57
CA LEU G 412 -9.19 -50.06 -62.57
C LEU G 412 -9.89 -48.72 -62.71
N GLY G 413 -9.79 -47.87 -61.69
CA GLY G 413 -10.38 -46.56 -61.75
C GLY G 413 -11.87 -46.50 -61.43
N THR G 414 -12.59 -45.63 -62.13
CA THR G 414 -13.99 -45.32 -61.80
C THR G 414 -15.06 -46.07 -62.60
N SER G 415 -14.67 -46.79 -63.65
CA SER G 415 -15.68 -47.45 -64.50
C SER G 415 -15.81 -48.93 -64.23
N TYR G 416 -14.70 -49.61 -63.95
CA TYR G 416 -14.74 -51.07 -63.76
C TYR G 416 -14.50 -51.48 -62.30
N ALA G 417 -15.36 -52.35 -61.79
CA ALA G 417 -15.13 -52.95 -60.48
C ALA G 417 -14.14 -54.10 -60.67
N GLY G 418 -13.45 -54.50 -59.60
CA GLY G 418 -12.57 -55.64 -59.68
C GLY G 418 -13.21 -56.84 -59.02
N VAL G 419 -12.99 -58.03 -59.58
CA VAL G 419 -13.46 -59.25 -58.90
C VAL G 419 -12.29 -60.20 -58.64
N PHE G 420 -12.25 -60.76 -57.44
CA PHE G 420 -11.23 -61.71 -57.04
C PHE G 420 -11.99 -62.94 -56.55
N GLY G 421 -11.33 -64.09 -56.44
CA GLY G 421 -12.02 -65.25 -55.90
C GLY G 421 -11.13 -66.49 -55.79
N ASN G 422 -11.69 -67.55 -55.22
CA ASN G 422 -10.93 -68.76 -55.04
C ASN G 422 -11.37 -69.87 -56.01
N ASN G 423 -12.19 -69.50 -57.00
CA ASN G 423 -12.88 -70.49 -57.84
C ASN G 423 -13.18 -69.93 -59.24
N GLU G 424 -12.58 -70.54 -60.27
CA GLU G 424 -12.69 -69.98 -61.63
C GLU G 424 -14.11 -69.99 -62.19
N GLU G 425 -14.84 -71.07 -61.94
CA GLU G 425 -16.22 -71.19 -62.41
C GLU G 425 -17.13 -70.10 -61.88
N LEU G 426 -17.01 -69.80 -60.59
CA LEU G 426 -17.79 -68.72 -59.99
C LEU G 426 -17.35 -67.35 -60.51
N ILE G 427 -16.04 -67.13 -60.62
CA ILE G 427 -15.52 -65.89 -61.19
C ILE G 427 -16.06 -65.69 -62.61
N ASN G 428 -16.05 -66.76 -63.40
CA ASN G 428 -16.58 -66.65 -64.76
C ASN G 428 -18.08 -66.36 -64.79
N LYS G 429 -18.81 -66.91 -63.81
CA LYS G 429 -20.25 -66.61 -63.68
C LYS G 429 -20.47 -65.13 -63.33
N ILE G 430 -19.57 -64.56 -62.53
CA ILE G 430 -19.64 -63.14 -62.21
C ILE G 430 -19.37 -62.29 -63.46
N LEU G 431 -18.37 -62.69 -64.24
CA LEU G 431 -18.02 -61.97 -65.47
C LEU G 431 -19.14 -62.06 -66.49
N GLN G 432 -19.79 -63.22 -66.53
CA GLN G 432 -20.95 -63.40 -67.38
C GLN G 432 -22.10 -62.47 -66.98
N SER G 433 -22.36 -62.36 -65.68
CA SER G 433 -23.37 -61.42 -65.18
C SER G 433 -22.99 -59.97 -65.45
N SER G 434 -21.68 -59.70 -65.51
CA SER G 434 -21.20 -58.37 -65.81
C SER G 434 -21.60 -57.96 -67.22
N LYS G 435 -21.47 -58.89 -68.15
CA LYS G 435 -21.79 -58.64 -69.54
C LYS G 435 -23.29 -58.40 -69.71
N THR G 436 -24.11 -59.20 -69.03
CA THR G 436 -25.56 -59.13 -69.23
C THR G 436 -26.23 -58.00 -68.43
N SER G 437 -25.61 -57.59 -67.33
CA SER G 437 -26.16 -56.46 -66.56
C SER G 437 -25.59 -55.15 -67.07
N ASN G 438 -24.55 -55.24 -67.89
CA ASN G 438 -23.79 -54.09 -68.36
C ASN G 438 -23.18 -53.23 -67.23
N GLU G 439 -22.87 -53.88 -66.11
CA GLU G 439 -22.05 -53.26 -65.07
C GLU G 439 -20.68 -53.89 -65.15
N PRO G 440 -19.69 -53.14 -65.66
CA PRO G 440 -18.39 -53.72 -66.01
C PRO G 440 -17.53 -54.11 -64.79
N VAL G 441 -16.99 -55.33 -64.84
CA VAL G 441 -16.09 -55.85 -63.81
C VAL G 441 -14.86 -56.46 -64.49
N TRP G 442 -13.71 -56.48 -63.80
CA TRP G 442 -12.51 -57.10 -64.35
C TRP G 442 -11.89 -58.06 -63.33
N TRP G 443 -11.55 -59.25 -63.79
CA TRP G 443 -10.95 -60.26 -62.92
C TRP G 443 -9.51 -59.86 -62.59
N LEU G 444 -9.22 -59.77 -61.29
CA LEU G 444 -7.88 -59.46 -60.80
C LEU G 444 -7.38 -60.62 -59.95
N PRO G 445 -6.05 -60.81 -59.89
CA PRO G 445 -5.54 -62.02 -59.23
C PRO G 445 -5.45 -61.89 -57.71
N ILE G 446 -5.61 -63.04 -57.03
CA ILE G 446 -5.22 -63.18 -55.64
C ILE G 446 -3.82 -63.78 -55.68
N ILE G 447 -2.81 -62.93 -55.51
CA ILE G 447 -1.42 -63.37 -55.63
C ILE G 447 -0.91 -63.96 -54.32
N ASN G 448 -0.76 -65.28 -54.29
CA ASN G 448 -0.43 -65.98 -53.06
C ASN G 448 0.95 -65.64 -52.50
N GLU G 449 1.83 -65.14 -53.35
CA GLU G 449 3.18 -64.78 -52.90
C GLU G 449 3.12 -63.72 -51.81
N TYR G 450 2.05 -62.91 -51.81
CA TYR G 450 1.91 -61.83 -50.84
C TYR G 450 1.42 -62.30 -49.48
N ARG G 451 0.98 -63.56 -49.39
CA ARG G 451 0.35 -64.08 -48.17
C ARG G 451 1.24 -63.99 -46.93
N ALA G 452 2.52 -64.26 -47.11
CA ALA G 452 3.45 -64.27 -45.97
C ALA G 452 3.59 -62.90 -45.32
N THR G 453 3.23 -61.84 -46.04
CA THR G 453 3.29 -60.49 -45.47
C THR G 453 2.13 -60.23 -44.52
N LEU G 454 1.23 -61.18 -44.41
CA LEU G 454 0.14 -61.12 -43.44
C LEU G 454 0.47 -61.95 -42.20
N ASN G 455 1.68 -62.51 -42.14
CA ASN G 455 2.08 -63.28 -40.97
C ASN G 455 2.32 -62.34 -39.79
N SER G 456 1.69 -62.61 -38.67
CA SER G 456 1.87 -61.80 -37.46
C SER G 456 2.84 -62.49 -36.52
N LYS G 457 3.66 -61.71 -35.84
CA LYS G 457 4.59 -62.26 -34.84
C LYS G 457 3.81 -62.81 -33.65
N TYR G 458 2.64 -62.24 -33.38
CA TYR G 458 1.86 -62.55 -32.18
C TYR G 458 0.52 -63.21 -32.43
N ALA G 459 -0.29 -62.66 -33.34
CA ALA G 459 -1.60 -63.25 -33.61
C ALA G 459 -1.50 -64.31 -34.69
N ASP G 460 -2.60 -64.99 -35.01
CA ASP G 460 -2.61 -65.92 -36.14
C ASP G 460 -2.34 -65.22 -37.47
N ILE G 461 -2.81 -63.98 -37.59
CA ILE G 461 -2.72 -63.28 -38.87
C ILE G 461 -2.76 -61.77 -38.66
N ASN G 462 -2.10 -61.05 -39.55
CA ASN G 462 -2.19 -59.61 -39.63
C ASN G 462 -3.39 -59.20 -40.49
N GLN G 463 -4.02 -58.10 -40.10
CA GLN G 463 -5.09 -57.48 -40.87
C GLN G 463 -4.55 -56.82 -42.14
N ILE G 464 -3.38 -56.21 -42.06
CA ILE G 464 -2.79 -55.51 -43.19
C ILE G 464 -1.36 -55.98 -43.45
N SER G 465 -0.87 -55.66 -44.65
CA SER G 465 0.49 -56.00 -45.03
C SER G 465 1.47 -54.94 -44.55
N SER G 466 2.63 -55.39 -44.07
CA SER G 466 3.72 -54.49 -43.73
C SER G 466 4.32 -53.85 -45.00
N SER G 467 4.57 -54.68 -46.00
CA SER G 467 5.35 -54.29 -47.17
C SER G 467 4.57 -54.08 -48.46
N VAL G 468 3.58 -54.93 -48.74
CA VAL G 468 2.89 -54.92 -50.03
C VAL G 468 1.89 -53.75 -50.19
N LYS G 469 2.07 -52.96 -51.26
CA LYS G 469 1.22 -51.80 -51.49
C LYS G 469 -0.02 -52.14 -52.33
N ALA G 470 -0.05 -53.36 -52.87
CA ALA G 470 -1.22 -53.81 -53.64
C ALA G 470 -2.35 -54.20 -52.70
N SER G 471 -2.96 -53.19 -52.09
CA SER G 471 -3.90 -53.42 -51.01
C SER G 471 -5.19 -54.15 -51.42
N SER G 472 -5.62 -54.00 -52.66
CA SER G 472 -6.82 -54.70 -53.12
C SER G 472 -6.55 -56.20 -53.10
N ILE G 473 -5.32 -56.57 -53.47
CA ILE G 473 -4.92 -57.98 -53.48
C ILE G 473 -4.71 -58.50 -52.06
N VAL G 474 -4.03 -57.72 -51.22
CA VAL G 474 -3.81 -58.10 -49.83
C VAL G 474 -5.14 -58.27 -49.07
N ALA G 475 -6.08 -57.34 -49.25
CA ALA G 475 -7.38 -57.47 -48.60
C ALA G 475 -8.07 -58.78 -49.01
N SER G 476 -7.99 -59.12 -50.29
CA SER G 476 -8.57 -60.35 -50.81
C SER G 476 -7.92 -61.59 -50.17
N LEU G 477 -6.60 -61.53 -49.98
CA LEU G 477 -5.89 -62.62 -49.33
C LEU G 477 -6.39 -62.79 -47.91
N PHE G 478 -6.65 -61.66 -47.25
CA PHE G 478 -7.13 -61.71 -45.88
C PHE G 478 -8.54 -62.31 -45.84
N LEU G 479 -9.42 -61.85 -46.72
CA LEU G 479 -10.78 -62.41 -46.79
C LEU G 479 -10.77 -63.91 -47.06
N LYS G 480 -9.91 -64.36 -47.97
CA LYS G 480 -9.86 -65.77 -48.34
C LYS G 480 -9.60 -66.70 -47.14
N GLU G 481 -8.88 -66.20 -46.14
CA GLU G 481 -8.59 -66.97 -44.93
C GLU G 481 -9.84 -67.29 -44.13
N PHE G 482 -10.97 -66.72 -44.50
CA PHE G 482 -12.21 -66.91 -43.73
C PHE G 482 -13.29 -67.68 -44.48
N VAL G 483 -12.92 -68.25 -45.61
CA VAL G 483 -13.74 -69.20 -46.36
C VAL G 483 -12.96 -70.54 -46.51
N GLN G 484 -13.42 -71.55 -45.84
CA GLN G 484 -12.69 -72.78 -45.80
C GLN G 484 -12.88 -73.71 -46.96
N ASN G 485 -14.11 -73.98 -47.34
CA ASN G 485 -14.40 -74.93 -48.35
C ASN G 485 -15.56 -74.64 -49.28
N THR G 486 -15.75 -73.38 -49.62
CA THR G 486 -16.87 -72.95 -50.44
C THR G 486 -16.37 -72.04 -51.57
N ALA G 487 -16.95 -72.18 -52.76
CA ALA G 487 -16.61 -71.28 -53.87
C ALA G 487 -16.99 -69.86 -53.47
N TRP G 488 -16.07 -68.92 -53.68
CA TRP G 488 -16.24 -67.55 -53.18
C TRP G 488 -15.65 -66.50 -54.14
N ALA G 489 -16.36 -65.39 -54.30
CA ALA G 489 -15.82 -64.28 -55.07
C ALA G 489 -16.09 -62.99 -54.32
N HIS G 490 -15.28 -61.99 -54.62
CA HIS G 490 -15.22 -60.75 -53.86
C HIS G 490 -15.14 -59.63 -54.87
N ILE G 491 -16.11 -58.73 -54.83
CA ILE G 491 -16.20 -57.64 -55.78
C ILE G 491 -15.86 -56.33 -55.08
N ASP G 492 -14.78 -55.69 -55.49
CA ASP G 492 -14.33 -54.45 -54.84
C ASP G 492 -14.87 -53.26 -55.64
N ILE G 493 -15.81 -52.53 -55.06
CA ILE G 493 -16.46 -51.44 -55.77
C ILE G 493 -16.03 -50.06 -55.27
N ALA G 494 -14.90 -50.01 -54.57
CA ALA G 494 -14.42 -48.77 -53.95
C ALA G 494 -14.24 -47.67 -54.98
N GLY G 495 -13.86 -48.05 -56.20
CA GLY G 495 -13.63 -47.08 -57.24
C GLY G 495 -14.86 -46.66 -58.04
N VAL G 496 -15.84 -47.56 -58.14
CA VAL G 496 -16.96 -47.34 -59.05
C VAL G 496 -18.25 -46.92 -58.35
N SER G 497 -18.32 -47.04 -57.03
CA SER G 497 -19.57 -46.79 -56.32
C SER G 497 -20.08 -45.35 -56.44
N TRP G 498 -19.16 -44.39 -56.33
CA TRP G 498 -19.55 -42.98 -56.35
C TRP G 498 -19.30 -42.33 -57.71
N ASN G 499 -20.31 -41.64 -58.23
CA ASN G 499 -20.16 -40.85 -59.46
C ASN G 499 -19.64 -39.45 -59.11
N PHE G 500 -18.33 -39.26 -59.20
CA PHE G 500 -17.73 -38.00 -58.79
C PHE G 500 -18.16 -36.83 -59.66
N LYS G 501 -18.28 -37.08 -60.95
CA LYS G 501 -18.72 -36.04 -61.88
C LYS G 501 -20.14 -35.61 -61.58
N ALA G 502 -21.04 -36.57 -61.35
CA ALA G 502 -22.45 -36.27 -61.10
C ALA G 502 -22.79 -35.99 -59.63
N ARG G 503 -21.83 -36.24 -58.73
CA ARG G 503 -21.99 -35.99 -57.29
C ARG G 503 -23.08 -36.84 -56.65
N LYS G 504 -23.21 -38.08 -57.11
CA LYS G 504 -24.24 -38.97 -56.59
C LYS G 504 -23.75 -40.42 -56.66
N PRO G 505 -24.37 -41.33 -55.89
CA PRO G 505 -23.98 -42.75 -56.00
C PRO G 505 -24.47 -43.37 -57.30
N LYS G 506 -23.96 -44.54 -57.65
CA LYS G 506 -24.45 -45.24 -58.83
C LYS G 506 -25.41 -46.38 -58.49
N GLY G 507 -25.43 -46.78 -57.24
CA GLY G 507 -26.09 -48.03 -56.87
C GLY G 507 -25.48 -49.19 -57.66
N PHE G 508 -24.16 -49.14 -57.85
CA PHE G 508 -23.43 -50.16 -58.62
C PHE G 508 -23.56 -51.54 -57.98
N GLY G 509 -23.86 -52.54 -58.80
CA GLY G 509 -23.84 -53.92 -58.32
C GLY G 509 -25.19 -54.58 -58.15
N VAL G 510 -26.27 -53.80 -58.07
CA VAL G 510 -27.59 -54.39 -57.91
C VAL G 510 -27.93 -55.27 -59.10
N ARG G 511 -27.75 -54.72 -60.29
CA ARG G 511 -28.09 -55.44 -61.51
C ARG G 511 -27.13 -56.60 -61.75
N LEU G 512 -25.86 -56.36 -61.47
CA LEU G 512 -24.83 -57.40 -61.56
C LEU G 512 -25.22 -58.61 -60.73
N LEU G 513 -25.52 -58.36 -59.46
CA LEU G 513 -25.87 -59.44 -58.53
C LEU G 513 -27.16 -60.13 -58.93
N THR G 514 -28.15 -59.35 -59.37
CA THR G 514 -29.45 -59.93 -59.73
C THR G 514 -29.32 -60.83 -60.96
N GLU G 515 -28.62 -60.34 -61.98
CA GLU G 515 -28.33 -61.18 -63.14
C GLU G 515 -27.62 -62.46 -62.73
N PHE G 516 -26.72 -62.37 -61.78
CA PHE G 516 -25.99 -63.56 -61.30
C PHE G 516 -26.96 -64.58 -60.68
N VAL G 517 -27.88 -64.08 -59.85
CA VAL G 517 -28.92 -64.94 -59.27
C VAL G 517 -29.84 -65.52 -60.33
N LEU G 518 -30.29 -64.66 -61.25
CA LEU G 518 -31.27 -65.06 -62.27
C LEU G 518 -30.69 -66.03 -63.30
N ASN G 519 -29.46 -65.76 -63.76
CA ASN G 519 -28.79 -66.60 -64.75
C ASN G 519 -28.54 -68.02 -64.28
N ASP G 520 -28.49 -68.20 -62.96
CA ASP G 520 -28.37 -69.53 -62.37
C ASP G 520 -29.73 -70.23 -62.31
N SER H 3 -9.88 -52.74 -9.91
CA SER H 3 -9.68 -54.19 -10.03
C SER H 3 -10.49 -54.84 -11.16
N GLU H 4 -11.80 -54.60 -11.21
CA GLU H 4 -12.58 -55.10 -12.34
C GLU H 4 -12.24 -54.33 -13.63
N VAL H 5 -11.85 -55.06 -14.68
CA VAL H 5 -11.58 -54.45 -15.98
C VAL H 5 -12.88 -54.14 -16.73
N PRO H 6 -13.14 -52.86 -17.01
CA PRO H 6 -14.35 -52.50 -17.78
C PRO H 6 -14.27 -53.06 -19.21
N GLN H 7 -15.42 -53.43 -19.76
CA GLN H 7 -15.51 -54.00 -21.09
C GLN H 7 -16.48 -53.16 -21.93
N VAL H 8 -16.27 -53.11 -23.24
CA VAL H 8 -17.30 -52.52 -24.11
C VAL H 8 -18.24 -53.61 -24.59
N VAL H 9 -17.67 -54.74 -24.98
CA VAL H 9 -18.45 -55.93 -25.33
C VAL H 9 -17.92 -57.10 -24.50
N SER H 10 -18.68 -58.20 -24.42
CA SER H 10 -18.30 -59.32 -23.58
C SER H 10 -17.03 -60.03 -24.07
N LEU H 11 -16.67 -59.77 -25.33
CA LEU H 11 -15.50 -60.40 -25.92
C LEU H 11 -14.20 -59.65 -25.59
N ASP H 12 -14.32 -58.50 -24.93
CA ASP H 12 -13.13 -57.78 -24.50
C ASP H 12 -12.43 -58.49 -23.33
N PRO H 13 -11.10 -58.64 -23.42
CA PRO H 13 -10.30 -59.36 -22.43
C PRO H 13 -10.29 -58.63 -21.11
N THR H 14 -10.21 -59.36 -20.00
CA THR H 14 -10.20 -58.73 -18.68
C THR H 14 -8.93 -59.06 -17.89
N SER H 15 -7.95 -59.65 -18.57
CA SER H 15 -6.64 -59.83 -17.96
C SER H 15 -5.60 -60.00 -19.04
N ILE H 16 -4.34 -59.76 -18.68
CA ILE H 16 -3.22 -60.04 -19.56
C ILE H 16 -2.78 -61.49 -19.35
N PRO H 17 -2.73 -62.28 -20.44
CA PRO H 17 -2.21 -63.64 -20.23
C PRO H 17 -0.71 -63.54 -19.97
N ILE H 18 -0.23 -64.24 -18.95
CA ILE H 18 1.18 -64.19 -18.61
C ILE H 18 1.68 -65.60 -18.36
N GLU H 19 2.76 -65.96 -19.02
CA GLU H 19 3.37 -67.26 -18.86
C GLU H 19 4.48 -67.10 -17.83
N TYR H 20 4.35 -67.74 -16.67
CA TYR H 20 5.39 -67.67 -15.66
C TYR H 20 6.37 -68.85 -15.79
N ASN H 21 5.82 -70.06 -15.78
CA ASN H 21 6.62 -71.25 -16.01
C ASN H 21 6.85 -71.43 -17.50
N THR H 22 7.99 -70.94 -17.98
CA THR H 22 8.32 -71.04 -19.39
C THR H 22 9.12 -72.32 -19.64
N PRO H 23 9.17 -72.78 -20.91
CA PRO H 23 9.98 -73.94 -21.25
C PRO H 23 11.44 -73.78 -20.88
N ILE H 24 11.93 -72.55 -20.91
CA ILE H 24 13.30 -72.26 -20.49
C ILE H 24 13.53 -72.73 -19.04
N HIS H 25 12.53 -72.56 -18.20
CA HIS H 25 12.66 -72.97 -16.80
C HIS H 25 12.80 -74.48 -16.65
N ASP H 26 12.27 -75.22 -17.61
CA ASP H 26 12.33 -76.68 -17.57
C ASP H 26 13.65 -77.23 -18.11
N ILE H 27 14.55 -76.34 -18.49
CA ILE H 27 15.86 -76.73 -19.00
C ILE H 27 16.80 -76.97 -17.82
N LYS H 28 17.24 -78.21 -17.66
CA LYS H 28 18.25 -78.53 -16.64
C LYS H 28 19.63 -78.15 -17.17
N VAL H 29 20.29 -77.23 -16.49
CA VAL H 29 21.60 -76.77 -16.94
C VAL H 29 22.69 -77.39 -16.06
N GLN H 30 23.76 -77.86 -16.70
CA GLN H 30 24.94 -78.36 -16.00
C GLN H 30 26.15 -77.64 -16.57
N VAL H 31 27.10 -77.31 -15.71
CA VAL H 31 28.34 -76.69 -16.16
C VAL H 31 29.51 -77.58 -15.73
N TYR H 32 30.42 -77.85 -16.66
CA TYR H 32 31.56 -78.71 -16.41
C TYR H 32 32.83 -77.96 -16.74
N ASP H 33 33.94 -78.38 -16.12
CA ASP H 33 35.21 -77.80 -16.47
C ASP H 33 35.76 -78.48 -17.72
N ILE H 34 36.14 -77.65 -18.68
CA ILE H 34 36.66 -78.08 -19.97
C ILE H 34 37.97 -78.87 -19.87
N LYS H 35 38.70 -78.68 -18.77
CA LYS H 35 39.97 -79.40 -18.59
C LYS H 35 39.74 -80.89 -18.43
N GLY H 36 38.56 -81.28 -17.96
CA GLY H 36 38.24 -82.68 -17.83
C GLY H 36 37.83 -83.37 -19.12
N GLY H 37 37.75 -82.62 -20.22
CA GLY H 37 37.35 -83.19 -21.50
C GLY H 37 35.86 -83.16 -21.72
N CYS H 38 35.44 -83.26 -22.98
CA CYS H 38 34.02 -83.20 -23.33
C CYS H 38 33.49 -84.56 -23.74
N ASN H 39 32.42 -85.02 -23.10
CA ASN H 39 31.72 -86.20 -23.57
C ASN H 39 30.72 -85.81 -24.65
N VAL H 40 30.76 -86.51 -25.78
CA VAL H 40 29.88 -86.25 -26.90
C VAL H 40 28.97 -87.45 -27.09
N GLU H 41 27.75 -87.38 -26.57
CA GLU H 41 26.93 -88.58 -26.45
C GLU H 41 25.59 -88.52 -27.16
N GLU H 42 24.95 -87.35 -27.13
CA GLU H 42 23.60 -87.22 -27.69
C GLU H 42 23.19 -85.76 -27.87
N GLY H 43 22.08 -85.55 -28.56
CA GLY H 43 21.61 -84.21 -28.87
C GLY H 43 22.53 -83.53 -29.86
N LEU H 44 22.85 -82.26 -29.59
CA LEU H 44 23.73 -81.47 -30.45
C LEU H 44 24.85 -80.82 -29.63
N THR H 45 26.10 -81.02 -30.04
CA THR H 45 27.23 -80.39 -29.35
C THR H 45 27.88 -79.30 -30.20
N ILE H 46 27.88 -78.06 -29.69
CA ILE H 46 28.37 -76.91 -30.44
C ILE H 46 29.62 -76.27 -29.81
N PHE H 47 30.66 -76.11 -30.61
CA PHE H 47 31.90 -75.46 -30.18
C PHE H 47 31.91 -73.99 -30.58
N LEU H 48 32.15 -73.09 -29.62
CA LEU H 48 32.30 -71.68 -29.94
C LEU H 48 33.78 -71.41 -30.18
N VAL H 49 34.14 -71.24 -31.44
CA VAL H 49 35.55 -71.13 -31.81
C VAL H 49 35.86 -69.81 -32.48
N ASN H 50 37.05 -69.29 -32.19
CA ASN H 50 37.54 -68.10 -32.88
C ASN H 50 38.91 -68.39 -33.45
N ASN H 51 39.50 -67.38 -34.09
CA ASN H 51 40.89 -67.43 -34.49
C ASN H 51 41.43 -66.03 -34.35
N PRO H 52 42.05 -65.73 -33.20
CA PRO H 52 42.54 -64.37 -32.96
C PRO H 52 43.50 -63.94 -34.07
N GLY H 53 43.35 -62.72 -34.56
CA GLY H 53 44.26 -62.19 -35.56
C GLY H 53 43.88 -62.48 -37.00
N LYS H 54 44.06 -63.73 -37.42
CA LYS H 54 43.70 -64.13 -38.78
C LYS H 54 42.22 -63.89 -39.04
N GLU H 55 41.93 -63.14 -40.10
CA GLU H 55 40.56 -62.67 -40.40
C GLU H 55 39.53 -63.80 -40.39
N ASN H 56 39.44 -64.49 -41.51
CA ASN H 56 38.56 -65.65 -41.60
C ASN H 56 39.40 -66.91 -41.54
N GLY H 57 40.26 -66.96 -40.52
CA GLY H 57 41.13 -68.09 -40.28
C GLY H 57 40.38 -69.38 -40.03
N PRO H 58 41.10 -70.50 -40.08
CA PRO H 58 40.52 -71.85 -39.98
C PRO H 58 39.94 -72.18 -38.61
N VAL H 59 39.04 -73.16 -38.60
CA VAL H 59 38.49 -73.69 -37.37
C VAL H 59 39.46 -74.71 -36.80
N LYS H 60 39.92 -74.48 -35.57
CA LYS H 60 40.76 -75.44 -34.86
C LYS H 60 40.16 -75.75 -33.49
N ILE H 61 39.84 -77.02 -33.26
CA ILE H 61 39.14 -77.43 -32.05
C ILE H 61 40.11 -77.77 -30.90
N SER H 62 40.31 -76.83 -30.00
CA SER H 62 41.33 -76.96 -28.94
C SER H 62 41.00 -77.93 -27.79
N SER H 63 39.73 -78.07 -27.42
CA SER H 63 39.36 -78.90 -26.27
C SER H 63 39.72 -80.36 -26.47
N LYS H 64 39.87 -81.06 -25.35
CA LYS H 64 39.97 -82.51 -25.39
C LYS H 64 38.57 -83.11 -25.48
N VAL H 65 38.42 -84.10 -26.34
CA VAL H 65 37.13 -84.74 -26.57
C VAL H 65 37.23 -86.21 -26.17
N ASN H 66 36.44 -86.61 -25.18
CA ASN H 66 36.54 -87.97 -24.63
C ASN H 66 35.82 -89.02 -25.47
N ASP H 67 36.20 -89.09 -26.75
CA ASP H 67 35.73 -90.10 -27.69
C ASP H 67 36.75 -90.14 -28.82
N LYS H 68 37.20 -91.33 -29.19
CA LYS H 68 38.21 -91.47 -30.23
C LYS H 68 37.67 -91.05 -31.61
N GLN H 69 36.50 -91.56 -31.96
CA GLN H 69 35.84 -91.21 -33.22
C GLN H 69 35.65 -89.71 -33.42
N VAL H 70 34.95 -89.09 -32.47
CA VAL H 70 34.69 -87.66 -32.52
C VAL H 70 35.99 -86.85 -32.54
N SER H 71 36.98 -87.30 -31.78
CA SER H 71 38.26 -86.58 -31.73
C SER H 71 38.93 -86.59 -33.10
N GLU H 72 38.87 -87.74 -33.76
CA GLU H 72 39.45 -87.87 -35.10
C GLU H 72 38.69 -87.01 -36.11
N PHE H 73 37.38 -86.88 -35.91
CA PHE H 73 36.56 -86.06 -36.79
C PHE H 73 36.99 -84.61 -36.70
N LEU H 74 37.19 -84.13 -35.47
CA LEU H 74 37.51 -82.74 -35.22
C LEU H 74 38.99 -82.44 -35.43
N LYS H 75 39.69 -83.37 -36.07
CA LYS H 75 41.09 -83.18 -36.45
C LYS H 75 41.27 -81.91 -37.27
N ASP H 76 42.39 -81.22 -37.02
CA ASP H 76 42.69 -79.94 -37.65
C ASP H 76 42.52 -79.97 -39.17
N GLU H 77 42.97 -81.06 -39.79
CA GLU H 77 42.94 -81.21 -41.23
C GLU H 77 41.49 -81.31 -41.72
N ASN H 78 40.66 -82.01 -40.96
CA ASN H 78 39.23 -82.11 -41.28
C ASN H 78 38.50 -80.77 -41.17
N MET H 79 39.04 -79.88 -40.34
CA MET H 79 38.35 -78.63 -39.99
C MET H 79 38.82 -77.43 -40.81
N GLU H 80 39.91 -77.60 -41.53
CA GLU H 80 40.56 -76.50 -42.25
C GLU H 80 39.66 -75.82 -43.30
N LYS H 81 38.74 -76.59 -43.90
CA LYS H 81 37.82 -76.05 -44.90
C LYS H 81 36.86 -75.03 -44.31
N PHE H 82 36.71 -75.06 -42.98
CA PHE H 82 35.78 -74.15 -42.30
C PHE H 82 36.50 -72.97 -41.70
N ASN H 83 35.83 -71.83 -41.65
CA ASN H 83 36.40 -70.63 -41.06
C ASN H 83 35.56 -70.14 -39.90
N VAL H 84 36.04 -69.10 -39.23
CA VAL H 84 35.48 -68.65 -37.97
C VAL H 84 34.70 -67.35 -38.07
N LYS H 85 34.39 -66.93 -39.30
CA LYS H 85 33.65 -65.68 -39.54
C LYS H 85 32.51 -65.57 -38.56
N LEU H 86 32.40 -64.42 -37.92
CA LEU H 86 31.44 -64.21 -36.83
C LEU H 86 30.02 -64.55 -37.29
N GLY H 87 29.36 -65.44 -36.55
CA GLY H 87 27.99 -65.81 -36.88
C GLY H 87 27.84 -66.95 -37.87
N THR H 88 28.97 -67.41 -38.42
CA THR H 88 28.96 -68.58 -39.31
C THR H 88 28.76 -69.82 -38.46
N SER H 89 28.11 -70.85 -39.01
CA SER H 89 27.93 -72.11 -38.30
C SER H 89 27.89 -73.32 -39.24
N LYS H 90 28.21 -74.49 -38.68
CA LYS H 90 28.21 -75.75 -39.42
C LYS H 90 27.65 -76.88 -38.57
N HIS H 91 27.05 -77.86 -39.24
CA HIS H 91 26.61 -79.09 -38.59
C HIS H 91 27.44 -80.28 -39.06
N PHE H 92 27.74 -81.19 -38.13
CA PHE H 92 28.46 -82.41 -38.44
C PHE H 92 27.66 -83.60 -37.95
N TYR H 93 27.88 -84.76 -38.57
CA TYR H 93 27.22 -86.01 -38.18
C TYR H 93 28.24 -87.15 -38.22
N MET H 94 28.27 -87.95 -37.17
CA MET H 94 29.25 -89.03 -37.07
C MET H 94 28.84 -90.05 -36.01
N PHE H 95 29.56 -91.15 -35.94
CA PHE H 95 29.29 -92.18 -34.95
C PHE H 95 30.31 -92.11 -33.83
N ASN H 96 29.87 -92.26 -32.59
CA ASN H 96 30.82 -92.26 -31.47
C ASN H 96 31.39 -93.67 -31.18
N ASP H 97 32.23 -93.76 -30.15
CA ASP H 97 32.81 -95.04 -29.76
C ASP H 97 31.77 -96.06 -29.34
N ASN H 98 30.62 -95.57 -28.90
CA ASN H 98 29.49 -96.44 -28.54
C ASN H 98 28.74 -96.95 -29.76
N LYS H 99 29.24 -96.60 -30.95
CA LYS H 99 28.55 -96.85 -32.21
C LYS H 99 27.17 -96.16 -32.20
N ASN H 100 27.11 -95.00 -31.55
CA ASN H 100 25.90 -94.20 -31.52
C ASN H 100 26.03 -92.97 -32.39
N SER H 101 24.94 -92.62 -33.07
CA SER H 101 24.90 -91.40 -33.88
C SER H 101 24.97 -90.17 -32.97
N VAL H 102 25.86 -89.24 -33.29
CA VAL H 102 25.93 -87.97 -32.57
C VAL H 102 25.99 -86.77 -33.54
N ALA H 103 25.42 -85.64 -33.13
CA ALA H 103 25.49 -84.42 -33.92
C ALA H 103 26.42 -83.41 -33.24
N VAL H 104 27.31 -82.81 -34.03
CA VAL H 104 28.33 -81.88 -33.55
C VAL H 104 28.40 -80.70 -34.52
N GLY H 105 28.84 -79.53 -34.06
CA GLY H 105 29.01 -78.39 -34.94
C GLY H 105 29.80 -77.26 -34.30
N TYR H 106 29.86 -76.11 -34.97
CA TYR H 106 30.50 -74.94 -34.38
C TYR H 106 29.80 -73.63 -34.78
N VAL H 107 30.10 -72.57 -34.05
CA VAL H 107 29.67 -71.23 -34.42
C VAL H 107 30.90 -70.34 -34.39
N GLY H 108 31.21 -69.71 -35.52
CA GLY H 108 32.36 -68.83 -35.61
C GLY H 108 32.19 -67.59 -34.75
N CYS H 109 33.22 -67.29 -33.96
CA CYS H 109 33.21 -66.12 -33.10
C CYS H 109 34.24 -65.07 -33.54
N GLY H 110 34.57 -65.08 -34.83
CA GLY H 110 35.41 -64.06 -35.43
C GLY H 110 36.88 -64.11 -35.11
N SER H 111 37.53 -62.95 -35.19
CA SER H 111 38.98 -62.86 -35.02
C SER H 111 39.45 -61.95 -33.87
N VAL H 112 38.56 -61.15 -33.29
CA VAL H 112 38.89 -60.46 -32.05
C VAL H 112 38.98 -61.51 -30.95
N ALA H 113 39.56 -61.15 -29.80
CA ALA H 113 39.68 -62.10 -28.70
C ALA H 113 38.71 -61.73 -27.58
N ASP H 114 38.12 -60.54 -27.68
CA ASP H 114 37.14 -60.07 -26.69
C ASP H 114 35.88 -59.57 -27.39
N LEU H 115 34.83 -60.40 -27.40
CA LEU H 115 33.61 -60.13 -28.14
C LEU H 115 32.75 -59.03 -27.51
N SER H 116 32.18 -58.17 -28.36
CA SER H 116 31.29 -57.12 -27.88
C SER H 116 29.90 -57.68 -27.55
N GLU H 117 29.14 -56.91 -26.78
CA GLU H 117 27.76 -57.21 -26.45
C GLU H 117 26.93 -57.50 -27.72
N ALA H 118 27.04 -56.63 -28.71
CA ALA H 118 26.35 -56.85 -29.98
C ALA H 118 26.92 -58.06 -30.73
N ASP H 119 28.23 -58.28 -30.61
CA ASP H 119 28.90 -59.44 -31.20
C ASP H 119 28.37 -60.74 -30.62
N MET H 120 28.27 -60.79 -29.30
CA MET H 120 27.83 -62.01 -28.61
C MET H 120 26.40 -62.33 -29.00
N LYS H 121 25.60 -61.29 -29.21
CA LYS H 121 24.22 -61.49 -29.62
C LYS H 121 24.15 -62.20 -30.97
N ARG H 122 25.08 -61.87 -31.87
CA ARG H 122 25.08 -62.52 -33.18
C ARG H 122 25.51 -63.98 -33.09
N VAL H 123 26.40 -64.28 -32.15
CA VAL H 123 26.76 -65.67 -31.90
C VAL H 123 25.53 -66.46 -31.41
N VAL H 124 24.85 -65.92 -30.40
CA VAL H 124 23.65 -66.57 -29.85
C VAL H 124 22.54 -66.74 -30.89
N LEU H 125 22.35 -65.72 -31.72
CA LEU H 125 21.32 -65.78 -32.77
C LEU H 125 21.62 -66.93 -33.75
N SER H 126 22.88 -67.06 -34.15
CA SER H 126 23.30 -68.19 -34.98
C SER H 126 23.05 -69.50 -34.24
N LEU H 127 23.34 -69.51 -32.94
CA LEU H 127 23.08 -70.68 -32.13
C LEU H 127 21.59 -71.05 -32.14
N VAL H 128 20.72 -70.05 -31.96
CA VAL H 128 19.28 -70.29 -31.92
C VAL H 128 18.76 -70.82 -33.28
N THR H 129 19.40 -70.39 -34.37
CA THR H 129 19.03 -70.89 -35.69
C THR H 129 19.22 -72.41 -35.77
N MET H 130 20.22 -72.90 -35.05
CA MET H 130 20.50 -74.33 -35.02
C MET H 130 19.48 -75.10 -34.17
N LEU H 131 18.91 -74.42 -33.18
CA LEU H 131 17.91 -75.04 -32.30
C LEU H 131 16.50 -74.98 -32.89
N HIS H 132 16.27 -74.05 -33.81
CA HIS H 132 14.89 -73.73 -34.19
C HIS H 132 14.13 -74.75 -35.03
N ASP H 133 14.79 -75.41 -35.97
CA ASP H 133 14.06 -76.41 -36.74
C ASP H 133 14.64 -77.81 -36.57
N ASN H 134 15.03 -78.12 -35.34
CA ASN H 134 15.56 -79.43 -34.99
C ASN H 134 14.96 -79.89 -33.66
N LYS H 135 14.23 -81.00 -33.68
CA LYS H 135 13.73 -81.58 -32.43
C LYS H 135 14.91 -82.19 -31.67
N LEU H 136 15.45 -81.43 -30.73
CA LEU H 136 16.58 -81.87 -29.91
C LEU H 136 16.16 -81.95 -28.45
N SER H 137 16.71 -82.92 -27.73
CA SER H 137 16.46 -83.04 -26.30
C SER H 137 17.58 -82.35 -25.53
N LYS H 138 18.72 -82.15 -26.18
CA LYS H 138 19.85 -81.61 -25.44
C LYS H 138 20.78 -80.81 -26.32
N LEU H 139 21.27 -79.71 -25.77
CA LEU H 139 22.29 -78.92 -26.43
C LEU H 139 23.50 -78.87 -25.53
N THR H 140 24.67 -79.07 -26.11
CA THR H 140 25.90 -78.87 -25.36
C THR H 140 26.72 -77.76 -26.01
N VAL H 141 27.11 -76.77 -25.21
CA VAL H 141 27.95 -75.67 -25.68
C VAL H 141 29.36 -75.69 -25.06
N VAL H 142 30.37 -75.67 -25.92
CA VAL H 142 31.77 -75.75 -25.50
C VAL H 142 32.48 -74.44 -25.79
N PHE H 143 32.89 -73.73 -24.73
CA PHE H 143 33.52 -72.42 -24.89
C PHE H 143 35.01 -72.53 -25.19
N GLU H 144 35.38 -72.25 -26.43
CA GLU H 144 36.78 -72.19 -26.82
C GLU H 144 37.09 -70.75 -27.15
N ILE H 145 36.33 -69.86 -26.51
CA ILE H 145 36.56 -68.43 -26.56
C ILE H 145 36.68 -67.94 -25.13
N ASN H 146 37.09 -66.70 -24.96
CA ASN H 146 37.30 -66.12 -23.63
C ASN H 146 36.16 -65.20 -23.27
N VAL H 147 35.49 -65.46 -22.14
CA VAL H 147 34.40 -64.59 -21.69
C VAL H 147 34.47 -64.32 -20.19
N ASP H 148 34.27 -63.07 -19.78
CA ASP H 148 34.22 -62.79 -18.35
C ASP H 148 32.86 -63.21 -17.81
N LYS H 149 32.69 -63.18 -16.49
CA LYS H 149 31.46 -63.66 -15.87
C LYS H 149 30.20 -62.96 -16.39
N ASN H 150 30.25 -61.64 -16.49
CA ASN H 150 29.12 -60.86 -17.01
C ASN H 150 28.76 -61.29 -18.43
N LEU H 151 29.79 -61.55 -19.24
CA LEU H 151 29.58 -61.95 -20.63
C LEU H 151 28.99 -63.36 -20.71
N PHE H 152 29.47 -64.26 -19.86
CA PHE H 152 28.91 -65.60 -19.81
C PHE H 152 27.42 -65.54 -19.46
N ARG H 153 27.08 -64.76 -18.44
CA ARG H 153 25.69 -64.60 -18.04
C ARG H 153 24.88 -63.99 -19.17
N PHE H 154 25.48 -63.00 -19.84
CA PHE H 154 24.87 -62.36 -21.01
C PHE H 154 24.57 -63.37 -22.12
N PHE H 155 25.51 -64.29 -22.35
CA PHE H 155 25.31 -65.36 -23.33
C PHE H 155 24.07 -66.17 -22.97
N LEU H 156 24.00 -66.60 -21.71
CA LEU H 156 22.88 -67.41 -21.26
C LEU H 156 21.54 -66.64 -21.30
N GLU H 157 21.54 -65.44 -20.71
CA GLU H 157 20.35 -64.56 -20.75
C GLU H 157 19.82 -64.38 -22.17
N THR H 158 20.73 -64.15 -23.09
CA THR H 158 20.38 -63.84 -24.47
C THR H 158 19.88 -65.10 -25.16
N LEU H 159 20.56 -66.21 -24.91
CA LEU H 159 20.11 -67.50 -25.43
C LEU H 159 18.70 -67.82 -24.95
N PHE H 160 18.46 -67.68 -23.65
CA PHE H 160 17.15 -67.99 -23.09
C PHE H 160 16.09 -67.11 -23.73
N TYR H 161 16.36 -65.82 -23.77
CA TYR H 161 15.41 -64.84 -24.30
C TYR H 161 15.06 -65.10 -25.77
N GLU H 162 16.08 -65.31 -26.59
CA GLU H 162 15.86 -65.42 -28.03
C GLU H 162 15.26 -66.76 -28.39
N TYR H 163 15.57 -67.78 -27.60
CA TYR H 163 15.07 -69.14 -27.80
C TYR H 163 13.55 -69.17 -27.57
N MET H 164 13.13 -68.51 -26.50
CA MET H 164 11.73 -68.52 -26.07
C MET H 164 10.84 -67.81 -27.10
N THR H 165 9.70 -68.44 -27.40
CA THR H 165 8.77 -67.93 -28.39
C THR H 165 7.40 -67.66 -27.78
N ASP H 166 6.93 -66.43 -27.88
CA ASP H 166 5.70 -66.00 -27.23
C ASP H 166 4.51 -66.41 -28.09
N GLU H 167 3.73 -67.37 -27.61
CA GLU H 167 2.58 -67.86 -28.35
C GLU H 167 1.26 -67.58 -27.64
N ARG H 168 1.26 -66.66 -26.69
CA ARG H 168 0.04 -66.34 -25.94
C ARG H 168 -1.14 -65.92 -26.83
N PHE H 169 -0.86 -65.30 -27.96
CA PHE H 169 -1.94 -64.76 -28.80
C PHE H 169 -2.21 -65.56 -30.08
N LYS H 170 -1.54 -66.70 -30.20
CA LYS H 170 -1.78 -67.64 -31.27
C LYS H 170 -2.96 -68.53 -30.88
N SER H 171 -3.70 -69.02 -31.87
CA SER H 171 -4.74 -70.00 -31.60
C SER H 171 -4.75 -71.05 -32.71
N THR H 172 -5.05 -70.61 -33.94
CA THR H 172 -5.00 -71.49 -35.12
C THR H 172 -3.61 -71.60 -35.80
N ASP H 173 -2.68 -70.73 -35.42
CA ASP H 173 -1.37 -70.69 -36.08
C ASP H 173 -0.18 -71.02 -35.15
N LYS H 174 -0.40 -71.86 -34.15
CA LYS H 174 0.71 -72.35 -33.31
C LYS H 174 1.72 -73.15 -34.16
N ASN H 175 2.97 -73.24 -33.71
CA ASN H 175 3.99 -73.99 -34.44
C ASN H 175 4.05 -75.45 -33.98
N MET H 178 7.84 -77.91 -33.00
CA MET H 178 8.03 -76.91 -31.97
C MET H 178 8.31 -77.56 -30.60
N GLU H 179 9.56 -77.93 -30.40
CA GLU H 179 9.99 -78.62 -29.18
C GLU H 179 11.19 -77.91 -28.57
N TYR H 180 11.24 -77.83 -27.24
CA TYR H 180 12.37 -77.22 -26.55
C TYR H 180 13.34 -78.27 -25.99
N ILE H 181 14.62 -77.95 -25.92
CA ILE H 181 15.57 -78.85 -25.28
C ILE H 181 15.20 -78.99 -23.80
N LYS H 182 15.51 -80.16 -23.22
CA LYS H 182 15.28 -80.40 -21.80
C LYS H 182 16.58 -80.29 -21.00
N HIS H 183 17.70 -80.23 -21.72
CA HIS H 183 19.02 -80.21 -21.08
C HIS H 183 19.97 -79.27 -21.80
N LEU H 184 20.78 -78.56 -21.01
CA LEU H 184 21.84 -77.71 -21.56
C LEU H 184 23.12 -77.97 -20.78
N GLY H 185 24.13 -78.47 -21.48
CA GLY H 185 25.43 -78.69 -20.87
C GLY H 185 26.38 -77.64 -21.38
N VAL H 186 27.21 -77.12 -20.49
CA VAL H 186 28.21 -76.12 -20.87
C VAL H 186 29.60 -76.58 -20.41
N TYR H 187 30.56 -76.53 -21.32
CA TYR H 187 31.95 -76.79 -20.95
C TYR H 187 32.72 -75.48 -21.02
N ILE H 188 33.33 -75.08 -19.92
CA ILE H 188 34.05 -73.82 -19.87
C ILE H 188 35.22 -73.93 -18.89
N ASN H 189 36.26 -73.13 -19.08
CA ASN H 189 37.40 -73.18 -18.15
C ASN H 189 37.12 -72.43 -16.84
N ASN H 190 37.66 -72.95 -15.74
CA ASN H 190 37.34 -72.42 -14.41
C ASN H 190 35.82 -72.42 -14.20
N ALA H 191 35.18 -73.53 -14.52
CA ALA H 191 33.72 -73.64 -14.49
C ALA H 191 33.12 -73.24 -13.14
N ASP H 192 33.84 -73.57 -12.07
CA ASP H 192 33.37 -73.31 -10.72
C ASP H 192 33.03 -71.84 -10.47
N THR H 193 33.69 -70.95 -11.19
CA THR H 193 33.42 -69.52 -11.06
C THR H 193 32.18 -69.10 -11.86
N TYR H 194 31.87 -69.82 -12.94
CA TYR H 194 30.76 -69.47 -13.81
C TYR H 194 29.43 -70.08 -13.40
N LYS H 195 29.45 -71.11 -12.55
CA LYS H 195 28.23 -71.82 -12.18
C LYS H 195 27.18 -70.91 -11.55
N GLU H 196 27.62 -69.99 -10.71
CA GLU H 196 26.70 -69.09 -10.00
C GLU H 196 25.94 -68.19 -10.97
N GLU H 197 26.54 -67.92 -12.13
CA GLU H 197 25.89 -67.11 -13.17
C GLU H 197 24.69 -67.79 -13.78
N VAL H 198 24.61 -69.12 -13.69
CA VAL H 198 23.55 -69.85 -14.37
C VAL H 198 22.16 -69.42 -13.92
N GLU H 199 21.91 -69.49 -12.62
CA GLU H 199 20.58 -69.13 -12.12
C GLU H 199 20.38 -67.62 -12.05
N LYS H 200 21.47 -66.86 -12.01
CA LYS H 200 21.33 -65.41 -12.07
C LYS H 200 20.85 -65.05 -13.47
N ALA H 201 21.39 -65.73 -14.48
CA ALA H 201 20.98 -65.55 -15.87
C ALA H 201 19.52 -65.95 -16.08
N ARG H 202 19.08 -66.98 -15.36
CA ARG H 202 17.73 -67.48 -15.53
C ARG H 202 16.74 -66.48 -14.94
N VAL H 203 17.10 -65.88 -13.82
CA VAL H 203 16.25 -64.87 -13.19
C VAL H 203 16.18 -63.62 -14.07
N TYR H 204 17.34 -63.15 -14.51
CA TYR H 204 17.42 -61.97 -15.38
C TYR H 204 16.67 -62.21 -16.68
N TYR H 205 16.81 -63.41 -17.25
CA TYR H 205 16.05 -63.78 -18.43
C TYR H 205 14.56 -63.61 -18.16
N PHE H 206 14.07 -64.11 -17.04
CA PHE H 206 12.64 -64.01 -16.84
C PHE H 206 12.15 -62.58 -16.58
N GLY H 207 12.93 -61.77 -15.88
CA GLY H 207 12.52 -60.39 -15.66
C GLY H 207 12.38 -59.71 -16.99
N THR H 208 13.38 -59.93 -17.84
CA THR H 208 13.40 -59.38 -19.18
C THR H 208 12.26 -59.93 -20.02
N TYR H 209 12.02 -61.23 -19.91
CA TYR H 209 10.98 -61.86 -20.70
C TYR H 209 9.58 -61.47 -20.20
N TYR H 210 9.44 -61.35 -18.89
CA TYR H 210 8.19 -60.88 -18.29
C TYR H 210 7.87 -59.46 -18.78
N ALA H 211 8.86 -58.58 -18.81
CA ALA H 211 8.66 -57.22 -19.32
C ALA H 211 8.20 -57.28 -20.77
N SER H 212 8.93 -58.06 -21.56
CA SER H 212 8.58 -58.29 -22.96
C SER H 212 7.13 -58.71 -23.13
N GLN H 213 6.64 -59.57 -22.22
CA GLN H 213 5.27 -60.08 -22.32
C GLN H 213 4.25 -58.97 -22.13
N LEU H 214 4.50 -58.10 -21.16
CA LEU H 214 3.58 -56.99 -20.92
C LEU H 214 3.60 -55.99 -22.09
N ILE H 215 4.80 -55.71 -22.60
CA ILE H 215 4.95 -54.75 -23.68
C ILE H 215 4.25 -55.29 -24.92
N ALA H 216 4.55 -56.54 -25.27
CA ALA H 216 3.96 -57.17 -26.45
C ALA H 216 2.44 -57.31 -26.38
N ALA H 217 1.90 -57.53 -25.17
CA ALA H 217 0.45 -57.64 -25.04
C ALA H 217 -0.20 -56.34 -25.51
N PRO H 218 -1.13 -56.46 -26.48
CA PRO H 218 -1.82 -55.28 -27.08
C PRO H 218 -2.64 -54.51 -26.05
N SER H 219 -3.03 -53.29 -26.41
CA SER H 219 -3.62 -52.37 -25.47
C SER H 219 -5.03 -52.75 -25.03
N ASN H 220 -5.71 -53.61 -25.79
CA ASN H 220 -7.00 -54.12 -25.31
C ASN H 220 -6.83 -55.18 -24.23
N TYR H 221 -5.67 -55.84 -24.23
CA TYR H 221 -5.36 -56.81 -23.18
C TYR H 221 -4.70 -56.10 -22.02
N CYS H 222 -3.70 -55.30 -22.35
CA CYS H 222 -2.90 -54.58 -21.36
C CYS H 222 -3.37 -53.14 -21.24
N ASN H 223 -4.29 -52.90 -20.32
CA ASN H 223 -4.82 -51.57 -20.06
C ASN H 223 -4.46 -51.20 -18.63
N PRO H 224 -4.78 -49.97 -18.19
CA PRO H 224 -4.29 -49.59 -16.85
C PRO H 224 -4.82 -50.48 -15.72
N VAL H 225 -6.04 -50.97 -15.85
CA VAL H 225 -6.63 -51.81 -14.81
C VAL H 225 -5.99 -53.19 -14.83
N SER H 226 -5.85 -53.77 -16.02
CA SER H 226 -5.28 -55.11 -16.12
C SER H 226 -3.77 -55.09 -15.85
N LEU H 227 -3.08 -54.03 -16.23
CA LEU H 227 -1.65 -53.93 -15.94
C LEU H 227 -1.41 -53.82 -14.44
N SER H 228 -2.22 -53.01 -13.76
CA SER H 228 -2.09 -52.88 -12.31
C SER H 228 -2.48 -54.16 -11.57
N ASN H 229 -3.52 -54.85 -12.06
CA ASN H 229 -3.84 -56.19 -11.54
C ASN H 229 -2.65 -57.15 -11.69
N ALA H 230 -1.93 -57.06 -12.80
CA ALA H 230 -0.81 -57.97 -13.03
C ALA H 230 0.31 -57.66 -12.05
N ALA H 231 0.50 -56.38 -11.77
CA ALA H 231 1.53 -55.94 -10.83
C ALA H 231 1.22 -56.47 -9.42
N VAL H 232 -0.07 -56.48 -9.07
CA VAL H 232 -0.48 -56.98 -7.76
C VAL H 232 -0.13 -58.46 -7.65
N GLU H 233 -0.51 -59.22 -8.67
CA GLU H 233 -0.26 -60.66 -8.72
C GLU H 233 1.25 -60.95 -8.65
N LEU H 234 2.05 -60.10 -9.29
CA LEU H 234 3.49 -60.23 -9.20
C LEU H 234 3.94 -59.98 -7.77
N ALA H 235 3.40 -58.93 -7.16
CA ALA H 235 3.76 -58.59 -5.78
C ALA H 235 3.37 -59.69 -4.80
N GLN H 236 2.19 -60.27 -5.00
CA GLN H 236 1.74 -61.40 -4.19
C GLN H 236 2.68 -62.61 -4.29
N LYS H 237 3.09 -62.96 -5.52
CA LYS H 237 3.98 -64.12 -5.72
C LYS H 237 5.35 -63.90 -5.10
N LEU H 238 5.80 -62.65 -5.07
CA LEU H 238 7.15 -62.32 -4.59
C LEU H 238 7.16 -61.90 -3.13
N ASN H 239 5.99 -61.81 -2.52
CA ASN H 239 5.84 -61.24 -1.17
C ASN H 239 6.35 -59.80 -1.05
N LEU H 240 6.09 -58.97 -2.06
CA LEU H 240 6.41 -57.55 -1.96
C LEU H 240 5.22 -56.82 -1.37
N GLU H 241 5.46 -55.77 -0.59
CA GLU H 241 4.36 -54.90 -0.20
C GLU H 241 3.85 -54.25 -1.49
N TYR H 242 2.55 -54.01 -1.57
CA TYR H 242 2.00 -53.37 -2.77
C TYR H 242 0.80 -52.51 -2.40
N LYS H 243 0.56 -51.54 -3.26
CA LYS H 243 -0.51 -50.59 -3.06
C LYS H 243 -0.84 -50.05 -4.44
N ILE H 244 -2.13 -50.09 -4.80
CA ILE H 244 -2.60 -49.50 -6.04
C ILE H 244 -3.46 -48.30 -5.71
N LEU H 245 -3.07 -47.12 -6.19
CA LEU H 245 -3.85 -45.93 -5.91
C LEU H 245 -4.84 -45.75 -7.05
N GLY H 246 -6.11 -45.57 -6.69
CA GLY H 246 -7.16 -45.34 -7.66
C GLY H 246 -7.51 -43.87 -7.73
N VAL H 247 -8.51 -43.54 -8.54
CA VAL H 247 -8.82 -42.14 -8.86
C VAL H 247 -9.12 -41.25 -7.64
N LYS H 248 -9.93 -41.73 -6.72
CA LYS H 248 -10.26 -40.94 -5.53
C LYS H 248 -9.00 -40.62 -4.72
N GLU H 249 -8.09 -41.58 -4.60
CA GLU H 249 -6.85 -41.34 -3.88
C GLU H 249 -5.97 -40.36 -4.64
N LEU H 250 -5.93 -40.50 -5.96
CA LEU H 250 -5.09 -39.65 -6.79
C LEU H 250 -5.63 -38.23 -6.78
N GLU H 251 -6.95 -38.09 -6.66
CA GLU H 251 -7.55 -36.77 -6.54
C GLU H 251 -7.14 -36.10 -5.24
N GLU H 252 -7.15 -36.87 -4.15
CA GLU H 252 -6.73 -36.38 -2.84
C GLU H 252 -5.27 -35.95 -2.86
N LEU H 253 -4.44 -36.68 -3.61
CA LEU H 253 -3.03 -36.35 -3.73
C LEU H 253 -2.79 -35.23 -4.74
N LYS H 254 -3.86 -34.79 -5.40
CA LYS H 254 -3.81 -33.67 -6.34
C LYS H 254 -2.91 -33.92 -7.54
N MET H 255 -2.90 -35.16 -8.02
CA MET H 255 -2.14 -35.52 -9.21
C MET H 255 -2.83 -35.08 -10.50
N GLY H 256 -2.95 -33.77 -10.68
CA GLY H 256 -3.67 -33.22 -11.82
C GLY H 256 -3.04 -33.42 -13.18
N ALA H 257 -1.71 -33.53 -13.23
CA ALA H 257 -1.04 -33.74 -14.51
C ALA H 257 -1.34 -35.14 -15.01
N TYR H 258 -1.10 -36.12 -14.14
CA TYR H 258 -1.34 -37.52 -14.44
C TYR H 258 -2.84 -37.79 -14.69
N LEU H 259 -3.70 -37.22 -13.85
CA LEU H 259 -5.14 -37.44 -14.02
C LEU H 259 -5.65 -36.86 -15.34
N SER H 260 -5.09 -35.73 -15.76
CA SER H 260 -5.56 -35.10 -16.99
C SER H 260 -5.31 -36.00 -18.20
N VAL H 261 -4.17 -36.67 -18.21
CA VAL H 261 -3.83 -37.53 -19.34
C VAL H 261 -4.83 -38.67 -19.49
N GLY H 262 -5.31 -39.18 -18.35
CA GLY H 262 -6.21 -40.32 -18.36
C GLY H 262 -7.69 -39.96 -18.52
N LYS H 263 -8.00 -38.67 -18.56
CA LYS H 263 -9.40 -38.23 -18.62
C LYS H 263 -10.20 -38.86 -19.75
N GLY H 264 -9.55 -39.04 -20.89
CA GLY H 264 -10.26 -39.51 -22.09
C GLY H 264 -10.35 -41.01 -22.23
N SER H 265 -9.89 -41.74 -21.21
CA SER H 265 -9.87 -43.18 -21.31
C SER H 265 -11.07 -43.82 -20.63
N MET H 266 -11.47 -45.00 -21.12
CA MET H 266 -12.52 -45.77 -20.47
C MET H 266 -11.95 -46.51 -19.25
N TYR H 267 -10.62 -46.57 -19.14
CA TYR H 267 -9.97 -47.23 -17.99
C TYR H 267 -9.53 -46.19 -16.96
N PRO H 268 -10.00 -46.32 -15.71
CA PRO H 268 -9.57 -45.42 -14.63
C PRO H 268 -8.06 -45.48 -14.43
N ASN H 269 -7.42 -44.35 -14.15
CA ASN H 269 -5.99 -44.38 -13.88
C ASN H 269 -5.71 -45.29 -12.70
N LYS H 270 -4.55 -45.96 -12.71
CA LYS H 270 -4.13 -46.80 -11.59
C LYS H 270 -2.64 -46.56 -11.34
N PHE H 271 -2.29 -46.12 -10.13
CA PHE H 271 -0.89 -45.83 -9.80
C PHE H 271 -0.31 -47.03 -9.03
N ILE H 272 0.71 -47.65 -9.60
CA ILE H 272 1.30 -48.85 -9.03
C ILE H 272 2.43 -48.45 -8.08
N HIS H 273 2.41 -49.01 -6.87
CA HIS H 273 3.49 -48.78 -5.91
C HIS H 273 3.82 -50.10 -5.23
N LEU H 274 4.92 -50.72 -5.64
CA LEU H 274 5.39 -51.94 -4.98
C LEU H 274 6.64 -51.59 -4.18
N THR H 275 6.86 -52.31 -3.09
CA THR H 275 8.06 -52.07 -2.29
C THR H 275 8.81 -53.37 -1.93
N TYR H 276 10.11 -53.41 -2.21
CA TYR H 276 10.99 -54.43 -1.67
C TYR H 276 11.78 -53.81 -0.55
N LYS H 277 11.88 -54.49 0.58
CA LYS H 277 12.70 -53.99 1.68
C LYS H 277 13.55 -55.12 2.28
N SER H 278 14.85 -54.87 2.42
CA SER H 278 15.77 -55.86 2.99
C SER H 278 15.53 -56.06 4.48
N LYS H 279 15.89 -57.24 4.97
CA LYS H 279 15.71 -57.58 6.38
C LYS H 279 16.57 -56.75 7.35
N GLY H 280 17.80 -56.45 6.96
CA GLY H 280 18.74 -55.86 7.91
C GLY H 280 18.68 -54.34 8.01
N ASP H 281 19.84 -53.73 8.21
CA ASP H 281 19.99 -52.29 8.06
C ASP H 281 19.52 -51.94 6.66
N VAL H 282 18.83 -50.83 6.52
CA VAL H 282 18.59 -50.26 5.19
C VAL H 282 19.55 -49.10 4.98
N LYS H 283 20.47 -49.25 4.03
CA LYS H 283 21.50 -48.25 3.77
C LYS H 283 21.11 -47.31 2.63
N LYS H 284 20.37 -47.84 1.66
CA LYS H 284 20.00 -47.06 0.49
C LYS H 284 18.51 -47.22 0.23
N LYS H 285 17.87 -46.11 -0.12
CA LYS H 285 16.45 -46.12 -0.48
C LYS H 285 16.37 -45.60 -1.89
N ILE H 286 15.76 -46.39 -2.77
CA ILE H 286 15.70 -46.09 -4.19
C ILE H 286 14.25 -46.13 -4.70
N ALA H 287 13.85 -45.11 -5.46
CA ALA H 287 12.58 -45.16 -6.19
C ALA H 287 12.87 -45.38 -7.68
N LEU H 288 12.24 -46.41 -8.25
CA LEU H 288 12.36 -46.69 -9.68
C LEU H 288 11.02 -46.35 -10.31
N VAL H 289 11.01 -45.47 -11.30
CA VAL H 289 9.75 -44.96 -11.86
C VAL H 289 9.65 -45.32 -13.33
N GLY H 290 8.56 -45.97 -13.72
CA GLY H 290 8.38 -46.36 -15.11
C GLY H 290 7.22 -45.65 -15.77
N LYS H 291 7.45 -45.15 -16.97
CA LYS H 291 6.36 -44.56 -17.73
C LYS H 291 5.40 -45.68 -18.14
N GLY H 292 4.11 -45.50 -17.83
CA GLY H 292 3.13 -46.54 -18.11
C GLY H 292 1.92 -46.04 -18.87
N ILE H 293 2.12 -45.62 -20.12
CA ILE H 293 1.01 -45.28 -20.98
C ILE H 293 0.68 -46.54 -21.76
N THR H 294 -0.48 -47.15 -21.49
CA THR H 294 -0.77 -48.48 -22.04
C THR H 294 -1.14 -48.43 -23.51
N PHE H 295 -1.76 -47.33 -23.92
CA PHE H 295 -1.81 -46.96 -25.34
C PHE H 295 -1.66 -45.45 -25.46
N ASP H 296 -0.80 -45.03 -26.37
CA ASP H 296 -0.62 -43.59 -26.63
C ASP H 296 -1.15 -43.24 -28.01
N SER H 297 -2.39 -42.74 -28.09
CA SER H 297 -2.98 -42.36 -29.36
C SER H 297 -2.42 -41.03 -29.82
N GLY H 298 -1.92 -40.26 -28.86
CA GLY H 298 -1.55 -38.87 -29.07
C GLY H 298 -2.57 -37.92 -28.47
N GLY H 299 -3.78 -38.43 -28.20
CA GLY H 299 -4.87 -37.58 -27.78
C GLY H 299 -5.28 -36.68 -28.94
N TYR H 300 -5.83 -35.51 -28.62
CA TYR H 300 -6.30 -34.60 -29.67
C TYR H 300 -5.19 -34.22 -30.64
N ASN H 301 -3.96 -34.17 -30.14
CA ASN H 301 -2.79 -34.13 -31.03
C ASN H 301 -2.52 -35.55 -31.55
N LEU H 302 -3.50 -36.10 -32.26
CA LEU H 302 -3.48 -37.48 -32.73
C LEU H 302 -2.24 -37.83 -33.53
N LYS H 303 -1.69 -39.03 -33.28
CA LYS H 303 -0.57 -39.54 -34.09
C LYS H 303 -1.06 -39.89 -35.49
N ALA H 304 -1.16 -38.87 -36.35
CA ALA H 304 -1.62 -39.05 -37.72
C ALA H 304 -0.54 -38.70 -38.75
N ALA H 305 0.58 -38.17 -38.29
CA ALA H 305 1.68 -37.84 -39.19
C ALA H 305 2.34 -39.10 -39.73
N PRO H 306 2.77 -39.06 -40.99
CA PRO H 306 3.60 -40.13 -41.55
C PRO H 306 4.77 -40.43 -40.63
N GLY H 307 4.98 -41.68 -40.28
CA GLY H 307 6.10 -42.05 -39.43
C GLY H 307 5.85 -41.94 -37.94
N SER H 308 4.61 -41.65 -37.54
CA SER H 308 4.33 -41.51 -36.11
C SER H 308 4.08 -42.85 -35.44
N MET H 309 3.93 -43.91 -36.24
CA MET H 309 3.89 -45.30 -35.77
C MET H 309 2.82 -45.61 -34.70
N ILE H 310 1.60 -45.16 -34.94
CA ILE H 310 0.55 -45.34 -33.94
C ILE H 310 0.29 -46.83 -33.61
N ASP H 311 0.50 -47.70 -34.59
CA ASP H 311 0.34 -49.15 -34.35
C ASP H 311 1.31 -49.72 -33.31
N LEU H 312 2.41 -49.02 -33.07
CA LEU H 312 3.45 -49.46 -32.12
C LEU H 312 3.12 -49.04 -30.68
N MET H 313 2.15 -48.15 -30.51
CA MET H 313 2.03 -47.43 -29.24
C MET H 313 1.50 -48.23 -28.05
N LYS H 314 1.22 -49.53 -28.25
CA LYS H 314 1.05 -50.42 -27.10
C LYS H 314 2.37 -50.49 -26.32
N PHE H 315 3.47 -50.07 -26.93
CA PHE H 315 4.78 -50.21 -26.27
C PHE H 315 5.09 -49.09 -25.29
N ASP H 316 4.15 -48.17 -25.13
CA ASP H 316 4.42 -46.96 -24.37
C ASP H 316 4.38 -47.15 -22.87
N MET H 317 4.18 -48.38 -22.42
CA MET H 317 4.31 -48.71 -21.00
C MET H 317 5.57 -49.53 -20.78
N SER H 318 6.50 -49.45 -21.73
CA SER H 318 7.78 -50.16 -21.66
C SER H 318 8.56 -49.82 -20.39
N GLY H 319 8.49 -48.57 -19.96
CA GLY H 319 9.19 -48.18 -18.75
C GLY H 319 8.60 -48.90 -17.56
N CYS H 320 7.28 -48.91 -17.48
CA CYS H 320 6.59 -49.62 -16.41
C CYS H 320 6.94 -51.10 -16.45
N ALA H 321 6.95 -51.68 -17.65
CA ALA H 321 7.32 -53.09 -17.80
C ALA H 321 8.73 -53.36 -17.26
N ALA H 322 9.67 -52.47 -17.60
CA ALA H 322 11.06 -52.60 -17.11
C ALA H 322 11.14 -52.57 -15.59
N VAL H 323 10.38 -51.66 -14.98
CA VAL H 323 10.38 -51.53 -13.51
C VAL H 323 9.81 -52.78 -12.82
N LEU H 324 8.76 -53.35 -13.39
CA LEU H 324 8.15 -54.58 -12.85
C LEU H 324 9.05 -55.78 -13.06
N GLY H 325 9.73 -55.85 -14.21
CA GLY H 325 10.68 -56.93 -14.45
C GLY H 325 11.78 -56.86 -13.40
N CYS H 326 12.22 -55.64 -13.11
CA CYS H 326 13.23 -55.42 -12.07
C CYS H 326 12.69 -55.87 -10.72
N ALA H 327 11.42 -55.58 -10.45
CA ALA H 327 10.78 -56.01 -9.21
C ALA H 327 10.86 -57.53 -9.09
N TYR H 328 10.63 -58.22 -10.21
CA TYR H 328 10.74 -59.68 -10.19
C TYR H 328 12.16 -60.10 -9.80
N CYS H 329 13.15 -59.51 -10.46
CA CYS H 329 14.55 -59.88 -10.20
C CYS H 329 14.96 -59.54 -8.78
N VAL H 330 14.55 -58.37 -8.30
CA VAL H 330 14.96 -57.93 -6.98
C VAL H 330 14.27 -58.77 -5.90
N GLY H 331 12.97 -58.98 -6.04
CA GLY H 331 12.24 -59.79 -5.10
C GLY H 331 12.66 -61.25 -5.11
N THR H 332 13.27 -61.68 -6.22
CA THR H 332 13.78 -63.04 -6.33
C THR H 332 15.18 -63.13 -5.73
N LEU H 333 16.07 -62.22 -6.14
CA LEU H 333 17.45 -62.27 -5.68
C LEU H 333 17.65 -61.78 -4.22
N LYS H 334 16.69 -61.00 -3.73
CA LYS H 334 16.70 -60.51 -2.34
C LYS H 334 18.03 -59.89 -1.87
N PRO H 335 18.42 -58.75 -2.47
CA PRO H 335 19.66 -58.12 -1.98
C PRO H 335 19.44 -57.57 -0.58
N GLU H 336 20.53 -57.33 0.14
CA GLU H 336 20.49 -56.81 1.49
C GLU H 336 20.66 -55.29 1.47
N ASN H 337 20.45 -54.67 2.62
CA ASN H 337 20.78 -53.25 2.84
C ASN H 337 19.98 -52.23 2.03
N VAL H 338 18.85 -52.66 1.47
CA VAL H 338 18.19 -51.78 0.52
C VAL H 338 16.64 -51.77 0.60
N GLU H 339 16.05 -50.62 0.31
CA GLU H 339 14.60 -50.50 0.20
C GLU H 339 14.31 -49.93 -1.20
N ILE H 340 13.55 -50.68 -1.99
CA ILE H 340 13.26 -50.26 -3.36
C ILE H 340 11.76 -50.04 -3.54
N HIS H 341 11.42 -48.89 -4.11
CA HIS H 341 10.03 -48.59 -4.46
C HIS H 341 9.86 -48.65 -5.97
N PHE H 342 8.90 -49.47 -6.40
CA PHE H 342 8.63 -49.65 -7.82
C PHE H 342 7.33 -48.93 -8.16
N LEU H 343 7.47 -47.83 -8.92
CA LEU H 343 6.37 -46.89 -9.14
C LEU H 343 5.98 -46.79 -10.60
N SER H 344 4.68 -46.70 -10.88
CA SER H 344 4.22 -46.31 -12.22
C SER H 344 2.83 -45.70 -12.18
N ALA H 345 2.74 -44.49 -12.71
CA ALA H 345 1.46 -43.81 -12.91
C ALA H 345 0.88 -44.31 -14.22
N VAL H 346 0.05 -45.36 -14.14
CA VAL H 346 -0.48 -46.02 -15.34
C VAL H 346 -1.79 -45.38 -15.78
N CYS H 347 -1.88 -45.06 -17.07
CA CYS H 347 -3.11 -44.57 -17.68
C CYS H 347 -3.05 -44.81 -19.19
N GLU H 348 -4.10 -44.39 -19.89
CA GLU H 348 -4.18 -44.51 -21.34
C GLU H 348 -4.51 -43.13 -21.97
N ASN H 349 -3.83 -42.77 -23.06
CA ASN H 349 -3.99 -41.44 -23.70
C ASN H 349 -4.86 -41.51 -24.96
N MET H 350 -6.12 -41.10 -24.83
CA MET H 350 -7.13 -41.39 -25.85
C MET H 350 -7.90 -40.15 -26.30
N VAL H 351 -8.75 -40.33 -27.32
CA VAL H 351 -9.54 -39.22 -27.87
C VAL H 351 -11.00 -39.42 -27.53
N SER H 352 -11.59 -38.41 -26.89
CA SER H 352 -12.92 -38.56 -26.30
C SER H 352 -13.51 -37.18 -26.08
N LYS H 353 -14.80 -37.12 -25.78
CA LYS H 353 -15.41 -35.88 -25.34
C LYS H 353 -14.79 -35.50 -24.01
N ASN H 354 -14.27 -36.50 -23.30
CA ASN H 354 -13.75 -36.32 -21.95
C ASN H 354 -12.26 -36.00 -21.90
N SER H 355 -11.58 -36.04 -23.05
CA SER H 355 -10.11 -35.89 -23.06
C SER H 355 -9.65 -34.49 -22.65
N TYR H 356 -8.45 -34.39 -22.12
CA TYR H 356 -7.81 -33.08 -21.99
C TYR H 356 -7.49 -32.53 -23.38
N ARG H 357 -7.39 -31.20 -23.48
CA ARG H 357 -7.25 -30.50 -24.75
C ARG H 357 -5.91 -29.79 -24.80
N PRO H 358 -5.35 -29.61 -26.02
CA PRO H 358 -4.23 -28.71 -26.26
C PRO H 358 -4.59 -27.34 -25.69
N GLY H 359 -3.71 -26.75 -24.89
CA GLY H 359 -3.97 -25.45 -24.31
C GLY H 359 -4.45 -25.50 -22.87
N ASP H 360 -5.02 -26.63 -22.44
CA ASP H 360 -5.47 -26.77 -21.06
C ASP H 360 -4.35 -26.44 -20.08
N ILE H 361 -4.71 -25.78 -18.98
CA ILE H 361 -3.75 -25.59 -17.88
C ILE H 361 -4.16 -26.49 -16.73
N ILE H 362 -3.21 -27.32 -16.28
CA ILE H 362 -3.49 -28.31 -15.28
C ILE H 362 -2.53 -28.10 -14.12
N THR H 363 -2.89 -28.63 -12.96
CA THR H 363 -2.08 -28.38 -11.76
C THR H 363 -1.47 -29.67 -11.24
N ALA H 364 -0.14 -29.70 -11.21
CA ALA H 364 0.61 -30.86 -10.74
C ALA H 364 0.52 -30.96 -9.22
N SER H 365 0.85 -32.12 -8.68
CA SER H 365 0.74 -32.33 -7.24
C SER H 365 1.72 -31.52 -6.39
N ASN H 366 2.74 -30.92 -7.01
CA ASN H 366 3.59 -30.04 -6.23
C ASN H 366 3.13 -28.59 -6.32
N GLY H 367 1.95 -28.38 -6.89
CA GLY H 367 1.40 -27.05 -7.03
C GLY H 367 1.70 -26.32 -8.34
N LYS H 368 2.67 -26.84 -9.11
CA LYS H 368 3.01 -26.20 -10.39
C LYS H 368 1.91 -26.30 -11.44
N THR H 369 1.51 -25.16 -11.99
CA THR H 369 0.56 -25.16 -13.10
C THR H 369 1.30 -25.34 -14.42
N ILE H 370 0.71 -26.15 -15.29
CA ILE H 370 1.36 -26.55 -16.53
C ILE H 370 0.45 -26.24 -17.69
N GLU H 371 0.99 -25.54 -18.69
CA GLU H 371 0.23 -25.30 -19.91
C GLU H 371 0.51 -26.42 -20.89
N VAL H 372 -0.54 -27.15 -21.26
CA VAL H 372 -0.41 -28.28 -22.17
C VAL H 372 -0.32 -27.79 -23.60
N GLY H 373 0.86 -27.92 -24.20
CA GLY H 373 1.07 -27.41 -25.55
C GLY H 373 0.72 -28.42 -26.61
N ASN H 374 0.78 -29.70 -26.23
CA ASN H 374 0.57 -30.82 -27.14
C ASN H 374 0.18 -32.04 -26.32
N THR H 375 -0.97 -32.64 -26.63
CA THR H 375 -1.47 -33.73 -25.77
C THR H 375 -0.66 -35.02 -25.94
N ASP H 376 0.19 -35.04 -26.97
CA ASP H 376 1.02 -36.20 -27.29
C ASP H 376 2.36 -36.13 -26.53
N ALA H 377 2.58 -35.06 -25.77
CA ALA H 377 3.70 -35.06 -24.82
C ALA H 377 3.14 -35.42 -23.45
N GLU H 378 2.41 -36.54 -23.41
CA GLU H 378 1.67 -36.91 -22.20
C GLU H 378 2.55 -37.62 -21.17
N GLY H 379 3.62 -38.28 -21.64
CA GLY H 379 4.45 -39.07 -20.76
C GLY H 379 5.05 -38.25 -19.64
N ARG H 380 5.56 -37.06 -20.00
CA ARG H 380 6.22 -36.19 -19.02
C ARG H 380 5.26 -35.63 -17.95
N LEU H 381 3.98 -35.54 -18.29
CA LEU H 381 2.95 -35.10 -17.34
C LEU H 381 2.70 -36.17 -16.28
N THR H 382 2.59 -37.43 -16.72
CA THR H 382 2.37 -38.51 -15.77
C THR H 382 3.60 -38.67 -14.90
N LEU H 383 4.77 -38.54 -15.52
CA LEU H 383 6.03 -38.68 -14.79
C LEU H 383 6.25 -37.56 -13.77
N ALA H 384 5.75 -36.36 -14.06
CA ALA H 384 5.88 -35.23 -13.13
C ALA H 384 5.23 -35.57 -11.80
N ASP H 385 4.02 -36.09 -11.86
CA ASP H 385 3.30 -36.43 -10.64
C ASP H 385 3.89 -37.68 -9.96
N ALA H 386 4.40 -38.62 -10.76
CA ALA H 386 5.07 -39.79 -10.18
C ALA H 386 6.39 -39.42 -9.52
N LEU H 387 7.07 -38.42 -10.06
CA LEU H 387 8.33 -37.98 -9.49
C LEU H 387 8.09 -37.22 -8.19
N VAL H 388 7.04 -36.42 -8.16
CA VAL H 388 6.67 -35.72 -6.91
C VAL H 388 6.36 -36.74 -5.82
N TYR H 389 5.61 -37.77 -6.19
CA TYR H 389 5.28 -38.87 -5.28
C TYR H 389 6.57 -39.55 -4.79
N ALA H 390 7.49 -39.80 -5.71
CA ALA H 390 8.73 -40.50 -5.40
C ALA H 390 9.55 -39.70 -4.39
N GLU H 391 9.69 -38.40 -4.62
CA GLU H 391 10.53 -37.60 -3.72
C GLU H 391 9.94 -37.52 -2.33
N LYS H 392 8.61 -37.52 -2.24
CA LYS H 392 7.93 -37.51 -0.94
C LYS H 392 8.21 -38.77 -0.12
N LEU H 393 8.67 -39.84 -0.78
CA LEU H 393 9.03 -41.07 -0.07
C LEU H 393 10.32 -40.93 0.71
N GLY H 394 11.12 -39.91 0.38
CA GLY H 394 12.37 -39.67 1.08
C GLY H 394 13.45 -40.66 0.70
N VAL H 395 13.71 -40.76 -0.60
CA VAL H 395 14.74 -41.67 -1.10
C VAL H 395 16.08 -40.99 -1.38
N ASP H 396 17.10 -41.82 -1.54
CA ASP H 396 18.44 -41.35 -1.89
C ASP H 396 18.58 -41.14 -3.39
N TYR H 397 17.96 -42.01 -4.17
CA TYR H 397 18.00 -41.94 -5.63
C TYR H 397 16.61 -42.09 -6.22
N ILE H 398 16.31 -41.27 -7.23
CA ILE H 398 15.12 -41.48 -8.05
C ILE H 398 15.59 -41.74 -9.49
N VAL H 399 15.24 -42.90 -10.03
CA VAL H 399 15.58 -43.20 -11.42
C VAL H 399 14.33 -43.48 -12.21
N ASP H 400 14.07 -42.72 -13.26
CA ASP H 400 12.93 -43.00 -14.12
C ASP H 400 13.38 -43.64 -15.41
N ILE H 401 12.51 -44.43 -16.01
CA ILE H 401 12.82 -45.07 -17.29
C ILE H 401 11.56 -45.01 -18.14
N ALA H 402 11.70 -44.54 -19.38
CA ALA H 402 10.54 -44.14 -20.16
C ALA H 402 10.80 -44.12 -21.67
N THR H 403 9.82 -44.60 -22.44
CA THR H 403 9.81 -44.40 -23.89
C THR H 403 9.35 -42.97 -24.16
N LEU H 404 10.20 -42.01 -23.85
CA LEU H 404 9.72 -40.64 -23.75
C LEU H 404 9.72 -39.85 -25.06
N THR H 405 10.80 -39.94 -25.85
CA THR H 405 10.91 -39.08 -27.03
C THR H 405 11.37 -39.82 -28.29
N GLY H 406 10.59 -39.71 -29.37
CA GLY H 406 10.99 -40.28 -30.65
C GLY H 406 12.31 -39.74 -31.17
N ALA H 407 12.67 -38.54 -30.73
CA ALA H 407 13.93 -37.92 -31.12
C ALA H 407 15.15 -38.77 -30.70
N MET H 408 14.97 -39.75 -29.83
CA MET H 408 16.08 -40.61 -29.45
C MET H 408 16.59 -41.40 -30.65
N LEU H 409 15.68 -41.71 -31.58
CA LEU H 409 16.06 -42.43 -32.81
C LEU H 409 17.06 -41.66 -33.66
N TYR H 410 17.09 -40.33 -33.49
CA TYR H 410 17.97 -39.46 -34.26
C TYR H 410 19.24 -39.14 -33.51
N SER H 411 19.27 -39.43 -32.22
CA SER H 411 20.45 -39.11 -31.41
C SER H 411 21.33 -40.35 -31.21
N LEU H 412 20.76 -41.38 -30.60
CA LEU H 412 21.54 -42.57 -30.31
C LEU H 412 21.03 -43.79 -31.09
N GLY H 413 19.87 -43.65 -31.72
CA GLY H 413 19.33 -44.73 -32.54
C GLY H 413 18.69 -45.85 -31.75
N THR H 414 18.83 -47.08 -32.25
CA THR H 414 18.12 -48.23 -31.71
C THR H 414 18.92 -49.07 -30.73
N SER H 415 20.22 -48.84 -30.65
CA SER H 415 21.07 -49.69 -29.79
C SER H 415 21.33 -49.13 -28.40
N TYR H 416 21.55 -47.82 -28.31
CA TYR H 416 21.87 -47.19 -27.04
C TYR H 416 20.73 -46.35 -26.47
N ALA H 417 20.42 -46.55 -25.20
CA ALA H 417 19.48 -45.69 -24.49
C ALA H 417 20.21 -44.42 -24.07
N GLY H 418 19.47 -43.34 -23.83
CA GLY H 418 20.06 -42.12 -23.32
C GLY H 418 19.78 -41.98 -21.84
N VAL H 419 20.76 -41.47 -21.09
CA VAL H 419 20.53 -41.15 -19.68
C VAL H 419 20.85 -39.69 -19.38
N PHE H 420 19.91 -39.03 -18.70
CA PHE H 420 20.04 -37.63 -18.29
C PHE H 420 19.89 -37.60 -16.78
N GLY H 421 20.41 -36.58 -16.11
CA GLY H 421 20.32 -36.56 -14.66
C GLY H 421 20.77 -35.27 -14.01
N ASN H 422 20.50 -35.12 -12.73
CA ASN H 422 20.94 -33.93 -12.02
C ASN H 422 22.13 -34.19 -11.09
N ASN H 423 22.73 -35.37 -11.22
CA ASN H 423 23.73 -35.86 -10.26
C ASN H 423 24.76 -36.77 -10.91
N GLU H 424 26.01 -36.31 -10.94
CA GLU H 424 27.08 -37.01 -11.64
C GLU H 424 27.39 -38.40 -11.07
N GLU H 425 27.32 -38.54 -9.75
CA GLU H 425 27.54 -39.83 -9.12
C GLU H 425 26.48 -40.84 -9.54
N LEU H 426 25.21 -40.44 -9.46
CA LEU H 426 24.11 -41.31 -9.88
C LEU H 426 24.26 -41.70 -11.35
N ILE H 427 24.57 -40.72 -12.18
CA ILE H 427 24.77 -41.00 -13.59
C ILE H 427 25.85 -42.07 -13.81
N ASN H 428 27.00 -41.93 -13.13
CA ASN H 428 28.07 -42.91 -13.26
C ASN H 428 27.67 -44.30 -12.75
N LYS H 429 26.86 -44.33 -11.72
CA LYS H 429 26.28 -45.59 -11.25
C LYS H 429 25.46 -46.26 -12.36
N ILE H 430 24.64 -45.47 -13.07
CA ILE H 430 23.87 -45.99 -14.19
C ILE H 430 24.80 -46.51 -15.31
N LEU H 431 25.85 -45.75 -15.61
CA LEU H 431 26.79 -46.15 -16.66
C LEU H 431 27.54 -47.42 -16.28
N GLN H 432 27.93 -47.52 -15.01
CA GLN H 432 28.56 -48.77 -14.56
C GLN H 432 27.58 -49.92 -14.72
N SER H 433 26.33 -49.69 -14.33
CA SER H 433 25.30 -50.72 -14.44
C SER H 433 25.03 -51.10 -15.89
N SER H 434 25.15 -50.14 -16.79
CA SER H 434 25.01 -50.40 -18.22
C SER H 434 26.07 -51.40 -18.65
N LYS H 435 27.29 -51.20 -18.14
CA LYS H 435 28.42 -52.04 -18.51
C LYS H 435 28.23 -53.48 -18.02
N THR H 436 27.88 -53.65 -16.75
CA THR H 436 27.73 -54.98 -16.18
C THR H 436 26.46 -55.71 -16.61
N SER H 437 25.42 -54.95 -16.99
CA SER H 437 24.20 -55.56 -17.50
C SER H 437 24.29 -55.80 -19.01
N ASN H 438 25.25 -55.14 -19.65
CA ASN H 438 25.40 -55.19 -21.09
C ASN H 438 24.19 -54.65 -21.84
N GLU H 439 23.46 -53.76 -21.20
CA GLU H 439 22.42 -52.98 -21.85
C GLU H 439 22.98 -51.57 -22.01
N PRO H 440 23.37 -51.22 -23.24
CA PRO H 440 24.14 -49.99 -23.49
C PRO H 440 23.35 -48.69 -23.31
N VAL H 441 23.98 -47.74 -22.62
CA VAL H 441 23.39 -46.43 -22.34
C VAL H 441 24.46 -45.35 -22.60
N TRP H 442 24.06 -44.16 -23.05
CA TRP H 442 25.00 -43.07 -23.25
C TRP H 442 24.50 -41.84 -22.52
N TRP H 443 25.42 -41.20 -21.80
CA TRP H 443 25.10 -40.01 -21.04
C TRP H 443 24.91 -38.81 -21.97
N LEU H 444 23.75 -38.17 -21.86
CA LEU H 444 23.42 -36.98 -22.64
C LEU H 444 23.16 -35.80 -21.69
N PRO H 445 23.36 -34.56 -22.17
CA PRO H 445 23.32 -33.42 -21.27
C PRO H 445 21.93 -32.83 -21.08
N ILE H 446 21.66 -32.33 -19.88
CA ILE H 446 20.54 -31.44 -19.66
C ILE H 446 21.00 -30.00 -19.89
N ILE H 447 20.71 -29.48 -21.06
CA ILE H 447 21.24 -28.16 -21.46
C ILE H 447 20.33 -27.05 -20.93
N ASN H 448 20.80 -26.36 -19.90
CA ASN H 448 19.99 -25.37 -19.20
C ASN H 448 19.58 -24.17 -20.02
N GLU H 449 20.37 -23.85 -21.05
CA GLU H 449 20.01 -22.74 -21.95
C GLU H 449 18.61 -22.90 -22.54
N TYR H 450 18.15 -24.13 -22.72
CA TYR H 450 16.85 -24.37 -23.35
C TYR H 450 15.67 -24.20 -22.39
N ARG H 451 15.96 -24.08 -21.09
CA ARG H 451 14.90 -23.97 -20.08
C ARG H 451 13.97 -22.76 -20.27
N ALA H 452 14.51 -21.65 -20.74
CA ALA H 452 13.70 -20.45 -20.96
C ALA H 452 12.58 -20.72 -21.95
N THR H 453 12.78 -21.69 -22.84
CA THR H 453 11.78 -21.98 -23.87
C THR H 453 10.58 -22.73 -23.29
N LEU H 454 10.70 -23.14 -22.02
CA LEU H 454 9.58 -23.74 -21.31
C LEU H 454 8.76 -22.71 -20.53
N ASN H 455 9.13 -21.43 -20.65
CA ASN H 455 8.40 -20.39 -19.93
C ASN H 455 7.01 -20.22 -20.53
N SER H 456 6.00 -20.11 -19.68
CA SER H 456 4.62 -19.96 -20.13
C SER H 456 4.15 -18.54 -19.88
N LYS H 457 3.37 -17.97 -20.79
CA LYS H 457 2.77 -16.66 -20.54
C LYS H 457 1.74 -16.70 -19.39
N TYR H 458 1.10 -17.85 -19.21
CA TYR H 458 -0.03 -17.95 -18.30
C TYR H 458 0.18 -18.91 -17.13
N ALA H 459 0.73 -20.09 -17.42
CA ALA H 459 0.96 -21.08 -16.37
C ALA H 459 2.36 -20.95 -15.81
N ASP H 460 2.67 -21.74 -14.77
CA ASP H 460 4.02 -21.70 -14.21
C ASP H 460 5.05 -22.17 -15.22
N ILE H 461 4.63 -23.05 -16.12
CA ILE H 461 5.58 -23.69 -17.03
C ILE H 461 4.83 -24.31 -18.20
N ASN H 462 5.50 -24.37 -19.34
CA ASN H 462 4.99 -25.08 -20.52
C ASN H 462 5.48 -26.52 -20.51
N GLN H 463 4.65 -27.40 -21.04
CA GLN H 463 4.95 -28.82 -21.16
C GLN H 463 5.99 -29.07 -22.26
N ILE H 464 5.90 -28.27 -23.33
CA ILE H 464 6.77 -28.42 -24.50
C ILE H 464 7.44 -27.11 -24.88
N SER H 465 8.48 -27.19 -25.72
CA SER H 465 9.19 -25.99 -26.16
C SER H 465 8.56 -25.41 -27.41
N SER H 466 8.64 -24.08 -27.51
CA SER H 466 8.25 -23.36 -28.71
C SER H 466 9.28 -23.55 -29.82
N SER H 467 10.55 -23.33 -29.47
CA SER H 467 11.61 -23.22 -30.47
C SER H 467 12.57 -24.42 -30.55
N VAL H 468 12.81 -25.09 -29.43
CA VAL H 468 13.83 -26.14 -29.41
C VAL H 468 13.36 -27.49 -29.95
N LYS H 469 14.10 -28.03 -30.94
CA LYS H 469 13.80 -29.33 -31.52
C LYS H 469 14.46 -30.52 -30.77
N ALA H 470 15.39 -30.22 -29.86
CA ALA H 470 16.04 -31.28 -29.08
C ALA H 470 15.12 -31.73 -27.96
N SER H 471 14.02 -32.39 -28.36
CA SER H 471 12.95 -32.75 -27.44
C SER H 471 13.36 -33.68 -26.29
N SER H 472 14.33 -34.56 -26.50
CA SER H 472 14.76 -35.47 -25.43
C SER H 472 15.38 -34.66 -24.29
N ILE H 473 16.02 -33.56 -24.66
CA ILE H 473 16.63 -32.68 -23.69
C ILE H 473 15.56 -31.80 -23.05
N VAL H 474 14.67 -31.25 -23.88
CA VAL H 474 13.59 -30.41 -23.38
C VAL H 474 12.72 -31.18 -22.39
N ALA H 475 12.39 -32.43 -22.75
CA ALA H 475 11.59 -33.27 -21.84
C ALA H 475 12.33 -33.46 -20.51
N SER H 476 13.64 -33.71 -20.57
CA SER H 476 14.47 -33.87 -19.38
C SER H 476 14.43 -32.63 -18.49
N LEU H 477 14.51 -31.45 -19.10
CA LEU H 477 14.39 -30.18 -18.40
C LEU H 477 13.03 -30.02 -17.72
N PHE H 478 11.96 -30.47 -18.38
CA PHE H 478 10.64 -30.41 -17.78
C PHE H 478 10.60 -31.32 -16.55
N LEU H 479 11.11 -32.54 -16.71
CA LEU H 479 11.09 -33.52 -15.63
C LEU H 479 11.85 -33.02 -14.39
N LYS H 480 12.97 -32.34 -14.64
CA LYS H 480 13.82 -31.82 -13.55
C LYS H 480 13.09 -30.83 -12.64
N GLU H 481 12.10 -30.14 -13.19
CA GLU H 481 11.27 -29.23 -12.42
C GLU H 481 10.45 -29.90 -11.32
N PHE H 482 10.37 -31.23 -11.35
CA PHE H 482 9.57 -31.95 -10.37
C PHE H 482 10.40 -32.81 -9.42
N VAL H 483 11.70 -32.55 -9.41
CA VAL H 483 12.58 -33.08 -8.38
C VAL H 483 13.28 -31.92 -7.69
N GLN H 484 12.92 -31.64 -6.43
CA GLN H 484 13.44 -30.45 -5.75
C GLN H 484 14.85 -30.59 -5.18
N ASN H 485 15.12 -31.71 -4.51
CA ASN H 485 16.40 -31.85 -3.82
C ASN H 485 16.86 -33.30 -3.62
N THR H 486 16.82 -34.09 -4.69
CA THR H 486 17.16 -35.50 -4.61
C THR H 486 17.92 -35.91 -5.85
N ALA H 487 18.95 -36.71 -5.68
CA ALA H 487 19.66 -37.30 -6.83
C ALA H 487 18.69 -38.04 -7.76
N TRP H 488 18.70 -37.68 -9.04
CA TRP H 488 17.72 -38.18 -10.00
C TRP H 488 18.34 -38.41 -11.38
N ALA H 489 17.97 -39.51 -12.02
CA ALA H 489 18.39 -39.75 -13.39
C ALA H 489 17.21 -40.27 -14.20
N HIS H 490 17.30 -40.12 -15.50
CA HIS H 490 16.20 -40.33 -16.43
C HIS H 490 16.76 -41.07 -17.62
N ILE H 491 16.21 -42.25 -17.89
CA ILE H 491 16.69 -43.10 -18.96
C ILE H 491 15.60 -43.12 -20.04
N ASP H 492 15.92 -42.59 -21.22
CA ASP H 492 14.94 -42.51 -22.30
C ASP H 492 15.14 -43.71 -23.23
N ILE H 493 14.18 -44.62 -23.25
CA ILE H 493 14.33 -45.85 -24.02
C ILE H 493 13.44 -45.89 -25.24
N ALA H 494 12.98 -44.73 -25.69
CA ALA H 494 12.07 -44.66 -26.84
C ALA H 494 12.66 -45.32 -28.09
N GLY H 495 13.98 -45.25 -28.25
CA GLY H 495 14.59 -45.78 -29.45
C GLY H 495 14.96 -47.26 -29.35
N VAL H 496 15.22 -47.74 -28.13
CA VAL H 496 15.76 -49.09 -27.95
C VAL H 496 14.76 -50.15 -27.47
N SER H 497 13.57 -49.74 -27.03
CA SER H 497 12.63 -50.68 -26.41
C SER H 497 12.14 -51.78 -27.38
N TRP H 498 11.82 -51.37 -28.60
CA TRP H 498 11.25 -52.27 -29.59
C TRP H 498 12.30 -52.70 -30.61
N ASN H 499 12.46 -54.01 -30.78
CA ASN H 499 13.35 -54.55 -31.79
C ASN H 499 12.60 -54.56 -33.11
N PHE H 500 12.87 -53.58 -33.96
CA PHE H 500 12.14 -53.41 -35.22
C PHE H 500 12.39 -54.53 -36.23
N LYS H 501 13.59 -55.09 -36.21
CA LYS H 501 13.93 -56.17 -37.14
C LYS H 501 13.24 -57.47 -36.73
N ALA H 502 13.29 -57.80 -35.45
CA ALA H 502 12.67 -59.02 -34.93
C ALA H 502 11.18 -58.85 -34.63
N ARG H 503 10.66 -57.64 -34.81
CA ARG H 503 9.26 -57.32 -34.52
C ARG H 503 8.80 -57.74 -33.12
N LYS H 504 9.63 -57.47 -32.11
CA LYS H 504 9.30 -57.83 -30.73
C LYS H 504 9.96 -56.88 -29.73
N PRO H 505 9.43 -56.80 -28.50
CA PRO H 505 10.09 -55.94 -27.51
C PRO H 505 11.44 -56.54 -27.10
N LYS H 506 12.28 -55.73 -26.48
CA LYS H 506 13.53 -56.23 -25.93
C LYS H 506 13.40 -56.47 -24.42
N GLY H 507 12.38 -55.87 -23.81
CA GLY H 507 12.33 -55.80 -22.36
C GLY H 507 13.56 -55.05 -21.86
N PHE H 508 13.92 -53.98 -22.56
CA PHE H 508 15.15 -53.23 -22.26
C PHE H 508 15.00 -52.55 -20.91
N GLY H 509 16.05 -52.63 -20.11
CA GLY H 509 16.05 -51.90 -18.84
C GLY H 509 15.97 -52.79 -17.61
N VAL H 510 15.37 -53.98 -17.73
CA VAL H 510 15.25 -54.87 -16.58
C VAL H 510 16.60 -55.16 -15.93
N ARG H 511 17.55 -55.61 -16.73
CA ARG H 511 18.87 -56.00 -16.22
C ARG H 511 19.71 -54.80 -15.77
N LEU H 512 19.60 -53.71 -16.52
CA LEU H 512 20.25 -52.45 -16.16
C LEU H 512 19.85 -52.03 -14.75
N LEU H 513 18.54 -51.99 -14.48
CA LEU H 513 18.04 -51.49 -13.21
C LEU H 513 18.35 -52.45 -12.09
N THR H 514 18.36 -53.75 -12.41
CA THR H 514 18.64 -54.76 -11.39
C THR H 514 20.10 -54.67 -10.97
N GLU H 515 20.99 -54.52 -11.95
CA GLU H 515 22.43 -54.38 -11.66
C GLU H 515 22.66 -53.09 -10.89
N PHE H 516 21.87 -52.07 -11.18
CA PHE H 516 22.00 -50.81 -10.46
C PHE H 516 21.65 -51.00 -8.98
N VAL H 517 20.53 -51.68 -8.75
CA VAL H 517 20.10 -51.99 -7.40
C VAL H 517 21.09 -52.91 -6.67
N LEU H 518 21.51 -53.98 -7.33
CA LEU H 518 22.38 -54.98 -6.70
C LEU H 518 23.77 -54.44 -6.37
N ASN H 519 24.39 -53.75 -7.31
CA ASN H 519 25.76 -53.29 -7.12
C ASN H 519 25.86 -52.09 -6.18
N ASP H 520 24.73 -51.70 -5.58
CA ASP H 520 24.68 -50.58 -4.64
C ASP H 520 25.00 -51.05 -3.22
N SER I 3 -26.42 -24.92 -15.39
CA SER I 3 -25.60 -24.05 -14.55
C SER I 3 -24.43 -24.80 -13.90
N GLU I 4 -24.63 -26.07 -13.55
CA GLU I 4 -23.55 -26.87 -12.95
C GLU I 4 -22.53 -27.34 -13.99
N VAL I 5 -21.25 -27.01 -13.80
CA VAL I 5 -20.24 -27.42 -14.77
C VAL I 5 -19.87 -28.88 -14.55
N PRO I 6 -20.06 -29.72 -15.57
CA PRO I 6 -19.69 -31.14 -15.43
C PRO I 6 -18.19 -31.33 -15.32
N GLN I 7 -17.75 -32.31 -14.53
CA GLN I 7 -16.34 -32.62 -14.36
C GLN I 7 -16.07 -34.06 -14.73
N VAL I 8 -14.86 -34.34 -15.22
CA VAL I 8 -14.44 -35.73 -15.41
C VAL I 8 -13.74 -36.21 -14.14
N VAL I 9 -12.88 -35.38 -13.57
CA VAL I 9 -12.31 -35.67 -12.26
C VAL I 9 -12.55 -34.49 -11.31
N SER I 10 -12.46 -34.71 -10.00
CA SER I 10 -12.69 -33.65 -9.02
C SER I 10 -11.73 -32.46 -9.19
N LEU I 11 -10.60 -32.67 -9.84
CA LEU I 11 -9.65 -31.56 -10.07
C LEU I 11 -10.00 -30.67 -11.27
N ASP I 12 -10.99 -31.07 -12.05
CA ASP I 12 -11.46 -30.21 -13.16
C ASP I 12 -12.11 -28.93 -12.61
N PRO I 13 -11.70 -27.76 -13.15
CA PRO I 13 -12.26 -26.48 -12.66
C PRO I 13 -13.72 -26.30 -13.05
N THR I 14 -14.47 -25.59 -12.21
CA THR I 14 -15.91 -25.44 -12.42
C THR I 14 -16.32 -23.98 -12.63
N SER I 15 -15.33 -23.11 -12.80
CA SER I 15 -15.57 -21.71 -13.16
C SER I 15 -14.35 -21.08 -13.80
N ILE I 16 -14.56 -19.98 -14.52
CA ILE I 16 -13.43 -19.19 -15.00
C ILE I 16 -13.04 -18.18 -13.93
N PRO I 17 -11.76 -18.18 -13.54
CA PRO I 17 -11.25 -17.10 -12.68
C PRO I 17 -11.37 -15.77 -13.42
N ILE I 18 -11.98 -14.78 -12.78
CA ILE I 18 -12.13 -13.47 -13.37
C ILE I 18 -11.68 -12.41 -12.39
N GLU I 19 -10.79 -11.55 -12.83
CA GLU I 19 -10.34 -10.43 -12.00
C GLU I 19 -11.09 -9.19 -12.46
N TYR I 20 -11.92 -8.64 -11.59
CA TYR I 20 -12.68 -7.45 -11.91
C TYR I 20 -11.97 -6.21 -11.38
N ASN I 21 -11.69 -6.21 -10.08
CA ASN I 21 -10.95 -5.12 -9.47
C ASN I 21 -9.47 -5.31 -9.76
N THR I 22 -9.00 -4.74 -10.88
CA THR I 22 -7.60 -4.90 -11.27
C THR I 22 -6.79 -3.76 -10.64
N PRO I 23 -5.44 -3.90 -10.60
CA PRO I 23 -4.62 -2.80 -10.07
C PRO I 23 -4.80 -1.51 -10.85
N ILE I 24 -5.14 -1.62 -12.13
CA ILE I 24 -5.38 -0.44 -12.95
C ILE I 24 -6.49 0.42 -12.33
N HIS I 25 -7.50 -0.25 -11.81
CA HIS I 25 -8.62 0.45 -11.16
C HIS I 25 -8.23 1.18 -9.89
N ASP I 26 -7.10 0.80 -9.30
CA ASP I 26 -6.61 1.46 -8.09
C ASP I 26 -5.78 2.70 -8.42
N ILE I 27 -5.53 2.95 -9.69
CA ILE I 27 -4.69 4.08 -10.09
C ILE I 27 -5.46 5.40 -10.03
N LYS I 28 -4.94 6.35 -9.26
CA LYS I 28 -5.56 7.67 -9.18
C LYS I 28 -5.04 8.52 -10.33
N VAL I 29 -5.94 8.95 -11.21
CA VAL I 29 -5.54 9.69 -12.39
C VAL I 29 -5.90 11.18 -12.28
N GLN I 30 -4.93 12.05 -12.57
CA GLN I 30 -5.16 13.50 -12.57
C GLN I 30 -4.66 14.07 -13.89
N VAL I 31 -5.42 14.99 -14.48
CA VAL I 31 -4.99 15.63 -15.71
C VAL I 31 -4.84 17.12 -15.46
N TYR I 32 -3.71 17.68 -15.87
CA TYR I 32 -3.41 19.09 -15.66
C TYR I 32 -3.12 19.77 -16.99
N ASP I 33 -3.45 21.04 -17.09
CA ASP I 33 -3.13 21.77 -18.30
C ASP I 33 -1.65 22.11 -18.32
N ILE I 34 -1.02 21.82 -19.45
CA ILE I 34 0.42 21.99 -19.60
C ILE I 34 0.88 23.45 -19.46
N LYS I 35 -0.04 24.40 -19.64
CA LYS I 35 0.33 25.82 -19.55
C LYS I 35 0.61 26.24 -18.11
N GLY I 36 0.11 25.46 -17.15
CA GLY I 36 0.37 25.74 -15.75
C GLY I 36 1.80 25.40 -15.33
N GLY I 37 2.52 24.70 -16.20
CA GLY I 37 3.84 24.20 -15.86
C GLY I 37 3.76 22.83 -15.19
N CYS I 38 4.83 22.03 -15.33
CA CYS I 38 4.88 20.67 -14.77
C CYS I 38 5.60 20.63 -13.44
N ASN I 39 4.99 20.04 -12.42
CA ASN I 39 5.69 19.82 -11.17
C ASN I 39 6.35 18.44 -11.16
N VAL I 40 7.64 18.40 -10.83
CA VAL I 40 8.37 17.15 -10.80
C VAL I 40 8.83 16.86 -9.38
N GLU I 41 8.06 16.06 -8.65
CA GLU I 41 8.26 15.94 -7.21
C GLU I 41 8.49 14.51 -6.74
N GLU I 42 8.22 13.53 -7.61
CA GLU I 42 8.29 12.12 -7.22
C GLU I 42 8.08 11.16 -8.39
N GLY I 43 8.30 9.87 -8.13
CA GLY I 43 8.15 8.82 -9.13
C GLY I 43 8.94 9.09 -10.40
N LEU I 44 8.35 8.70 -11.53
CA LEU I 44 8.97 8.90 -12.83
C LEU I 44 8.12 9.86 -13.67
N THR I 45 8.77 10.86 -14.27
CA THR I 45 8.09 11.79 -15.19
C THR I 45 8.60 11.60 -16.60
N ILE I 46 7.70 11.22 -17.51
CA ILE I 46 8.08 10.96 -18.89
C ILE I 46 7.53 11.98 -19.86
N PHE I 47 8.42 12.57 -20.65
CA PHE I 47 8.01 13.48 -21.72
C PHE I 47 7.83 12.74 -23.05
N LEU I 48 6.67 12.93 -23.69
CA LEU I 48 6.47 12.41 -25.02
C LEU I 48 6.91 13.48 -25.99
N VAL I 49 7.98 13.22 -26.74
CA VAL I 49 8.60 14.26 -27.56
C VAL I 49 8.84 13.81 -29.01
N ASN I 50 8.51 14.70 -29.96
CA ASN I 50 8.83 14.43 -31.36
C ASN I 50 9.73 15.52 -31.92
N ASN I 51 10.05 15.42 -33.20
CA ASN I 51 10.80 16.48 -33.88
C ASN I 51 10.42 16.46 -35.35
N PRO I 52 9.38 17.23 -35.69
CA PRO I 52 8.81 17.27 -37.05
C PRO I 52 9.85 17.69 -38.08
N GLY I 53 9.93 16.95 -39.18
CA GLY I 53 10.86 17.27 -40.26
C GLY I 53 12.15 16.47 -40.24
N LYS I 54 13.01 16.76 -39.28
CA LYS I 54 14.31 16.10 -39.20
C LYS I 54 14.22 14.70 -38.60
N GLU I 55 14.42 13.69 -39.44
CA GLU I 55 14.45 12.29 -38.98
C GLU I 55 15.52 12.10 -37.91
N ASN I 56 15.17 11.38 -36.85
CA ASN I 56 16.04 11.22 -35.69
C ASN I 56 16.55 12.56 -35.14
N GLY I 57 15.66 13.55 -35.14
CA GLY I 57 16.03 14.87 -34.66
C GLY I 57 16.33 14.84 -33.18
N PRO I 58 17.01 15.88 -32.69
CA PRO I 58 17.33 16.05 -31.26
C PRO I 58 16.09 16.14 -30.36
N VAL I 59 16.26 15.76 -29.09
CA VAL I 59 15.23 15.98 -28.07
C VAL I 59 15.27 17.42 -27.57
N LYS I 60 14.11 18.07 -27.59
CA LYS I 60 13.97 19.37 -26.96
C LYS I 60 12.74 19.35 -26.07
N ILE I 61 12.90 19.77 -24.82
CA ILE I 61 11.77 19.83 -23.91
C ILE I 61 11.14 21.23 -23.95
N SER I 62 9.93 21.31 -24.47
CA SER I 62 9.26 22.60 -24.66
C SER I 62 8.44 23.05 -23.46
N SER I 63 7.90 22.10 -22.70
CA SER I 63 7.06 22.42 -21.56
C SER I 63 7.80 23.25 -20.53
N LYS I 64 7.07 24.07 -19.80
CA LYS I 64 7.63 24.75 -18.64
C LYS I 64 7.65 23.77 -17.48
N VAL I 65 8.75 23.76 -16.73
CA VAL I 65 8.90 22.87 -15.60
C VAL I 65 9.07 23.73 -14.34
N ASN I 66 8.16 23.58 -13.38
CA ASN I 66 8.18 24.38 -12.16
C ASN I 66 9.22 23.89 -11.15
N ASP I 67 10.45 23.75 -11.61
CA ASP I 67 11.56 23.34 -10.76
C ASP I 67 12.85 23.78 -11.45
N LYS I 68 13.63 24.60 -10.76
CA LYS I 68 14.84 25.15 -11.34
C LYS I 68 15.87 24.07 -11.68
N GLN I 69 16.10 23.16 -10.74
CA GLN I 69 17.06 22.08 -10.96
C GLN I 69 16.68 21.21 -12.16
N VAL I 70 15.41 20.78 -12.20
CA VAL I 70 14.96 19.93 -13.30
C VAL I 70 15.00 20.70 -14.61
N SER I 71 14.57 21.96 -14.59
CA SER I 71 14.63 22.80 -15.78
C SER I 71 16.03 22.88 -16.35
N GLU I 72 17.00 23.12 -15.46
CA GLU I 72 18.40 23.18 -15.83
C GLU I 72 18.87 21.88 -16.46
N PHE I 73 18.50 20.76 -15.85
CA PHE I 73 18.85 19.44 -16.35
C PHE I 73 18.29 19.23 -17.76
N LEU I 74 17.11 19.77 -18.02
CA LEU I 74 16.46 19.55 -19.30
C LEU I 74 16.72 20.63 -20.36
N LYS I 75 17.70 21.51 -20.13
CA LYS I 75 18.09 22.51 -21.13
C LYS I 75 18.42 21.81 -22.44
N ASP I 76 18.19 22.51 -23.54
CA ASP I 76 18.49 21.96 -24.87
C ASP I 76 19.90 21.40 -24.97
N GLU I 77 20.88 22.11 -24.41
CA GLU I 77 22.28 21.66 -24.47
C GLU I 77 22.50 20.28 -23.85
N ASN I 78 21.81 20.00 -22.74
CA ASN I 78 21.93 18.69 -22.10
C ASN I 78 21.12 17.63 -22.81
N MET I 79 20.05 18.06 -23.47
CA MET I 79 19.14 17.12 -24.11
C MET I 79 19.54 16.76 -25.53
N GLU I 80 20.41 17.56 -26.14
CA GLU I 80 20.60 17.40 -27.58
C GLU I 80 21.33 16.12 -27.98
N LYS I 81 21.95 15.43 -27.02
CA LYS I 81 22.62 14.17 -27.33
C LYS I 81 21.65 12.99 -27.51
N PHE I 82 20.39 13.21 -27.17
CA PHE I 82 19.36 12.18 -27.36
C PHE I 82 18.47 12.52 -28.54
N ASN I 83 18.00 11.50 -29.26
CA ASN I 83 17.10 11.76 -30.38
C ASN I 83 15.71 11.15 -30.22
N VAL I 84 14.79 11.57 -31.09
CA VAL I 84 13.37 11.27 -30.95
C VAL I 84 12.92 10.02 -31.70
N LYS I 85 13.88 9.24 -32.18
CA LYS I 85 13.59 7.99 -32.89
C LYS I 85 12.43 7.19 -32.25
N LEU I 86 11.39 6.95 -33.04
CA LEU I 86 10.14 6.34 -32.56
C LEU I 86 10.40 5.13 -31.68
N GLY I 87 9.98 5.23 -30.43
CA GLY I 87 10.08 4.10 -29.52
C GLY I 87 11.32 4.06 -28.65
N THR I 88 12.31 4.90 -28.94
CA THR I 88 13.48 4.95 -28.06
C THR I 88 13.10 5.68 -26.80
N SER I 89 13.88 5.49 -25.75
CA SER I 89 13.60 6.16 -24.49
C SER I 89 14.88 6.27 -23.68
N LYS I 90 14.89 7.20 -22.73
CA LYS I 90 16.01 7.35 -21.81
C LYS I 90 15.49 7.65 -20.42
N HIS I 91 16.27 7.30 -19.40
CA HIS I 91 15.99 7.61 -17.99
C HIS I 91 17.00 8.63 -17.46
N PHE I 92 16.51 9.61 -16.70
CA PHE I 92 17.39 10.58 -16.06
C PHE I 92 17.20 10.52 -14.55
N TYR I 93 18.27 10.85 -13.81
CA TYR I 93 18.20 10.90 -12.35
C TYR I 93 18.82 12.21 -11.86
N MET I 94 18.14 12.86 -10.92
CA MET I 94 18.58 14.17 -10.43
C MET I 94 17.83 14.54 -9.16
N PHE I 95 18.28 15.61 -8.50
CA PHE I 95 17.59 16.16 -7.35
C PHE I 95 16.85 17.43 -7.73
N ASN I 96 15.62 17.58 -7.24
CA ASN I 96 14.86 18.79 -7.52
C ASN I 96 15.10 19.89 -6.47
N ASP I 97 14.36 20.99 -6.57
CA ASP I 97 14.57 22.13 -5.69
C ASP I 97 14.29 21.82 -4.21
N ASN I 98 13.49 20.79 -3.95
CA ASN I 98 13.23 20.35 -2.58
C ASN I 98 14.30 19.39 -2.08
N LYS I 99 15.37 19.25 -2.86
CA LYS I 99 16.47 18.35 -2.55
C LYS I 99 16.02 16.88 -2.45
N ASN I 100 14.97 16.54 -3.20
CA ASN I 100 14.54 15.15 -3.33
C ASN I 100 14.96 14.56 -4.67
N SER I 101 15.38 13.31 -4.65
CA SER I 101 15.70 12.61 -5.89
C SER I 101 14.41 12.43 -6.70
N VAL I 102 14.47 12.72 -8.00
CA VAL I 102 13.38 12.40 -8.89
C VAL I 102 13.93 11.70 -10.14
N ALA I 103 13.09 10.90 -10.78
CA ALA I 103 13.41 10.28 -12.06
C ALA I 103 12.62 10.93 -13.19
N VAL I 104 13.30 11.19 -14.31
CA VAL I 104 12.72 11.91 -15.42
C VAL I 104 13.15 11.13 -16.67
N GLY I 105 12.40 11.24 -17.76
CA GLY I 105 12.81 10.63 -19.01
C GLY I 105 11.94 11.05 -20.18
N TYR I 106 12.19 10.46 -21.34
CA TYR I 106 11.36 10.75 -22.50
C TYR I 106 11.16 9.46 -23.29
N VAL I 107 10.14 9.44 -24.16
CA VAL I 107 10.01 8.41 -25.19
C VAL I 107 9.94 9.12 -26.52
N GLY I 108 10.72 8.67 -27.50
CA GLY I 108 10.73 9.32 -28.79
C GLY I 108 9.48 9.00 -29.59
N CYS I 109 8.81 10.03 -30.08
CA CYS I 109 7.59 9.83 -30.86
C CYS I 109 7.85 10.09 -32.35
N GLY I 110 9.12 10.16 -32.73
CA GLY I 110 9.50 10.22 -34.12
C GLY I 110 9.43 11.58 -34.77
N SER I 111 9.30 11.59 -36.10
CA SER I 111 9.36 12.82 -36.88
C SER I 111 8.03 13.24 -37.51
N VAL I 112 7.20 12.26 -37.88
CA VAL I 112 5.91 12.56 -38.50
C VAL I 112 4.84 12.93 -37.47
N ALA I 113 4.28 14.13 -37.59
CA ALA I 113 3.51 14.79 -36.52
C ALA I 113 2.06 14.31 -36.32
N ASP I 114 1.68 13.23 -36.99
CA ASP I 114 0.41 12.58 -36.67
C ASP I 114 0.63 11.08 -36.51
N LEU I 115 0.62 10.62 -35.27
CA LEU I 115 0.88 9.22 -34.95
C LEU I 115 -0.27 8.29 -35.38
N SER I 116 0.07 7.24 -36.11
CA SER I 116 -0.91 6.23 -36.43
C SER I 116 -1.19 5.36 -35.21
N GLU I 117 -2.24 4.55 -35.32
CA GLU I 117 -2.58 3.58 -34.31
C GLU I 117 -1.35 2.76 -33.95
N ALA I 118 -0.65 2.25 -34.97
CA ALA I 118 0.49 1.38 -34.78
C ALA I 118 1.66 2.12 -34.11
N ASP I 119 1.84 3.38 -34.49
CA ASP I 119 2.90 4.19 -33.89
C ASP I 119 2.64 4.41 -32.40
N MET I 120 1.41 4.80 -32.06
CA MET I 120 1.07 5.08 -30.66
C MET I 120 1.26 3.85 -29.76
N LYS I 121 0.96 2.66 -30.29
CA LYS I 121 1.19 1.45 -29.53
C LYS I 121 2.70 1.22 -29.29
N ARG I 122 3.55 1.63 -30.23
CA ARG I 122 5.00 1.52 -30.04
C ARG I 122 5.44 2.43 -28.91
N VAL I 123 4.90 3.65 -28.88
CA VAL I 123 5.22 4.60 -27.83
C VAL I 123 4.78 4.05 -26.48
N VAL I 124 3.58 3.47 -26.45
CA VAL I 124 3.06 2.92 -25.20
C VAL I 124 3.91 1.75 -24.70
N LEU I 125 4.25 0.83 -25.59
CA LEU I 125 5.08 -0.32 -25.21
C LEU I 125 6.43 0.13 -24.66
N SER I 126 7.01 1.16 -25.24
CA SER I 126 8.27 1.70 -24.73
C SER I 126 8.09 2.25 -23.33
N LEU I 127 7.00 2.95 -23.11
CA LEU I 127 6.64 3.47 -21.79
C LEU I 127 6.48 2.34 -20.77
N VAL I 128 5.72 1.32 -21.15
CA VAL I 128 5.51 0.16 -20.26
C VAL I 128 6.83 -0.52 -19.91
N THR I 129 7.74 -0.55 -20.88
CA THR I 129 9.10 -1.05 -20.68
C THR I 129 9.78 -0.30 -19.52
N MET I 130 9.39 0.97 -19.32
CA MET I 130 9.96 1.77 -18.24
C MET I 130 9.29 1.53 -16.89
N LEU I 131 8.04 1.04 -16.93
CA LEU I 131 7.32 0.75 -15.71
C LEU I 131 7.67 -0.64 -15.19
N HIS I 132 8.03 -1.53 -16.10
CA HIS I 132 8.36 -2.90 -15.72
C HIS I 132 9.76 -2.98 -15.11
N ASP I 133 9.91 -3.84 -14.10
CA ASP I 133 11.18 -4.01 -13.38
C ASP I 133 11.66 -2.73 -12.72
N ASN I 134 10.73 -1.88 -12.30
CA ASN I 134 11.05 -0.67 -11.55
C ASN I 134 9.91 -0.39 -10.57
N LYS I 135 10.20 -0.49 -9.29
CA LYS I 135 9.16 -0.29 -8.29
C LYS I 135 8.88 1.20 -8.08
N LEU I 136 7.80 1.67 -8.72
CA LEU I 136 7.41 3.09 -8.70
C LEU I 136 6.00 3.24 -8.13
N SER I 137 5.75 4.38 -7.49
CA SER I 137 4.43 4.70 -6.93
C SER I 137 3.63 5.56 -7.88
N LYS I 138 4.33 6.31 -8.72
CA LYS I 138 3.67 7.29 -9.56
C LYS I 138 4.34 7.45 -10.90
N LEU I 139 3.52 7.53 -11.96
CA LEU I 139 4.00 7.91 -13.27
C LEU I 139 3.35 9.22 -13.65
N THR I 140 4.14 10.17 -14.16
CA THR I 140 3.60 11.37 -14.79
C THR I 140 3.99 11.38 -16.26
N VAL I 141 3.02 11.65 -17.13
CA VAL I 141 3.27 11.70 -18.57
C VAL I 141 2.97 13.11 -19.08
N VAL I 142 3.94 13.72 -19.74
CA VAL I 142 3.77 15.06 -20.32
C VAL I 142 3.69 14.98 -21.84
N PHE I 143 2.55 15.37 -22.40
CA PHE I 143 2.36 15.35 -23.85
C PHE I 143 2.92 16.60 -24.53
N GLU I 144 4.04 16.43 -25.23
CA GLU I 144 4.58 17.51 -26.05
C GLU I 144 4.40 17.13 -27.50
N ILE I 145 3.33 16.34 -27.73
CA ILE I 145 2.92 15.96 -29.07
C ILE I 145 1.44 16.29 -29.17
N ASN I 146 0.92 16.35 -30.40
CA ASN I 146 -0.49 16.63 -30.60
C ASN I 146 -1.28 15.35 -30.83
N VAL I 147 -2.30 15.13 -30.01
CA VAL I 147 -3.21 14.00 -30.22
C VAL I 147 -4.64 14.49 -30.10
N ASP I 148 -5.54 13.94 -30.91
CA ASP I 148 -6.96 14.26 -30.71
C ASP I 148 -7.51 13.47 -29.52
N LYS I 149 -8.79 13.65 -29.20
CA LYS I 149 -9.37 13.06 -28.02
C LYS I 149 -9.40 11.55 -28.07
N ASN I 150 -9.74 11.00 -29.24
CA ASN I 150 -9.77 9.55 -29.42
C ASN I 150 -8.38 8.94 -29.29
N LEU I 151 -7.37 9.65 -29.78
CA LEU I 151 -6.01 9.13 -29.71
C LEU I 151 -5.49 9.19 -28.27
N PHE I 152 -5.87 10.23 -27.54
CA PHE I 152 -5.51 10.33 -26.14
C PHE I 152 -6.13 9.16 -25.39
N ARG I 153 -7.37 8.85 -25.71
CA ARG I 153 -8.06 7.78 -25.02
C ARG I 153 -7.42 6.47 -25.39
N PHE I 154 -6.98 6.37 -26.64
CA PHE I 154 -6.34 5.15 -27.10
C PHE I 154 -5.02 4.98 -26.34
N PHE I 155 -4.33 6.08 -26.09
CA PHE I 155 -3.10 6.04 -25.29
C PHE I 155 -3.33 5.40 -23.94
N LEU I 156 -4.36 5.86 -23.23
CA LEU I 156 -4.64 5.38 -21.89
C LEU I 156 -5.12 3.92 -21.87
N GLU I 157 -6.07 3.62 -22.76
CA GLU I 157 -6.56 2.25 -22.96
C GLU I 157 -5.42 1.27 -23.14
N THR I 158 -4.52 1.63 -24.04
CA THR I 158 -3.40 0.76 -24.41
C THR I 158 -2.41 0.66 -23.26
N LEU I 159 -2.15 1.79 -22.61
CA LEU I 159 -1.27 1.81 -21.43
C LEU I 159 -1.80 0.87 -20.35
N PHE I 160 -3.07 1.04 -20.00
CA PHE I 160 -3.70 0.20 -18.99
C PHE I 160 -3.61 -1.27 -19.37
N TYR I 161 -4.03 -1.57 -20.59
CA TYR I 161 -4.07 -2.94 -21.07
C TYR I 161 -2.69 -3.62 -21.10
N GLU I 162 -1.69 -2.92 -21.61
CA GLU I 162 -0.34 -3.49 -21.71
C GLU I 162 0.39 -3.58 -20.38
N TYR I 163 0.09 -2.66 -19.47
CA TYR I 163 0.73 -2.59 -18.16
C TYR I 163 0.23 -3.74 -17.31
N MET I 164 -1.02 -4.11 -17.52
CA MET I 164 -1.68 -5.15 -16.73
C MET I 164 -1.09 -6.52 -17.09
N THR I 165 -0.78 -7.31 -16.07
CA THR I 165 -0.26 -8.65 -16.30
C THR I 165 -1.21 -9.70 -15.72
N ASP I 166 -1.56 -10.69 -16.54
CA ASP I 166 -2.57 -11.67 -16.15
C ASP I 166 -1.92 -12.84 -15.41
N GLU I 167 -2.12 -12.91 -14.10
CA GLU I 167 -1.50 -13.95 -13.27
C GLU I 167 -2.47 -14.98 -12.71
N ARG I 168 -3.70 -15.03 -13.24
CA ARG I 168 -4.72 -15.94 -12.73
C ARG I 168 -4.30 -17.41 -12.72
N PHE I 169 -3.42 -17.79 -13.63
CA PHE I 169 -3.03 -19.20 -13.73
C PHE I 169 -1.60 -19.47 -13.24
N LYS I 170 -0.98 -18.46 -12.64
CA LYS I 170 0.32 -18.62 -12.00
C LYS I 170 0.12 -19.16 -10.59
N SER I 171 1.01 -20.04 -10.15
CA SER I 171 0.89 -20.59 -8.80
C SER I 171 2.23 -20.50 -8.10
N THR I 172 3.19 -21.28 -8.57
CA THR I 172 4.55 -21.22 -8.03
C THR I 172 5.43 -20.21 -8.74
N ASP I 173 4.96 -19.65 -9.86
CA ASP I 173 5.79 -18.75 -10.67
C ASP I 173 5.19 -17.33 -10.79
N LYS I 174 4.59 -16.84 -9.71
CA LYS I 174 4.16 -15.45 -9.71
C LYS I 174 5.37 -14.52 -9.71
N ASN I 175 5.21 -13.33 -10.29
CA ASN I 175 6.30 -12.36 -10.29
C ASN I 175 6.36 -11.65 -8.94
N VAL I 176 7.36 -12.01 -8.14
CA VAL I 176 7.48 -11.47 -6.78
C VAL I 176 7.74 -9.96 -6.76
N ASN I 177 8.21 -9.42 -7.88
CA ASN I 177 8.57 -8.00 -7.96
C ASN I 177 7.48 -7.17 -8.60
N MET I 178 6.33 -7.80 -8.81
CA MET I 178 5.18 -7.12 -9.38
C MET I 178 4.64 -6.04 -8.44
N GLU I 179 4.82 -4.79 -8.81
CA GLU I 179 4.16 -3.68 -8.12
C GLU I 179 3.64 -2.72 -9.16
N TYR I 180 2.44 -2.18 -8.94
CA TYR I 180 1.85 -1.22 -9.85
C TYR I 180 1.85 0.17 -9.23
N ILE I 181 2.10 1.18 -10.06
CA ILE I 181 1.89 2.58 -9.65
C ILE I 181 0.49 2.78 -9.07
N LYS I 182 0.36 3.74 -8.15
CA LYS I 182 -0.93 4.05 -7.57
C LYS I 182 -1.45 5.38 -8.05
N HIS I 183 -0.62 6.11 -8.79
CA HIS I 183 -0.99 7.42 -9.29
C HIS I 183 -0.50 7.63 -10.71
N LEU I 184 -1.36 8.22 -11.55
CA LEU I 184 -0.96 8.61 -12.90
C LEU I 184 -1.27 10.07 -13.07
N GLY I 185 -0.24 10.87 -13.39
CA GLY I 185 -0.40 12.28 -13.69
C GLY I 185 -0.23 12.53 -15.19
N VAL I 186 -1.07 13.41 -15.76
CA VAL I 186 -0.97 13.72 -17.17
C VAL I 186 -1.02 15.23 -17.38
N TYR I 187 -0.05 15.76 -18.12
CA TYR I 187 -0.05 17.15 -18.54
C TYR I 187 -0.28 17.21 -20.05
N ILE I 188 -1.24 18.03 -20.48
CA ILE I 188 -1.56 18.11 -21.89
C ILE I 188 -2.15 19.48 -22.19
N ASN I 189 -1.93 19.99 -23.40
CA ASN I 189 -2.57 21.24 -23.82
C ASN I 189 -4.10 21.11 -23.78
N ASN I 190 -4.77 22.18 -23.35
CA ASN I 190 -6.23 22.21 -23.33
C ASN I 190 -6.80 21.02 -22.56
N ALA I 191 -6.20 20.77 -21.39
CA ALA I 191 -6.52 19.60 -20.57
C ALA I 191 -8.03 19.38 -20.35
N ASP I 192 -8.77 20.47 -20.27
CA ASP I 192 -10.20 20.38 -19.94
C ASP I 192 -11.01 19.50 -20.88
N THR I 193 -10.64 19.47 -22.16
CA THR I 193 -11.38 18.66 -23.14
C THR I 193 -10.99 17.18 -23.10
N TYR I 194 -9.91 16.86 -22.40
CA TYR I 194 -9.42 15.49 -22.37
C TYR I 194 -9.85 14.74 -21.11
N LYS I 195 -10.27 15.50 -20.10
CA LYS I 195 -10.62 14.91 -18.81
C LYS I 195 -11.72 13.85 -18.92
N GLU I 196 -12.68 14.08 -19.82
CA GLU I 196 -13.79 13.16 -20.05
C GLU I 196 -13.29 11.80 -20.55
N GLU I 197 -12.14 11.80 -21.22
CA GLU I 197 -11.60 10.57 -21.82
C GLU I 197 -11.04 9.59 -20.80
N VAL I 198 -10.72 10.07 -19.61
CA VAL I 198 -10.04 9.19 -18.64
C VAL I 198 -10.90 8.02 -18.22
N GLU I 199 -12.10 8.30 -17.70
CA GLU I 199 -12.94 7.19 -17.26
C GLU I 199 -13.52 6.39 -18.41
N LYS I 200 -13.66 7.00 -19.59
CA LYS I 200 -14.03 6.23 -20.77
C LYS I 200 -12.93 5.24 -21.09
N ALA I 201 -11.68 5.68 -20.99
CA ALA I 201 -10.52 4.82 -21.24
C ALA I 201 -10.49 3.65 -20.27
N ARG I 202 -10.78 3.95 -19.01
CA ARG I 202 -10.77 2.92 -17.99
C ARG I 202 -11.86 1.86 -18.25
N VAL I 203 -13.03 2.32 -18.68
CA VAL I 203 -14.13 1.41 -19.02
C VAL I 203 -13.76 0.58 -20.23
N TYR I 204 -13.30 1.25 -21.28
CA TYR I 204 -12.84 0.56 -22.48
C TYR I 204 -11.69 -0.41 -22.18
N TYR I 205 -10.77 0.01 -21.32
CA TYR I 205 -9.68 -0.89 -20.95
C TYR I 205 -10.24 -2.15 -20.32
N PHE I 206 -11.16 -2.01 -19.38
CA PHE I 206 -11.62 -3.21 -18.70
C PHE I 206 -12.45 -4.12 -19.60
N GLY I 207 -13.27 -3.52 -20.45
CA GLY I 207 -14.05 -4.30 -21.39
C GLY I 207 -13.10 -5.16 -22.21
N THR I 208 -12.02 -4.54 -22.67
CA THR I 208 -11.04 -5.25 -23.48
C THR I 208 -10.29 -6.30 -22.66
N TYR I 209 -9.89 -5.94 -21.45
CA TYR I 209 -9.15 -6.85 -20.61
C TYR I 209 -10.01 -8.03 -20.15
N TYR I 210 -11.29 -7.76 -19.92
CA TYR I 210 -12.24 -8.82 -19.56
C TYR I 210 -12.36 -9.85 -20.69
N ALA I 211 -12.58 -9.36 -21.91
CA ALA I 211 -12.61 -10.20 -23.11
C ALA I 211 -11.34 -11.02 -23.18
N SER I 212 -10.23 -10.33 -22.95
CA SER I 212 -8.90 -10.96 -22.96
C SER I 212 -8.78 -12.10 -21.96
N GLN I 213 -9.33 -11.90 -20.75
CA GLN I 213 -9.27 -12.91 -19.69
C GLN I 213 -10.04 -14.16 -20.09
N LEU I 214 -11.19 -13.96 -20.72
CA LEU I 214 -12.03 -15.06 -21.18
C LEU I 214 -11.34 -15.87 -22.30
N ILE I 215 -10.71 -15.16 -23.22
CA ILE I 215 -10.02 -15.82 -24.32
C ILE I 215 -8.81 -16.61 -23.80
N ALA I 216 -7.97 -15.96 -23.00
CA ALA I 216 -6.75 -16.63 -22.51
C ALA I 216 -7.02 -17.81 -21.59
N ALA I 217 -8.18 -17.81 -20.92
CA ALA I 217 -8.58 -18.93 -20.08
C ALA I 217 -8.69 -20.18 -20.94
N PRO I 218 -7.97 -21.25 -20.57
CA PRO I 218 -8.00 -22.47 -21.38
C PRO I 218 -9.37 -23.13 -21.40
N SER I 219 -9.54 -24.06 -22.32
CA SER I 219 -10.85 -24.63 -22.56
C SER I 219 -11.32 -25.54 -21.42
N ASN I 220 -10.40 -25.96 -20.56
CA ASN I 220 -10.84 -26.71 -19.39
C ASN I 220 -11.51 -25.78 -18.36
N TYR I 221 -11.02 -24.54 -18.28
CA TYR I 221 -11.64 -23.53 -17.41
C TYR I 221 -12.84 -22.88 -18.08
N CYS I 222 -12.68 -22.56 -19.35
CA CYS I 222 -13.67 -21.80 -20.09
C CYS I 222 -14.35 -22.70 -21.09
N ASN I 223 -15.53 -23.18 -20.70
CA ASN I 223 -16.26 -24.15 -21.50
C ASN I 223 -17.68 -23.61 -21.63
N PRO I 224 -18.56 -24.28 -22.42
CA PRO I 224 -19.85 -23.63 -22.66
C PRO I 224 -20.65 -23.34 -21.40
N VAL I 225 -20.52 -24.17 -20.37
CA VAL I 225 -21.27 -23.94 -19.15
C VAL I 225 -20.66 -22.81 -18.31
N SER I 226 -19.34 -22.85 -18.11
CA SER I 226 -18.69 -21.83 -17.29
C SER I 226 -18.70 -20.43 -17.96
N LEU I 227 -18.67 -20.41 -19.29
CA LEU I 227 -18.66 -19.13 -20.01
C LEU I 227 -20.03 -18.48 -19.90
N SER I 228 -21.07 -19.28 -20.08
CA SER I 228 -22.43 -18.73 -19.95
C SER I 228 -22.72 -18.35 -18.49
N ASN I 229 -22.16 -19.12 -17.55
CA ASN I 229 -22.25 -18.73 -16.15
C ASN I 229 -21.60 -17.37 -15.90
N ALA I 230 -20.49 -17.11 -16.59
CA ALA I 230 -19.79 -15.85 -16.41
C ALA I 230 -20.60 -14.69 -16.96
N ALA I 231 -21.21 -14.91 -18.13
CA ALA I 231 -22.07 -13.91 -18.76
C ALA I 231 -23.22 -13.50 -17.86
N VAL I 232 -23.83 -14.48 -17.18
CA VAL I 232 -24.91 -14.19 -16.23
C VAL I 232 -24.40 -13.33 -15.08
N GLU I 233 -23.25 -13.72 -14.55
CA GLU I 233 -22.65 -12.99 -13.44
C GLU I 233 -22.36 -11.55 -13.83
N LEU I 234 -21.84 -11.37 -15.05
CA LEU I 234 -21.60 -10.03 -15.59
C LEU I 234 -22.90 -9.25 -15.68
N ALA I 235 -23.94 -9.91 -16.21
CA ALA I 235 -25.24 -9.28 -16.40
C ALA I 235 -25.82 -8.81 -15.07
N GLN I 236 -25.71 -9.67 -14.05
CA GLN I 236 -26.16 -9.36 -12.70
C GLN I 236 -25.46 -8.14 -12.12
N LYS I 237 -24.16 -8.01 -12.36
CA LYS I 237 -23.41 -6.86 -11.87
C LYS I 237 -23.80 -5.55 -12.57
N LEU I 238 -24.22 -5.66 -13.83
CA LEU I 238 -24.54 -4.48 -14.63
C LEU I 238 -26.03 -4.21 -14.71
N ASN I 239 -26.82 -5.08 -14.07
CA ASN I 239 -28.27 -4.95 -14.15
C ASN I 239 -28.81 -5.08 -15.58
N LEU I 240 -28.25 -6.01 -16.34
CA LEU I 240 -28.77 -6.30 -17.67
C LEU I 240 -29.74 -7.47 -17.56
N GLU I 241 -30.81 -7.44 -18.34
CA GLU I 241 -31.67 -8.62 -18.42
C GLU I 241 -30.85 -9.69 -19.10
N TYR I 242 -31.07 -10.95 -18.73
CA TYR I 242 -30.28 -12.03 -19.30
C TYR I 242 -31.13 -13.26 -19.41
N LYS I 243 -30.83 -14.07 -20.41
CA LYS I 243 -31.48 -15.35 -20.59
C LYS I 243 -30.42 -16.31 -21.11
N ILE I 244 -30.32 -17.49 -20.52
CA ILE I 244 -29.46 -18.53 -21.09
C ILE I 244 -30.33 -19.67 -21.59
N LEU I 245 -30.26 -19.92 -22.88
CA LEU I 245 -31.05 -20.99 -23.47
C LEU I 245 -30.28 -22.29 -23.37
N GLY I 246 -30.92 -23.30 -22.79
CA GLY I 246 -30.34 -24.63 -22.71
C GLY I 246 -30.83 -25.53 -23.83
N VAL I 247 -30.32 -26.75 -23.84
CA VAL I 247 -30.58 -27.70 -24.92
C VAL I 247 -32.07 -27.92 -25.24
N LYS I 248 -32.92 -28.11 -24.24
CA LYS I 248 -34.34 -28.36 -24.53
C LYS I 248 -34.96 -27.16 -25.22
N GLU I 249 -34.60 -25.97 -24.76
CA GLU I 249 -35.10 -24.76 -25.39
C GLU I 249 -34.54 -24.68 -26.81
N LEU I 250 -33.27 -25.05 -26.97
CA LEU I 250 -32.63 -25.00 -28.29
C LEU I 250 -33.27 -26.00 -29.26
N GLU I 251 -33.74 -27.11 -28.72
CA GLU I 251 -34.41 -28.12 -29.54
C GLU I 251 -35.75 -27.60 -30.04
N GLU I 252 -36.52 -27.01 -29.12
CA GLU I 252 -37.82 -26.41 -29.44
C GLU I 252 -37.67 -25.33 -30.50
N LEU I 253 -36.56 -24.59 -30.48
CA LEU I 253 -36.32 -23.56 -31.48
C LEU I 253 -35.73 -24.15 -32.76
N LYS I 254 -35.52 -25.47 -32.76
CA LYS I 254 -35.03 -26.19 -33.93
C LYS I 254 -33.68 -25.69 -34.48
N MET I 255 -32.80 -25.27 -33.57
CA MET I 255 -31.46 -24.87 -33.96
C MET I 255 -30.57 -26.07 -34.24
N GLY I 256 -30.83 -26.78 -35.34
CA GLY I 256 -30.12 -28.01 -35.62
C GLY I 256 -28.68 -27.85 -36.09
N ALA I 257 -28.35 -26.67 -36.61
CA ALA I 257 -26.99 -26.43 -37.08
C ALA I 257 -26.09 -26.25 -35.87
N TYR I 258 -26.49 -25.34 -34.98
CA TYR I 258 -25.80 -25.09 -33.72
C TYR I 258 -25.72 -26.33 -32.83
N LEU I 259 -26.84 -27.05 -32.67
CA LEU I 259 -26.82 -28.22 -31.78
C LEU I 259 -25.91 -29.33 -32.32
N SER I 260 -25.87 -29.48 -33.63
CA SER I 260 -25.07 -30.53 -34.25
C SER I 260 -23.59 -30.35 -33.92
N VAL I 261 -23.12 -29.11 -33.94
CA VAL I 261 -21.71 -28.83 -33.66
C VAL I 261 -21.32 -29.28 -32.24
N GLY I 262 -22.22 -29.08 -31.28
CA GLY I 262 -21.94 -29.41 -29.89
C GLY I 262 -22.22 -30.84 -29.47
N LYS I 263 -22.78 -31.65 -30.37
CA LYS I 263 -23.15 -33.03 -30.04
C LYS I 263 -22.01 -33.85 -29.43
N GLY I 264 -20.79 -33.64 -29.91
CA GLY I 264 -19.66 -34.43 -29.43
C GLY I 264 -19.02 -33.96 -28.13
N SER I 265 -19.60 -32.92 -27.52
CA SER I 265 -19.01 -32.31 -26.32
C SER I 265 -19.62 -32.85 -25.04
N MET I 266 -18.80 -32.93 -23.99
CA MET I 266 -19.31 -33.29 -22.66
C MET I 266 -20.03 -32.10 -22.02
N TYR I 267 -19.91 -30.92 -22.62
CA TYR I 267 -20.60 -29.74 -22.10
C TYR I 267 -21.85 -29.44 -22.93
N PRO I 268 -23.02 -29.28 -22.27
CA PRO I 268 -24.25 -28.96 -23.02
C PRO I 268 -24.13 -27.58 -23.66
N ASN I 269 -24.69 -27.41 -24.86
CA ASN I 269 -24.73 -26.09 -25.50
C ASN I 269 -25.42 -25.10 -24.59
N LYS I 270 -24.91 -23.87 -24.55
CA LYS I 270 -25.56 -22.79 -23.84
C LYS I 270 -25.62 -21.57 -24.75
N PHE I 271 -26.81 -21.05 -24.97
CA PHE I 271 -26.97 -19.86 -25.82
C PHE I 271 -27.16 -18.63 -24.92
N ILE I 272 -26.21 -17.70 -24.98
CA ILE I 272 -26.25 -16.49 -24.17
C ILE I 272 -27.07 -15.39 -24.85
N HIS I 273 -27.98 -14.76 -24.10
CA HIS I 273 -28.76 -13.62 -24.58
C HIS I 273 -28.86 -12.58 -23.46
N LEU I 274 -28.02 -11.56 -23.54
CA LEU I 274 -28.09 -10.42 -22.63
C LEU I 274 -28.75 -9.25 -23.34
N THR I 275 -29.44 -8.39 -22.61
CA THR I 275 -30.03 -7.21 -23.25
C THR I 275 -29.82 -5.93 -22.47
N TYR I 276 -29.34 -4.89 -23.13
CA TYR I 276 -29.34 -3.56 -22.54
C TYR I 276 -30.45 -2.75 -23.21
N LYS I 277 -31.21 -2.03 -22.40
CA LYS I 277 -32.26 -1.18 -22.96
C LYS I 277 -32.25 0.18 -22.28
N SER I 278 -32.08 1.24 -23.08
CA SER I 278 -32.13 2.61 -22.58
C SER I 278 -33.49 2.89 -21.93
N LYS I 279 -33.49 3.78 -20.94
CA LYS I 279 -34.69 4.09 -20.19
C LYS I 279 -35.66 4.96 -20.99
N GLY I 280 -35.18 5.60 -22.05
CA GLY I 280 -36.02 6.50 -22.82
C GLY I 280 -36.68 5.85 -24.03
N ASP I 281 -36.97 6.66 -25.04
CA ASP I 281 -37.46 6.13 -26.30
C ASP I 281 -36.35 5.34 -26.98
N VAL I 282 -36.68 4.20 -27.57
CA VAL I 282 -35.72 3.37 -28.27
C VAL I 282 -35.76 3.69 -29.76
N LYS I 283 -34.65 4.20 -30.29
CA LYS I 283 -34.61 4.60 -31.70
C LYS I 283 -33.87 3.58 -32.58
N LYS I 284 -32.95 2.84 -31.97
CA LYS I 284 -32.23 1.79 -32.70
C LYS I 284 -32.23 0.50 -31.87
N LYS I 285 -32.51 -0.63 -32.52
CA LYS I 285 -32.35 -1.94 -31.91
C LYS I 285 -31.24 -2.66 -32.65
N ILE I 286 -30.29 -3.21 -31.89
CA ILE I 286 -29.09 -3.83 -32.46
C ILE I 286 -28.86 -5.21 -31.85
N ALA I 287 -28.51 -6.20 -32.67
CA ALA I 287 -28.05 -7.49 -32.15
C ALA I 287 -26.57 -7.67 -32.50
N LEU I 288 -25.75 -7.89 -31.47
CA LEU I 288 -24.35 -8.23 -31.64
C LEU I 288 -24.21 -9.72 -31.39
N VAL I 289 -23.68 -10.45 -32.37
CA VAL I 289 -23.57 -11.91 -32.28
C VAL I 289 -22.09 -12.30 -32.29
N GLY I 290 -21.64 -13.04 -31.28
CA GLY I 290 -20.23 -13.43 -31.24
C GLY I 290 -20.04 -14.93 -31.38
N LYS I 291 -19.09 -15.35 -32.21
CA LYS I 291 -18.80 -16.77 -32.34
C LYS I 291 -18.25 -17.28 -31.01
N GLY I 292 -18.86 -18.35 -30.48
CA GLY I 292 -18.47 -18.84 -29.16
C GLY I 292 -18.09 -20.32 -29.07
N ILE I 293 -17.07 -20.70 -29.81
CA ILE I 293 -16.57 -22.08 -29.74
C ILE I 293 -15.48 -22.11 -28.70
N THR I 294 -15.71 -22.79 -27.58
CA THR I 294 -14.80 -22.67 -26.44
C THR I 294 -13.53 -23.49 -26.64
N PHE I 295 -13.64 -24.55 -27.44
CA PHE I 295 -12.48 -25.20 -28.03
C PHE I 295 -12.86 -25.74 -29.40
N ASP I 296 -12.00 -25.50 -30.39
CA ASP I 296 -12.24 -26.03 -31.71
C ASP I 296 -11.21 -27.08 -32.09
N SER I 297 -11.54 -28.36 -31.90
CA SER I 297 -10.59 -29.41 -32.24
C SER I 297 -10.58 -29.66 -33.75
N GLY I 298 -11.62 -29.15 -34.41
CA GLY I 298 -11.87 -29.47 -35.81
C GLY I 298 -12.93 -30.54 -35.96
N GLY I 299 -13.19 -31.30 -34.89
CA GLY I 299 -14.11 -32.42 -34.96
C GLY I 299 -13.47 -33.53 -35.78
N TYR I 300 -14.29 -34.36 -36.42
CA TYR I 300 -13.73 -35.45 -37.23
C TYR I 300 -12.76 -34.96 -38.31
N ASN I 301 -13.01 -33.77 -38.84
CA ASN I 301 -11.98 -33.08 -39.61
C ASN I 301 -10.97 -32.46 -38.67
N LEU I 302 -10.27 -33.32 -37.96
CA LEU I 302 -9.37 -32.91 -36.88
C LEU I 302 -8.30 -31.96 -37.37
N LYS I 303 -7.97 -30.97 -36.55
CA LYS I 303 -6.86 -30.07 -36.83
C LYS I 303 -5.51 -30.79 -36.63
N ALA I 304 -5.10 -31.55 -37.64
CA ALA I 304 -3.90 -32.35 -37.54
C ALA I 304 -2.83 -31.93 -38.55
N ALA I 305 -3.22 -31.09 -39.49
CA ALA I 305 -2.29 -30.63 -40.52
C ALA I 305 -1.27 -29.65 -39.95
N PRO I 306 -0.06 -29.60 -40.55
CA PRO I 306 0.97 -28.63 -40.20
C PRO I 306 0.40 -27.21 -40.26
N GLY I 307 0.60 -26.42 -39.22
CA GLY I 307 0.11 -25.05 -39.19
C GLY I 307 -1.35 -24.89 -38.79
N SER I 308 -1.99 -25.96 -38.36
CA SER I 308 -3.42 -25.85 -38.02
C SER I 308 -3.63 -25.25 -36.64
N MET I 309 -2.56 -25.20 -35.83
CA MET I 309 -2.54 -24.46 -34.56
C MET I 309 -3.61 -24.88 -33.54
N ILE I 310 -3.81 -26.18 -33.40
CA ILE I 310 -4.84 -26.68 -32.52
C ILE I 310 -4.63 -26.20 -31.07
N ASP I 311 -3.38 -25.88 -30.71
CA ASP I 311 -3.08 -25.45 -29.34
C ASP I 311 -3.57 -24.04 -29.03
N LEU I 312 -3.91 -23.29 -30.08
CA LEU I 312 -4.43 -21.94 -29.91
C LEU I 312 -5.97 -21.92 -29.81
N MET I 313 -6.61 -23.06 -30.05
CA MET I 313 -8.06 -23.03 -30.31
C MET I 313 -8.98 -22.76 -29.12
N LYS I 314 -8.40 -22.55 -27.95
CA LYS I 314 -9.16 -21.94 -26.85
C LYS I 314 -9.65 -20.55 -27.25
N PHE I 315 -9.03 -19.98 -28.28
CA PHE I 315 -9.32 -18.60 -28.68
C PHE I 315 -10.55 -18.47 -29.56
N ASP I 316 -11.20 -19.60 -29.83
CA ASP I 316 -12.28 -19.60 -30.81
C ASP I 316 -13.59 -19.05 -30.27
N MET I 317 -13.56 -18.51 -29.06
CA MET I 317 -14.73 -17.81 -28.50
C MET I 317 -14.42 -16.31 -28.36
N SER I 318 -13.35 -15.88 -29.05
CA SER I 318 -12.97 -14.46 -29.10
C SER I 318 -14.14 -13.55 -29.49
N GLY I 319 -15.01 -14.05 -30.37
CA GLY I 319 -16.13 -13.26 -30.81
C GLY I 319 -17.08 -13.07 -29.67
N CYS I 320 -17.39 -14.16 -28.97
CA CYS I 320 -18.26 -14.11 -27.81
C CYS I 320 -17.65 -13.18 -26.77
N ALA I 321 -16.33 -13.28 -26.57
CA ALA I 321 -15.65 -12.43 -25.58
C ALA I 321 -15.78 -10.95 -25.93
N ALA I 322 -15.59 -10.61 -27.21
CA ALA I 322 -15.70 -9.21 -27.65
C ALA I 322 -17.09 -8.68 -27.35
N VAL I 323 -18.10 -9.51 -27.62
CA VAL I 323 -19.48 -9.13 -27.37
C VAL I 323 -19.79 -8.91 -25.88
N LEU I 324 -19.28 -9.79 -25.03
CA LEU I 324 -19.45 -9.63 -23.59
C LEU I 324 -18.67 -8.42 -23.04
N GLY I 325 -17.47 -8.15 -23.56
CA GLY I 325 -16.75 -6.96 -23.17
C GLY I 325 -17.53 -5.72 -23.58
N CYS I 326 -18.18 -5.79 -24.74
CA CYS I 326 -19.01 -4.67 -25.18
C CYS I 326 -20.19 -4.50 -24.23
N ALA I 327 -20.75 -5.61 -23.77
CA ALA I 327 -21.85 -5.54 -22.82
C ALA I 327 -21.36 -4.86 -21.54
N TYR I 328 -20.12 -5.15 -21.12
CA TYR I 328 -19.58 -4.44 -19.95
C TYR I 328 -19.54 -2.93 -20.20
N CYS I 329 -18.95 -2.53 -21.30
CA CYS I 329 -18.83 -1.10 -21.62
C CYS I 329 -20.19 -0.40 -21.73
N VAL I 330 -21.09 -0.98 -22.51
CA VAL I 330 -22.40 -0.38 -22.76
C VAL I 330 -23.21 -0.33 -21.47
N GLY I 331 -23.18 -1.44 -20.74
CA GLY I 331 -23.87 -1.53 -19.47
C GLY I 331 -23.35 -0.55 -18.45
N THR I 332 -22.09 -0.17 -18.58
CA THR I 332 -21.44 0.80 -17.70
C THR I 332 -21.71 2.24 -18.15
N LEU I 333 -21.57 2.50 -19.46
CA LEU I 333 -21.67 3.87 -19.98
C LEU I 333 -23.11 4.33 -20.23
N LYS I 334 -24.03 3.38 -20.32
CA LYS I 334 -25.48 3.64 -20.42
C LYS I 334 -25.89 4.66 -21.49
N PRO I 335 -25.70 4.30 -22.77
CA PRO I 335 -26.16 5.19 -23.84
C PRO I 335 -27.68 5.28 -23.89
N GLU I 336 -28.21 6.41 -24.35
CA GLU I 336 -29.66 6.58 -24.50
C GLU I 336 -30.11 6.08 -25.87
N ASN I 337 -31.42 5.92 -26.04
CA ASN I 337 -32.05 5.74 -27.34
C ASN I 337 -31.78 4.40 -28.02
N VAL I 338 -31.32 3.42 -27.25
CA VAL I 338 -30.85 2.18 -27.84
C VAL I 338 -31.30 0.93 -27.08
N GLU I 339 -31.50 -0.15 -27.83
CA GLU I 339 -31.70 -1.48 -27.25
C GLU I 339 -30.70 -2.43 -27.89
N ILE I 340 -29.88 -3.09 -27.08
CA ILE I 340 -28.78 -3.91 -27.59
C ILE I 340 -28.94 -5.32 -27.10
N HIS I 341 -28.89 -6.28 -28.02
CA HIS I 341 -28.94 -7.69 -27.68
C HIS I 341 -27.56 -8.27 -27.90
N PHE I 342 -27.02 -8.93 -26.87
CA PHE I 342 -25.70 -9.52 -26.91
C PHE I 342 -25.86 -11.02 -26.94
N LEU I 343 -25.57 -11.62 -28.10
CA LEU I 343 -25.89 -13.02 -28.34
C LEU I 343 -24.65 -13.87 -28.62
N SER I 344 -24.67 -15.11 -28.14
CA SER I 344 -23.65 -16.08 -28.53
C SER I 344 -24.18 -17.51 -28.41
N ALA I 345 -24.07 -18.25 -29.49
CA ALA I 345 -24.37 -19.68 -29.48
C ALA I 345 -23.11 -20.42 -29.01
N VAL I 346 -23.00 -20.66 -27.70
CA VAL I 346 -21.77 -21.22 -27.14
C VAL I 346 -21.80 -22.75 -27.12
N CYS I 347 -20.69 -23.36 -27.54
CA CYS I 347 -20.54 -24.79 -27.62
C CYS I 347 -19.08 -25.16 -27.82
N GLU I 348 -18.77 -26.45 -27.79
CA GLU I 348 -17.42 -26.95 -27.97
C GLU I 348 -17.43 -27.95 -29.13
N ASN I 349 -16.42 -27.89 -30.01
CA ASN I 349 -16.34 -28.78 -31.19
C ASN I 349 -15.33 -29.93 -31.00
N MET I 350 -15.84 -31.13 -30.72
CA MET I 350 -15.00 -32.24 -30.21
C MET I 350 -15.16 -33.55 -30.97
N VAL I 351 -14.27 -34.50 -30.65
CA VAL I 351 -14.26 -35.82 -31.28
C VAL I 351 -14.78 -36.88 -30.32
N SER I 352 -15.82 -37.58 -30.75
CA SER I 352 -16.57 -38.44 -29.84
C SER I 352 -17.34 -39.46 -30.65
N LYS I 353 -17.88 -40.46 -29.96
CA LYS I 353 -18.85 -41.34 -30.58
C LYS I 353 -20.09 -40.50 -30.92
N ASN I 354 -20.32 -39.41 -30.18
CA ASN I 354 -21.54 -38.63 -30.36
C ASN I 354 -21.43 -37.47 -31.35
N SER I 355 -20.24 -37.21 -31.88
CA SER I 355 -20.03 -36.02 -32.74
C SER I 355 -20.81 -36.08 -34.06
N TYR I 356 -21.09 -34.92 -34.64
CA TYR I 356 -21.54 -34.91 -36.04
C TYR I 356 -20.40 -35.30 -36.98
N ARG I 357 -20.77 -35.76 -38.18
CA ARG I 357 -19.82 -36.33 -39.15
C ARG I 357 -19.75 -35.49 -40.40
N PRO I 358 -18.58 -35.50 -41.07
CA PRO I 358 -18.49 -34.98 -42.44
C PRO I 358 -19.56 -35.66 -43.27
N GLY I 359 -20.33 -34.88 -44.01
CA GLY I 359 -21.36 -35.45 -44.84
C GLY I 359 -22.74 -35.46 -44.22
N ASP I 360 -22.85 -35.25 -42.91
CA ASP I 360 -24.17 -35.20 -42.28
C ASP I 360 -25.00 -34.06 -42.85
N ILE I 361 -26.31 -34.29 -43.00
CA ILE I 361 -27.22 -33.22 -43.40
C ILE I 361 -28.07 -32.80 -42.20
N ILE I 362 -28.01 -31.51 -41.87
CA ILE I 362 -28.64 -31.00 -40.66
C ILE I 362 -29.58 -29.86 -41.03
N THR I 363 -30.54 -29.58 -40.16
CA THR I 363 -31.56 -28.57 -40.49
C THR I 363 -31.48 -27.35 -39.57
N ALA I 364 -31.27 -26.18 -40.16
CA ALA I 364 -31.17 -24.93 -39.40
C ALA I 364 -32.55 -24.47 -38.94
N SER I 365 -32.59 -23.51 -38.01
CA SER I 365 -33.85 -23.04 -37.44
C SER I 365 -34.75 -22.30 -38.42
N ASN I 366 -34.23 -21.91 -39.58
CA ASN I 366 -35.08 -21.33 -40.61
C ASN I 366 -35.54 -22.39 -41.61
N GLY I 367 -35.22 -23.64 -41.32
CA GLY I 367 -35.66 -24.76 -42.14
C GLY I 367 -34.76 -25.11 -43.33
N LYS I 368 -33.69 -24.34 -43.53
CA LYS I 368 -32.74 -24.72 -44.57
C LYS I 368 -31.93 -25.95 -44.16
N THR I 369 -31.84 -26.91 -45.07
CA THR I 369 -31.01 -28.09 -44.83
C THR I 369 -29.59 -27.79 -45.32
N ILE I 370 -28.61 -28.24 -44.54
CA ILE I 370 -27.20 -27.94 -44.79
C ILE I 370 -26.39 -29.24 -44.87
N GLU I 371 -25.69 -29.44 -45.96
CA GLU I 371 -24.78 -30.58 -46.06
C GLU I 371 -23.43 -30.19 -45.47
N VAL I 372 -23.04 -30.88 -44.39
CA VAL I 372 -21.76 -30.61 -43.73
C VAL I 372 -20.62 -31.19 -44.56
N GLY I 373 -19.79 -30.33 -45.15
CA GLY I 373 -18.67 -30.83 -45.94
C GLY I 373 -17.40 -30.94 -45.13
N ASN I 374 -17.35 -30.24 -43.99
CA ASN I 374 -16.16 -30.27 -43.14
C ASN I 374 -16.52 -29.82 -41.73
N THR I 375 -16.33 -30.71 -40.75
CA THR I 375 -16.76 -30.41 -39.37
C THR I 375 -15.95 -29.28 -38.73
N ASP I 376 -14.86 -28.88 -39.39
CA ASP I 376 -14.01 -27.81 -38.90
C ASP I 376 -14.47 -26.45 -39.44
N ALA I 377 -15.51 -26.44 -40.28
CA ALA I 377 -16.19 -25.19 -40.61
C ALA I 377 -17.42 -25.07 -39.74
N GLU I 378 -17.20 -25.23 -38.43
CA GLU I 378 -18.30 -25.32 -37.47
C GLU I 378 -18.83 -23.95 -37.07
N GLY I 379 -17.97 -22.93 -37.13
CA GLY I 379 -18.35 -21.62 -36.66
C GLY I 379 -19.56 -21.07 -37.41
N ARG I 380 -19.55 -21.18 -38.73
CA ARG I 380 -20.63 -20.64 -39.55
C ARG I 380 -21.97 -21.38 -39.33
N LEU I 381 -21.89 -22.65 -38.93
CA LEU I 381 -23.10 -23.39 -38.57
C LEU I 381 -23.72 -22.82 -37.30
N THR I 382 -22.89 -22.58 -36.28
CA THR I 382 -23.42 -22.04 -35.04
C THR I 382 -23.93 -20.63 -35.27
N LEU I 383 -23.19 -19.84 -36.05
CA LEU I 383 -23.61 -18.47 -36.36
C LEU I 383 -24.91 -18.42 -37.15
N ALA I 384 -25.12 -19.42 -38.01
CA ALA I 384 -26.33 -19.49 -38.82
C ALA I 384 -27.59 -19.45 -37.95
N ASP I 385 -27.60 -20.26 -36.90
CA ASP I 385 -28.75 -20.30 -36.01
C ASP I 385 -28.83 -19.05 -35.14
N ALA I 386 -27.67 -18.52 -34.74
CA ALA I 386 -27.64 -17.27 -33.99
C ALA I 386 -28.22 -16.10 -34.81
N LEU I 387 -27.96 -16.12 -36.13
CA LEU I 387 -28.43 -15.04 -36.99
C LEU I 387 -29.94 -15.13 -37.21
N VAL I 388 -30.44 -16.35 -37.33
CA VAL I 388 -31.88 -16.57 -37.39
C VAL I 388 -32.56 -16.05 -36.12
N TYR I 389 -31.99 -16.39 -34.97
CA TYR I 389 -32.49 -15.94 -33.67
C TYR I 389 -32.44 -14.41 -33.61
N ALA I 390 -31.31 -13.84 -34.03
CA ALA I 390 -31.16 -12.38 -34.01
C ALA I 390 -32.23 -11.70 -34.84
N GLU I 391 -32.40 -12.19 -36.07
CA GLU I 391 -33.36 -11.54 -36.96
C GLU I 391 -34.80 -11.61 -36.41
N LYS I 392 -35.10 -12.70 -35.72
CA LYS I 392 -36.43 -12.88 -35.11
C LYS I 392 -36.70 -11.83 -34.04
N LEU I 393 -35.64 -11.20 -33.55
CA LEU I 393 -35.79 -10.19 -32.49
C LEU I 393 -36.34 -8.88 -33.03
N GLY I 394 -36.30 -8.71 -34.35
CA GLY I 394 -36.83 -7.51 -34.98
C GLY I 394 -35.91 -6.31 -34.79
N VAL I 395 -34.62 -6.49 -35.08
CA VAL I 395 -33.65 -5.42 -34.90
C VAL I 395 -33.41 -4.63 -36.18
N ASP I 396 -32.76 -3.48 -36.05
CA ASP I 396 -32.38 -2.66 -37.19
C ASP I 396 -31.06 -3.11 -37.81
N TYR I 397 -30.17 -3.60 -36.96
CA TYR I 397 -28.84 -4.06 -37.38
C TYR I 397 -28.46 -5.36 -36.67
N ILE I 398 -27.83 -6.26 -37.41
CA ILE I 398 -27.19 -7.43 -36.83
C ILE I 398 -25.72 -7.34 -37.22
N VAL I 399 -24.84 -7.32 -36.23
CA VAL I 399 -23.40 -7.33 -36.48
C VAL I 399 -22.86 -8.57 -35.78
N ASP I 400 -22.20 -9.46 -36.53
CA ASP I 400 -21.52 -10.59 -35.89
C ASP I 400 -20.02 -10.40 -35.94
N ILE I 401 -19.32 -11.00 -34.98
CA ILE I 401 -17.87 -10.89 -34.93
C ILE I 401 -17.37 -12.29 -34.61
N ALA I 402 -16.39 -12.77 -35.36
CA ALA I 402 -16.01 -14.17 -35.27
C ALA I 402 -14.59 -14.44 -35.73
N THR I 403 -13.90 -15.35 -35.05
CA THR I 403 -12.61 -15.84 -35.55
C THR I 403 -12.92 -16.97 -36.52
N LEU I 404 -13.31 -16.61 -37.74
CA LEU I 404 -14.02 -17.54 -38.62
C LEU I 404 -13.16 -18.30 -39.61
N THR I 405 -12.20 -17.60 -40.23
CA THR I 405 -11.37 -18.22 -41.26
C THR I 405 -9.88 -17.89 -41.13
N GLY I 406 -9.04 -18.92 -41.07
CA GLY I 406 -7.60 -18.76 -41.09
C GLY I 406 -7.12 -18.03 -42.34
N ALA I 407 -7.96 -18.00 -43.38
CA ALA I 407 -7.63 -17.29 -44.61
C ALA I 407 -7.42 -15.79 -44.42
N MET I 408 -7.92 -15.25 -43.30
CA MET I 408 -7.73 -13.83 -42.99
C MET I 408 -6.24 -13.50 -42.86
N LEU I 409 -5.46 -14.47 -42.41
CA LEU I 409 -4.02 -14.29 -42.30
C LEU I 409 -3.35 -14.01 -43.65
N TYR I 410 -4.00 -14.45 -44.73
CA TYR I 410 -3.45 -14.28 -46.07
C TYR I 410 -4.05 -13.10 -46.82
N SER I 411 -5.15 -12.55 -46.32
CA SER I 411 -5.74 -11.39 -46.95
C SER I 411 -5.31 -10.08 -46.29
N LEU I 412 -5.48 -9.98 -44.97
CA LEU I 412 -5.18 -8.73 -44.27
C LEU I 412 -4.12 -8.92 -43.20
N GLY I 413 -3.87 -10.17 -42.83
CA GLY I 413 -2.84 -10.46 -41.85
C GLY I 413 -3.29 -10.27 -40.41
N THR I 414 -2.35 -9.84 -39.57
CA THR I 414 -2.55 -9.81 -38.13
C THR I 414 -2.99 -8.46 -37.56
N SER I 415 -3.01 -7.43 -38.40
CA SER I 415 -3.34 -6.07 -37.93
C SER I 415 -4.78 -5.62 -38.16
N TYR I 416 -5.30 -5.91 -39.36
CA TYR I 416 -6.62 -5.44 -39.78
C TYR I 416 -7.59 -6.60 -39.82
N ALA I 417 -8.76 -6.42 -39.21
CA ALA I 417 -9.85 -7.38 -39.34
C ALA I 417 -10.59 -7.06 -40.63
N GLY I 418 -11.36 -8.00 -41.13
CA GLY I 418 -12.15 -7.75 -42.33
C GLY I 418 -13.61 -7.60 -41.98
N VAL I 419 -14.30 -6.68 -42.62
CA VAL I 419 -15.76 -6.61 -42.49
C VAL I 419 -16.40 -6.91 -43.83
N PHE I 420 -17.46 -7.72 -43.80
CA PHE I 420 -18.29 -8.00 -44.97
C PHE I 420 -19.71 -7.63 -44.58
N GLY I 421 -20.62 -7.51 -45.54
CA GLY I 421 -22.00 -7.21 -45.17
C GLY I 421 -22.94 -7.10 -46.34
N ASN I 422 -24.24 -7.01 -46.06
CA ASN I 422 -25.24 -6.89 -47.12
C ASN I 422 -25.76 -5.46 -47.26
N ASN I 423 -25.13 -4.52 -46.54
CA ASN I 423 -25.66 -3.15 -46.44
C ASN I 423 -24.55 -2.12 -46.31
N GLU I 424 -24.51 -1.19 -47.25
CA GLU I 424 -23.41 -0.23 -47.35
C GLU I 424 -23.36 0.75 -46.19
N GLU I 425 -24.52 1.25 -45.79
CA GLU I 425 -24.62 2.16 -44.66
C GLU I 425 -24.08 1.52 -43.40
N LEU I 426 -24.50 0.29 -43.12
CA LEU I 426 -24.02 -0.43 -41.94
C LEU I 426 -22.51 -0.62 -41.99
N ILE I 427 -21.98 -1.05 -43.14
CA ILE I 427 -20.54 -1.25 -43.30
C ILE I 427 -19.79 0.07 -43.04
N ASN I 428 -20.29 1.16 -43.61
CA ASN I 428 -19.68 2.47 -43.38
C ASN I 428 -19.68 2.87 -41.90
N LYS I 429 -20.72 2.50 -41.17
CA LYS I 429 -20.77 2.79 -39.75
C LYS I 429 -19.73 2.00 -38.99
N ILE I 430 -19.56 0.74 -39.39
CA ILE I 430 -18.52 -0.11 -38.79
C ILE I 430 -17.14 0.50 -39.05
N LEU I 431 -16.92 0.96 -40.28
CA LEU I 431 -15.65 1.57 -40.65
C LEU I 431 -15.39 2.87 -39.88
N GLN I 432 -16.45 3.66 -39.68
CA GLN I 432 -16.34 4.86 -38.86
C GLN I 432 -15.97 4.48 -37.43
N SER I 433 -16.61 3.45 -36.90
CA SER I 433 -16.29 2.99 -35.56
C SER I 433 -14.87 2.47 -35.46
N SER I 434 -14.38 1.86 -36.54
CA SER I 434 -12.99 1.41 -36.60
C SER I 434 -12.06 2.58 -36.43
N LYS I 435 -12.40 3.69 -37.09
CA LYS I 435 -11.60 4.89 -37.02
C LYS I 435 -11.57 5.50 -35.61
N THR I 436 -12.71 5.57 -34.95
CA THR I 436 -12.74 6.23 -33.64
C THR I 436 -12.28 5.29 -32.52
N SER I 437 -12.44 3.99 -32.72
CA SER I 437 -11.98 3.02 -31.73
C SER I 437 -10.50 2.70 -31.91
N ASN I 438 -9.95 3.09 -33.06
CA ASN I 438 -8.59 2.76 -33.45
C ASN I 438 -8.31 1.27 -33.49
N GLU I 439 -9.36 0.47 -33.71
CA GLU I 439 -9.22 -0.93 -34.02
C GLU I 439 -9.46 -1.08 -35.52
N PRO I 440 -8.38 -1.26 -36.30
CA PRO I 440 -8.38 -1.24 -37.77
C PRO I 440 -9.16 -2.39 -38.43
N VAL I 441 -10.00 -2.00 -39.38
CA VAL I 441 -10.86 -2.92 -40.12
C VAL I 441 -10.83 -2.54 -41.60
N TRP I 442 -10.84 -3.53 -42.49
CA TRP I 442 -10.89 -3.26 -43.92
C TRP I 442 -12.12 -3.92 -44.57
N TRP I 443 -12.81 -3.19 -45.45
CA TRP I 443 -13.97 -3.74 -46.16
C TRP I 443 -13.57 -4.71 -47.28
N LEU I 444 -14.11 -5.92 -47.21
CA LEU I 444 -13.86 -6.98 -48.19
C LEU I 444 -15.18 -7.41 -48.82
N PRO I 445 -15.15 -7.86 -50.08
CA PRO I 445 -16.38 -8.09 -50.83
C PRO I 445 -17.05 -9.43 -50.57
N ILE I 446 -18.37 -9.46 -50.56
CA ILE I 446 -19.09 -10.71 -50.67
C ILE I 446 -19.35 -10.96 -52.14
N ILE I 447 -18.57 -11.87 -52.73
CA ILE I 447 -18.60 -12.08 -54.17
C ILE I 447 -19.65 -13.10 -54.59
N ASN I 448 -20.71 -12.63 -55.24
CA ASN I 448 -21.88 -13.46 -55.52
C ASN I 448 -21.61 -14.57 -56.52
N GLU I 449 -20.63 -14.36 -57.40
CA GLU I 449 -20.24 -15.38 -58.36
C GLU I 449 -19.87 -16.72 -57.70
N TYR I 450 -19.38 -16.67 -56.46
CA TYR I 450 -18.96 -17.89 -55.76
C TYR I 450 -20.14 -18.62 -55.12
N ARG I 451 -21.30 -17.99 -55.10
CA ARG I 451 -22.47 -18.58 -54.46
C ARG I 451 -22.84 -19.96 -55.02
N ALA I 452 -22.71 -20.15 -56.33
CA ALA I 452 -23.12 -21.42 -56.93
C ALA I 452 -22.29 -22.60 -56.43
N THR I 453 -21.10 -22.31 -55.89
CA THR I 453 -20.25 -23.37 -55.35
C THR I 453 -20.72 -23.90 -53.99
N LEU I 454 -21.74 -23.27 -53.41
CA LEU I 454 -22.40 -23.78 -52.20
C LEU I 454 -23.69 -24.55 -52.54
N ASN I 455 -23.92 -24.80 -53.82
CA ASN I 455 -25.07 -25.58 -54.21
C ASN I 455 -24.84 -27.05 -53.88
N SER I 456 -25.75 -27.62 -53.10
CA SER I 456 -25.62 -29.02 -52.68
C SER I 456 -26.46 -29.93 -53.57
N LYS I 457 -25.98 -31.14 -53.82
CA LYS I 457 -26.74 -32.08 -54.64
C LYS I 457 -27.99 -32.57 -53.92
N TYR I 458 -27.94 -32.65 -52.60
CA TYR I 458 -28.99 -33.28 -51.81
C TYR I 458 -29.67 -32.30 -50.85
N ALA I 459 -28.87 -31.48 -50.17
CA ALA I 459 -29.39 -30.51 -49.20
C ALA I 459 -29.68 -29.19 -49.90
N ASP I 460 -30.30 -28.25 -49.18
CA ASP I 460 -30.56 -26.93 -49.73
C ASP I 460 -29.25 -26.19 -50.04
N ILE I 461 -28.24 -26.38 -49.20
CA ILE I 461 -27.00 -25.64 -49.39
C ILE I 461 -25.83 -26.43 -48.80
N ASN I 462 -24.63 -26.20 -49.34
CA ASN I 462 -23.40 -26.72 -48.78
C ASN I 462 -22.85 -25.74 -47.74
N GLN I 463 -22.25 -26.29 -46.69
CA GLN I 463 -21.56 -25.53 -45.67
C GLN I 463 -20.25 -24.93 -46.23
N ILE I 464 -19.55 -25.68 -47.07
CA ILE I 464 -18.28 -25.21 -47.64
C ILE I 464 -18.26 -25.33 -49.15
N SER I 465 -17.33 -24.60 -49.76
CA SER I 465 -17.15 -24.61 -51.20
C SER I 465 -16.30 -25.81 -51.59
N SER I 466 -16.54 -26.33 -52.79
CA SER I 466 -15.72 -27.40 -53.35
C SER I 466 -14.51 -26.80 -54.06
N SER I 467 -14.77 -25.80 -54.88
CA SER I 467 -13.78 -25.26 -55.82
C SER I 467 -13.09 -23.96 -55.37
N VAL I 468 -13.76 -23.18 -54.52
CA VAL I 468 -13.26 -21.84 -54.19
C VAL I 468 -12.42 -21.80 -52.90
N LYS I 469 -11.21 -21.26 -53.00
CA LYS I 469 -10.28 -21.18 -51.87
C LYS I 469 -10.37 -19.89 -51.06
N ALA I 470 -11.14 -18.92 -51.56
CA ALA I 470 -11.37 -17.67 -50.83
C ALA I 470 -12.37 -17.89 -49.70
N SER I 471 -11.92 -18.59 -48.65
CA SER I 471 -12.84 -19.11 -47.65
C SER I 471 -13.51 -18.04 -46.78
N SER I 472 -12.85 -16.90 -46.59
CA SER I 472 -13.46 -15.80 -45.84
C SER I 472 -14.69 -15.24 -46.56
N ILE I 473 -14.62 -15.27 -47.89
CA ILE I 473 -15.73 -14.79 -48.70
C ILE I 473 -16.82 -15.84 -48.77
N VAL I 474 -16.43 -17.08 -49.04
CA VAL I 474 -17.38 -18.20 -49.05
C VAL I 474 -18.16 -18.27 -47.73
N ALA I 475 -17.45 -18.14 -46.62
CA ALA I 475 -18.09 -18.13 -45.31
C ALA I 475 -19.14 -17.03 -45.19
N SER I 476 -18.83 -15.84 -45.69
CA SER I 476 -19.76 -14.72 -45.65
C SER I 476 -21.00 -14.96 -46.50
N LEU I 477 -20.82 -15.61 -47.64
CA LEU I 477 -21.95 -15.98 -48.50
C LEU I 477 -22.87 -16.94 -47.75
N PHE I 478 -22.27 -17.86 -46.99
CA PHE I 478 -23.06 -18.84 -46.25
C PHE I 478 -23.89 -18.12 -45.20
N LEU I 479 -23.26 -17.21 -44.47
CA LEU I 479 -23.95 -16.52 -43.38
C LEU I 479 -25.08 -15.66 -43.93
N LYS I 480 -24.86 -15.10 -45.11
CA LYS I 480 -25.84 -14.20 -45.72
C LYS I 480 -27.16 -14.94 -46.00
N GLU I 481 -27.09 -16.26 -46.16
CA GLU I 481 -28.29 -17.06 -46.40
C GLU I 481 -29.18 -17.20 -45.17
N PHE I 482 -28.70 -16.73 -44.02
CA PHE I 482 -29.46 -16.81 -42.77
C PHE I 482 -29.87 -15.45 -42.22
N VAL I 483 -29.76 -14.44 -43.07
CA VAL I 483 -30.33 -13.11 -42.82
C VAL I 483 -31.20 -12.80 -44.02
N GLN I 484 -32.50 -12.63 -43.80
CA GLN I 484 -33.46 -12.53 -44.88
C GLN I 484 -33.74 -11.08 -45.33
N ASN I 485 -33.94 -10.17 -44.40
CA ASN I 485 -34.31 -8.79 -44.76
C ASN I 485 -33.89 -7.74 -43.72
N THR I 486 -32.65 -7.85 -43.25
CA THR I 486 -32.15 -6.97 -42.21
C THR I 486 -30.72 -6.57 -42.57
N ALA I 487 -30.38 -5.31 -42.33
CA ALA I 487 -29.00 -4.87 -42.54
C ALA I 487 -28.08 -5.69 -41.64
N TRP I 488 -27.09 -6.36 -42.24
CA TRP I 488 -26.18 -7.21 -41.49
C TRP I 488 -24.73 -6.99 -41.93
N ALA I 489 -23.81 -7.00 -40.96
CA ALA I 489 -22.38 -6.98 -41.25
C ALA I 489 -21.66 -8.05 -40.41
N HIS I 490 -20.53 -8.54 -40.92
CA HIS I 490 -19.80 -9.68 -40.38
C HIS I 490 -18.33 -9.31 -40.26
N ILE I 491 -17.79 -9.39 -39.05
CA ILE I 491 -16.41 -8.99 -38.82
C ILE I 491 -15.57 -10.22 -38.53
N ASP I 492 -14.64 -10.54 -39.43
CA ASP I 492 -13.80 -11.73 -39.29
C ASP I 492 -12.49 -11.37 -38.59
N ILE I 493 -12.33 -11.81 -37.35
CA ILE I 493 -11.17 -11.44 -36.54
C ILE I 493 -10.20 -12.62 -36.33
N ALA I 494 -10.28 -13.61 -37.22
CA ALA I 494 -9.43 -14.79 -37.09
C ALA I 494 -7.93 -14.46 -37.15
N GLY I 495 -7.58 -13.39 -37.86
CA GLY I 495 -6.18 -13.02 -38.02
C GLY I 495 -5.67 -12.08 -36.96
N VAL I 496 -6.56 -11.25 -36.40
CA VAL I 496 -6.15 -10.20 -35.47
C VAL I 496 -6.39 -10.50 -33.99
N SER I 497 -7.19 -11.52 -33.69
CA SER I 497 -7.57 -11.77 -32.30
C SER I 497 -6.38 -12.08 -31.40
N TRP I 498 -5.48 -12.93 -31.87
CA TRP I 498 -4.37 -13.35 -31.05
C TRP I 498 -3.11 -12.56 -31.39
N ASN I 499 -2.44 -12.06 -30.37
CA ASN I 499 -1.18 -11.34 -30.56
C ASN I 499 -0.05 -12.35 -30.45
N PHE I 500 0.42 -12.81 -31.61
CA PHE I 500 1.41 -13.88 -31.65
C PHE I 500 2.75 -13.49 -31.04
N LYS I 501 3.19 -12.26 -31.27
CA LYS I 501 4.44 -11.78 -30.67
C LYS I 501 4.39 -11.70 -29.14
N ALA I 502 3.31 -11.17 -28.60
CA ALA I 502 3.17 -11.07 -27.14
C ALA I 502 2.61 -12.35 -26.51
N ARG I 503 2.18 -13.31 -27.34
CA ARG I 503 1.62 -14.58 -26.87
C ARG I 503 0.42 -14.37 -25.95
N LYS I 504 -0.49 -13.48 -26.34
CA LYS I 504 -1.68 -13.17 -25.54
C LYS I 504 -2.79 -12.64 -26.45
N PRO I 505 -4.05 -12.69 -25.98
CA PRO I 505 -5.15 -12.13 -26.78
C PRO I 505 -5.14 -10.61 -26.81
N LYS I 506 -5.77 -10.04 -27.82
CA LYS I 506 -5.89 -8.60 -27.93
C LYS I 506 -7.16 -8.08 -27.30
N GLY I 507 -8.13 -8.95 -27.09
CA GLY I 507 -9.46 -8.48 -26.74
C GLY I 507 -10.04 -7.64 -27.88
N PHE I 508 -9.65 -7.99 -29.10
CA PHE I 508 -10.07 -7.23 -30.29
C PHE I 508 -11.59 -7.19 -30.46
N GLY I 509 -12.09 -5.99 -30.74
CA GLY I 509 -13.48 -5.81 -31.11
C GLY I 509 -14.33 -5.14 -30.05
N VAL I 510 -13.90 -5.20 -28.79
CA VAL I 510 -14.69 -4.58 -27.72
C VAL I 510 -14.90 -3.10 -27.97
N ARG I 511 -13.82 -2.38 -28.26
CA ARG I 511 -13.92 -0.93 -28.42
C ARG I 511 -14.62 -0.57 -29.74
N LEU I 512 -14.36 -1.36 -30.77
CA LEU I 512 -15.04 -1.23 -32.06
C LEU I 512 -16.55 -1.30 -31.91
N LEU I 513 -17.02 -2.37 -31.27
CA LEU I 513 -18.45 -2.59 -31.10
C LEU I 513 -19.08 -1.53 -30.19
N THR I 514 -18.34 -1.10 -29.18
CA THR I 514 -18.89 -0.10 -28.25
C THR I 514 -19.02 1.27 -28.91
N GLU I 515 -18.00 1.68 -29.64
CA GLU I 515 -18.04 2.93 -30.40
C GLU I 515 -19.19 2.87 -31.40
N PHE I 516 -19.38 1.69 -31.99
CA PHE I 516 -20.47 1.47 -32.93
C PHE I 516 -21.83 1.72 -32.28
N VAL I 517 -22.03 1.16 -31.09
CA VAL I 517 -23.27 1.39 -30.34
C VAL I 517 -23.39 2.85 -29.89
N LEU I 518 -22.30 3.43 -29.42
CA LEU I 518 -22.30 4.81 -28.95
C LEU I 518 -22.56 5.83 -30.06
N ASN I 519 -21.96 5.60 -31.23
CA ASN I 519 -22.14 6.49 -32.39
C ASN I 519 -23.58 6.58 -32.84
N ASP I 520 -24.31 5.47 -32.71
CA ASP I 520 -25.75 5.45 -33.02
C ASP I 520 -26.58 5.99 -31.86
N ALA J 2 14.69 -7.69 -84.45
CA ALA J 2 14.40 -9.04 -83.96
C ALA J 2 15.69 -9.72 -83.50
N SER J 3 15.58 -10.53 -82.46
CA SER J 3 16.71 -11.36 -82.05
C SER J 3 16.41 -12.81 -82.39
N GLU J 4 17.46 -13.60 -82.58
CA GLU J 4 17.27 -15.01 -82.92
C GLU J 4 16.96 -15.81 -81.67
N VAL J 5 15.89 -16.60 -81.70
CA VAL J 5 15.55 -17.45 -80.58
C VAL J 5 16.50 -18.64 -80.56
N PRO J 6 17.19 -18.85 -79.43
CA PRO J 6 18.06 -20.03 -79.33
C PRO J 6 17.24 -21.32 -79.27
N GLN J 7 17.83 -22.40 -79.79
CA GLN J 7 17.19 -23.71 -79.80
C GLN J 7 18.11 -24.72 -79.15
N VAL J 8 17.55 -25.79 -78.58
CA VAL J 8 18.35 -26.92 -78.12
C VAL J 8 18.39 -27.95 -79.24
N VAL J 9 17.23 -28.20 -79.85
CA VAL J 9 17.13 -29.09 -81.01
C VAL J 9 16.45 -28.31 -82.13
N SER J 10 16.59 -28.76 -83.36
CA SER J 10 16.07 -27.99 -84.49
C SER J 10 14.55 -27.96 -84.48
N LEU J 11 13.95 -28.84 -83.68
CA LEU J 11 12.49 -28.91 -83.59
C LEU J 11 11.89 -27.90 -82.62
N ASP J 12 12.75 -27.18 -81.88
CA ASP J 12 12.27 -26.14 -80.98
C ASP J 12 11.73 -24.97 -81.79
N PRO J 13 10.56 -24.46 -81.41
CA PRO J 13 10.00 -23.38 -82.23
C PRO J 13 10.75 -22.07 -82.00
N THR J 14 10.76 -21.19 -83.01
CA THR J 14 11.49 -19.93 -82.92
C THR J 14 10.59 -18.69 -83.03
N SER J 15 9.28 -18.88 -82.97
CA SER J 15 8.36 -17.76 -82.89
C SER J 15 7.05 -18.18 -82.23
N ILE J 16 6.30 -17.21 -81.72
CA ILE J 16 4.96 -17.49 -81.22
C ILE J 16 3.97 -17.34 -82.37
N PRO J 17 3.20 -18.40 -82.68
CA PRO J 17 2.17 -18.23 -83.71
C PRO J 17 1.09 -17.27 -83.22
N ILE J 18 0.73 -16.28 -84.03
CA ILE J 18 -0.25 -15.29 -83.63
C ILE J 18 -1.30 -15.15 -84.73
N GLU J 19 -2.58 -15.19 -84.35
CA GLU J 19 -3.67 -14.91 -85.28
C GLU J 19 -4.12 -13.47 -85.09
N TYR J 20 -4.01 -12.68 -86.15
CA TYR J 20 -4.48 -11.30 -86.12
C TYR J 20 -5.87 -11.21 -86.72
N ASN J 21 -6.00 -11.69 -87.96
CA ASN J 21 -7.31 -11.76 -88.61
C ASN J 21 -8.06 -12.95 -88.07
N THR J 22 -9.16 -12.71 -87.37
CA THR J 22 -9.92 -13.82 -86.81
C THR J 22 -11.30 -13.80 -87.43
N PRO J 23 -12.02 -14.94 -87.34
CA PRO J 23 -13.38 -14.98 -87.87
C PRO J 23 -14.29 -13.90 -87.27
N ILE J 24 -14.07 -13.55 -86.01
CA ILE J 24 -14.84 -12.48 -85.35
C ILE J 24 -14.81 -11.17 -86.15
N HIS J 25 -13.68 -10.89 -86.77
CA HIS J 25 -13.51 -9.65 -87.52
C HIS J 25 -14.36 -9.61 -88.80
N ASP J 26 -14.85 -10.77 -89.23
CA ASP J 26 -15.68 -10.84 -90.42
C ASP J 26 -17.16 -10.81 -90.12
N ILE J 27 -17.51 -10.68 -88.84
CA ILE J 27 -18.90 -10.61 -88.44
C ILE J 27 -19.48 -9.20 -88.63
N LYS J 28 -20.53 -9.11 -89.43
CA LYS J 28 -21.24 -7.85 -89.64
C LYS J 28 -22.33 -7.68 -88.58
N VAL J 29 -22.20 -6.63 -87.77
CA VAL J 29 -23.10 -6.39 -86.64
C VAL J 29 -24.13 -5.30 -86.98
N GLN J 30 -25.41 -5.58 -86.73
CA GLN J 30 -26.47 -4.57 -86.90
C GLN J 30 -27.28 -4.46 -85.62
N VAL J 31 -27.53 -3.22 -85.17
CA VAL J 31 -28.35 -3.01 -83.97
C VAL J 31 -29.70 -2.37 -84.34
N TYR J 32 -30.79 -2.95 -83.87
CA TYR J 32 -32.14 -2.47 -84.21
C TYR J 32 -32.88 -2.09 -82.96
N ASP J 33 -33.80 -1.15 -83.05
CA ASP J 33 -34.56 -0.82 -81.85
C ASP J 33 -35.61 -1.89 -81.62
N ILE J 34 -35.70 -2.37 -80.39
CA ILE J 34 -36.66 -3.41 -80.07
C ILE J 34 -38.11 -2.89 -80.11
N LYS J 35 -38.30 -1.57 -80.06
CA LYS J 35 -39.66 -1.03 -80.06
C LYS J 35 -40.40 -1.33 -81.38
N GLY J 36 -39.64 -1.63 -82.43
CA GLY J 36 -40.21 -1.82 -83.75
C GLY J 36 -40.62 -3.24 -84.13
N GLY J 37 -40.38 -4.19 -83.23
CA GLY J 37 -40.68 -5.58 -83.51
C GLY J 37 -39.48 -6.24 -84.16
N CYS J 38 -39.50 -7.56 -84.25
CA CYS J 38 -38.34 -8.33 -84.71
C CYS J 38 -38.57 -9.07 -86.02
N ASN J 39 -37.56 -9.08 -86.89
CA ASN J 39 -37.62 -9.98 -88.05
C ASN J 39 -36.84 -11.26 -87.79
N VAL J 40 -37.47 -12.38 -88.08
CA VAL J 40 -36.86 -13.70 -87.90
C VAL J 40 -36.90 -14.42 -89.26
N GLU J 41 -36.04 -13.97 -90.16
CA GLU J 41 -36.07 -14.46 -91.52
C GLU J 41 -34.99 -15.50 -91.74
N GLU J 42 -33.87 -15.31 -91.04
CA GLU J 42 -32.69 -16.12 -91.26
C GLU J 42 -31.98 -16.50 -89.96
N GLY J 43 -31.23 -17.59 -90.01
CA GLY J 43 -30.34 -17.98 -88.93
C GLY J 43 -31.01 -18.20 -87.58
N LEU J 44 -30.18 -18.14 -86.54
CA LEU J 44 -30.60 -18.40 -85.17
C LEU J 44 -31.03 -17.12 -84.49
N THR J 45 -32.25 -17.10 -83.96
CA THR J 45 -32.72 -15.97 -83.18
C THR J 45 -32.87 -16.40 -81.73
N ILE J 46 -32.20 -15.69 -80.82
CA ILE J 46 -32.28 -16.02 -79.39
C ILE J 46 -32.81 -14.86 -78.58
N PHE J 47 -33.85 -15.13 -77.77
CA PHE J 47 -34.40 -14.13 -76.87
C PHE J 47 -33.76 -14.22 -75.50
N LEU J 48 -33.30 -13.10 -74.97
CA LEU J 48 -32.81 -13.06 -73.60
C LEU J 48 -33.96 -12.66 -72.71
N VAL J 49 -34.41 -13.59 -71.86
CA VAL J 49 -35.61 -13.35 -71.07
C VAL J 49 -35.41 -13.55 -69.57
N ASN J 50 -36.15 -12.78 -68.78
CA ASN J 50 -36.13 -13.00 -67.34
C ASN J 50 -37.55 -13.08 -66.81
N ASN J 51 -37.68 -13.23 -65.50
CA ASN J 51 -38.96 -13.22 -64.85
C ASN J 51 -38.78 -12.66 -63.45
N PRO J 52 -38.80 -11.33 -63.30
CA PRO J 52 -38.57 -10.70 -61.99
C PRO J 52 -39.50 -11.22 -60.89
N GLY J 53 -38.97 -11.39 -59.68
CA GLY J 53 -39.74 -11.92 -58.57
C GLY J 53 -40.01 -13.42 -58.64
N LYS J 54 -40.43 -13.89 -59.81
CA LYS J 54 -40.77 -15.30 -60.02
C LYS J 54 -39.53 -16.16 -60.27
N GLU J 55 -38.90 -16.59 -59.17
CA GLU J 55 -37.66 -17.37 -59.25
C GLU J 55 -37.84 -18.66 -60.05
N ASN J 56 -37.03 -18.81 -61.09
CA ASN J 56 -37.16 -19.91 -62.04
C ASN J 56 -38.56 -19.98 -62.64
N GLY J 57 -39.15 -18.81 -62.89
CA GLY J 57 -40.48 -18.73 -63.44
C GLY J 57 -40.51 -19.07 -64.92
N PRO J 58 -41.71 -19.11 -65.51
CA PRO J 58 -41.83 -19.48 -66.92
C PRO J 58 -41.27 -18.40 -67.86
N VAL J 59 -40.82 -18.86 -69.02
CA VAL J 59 -40.42 -17.99 -70.10
C VAL J 59 -41.66 -17.36 -70.72
N LYS J 60 -41.63 -16.04 -70.87
CA LYS J 60 -42.68 -15.33 -71.60
C LYS J 60 -42.00 -14.38 -72.58
N ILE J 61 -42.37 -14.47 -73.85
CA ILE J 61 -41.77 -13.63 -74.90
C ILE J 61 -42.77 -12.60 -75.39
N SER J 62 -42.43 -11.31 -75.28
CA SER J 62 -43.42 -10.30 -75.63
C SER J 62 -43.18 -9.57 -76.95
N SER J 63 -41.96 -9.66 -77.49
CA SER J 63 -41.65 -9.02 -78.77
C SER J 63 -42.57 -9.49 -79.88
N LYS J 64 -43.07 -8.53 -80.64
CA LYS J 64 -43.79 -8.83 -81.86
C LYS J 64 -42.79 -9.32 -82.89
N VAL J 65 -43.14 -10.39 -83.58
CA VAL J 65 -42.25 -11.04 -84.52
C VAL J 65 -42.94 -11.11 -85.87
N ASN J 66 -42.21 -10.86 -86.95
CA ASN J 66 -42.87 -10.68 -88.24
C ASN J 66 -42.89 -11.94 -89.11
N ASP J 67 -43.20 -13.05 -88.47
CA ASP J 67 -43.36 -14.34 -89.13
C ASP J 67 -44.41 -15.14 -88.37
N LYS J 68 -45.40 -15.66 -89.09
CA LYS J 68 -46.51 -16.37 -88.46
C LYS J 68 -46.08 -17.66 -87.78
N GLN J 69 -45.17 -18.41 -88.42
CA GLN J 69 -44.72 -19.67 -87.85
C GLN J 69 -44.04 -19.45 -86.50
N VAL J 70 -43.04 -18.57 -86.48
CA VAL J 70 -42.30 -18.30 -85.26
C VAL J 70 -43.22 -17.69 -84.18
N SER J 71 -44.15 -16.82 -84.59
CA SER J 71 -45.09 -16.20 -83.66
C SER J 71 -45.93 -17.24 -82.93
N GLU J 72 -46.31 -18.30 -83.63
CA GLU J 72 -47.07 -19.37 -83.00
C GLU J 72 -46.15 -20.16 -82.06
N PHE J 73 -44.92 -20.39 -82.49
CA PHE J 73 -43.94 -21.09 -81.65
C PHE J 73 -43.74 -20.33 -80.33
N LEU J 74 -43.78 -19.00 -80.43
CA LEU J 74 -43.46 -18.14 -79.28
C LEU J 74 -44.65 -17.80 -78.40
N LYS J 75 -45.82 -18.36 -78.69
CA LYS J 75 -47.00 -18.08 -77.87
C LYS J 75 -46.80 -18.54 -76.42
N ASP J 76 -47.53 -17.90 -75.50
CA ASP J 76 -47.32 -18.12 -74.08
C ASP J 76 -47.46 -19.58 -73.67
N GLU J 77 -48.41 -20.27 -74.30
CA GLU J 77 -48.72 -21.65 -73.95
C GLU J 77 -47.53 -22.59 -74.21
N ASN J 78 -46.72 -22.29 -75.22
CA ASN J 78 -45.51 -23.07 -75.49
C ASN J 78 -44.32 -22.67 -74.64
N MET J 79 -44.13 -21.37 -74.48
CA MET J 79 -42.93 -20.89 -73.82
C MET J 79 -42.94 -21.18 -72.33
N GLU J 80 -44.12 -21.30 -71.74
CA GLU J 80 -44.23 -21.48 -70.29
C GLU J 80 -43.81 -22.88 -69.87
N LYS J 81 -43.60 -23.75 -70.85
CA LYS J 81 -43.04 -25.08 -70.58
C LYS J 81 -41.56 -24.98 -70.21
N PHE J 82 -40.97 -23.81 -70.43
CA PHE J 82 -39.55 -23.58 -70.18
C PHE J 82 -39.40 -22.58 -69.04
N ASN J 83 -38.22 -22.50 -68.44
CA ASN J 83 -38.04 -21.56 -67.35
C ASN J 83 -36.79 -20.66 -67.49
N VAL J 84 -36.76 -19.58 -66.70
CA VAL J 84 -35.73 -18.55 -66.89
C VAL J 84 -34.49 -18.70 -65.99
N LYS J 85 -34.35 -19.84 -65.33
CA LYS J 85 -33.18 -20.05 -64.46
C LYS J 85 -31.91 -19.68 -65.21
N LEU J 86 -31.07 -18.87 -64.58
CA LEU J 86 -29.90 -18.27 -65.22
C LEU J 86 -29.05 -19.27 -66.02
N GLY J 87 -28.92 -19.03 -67.32
CA GLY J 87 -28.08 -19.85 -68.19
C GLY J 87 -28.80 -20.99 -68.90
N THR J 88 -30.03 -21.28 -68.48
CA THR J 88 -30.82 -22.34 -69.09
C THR J 88 -31.25 -21.94 -70.50
N SER J 89 -31.13 -22.85 -71.45
CA SER J 89 -31.53 -22.53 -72.82
C SER J 89 -32.28 -23.67 -73.49
N LYS J 90 -33.09 -23.29 -74.49
CA LYS J 90 -33.69 -24.22 -75.43
C LYS J 90 -33.67 -23.53 -76.79
N HIS J 91 -33.46 -24.28 -77.85
CA HIS J 91 -33.70 -23.75 -79.19
C HIS J 91 -34.23 -24.86 -80.09
N PHE J 92 -35.04 -24.46 -81.06
CA PHE J 92 -35.72 -25.40 -81.94
C PHE J 92 -35.54 -25.00 -83.39
N TYR J 93 -35.37 -25.99 -84.26
CA TYR J 93 -35.40 -25.71 -85.70
C TYR J 93 -36.81 -25.84 -86.26
N MET J 94 -37.17 -24.96 -87.19
CA MET J 94 -38.51 -24.94 -87.75
C MET J 94 -38.47 -24.22 -89.09
N PHE J 95 -39.55 -24.32 -89.85
CA PHE J 95 -39.69 -23.57 -91.09
C PHE J 95 -40.43 -22.26 -90.86
N ASN J 96 -39.97 -21.20 -91.52
CA ASN J 96 -40.67 -19.91 -91.43
C ASN J 96 -41.75 -19.79 -92.49
N ASP J 97 -42.35 -18.62 -92.61
CA ASP J 97 -43.42 -18.40 -93.57
C ASP J 97 -43.00 -18.64 -95.03
N ASN J 98 -41.69 -18.55 -95.30
CA ASN J 98 -41.18 -18.76 -96.65
C ASN J 98 -40.56 -20.14 -96.82
N LYS J 99 -40.86 -21.03 -95.89
CA LYS J 99 -40.31 -22.38 -95.90
C LYS J 99 -38.78 -22.35 -95.87
N ASN J 100 -38.22 -21.35 -95.21
CA ASN J 100 -36.79 -21.33 -94.94
C ASN J 100 -36.52 -21.90 -93.55
N SER J 101 -35.40 -22.60 -93.42
CA SER J 101 -35.02 -23.18 -92.15
C SER J 101 -34.48 -22.11 -91.22
N VAL J 102 -35.13 -21.90 -90.09
CA VAL J 102 -34.64 -20.98 -89.08
C VAL J 102 -34.57 -21.72 -87.73
N ALA J 103 -33.81 -21.18 -86.78
CA ALA J 103 -33.78 -21.74 -85.43
C ALA J 103 -34.11 -20.64 -84.43
N VAL J 104 -34.92 -20.98 -83.43
CA VAL J 104 -35.43 -20.00 -82.46
C VAL J 104 -35.37 -20.53 -81.03
N GLY J 105 -34.96 -19.67 -80.11
CA GLY J 105 -34.90 -20.06 -78.71
C GLY J 105 -34.68 -18.90 -77.76
N TYR J 106 -34.16 -19.23 -76.57
CA TYR J 106 -34.03 -18.25 -75.50
C TYR J 106 -32.88 -18.66 -74.60
N VAL J 107 -32.35 -17.70 -73.85
CA VAL J 107 -31.46 -18.01 -72.73
C VAL J 107 -32.09 -17.42 -71.47
N GLY J 108 -32.18 -18.22 -70.39
CA GLY J 108 -32.75 -17.70 -69.15
C GLY J 108 -31.86 -16.68 -68.45
N CYS J 109 -32.44 -15.56 -68.00
CA CYS J 109 -31.65 -14.49 -67.39
C CYS J 109 -32.00 -14.25 -65.92
N GLY J 110 -32.61 -15.25 -65.30
CA GLY J 110 -32.92 -15.20 -63.87
C GLY J 110 -34.13 -14.35 -63.54
N SER J 111 -34.22 -13.95 -62.29
CA SER J 111 -35.35 -13.19 -61.78
C SER J 111 -34.91 -11.86 -61.18
N VAL J 112 -33.65 -11.50 -61.39
CA VAL J 112 -33.13 -10.24 -60.88
C VAL J 112 -32.79 -9.27 -62.01
N ALA J 113 -33.45 -8.11 -62.00
CA ALA J 113 -33.41 -7.15 -63.11
C ALA J 113 -32.01 -6.70 -63.52
N ASP J 114 -31.15 -6.48 -62.54
CA ASP J 114 -29.81 -5.99 -62.87
C ASP J 114 -28.78 -7.11 -62.93
N LEU J 115 -28.44 -7.51 -64.15
CA LEU J 115 -27.45 -8.55 -64.36
C LEU J 115 -26.06 -8.04 -64.01
N SER J 116 -25.31 -8.85 -63.26
CA SER J 116 -23.91 -8.54 -63.01
C SER J 116 -23.06 -9.06 -64.15
N GLU J 117 -21.80 -8.63 -64.15
CA GLU J 117 -20.81 -9.12 -65.10
C GLU J 117 -20.71 -10.65 -65.08
N ALA J 118 -20.82 -11.23 -63.88
CA ALA J 118 -20.78 -12.68 -63.74
C ALA J 118 -22.01 -13.30 -64.38
N ASP J 119 -23.18 -12.75 -64.06
CA ASP J 119 -24.42 -13.25 -64.65
C ASP J 119 -24.40 -13.19 -66.17
N MET J 120 -23.92 -12.07 -66.72
CA MET J 120 -23.88 -11.90 -68.17
C MET J 120 -22.95 -12.92 -68.83
N LYS J 121 -21.84 -13.22 -68.16
CA LYS J 121 -20.92 -14.27 -68.60
C LYS J 121 -21.66 -15.60 -68.72
N ARG J 122 -22.47 -15.91 -67.72
CA ARG J 122 -23.26 -17.13 -67.73
C ARG J 122 -24.22 -17.16 -68.90
N VAL J 123 -24.83 -16.00 -69.18
CA VAL J 123 -25.74 -15.88 -70.32
C VAL J 123 -24.97 -16.09 -71.63
N VAL J 124 -23.83 -15.42 -71.77
CA VAL J 124 -23.05 -15.54 -72.99
C VAL J 124 -22.59 -16.98 -73.25
N LEU J 125 -22.16 -17.66 -72.20
CA LEU J 125 -21.62 -19.02 -72.34
C LEU J 125 -22.70 -19.96 -72.86
N SER J 126 -23.91 -19.80 -72.35
CA SER J 126 -25.03 -20.60 -72.84
C SER J 126 -25.27 -20.32 -74.32
N LEU J 127 -25.11 -19.06 -74.72
CA LEU J 127 -25.31 -18.67 -76.10
C LEU J 127 -24.19 -19.27 -76.96
N VAL J 128 -22.96 -19.24 -76.44
CA VAL J 128 -21.80 -19.74 -77.17
C VAL J 128 -21.92 -21.24 -77.43
N THR J 129 -22.42 -21.95 -76.41
CA THR J 129 -22.69 -23.36 -76.54
C THR J 129 -23.60 -23.68 -77.73
N MET J 130 -24.63 -22.85 -77.93
CA MET J 130 -25.50 -23.01 -79.10
C MET J 130 -24.72 -22.72 -80.39
N LEU J 131 -23.98 -21.62 -80.41
CA LEU J 131 -23.21 -21.25 -81.59
C LEU J 131 -22.21 -22.32 -82.02
N HIS J 132 -21.59 -22.97 -81.03
CA HIS J 132 -20.58 -23.99 -81.31
C HIS J 132 -21.21 -25.27 -81.88
N ASP J 133 -22.53 -25.39 -81.79
CA ASP J 133 -23.21 -26.59 -82.29
C ASP J 133 -24.04 -26.34 -83.54
N ASN J 134 -23.93 -25.18 -84.15
CA ASN J 134 -24.78 -24.89 -85.30
C ASN J 134 -24.10 -24.12 -86.44
N LYS J 135 -24.63 -24.26 -87.66
CA LYS J 135 -23.97 -23.76 -88.87
C LYS J 135 -24.73 -22.62 -89.54
N LEU J 136 -25.60 -22.01 -88.76
CA LEU J 136 -26.18 -20.71 -89.04
C LEU J 136 -25.16 -19.71 -89.58
N SER J 137 -25.60 -18.86 -90.50
CA SER J 137 -24.78 -17.77 -91.00
C SER J 137 -25.08 -16.47 -90.22
N LYS J 138 -26.19 -16.49 -89.50
CA LYS J 138 -26.60 -15.33 -88.73
C LYS J 138 -27.17 -15.70 -87.36
N LEU J 139 -26.81 -14.89 -86.37
CA LEU J 139 -27.38 -14.99 -85.04
C LEU J 139 -28.08 -13.67 -84.76
N THR J 140 -29.30 -13.73 -84.22
CA THR J 140 -29.99 -12.53 -83.76
C THR J 140 -30.27 -12.66 -82.27
N VAL J 141 -29.89 -11.64 -81.50
CA VAL J 141 -30.12 -11.65 -80.06
C VAL J 141 -31.10 -10.55 -79.67
N VAL J 142 -32.23 -10.93 -79.07
CA VAL J 142 -33.26 -9.96 -78.70
C VAL J 142 -33.22 -9.70 -77.19
N PHE J 143 -32.88 -8.47 -76.81
CA PHE J 143 -32.75 -8.12 -75.39
C PHE J 143 -34.09 -7.74 -74.79
N GLU J 144 -34.75 -8.70 -74.15
CA GLU J 144 -35.96 -8.39 -73.40
C GLU J 144 -35.59 -8.30 -71.92
N ILE J 145 -34.38 -7.79 -71.68
CA ILE J 145 -33.86 -7.48 -70.37
C ILE J 145 -33.21 -6.10 -70.45
N ASN J 146 -32.69 -5.62 -69.32
CA ASN J 146 -32.06 -4.30 -69.24
C ASN J 146 -30.55 -4.35 -69.09
N VAL J 147 -29.84 -3.77 -70.05
CA VAL J 147 -28.40 -3.61 -69.93
C VAL J 147 -28.02 -2.15 -70.17
N ASP J 148 -27.01 -1.66 -69.47
CA ASP J 148 -26.54 -0.31 -69.77
C ASP J 148 -25.56 -0.38 -70.93
N LYS J 149 -24.99 0.75 -71.33
CA LYS J 149 -24.08 0.79 -72.47
C LYS J 149 -22.81 -0.03 -72.24
N ASN J 150 -22.23 0.08 -71.04
CA ASN J 150 -21.04 -0.69 -70.71
C ASN J 150 -21.32 -2.19 -70.63
N LEU J 151 -22.49 -2.55 -70.11
CA LEU J 151 -22.80 -3.96 -69.98
C LEU J 151 -23.07 -4.55 -71.35
N PHE J 152 -23.68 -3.77 -72.23
CA PHE J 152 -23.93 -4.24 -73.59
C PHE J 152 -22.60 -4.44 -74.32
N ARG J 153 -21.67 -3.52 -74.15
CA ARG J 153 -20.37 -3.71 -74.78
C ARG J 153 -19.67 -4.92 -74.16
N PHE J 154 -19.87 -5.14 -72.86
CA PHE J 154 -19.29 -6.31 -72.20
C PHE J 154 -19.88 -7.61 -72.79
N PHE J 155 -21.19 -7.61 -73.01
CA PHE J 155 -21.85 -8.73 -73.69
C PHE J 155 -21.16 -9.06 -75.00
N LEU J 156 -20.97 -8.04 -75.85
CA LEU J 156 -20.36 -8.23 -77.15
C LEU J 156 -18.93 -8.74 -77.04
N GLU J 157 -18.16 -8.12 -76.16
CA GLU J 157 -16.75 -8.49 -75.98
C GLU J 157 -16.63 -9.93 -75.51
N THR J 158 -17.47 -10.29 -74.55
CA THR J 158 -17.47 -11.62 -73.95
C THR J 158 -17.92 -12.64 -74.98
N LEU J 159 -18.98 -12.31 -75.70
CA LEU J 159 -19.47 -13.18 -76.79
C LEU J 159 -18.38 -13.44 -77.80
N PHE J 160 -17.75 -12.38 -78.29
CA PHE J 160 -16.68 -12.52 -79.27
C PHE J 160 -15.55 -13.39 -78.73
N TYR J 161 -15.11 -13.08 -77.52
CA TYR J 161 -13.98 -13.78 -76.89
C TYR J 161 -14.28 -15.26 -76.63
N GLU J 162 -15.46 -15.54 -76.08
CA GLU J 162 -15.79 -16.92 -75.78
C GLU J 162 -16.08 -17.77 -77.04
N TYR J 163 -16.59 -17.12 -78.08
CA TYR J 163 -16.97 -17.77 -79.34
C TYR J 163 -15.74 -18.24 -80.10
N MET J 164 -14.74 -17.37 -80.15
CA MET J 164 -13.46 -17.64 -80.79
C MET J 164 -12.72 -18.80 -80.12
N THR J 165 -12.25 -19.75 -80.93
CA THR J 165 -11.49 -20.91 -80.42
C THR J 165 -10.04 -20.88 -80.93
N ASP J 166 -9.10 -21.06 -80.01
CA ASP J 166 -7.67 -21.00 -80.31
C ASP J 166 -7.14 -22.35 -80.79
N GLU J 167 -6.94 -22.47 -82.09
CA GLU J 167 -6.49 -23.73 -82.64
C GLU J 167 -5.07 -23.69 -83.18
N ARG J 168 -4.27 -22.75 -82.68
CA ARG J 168 -2.89 -22.58 -83.16
C ARG J 168 -2.04 -23.83 -83.00
N PHE J 169 -2.28 -24.59 -81.95
CA PHE J 169 -1.40 -25.71 -81.62
C PHE J 169 -2.04 -27.07 -81.93
N LYS J 170 -3.18 -27.03 -82.61
CA LYS J 170 -3.87 -28.22 -83.11
C LYS J 170 -3.34 -28.53 -84.51
N SER J 171 -3.22 -29.80 -84.85
CA SER J 171 -2.71 -30.17 -86.17
C SER J 171 -3.84 -30.41 -87.18
N MET J 178 -19.78 -26.74 -86.45
CA MET J 178 -20.17 -25.33 -86.50
C MET J 178 -19.59 -24.67 -87.74
N GLU J 179 -20.01 -23.43 -87.96
CA GLU J 179 -19.25 -22.49 -88.77
C GLU J 179 -19.49 -21.12 -88.17
N TYR J 180 -18.49 -20.26 -88.24
CA TYR J 180 -18.63 -18.91 -87.68
C TYR J 180 -19.69 -18.14 -88.44
N ILE J 181 -20.59 -17.48 -87.71
CA ILE J 181 -21.61 -16.65 -88.32
C ILE J 181 -20.97 -15.50 -89.09
N LYS J 182 -21.67 -14.99 -90.09
CA LYS J 182 -21.21 -13.83 -90.85
C LYS J 182 -21.98 -12.58 -90.44
N HIS J 183 -23.04 -12.78 -89.66
CA HIS J 183 -23.91 -11.68 -89.26
C HIS J 183 -24.39 -11.87 -87.83
N LEU J 184 -24.41 -10.77 -87.09
CA LEU J 184 -24.98 -10.71 -85.75
C LEU J 184 -25.97 -9.56 -85.75
N GLY J 185 -27.23 -9.86 -85.43
CA GLY J 185 -28.21 -8.81 -85.26
C GLY J 185 -28.59 -8.68 -83.80
N VAL J 186 -28.81 -7.45 -83.34
CA VAL J 186 -29.19 -7.22 -81.97
C VAL J 186 -30.43 -6.35 -81.93
N TYR J 187 -31.43 -6.78 -81.17
CA TYR J 187 -32.59 -5.93 -80.93
C TYR J 187 -32.55 -5.47 -79.47
N ILE J 188 -32.60 -4.16 -79.25
CA ILE J 188 -32.47 -3.63 -77.89
C ILE J 188 -33.09 -2.24 -77.83
N ASN J 189 -33.54 -1.82 -76.65
CA ASN J 189 -34.16 -0.51 -76.55
C ASN J 189 -33.10 0.58 -76.66
N ASN J 190 -33.43 1.67 -77.34
CA ASN J 190 -32.50 2.77 -77.60
C ASN J 190 -31.29 2.32 -78.38
N ALA J 191 -31.54 1.54 -79.44
CA ALA J 191 -30.49 1.01 -80.30
C ALA J 191 -29.46 2.05 -80.71
N ASP J 192 -29.91 3.27 -80.97
CA ASP J 192 -29.02 4.29 -81.50
C ASP J 192 -27.88 4.63 -80.55
N THR J 193 -28.14 4.55 -79.25
CA THR J 193 -27.13 4.81 -78.23
C THR J 193 -26.09 3.70 -78.12
N TYR J 194 -26.48 2.47 -78.47
CA TYR J 194 -25.62 1.29 -78.30
C TYR J 194 -24.68 1.04 -79.46
N LYS J 195 -25.03 1.57 -80.63
CA LYS J 195 -24.31 1.32 -81.87
C LYS J 195 -22.84 1.68 -81.83
N GLU J 196 -22.48 2.70 -81.06
CA GLU J 196 -21.08 3.12 -81.01
C GLU J 196 -20.24 2.20 -80.13
N GLU J 197 -20.89 1.33 -79.37
CA GLU J 197 -20.18 0.36 -78.54
C GLU J 197 -19.68 -0.82 -79.37
N VAL J 198 -20.29 -1.04 -80.54
CA VAL J 198 -19.95 -2.22 -81.34
C VAL J 198 -18.47 -2.29 -81.74
N GLU J 199 -17.95 -1.29 -82.45
CA GLU J 199 -16.56 -1.38 -82.88
C GLU J 199 -15.56 -1.22 -81.74
N LYS J 200 -16.00 -0.59 -80.65
CA LYS J 200 -15.18 -0.54 -79.45
C LYS J 200 -15.09 -1.94 -78.84
N ALA J 201 -16.19 -2.67 -78.87
CA ALA J 201 -16.20 -4.03 -78.35
C ALA J 201 -15.27 -4.90 -79.19
N ARG J 202 -15.25 -4.65 -80.49
CA ARG J 202 -14.46 -5.50 -81.36
C ARG J 202 -12.96 -5.25 -81.10
N VAL J 203 -12.61 -4.00 -80.80
CA VAL J 203 -11.22 -3.67 -80.49
C VAL J 203 -10.80 -4.27 -79.15
N TYR J 204 -11.70 -4.17 -78.17
CA TYR J 204 -11.43 -4.71 -76.84
C TYR J 204 -11.31 -6.23 -76.89
N TYR J 205 -12.16 -6.85 -77.73
CA TYR J 205 -12.09 -8.29 -77.91
C TYR J 205 -10.71 -8.71 -78.40
N PHE J 206 -10.20 -8.03 -79.42
CA PHE J 206 -8.94 -8.51 -79.95
C PHE J 206 -7.76 -8.25 -79.01
N GLY J 207 -7.77 -7.11 -78.33
CA GLY J 207 -6.78 -6.82 -77.32
C GLY J 207 -6.72 -7.93 -76.29
N THR J 208 -7.90 -8.36 -75.84
CA THR J 208 -8.00 -9.43 -74.85
C THR J 208 -7.61 -10.78 -75.45
N TYR J 209 -8.11 -11.06 -76.65
CA TYR J 209 -7.81 -12.32 -77.32
C TYR J 209 -6.31 -12.42 -77.63
N TYR J 210 -5.73 -11.31 -78.08
CA TYR J 210 -4.29 -11.23 -78.31
C TYR J 210 -3.53 -11.56 -77.02
N ALA J 211 -3.93 -10.95 -75.92
CA ALA J 211 -3.29 -11.25 -74.63
C ALA J 211 -3.44 -12.74 -74.32
N SER J 212 -4.64 -13.25 -74.52
CA SER J 212 -4.93 -14.67 -74.30
C SER J 212 -3.99 -15.56 -75.13
N GLN J 213 -3.77 -15.17 -76.39
CA GLN J 213 -2.89 -15.95 -77.26
C GLN J 213 -1.47 -16.04 -76.71
N LEU J 214 -0.93 -14.93 -76.25
CA LEU J 214 0.40 -14.90 -75.65
C LEU J 214 0.46 -15.76 -74.37
N ILE J 215 -0.58 -15.68 -73.54
CA ILE J 215 -0.58 -16.42 -72.28
C ILE J 215 -0.67 -17.92 -72.55
N ALA J 216 -1.60 -18.31 -73.42
CA ALA J 216 -1.83 -19.72 -73.70
C ALA J 216 -0.63 -20.37 -74.41
N ALA J 217 0.09 -19.60 -75.22
CA ALA J 217 1.26 -20.13 -75.90
C ALA J 217 2.24 -20.67 -74.84
N PRO J 218 2.67 -21.92 -74.99
CA PRO J 218 3.54 -22.53 -73.97
C PRO J 218 4.96 -21.94 -73.97
N SER J 219 5.70 -22.21 -72.90
CA SER J 219 6.96 -21.54 -72.66
C SER J 219 8.04 -21.87 -73.68
N ASN J 220 7.86 -22.98 -74.39
CA ASN J 220 8.79 -23.29 -75.46
C ASN J 220 8.55 -22.43 -76.70
N TYR J 221 7.30 -22.07 -76.95
CA TYR J 221 6.98 -21.13 -78.02
C TYR J 221 7.18 -19.70 -77.55
N CYS J 222 6.66 -19.41 -76.37
CA CYS J 222 6.67 -18.05 -75.83
C CYS J 222 7.76 -17.93 -74.75
N ASN J 223 8.93 -17.48 -75.18
CA ASN J 223 10.08 -17.30 -74.30
C ASN J 223 10.49 -15.82 -74.37
N PRO J 224 11.49 -15.41 -73.56
CA PRO J 224 11.79 -13.96 -73.57
C PRO J 224 12.14 -13.40 -74.93
N VAL J 225 12.84 -14.17 -75.75
CA VAL J 225 13.20 -13.71 -77.09
C VAL J 225 11.99 -13.68 -78.03
N SER J 226 11.19 -14.73 -78.02
CA SER J 226 10.04 -14.78 -78.93
C SER J 226 8.95 -13.81 -78.54
N LEU J 227 8.80 -13.54 -77.24
CA LEU J 227 7.78 -12.59 -76.76
C LEU J 227 8.13 -11.16 -77.11
N SER J 228 9.40 -10.80 -76.93
CA SER J 228 9.82 -9.45 -77.26
C SER J 228 9.82 -9.26 -78.78
N ASN J 229 10.14 -10.31 -79.53
CA ASN J 229 9.96 -10.27 -80.98
C ASN J 229 8.50 -10.00 -81.35
N ALA J 230 7.57 -10.64 -80.65
CA ALA J 230 6.15 -10.44 -80.92
C ALA J 230 5.73 -8.99 -80.60
N ALA J 231 6.28 -8.43 -79.53
CA ALA J 231 5.96 -7.07 -79.15
C ALA J 231 6.42 -6.05 -80.20
N VAL J 232 7.63 -6.28 -80.72
CA VAL J 232 8.16 -5.51 -81.83
C VAL J 232 7.25 -5.56 -83.05
N GLU J 233 6.84 -6.76 -83.43
CA GLU J 233 5.95 -6.92 -84.58
C GLU J 233 4.61 -6.22 -84.36
N LEU J 234 4.11 -6.25 -83.13
CA LEU J 234 2.89 -5.53 -82.78
C LEU J 234 3.08 -4.02 -82.91
N ALA J 235 4.20 -3.53 -82.37
CA ALA J 235 4.51 -2.11 -82.40
C ALA J 235 4.62 -1.61 -83.85
N GLN J 236 5.21 -2.44 -84.70
CA GLN J 236 5.34 -2.10 -86.12
C GLN J 236 3.98 -2.01 -86.77
N LYS J 237 3.12 -2.99 -86.52
CA LYS J 237 1.80 -2.96 -87.12
C LYS J 237 0.99 -1.74 -86.69
N LEU J 238 1.24 -1.25 -85.48
CA LEU J 238 0.46 -0.15 -84.93
C LEU J 238 1.16 1.19 -85.07
N ASN J 239 2.37 1.18 -85.63
CA ASN J 239 3.20 2.39 -85.72
C ASN J 239 3.53 2.97 -84.35
N LEU J 240 3.74 2.11 -83.37
CA LEU J 240 4.25 2.54 -82.06
C LEU J 240 5.77 2.60 -82.13
N GLU J 241 6.40 3.53 -81.42
CA GLU J 241 7.85 3.46 -81.33
C GLU J 241 8.15 2.35 -80.34
N TYR J 242 9.33 1.76 -80.45
CA TYR J 242 9.64 0.56 -79.70
C TYR J 242 11.13 0.43 -79.52
N LYS J 243 11.49 -0.26 -78.45
CA LYS J 243 12.88 -0.44 -78.07
C LYS J 243 12.92 -1.70 -77.22
N ILE J 244 13.81 -2.63 -77.59
CA ILE J 244 14.02 -3.84 -76.80
C ILE J 244 15.41 -3.73 -76.22
N LEU J 245 15.52 -3.74 -74.90
CA LEU J 245 16.82 -3.64 -74.27
C LEU J 245 17.36 -5.05 -74.02
N GLY J 246 18.59 -5.29 -74.47
CA GLY J 246 19.25 -6.56 -74.28
C GLY J 246 20.20 -6.56 -73.09
N VAL J 247 20.87 -7.69 -72.87
CA VAL J 247 21.66 -7.90 -71.66
C VAL J 247 22.74 -6.85 -71.42
N LYS J 248 23.47 -6.45 -72.47
CA LYS J 248 24.52 -5.43 -72.30
C LYS J 248 23.96 -4.08 -71.84
N GLU J 249 22.81 -3.68 -72.41
CA GLU J 249 22.18 -2.43 -71.98
C GLU J 249 21.62 -2.53 -70.57
N LEU J 250 21.08 -3.70 -70.25
CA LEU J 250 20.55 -3.96 -68.92
C LEU J 250 21.66 -3.91 -67.87
N GLU J 251 22.82 -4.48 -68.20
CA GLU J 251 23.97 -4.40 -67.30
C GLU J 251 24.42 -2.96 -67.08
N GLU J 252 24.40 -2.18 -68.16
CA GLU J 252 24.77 -0.77 -68.09
C GLU J 252 23.82 0.00 -67.18
N LEU J 253 22.53 -0.32 -67.26
CA LEU J 253 21.52 0.32 -66.42
C LEU J 253 21.52 -0.26 -65.01
N LYS J 254 22.33 -1.30 -64.80
CA LYS J 254 22.55 -1.90 -63.49
C LYS J 254 21.31 -2.55 -62.91
N MET J 255 20.53 -3.20 -63.76
CA MET J 255 19.33 -3.89 -63.30
C MET J 255 19.69 -5.26 -62.75
N GLY J 256 20.37 -5.26 -61.59
CA GLY J 256 20.86 -6.50 -61.00
C GLY J 256 19.78 -7.44 -60.48
N ALA J 257 18.63 -6.89 -60.09
CA ALA J 257 17.55 -7.73 -59.57
C ALA J 257 16.85 -8.50 -60.70
N TYR J 258 16.51 -7.77 -61.77
CA TYR J 258 15.92 -8.37 -62.98
C TYR J 258 16.87 -9.38 -63.59
N LEU J 259 18.13 -8.99 -63.75
CA LEU J 259 19.13 -9.86 -64.38
C LEU J 259 19.40 -11.17 -63.62
N SER J 260 19.37 -11.12 -62.28
CA SER J 260 19.61 -12.28 -61.44
C SER J 260 18.59 -13.38 -61.70
N VAL J 261 17.33 -12.97 -61.81
CA VAL J 261 16.22 -13.90 -62.05
C VAL J 261 16.44 -14.68 -63.35
N GLY J 262 16.95 -14.00 -64.37
CA GLY J 262 17.17 -14.63 -65.66
C GLY J 262 18.47 -15.41 -65.84
N LYS J 263 19.35 -15.42 -64.83
CA LYS J 263 20.67 -16.04 -64.99
C LYS J 263 20.60 -17.51 -65.34
N GLY J 264 19.61 -18.22 -64.79
CA GLY J 264 19.49 -19.65 -65.02
C GLY J 264 18.88 -20.07 -66.34
N SER J 265 18.49 -19.10 -67.16
CA SER J 265 17.76 -19.37 -68.41
C SER J 265 18.67 -19.42 -69.63
N MET J 266 18.26 -20.20 -70.63
CA MET J 266 18.99 -20.29 -71.90
C MET J 266 18.57 -19.13 -72.79
N TYR J 267 17.51 -18.43 -72.41
CA TYR J 267 17.05 -17.28 -73.17
C TYR J 267 17.50 -16.00 -72.49
N PRO J 268 18.19 -15.13 -73.24
CA PRO J 268 18.64 -13.84 -72.71
C PRO J 268 17.45 -12.97 -72.28
N ASN J 269 17.61 -12.20 -71.19
CA ASN J 269 16.58 -11.27 -70.77
C ASN J 269 16.32 -10.24 -71.88
N LYS J 270 15.06 -9.87 -72.08
CA LYS J 270 14.72 -8.80 -73.02
C LYS J 270 13.73 -7.86 -72.35
N PHE J 271 14.03 -6.56 -72.33
CA PHE J 271 13.13 -5.61 -71.68
C PHE J 271 12.37 -4.89 -72.77
N ILE J 272 11.04 -5.01 -72.74
CA ILE J 272 10.18 -4.42 -73.76
C ILE J 272 9.77 -3.01 -73.37
N HIS J 273 10.04 -2.05 -74.26
CA HIS J 273 9.56 -0.68 -74.08
C HIS J 273 8.88 -0.19 -75.36
N LEU J 274 7.55 -0.19 -75.36
CA LEU J 274 6.76 0.41 -76.45
C LEU J 274 6.26 1.77 -76.02
N THR J 275 6.00 2.66 -76.97
CA THR J 275 5.48 3.97 -76.63
C THR J 275 4.40 4.44 -77.61
N TYR J 276 3.25 4.84 -77.08
CA TYR J 276 2.25 5.54 -77.87
C TYR J 276 2.28 7.01 -77.48
N LYS J 277 2.33 7.90 -78.47
CA LYS J 277 2.26 9.33 -78.20
C LYS J 277 1.19 9.98 -79.06
N SER J 278 0.23 10.65 -78.43
CA SER J 278 -0.84 11.34 -79.16
C SER J 278 -0.26 12.42 -80.07
N LYS J 279 -0.95 12.69 -81.17
CA LYS J 279 -0.50 13.72 -82.12
C LYS J 279 -0.47 15.10 -81.47
N GLY J 280 -1.48 15.41 -80.66
CA GLY J 280 -1.57 16.72 -80.04
C GLY J 280 -0.60 17.01 -78.91
N ASP J 281 -0.99 17.93 -78.03
CA ASP J 281 -0.21 18.23 -76.84
C ASP J 281 -0.31 17.06 -75.84
N VAL J 282 0.75 16.82 -75.08
CA VAL J 282 0.71 15.74 -74.10
C VAL J 282 0.39 16.27 -72.71
N LYS J 283 -0.75 15.88 -72.17
CA LYS J 283 -1.19 16.37 -70.87
C LYS J 283 -0.97 15.35 -69.73
N LYS J 284 -0.95 14.06 -70.08
CA LYS J 284 -0.68 13.02 -69.08
C LYS J 284 0.31 11.98 -69.61
N LYS J 285 1.27 11.61 -68.77
CA LYS J 285 2.24 10.59 -69.12
C LYS J 285 2.00 9.39 -68.21
N ILE J 286 1.88 8.20 -68.82
CA ILE J 286 1.55 6.99 -68.07
C ILE J 286 2.53 5.86 -68.39
N ALA J 287 2.97 5.14 -67.37
CA ALA J 287 3.75 3.92 -67.57
C ALA J 287 2.93 2.71 -67.14
N LEU J 288 2.74 1.75 -68.04
CA LEU J 288 2.09 0.49 -67.67
C LEU J 288 3.14 -0.61 -67.64
N VAL J 289 3.22 -1.32 -66.54
CA VAL J 289 4.30 -2.28 -66.29
C VAL J 289 3.70 -3.67 -66.05
N GLY J 290 4.12 -4.64 -66.84
CA GLY J 290 3.55 -5.97 -66.73
C GLY J 290 4.60 -6.99 -66.37
N LYS J 291 4.30 -7.84 -65.39
CA LYS J 291 5.23 -8.92 -65.03
C LYS J 291 5.35 -9.85 -66.23
N GLY J 292 6.57 -10.06 -66.69
CA GLY J 292 6.80 -10.88 -67.86
C GLY J 292 7.68 -12.08 -67.60
N ILE J 293 7.20 -13.02 -66.80
CA ILE J 293 7.97 -14.25 -66.56
C ILE J 293 7.44 -15.35 -67.48
N THR J 294 8.21 -15.73 -68.50
CA THR J 294 7.64 -16.61 -69.53
C THR J 294 7.47 -18.06 -69.07
N PHE J 295 8.28 -18.48 -68.11
CA PHE J 295 7.96 -19.69 -67.34
C PHE J 295 8.51 -19.54 -65.93
N ASP J 296 7.70 -19.90 -64.96
CA ASP J 296 8.16 -19.78 -63.59
C ASP J 296 8.28 -21.16 -62.94
N SER J 297 9.47 -21.74 -62.98
CA SER J 297 9.70 -23.03 -62.33
C SER J 297 9.83 -22.87 -60.82
N GLY J 298 10.06 -21.63 -60.38
CA GLY J 298 10.40 -21.35 -58.99
C GLY J 298 11.89 -21.16 -58.74
N GLY J 299 12.73 -21.65 -59.65
CA GLY J 299 14.18 -21.64 -59.43
C GLY J 299 14.55 -22.70 -58.42
N TYR J 300 15.66 -22.51 -57.70
CA TYR J 300 16.08 -23.51 -56.72
C TYR J 300 15.02 -23.74 -55.66
N ASN J 301 14.22 -22.71 -55.35
CA ASN J 301 12.99 -22.92 -54.59
C ASN J 301 11.91 -23.51 -55.50
N LEU J 302 12.18 -24.70 -56.01
CA LEU J 302 11.36 -25.30 -57.06
C LEU J 302 9.89 -25.46 -56.65
N LYS J 303 8.98 -25.23 -57.59
CA LYS J 303 7.56 -25.47 -57.32
C LYS J 303 7.29 -26.98 -57.28
N ALA J 304 7.60 -27.60 -56.14
CA ALA J 304 7.39 -29.03 -55.96
C ALA J 304 6.27 -29.35 -54.97
N ALA J 305 5.76 -28.34 -54.29
CA ALA J 305 4.73 -28.54 -53.26
C ALA J 305 3.39 -28.89 -53.91
N PRO J 306 2.55 -29.68 -53.21
CA PRO J 306 1.20 -29.96 -53.71
C PRO J 306 0.44 -28.67 -53.87
N GLY J 307 -0.16 -28.45 -55.04
CA GLY J 307 -0.90 -27.23 -55.28
C GLY J 307 -0.11 -26.09 -55.90
N SER J 308 1.19 -26.28 -56.09
CA SER J 308 2.01 -25.18 -56.61
C SER J 308 1.79 -24.97 -58.12
N MET J 309 1.16 -25.96 -58.76
CA MET J 309 0.69 -25.86 -60.14
C MET J 309 1.72 -25.42 -61.17
N ILE J 310 2.84 -26.13 -61.20
CA ILE J 310 3.95 -25.75 -62.07
C ILE J 310 3.57 -25.85 -63.55
N ASP J 311 2.67 -26.75 -63.87
CA ASP J 311 2.23 -26.94 -65.25
C ASP J 311 1.48 -25.72 -65.81
N LEU J 312 1.08 -24.81 -64.93
CA LEU J 312 0.35 -23.60 -65.34
C LEU J 312 1.29 -22.40 -65.56
N MET J 313 2.55 -22.55 -65.17
CA MET J 313 3.40 -21.37 -65.01
C MET J 313 3.85 -20.68 -66.30
N LYS J 314 3.44 -21.20 -67.45
CA LYS J 314 3.52 -20.44 -68.70
C LYS J 314 2.69 -19.15 -68.58
N PHE J 315 1.73 -19.12 -67.65
CA PHE J 315 0.84 -17.96 -67.51
C PHE J 315 1.48 -16.78 -66.76
N ASP J 316 2.71 -16.94 -66.30
CA ASP J 316 3.32 -15.93 -65.44
C ASP J 316 3.80 -14.68 -66.19
N MET J 317 3.47 -14.62 -67.47
CA MET J 317 3.67 -13.40 -68.24
C MET J 317 2.33 -12.75 -68.58
N SER J 318 1.30 -13.12 -67.81
CA SER J 318 -0.05 -12.56 -67.99
C SER J 318 -0.08 -11.05 -67.90
N GLY J 319 0.74 -10.49 -67.02
CA GLY J 319 0.78 -9.05 -66.86
C GLY J 319 1.38 -8.38 -68.09
N CYS J 320 2.45 -8.97 -68.61
CA CYS J 320 3.05 -8.50 -69.84
C CYS J 320 2.01 -8.61 -70.96
N ALA J 321 1.32 -9.74 -71.03
CA ALA J 321 0.27 -9.94 -72.04
C ALA J 321 -0.82 -8.87 -71.97
N ALA J 322 -1.26 -8.52 -70.76
CA ALA J 322 -2.27 -7.49 -70.60
C ALA J 322 -1.79 -6.11 -71.07
N VAL J 323 -0.52 -5.82 -70.81
CA VAL J 323 0.06 -4.55 -71.22
C VAL J 323 0.17 -4.46 -72.75
N LEU J 324 0.53 -5.56 -73.39
CA LEU J 324 0.62 -5.60 -74.85
C LEU J 324 -0.77 -5.56 -75.51
N GLY J 325 -1.74 -6.23 -74.89
CA GLY J 325 -3.11 -6.16 -75.37
C GLY J 325 -3.61 -4.73 -75.28
N CYS J 326 -3.26 -4.05 -74.20
CA CYS J 326 -3.62 -2.65 -74.03
C CYS J 326 -2.97 -1.78 -75.11
N ALA J 327 -1.71 -2.08 -75.44
CA ALA J 327 -1.02 -1.37 -76.51
C ALA J 327 -1.80 -1.54 -77.81
N TYR J 328 -2.33 -2.73 -78.03
CA TYR J 328 -3.16 -2.95 -79.21
C TYR J 328 -4.37 -2.00 -79.21
N CYS J 329 -5.17 -2.03 -78.14
CA CYS J 329 -6.39 -1.20 -78.09
C CYS J 329 -6.07 0.29 -78.18
N VAL J 330 -5.05 0.70 -77.44
CA VAL J 330 -4.65 2.10 -77.40
C VAL J 330 -4.13 2.56 -78.77
N GLY J 331 -3.27 1.73 -79.37
CA GLY J 331 -2.71 2.02 -80.67
C GLY J 331 -3.78 2.08 -81.73
N THR J 332 -4.87 1.37 -81.50
CA THR J 332 -5.97 1.31 -82.47
C THR J 332 -6.97 2.46 -82.29
N LEU J 333 -7.31 2.76 -81.03
CA LEU J 333 -8.31 3.78 -80.75
C LEU J 333 -7.72 5.20 -80.75
N LYS J 334 -6.41 5.28 -80.59
CA LYS J 334 -5.69 6.55 -80.67
C LYS J 334 -6.28 7.68 -79.83
N PRO J 335 -6.21 7.54 -78.49
CA PRO J 335 -6.67 8.60 -77.59
C PRO J 335 -5.83 9.87 -77.72
N GLU J 336 -6.42 11.03 -77.43
CA GLU J 336 -5.71 12.29 -77.53
C GLU J 336 -5.02 12.67 -76.23
N ASN J 337 -4.02 13.55 -76.33
CA ASN J 337 -3.43 14.23 -75.17
C ASN J 337 -2.72 13.33 -74.17
N VAL J 338 -2.22 12.20 -74.62
CA VAL J 338 -1.63 11.25 -73.69
C VAL J 338 -0.40 10.58 -74.29
N GLU J 339 0.58 10.27 -73.43
CA GLU J 339 1.74 9.50 -73.84
C GLU J 339 1.86 8.28 -72.93
N ILE J 340 1.86 7.09 -73.52
CA ILE J 340 1.81 5.83 -72.74
C ILE J 340 3.03 4.99 -73.03
N HIS J 341 3.72 4.56 -71.97
CA HIS J 341 4.84 3.64 -72.08
C HIS J 341 4.37 2.24 -71.62
N PHE J 342 4.56 1.25 -72.48
CA PHE J 342 4.16 -0.11 -72.20
C PHE J 342 5.44 -0.88 -71.92
N LEU J 343 5.59 -1.34 -70.68
CA LEU J 343 6.87 -1.86 -70.23
C LEU J 343 6.76 -3.27 -69.66
N SER J 344 7.75 -4.12 -69.96
CA SER J 344 7.86 -5.42 -69.31
C SER J 344 9.32 -5.88 -69.28
N ALA J 345 9.80 -6.20 -68.09
CA ALA J 345 11.11 -6.82 -67.95
C ALA J 345 10.94 -8.34 -68.14
N VAL J 346 11.18 -8.83 -69.35
CA VAL J 346 10.88 -10.22 -69.65
C VAL J 346 12.07 -11.16 -69.38
N CYS J 347 11.79 -12.26 -68.69
CA CYS J 347 12.82 -13.28 -68.46
C CYS J 347 12.16 -14.61 -68.14
N GLU J 348 12.99 -15.63 -67.88
CA GLU J 348 12.54 -16.98 -67.54
C GLU J 348 13.25 -17.46 -66.26
N ASN J 349 12.50 -18.05 -65.32
CA ASN J 349 13.04 -18.44 -64.00
C ASN J 349 13.29 -19.94 -63.91
N MET J 350 14.55 -20.34 -63.98
CA MET J 350 14.89 -21.73 -64.25
C MET J 350 15.93 -22.31 -63.29
N VAL J 351 16.11 -23.62 -63.34
CA VAL J 351 17.09 -24.27 -62.48
C VAL J 351 18.30 -24.64 -63.30
N SER J 352 19.47 -24.21 -62.85
CA SER J 352 20.66 -24.31 -63.67
C SER J 352 21.87 -24.21 -62.76
N LYS J 353 23.05 -24.57 -63.26
CA LYS J 353 24.29 -24.26 -62.56
C LYS J 353 24.46 -22.75 -62.53
N ASN J 354 23.78 -22.06 -63.45
CA ASN J 354 23.90 -20.62 -63.61
C ASN J 354 22.88 -19.80 -62.83
N SER J 355 21.90 -20.45 -62.21
CA SER J 355 20.78 -19.73 -61.57
C SER J 355 21.20 -18.90 -60.36
N TYR J 356 20.43 -17.86 -60.03
CA TYR J 356 20.61 -17.25 -58.71
C TYR J 356 20.15 -18.21 -57.59
N ARG J 357 20.70 -18.04 -56.38
CA ARG J 357 20.45 -18.95 -55.24
C ARG J 357 19.65 -18.26 -54.13
N PRO J 358 18.86 -19.04 -53.37
CA PRO J 358 18.25 -18.51 -52.15
C PRO J 358 19.37 -17.96 -51.27
N GLY J 359 19.20 -16.78 -50.72
CA GLY J 359 20.23 -16.18 -49.88
C GLY J 359 21.08 -15.15 -50.60
N ASP J 360 21.22 -15.28 -51.92
CA ASP J 360 22.05 -14.34 -52.69
C ASP J 360 21.65 -12.90 -52.40
N ILE J 361 22.63 -12.01 -52.30
CA ILE J 361 22.34 -10.59 -52.20
C ILE J 361 22.62 -9.91 -53.55
N ILE J 362 21.60 -9.25 -54.07
CA ILE J 362 21.70 -8.63 -55.38
C ILE J 362 21.37 -7.14 -55.30
N THR J 363 21.84 -6.39 -56.29
CA THR J 363 21.71 -4.93 -56.27
C THR J 363 20.81 -4.42 -57.37
N ALA J 364 19.73 -3.76 -56.99
CA ALA J 364 18.77 -3.22 -57.94
C ALA J 364 19.35 -1.96 -58.58
N SER J 365 18.68 -1.45 -59.60
CA SER J 365 19.19 -0.31 -60.36
C SER J 365 19.09 1.03 -59.62
N ASN J 366 18.38 1.09 -58.51
CA ASN J 366 18.41 2.31 -57.70
C ASN J 366 19.45 2.22 -56.58
N GLY J 367 20.27 1.17 -56.61
CA GLY J 367 21.32 0.99 -55.63
C GLY J 367 20.94 0.18 -54.39
N LYS J 368 19.66 -0.12 -54.24
CA LYS J 368 19.20 -0.94 -53.11
C LYS J 368 19.64 -2.40 -53.19
N THR J 369 20.29 -2.88 -52.13
CA THR J 369 20.64 -4.29 -52.05
C THR J 369 19.48 -5.12 -51.51
N ILE J 370 19.27 -6.27 -52.12
CA ILE J 370 18.15 -7.13 -51.80
C ILE J 370 18.64 -8.52 -51.40
N GLU J 371 18.20 -9.02 -50.24
CA GLU J 371 18.52 -10.40 -49.86
C GLU J 371 17.40 -11.31 -50.35
N VAL J 372 17.76 -12.23 -51.24
CA VAL J 372 16.79 -13.14 -51.85
C VAL J 372 16.46 -14.26 -50.86
N GLY J 373 15.24 -14.27 -50.33
CA GLY J 373 14.82 -15.27 -49.35
C GLY J 373 14.21 -16.51 -50.02
N ASN J 374 13.73 -16.32 -51.24
CA ASN J 374 13.06 -17.38 -51.96
C ASN J 374 13.14 -17.05 -53.44
N THR J 375 13.75 -17.93 -54.22
CA THR J 375 13.90 -17.65 -55.65
C THR J 375 12.56 -17.70 -56.40
N ASP J 376 11.50 -18.17 -55.73
CA ASP J 376 10.17 -18.24 -56.35
C ASP J 376 9.41 -16.94 -56.11
N ALA J 377 10.05 -15.97 -55.46
CA ALA J 377 9.48 -14.63 -55.35
C ALA J 377 10.20 -13.73 -56.36
N GLU J 378 10.33 -14.23 -57.58
CA GLU J 378 11.14 -13.59 -58.61
C GLU J 378 10.44 -12.42 -59.30
N GLY J 379 9.11 -12.41 -59.27
CA GLY J 379 8.35 -11.41 -60.01
C GLY J 379 8.67 -10.03 -59.51
N ARG J 380 8.64 -9.89 -58.19
CA ARG J 380 8.83 -8.59 -57.55
C ARG J 380 10.25 -8.07 -57.74
N LEU J 381 11.20 -8.99 -57.96
CA LEU J 381 12.57 -8.58 -58.29
C LEU J 381 12.61 -7.94 -59.68
N THR J 382 12.01 -8.58 -60.66
CA THR J 382 11.99 -8.00 -62.01
C THR J 382 11.21 -6.68 -62.03
N LEU J 383 10.09 -6.64 -61.31
CA LEU J 383 9.27 -5.43 -61.27
C LEU J 383 10.02 -4.28 -60.61
N ALA J 384 10.84 -4.60 -59.60
CA ALA J 384 11.65 -3.60 -58.91
C ALA J 384 12.45 -2.77 -59.91
N ASP J 385 13.17 -3.45 -60.79
CA ASP J 385 13.97 -2.75 -61.78
C ASP J 385 13.08 -2.10 -62.85
N ALA J 386 11.97 -2.73 -63.17
CA ALA J 386 11.04 -2.14 -64.15
C ALA J 386 10.44 -0.82 -63.62
N LEU J 387 10.13 -0.80 -62.32
CA LEU J 387 9.56 0.39 -61.68
C LEU J 387 10.58 1.54 -61.63
N VAL J 388 11.84 1.22 -61.31
CA VAL J 388 12.91 2.22 -61.36
C VAL J 388 13.03 2.82 -62.77
N TYR J 389 12.98 1.95 -63.76
CA TYR J 389 13.03 2.37 -65.15
C TYR J 389 11.83 3.26 -65.49
N ALA J 390 10.64 2.84 -65.07
CA ALA J 390 9.44 3.64 -65.29
C ALA J 390 9.50 5.02 -64.64
N GLU J 391 9.91 5.09 -63.38
CA GLU J 391 9.91 6.39 -62.70
C GLU J 391 10.90 7.36 -63.35
N LYS J 392 12.00 6.83 -63.89
CA LYS J 392 12.97 7.66 -64.58
C LYS J 392 12.40 8.31 -65.84
N LEU J 393 11.31 7.75 -66.37
CA LEU J 393 10.68 8.30 -67.56
C LEU J 393 9.99 9.63 -67.29
N GLY J 394 9.80 9.96 -66.01
CA GLY J 394 9.09 11.17 -65.61
C GLY J 394 7.61 11.17 -65.96
N VAL J 395 6.88 10.20 -65.42
CA VAL J 395 5.47 10.06 -65.78
C VAL J 395 4.59 10.52 -64.63
N ASP J 396 3.30 10.67 -64.91
CA ASP J 396 2.36 11.08 -63.88
C ASP J 396 1.85 9.89 -63.09
N TYR J 397 1.68 8.76 -63.77
CA TYR J 397 1.15 7.54 -63.15
C TYR J 397 1.97 6.33 -63.59
N ILE J 398 2.26 5.45 -62.65
CA ILE J 398 2.80 4.13 -62.97
C ILE J 398 1.82 3.09 -62.45
N VAL J 399 1.37 2.20 -63.32
CA VAL J 399 0.48 1.13 -62.93
C VAL J 399 1.10 -0.18 -63.36
N ASP J 400 1.35 -1.07 -62.40
CA ASP J 400 1.88 -2.38 -62.75
C ASP J 400 0.78 -3.42 -62.62
N ILE J 401 0.87 -4.47 -63.43
CA ILE J 401 -0.07 -5.56 -63.36
C ILE J 401 0.71 -6.86 -63.39
N ALA J 402 0.39 -7.79 -62.49
CA ALA J 402 1.20 -8.98 -62.31
C ALA J 402 0.45 -10.16 -61.70
N THR J 403 0.79 -11.37 -62.16
CA THR J 403 0.40 -12.61 -61.48
C THR J 403 1.36 -12.84 -60.31
N LEU J 404 1.25 -12.00 -59.28
CA LEU J 404 2.33 -11.89 -58.30
C LEU J 404 2.31 -12.88 -57.13
N THR J 405 1.15 -13.02 -56.48
CA THR J 405 1.06 -13.83 -55.26
C THR J 405 -0.10 -14.81 -55.28
N GLY J 406 0.20 -16.11 -55.08
CA GLY J 406 -0.83 -17.12 -54.99
C GLY J 406 -1.83 -16.87 -53.86
N ALA J 407 -1.42 -16.09 -52.86
CA ALA J 407 -2.30 -15.75 -51.75
C ALA J 407 -3.60 -15.03 -52.18
N MET J 408 -3.60 -14.44 -53.37
CA MET J 408 -4.81 -13.81 -53.90
C MET J 408 -5.95 -14.81 -53.95
N LEU J 409 -5.63 -16.08 -54.14
CA LEU J 409 -6.63 -17.14 -54.19
C LEU J 409 -7.35 -17.29 -52.87
N TYR J 410 -6.69 -16.85 -51.80
CA TYR J 410 -7.27 -16.99 -50.46
C TYR J 410 -7.90 -15.71 -49.96
N SER J 411 -7.63 -14.61 -50.66
CA SER J 411 -8.19 -13.32 -50.27
C SER J 411 -9.40 -12.97 -51.12
N LEU J 412 -9.18 -12.75 -52.40
CA LEU J 412 -10.29 -12.36 -53.29
C LEU J 412 -10.75 -13.50 -54.19
N GLY J 413 -9.88 -14.50 -54.37
CA GLY J 413 -10.23 -15.66 -55.17
C GLY J 413 -9.99 -15.50 -56.67
N THR J 414 -10.87 -16.11 -57.46
CA THR J 414 -10.67 -16.21 -58.91
C THR J 414 -11.41 -15.16 -59.74
N SER J 415 -12.27 -14.39 -59.08
CA SER J 415 -13.10 -13.41 -59.79
C SER J 415 -12.61 -11.97 -59.75
N TYR J 416 -12.16 -11.52 -58.59
CA TYR J 416 -11.78 -10.12 -58.40
C TYR J 416 -10.25 -10.04 -58.24
N ALA J 417 -9.61 -9.16 -59.00
CA ALA J 417 -8.18 -8.87 -58.79
C ALA J 417 -8.04 -7.91 -57.63
N GLY J 418 -6.84 -7.84 -57.04
CA GLY J 418 -6.59 -6.87 -55.98
C GLY J 418 -5.82 -5.66 -56.50
N VAL J 419 -6.11 -4.48 -55.98
CA VAL J 419 -5.33 -3.30 -56.30
C VAL J 419 -4.78 -2.66 -55.04
N PHE J 420 -3.48 -2.40 -55.07
CA PHE J 420 -2.76 -1.77 -53.99
C PHE J 420 -2.14 -0.47 -54.53
N GLY J 421 -1.88 0.51 -53.66
CA GLY J 421 -1.29 1.74 -54.17
C GLY J 421 -0.77 2.70 -53.11
N ASN J 422 -0.06 3.73 -53.58
CA ASN J 422 0.46 4.77 -52.69
C ASN J 422 -0.30 6.07 -52.87
N ASN J 423 -1.36 6.05 -53.67
CA ASN J 423 -2.08 7.27 -54.05
C ASN J 423 -3.57 7.02 -54.23
N GLU J 424 -4.38 7.56 -53.32
CA GLU J 424 -5.83 7.33 -53.33
C GLU J 424 -6.49 7.71 -54.65
N GLU J 425 -6.10 8.84 -55.21
CA GLU J 425 -6.65 9.31 -56.47
C GLU J 425 -6.48 8.29 -57.60
N LEU J 426 -5.26 7.76 -57.74
CA LEU J 426 -4.97 6.77 -58.78
C LEU J 426 -5.73 5.46 -58.56
N ILE J 427 -5.83 5.04 -57.32
CA ILE J 427 -6.61 3.85 -56.97
C ILE J 427 -8.09 4.02 -57.36
N ASN J 428 -8.68 5.15 -57.00
CA ASN J 428 -10.07 5.43 -57.35
C ASN J 428 -10.30 5.45 -58.87
N LYS J 429 -9.32 5.97 -59.61
CA LYS J 429 -9.35 5.93 -61.07
C LYS J 429 -9.34 4.51 -61.60
N ILE J 430 -8.52 3.66 -61.00
CA ILE J 430 -8.50 2.26 -61.39
C ILE J 430 -9.80 1.56 -61.01
N LEU J 431 -10.38 1.90 -59.87
CA LEU J 431 -11.67 1.33 -59.48
C LEU J 431 -12.79 1.75 -60.43
N GLN J 432 -12.77 3.00 -60.87
CA GLN J 432 -13.73 3.46 -61.88
C GLN J 432 -13.54 2.70 -63.20
N SER J 433 -12.28 2.52 -63.60
CA SER J 433 -11.96 1.74 -64.80
C SER J 433 -12.42 0.30 -64.67
N SER J 434 -12.27 -0.26 -63.48
CA SER J 434 -12.81 -1.60 -63.19
C SER J 434 -14.31 -1.64 -63.45
N LYS J 435 -15.00 -0.59 -63.02
CA LYS J 435 -16.44 -0.55 -63.17
C LYS J 435 -16.91 -0.40 -64.62
N THR J 436 -16.23 0.42 -65.41
CA THR J 436 -16.62 0.60 -66.81
C THR J 436 -16.10 -0.50 -67.75
N SER J 437 -14.98 -1.14 -67.40
CA SER J 437 -14.48 -2.26 -68.19
C SER J 437 -15.21 -3.54 -67.82
N ASN J 438 -15.88 -3.53 -66.67
CA ASN J 438 -16.46 -4.74 -66.08
C ASN J 438 -15.44 -5.86 -65.82
N GLU J 439 -14.19 -5.48 -65.57
CA GLU J 439 -13.20 -6.40 -65.04
C GLU J 439 -13.01 -6.07 -63.56
N PRO J 440 -13.54 -6.93 -62.66
CA PRO J 440 -13.66 -6.54 -61.25
C PRO J 440 -12.35 -6.52 -60.47
N VAL J 441 -12.20 -5.48 -59.67
CA VAL J 441 -10.99 -5.23 -58.90
C VAL J 441 -11.45 -4.74 -57.53
N TRP J 442 -10.72 -5.11 -56.48
CA TRP J 442 -11.03 -4.64 -55.13
C TRP J 442 -9.78 -4.03 -54.51
N TRP J 443 -9.96 -2.91 -53.82
CA TRP J 443 -8.85 -2.20 -53.20
C TRP J 443 -8.45 -2.87 -51.88
N LEU J 444 -7.17 -3.24 -51.79
CA LEU J 444 -6.59 -3.86 -50.61
C LEU J 444 -5.51 -2.94 -50.04
N PRO J 445 -5.30 -2.97 -48.72
CA PRO J 445 -4.44 -1.97 -48.09
C PRO J 445 -2.96 -2.33 -48.12
N ILE J 446 -2.11 -1.32 -48.23
CA ILE J 446 -0.71 -1.51 -47.94
C ILE J 446 -0.53 -1.17 -46.47
N ILE J 447 -0.34 -2.22 -45.65
CA ILE J 447 -0.31 -2.06 -44.21
C ILE J 447 1.10 -1.82 -43.74
N ASN J 448 1.40 -0.57 -43.42
CA ASN J 448 2.77 -0.17 -43.10
C ASN J 448 3.40 -0.89 -41.94
N GLU J 449 2.57 -1.35 -41.01
CA GLU J 449 3.03 -2.07 -39.84
C GLU J 449 3.81 -3.33 -40.23
N TYR J 450 3.56 -3.83 -41.42
CA TYR J 450 4.28 -5.04 -41.84
C TYR J 450 5.64 -4.73 -42.45
N ARG J 451 5.95 -3.45 -42.69
CA ARG J 451 7.19 -3.09 -43.41
C ARG J 451 8.45 -3.59 -42.70
N ALA J 452 8.40 -3.61 -41.37
CA ALA J 452 9.56 -4.00 -40.58
C ALA J 452 10.01 -5.44 -40.88
N THR J 453 9.09 -6.25 -41.37
CA THR J 453 9.42 -7.66 -41.62
C THR J 453 10.37 -7.79 -42.81
N LEU J 454 10.46 -6.74 -43.64
CA LEU J 454 11.38 -6.73 -44.77
C LEU J 454 12.76 -6.15 -44.41
N ASN J 455 12.99 -5.86 -43.14
CA ASN J 455 14.31 -5.38 -42.75
C ASN J 455 15.31 -6.55 -42.72
N SER J 456 16.26 -6.51 -43.65
CA SER J 456 17.27 -7.55 -43.74
C SER J 456 18.39 -7.32 -42.72
N LYS J 457 18.95 -8.41 -42.20
CA LYS J 457 20.11 -8.29 -41.31
C LYS J 457 21.33 -7.75 -42.07
N TYR J 458 21.46 -8.12 -43.34
CA TYR J 458 22.67 -7.82 -44.11
C TYR J 458 22.47 -6.88 -45.29
N ALA J 459 21.40 -7.07 -46.04
CA ALA J 459 21.14 -6.24 -47.23
C ALA J 459 20.25 -5.06 -46.82
N ASP J 460 20.00 -4.14 -47.75
CA ASP J 460 19.14 -2.99 -47.41
C ASP J 460 17.72 -3.46 -47.16
N ILE J 461 17.33 -4.53 -47.83
CA ILE J 461 15.95 -5.00 -47.72
C ILE J 461 15.81 -6.51 -48.01
N ASN J 462 14.82 -7.13 -47.38
CA ASN J 462 14.43 -8.49 -47.71
C ASN J 462 13.50 -8.49 -48.90
N GLN J 463 13.64 -9.52 -49.74
CA GLN J 463 12.73 -9.80 -50.83
C GLN J 463 11.37 -10.27 -50.29
N ILE J 464 11.41 -11.16 -49.30
CA ILE J 464 10.19 -11.68 -48.68
C ILE J 464 10.20 -11.57 -47.16
N SER J 465 9.04 -11.88 -46.59
CA SER J 465 8.92 -11.96 -45.14
C SER J 465 9.26 -13.38 -44.66
N SER J 466 9.76 -13.50 -43.44
CA SER J 466 9.89 -14.82 -42.85
C SER J 466 8.61 -15.14 -42.08
N SER J 467 8.10 -14.16 -41.34
CA SER J 467 6.94 -14.36 -40.46
C SER J 467 5.57 -14.07 -41.09
N VAL J 468 5.41 -12.88 -41.68
CA VAL J 468 4.10 -12.43 -42.18
C VAL J 468 3.52 -13.26 -43.34
N LYS J 469 2.30 -13.76 -43.15
CA LYS J 469 1.66 -14.61 -44.16
C LYS J 469 0.76 -13.86 -45.17
N ALA J 470 0.46 -12.60 -44.87
CA ALA J 470 -0.24 -11.73 -45.84
C ALA J 470 0.73 -11.31 -46.96
N SER J 471 1.07 -12.24 -47.84
CA SER J 471 2.14 -12.04 -48.81
C SER J 471 1.83 -11.04 -49.91
N SER J 472 0.55 -10.85 -50.23
CA SER J 472 0.16 -9.89 -51.26
C SER J 472 0.46 -8.46 -50.79
N ILE J 473 0.25 -8.22 -49.50
CA ILE J 473 0.53 -6.92 -48.91
C ILE J 473 2.05 -6.73 -48.78
N VAL J 474 2.75 -7.77 -48.33
CA VAL J 474 4.19 -7.70 -48.19
C VAL J 474 4.86 -7.46 -49.55
N ALA J 475 4.37 -8.14 -50.59
CA ALA J 475 4.93 -7.96 -51.93
C ALA J 475 4.72 -6.50 -52.35
N SER J 476 3.56 -5.95 -52.00
CA SER J 476 3.25 -4.55 -52.32
C SER J 476 4.16 -3.59 -51.57
N LEU J 477 4.44 -3.90 -50.30
CA LEU J 477 5.40 -3.11 -49.53
C LEU J 477 6.78 -3.14 -50.17
N PHE J 478 7.17 -4.28 -50.72
CA PHE J 478 8.47 -4.42 -51.35
C PHE J 478 8.52 -3.55 -52.59
N LEU J 479 7.49 -3.66 -53.42
CA LEU J 479 7.43 -2.90 -54.67
C LEU J 479 7.46 -1.40 -54.42
N LYS J 480 6.77 -0.95 -53.38
CA LYS J 480 6.66 0.48 -53.08
C LYS J 480 8.02 1.12 -52.80
N GLU J 481 8.97 0.29 -52.36
CA GLU J 481 10.33 0.76 -52.09
C GLU J 481 11.07 1.17 -53.36
N PHE J 482 10.47 0.87 -54.52
CA PHE J 482 11.11 1.16 -55.80
C PHE J 482 10.38 2.23 -56.60
N VAL J 483 9.47 2.93 -55.92
CA VAL J 483 8.82 4.12 -56.46
C VAL J 483 9.00 5.23 -55.42
N GLN J 484 9.77 6.26 -55.75
CA GLN J 484 10.08 7.26 -54.74
C GLN J 484 9.07 8.39 -54.64
N ASN J 485 8.68 8.95 -55.77
CA ASN J 485 7.85 10.16 -55.74
C ASN J 485 6.88 10.25 -56.90
N THR J 486 6.21 9.14 -57.22
CA THR J 486 5.25 9.13 -58.31
C THR J 486 4.03 8.34 -57.90
N ALA J 487 2.84 8.76 -58.35
CA ALA J 487 1.62 8.02 -58.06
C ALA J 487 1.71 6.64 -58.71
N TRP J 488 1.47 5.61 -57.93
CA TRP J 488 1.70 4.23 -58.36
C TRP J 488 0.62 3.29 -57.84
N ALA J 489 0.13 2.42 -58.72
CA ALA J 489 -0.80 1.38 -58.30
C ALA J 489 -0.34 0.05 -58.87
N HIS J 490 -0.74 -1.02 -58.20
CA HIS J 490 -0.24 -2.36 -58.47
C HIS J 490 -1.43 -3.29 -58.45
N ILE J 491 -1.66 -3.99 -59.56
CA ILE J 491 -2.82 -4.85 -59.70
C ILE J 491 -2.36 -6.31 -59.70
N ASP J 492 -2.76 -7.06 -58.69
CA ASP J 492 -2.32 -8.45 -58.54
C ASP J 492 -3.40 -9.36 -59.11
N ILE J 493 -3.11 -9.98 -60.24
CA ILE J 493 -4.09 -10.77 -60.99
C ILE J 493 -3.77 -12.26 -60.93
N ALA J 494 -2.95 -12.65 -59.94
CA ALA J 494 -2.49 -14.02 -59.77
C ALA J 494 -3.64 -15.00 -59.69
N GLY J 495 -4.73 -14.56 -59.07
CA GLY J 495 -5.89 -15.41 -58.88
C GLY J 495 -6.88 -15.41 -60.04
N VAL J 496 -6.95 -14.31 -60.77
CA VAL J 496 -7.99 -14.17 -61.79
C VAL J 496 -7.51 -14.41 -63.22
N SER J 497 -6.20 -14.48 -63.43
CA SER J 497 -5.68 -14.52 -64.81
C SER J 497 -6.13 -15.75 -65.59
N TRP J 498 -6.10 -16.91 -64.94
CA TRP J 498 -6.40 -18.15 -65.64
C TRP J 498 -7.82 -18.62 -65.32
N ASN J 499 -8.55 -19.03 -66.35
CA ASN J 499 -9.89 -19.55 -66.14
C ASN J 499 -9.80 -21.05 -65.94
N PHE J 500 -9.73 -21.49 -64.68
CA PHE J 500 -9.48 -22.90 -64.37
C PHE J 500 -10.55 -23.85 -64.92
N LYS J 501 -11.82 -23.47 -64.81
CA LYS J 501 -12.91 -24.33 -65.25
C LYS J 501 -12.89 -24.51 -66.78
N ALA J 502 -12.57 -23.45 -67.51
CA ALA J 502 -12.56 -23.56 -68.97
C ALA J 502 -11.17 -23.86 -69.53
N ARG J 503 -10.17 -23.95 -68.64
CA ARG J 503 -8.82 -24.35 -69.02
C ARG J 503 -8.16 -23.42 -70.06
N LYS J 504 -8.25 -22.11 -69.81
CA LYS J 504 -7.75 -21.12 -70.75
C LYS J 504 -7.60 -19.77 -70.05
N PRO J 505 -6.79 -18.86 -70.61
CA PRO J 505 -6.61 -17.54 -69.99
C PRO J 505 -7.86 -16.69 -70.13
N LYS J 506 -7.97 -15.64 -69.33
CA LYS J 506 -8.99 -14.63 -69.52
C LYS J 506 -8.49 -13.43 -70.33
N GLY J 507 -7.19 -13.25 -70.41
CA GLY J 507 -6.65 -12.02 -70.96
C GLY J 507 -7.09 -10.89 -70.04
N PHE J 508 -7.12 -11.19 -68.74
CA PHE J 508 -7.58 -10.22 -67.75
C PHE J 508 -6.68 -9.00 -67.71
N GLY J 509 -7.30 -7.83 -67.74
CA GLY J 509 -6.55 -6.60 -67.54
C GLY J 509 -6.50 -5.69 -68.77
N VAL J 510 -6.66 -6.27 -69.96
CA VAL J 510 -6.57 -5.47 -71.18
C VAL J 510 -7.62 -4.36 -71.17
N ARG J 511 -8.87 -4.74 -70.92
CA ARG J 511 -9.95 -3.76 -70.96
C ARG J 511 -9.90 -2.77 -69.81
N LEU J 512 -9.50 -3.25 -68.64
CA LEU J 512 -9.29 -2.42 -67.45
C LEU J 512 -8.29 -1.30 -67.72
N LEU J 513 -7.10 -1.67 -68.18
CA LEU J 513 -6.03 -0.71 -68.44
C LEU J 513 -6.44 0.27 -69.55
N THR J 514 -7.11 -0.25 -70.59
CA THR J 514 -7.51 0.59 -71.70
C THR J 514 -8.53 1.63 -71.27
N GLU J 515 -9.46 1.25 -70.41
CA GLU J 515 -10.45 2.20 -69.92
C GLU J 515 -9.77 3.24 -69.04
N PHE J 516 -8.77 2.80 -68.27
CA PHE J 516 -7.95 3.71 -67.46
C PHE J 516 -7.33 4.79 -68.34
N VAL J 517 -6.71 4.36 -69.44
CA VAL J 517 -6.00 5.29 -70.33
C VAL J 517 -6.95 6.24 -71.06
N LEU J 518 -8.06 5.68 -71.53
CA LEU J 518 -9.01 6.39 -72.39
C LEU J 518 -9.85 7.43 -71.65
N ASN J 519 -10.28 7.07 -70.46
CA ASN J 519 -11.29 7.86 -69.79
C ASN J 519 -10.66 8.73 -68.72
N ASP J 520 -9.49 9.26 -69.05
CA ASP J 520 -8.63 9.95 -68.10
C ASP J 520 -8.34 11.38 -68.53
N SER K 3 41.55 -18.97 -59.86
CA SER K 3 41.71 -17.62 -59.33
C SER K 3 40.74 -16.56 -59.92
N GLU K 4 40.42 -16.64 -61.21
CA GLU K 4 39.42 -15.73 -61.77
C GLU K 4 38.01 -16.26 -61.53
N VAL K 5 37.17 -15.47 -60.86
CA VAL K 5 35.81 -15.92 -60.54
C VAL K 5 34.93 -15.79 -61.78
N PRO K 6 34.35 -16.91 -62.26
CA PRO K 6 33.47 -16.81 -63.43
C PRO K 6 32.19 -16.03 -63.11
N GLN K 7 31.67 -15.30 -64.09
CA GLN K 7 30.43 -14.53 -63.94
C GLN K 7 29.40 -14.98 -64.97
N VAL K 8 28.11 -15.00 -64.59
CA VAL K 8 27.05 -15.18 -65.57
C VAL K 8 26.78 -13.84 -66.26
N VAL K 9 26.66 -12.79 -65.44
CA VAL K 9 26.46 -11.43 -65.95
C VAL K 9 27.48 -10.53 -65.30
N SER K 10 27.68 -9.35 -65.89
CA SER K 10 28.78 -8.47 -65.47
C SER K 10 28.57 -7.90 -64.06
N LEU K 11 27.33 -7.99 -63.56
CA LEU K 11 27.03 -7.48 -62.23
C LEU K 11 27.29 -8.53 -61.14
N ASP K 12 27.72 -9.73 -61.52
CA ASP K 12 28.01 -10.75 -60.50
C ASP K 12 29.31 -10.45 -59.80
N PRO K 13 29.31 -10.47 -58.46
CA PRO K 13 30.52 -10.10 -57.71
C PRO K 13 31.67 -11.07 -57.94
N THR K 14 32.90 -10.57 -57.85
CA THR K 14 34.05 -11.43 -58.14
C THR K 14 34.99 -11.54 -56.97
N SER K 15 34.57 -11.04 -55.82
CA SER K 15 35.29 -11.28 -54.58
C SER K 15 34.35 -11.19 -53.39
N ILE K 16 34.75 -11.76 -52.26
CA ILE K 16 34.05 -11.56 -51.00
C ILE K 16 34.58 -10.29 -50.34
N PRO K 17 33.70 -9.33 -50.02
CA PRO K 17 34.22 -8.18 -49.27
C PRO K 17 34.62 -8.64 -47.88
N ILE K 18 35.82 -8.25 -47.45
CA ILE K 18 36.28 -8.60 -46.11
C ILE K 18 36.71 -7.34 -45.37
N GLU K 19 36.26 -7.21 -44.13
CA GLU K 19 36.68 -6.10 -43.28
C GLU K 19 37.73 -6.60 -42.27
N TYR K 20 38.96 -6.12 -42.37
CA TYR K 20 40.03 -6.56 -41.45
C TYR K 20 40.20 -5.61 -40.27
N ASN K 21 40.36 -4.33 -40.56
CA ASN K 21 40.41 -3.28 -39.55
C ASN K 21 39.00 -2.89 -39.08
N THR K 22 38.62 -3.33 -37.88
CA THR K 22 37.26 -3.04 -37.38
C THR K 22 37.32 -2.01 -36.25
N PRO K 23 36.18 -1.38 -35.94
CA PRO K 23 36.17 -0.42 -34.83
C PRO K 23 36.54 -1.05 -33.49
N ILE K 24 36.30 -2.35 -33.32
CA ILE K 24 36.72 -3.04 -32.11
C ILE K 24 38.23 -2.90 -31.93
N HIS K 25 38.97 -2.95 -33.03
CA HIS K 25 40.43 -2.84 -32.92
C HIS K 25 40.89 -1.48 -32.43
N ASP K 26 40.03 -0.48 -32.52
CA ASP K 26 40.38 0.85 -32.04
C ASP K 26 40.04 1.06 -30.57
N ILE K 27 39.41 0.08 -29.95
CA ILE K 27 39.01 0.25 -28.56
C ILE K 27 40.20 0.10 -27.63
N LYS K 28 40.46 1.15 -26.85
CA LYS K 28 41.51 1.08 -25.82
C LYS K 28 40.95 0.49 -24.52
N VAL K 29 41.55 -0.60 -24.06
CA VAL K 29 41.05 -1.34 -22.90
C VAL K 29 41.99 -1.24 -21.70
N GLN K 30 41.45 -0.84 -20.56
CA GLN K 30 42.21 -0.78 -19.30
C GLN K 30 41.51 -1.62 -18.25
N VAL K 31 42.30 -2.36 -17.46
CA VAL K 31 41.72 -3.15 -16.38
C VAL K 31 42.25 -2.64 -15.04
N TYR K 32 41.34 -2.37 -14.12
CA TYR K 32 41.68 -1.82 -12.81
C TYR K 32 41.20 -2.78 -11.73
N ASP K 33 41.85 -2.75 -10.57
CA ASP K 33 41.37 -3.54 -9.46
C ASP K 33 40.24 -2.79 -8.76
N ILE K 34 39.22 -3.51 -8.30
CA ILE K 34 38.09 -2.89 -7.60
C ILE K 34 38.54 -2.23 -6.29
N LYS K 35 39.55 -2.82 -5.66
CA LYS K 35 40.13 -2.24 -4.47
C LYS K 35 40.74 -0.89 -4.83
N GLY K 36 40.43 0.14 -4.05
CA GLY K 36 40.80 1.50 -4.41
C GLY K 36 39.57 2.27 -4.82
N GLY K 37 38.47 1.55 -5.06
CA GLY K 37 37.20 2.17 -5.44
C GLY K 37 37.10 2.39 -6.95
N CYS K 38 35.90 2.65 -7.44
CA CYS K 38 35.69 2.83 -8.88
C CYS K 38 35.46 4.31 -9.17
N ASN K 39 36.19 4.83 -10.15
CA ASN K 39 35.96 6.20 -10.61
C ASN K 39 34.89 6.25 -11.70
N VAL K 40 33.96 7.20 -11.57
CA VAL K 40 32.86 7.34 -12.51
C VAL K 40 32.92 8.77 -13.05
N GLU K 41 33.52 8.93 -14.23
CA GLU K 41 33.89 10.24 -14.73
C GLU K 41 33.21 10.61 -16.04
N GLU K 42 32.91 9.62 -16.87
CA GLU K 42 32.34 9.86 -18.20
C GLU K 42 31.72 8.59 -18.75
N GLY K 43 30.97 8.75 -19.82
CA GLY K 43 30.39 7.63 -20.54
C GLY K 43 29.41 6.83 -19.71
N LEU K 44 29.44 5.51 -19.92
CA LEU K 44 28.50 4.59 -19.28
C LEU K 44 29.27 3.65 -18.36
N THR K 45 28.74 3.45 -17.15
CA THR K 45 29.33 2.51 -16.18
C THR K 45 28.28 1.50 -15.76
N ILE K 46 28.53 0.22 -16.06
CA ILE K 46 27.58 -0.85 -15.80
C ILE K 46 28.13 -1.80 -14.75
N PHE K 47 27.36 -2.03 -13.70
CA PHE K 47 27.74 -3.00 -12.67
C PHE K 47 27.09 -4.33 -13.01
N LEU K 48 27.88 -5.41 -12.95
CA LEU K 48 27.36 -6.74 -13.18
C LEU K 48 27.09 -7.36 -11.82
N VAL K 49 25.82 -7.54 -11.46
CA VAL K 49 25.51 -8.00 -10.11
C VAL K 49 24.52 -9.16 -10.06
N ASN K 50 24.75 -10.06 -9.10
CA ASN K 50 23.82 -11.15 -8.86
C ASN K 50 23.22 -11.06 -7.46
N ASN K 51 22.37 -12.02 -7.11
CA ASN K 51 21.87 -12.12 -5.75
C ASN K 51 21.64 -13.60 -5.44
N PRO K 52 22.65 -14.25 -4.85
CA PRO K 52 22.63 -15.71 -4.66
C PRO K 52 21.57 -16.16 -3.66
N LYS K 54 16.47 -13.44 -2.80
CA LYS K 54 17.58 -13.94 -3.61
C LYS K 54 17.20 -14.16 -5.07
N GLU K 55 16.38 -15.20 -5.33
CA GLU K 55 15.90 -15.44 -6.70
C GLU K 55 15.08 -14.25 -7.21
N ASN K 56 15.49 -13.68 -8.34
CA ASN K 56 14.99 -12.37 -8.78
C ASN K 56 15.07 -11.31 -7.69
N GLY K 57 16.05 -11.47 -6.80
CA GLY K 57 16.19 -10.58 -5.66
C GLY K 57 16.63 -9.19 -6.07
N PRO K 58 16.77 -8.30 -5.08
CA PRO K 58 17.08 -6.90 -5.35
C PRO K 58 18.53 -6.70 -5.78
N VAL K 59 18.78 -5.62 -6.52
CA VAL K 59 20.13 -5.18 -6.86
C VAL K 59 20.76 -4.51 -5.66
N LYS K 60 22.01 -4.88 -5.36
CA LYS K 60 22.77 -4.22 -4.33
C LYS K 60 24.20 -4.10 -4.85
N ILE K 61 24.74 -2.89 -4.79
CA ILE K 61 26.06 -2.58 -5.30
C ILE K 61 27.06 -2.63 -4.14
N SER K 62 28.04 -3.54 -4.21
CA SER K 62 29.04 -3.58 -3.13
C SER K 62 30.23 -2.65 -3.32
N SER K 63 30.61 -2.34 -4.55
CA SER K 63 31.83 -1.55 -4.79
C SER K 63 31.73 -0.10 -4.34
N LYS K 64 32.79 0.37 -3.68
CA LYS K 64 32.92 1.78 -3.36
C LYS K 64 33.04 2.57 -4.66
N VAL K 65 32.32 3.68 -4.76
CA VAL K 65 32.41 4.52 -5.94
C VAL K 65 32.91 5.91 -5.54
N ASN K 66 33.99 6.35 -6.17
CA ASN K 66 34.66 7.58 -5.76
C ASN K 66 33.98 8.87 -6.23
N ASP K 67 32.70 8.79 -6.54
CA ASP K 67 31.92 9.97 -6.88
C ASP K 67 30.76 10.03 -5.92
N LYS K 68 30.56 11.18 -5.28
CA LYS K 68 29.50 11.28 -4.27
C LYS K 68 28.08 11.27 -4.85
N GLN K 69 27.88 11.90 -6.02
CA GLN K 69 26.57 11.88 -6.67
C GLN K 69 26.20 10.48 -7.11
N VAL K 70 27.16 9.78 -7.70
CA VAL K 70 26.91 8.42 -8.15
C VAL K 70 26.71 7.46 -6.98
N SER K 71 27.53 7.60 -5.94
CA SER K 71 27.38 6.78 -4.73
C SER K 71 25.96 6.89 -4.17
N GLU K 72 25.39 8.09 -4.25
CA GLU K 72 24.04 8.32 -3.75
C GLU K 72 23.02 7.58 -4.60
N PHE K 73 23.21 7.65 -5.91
CA PHE K 73 22.33 6.96 -6.85
C PHE K 73 22.35 5.47 -6.55
N LEU K 74 23.55 4.97 -6.24
CA LEU K 74 23.78 3.55 -6.10
C LEU K 74 23.50 3.00 -4.71
N LYS K 75 22.94 3.81 -3.83
CA LYS K 75 22.69 3.35 -2.46
C LYS K 75 21.63 2.25 -2.46
N ASP K 76 21.65 1.40 -1.44
CA ASP K 76 20.76 0.22 -1.39
C ASP K 76 19.28 0.56 -1.57
N GLU K 77 18.86 1.66 -0.96
CA GLU K 77 17.46 2.10 -1.00
C GLU K 77 16.97 2.33 -2.42
N ASN K 78 17.82 2.88 -3.29
CA ASN K 78 17.46 3.10 -4.68
C ASN K 78 17.58 1.86 -5.56
N MET K 79 18.63 1.07 -5.33
CA MET K 79 18.90 -0.05 -6.21
C MET K 79 17.93 -1.20 -5.97
N GLU K 80 17.36 -1.27 -4.77
CA GLU K 80 16.46 -2.36 -4.46
C GLU K 80 15.14 -2.27 -5.23
N LYS K 81 14.92 -1.16 -5.93
CA LYS K 81 13.75 -1.00 -6.82
C LYS K 81 13.96 -1.83 -8.07
N PHE K 82 15.19 -2.30 -8.25
CA PHE K 82 15.55 -3.08 -9.42
C PHE K 82 15.88 -4.48 -8.97
N ASN K 83 15.77 -5.45 -9.87
CA ASN K 83 16.04 -6.84 -9.55
C ASN K 83 17.10 -7.46 -10.49
N VAL K 84 17.72 -8.56 -10.04
CA VAL K 84 18.86 -9.13 -10.74
C VAL K 84 18.53 -10.24 -11.72
N LYS K 85 17.24 -10.39 -12.09
CA LYS K 85 16.87 -11.40 -13.08
C LYS K 85 17.81 -11.36 -14.29
N LEU K 86 18.31 -12.53 -14.67
CA LEU K 86 19.36 -12.66 -15.67
C LEU K 86 18.99 -11.91 -16.95
N GLY K 87 19.84 -10.94 -17.33
CA GLY K 87 19.64 -10.18 -18.54
C GLY K 87 18.91 -8.87 -18.35
N THR K 88 18.29 -8.68 -17.19
CA THR K 88 17.55 -7.43 -16.94
C THR K 88 18.54 -6.30 -16.73
N SER K 89 18.23 -5.13 -17.26
CA SER K 89 19.12 -4.00 -17.12
C SER K 89 18.35 -2.70 -16.94
N LYS K 90 18.99 -1.74 -16.27
CA LYS K 90 18.51 -0.36 -16.21
C LYS K 90 19.74 0.51 -16.26
N HIS K 91 19.61 1.70 -16.82
CA HIS K 91 20.72 2.67 -16.79
C HIS K 91 20.15 4.08 -16.85
N PHE K 92 20.77 4.99 -16.10
CA PHE K 92 20.26 6.34 -15.90
C PHE K 92 21.34 7.36 -16.24
N TYR K 93 20.94 8.47 -16.85
CA TYR K 93 21.83 9.62 -17.01
C TYR K 93 21.67 10.60 -15.83
N MET K 94 22.82 11.12 -15.38
CA MET K 94 22.87 12.03 -14.23
C MET K 94 24.16 12.84 -14.28
N PHE K 95 24.27 13.84 -13.42
CA PHE K 95 25.51 14.59 -13.32
C PHE K 95 26.32 14.06 -12.18
N ASN K 96 27.62 13.89 -12.40
CA ASN K 96 28.51 13.42 -11.35
C ASN K 96 29.04 14.62 -10.55
N ASP K 97 30.05 14.40 -9.70
CA ASP K 97 30.61 15.46 -8.86
C ASP K 97 31.15 16.65 -9.65
N ASN K 98 31.62 16.41 -10.87
CA ASN K 98 32.16 17.50 -11.70
C ASN K 98 31.11 18.15 -12.59
N LYS K 99 29.83 17.86 -12.34
CA LYS K 99 28.75 18.32 -13.22
C LYS K 99 28.95 17.82 -14.65
N ASN K 100 29.58 16.65 -14.76
CA ASN K 100 29.70 16.00 -16.05
C ASN K 100 28.64 14.93 -16.23
N SER K 101 28.06 14.89 -17.42
CA SER K 101 27.03 13.90 -17.72
C SER K 101 27.63 12.50 -17.76
N VAL K 102 27.13 11.61 -16.90
CA VAL K 102 27.55 10.21 -16.89
C VAL K 102 26.30 9.32 -16.87
N ALA K 103 26.41 8.14 -17.48
CA ALA K 103 25.34 7.15 -17.40
C ALA K 103 25.79 5.97 -16.52
N VAL K 104 24.90 5.54 -15.63
CA VAL K 104 25.23 4.50 -14.64
C VAL K 104 24.06 3.51 -14.59
N GLY K 105 24.39 2.21 -14.55
CA GLY K 105 23.36 1.19 -14.51
C GLY K 105 23.92 -0.17 -14.15
N TYR K 106 23.16 -1.22 -14.43
CA TYR K 106 23.60 -2.57 -14.06
C TYR K 106 23.03 -3.58 -15.05
N VAL K 107 23.61 -4.77 -15.08
CA VAL K 107 22.96 -5.91 -15.73
C VAL K 107 22.81 -7.03 -14.71
N GLY K 108 21.61 -7.59 -14.64
CA GLY K 108 21.34 -8.65 -13.68
C GLY K 108 22.02 -9.93 -14.13
N CYS K 109 22.68 -10.61 -13.20
CA CYS K 109 23.35 -11.87 -13.48
C CYS K 109 22.72 -12.99 -12.69
N GLY K 110 21.48 -12.77 -12.25
CA GLY K 110 20.67 -13.83 -11.69
C GLY K 110 21.05 -14.22 -10.28
N SER K 111 20.84 -15.49 -9.95
CA SER K 111 21.06 -15.97 -8.59
C SER K 111 22.09 -17.08 -8.43
N VAL K 112 22.71 -17.52 -9.53
CA VAL K 112 23.74 -18.56 -9.42
C VAL K 112 25.14 -17.94 -9.53
N ALA K 113 26.05 -18.36 -8.66
CA ALA K 113 27.38 -17.74 -8.58
C ALA K 113 28.30 -18.05 -9.77
N ASP K 114 28.19 -19.26 -10.30
CA ASP K 114 29.00 -19.66 -11.45
C ASP K 114 28.19 -19.56 -12.73
N LEU K 115 28.50 -18.56 -13.55
CA LEU K 115 27.76 -18.33 -14.79
C LEU K 115 28.23 -19.29 -15.88
N SER K 116 27.28 -19.91 -16.58
CA SER K 116 27.62 -20.72 -17.74
C SER K 116 27.97 -19.79 -18.92
N GLU K 117 28.49 -20.35 -20.00
CA GLU K 117 28.71 -19.56 -21.20
C GLU K 117 27.39 -18.99 -21.73
N ALA K 118 26.33 -19.77 -21.63
CA ALA K 118 25.03 -19.27 -22.08
C ALA K 118 24.54 -18.10 -21.24
N ASP K 119 24.68 -18.21 -19.92
CA ASP K 119 24.30 -17.13 -19.01
C ASP K 119 25.09 -15.86 -19.33
N MET K 120 26.39 -16.04 -19.53
CA MET K 120 27.26 -14.90 -19.84
C MET K 120 26.90 -14.25 -21.17
N LYS K 121 26.52 -15.05 -22.17
CA LYS K 121 26.09 -14.46 -23.44
C LYS K 121 24.89 -13.57 -23.26
N ARG K 122 23.98 -13.99 -22.38
CA ARG K 122 22.77 -13.20 -22.13
C ARG K 122 23.09 -11.88 -21.40
N VAL K 123 24.09 -11.92 -20.53
CA VAL K 123 24.53 -10.71 -19.84
C VAL K 123 25.13 -9.74 -20.85
N VAL K 124 26.01 -10.27 -21.70
CA VAL K 124 26.63 -9.47 -22.76
C VAL K 124 25.60 -8.87 -23.73
N LEU K 125 24.61 -9.66 -24.15
CA LEU K 125 23.61 -9.15 -25.09
C LEU K 125 22.86 -7.96 -24.52
N SER K 126 22.67 -7.96 -23.21
CA SER K 126 21.94 -6.87 -22.55
C SER K 126 22.83 -5.62 -22.48
N LEU K 127 24.13 -5.85 -22.25
CA LEU K 127 25.12 -4.79 -22.30
C LEU K 127 25.17 -4.17 -23.70
N VAL K 128 25.22 -5.03 -24.72
CA VAL K 128 25.30 -4.56 -26.10
C VAL K 128 24.09 -3.72 -26.54
N THR K 129 22.91 -4.09 -26.06
CA THR K 129 21.69 -3.33 -26.35
C THR K 129 21.86 -1.90 -25.87
N MET K 130 22.49 -1.73 -24.71
CA MET K 130 22.75 -0.38 -24.20
C MET K 130 23.80 0.34 -25.07
N LEU K 131 24.85 -0.36 -25.49
CA LEU K 131 25.88 0.25 -26.32
C LEU K 131 25.31 0.69 -27.68
N HIS K 132 24.42 -0.13 -28.23
CA HIS K 132 23.84 0.19 -29.54
C HIS K 132 22.88 1.37 -29.55
N ASP K 133 22.32 1.76 -28.40
CA ASP K 133 21.47 2.95 -28.43
C ASP K 133 21.86 4.08 -27.49
N ASN K 134 23.15 4.16 -27.20
CA ASN K 134 23.72 5.32 -26.53
C ASN K 134 24.98 5.73 -27.27
N LYS K 135 25.09 6.99 -27.67
CA LYS K 135 26.33 7.49 -28.25
C LYS K 135 27.30 7.73 -27.11
N LEU K 136 28.35 6.91 -27.05
CA LEU K 136 29.27 6.92 -25.93
C LEU K 136 30.70 6.88 -26.41
N SER K 137 31.60 7.56 -25.70
CA SER K 137 33.02 7.41 -26.00
C SER K 137 33.63 6.30 -25.14
N LYS K 138 32.96 5.95 -24.04
CA LYS K 138 33.52 4.97 -23.11
C LYS K 138 32.48 4.12 -22.39
N LEU K 139 32.80 2.84 -22.22
CA LEU K 139 32.04 1.94 -21.37
C LEU K 139 32.97 1.48 -20.25
N THR K 140 32.45 1.44 -19.03
CA THR K 140 33.18 0.86 -17.92
C THR K 140 32.31 -0.25 -17.36
N VAL K 141 32.90 -1.41 -17.16
CA VAL K 141 32.14 -2.55 -16.64
C VAL K 141 32.73 -2.94 -15.28
N VAL K 142 31.88 -3.01 -14.27
CA VAL K 142 32.32 -3.39 -12.92
C VAL K 142 31.80 -4.79 -12.55
N PHE K 143 32.74 -5.70 -12.33
CA PHE K 143 32.41 -7.08 -12.03
C PHE K 143 32.15 -7.30 -10.55
N GLU K 144 30.88 -7.44 -10.16
CA GLU K 144 30.59 -7.87 -8.80
C GLU K 144 30.08 -9.30 -8.80
N ILE K 145 30.65 -10.08 -9.70
CA ILE K 145 30.36 -11.51 -9.85
C ILE K 145 31.70 -12.19 -10.03
N ASN K 146 31.71 -13.51 -9.96
CA ASN K 146 32.95 -14.28 -10.07
C ASN K 146 33.13 -14.82 -11.47
N VAL K 147 34.26 -14.49 -12.08
CA VAL K 147 34.61 -15.07 -13.36
C VAL K 147 36.06 -15.55 -13.31
N ASP K 148 36.33 -16.72 -13.87
CA ASP K 148 37.71 -17.15 -13.99
C ASP K 148 38.36 -16.49 -15.21
N LYS K 149 39.65 -16.72 -15.43
CA LYS K 149 40.34 -16.10 -16.57
C LYS K 149 39.70 -16.43 -17.92
N ASN K 150 39.36 -17.69 -18.13
CA ASN K 150 38.76 -18.09 -19.41
C ASN K 150 37.39 -17.44 -19.61
N LEU K 151 36.60 -17.36 -18.54
CA LEU K 151 35.27 -16.79 -18.67
C LEU K 151 35.35 -15.28 -18.85
N PHE K 152 36.34 -14.66 -18.23
CA PHE K 152 36.58 -13.23 -18.44
C PHE K 152 36.91 -12.95 -19.89
N ARG K 153 37.79 -13.76 -20.47
CA ARG K 153 38.17 -13.59 -21.86
C ARG K 153 36.97 -13.83 -22.77
N PHE K 154 36.17 -14.83 -22.41
CA PHE K 154 34.92 -15.11 -23.11
C PHE K 154 34.00 -13.91 -23.04
N PHE K 155 33.93 -13.26 -21.89
CA PHE K 155 33.10 -12.06 -21.78
C PHE K 155 33.54 -10.99 -22.80
N LEU K 156 34.85 -10.79 -22.95
CA LEU K 156 35.36 -9.78 -23.88
C LEU K 156 35.11 -10.14 -25.33
N GLU K 157 35.40 -11.38 -25.70
CA GLU K 157 35.26 -11.86 -27.08
C GLU K 157 33.82 -11.71 -27.55
N THR K 158 32.90 -12.10 -26.67
CA THR K 158 31.48 -12.08 -26.98
C THR K 158 31.05 -10.64 -27.07
N LEU K 159 31.51 -9.82 -26.12
CA LEU K 159 31.21 -8.40 -26.18
C LEU K 159 31.67 -7.78 -27.51
N PHE K 160 32.95 -7.97 -27.86
CA PHE K 160 33.48 -7.47 -29.12
C PHE K 160 32.67 -8.02 -30.31
N TYR K 161 32.39 -9.31 -30.29
CA TYR K 161 31.68 -9.94 -31.40
C TYR K 161 30.26 -9.45 -31.58
N GLU K 162 29.50 -9.38 -30.48
CA GLU K 162 28.09 -8.98 -30.57
C GLU K 162 27.93 -7.48 -30.86
N TYR K 163 28.91 -6.70 -30.42
CA TYR K 163 28.91 -5.24 -30.58
C TYR K 163 29.13 -4.91 -32.05
N MET K 164 30.08 -5.61 -32.67
CA MET K 164 30.44 -5.37 -34.07
C MET K 164 29.25 -5.63 -35.00
N THR K 165 29.02 -4.72 -35.94
CA THR K 165 27.88 -4.86 -36.86
C THR K 165 28.36 -4.95 -38.29
N ASP K 166 27.93 -6.01 -38.97
CA ASP K 166 28.42 -6.33 -40.30
C ASP K 166 27.63 -5.57 -41.36
N GLU K 167 28.25 -4.57 -41.96
CA GLU K 167 27.56 -3.71 -42.91
C GLU K 167 28.10 -3.78 -44.33
N ARG K 168 28.88 -4.82 -44.63
CA ARG K 168 29.43 -5.03 -45.97
C ARG K 168 28.40 -5.01 -47.10
N PHE K 169 27.17 -5.44 -46.83
CA PHE K 169 26.17 -5.54 -47.89
C PHE K 169 25.08 -4.46 -47.84
N LYS K 170 25.26 -3.47 -46.98
CA LYS K 170 24.35 -2.34 -46.91
C LYS K 170 24.84 -1.30 -47.89
N SER K 171 23.92 -0.59 -48.53
CA SER K 171 24.29 0.52 -49.41
C SER K 171 23.33 1.68 -49.25
N GLU K 179 28.85 5.36 -34.32
CA GLU K 179 29.96 5.75 -33.45
C GLU K 179 30.19 4.74 -32.31
N TYR K 180 31.26 3.98 -32.41
CA TYR K 180 31.63 3.00 -31.40
C TYR K 180 32.40 3.67 -30.27
N ILE K 181 32.37 3.06 -29.08
CA ILE K 181 33.19 3.56 -27.98
C ILE K 181 34.67 3.50 -28.37
N LYS K 182 35.47 4.38 -27.78
CA LYS K 182 36.90 4.42 -28.02
C LYS K 182 37.65 3.80 -26.86
N HIS K 183 36.95 3.65 -25.73
CA HIS K 183 37.58 3.20 -24.50
C HIS K 183 36.71 2.20 -23.77
N LEU K 184 37.34 1.17 -23.19
CA LEU K 184 36.67 0.21 -22.34
C LEU K 184 37.45 0.11 -21.04
N GLY K 185 36.78 0.35 -19.91
CA GLY K 185 37.41 0.12 -18.62
C GLY K 185 36.77 -1.06 -17.91
N VAL K 186 37.59 -1.84 -17.22
CA VAL K 186 37.09 -2.99 -16.45
C VAL K 186 37.59 -2.90 -15.01
N TYR K 187 36.65 -2.97 -14.07
CA TYR K 187 37.03 -3.09 -12.66
C TYR K 187 36.72 -4.50 -12.23
N ILE K 188 37.72 -5.16 -11.65
CA ILE K 188 37.56 -6.54 -11.22
C ILE K 188 38.56 -6.85 -10.10
N ASN K 189 38.19 -7.73 -9.19
CA ASN K 189 39.12 -8.12 -8.13
C ASN K 189 40.25 -8.96 -8.72
N ASN K 190 41.48 -8.72 -8.27
CA ASN K 190 42.69 -9.37 -8.81
C ASN K 190 42.95 -9.07 -10.27
N ALA K 191 42.79 -7.79 -10.63
CA ALA K 191 42.88 -7.29 -12.00
C ALA K 191 44.12 -7.76 -12.74
N ASP K 192 45.24 -7.83 -12.02
CA ASP K 192 46.51 -8.15 -12.65
C ASP K 192 46.50 -9.51 -13.35
N THR K 193 45.78 -10.47 -12.78
CA THR K 193 45.69 -11.79 -13.40
C THR K 193 44.86 -11.79 -14.69
N TYR K 194 44.04 -10.77 -14.90
CA TYR K 194 43.12 -10.76 -16.04
C TYR K 194 43.65 -10.01 -17.27
N LYS K 195 44.68 -9.19 -17.07
CA LYS K 195 45.15 -8.27 -18.11
C LYS K 195 45.66 -8.99 -19.36
N GLU K 196 46.29 -10.13 -19.15
CA GLU K 196 46.77 -10.98 -20.25
C GLU K 196 45.68 -11.47 -21.20
N GLU K 197 44.46 -11.55 -20.71
CA GLU K 197 43.35 -12.06 -21.51
C GLU K 197 42.84 -11.04 -22.53
N VAL K 198 43.17 -9.77 -22.34
CA VAL K 198 42.61 -8.74 -23.21
C VAL K 198 43.01 -8.92 -24.67
N GLU K 199 44.31 -8.93 -24.96
CA GLU K 199 44.72 -8.99 -26.36
C GLU K 199 44.51 -10.37 -26.97
N LYS K 200 44.40 -11.37 -26.12
CA LYS K 200 44.03 -12.71 -26.61
C LYS K 200 42.57 -12.66 -27.04
N ALA K 201 41.73 -12.02 -26.23
CA ALA K 201 40.32 -11.88 -26.58
C ALA K 201 40.15 -11.14 -27.90
N ARG K 202 40.93 -10.09 -28.10
CA ARG K 202 40.81 -9.29 -29.32
C ARG K 202 41.15 -10.12 -30.55
N VAL K 203 42.17 -10.97 -30.42
CA VAL K 203 42.54 -11.90 -31.49
C VAL K 203 41.45 -12.95 -31.71
N TYR K 204 40.94 -13.52 -30.63
CA TYR K 204 39.89 -14.53 -30.73
C TYR K 204 38.62 -13.92 -31.33
N TYR K 205 38.32 -12.68 -30.94
CA TYR K 205 37.20 -11.97 -31.52
C TYR K 205 37.34 -11.89 -33.04
N PHE K 206 38.49 -11.46 -33.55
CA PHE K 206 38.56 -11.27 -34.99
C PHE K 206 38.51 -12.56 -35.80
N GLY K 207 39.17 -13.60 -35.29
CA GLY K 207 39.11 -14.90 -35.94
C GLY K 207 37.67 -15.36 -36.06
N THR K 208 36.93 -15.17 -34.98
CA THR K 208 35.52 -15.54 -34.94
C THR K 208 34.69 -14.68 -35.87
N TYR K 209 34.96 -13.38 -35.85
CA TYR K 209 34.28 -12.43 -36.73
C TYR K 209 34.65 -12.65 -38.20
N TYR K 210 35.92 -12.97 -38.46
CA TYR K 210 36.35 -13.32 -39.81
C TYR K 210 35.58 -14.53 -40.35
N ALA K 211 35.49 -15.58 -39.54
CA ALA K 211 34.71 -16.74 -39.92
C ALA K 211 33.27 -16.31 -40.18
N SER K 212 32.73 -15.47 -39.29
CA SER K 212 31.39 -14.93 -39.43
C SER K 212 31.19 -14.21 -40.77
N GLN K 213 32.17 -13.41 -41.18
CA GLN K 213 32.06 -12.66 -42.43
C GLN K 213 31.99 -13.59 -43.64
N LEU K 214 32.77 -14.65 -43.60
CA LEU K 214 32.76 -15.64 -44.67
C LEU K 214 31.44 -16.40 -44.74
N ILE K 215 30.92 -16.79 -43.58
CA ILE K 215 29.68 -17.55 -43.53
C ILE K 215 28.50 -16.70 -44.00
N ALA K 216 28.41 -15.48 -43.48
CA ALA K 216 27.27 -14.60 -43.79
C ALA K 216 27.27 -14.15 -45.24
N ALA K 217 28.46 -14.14 -45.84
CA ALA K 217 28.58 -13.77 -47.23
C ALA K 217 27.77 -14.75 -48.07
N PRO K 218 26.82 -14.23 -48.86
CA PRO K 218 25.95 -15.03 -49.72
C PRO K 218 26.74 -15.81 -50.77
N SER K 219 26.10 -16.85 -51.31
CA SER K 219 26.76 -17.79 -52.20
C SER K 219 27.13 -17.19 -53.55
N ASN K 220 26.49 -16.10 -53.96
CA ASN K 220 26.97 -15.41 -55.16
C ASN K 220 28.31 -14.71 -54.87
N TYR K 221 28.47 -14.22 -53.64
CA TYR K 221 29.72 -13.58 -53.25
C TYR K 221 30.77 -14.60 -52.87
N CYS K 222 30.36 -15.54 -52.02
CA CYS K 222 31.29 -16.52 -51.49
C CYS K 222 31.05 -17.84 -52.17
N ASN K 223 31.85 -18.11 -53.20
CA ASN K 223 31.79 -19.33 -53.99
C ASN K 223 33.18 -20.00 -53.93
N PRO K 224 33.33 -21.22 -54.49
CA PRO K 224 34.61 -21.89 -54.28
C PRO K 224 35.82 -21.12 -54.82
N VAL K 225 35.66 -20.30 -55.85
CA VAL K 225 36.79 -19.53 -56.36
C VAL K 225 37.13 -18.35 -55.44
N SER K 226 36.10 -17.59 -55.05
CA SER K 226 36.30 -16.41 -54.21
C SER K 226 36.67 -16.75 -52.77
N LEU K 227 36.23 -17.91 -52.28
CA LEU K 227 36.57 -18.34 -50.93
C LEU K 227 38.02 -18.80 -50.86
N SER K 228 38.48 -19.53 -51.88
CA SER K 228 39.88 -19.93 -51.92
C SER K 228 40.78 -18.71 -52.15
N ASN K 229 40.29 -17.74 -52.93
CA ASN K 229 41.03 -16.48 -53.12
C ASN K 229 41.15 -15.72 -51.80
N ALA K 230 40.07 -15.69 -51.04
CA ALA K 230 40.11 -15.07 -49.71
C ALA K 230 41.14 -15.78 -48.82
N ALA K 231 41.16 -17.10 -48.89
CA ALA K 231 42.08 -17.88 -48.06
C ALA K 231 43.54 -17.58 -48.41
N VAL K 232 43.82 -17.40 -49.69
CA VAL K 232 45.18 -17.04 -50.11
C VAL K 232 45.58 -15.69 -49.54
N GLU K 233 44.67 -14.73 -49.63
CA GLU K 233 44.92 -13.39 -49.12
C GLU K 233 45.22 -13.41 -47.62
N LEU K 234 44.48 -14.25 -46.88
CA LEU K 234 44.72 -14.38 -45.45
C LEU K 234 46.11 -14.96 -45.20
N ALA K 235 46.48 -15.95 -46.00
CA ALA K 235 47.76 -16.63 -45.79
C ALA K 235 48.92 -15.68 -46.08
N GLN K 236 48.74 -14.84 -47.10
CA GLN K 236 49.74 -13.84 -47.45
C GLN K 236 49.93 -12.82 -46.33
N LYS K 237 48.82 -12.41 -45.71
CA LYS K 237 48.86 -11.45 -44.64
C LYS K 237 49.49 -12.00 -43.37
N LEU K 238 49.37 -13.31 -43.16
CA LEU K 238 49.90 -13.98 -41.97
C LEU K 238 51.25 -14.66 -42.22
N ASN K 239 51.77 -14.50 -43.42
CA ASN K 239 52.94 -15.27 -43.87
C ASN K 239 52.86 -16.77 -43.65
N LEU K 240 51.68 -17.33 -43.93
CA LEU K 240 51.48 -18.76 -43.93
C LEU K 240 51.82 -19.29 -45.31
N GLU K 241 52.32 -20.52 -45.37
CA GLU K 241 52.50 -21.19 -46.65
C GLU K 241 51.11 -21.58 -47.17
N TYR K 242 50.93 -21.53 -48.49
CA TYR K 242 49.61 -21.82 -49.04
C TYR K 242 49.70 -22.51 -50.39
N LYS K 243 48.65 -23.25 -50.71
CA LYS K 243 48.58 -24.04 -51.92
C LYS K 243 47.11 -24.26 -52.22
N ILE K 244 46.67 -23.84 -53.41
CA ILE K 244 45.28 -24.09 -53.84
C ILE K 244 45.31 -25.16 -54.92
N LEU K 245 44.59 -26.26 -54.70
CA LEU K 245 44.55 -27.34 -55.68
C LEU K 245 43.38 -27.12 -56.63
N GLY K 246 43.66 -27.06 -57.92
CA GLY K 246 42.62 -26.91 -58.94
C GLY K 246 42.19 -28.25 -59.47
N VAL K 247 41.19 -28.23 -60.35
CA VAL K 247 40.60 -29.47 -60.88
C VAL K 247 41.59 -30.46 -61.49
N LYS K 248 42.54 -29.97 -62.28
CA LYS K 248 43.56 -30.85 -62.89
C LYS K 248 44.32 -31.65 -61.83
N GLU K 249 44.82 -30.98 -60.80
CA GLU K 249 45.57 -31.68 -59.75
C GLU K 249 44.66 -32.64 -58.96
N LEU K 250 43.43 -32.23 -58.73
CA LEU K 250 42.46 -33.04 -58.00
C LEU K 250 42.10 -34.29 -58.78
N GLU K 251 42.08 -34.19 -60.11
CA GLU K 251 41.89 -35.37 -60.94
C GLU K 251 43.11 -36.30 -60.78
N GLU K 252 44.31 -35.71 -60.88
CA GLU K 252 45.54 -36.47 -60.67
C GLU K 252 45.57 -37.20 -59.33
N LEU K 253 45.01 -36.58 -58.29
CA LEU K 253 44.98 -37.19 -56.97
C LEU K 253 43.79 -38.15 -56.83
N LYS K 254 42.99 -38.25 -57.90
CA LYS K 254 41.86 -39.17 -57.96
C LYS K 254 40.81 -38.91 -56.87
N MET K 255 40.55 -37.64 -56.59
CA MET K 255 39.53 -37.27 -55.61
C MET K 255 38.14 -37.32 -56.24
N GLY K 256 37.64 -38.54 -56.46
CA GLY K 256 36.39 -38.72 -57.18
C GLY K 256 35.13 -38.44 -56.40
N ALA K 257 35.19 -38.59 -55.08
CA ALA K 257 34.04 -38.28 -54.24
C ALA K 257 33.85 -36.76 -54.22
N TYR K 258 34.93 -36.05 -53.93
CA TYR K 258 34.90 -34.58 -53.89
C TYR K 258 34.57 -33.96 -55.25
N LEU K 259 35.23 -34.44 -56.31
CA LEU K 259 34.96 -33.85 -57.63
C LEU K 259 33.52 -34.08 -58.08
N SER K 260 32.94 -35.21 -57.68
CA SER K 260 31.57 -35.55 -58.07
C SER K 260 30.59 -34.53 -57.53
N VAL K 261 30.80 -34.08 -56.29
CA VAL K 261 29.87 -33.14 -55.68
C VAL K 261 29.85 -31.83 -56.46
N GLY K 262 31.00 -31.41 -56.96
CA GLY K 262 31.11 -30.14 -57.66
C GLY K 262 30.77 -30.16 -59.15
N LYS K 263 30.49 -31.34 -59.70
CA LYS K 263 30.23 -31.48 -61.14
C LYS K 263 29.15 -30.54 -61.67
N GLY K 264 28.09 -30.36 -60.90
CA GLY K 264 27.01 -29.50 -61.37
C GLY K 264 27.19 -28.01 -61.17
N SER K 265 28.34 -27.58 -60.64
CA SER K 265 28.57 -26.16 -60.37
C SER K 265 29.25 -25.42 -61.51
N MET K 266 28.97 -24.13 -61.65
CA MET K 266 29.70 -23.28 -62.59
C MET K 266 31.07 -22.87 -62.03
N TYR K 267 31.28 -23.07 -60.72
CA TYR K 267 32.58 -22.75 -60.13
C TYR K 267 33.44 -24.00 -59.99
N PRO K 268 34.66 -23.97 -60.55
CA PRO K 268 35.58 -25.10 -60.42
C PRO K 268 35.90 -25.39 -58.97
N ASN K 269 35.95 -26.67 -58.59
CA ASN K 269 36.36 -27.07 -57.25
C ASN K 269 37.69 -26.43 -56.88
N LYS K 270 37.84 -26.01 -55.62
CA LYS K 270 39.13 -25.52 -55.14
C LYS K 270 39.46 -26.11 -53.79
N PHE K 271 40.61 -26.79 -53.69
CA PHE K 271 41.02 -27.39 -52.43
C PHE K 271 42.03 -26.47 -51.74
N ILE K 272 41.65 -25.96 -50.57
CA ILE K 272 42.50 -25.03 -49.83
C ILE K 272 43.45 -25.79 -48.93
N HIS K 273 44.75 -25.47 -49.00
CA HIS K 273 45.73 -26.04 -48.08
C HIS K 273 46.67 -24.96 -47.57
N LEU K 274 46.42 -24.49 -46.34
CA LEU K 274 47.30 -23.53 -45.70
C LEU K 274 48.13 -24.26 -44.66
N THR K 275 49.35 -23.78 -44.40
CA THR K 275 50.19 -24.41 -43.39
C THR K 275 50.87 -23.40 -42.45
N TYR K 276 50.69 -23.59 -41.15
CA TYR K 276 51.48 -22.88 -40.15
C TYR K 276 52.60 -23.79 -39.65
N LYS K 277 53.80 -23.25 -39.53
CA LYS K 277 54.90 -24.04 -38.96
C LYS K 277 55.71 -23.21 -37.97
N SER K 278 55.82 -23.70 -36.75
CA SER K 278 56.63 -23.05 -35.72
C SER K 278 58.10 -22.97 -36.12
N LYS K 279 58.79 -21.94 -35.63
CA LYS K 279 60.20 -21.75 -35.95
C LYS K 279 61.08 -22.90 -35.45
N GLY K 280 60.91 -23.28 -34.18
CA GLY K 280 61.77 -24.27 -33.57
C GLY K 280 61.63 -25.69 -34.09
N ASP K 281 61.63 -26.65 -33.17
CA ASP K 281 61.38 -28.04 -33.55
C ASP K 281 59.88 -28.33 -33.57
N VAL K 282 59.46 -29.17 -34.52
CA VAL K 282 58.05 -29.55 -34.58
C VAL K 282 57.79 -30.84 -33.79
N LYS K 283 57.03 -30.73 -32.71
CA LYS K 283 56.73 -31.87 -31.85
C LYS K 283 55.33 -32.46 -32.08
N LYS K 284 54.43 -31.69 -32.67
CA LYS K 284 53.08 -32.18 -32.97
C LYS K 284 52.63 -31.69 -34.34
N LYS K 285 52.11 -32.61 -35.15
CA LYS K 285 51.57 -32.26 -36.46
C LYS K 285 50.06 -32.46 -36.46
N ILE K 286 49.33 -31.46 -36.90
CA ILE K 286 47.88 -31.45 -36.82
C ILE K 286 47.27 -31.06 -38.16
N ALA K 287 46.25 -31.79 -38.62
CA ALA K 287 45.45 -31.36 -39.77
C ALA K 287 44.04 -31.00 -39.30
N LEU K 288 43.62 -29.77 -39.60
CA LEU K 288 42.27 -29.31 -39.29
C LEU K 288 41.50 -29.20 -40.61
N VAL K 289 40.37 -29.89 -40.69
CA VAL K 289 39.65 -30.05 -41.94
C VAL K 289 38.26 -29.47 -41.82
N GLY K 290 37.90 -28.53 -42.69
CA GLY K 290 36.59 -27.91 -42.59
C GLY K 290 35.73 -28.19 -43.79
N LYS K 291 34.46 -28.48 -43.54
CA LYS K 291 33.53 -28.69 -44.66
C LYS K 291 33.32 -27.35 -45.39
N GLY K 292 33.48 -27.37 -46.71
CA GLY K 292 33.46 -26.13 -47.48
C GLY K 292 32.47 -26.12 -48.63
N ILE K 293 31.19 -26.34 -48.34
CA ILE K 293 30.19 -26.29 -49.40
C ILE K 293 29.63 -24.89 -49.42
N THR K 294 29.94 -24.13 -50.46
CA THR K 294 29.58 -22.71 -50.50
C THR K 294 28.08 -22.46 -50.69
N PHE K 295 27.42 -23.39 -51.36
CA PHE K 295 25.98 -23.48 -51.33
C PHE K 295 25.51 -24.92 -51.47
N ASP K 296 24.62 -25.33 -50.58
CA ASP K 296 24.10 -26.67 -50.67
C ASP K 296 22.61 -26.65 -51.06
N SER K 297 22.34 -26.80 -52.36
CA SER K 297 20.96 -26.86 -52.85
C SER K 297 20.38 -28.24 -52.50
N GLY K 298 21.28 -29.18 -52.25
CA GLY K 298 20.90 -30.58 -52.07
C GLY K 298 21.13 -31.38 -53.32
N GLY K 299 21.35 -30.70 -54.44
CA GLY K 299 21.48 -31.39 -55.72
C GLY K 299 20.15 -31.95 -56.17
N TYR K 300 20.19 -33.01 -56.98
CA TYR K 300 18.97 -33.66 -57.43
C TYR K 300 18.05 -34.08 -56.28
N ASN K 301 18.63 -34.48 -55.14
CA ASN K 301 17.82 -34.58 -53.92
C ASN K 301 17.59 -33.18 -53.35
N LEU K 302 16.92 -32.34 -54.15
CA LEU K 302 16.74 -30.92 -53.85
C LEU K 302 16.13 -30.67 -52.48
N LYS K 303 16.57 -29.59 -51.83
CA LYS K 303 16.02 -29.21 -50.51
C LYS K 303 14.67 -28.55 -50.70
N ALA K 304 13.63 -29.37 -50.83
CA ALA K 304 12.28 -28.88 -51.16
C ALA K 304 11.27 -29.21 -50.05
N ALA K 305 11.68 -30.06 -49.12
CA ALA K 305 10.82 -30.43 -47.98
C ALA K 305 10.63 -29.25 -47.03
N PRO K 306 9.44 -29.13 -46.42
CA PRO K 306 9.25 -28.01 -45.48
C PRO K 306 10.26 -28.16 -44.33
N GLY K 307 10.89 -27.06 -43.93
CA GLY K 307 11.88 -27.11 -42.87
C GLY K 307 13.30 -27.47 -43.30
N SER K 308 13.52 -27.62 -44.61
CA SER K 308 14.85 -27.99 -45.09
C SER K 308 15.74 -26.75 -45.23
N MET K 309 15.12 -25.58 -45.12
CA MET K 309 15.82 -24.29 -44.98
C MET K 309 16.88 -24.01 -46.05
N ILE K 310 16.48 -24.10 -47.30
CA ILE K 310 17.42 -23.93 -48.38
C ILE K 310 18.02 -22.51 -48.43
N ASP K 311 17.31 -21.55 -47.84
CA ASP K 311 17.77 -20.16 -47.84
C ASP K 311 18.96 -19.94 -46.89
N LEU K 312 19.24 -20.93 -46.04
CA LEU K 312 20.32 -20.86 -45.06
C LEU K 312 21.61 -21.48 -45.59
N MET K 313 21.51 -22.17 -46.71
CA MET K 313 22.56 -23.10 -47.12
C MET K 313 23.89 -22.49 -47.57
N LYS K 314 23.96 -21.15 -47.61
CA LYS K 314 25.23 -20.47 -47.76
C LYS K 314 26.13 -20.75 -46.55
N PHE K 315 25.52 -21.25 -45.48
CA PHE K 315 26.25 -21.48 -44.24
C PHE K 315 26.99 -22.81 -44.22
N ASP K 316 26.88 -23.56 -45.31
CA ASP K 316 27.41 -24.92 -45.36
C ASP K 316 28.93 -24.96 -45.52
N MET K 317 29.54 -23.79 -45.51
CA MET K 317 30.99 -23.69 -45.51
C MET K 317 31.48 -23.17 -44.15
N SER K 318 30.63 -23.29 -43.13
CA SER K 318 30.95 -22.87 -41.75
C SER K 318 32.18 -23.57 -41.17
N GLY K 319 32.39 -24.82 -41.55
CA GLY K 319 33.53 -25.58 -41.05
C GLY K 319 34.81 -25.00 -41.66
N CYS K 320 34.77 -24.79 -42.97
CA CYS K 320 35.87 -24.13 -43.64
C CYS K 320 36.13 -22.76 -42.99
N ALA K 321 35.07 -22.01 -42.69
CA ALA K 321 35.24 -20.70 -42.04
C ALA K 321 35.91 -20.79 -40.67
N ALA K 322 35.48 -21.76 -39.86
CA ALA K 322 36.08 -22.00 -38.56
C ALA K 322 37.58 -22.30 -38.69
N VAL K 323 37.92 -23.12 -39.68
CA VAL K 323 39.31 -23.53 -39.88
C VAL K 323 40.15 -22.35 -40.33
N LEU K 324 39.58 -21.46 -41.14
CA LEU K 324 40.31 -20.28 -41.57
C LEU K 324 40.41 -19.22 -40.47
N GLY K 325 39.36 -19.08 -39.67
CA GLY K 325 39.39 -18.19 -38.53
C GLY K 325 40.45 -18.68 -37.54
N CYS K 326 40.54 -19.99 -37.37
CA CYS K 326 41.60 -20.58 -36.55
C CYS K 326 42.98 -20.29 -37.15
N ALA K 327 43.10 -20.38 -38.47
CA ALA K 327 44.36 -20.01 -39.13
C ALA K 327 44.75 -18.58 -38.81
N TYR K 328 43.76 -17.69 -38.73
CA TYR K 328 44.04 -16.32 -38.31
C TYR K 328 44.62 -16.30 -36.89
N CYS K 329 43.94 -16.96 -35.94
CA CYS K 329 44.41 -16.93 -34.54
C CYS K 329 45.79 -17.57 -34.36
N VAL K 330 46.01 -18.69 -35.04
CA VAL K 330 47.28 -19.41 -34.95
C VAL K 330 48.41 -18.59 -35.58
N GLY K 331 48.17 -18.05 -36.77
CA GLY K 331 49.18 -17.25 -37.45
C GLY K 331 49.51 -15.97 -36.70
N THR K 332 48.58 -15.51 -35.88
CA THR K 332 48.76 -14.28 -35.09
C THR K 332 49.49 -14.52 -33.76
N LEU K 333 49.07 -15.55 -33.04
CA LEU K 333 49.62 -15.81 -31.71
C LEU K 333 50.92 -16.64 -31.78
N LYS K 334 51.10 -17.36 -32.88
CA LYS K 334 52.35 -18.10 -33.17
C LYS K 334 52.78 -19.11 -32.11
N PRO K 335 52.00 -20.19 -31.94
CA PRO K 335 52.41 -21.21 -30.97
C PRO K 335 53.71 -21.87 -31.37
N GLU K 336 54.46 -22.36 -30.38
CA GLU K 336 55.71 -23.06 -30.63
C GLU K 336 55.46 -24.54 -30.85
N ASN K 337 56.42 -25.20 -31.50
CA ASN K 337 56.53 -26.65 -31.51
C ASN K 337 55.44 -27.39 -32.27
N VAL K 338 54.70 -26.68 -33.12
CA VAL K 338 53.63 -27.32 -33.88
C VAL K 338 53.67 -27.01 -35.37
N GLU K 339 53.14 -27.95 -36.13
CA GLU K 339 52.88 -27.73 -37.54
C GLU K 339 51.38 -27.95 -37.76
N ILE K 340 50.67 -26.93 -38.27
CA ILE K 340 49.23 -27.06 -38.49
C ILE K 340 48.87 -26.90 -39.96
N HIS K 341 48.10 -27.86 -40.48
CA HIS K 341 47.60 -27.81 -41.84
C HIS K 341 46.12 -27.45 -41.82
N PHE K 342 45.76 -26.39 -42.53
CA PHE K 342 44.38 -25.94 -42.58
C PHE K 342 43.83 -26.32 -43.94
N LEU K 343 42.87 -27.24 -43.96
CA LEU K 343 42.42 -27.85 -45.20
C LEU K 343 40.93 -27.70 -45.41
N SER K 344 40.53 -27.43 -46.66
CA SER K 344 39.11 -27.50 -47.02
C SER K 344 38.89 -27.84 -48.48
N ALA K 345 38.08 -28.88 -48.72
CA ALA K 345 37.70 -29.26 -50.08
C ALA K 345 36.48 -28.44 -50.47
N VAL K 346 36.72 -27.29 -51.11
CA VAL K 346 35.65 -26.35 -51.38
C VAL K 346 34.96 -26.66 -52.71
N CYS K 347 33.63 -26.64 -52.69
CA CYS K 347 32.84 -26.77 -53.89
C CYS K 347 31.42 -26.29 -53.63
N GLU K 348 30.56 -26.44 -54.63
CA GLU K 348 29.16 -26.00 -54.54
C GLU K 348 28.24 -27.11 -55.07
N ASN K 349 27.19 -27.46 -54.32
CA ASN K 349 26.32 -28.59 -54.67
C ASN K 349 25.08 -28.10 -55.39
N MET K 350 25.05 -28.29 -56.71
CA MET K 350 24.03 -27.64 -57.55
C MET K 350 23.24 -28.59 -58.45
N VAL K 351 22.18 -28.06 -59.07
CA VAL K 351 21.37 -28.84 -60.00
C VAL K 351 21.60 -28.39 -61.45
N SER K 352 21.94 -29.35 -62.30
CA SER K 352 22.45 -29.06 -63.62
C SER K 352 22.37 -30.30 -64.48
N LYS K 353 22.55 -30.17 -65.78
CA LYS K 353 22.69 -31.35 -66.61
C LYS K 353 23.96 -32.10 -66.21
N ASN K 354 24.91 -31.37 -65.61
CA ASN K 354 26.21 -31.95 -65.27
C ASN K 354 26.33 -32.53 -63.87
N SER K 355 25.29 -32.45 -63.05
CA SER K 355 25.40 -32.88 -61.64
C SER K 355 25.56 -34.39 -61.50
N TYR K 356 26.06 -34.84 -60.36
CA TYR K 356 26.01 -36.26 -60.06
C TYR K 356 24.57 -36.61 -59.66
N ARG K 357 24.22 -37.88 -59.81
CA ARG K 357 22.85 -38.34 -59.62
C ARG K 357 22.75 -39.27 -58.42
N PRO K 358 21.56 -39.33 -57.80
CA PRO K 358 21.26 -40.36 -56.82
C PRO K 358 21.52 -41.69 -57.50
N GLY K 359 22.27 -42.59 -56.85
CA GLY K 359 22.57 -43.88 -57.44
C GLY K 359 23.96 -43.98 -58.05
N ASP K 360 24.57 -42.85 -58.42
CA ASP K 360 25.89 -42.90 -59.05
C ASP K 360 26.89 -43.63 -58.17
N ILE K 361 27.82 -44.33 -58.79
CA ILE K 361 28.87 -44.97 -58.01
C ILE K 361 30.18 -44.30 -58.36
N ILE K 362 30.84 -43.77 -57.34
CA ILE K 362 32.02 -42.93 -57.53
C ILE K 362 33.18 -43.50 -56.73
N THR K 363 34.40 -43.08 -57.05
CA THR K 363 35.58 -43.68 -56.45
C THR K 363 36.41 -42.63 -55.71
N ALA K 364 36.56 -42.83 -54.41
CA ALA K 364 37.35 -41.92 -53.57
C ALA K 364 38.85 -42.10 -53.86
N SER K 365 39.65 -41.15 -53.38
CA SER K 365 41.09 -41.15 -53.63
C SER K 365 41.84 -42.31 -52.99
N ASN K 366 41.23 -43.00 -52.03
CA ASN K 366 41.86 -44.19 -51.46
C ASN K 366 41.39 -45.47 -52.14
N GLY K 367 40.72 -45.32 -53.28
CA GLY K 367 40.25 -46.46 -54.05
C GLY K 367 38.88 -47.04 -53.69
N LYS K 368 38.28 -46.55 -52.60
CA LYS K 368 36.98 -47.07 -52.17
C LYS K 368 35.85 -46.60 -53.07
N THR K 369 35.05 -47.55 -53.58
CA THR K 369 33.89 -47.15 -54.38
C THR K 369 32.69 -46.86 -53.48
N ILE K 370 31.98 -45.78 -53.80
CA ILE K 370 30.87 -45.31 -52.99
C ILE K 370 29.57 -45.22 -53.77
N GLU K 371 28.52 -45.86 -53.25
CA GLU K 371 27.19 -45.72 -53.82
C GLU K 371 26.49 -44.50 -53.23
N VAL K 372 26.21 -43.52 -54.08
CA VAL K 372 25.49 -42.32 -53.66
C VAL K 372 24.00 -42.64 -53.49
N GLY K 373 23.52 -42.57 -52.25
CA GLY K 373 22.12 -42.81 -51.98
C GLY K 373 21.31 -41.52 -52.00
N ASN K 374 21.99 -40.40 -51.84
CA ASN K 374 21.33 -39.10 -51.68
C ASN K 374 22.32 -37.97 -51.96
N THR K 375 22.06 -37.17 -52.98
CA THR K 375 23.03 -36.13 -53.37
C THR K 375 23.12 -35.03 -52.33
N ASP K 376 22.17 -35.01 -51.41
CA ASP K 376 22.15 -34.02 -50.33
C ASP K 376 22.98 -34.49 -49.14
N ALA K 377 23.57 -35.67 -49.24
CA ALA K 377 24.58 -36.07 -48.26
C ALA K 377 25.95 -35.86 -48.88
N GLU K 378 26.20 -34.64 -49.35
CA GLU K 378 27.41 -34.35 -50.12
C GLU K 378 28.63 -34.04 -49.25
N GLY K 379 28.39 -33.49 -48.07
CA GLY K 379 29.47 -33.08 -47.19
C GLY K 379 30.43 -34.21 -46.87
N ARG K 380 29.88 -35.37 -46.49
CA ARG K 380 30.73 -36.51 -46.15
C ARG K 380 31.58 -36.99 -47.33
N LEU K 381 31.06 -36.83 -48.55
CA LEU K 381 31.83 -37.17 -49.76
C LEU K 381 33.05 -36.28 -49.92
N THR K 382 32.86 -34.97 -49.77
CA THR K 382 33.99 -34.05 -49.88
C THR K 382 34.98 -34.30 -48.73
N LEU K 383 34.45 -34.54 -47.55
CA LEU K 383 35.30 -34.78 -46.38
C LEU K 383 36.12 -36.06 -46.51
N ALA K 384 35.57 -37.05 -47.21
CA ALA K 384 36.24 -38.33 -47.41
C ALA K 384 37.59 -38.14 -48.13
N ASP K 385 37.57 -37.37 -49.22
CA ASP K 385 38.81 -37.14 -49.96
C ASP K 385 39.73 -36.20 -49.20
N ALA K 386 39.14 -35.30 -48.42
CA ALA K 386 39.96 -34.41 -47.60
C ALA K 386 40.67 -35.19 -46.48
N LEU K 387 39.98 -36.18 -45.91
CA LEU K 387 40.57 -37.01 -44.86
C LEU K 387 41.70 -37.90 -45.38
N VAL K 388 41.53 -38.43 -46.59
CA VAL K 388 42.60 -39.21 -47.22
C VAL K 388 43.83 -38.32 -47.49
N TYR K 389 43.57 -37.09 -47.94
CA TYR K 389 44.60 -36.10 -48.19
C TYR K 389 45.31 -35.75 -46.88
N ALA K 390 44.52 -35.51 -45.84
CA ALA K 390 45.08 -35.12 -44.55
C ALA K 390 45.96 -36.23 -43.95
N GLU K 391 45.52 -37.47 -44.08
CA GLU K 391 46.31 -38.59 -43.51
C GLU K 391 47.63 -38.81 -44.25
N LYS K 392 47.63 -38.59 -45.56
CA LYS K 392 48.89 -38.64 -46.32
C LYS K 392 49.91 -37.59 -45.89
N LEU K 393 49.47 -36.56 -45.16
CA LEU K 393 50.40 -35.56 -44.65
C LEU K 393 51.27 -36.10 -43.51
N GLY K 394 50.89 -37.26 -42.98
CA GLY K 394 51.59 -37.84 -41.85
C GLY K 394 51.49 -37.02 -40.57
N VAL K 395 50.25 -36.69 -40.16
CA VAL K 395 50.01 -35.89 -38.97
C VAL K 395 49.70 -36.76 -37.75
N ASP K 396 49.76 -36.15 -36.58
CA ASP K 396 49.44 -36.84 -35.32
C ASP K 396 47.94 -36.87 -35.03
N TYR K 397 47.27 -35.77 -35.35
CA TYR K 397 45.83 -35.65 -35.14
C TYR K 397 45.19 -35.14 -36.42
N ILE K 398 44.01 -35.66 -36.74
CA ILE K 398 43.15 -35.05 -37.76
C ILE K 398 41.84 -34.69 -37.09
N VAL K 399 41.47 -33.42 -37.14
CA VAL K 399 40.19 -32.97 -36.61
C VAL K 399 39.42 -32.31 -37.72
N ASP K 400 38.22 -32.81 -38.01
CA ASP K 400 37.38 -32.13 -38.98
C ASP K 400 36.22 -31.42 -38.29
N ILE K 401 35.71 -30.38 -38.94
CA ILE K 401 34.60 -29.62 -38.39
C ILE K 401 33.64 -29.30 -39.54
N ALA K 402 32.36 -29.56 -39.33
CA ALA K 402 31.42 -29.62 -40.45
C ALA K 402 29.98 -29.46 -40.01
N THR K 403 29.21 -28.69 -40.79
CA THR K 403 27.75 -28.63 -40.67
C THR K 403 27.16 -29.84 -41.38
N LEU K 404 27.33 -31.02 -40.79
CA LEU K 404 27.14 -32.25 -41.55
C LEU K 404 25.71 -32.82 -41.54
N THR K 405 25.09 -32.87 -40.36
CA THR K 405 23.78 -33.50 -40.24
C THR K 405 22.72 -32.66 -39.52
N GLY K 406 21.59 -32.43 -40.20
CA GLY K 406 20.45 -31.78 -39.57
C GLY K 406 19.98 -32.49 -38.31
N ALA K 407 20.23 -33.78 -38.20
CA ALA K 407 19.82 -34.55 -37.02
C ALA K 407 20.34 -33.95 -35.72
N MET K 408 21.45 -33.20 -35.79
CA MET K 408 22.03 -32.57 -34.61
C MET K 408 21.00 -31.68 -33.87
N LEU K 409 20.08 -31.08 -34.62
CA LEU K 409 19.00 -30.30 -34.00
C LEU K 409 18.15 -31.14 -33.07
N TYR K 410 18.03 -32.42 -33.39
CA TYR K 410 17.16 -33.33 -32.65
C TYR K 410 17.87 -34.00 -31.48
N SER K 411 19.20 -33.97 -31.51
CA SER K 411 19.98 -34.60 -30.44
C SER K 411 20.47 -33.56 -29.41
N LEU K 412 21.34 -32.65 -29.83
CA LEU K 412 21.90 -31.67 -28.91
C LEU K 412 21.29 -30.29 -29.05
N GLY K 413 20.72 -30.02 -30.22
CA GLY K 413 20.02 -28.77 -30.45
C GLY K 413 20.94 -27.69 -31.00
N THR K 414 20.62 -26.44 -30.68
CA THR K 414 21.34 -25.30 -31.22
C THR K 414 22.49 -24.78 -30.34
N SER K 415 22.67 -25.38 -29.16
CA SER K 415 23.67 -24.88 -28.20
C SER K 415 25.00 -25.66 -28.19
N TYR K 416 24.92 -26.98 -28.18
CA TYR K 416 26.13 -27.82 -28.07
C TYR K 416 26.43 -28.54 -29.37
N ALA K 417 27.68 -28.50 -29.81
CA ALA K 417 28.06 -29.26 -31.00
C ALA K 417 28.30 -30.71 -30.55
N GLY K 418 28.30 -31.65 -31.49
CA GLY K 418 28.66 -33.01 -31.19
C GLY K 418 30.11 -33.32 -31.58
N VAL K 419 30.78 -34.15 -30.80
CA VAL K 419 32.10 -34.65 -31.19
C VAL K 419 32.10 -36.18 -31.21
N PHE K 420 32.64 -36.73 -32.29
CA PHE K 420 32.73 -38.16 -32.50
C PHE K 420 34.18 -38.43 -32.83
N GLY K 421 34.68 -39.63 -32.59
CA GLY K 421 36.06 -39.91 -32.95
C GLY K 421 36.47 -41.34 -32.75
N ASN K 422 37.70 -41.67 -33.20
CA ASN K 422 38.25 -43.02 -33.08
C ASN K 422 39.31 -43.14 -32.00
N ASN K 423 39.54 -42.06 -31.28
CA ASN K 423 40.63 -42.01 -30.31
C ASN K 423 40.25 -41.24 -29.06
N GLU K 424 40.19 -41.93 -27.94
CA GLU K 424 39.65 -41.37 -26.71
C GLU K 424 40.49 -40.19 -26.19
N GLU K 425 41.80 -40.29 -26.28
CA GLU K 425 42.67 -39.20 -25.83
C GLU K 425 42.40 -37.91 -26.60
N LEU K 426 42.27 -38.02 -27.92
CA LEU K 426 42.02 -36.86 -28.77
C LEU K 426 40.66 -36.24 -28.46
N ILE K 427 39.66 -37.08 -28.29
CA ILE K 427 38.33 -36.62 -27.89
C ILE K 427 38.39 -35.80 -26.60
N ASN K 428 39.10 -36.30 -25.60
CA ASN K 428 39.19 -35.60 -24.32
C ASN K 428 39.93 -34.27 -24.44
N LYS K 429 40.82 -34.16 -25.41
CA LYS K 429 41.51 -32.89 -25.66
C LYS K 429 40.54 -31.86 -26.24
N ILE K 430 39.69 -32.34 -27.15
CA ILE K 430 38.64 -31.49 -27.72
C ILE K 430 37.71 -31.03 -26.61
N LEU K 431 37.31 -31.95 -25.74
CA LEU K 431 36.41 -31.60 -24.64
C LEU K 431 37.06 -30.58 -23.72
N GLN K 432 38.34 -30.75 -23.45
CA GLN K 432 39.09 -29.78 -22.66
C GLN K 432 39.13 -28.42 -23.37
N SER K 433 39.37 -28.42 -24.67
CA SER K 433 39.35 -27.18 -25.44
C SER K 433 37.97 -26.53 -25.41
N SER K 434 36.94 -27.36 -25.34
CA SER K 434 35.57 -26.86 -25.21
C SER K 434 35.39 -26.06 -23.91
N LYS K 435 35.89 -26.60 -22.80
CA LYS K 435 35.80 -25.95 -21.50
C LYS K 435 36.53 -24.62 -21.50
N THR K 436 37.72 -24.57 -22.08
CA THR K 436 38.51 -23.34 -22.00
C THR K 436 38.14 -22.28 -23.04
N SER K 437 37.60 -22.71 -24.17
CA SER K 437 37.14 -21.75 -25.18
C SER K 437 35.73 -21.28 -24.87
N ASN K 438 35.06 -22.05 -24.01
CA ASN K 438 33.65 -21.84 -23.72
C ASN K 438 32.75 -21.99 -24.96
N GLU K 439 33.19 -22.82 -25.91
CA GLU K 439 32.33 -23.22 -27.01
C GLU K 439 31.90 -24.65 -26.72
N PRO K 440 30.63 -24.83 -26.36
CA PRO K 440 30.22 -26.11 -25.77
C PRO K 440 30.09 -27.26 -26.77
N VAL K 441 30.62 -28.42 -26.37
CA VAL K 441 30.67 -29.59 -27.22
C VAL K 441 30.30 -30.80 -26.36
N TRP K 442 29.59 -31.77 -26.93
CA TRP K 442 29.30 -33.01 -26.19
C TRP K 442 29.71 -34.27 -26.96
N TRP K 443 30.32 -35.21 -26.27
CA TRP K 443 30.82 -36.42 -26.91
C TRP K 443 29.67 -37.38 -27.23
N LEU K 444 29.57 -37.78 -28.50
CA LEU K 444 28.55 -38.73 -28.96
C LEU K 444 29.24 -39.97 -29.50
N PRO K 445 28.57 -41.13 -29.42
CA PRO K 445 29.29 -42.37 -29.73
C PRO K 445 29.28 -42.73 -31.21
N ILE K 446 30.35 -43.35 -31.69
CA ILE K 446 30.31 -44.00 -32.98
C ILE K 446 29.91 -45.45 -32.72
N ILE K 447 28.66 -45.79 -33.00
CA ILE K 447 28.13 -47.11 -32.67
C ILE K 447 28.36 -48.13 -33.78
N ASN K 448 29.26 -49.09 -33.52
CA ASN K 448 29.75 -49.96 -34.55
C ASN K 448 28.70 -50.90 -35.07
N GLU K 449 27.69 -51.16 -34.25
CA GLU K 449 26.58 -51.98 -34.70
C GLU K 449 25.88 -51.39 -35.93
N TYR K 450 25.93 -50.08 -36.11
CA TYR K 450 25.22 -49.47 -37.23
C TYR K 450 26.00 -49.59 -38.53
N ARG K 451 27.26 -49.99 -38.44
CA ARG K 451 28.15 -50.05 -39.62
C ARG K 451 27.61 -50.91 -40.76
N ALA K 452 26.96 -52.02 -40.43
CA ALA K 452 26.47 -52.92 -41.47
C ALA K 452 25.46 -52.24 -42.39
N THR K 453 24.85 -51.15 -41.93
CA THR K 453 23.86 -50.43 -42.73
C THR K 453 24.50 -49.70 -43.92
N LEU K 454 25.82 -49.56 -43.90
CA LEU K 454 26.54 -48.95 -45.02
C LEU K 454 27.09 -49.99 -46.01
N ASN K 455 26.70 -51.25 -45.86
CA ASN K 455 27.13 -52.31 -46.77
C ASN K 455 26.41 -52.30 -48.13
N SER K 456 26.97 -51.57 -49.10
CA SER K 456 26.34 -51.45 -50.42
C SER K 456 26.27 -52.81 -51.10
N LYS K 457 25.25 -53.00 -51.93
CA LYS K 457 25.11 -54.24 -52.67
C LYS K 457 26.12 -54.30 -53.82
N TYR K 458 26.49 -53.12 -54.34
CA TYR K 458 27.33 -53.03 -55.54
C TYR K 458 28.68 -52.37 -55.33
N ALA K 459 28.69 -51.28 -54.58
CA ALA K 459 29.93 -50.55 -54.32
C ALA K 459 30.58 -51.11 -53.06
N ASP K 460 31.77 -50.62 -52.75
CA ASP K 460 32.43 -50.98 -51.50
C ASP K 460 31.64 -50.55 -50.28
N ILE K 461 31.03 -49.38 -50.37
CA ILE K 461 30.34 -48.81 -49.24
C ILE K 461 29.21 -47.87 -49.71
N ASN K 462 28.15 -47.79 -48.91
CA ASN K 462 27.08 -46.82 -49.09
C ASN K 462 27.45 -45.50 -48.48
N GLN K 463 27.04 -44.43 -49.14
CA GLN K 463 27.12 -43.08 -48.61
C GLN K 463 26.14 -42.87 -47.43
N ILE K 464 24.92 -43.38 -47.56
CA ILE K 464 23.94 -43.20 -46.50
C ILE K 464 23.32 -44.52 -46.07
N SER K 465 22.61 -44.47 -44.95
CA SER K 465 21.81 -45.60 -44.51
C SER K 465 20.43 -45.48 -45.11
N SER K 466 19.85 -46.62 -45.47
CA SER K 466 18.42 -46.67 -45.75
C SER K 466 17.66 -46.73 -44.42
N SER K 467 18.07 -47.67 -43.57
CA SER K 467 17.35 -48.00 -42.34
C SER K 467 17.52 -47.02 -41.16
N VAL K 468 18.75 -46.71 -40.80
CA VAL K 468 19.05 -46.04 -39.53
C VAL K 468 18.77 -44.54 -39.52
N LYS K 469 18.08 -44.05 -38.50
CA LYS K 469 17.70 -42.63 -38.41
C LYS K 469 18.77 -41.79 -37.70
N ALA K 470 19.65 -42.46 -36.96
CA ALA K 470 20.75 -41.79 -36.27
C ALA K 470 21.79 -41.35 -37.28
N SER K 471 21.43 -40.38 -38.11
CA SER K 471 22.29 -40.02 -39.24
C SER K 471 23.62 -39.38 -38.82
N SER K 472 23.69 -38.76 -37.65
CA SER K 472 24.95 -38.14 -37.23
C SER K 472 26.00 -39.21 -36.90
N ILE K 473 25.53 -40.32 -36.35
CA ILE K 473 26.40 -41.45 -36.05
C ILE K 473 26.78 -42.18 -37.35
N VAL K 474 25.78 -42.42 -38.21
CA VAL K 474 26.04 -43.07 -39.51
C VAL K 474 27.04 -42.25 -40.36
N ALA K 475 26.86 -40.93 -40.39
CA ALA K 475 27.81 -40.07 -41.09
C ALA K 475 29.22 -40.24 -40.50
N SER K 476 29.31 -40.31 -39.17
CA SER K 476 30.63 -40.53 -38.53
C SER K 476 31.23 -41.87 -38.91
N LEU K 477 30.38 -42.89 -39.00
CA LEU K 477 30.81 -44.22 -39.40
C LEU K 477 31.37 -44.18 -40.81
N PHE K 478 30.70 -43.44 -41.68
CA PHE K 478 31.20 -43.26 -43.04
C PHE K 478 32.57 -42.55 -43.06
N LEU K 479 32.70 -41.47 -42.28
CA LEU K 479 33.97 -40.71 -42.28
C LEU K 479 35.12 -41.58 -41.76
N LYS K 480 34.80 -42.43 -40.79
CA LYS K 480 35.84 -43.27 -40.17
C LYS K 480 36.47 -44.24 -41.17
N GLU K 481 35.75 -44.52 -42.25
CA GLU K 481 36.30 -45.41 -43.27
C GLU K 481 37.42 -44.76 -44.07
N PHE K 482 37.63 -43.46 -43.87
CA PHE K 482 38.63 -42.75 -44.66
C PHE K 482 39.82 -42.28 -43.83
N VAL K 483 39.93 -42.79 -42.62
CA VAL K 483 41.09 -42.56 -41.77
C VAL K 483 41.55 -43.96 -41.34
N GLN K 484 42.78 -44.31 -41.67
CA GLN K 484 43.21 -45.69 -41.48
C GLN K 484 43.94 -45.93 -40.17
N ASN K 485 44.84 -45.03 -39.81
CA ASN K 485 45.65 -45.28 -38.61
C ASN K 485 46.16 -44.02 -37.93
N THR K 486 45.27 -43.04 -37.81
CA THR K 486 45.63 -41.75 -37.25
C THR K 486 44.51 -41.39 -36.31
N ALA K 487 44.83 -40.83 -35.16
CA ALA K 487 43.83 -40.36 -34.22
C ALA K 487 42.99 -39.30 -34.91
N TRP K 488 41.66 -39.43 -34.85
CA TRP K 488 40.78 -38.54 -35.60
C TRP K 488 39.50 -38.21 -34.82
N ALA K 489 39.05 -36.97 -34.94
CA ALA K 489 37.87 -36.48 -34.25
C ALA K 489 37.06 -35.66 -35.24
N HIS K 490 35.75 -35.64 -35.06
CA HIS K 490 34.82 -35.04 -36.01
C HIS K 490 33.82 -34.21 -35.23
N ILE K 491 33.76 -32.92 -35.51
CA ILE K 491 32.85 -32.04 -34.80
C ILE K 491 31.70 -31.60 -35.71
N ASP K 492 30.49 -32.05 -35.39
CA ASP K 492 29.32 -31.73 -36.20
C ASP K 492 28.66 -30.46 -35.65
N ILE K 493 28.77 -29.35 -36.38
CA ILE K 493 28.25 -28.05 -35.93
C ILE K 493 27.01 -27.62 -36.70
N ALA K 494 26.37 -28.58 -37.38
CA ALA K 494 25.18 -28.28 -38.17
C ALA K 494 24.11 -27.58 -37.32
N GLY K 495 24.00 -27.95 -36.05
CA GLY K 495 23.00 -27.37 -35.19
C GLY K 495 23.36 -26.03 -34.57
N VAL K 496 24.64 -25.81 -34.31
CA VAL K 496 25.07 -24.66 -33.54
C VAL K 496 25.66 -23.53 -34.35
N SER K 497 25.89 -23.77 -35.64
CA SER K 497 26.60 -22.77 -36.44
C SER K 497 25.84 -21.45 -36.65
N TRP K 498 24.57 -21.56 -37.01
CA TRP K 498 23.76 -20.37 -37.27
C TRP K 498 22.99 -19.94 -36.04
N ASN K 499 23.08 -18.66 -35.70
CA ASN K 499 22.28 -18.08 -34.63
C ASN K 499 20.90 -17.70 -35.18
N PHE K 500 19.93 -18.61 -35.01
CA PHE K 500 18.61 -18.40 -35.59
C PHE K 500 17.88 -17.22 -35.03
N LYS K 501 18.03 -16.99 -33.74
CA LYS K 501 17.30 -15.90 -33.09
C LYS K 501 17.84 -14.57 -33.59
N ALA K 502 19.16 -14.48 -33.74
CA ALA K 502 19.82 -13.22 -34.12
C ALA K 502 20.01 -13.05 -35.63
N ARG K 503 19.68 -14.06 -36.43
CA ARG K 503 19.78 -14.01 -37.89
C ARG K 503 21.23 -13.78 -38.39
N LYS K 504 22.18 -14.49 -37.80
CA LYS K 504 23.58 -14.33 -38.15
C LYS K 504 24.36 -15.57 -37.74
N PRO K 505 25.61 -15.72 -38.25
CA PRO K 505 26.44 -16.85 -37.84
C PRO K 505 27.02 -16.63 -36.43
N LYS K 506 27.51 -17.70 -35.80
CA LYS K 506 28.24 -17.57 -34.54
C LYS K 506 29.74 -17.57 -34.78
N GLY K 507 30.17 -18.05 -35.94
CA GLY K 507 31.57 -18.29 -36.20
C GLY K 507 32.05 -19.38 -35.25
N PHE K 508 31.15 -20.34 -34.99
CA PHE K 508 31.40 -21.38 -34.00
C PHE K 508 32.61 -22.22 -34.37
N GLY K 509 33.49 -22.47 -33.40
CA GLY K 509 34.56 -23.42 -33.61
C GLY K 509 35.96 -22.82 -33.74
N VAL K 510 36.06 -21.56 -34.12
CA VAL K 510 37.35 -20.89 -34.22
C VAL K 510 38.13 -20.96 -32.91
N ARG K 511 37.46 -20.64 -31.81
CA ARG K 511 38.14 -20.53 -30.51
C ARG K 511 38.43 -21.90 -29.93
N LEU K 512 37.48 -22.82 -30.12
CA LEU K 512 37.65 -24.21 -29.73
C LEU K 512 38.90 -24.81 -30.39
N LEU K 513 39.02 -24.62 -31.70
CA LEU K 513 40.14 -25.16 -32.44
C LEU K 513 41.46 -24.50 -32.05
N THR K 514 41.42 -23.18 -31.88
CA THR K 514 42.62 -22.46 -31.47
C THR K 514 43.12 -22.92 -30.09
N GLU K 515 42.21 -23.06 -29.13
CA GLU K 515 42.58 -23.55 -27.80
C GLU K 515 43.16 -24.96 -27.86
N PHE K 516 42.62 -25.78 -28.75
CA PHE K 516 43.13 -27.13 -28.99
C PHE K 516 44.58 -27.10 -29.46
N VAL K 517 44.85 -26.29 -30.49
CA VAL K 517 46.21 -26.11 -30.99
C VAL K 517 47.15 -25.52 -29.94
N LEU K 518 46.73 -24.42 -29.32
CA LEU K 518 47.53 -23.72 -28.34
C LEU K 518 47.86 -24.53 -27.09
N ASN K 519 46.87 -25.23 -26.57
CA ASN K 519 47.02 -25.91 -25.28
C ASN K 519 47.15 -27.42 -25.41
N SER L 3 29.53 -42.05 -80.45
CA SER L 3 29.89 -43.11 -79.52
C SER L 3 30.85 -42.65 -78.43
N GLU L 4 31.46 -41.48 -78.59
CA GLU L 4 32.29 -40.91 -77.51
C GLU L 4 31.42 -40.42 -76.34
N VAL L 5 31.60 -41.02 -75.16
CA VAL L 5 30.87 -40.61 -73.96
C VAL L 5 31.41 -39.30 -73.43
N PRO L 6 30.55 -38.27 -73.32
CA PRO L 6 31.02 -37.01 -72.76
C PRO L 6 31.32 -37.13 -71.26
N GLN L 7 32.35 -36.43 -70.79
CA GLN L 7 32.70 -36.40 -69.38
C GLN L 7 32.62 -35.00 -68.83
N VAL L 8 32.26 -34.87 -67.55
CA VAL L 8 32.37 -33.58 -66.88
C VAL L 8 33.77 -33.45 -66.30
N VAL L 9 34.21 -34.49 -65.59
CA VAL L 9 35.58 -34.57 -65.10
C VAL L 9 36.24 -35.82 -65.66
N SER L 10 37.56 -35.88 -65.63
CA SER L 10 38.31 -37.00 -66.20
C SER L 10 38.04 -38.32 -65.49
N LEU L 11 37.45 -38.24 -64.30
CA LEU L 11 37.15 -39.44 -63.52
C LEU L 11 35.81 -40.07 -63.88
N ASP L 12 35.05 -39.40 -64.75
CA ASP L 12 33.73 -39.93 -65.18
C ASP L 12 33.91 -41.15 -66.09
N PRO L 13 33.18 -42.24 -65.83
CA PRO L 13 33.37 -43.48 -66.60
C PRO L 13 32.90 -43.31 -68.04
N THR L 14 33.52 -44.03 -68.96
CA THR L 14 33.20 -43.88 -70.38
C THR L 14 32.62 -45.15 -71.00
N SER L 15 32.31 -46.13 -70.16
CA SER L 15 31.62 -47.32 -70.64
C SER L 15 30.98 -48.04 -69.49
N ILE L 16 30.06 -48.96 -69.80
CA ILE L 16 29.49 -49.83 -68.78
C ILE L 16 30.38 -51.08 -68.71
N PRO L 17 30.85 -51.42 -67.50
CA PRO L 17 31.56 -52.71 -67.37
C PRO L 17 30.59 -53.86 -67.53
N ILE L 18 30.96 -54.83 -68.35
CA ILE L 18 30.07 -55.94 -68.66
C ILE L 18 30.82 -57.24 -68.53
N GLU L 19 30.25 -58.16 -67.78
CA GLU L 19 30.83 -59.47 -67.58
C GLU L 19 30.08 -60.45 -68.48
N TYR L 20 30.78 -61.03 -69.46
CA TYR L 20 30.17 -61.98 -70.37
C TYR L 20 30.44 -63.42 -69.93
N ASN L 21 31.72 -63.74 -69.72
CA ASN L 21 32.11 -65.06 -69.23
C ASN L 21 32.01 -65.13 -67.70
N THR L 22 30.93 -65.68 -67.20
CA THR L 22 30.68 -65.71 -65.76
C THR L 22 31.02 -67.10 -65.24
N PRO L 23 31.24 -67.24 -63.93
CA PRO L 23 31.57 -68.57 -63.40
C PRO L 23 30.47 -69.60 -63.64
N ILE L 24 29.23 -69.14 -63.81
CA ILE L 24 28.13 -70.04 -64.15
C ILE L 24 28.39 -70.80 -65.45
N HIS L 25 29.03 -70.13 -66.40
CA HIS L 25 29.34 -70.74 -67.68
C HIS L 25 30.39 -71.87 -67.60
N ASP L 26 31.09 -71.96 -66.47
CA ASP L 26 32.06 -73.04 -66.27
C ASP L 26 31.47 -74.22 -65.53
N ILE L 27 30.20 -74.11 -65.16
CA ILE L 27 29.57 -75.22 -64.44
C ILE L 27 29.20 -76.35 -65.39
N LYS L 28 29.74 -77.53 -65.12
CA LYS L 28 29.41 -78.72 -65.87
C LYS L 28 28.19 -79.39 -65.24
N VAL L 29 27.15 -79.57 -66.04
CA VAL L 29 25.86 -80.05 -65.55
C VAL L 29 25.54 -81.41 -66.14
N GLN L 30 25.17 -82.35 -65.28
CA GLN L 30 24.76 -83.68 -65.72
C GLN L 30 23.45 -84.04 -65.06
N VAL L 31 22.52 -84.60 -65.84
CA VAL L 31 21.24 -85.00 -65.31
C VAL L 31 21.11 -86.53 -65.33
N TYR L 32 20.76 -87.10 -64.17
CA TYR L 32 20.67 -88.54 -64.00
C TYR L 32 19.26 -88.99 -63.61
N ASP L 33 18.92 -90.23 -63.97
CA ASP L 33 17.64 -90.83 -63.58
C ASP L 33 17.69 -91.26 -62.12
N ILE L 34 16.62 -91.02 -61.38
CA ILE L 34 16.61 -91.33 -59.96
C ILE L 34 16.51 -92.83 -59.71
N LYS L 35 15.98 -93.56 -60.70
CA LYS L 35 15.71 -95.00 -60.54
C LYS L 35 16.97 -95.80 -60.25
N GLY L 36 18.10 -95.37 -60.81
CA GLY L 36 19.36 -96.06 -60.60
C GLY L 36 19.91 -95.87 -59.20
N GLY L 37 19.27 -95.02 -58.41
CA GLY L 37 19.77 -94.68 -57.08
C GLY L 37 20.72 -93.49 -57.13
N CYS L 38 20.95 -92.86 -55.98
CA CYS L 38 21.79 -91.68 -55.95
C CYS L 38 23.17 -91.96 -55.37
N ASN L 39 24.20 -91.53 -56.09
CA ASN L 39 25.59 -91.65 -55.64
C ASN L 39 26.03 -90.41 -54.87
N VAL L 40 26.65 -90.63 -53.71
CA VAL L 40 27.12 -89.52 -52.89
C VAL L 40 28.63 -89.64 -52.66
N GLU L 41 29.40 -88.93 -53.48
CA GLU L 41 30.85 -89.10 -53.48
C GLU L 41 31.59 -87.81 -53.13
N GLU L 42 30.98 -86.67 -53.43
CA GLU L 42 31.66 -85.38 -53.26
C GLU L 42 30.70 -84.20 -53.06
N GLY L 43 31.23 -83.10 -52.55
CA GLY L 43 30.49 -81.86 -52.47
C GLY L 43 29.28 -81.94 -51.58
N LEU L 44 28.23 -81.23 -51.99
CA LEU L 44 26.98 -81.12 -51.26
C LEU L 44 25.86 -81.79 -52.05
N THR L 45 25.03 -82.57 -51.36
CA THR L 45 23.88 -83.22 -51.98
C THR L 45 22.60 -82.79 -51.28
N ILE L 46 21.66 -82.24 -52.06
CA ILE L 46 20.44 -81.69 -51.49
C ILE L 46 19.21 -82.39 -52.06
N PHE L 47 18.35 -82.85 -51.16
CA PHE L 47 17.08 -83.45 -51.55
C PHE L 47 15.95 -82.42 -51.50
N LEU L 48 15.20 -82.31 -52.61
CA LEU L 48 14.01 -81.46 -52.62
C LEU L 48 12.81 -82.30 -52.22
N VAL L 49 12.27 -82.02 -51.03
CA VAL L 49 11.24 -82.88 -50.46
C VAL L 49 10.01 -82.10 -50.02
N ASN L 50 8.84 -82.72 -50.19
CA ASN L 50 7.62 -82.13 -49.67
C ASN L 50 6.89 -83.14 -48.79
N ASN L 51 5.77 -82.72 -48.22
CA ASN L 51 4.90 -83.62 -47.47
C ASN L 51 3.46 -83.21 -47.71
N PRO L 52 2.84 -83.76 -48.77
CA PRO L 52 1.47 -83.42 -49.16
C PRO L 52 0.48 -83.84 -48.09
N GLY L 53 -0.56 -83.04 -47.87
CA GLY L 53 -1.54 -83.33 -46.84
C GLY L 53 -0.92 -83.59 -45.48
N LYS L 54 -0.09 -82.64 -45.06
CA LYS L 54 0.54 -82.62 -43.73
C LYS L 54 1.41 -81.37 -43.67
N GLU L 55 0.77 -80.22 -43.43
CA GLU L 55 1.46 -78.93 -43.39
C GLU L 55 2.63 -78.95 -42.40
N ASN L 56 3.79 -78.52 -42.87
CA ASN L 56 5.00 -78.49 -42.05
C ASN L 56 5.36 -79.86 -41.45
N GLY L 57 5.00 -80.92 -42.17
CA GLY L 57 5.23 -82.28 -41.70
C GLY L 57 6.69 -82.70 -41.77
N PRO L 58 6.98 -83.94 -41.35
CA PRO L 58 8.35 -84.48 -41.31
C PRO L 58 8.98 -84.71 -42.68
N VAL L 59 10.30 -84.57 -42.75
CA VAL L 59 11.06 -84.89 -43.95
C VAL L 59 11.19 -86.40 -44.04
N LYS L 60 10.86 -86.96 -45.20
CA LYS L 60 11.03 -88.40 -45.44
C LYS L 60 11.68 -88.53 -46.81
N ILE L 61 12.84 -89.18 -46.85
CA ILE L 61 13.58 -89.32 -48.11
C ILE L 61 13.20 -90.60 -48.84
N SER L 62 12.73 -90.45 -50.08
CA SER L 62 12.19 -91.56 -50.85
C SER L 62 13.22 -92.26 -51.74
N SER L 63 14.14 -91.48 -52.31
CA SER L 63 15.09 -92.03 -53.28
C SER L 63 16.11 -92.96 -52.64
N LYS L 64 16.61 -93.92 -53.42
CA LYS L 64 17.65 -94.83 -52.95
C LYS L 64 19.03 -94.20 -53.09
N VAL L 65 19.86 -94.40 -52.08
CA VAL L 65 21.19 -93.80 -52.03
C VAL L 65 22.27 -94.89 -51.97
N ASN L 66 23.18 -94.89 -52.94
CA ASN L 66 24.20 -95.93 -53.03
C ASN L 66 25.41 -95.71 -52.12
N ASP L 67 25.14 -95.34 -50.87
CA ASP L 67 26.19 -95.19 -49.86
C ASP L 67 25.64 -95.52 -48.48
N LYS L 68 26.23 -96.52 -47.83
CA LYS L 68 25.72 -97.04 -46.57
C LYS L 68 25.67 -95.99 -45.46
N GLN L 69 26.74 -95.20 -45.33
CA GLN L 69 26.79 -94.16 -44.32
C GLN L 69 25.68 -93.12 -44.51
N VAL L 70 25.57 -92.59 -45.73
CA VAL L 70 24.60 -91.55 -46.04
C VAL L 70 23.17 -92.10 -46.00
N SER L 71 22.98 -93.31 -46.53
CA SER L 71 21.68 -93.98 -46.46
C SER L 71 21.25 -94.10 -44.99
N GLU L 72 22.21 -94.41 -44.12
CA GLU L 72 21.93 -94.45 -42.69
C GLU L 72 21.51 -93.08 -42.17
N PHE L 73 22.30 -92.07 -42.53
CA PHE L 73 22.02 -90.69 -42.13
C PHE L 73 20.59 -90.32 -42.50
N LEU L 74 20.15 -90.79 -43.67
CA LEU L 74 18.87 -90.39 -44.24
C LEU L 74 17.68 -91.23 -43.76
N LYS L 75 17.92 -92.03 -42.73
CA LYS L 75 16.89 -92.90 -42.15
C LYS L 75 15.69 -92.09 -41.70
N ASP L 76 14.51 -92.70 -41.75
CA ASP L 76 13.26 -92.00 -41.39
C ASP L 76 13.28 -91.45 -39.97
N GLU L 77 13.86 -92.22 -39.04
CA GLU L 77 13.91 -91.81 -37.64
C GLU L 77 14.77 -90.56 -37.47
N ASN L 78 15.79 -90.40 -38.32
CA ASN L 78 16.61 -89.19 -38.30
C ASN L 78 15.90 -87.99 -38.94
N MET L 79 15.42 -88.16 -40.16
CA MET L 79 14.84 -87.07 -40.93
C MET L 79 13.57 -86.46 -40.31
N GLU L 80 12.83 -87.26 -39.55
CA GLU L 80 11.58 -86.78 -38.95
C GLU L 80 11.77 -85.66 -37.92
N LYS L 81 13.01 -85.47 -37.46
CA LYS L 81 13.31 -84.37 -36.55
C LYS L 81 13.29 -83.04 -37.30
N PHE L 82 13.22 -83.13 -38.63
CA PHE L 82 13.22 -81.97 -39.49
C PHE L 82 11.87 -81.88 -40.17
N ASN L 83 11.53 -80.69 -40.67
CA ASN L 83 10.23 -80.49 -41.31
C ASN L 83 10.34 -79.87 -42.70
N VAL L 84 9.26 -79.96 -43.48
CA VAL L 84 9.30 -79.56 -44.89
C VAL L 84 8.76 -78.16 -45.15
N LYS L 85 8.55 -77.39 -44.09
CA LYS L 85 8.10 -76.00 -44.23
C LYS L 85 8.86 -75.29 -45.36
N LEU L 86 8.12 -74.67 -46.26
CA LEU L 86 8.67 -74.15 -47.51
C LEU L 86 9.92 -73.29 -47.29
N GLY L 87 11.04 -73.71 -47.85
CA GLY L 87 12.28 -72.93 -47.76
C GLY L 87 13.17 -73.30 -46.60
N THR L 88 12.64 -74.10 -45.68
CA THR L 88 13.45 -74.56 -44.54
C THR L 88 14.52 -75.52 -45.04
N SER L 89 15.71 -75.43 -44.47
CA SER L 89 16.78 -76.32 -44.90
C SER L 89 17.72 -76.69 -43.76
N LYS L 90 18.35 -77.85 -43.91
CA LYS L 90 19.37 -78.29 -42.99
C LYS L 90 20.37 -79.06 -43.85
N HIS L 91 21.64 -78.98 -43.50
CA HIS L 91 22.63 -79.84 -44.14
C HIS L 91 23.75 -80.17 -43.18
N PHE L 92 24.30 -81.36 -43.32
CA PHE L 92 25.26 -81.92 -42.40
C PHE L 92 26.51 -82.43 -43.14
N TYR L 93 27.67 -82.25 -42.51
CA TYR L 93 28.93 -82.77 -43.05
C TYR L 93 29.26 -84.11 -42.39
N MET L 94 29.70 -85.06 -43.22
CA MET L 94 29.96 -86.42 -42.72
C MET L 94 30.90 -87.16 -43.68
N PHE L 95 31.33 -88.35 -43.28
CA PHE L 95 32.16 -89.20 -44.11
C PHE L 95 31.33 -90.26 -44.81
N ASN L 96 31.53 -90.42 -46.12
CA ASN L 96 30.85 -91.48 -46.87
C ASN L 96 31.60 -92.83 -46.78
N ASP L 97 31.19 -93.81 -47.59
CA ASP L 97 31.78 -95.16 -47.54
C ASP L 97 33.28 -95.19 -47.82
N ASN L 98 33.81 -94.15 -48.46
CA ASN L 98 35.21 -94.15 -48.81
C ASN L 98 36.01 -93.13 -48.01
N LYS L 99 35.49 -92.79 -46.83
CA LYS L 99 36.13 -91.85 -45.92
C LYS L 99 36.37 -90.50 -46.59
N ASN L 100 35.49 -90.13 -47.51
CA ASN L 100 35.52 -88.80 -48.11
C ASN L 100 34.51 -87.87 -47.44
N SER L 101 34.87 -86.60 -47.31
CA SER L 101 33.98 -85.62 -46.68
C SER L 101 32.89 -85.24 -47.67
N VAL L 102 31.65 -85.52 -47.31
CA VAL L 102 30.51 -85.15 -48.14
C VAL L 102 29.46 -84.44 -47.28
N ALA L 103 28.72 -83.51 -47.89
CA ALA L 103 27.66 -82.81 -47.18
C ALA L 103 26.29 -83.16 -47.75
N VAL L 104 25.34 -83.49 -46.86
CA VAL L 104 24.01 -83.92 -47.28
C VAL L 104 22.92 -83.18 -46.50
N GLY L 105 21.86 -82.79 -47.21
CA GLY L 105 20.75 -82.09 -46.60
C GLY L 105 19.53 -82.00 -47.49
N TYR L 106 18.56 -81.21 -47.08
CA TYR L 106 17.32 -81.08 -47.81
C TYR L 106 16.89 -79.61 -47.83
N VAL L 107 16.04 -79.25 -48.78
CA VAL L 107 15.25 -78.03 -48.68
C VAL L 107 13.78 -78.41 -48.66
N GLY L 108 13.03 -77.86 -47.71
CA GLY L 108 11.61 -78.14 -47.63
C GLY L 108 10.82 -77.50 -48.76
N CYS L 109 9.95 -78.28 -49.40
CA CYS L 109 9.13 -77.77 -50.48
C CYS L 109 7.65 -77.70 -50.07
N GLY L 110 7.41 -77.78 -48.78
CA GLY L 110 6.08 -77.53 -48.27
C GLY L 110 5.13 -78.69 -48.48
N SER L 111 3.85 -78.36 -48.66
CA SER L 111 2.80 -79.35 -48.78
C SER L 111 2.11 -79.35 -50.13
N VAL L 112 2.14 -78.22 -50.83
CA VAL L 112 1.48 -78.16 -52.14
C VAL L 112 2.24 -79.02 -53.14
N ALA L 113 1.50 -79.79 -53.94
CA ALA L 113 2.11 -80.73 -54.87
C ALA L 113 2.71 -80.02 -56.08
N ASP L 114 1.96 -79.07 -56.64
CA ASP L 114 2.43 -78.29 -57.79
C ASP L 114 2.99 -76.93 -57.34
N LEU L 115 4.32 -76.82 -57.30
CA LEU L 115 5.01 -75.60 -56.91
C LEU L 115 4.73 -74.43 -57.86
N SER L 116 4.44 -73.26 -57.29
CA SER L 116 4.36 -72.05 -58.12
C SER L 116 5.75 -71.49 -58.37
N GLU L 117 5.81 -70.53 -59.27
CA GLU L 117 7.04 -69.84 -59.59
C GLU L 117 7.65 -69.21 -58.33
N ALA L 118 6.79 -68.59 -57.51
CA ALA L 118 7.23 -67.90 -56.30
C ALA L 118 7.79 -68.87 -55.25
N ASP L 119 7.10 -69.99 -55.10
CA ASP L 119 7.53 -71.02 -54.16
C ASP L 119 8.83 -71.67 -54.61
N MET L 120 8.96 -71.91 -55.91
CA MET L 120 10.18 -72.51 -56.44
C MET L 120 11.33 -71.56 -56.18
N LYS L 121 11.09 -70.26 -56.30
CA LYS L 121 12.22 -69.38 -56.02
C LYS L 121 12.56 -69.24 -54.53
N ARG L 122 11.61 -69.51 -53.64
CA ARG L 122 11.95 -69.64 -52.22
C ARG L 122 12.83 -70.87 -51.99
N VAL L 123 12.55 -71.94 -52.73
CA VAL L 123 13.37 -73.15 -52.63
C VAL L 123 14.79 -72.87 -53.11
N VAL L 124 14.90 -72.26 -54.29
CA VAL L 124 16.20 -71.92 -54.86
C VAL L 124 17.02 -71.00 -53.94
N LEU L 125 16.36 -70.02 -53.32
CA LEU L 125 17.02 -69.10 -52.40
C LEU L 125 17.65 -69.84 -51.21
N SER L 126 16.91 -70.76 -50.61
CA SER L 126 17.45 -71.55 -49.49
C SER L 126 18.67 -72.33 -49.95
N LEU L 127 18.59 -72.84 -51.18
CA LEU L 127 19.66 -73.61 -51.78
C LEU L 127 20.90 -72.72 -51.98
N VAL L 128 20.68 -71.55 -52.57
CA VAL L 128 21.77 -70.61 -52.85
C VAL L 128 22.47 -70.12 -51.58
N THR L 129 21.69 -69.96 -50.51
CA THR L 129 22.24 -69.62 -49.20
C THR L 129 23.30 -70.63 -48.76
N MET L 130 23.07 -71.90 -49.05
CA MET L 130 24.02 -72.94 -48.70
C MET L 130 25.26 -72.89 -49.60
N LEU L 131 25.08 -72.56 -50.87
CA LEU L 131 26.22 -72.49 -51.77
C LEU L 131 27.13 -71.32 -51.40
N HIS L 132 26.53 -70.23 -50.93
CA HIS L 132 27.26 -69.00 -50.65
C HIS L 132 28.15 -69.08 -49.41
N ASP L 133 27.79 -69.94 -48.46
CA ASP L 133 28.64 -70.14 -47.30
C ASP L 133 29.15 -71.56 -47.18
N ASN L 134 29.41 -72.18 -48.34
CA ASN L 134 30.09 -73.47 -48.40
C ASN L 134 31.04 -73.52 -49.60
N LYS L 135 32.30 -73.82 -49.31
CA LYS L 135 33.30 -74.01 -50.36
C LYS L 135 33.11 -75.41 -50.93
N LEU L 136 32.64 -75.49 -52.17
CA LEU L 136 32.23 -76.76 -52.75
C LEU L 136 32.70 -76.89 -54.19
N SER L 137 32.98 -78.11 -54.61
CA SER L 137 33.35 -78.36 -56.00
C SER L 137 32.12 -78.75 -56.80
N LYS L 138 31.12 -79.26 -56.10
CA LYS L 138 29.97 -79.87 -56.75
C LYS L 138 28.71 -79.76 -55.89
N LEU L 139 27.61 -79.43 -56.54
CA LEU L 139 26.29 -79.56 -55.93
C LEU L 139 25.53 -80.64 -56.67
N THR L 140 24.82 -81.48 -55.90
CA THR L 140 23.91 -82.46 -56.49
C THR L 140 22.52 -82.19 -55.93
N VAL L 141 21.54 -82.11 -56.81
CA VAL L 141 20.16 -81.86 -56.41
C VAL L 141 19.31 -83.08 -56.75
N VAL L 142 18.60 -83.61 -55.76
CA VAL L 142 17.72 -84.74 -55.99
C VAL L 142 16.28 -84.28 -55.90
N PHE L 143 15.54 -84.48 -56.99
CA PHE L 143 14.15 -84.04 -57.07
C PHE L 143 13.21 -85.14 -56.60
N GLU L 144 12.70 -84.99 -55.38
CA GLU L 144 11.67 -85.90 -54.88
C GLU L 144 10.35 -85.16 -54.86
N ILE L 145 10.23 -84.23 -55.81
CA ILE L 145 8.99 -83.49 -56.04
C ILE L 145 8.73 -83.56 -57.54
N ASN L 146 7.51 -83.23 -57.95
CA ASN L 146 7.15 -83.22 -59.35
C ASN L 146 7.25 -81.82 -59.95
N VAL L 147 8.03 -81.68 -61.01
CA VAL L 147 8.05 -80.42 -61.78
C VAL L 147 7.96 -80.76 -63.26
N ASP L 148 7.39 -79.87 -64.07
CA ASP L 148 7.38 -80.10 -65.51
C ASP L 148 8.66 -79.51 -66.14
N LYS L 149 8.79 -79.66 -67.45
CA LYS L 149 10.01 -79.23 -68.14
C LYS L 149 10.27 -77.73 -67.99
N ASN L 150 9.21 -76.92 -68.10
CA ASN L 150 9.33 -75.46 -67.99
C ASN L 150 9.74 -75.04 -66.60
N LEU L 151 9.15 -75.68 -65.59
CA LEU L 151 9.48 -75.38 -64.20
C LEU L 151 10.89 -75.88 -63.85
N PHE L 152 11.27 -77.03 -64.39
CA PHE L 152 12.63 -77.52 -64.21
C PHE L 152 13.65 -76.51 -64.76
N ARG L 153 13.41 -76.01 -65.97
CA ARG L 153 14.32 -75.03 -66.55
C ARG L 153 14.36 -73.77 -65.68
N PHE L 154 13.19 -73.36 -65.19
CA PHE L 154 13.07 -72.20 -64.32
C PHE L 154 13.89 -72.39 -63.06
N PHE L 155 13.90 -73.59 -62.52
CA PHE L 155 14.71 -73.92 -61.36
C PHE L 155 16.18 -73.61 -61.66
N LEU L 156 16.67 -74.12 -62.79
CA LEU L 156 18.06 -73.91 -63.16
C LEU L 156 18.37 -72.42 -63.36
N GLU L 157 17.52 -71.73 -64.12
CA GLU L 157 17.70 -70.31 -64.42
C GLU L 157 17.82 -69.49 -63.16
N THR L 158 16.90 -69.77 -62.24
CA THR L 158 16.82 -69.03 -60.98
C THR L 158 18.05 -69.36 -60.16
N LEU L 159 18.44 -70.64 -60.14
CA LEU L 159 19.64 -71.06 -59.43
C LEU L 159 20.87 -70.31 -59.90
N PHE L 160 21.14 -70.39 -61.21
CA PHE L 160 22.26 -69.67 -61.80
C PHE L 160 22.18 -68.18 -61.50
N TYR L 161 21.00 -67.61 -61.68
CA TYR L 161 20.86 -66.17 -61.55
C TYR L 161 21.14 -65.71 -60.12
N GLU L 162 20.54 -66.37 -59.14
CA GLU L 162 20.68 -65.99 -57.74
C GLU L 162 22.07 -66.31 -57.17
N TYR L 163 22.70 -67.36 -57.69
CA TYR L 163 24.03 -67.79 -57.25
C TYR L 163 25.10 -66.81 -57.69
N MET L 164 24.94 -66.30 -58.91
CA MET L 164 25.89 -65.35 -59.48
C MET L 164 25.86 -64.04 -58.69
N THR L 165 27.05 -63.52 -58.37
CA THR L 165 27.16 -62.27 -57.64
C THR L 165 27.87 -61.20 -58.47
N ASP L 166 27.28 -60.01 -58.55
CA ASP L 166 27.76 -58.92 -59.40
C ASP L 166 28.77 -58.06 -58.64
N GLU L 167 30.05 -58.21 -58.97
CA GLU L 167 31.10 -57.48 -58.27
C GLU L 167 31.82 -56.45 -59.14
N ARG L 168 31.18 -56.02 -60.23
CA ARG L 168 31.82 -55.07 -61.14
C ARG L 168 32.21 -53.76 -60.47
N PHE L 169 31.50 -53.38 -59.40
CA PHE L 169 31.73 -52.07 -58.79
C PHE L 169 32.43 -52.15 -57.44
N LYS L 170 32.89 -53.36 -57.10
CA LYS L 170 33.67 -53.58 -55.87
C LYS L 170 35.13 -53.30 -56.15
N SER L 171 35.83 -52.75 -55.15
CA SER L 171 37.28 -52.52 -55.22
C SER L 171 37.82 -52.03 -53.90
N GLU L 179 35.87 -69.97 -56.47
CA GLU L 179 34.99 -70.00 -55.32
C GLU L 179 33.69 -70.75 -55.64
N TYR L 180 33.29 -70.70 -56.92
CA TYR L 180 32.04 -71.30 -57.39
C TYR L 180 32.15 -72.81 -57.62
N ILE L 181 31.04 -73.54 -57.49
CA ILE L 181 31.04 -74.96 -57.86
C ILE L 181 31.44 -75.09 -59.33
N LYS L 182 32.14 -76.18 -59.66
CA LYS L 182 32.49 -76.45 -61.06
C LYS L 182 31.59 -77.53 -61.64
N HIS L 183 30.77 -78.16 -60.80
CA HIS L 183 29.88 -79.24 -61.24
C HIS L 183 28.51 -79.18 -60.59
N LEU L 184 27.49 -79.54 -61.37
CA LEU L 184 26.14 -79.65 -60.86
C LEU L 184 25.55 -80.97 -61.35
N GLY L 185 25.13 -81.81 -60.42
CA GLY L 185 24.40 -83.02 -60.76
C GLY L 185 22.93 -82.87 -60.41
N VAL L 186 22.06 -83.48 -61.20
CA VAL L 186 20.63 -83.45 -60.95
C VAL L 186 20.06 -84.87 -61.06
N TYR L 187 19.42 -85.34 -60.00
CA TYR L 187 18.70 -86.59 -60.09
C TYR L 187 17.21 -86.30 -60.22
N ILE L 188 16.60 -86.84 -61.27
CA ILE L 188 15.18 -86.65 -61.48
C ILE L 188 14.58 -87.82 -62.27
N ASN L 189 13.32 -88.15 -61.97
CA ASN L 189 12.55 -89.09 -62.79
C ASN L 189 12.49 -88.65 -64.24
N ASN L 190 12.62 -89.62 -65.14
CA ASN L 190 12.57 -89.35 -66.58
C ASN L 190 13.58 -88.31 -67.00
N ALA L 191 14.81 -88.46 -66.51
CA ALA L 191 15.89 -87.51 -66.72
C ALA L 191 16.07 -87.11 -68.18
N ASP L 192 15.92 -88.08 -69.08
CA ASP L 192 16.12 -87.83 -70.50
C ASP L 192 15.23 -86.69 -71.02
N THR L 193 14.00 -86.59 -70.51
CA THR L 193 13.09 -85.55 -70.99
C THR L 193 13.46 -84.15 -70.52
N TYR L 194 14.42 -84.03 -69.60
CA TYR L 194 14.78 -82.72 -69.04
C TYR L 194 16.12 -82.23 -69.54
N LYS L 195 16.87 -83.10 -70.20
CA LYS L 195 18.23 -82.78 -70.63
C LYS L 195 18.30 -81.58 -71.57
N GLU L 196 17.30 -81.43 -72.44
CA GLU L 196 17.26 -80.33 -73.40
C GLU L 196 17.09 -78.98 -72.72
N GLU L 197 16.57 -78.98 -71.50
CA GLU L 197 16.30 -77.74 -70.77
C GLU L 197 17.57 -77.12 -70.21
N VAL L 198 18.63 -77.92 -70.06
CA VAL L 198 19.83 -77.46 -69.35
C VAL L 198 20.55 -76.28 -70.02
N GLU L 199 20.88 -76.39 -71.31
CA GLU L 199 21.60 -75.32 -71.96
C GLU L 199 20.69 -74.15 -72.31
N LYS L 200 19.41 -74.42 -72.42
CA LYS L 200 18.44 -73.35 -72.66
C LYS L 200 18.38 -72.48 -71.41
N ALA L 201 18.40 -73.13 -70.25
CA ALA L 201 18.46 -72.46 -68.95
C ALA L 201 19.68 -71.55 -68.83
N ARG L 202 20.83 -72.07 -69.27
CA ARG L 202 22.06 -71.32 -69.18
C ARG L 202 21.98 -70.06 -70.04
N VAL L 203 21.35 -70.19 -71.20
CA VAL L 203 21.15 -69.04 -72.08
C VAL L 203 20.17 -68.03 -71.46
N TYR L 204 19.04 -68.52 -70.97
CA TYR L 204 18.05 -67.67 -70.31
C TYR L 204 18.66 -66.97 -69.10
N TYR L 205 19.48 -67.69 -68.36
CA TYR L 205 20.19 -67.08 -67.23
C TYR L 205 21.00 -65.88 -67.67
N PHE L 206 21.80 -66.04 -68.72
CA PHE L 206 22.69 -64.94 -69.08
C PHE L 206 21.94 -63.74 -69.64
N GLY L 207 20.87 -64.00 -70.40
CA GLY L 207 20.04 -62.93 -70.92
C GLY L 207 19.50 -62.10 -69.78
N THR L 208 19.05 -62.81 -68.75
CA THR L 208 18.52 -62.21 -67.54
C THR L 208 19.63 -61.51 -66.76
N TYR L 209 20.77 -62.19 -66.63
CA TYR L 209 21.86 -61.60 -65.87
C TYR L 209 22.45 -60.40 -66.61
N TYR L 210 22.54 -60.50 -67.93
CA TYR L 210 22.99 -59.37 -68.73
C TYR L 210 22.06 -58.16 -68.56
N ALA L 211 20.76 -58.40 -68.65
CA ALA L 211 19.78 -57.34 -68.41
C ALA L 211 20.03 -56.68 -67.05
N SER L 212 20.21 -57.50 -66.03
CA SER L 212 20.40 -56.97 -64.67
C SER L 212 21.68 -56.15 -64.51
N GLN L 213 22.75 -56.56 -65.21
CA GLN L 213 23.99 -55.78 -65.22
C GLN L 213 23.81 -54.35 -65.75
N LEU L 214 23.06 -54.22 -66.84
CA LEU L 214 22.76 -52.91 -67.40
C LEU L 214 21.95 -52.09 -66.41
N ILE L 215 20.94 -52.71 -65.82
CA ILE L 215 20.02 -52.03 -64.91
C ILE L 215 20.73 -51.58 -63.64
N ALA L 216 21.53 -52.49 -63.07
CA ALA L 216 22.23 -52.22 -61.81
C ALA L 216 23.30 -51.16 -61.99
N ALA L 217 23.92 -51.16 -63.17
CA ALA L 217 24.90 -50.13 -63.53
C ALA L 217 24.28 -48.75 -63.36
N PRO L 218 24.91 -47.91 -62.50
CA PRO L 218 24.36 -46.58 -62.20
C PRO L 218 24.41 -45.64 -63.40
N SER L 219 23.73 -44.53 -63.28
CA SER L 219 23.50 -43.63 -64.39
C SER L 219 24.74 -42.87 -64.90
N ASN L 220 25.77 -42.76 -64.07
CA ASN L 220 27.03 -42.20 -64.57
C ASN L 220 27.77 -43.19 -65.47
N TYR L 221 27.76 -44.47 -65.09
CA TYR L 221 28.26 -45.54 -65.95
C TYR L 221 27.34 -45.80 -67.14
N CYS L 222 26.05 -46.02 -66.86
CA CYS L 222 25.08 -46.36 -67.89
C CYS L 222 24.25 -45.13 -68.28
N ASN L 223 24.65 -44.49 -69.37
CA ASN L 223 24.00 -43.28 -69.87
C ASN L 223 23.64 -43.58 -71.33
N PRO L 224 22.90 -42.69 -72.01
CA PRO L 224 22.47 -43.01 -73.37
C PRO L 224 23.59 -43.36 -74.35
N VAL L 225 24.77 -42.78 -74.18
CA VAL L 225 25.86 -43.06 -75.11
C VAL L 225 26.48 -44.43 -74.80
N SER L 226 26.81 -44.65 -73.53
CA SER L 226 27.44 -45.92 -73.15
C SER L 226 26.47 -47.11 -73.30
N LEU L 227 25.18 -46.86 -73.08
CA LEU L 227 24.20 -47.93 -73.21
C LEU L 227 24.06 -48.38 -74.68
N SER L 228 23.99 -47.43 -75.59
CA SER L 228 23.86 -47.79 -77.01
C SER L 228 25.20 -48.34 -77.54
N ASN L 229 26.30 -47.89 -76.96
CA ASN L 229 27.60 -48.53 -77.25
C ASN L 229 27.59 -50.00 -76.86
N ALA L 230 27.05 -50.30 -75.69
CA ALA L 230 26.96 -51.67 -75.20
C ALA L 230 26.10 -52.51 -76.13
N ALA L 231 25.01 -51.92 -76.61
CA ALA L 231 24.11 -52.65 -77.50
C ALA L 231 24.81 -52.99 -78.83
N VAL L 232 25.56 -52.04 -79.36
CA VAL L 232 26.37 -52.29 -80.56
C VAL L 232 27.34 -53.45 -80.35
N GLU L 233 28.04 -53.43 -79.23
CA GLU L 233 28.97 -54.51 -78.90
C GLU L 233 28.24 -55.85 -78.84
N LEU L 234 27.03 -55.85 -78.25
CA LEU L 234 26.26 -57.06 -78.15
C LEU L 234 25.88 -57.60 -79.53
N ALA L 235 25.35 -56.71 -80.36
CA ALA L 235 24.96 -57.08 -81.72
C ALA L 235 26.14 -57.61 -82.51
N GLN L 236 27.31 -57.01 -82.31
CA GLN L 236 28.52 -57.44 -82.99
C GLN L 236 28.93 -58.85 -82.55
N LYS L 237 28.85 -59.10 -81.25
CA LYS L 237 29.15 -60.42 -80.72
C LYS L 237 28.16 -61.49 -81.17
N LEU L 238 26.93 -61.10 -81.47
CA LEU L 238 25.88 -62.04 -81.86
C LEU L 238 25.70 -62.12 -83.38
N ASN L 239 26.42 -61.27 -84.09
CA ASN L 239 26.20 -61.08 -85.53
C ASN L 239 24.79 -60.63 -85.91
N LEU L 240 24.25 -59.69 -85.15
CA LEU L 240 22.96 -59.10 -85.48
C LEU L 240 23.18 -57.78 -86.21
N GLU L 241 22.30 -57.43 -87.12
CA GLU L 241 22.33 -56.10 -87.72
C GLU L 241 22.05 -55.10 -86.62
N TYR L 242 22.68 -53.93 -86.71
CA TYR L 242 22.41 -52.88 -85.76
C TYR L 242 22.48 -51.54 -86.45
N LYS L 243 21.76 -50.58 -85.87
CA LYS L 243 21.70 -49.22 -86.37
C LYS L 243 21.46 -48.34 -85.13
N ILE L 244 22.37 -47.41 -84.86
CA ILE L 244 22.16 -46.41 -83.81
C ILE L 244 21.85 -45.04 -84.42
N LEU L 245 20.66 -44.53 -84.15
CA LEU L 245 20.25 -43.24 -84.68
C LEU L 245 20.65 -42.13 -83.74
N GLY L 246 21.37 -41.13 -84.27
CA GLY L 246 21.83 -40.00 -83.47
C GLY L 246 20.86 -38.83 -83.58
N VAL L 247 21.17 -37.73 -82.90
CA VAL L 247 20.28 -36.57 -82.84
C VAL L 247 19.90 -36.01 -84.22
N LYS L 248 20.87 -35.90 -85.11
CA LYS L 248 20.61 -35.37 -86.45
C LYS L 248 19.57 -36.21 -87.20
N GLU L 249 19.68 -37.53 -87.13
CA GLU L 249 18.71 -38.38 -87.81
C GLU L 249 17.35 -38.31 -87.14
N LEU L 250 17.36 -38.24 -85.80
CA LEU L 250 16.12 -38.16 -85.03
C LEU L 250 15.36 -36.86 -85.35
N GLU L 251 16.08 -35.76 -85.51
CA GLU L 251 15.46 -34.50 -85.91
C GLU L 251 14.81 -34.65 -87.29
N GLU L 252 15.51 -35.26 -88.23
CA GLU L 252 14.99 -35.51 -89.57
C GLU L 252 13.71 -36.37 -89.53
N LEU L 253 13.67 -37.35 -88.63
CA LEU L 253 12.48 -38.20 -88.49
C LEU L 253 11.40 -37.49 -87.69
N LYS L 254 11.71 -36.27 -87.25
CA LYS L 254 10.79 -35.42 -86.49
C LYS L 254 10.33 -36.04 -85.16
N MET L 255 11.21 -36.77 -84.48
CA MET L 255 10.83 -37.36 -83.19
C MET L 255 10.84 -36.34 -82.05
N GLY L 256 9.89 -35.41 -82.08
CA GLY L 256 9.88 -34.29 -81.16
C GLY L 256 9.53 -34.66 -79.73
N ALA L 257 8.83 -35.77 -79.53
CA ALA L 257 8.47 -36.16 -78.17
C ALA L 257 9.69 -36.78 -77.49
N TYR L 258 10.32 -37.71 -78.19
CA TYR L 258 11.55 -38.34 -77.71
C TYR L 258 12.63 -37.28 -77.48
N LEU L 259 12.89 -36.46 -78.49
CA LEU L 259 13.93 -35.43 -78.36
C LEU L 259 13.70 -34.44 -77.21
N SER L 260 12.46 -34.04 -76.98
CA SER L 260 12.14 -33.10 -75.90
C SER L 260 12.52 -33.62 -74.51
N VAL L 261 12.34 -34.92 -74.29
CA VAL L 261 12.71 -35.51 -73.00
C VAL L 261 14.21 -35.37 -72.73
N GLY L 262 15.01 -35.55 -73.77
CA GLY L 262 16.46 -35.54 -73.61
C GLY L 262 17.15 -34.19 -73.66
N LYS L 263 16.38 -33.13 -73.93
CA LYS L 263 16.93 -31.78 -74.09
C LYS L 263 17.79 -31.37 -72.90
N GLY L 264 17.38 -31.77 -71.71
CA GLY L 264 18.05 -31.35 -70.51
C GLY L 264 19.31 -32.12 -70.17
N SER L 265 19.62 -33.16 -70.96
CA SER L 265 20.74 -34.05 -70.62
C SER L 265 22.05 -33.66 -71.33
N MET L 266 23.17 -33.94 -70.68
CA MET L 266 24.47 -33.70 -71.32
C MET L 266 24.79 -34.85 -72.26
N TYR L 267 24.01 -35.92 -72.19
CA TYR L 267 24.20 -37.05 -73.08
C TYR L 267 23.24 -36.95 -74.26
N PRO L 268 23.78 -36.99 -75.48
CA PRO L 268 22.90 -36.95 -76.66
C PRO L 268 21.99 -38.17 -76.71
N ASN L 269 20.74 -38.00 -77.15
CA ASN L 269 19.84 -39.13 -77.36
C ASN L 269 20.43 -40.15 -78.32
N LYS L 270 20.17 -41.43 -78.09
CA LYS L 270 20.60 -42.48 -79.01
C LYS L 270 19.47 -43.46 -79.17
N PHE L 271 19.02 -43.70 -80.40
CA PHE L 271 17.94 -44.65 -80.65
C PHE L 271 18.54 -45.98 -81.08
N ILE L 272 18.28 -47.04 -80.32
CA ILE L 272 18.84 -48.36 -80.60
C ILE L 272 17.91 -49.17 -81.52
N HIS L 273 18.48 -49.74 -82.57
CA HIS L 273 17.72 -50.62 -83.46
C HIS L 273 18.59 -51.81 -83.84
N LEU L 274 18.27 -52.97 -83.26
CA LEU L 274 18.92 -54.22 -83.59
C LEU L 274 17.90 -55.12 -84.30
N THR L 275 18.39 -56.00 -85.16
CA THR L 275 17.50 -56.88 -85.92
C THR L 275 18.05 -58.30 -85.95
N TYR L 276 17.20 -59.26 -85.62
CA TYR L 276 17.52 -60.66 -85.86
C TYR L 276 16.60 -61.16 -86.96
N LYS L 277 17.14 -61.93 -87.89
CA LYS L 277 16.29 -62.60 -88.88
C LYS L 277 16.64 -64.08 -88.93
N SER L 278 15.62 -64.94 -88.80
CA SER L 278 15.82 -66.38 -88.89
C SER L 278 16.32 -66.74 -90.28
N LYS L 279 17.17 -67.76 -90.37
CA LYS L 279 17.70 -68.22 -91.65
C LYS L 279 16.64 -68.59 -92.69
N GLY L 280 15.61 -69.32 -92.30
CA GLY L 280 14.65 -69.76 -93.32
C GLY L 280 13.77 -68.65 -93.86
N ASP L 281 12.57 -69.01 -94.28
CA ASP L 281 11.58 -68.00 -94.63
C ASP L 281 11.02 -67.42 -93.34
N VAL L 282 10.59 -66.16 -93.40
CA VAL L 282 10.05 -65.50 -92.23
C VAL L 282 8.53 -65.47 -92.33
N LYS L 283 7.86 -65.89 -91.26
CA LYS L 283 6.41 -65.96 -91.28
C LYS L 283 5.82 -64.99 -90.25
N LYS L 284 6.67 -64.53 -89.34
CA LYS L 284 6.23 -63.55 -88.35
C LYS L 284 7.30 -62.48 -88.15
N LYS L 285 6.86 -61.22 -88.16
CA LYS L 285 7.76 -60.09 -87.94
C LYS L 285 7.32 -59.37 -86.68
N ILE L 286 8.26 -59.13 -85.78
CA ILE L 286 7.94 -58.61 -84.46
C ILE L 286 8.85 -57.44 -84.10
N ALA L 287 8.27 -56.38 -83.54
CA ALA L 287 9.08 -55.31 -82.99
C ALA L 287 8.93 -55.31 -81.46
N LEU L 288 10.06 -55.42 -80.76
CA LEU L 288 10.09 -55.32 -79.31
C LEU L 288 10.63 -53.94 -78.95
N VAL L 289 9.87 -53.19 -78.15
CA VAL L 289 10.26 -51.84 -77.79
C VAL L 289 10.45 -51.72 -76.28
N GLY L 290 11.62 -51.27 -75.85
CA GLY L 290 11.88 -51.08 -74.43
C GLY L 290 12.03 -49.62 -74.06
N LYS L 291 11.47 -49.24 -72.92
CA LYS L 291 11.67 -47.91 -72.38
C LYS L 291 13.14 -47.76 -71.96
N GLY L 292 13.79 -46.71 -72.44
CA GLY L 292 15.22 -46.57 -72.19
C GLY L 292 15.64 -45.26 -71.54
N ILE L 293 15.07 -44.97 -70.38
CA ILE L 293 15.46 -43.77 -69.64
C ILE L 293 16.58 -44.12 -68.65
N THR L 294 17.79 -43.67 -68.95
CA THR L 294 18.97 -44.10 -68.18
C THR L 294 19.00 -43.51 -66.78
N PHE L 295 18.43 -42.32 -66.63
CA PHE L 295 18.08 -41.79 -65.32
C PHE L 295 16.83 -40.93 -65.40
N ASP L 296 15.87 -41.18 -64.52
CA ASP L 296 14.64 -40.40 -64.51
C ASP L 296 14.60 -39.51 -63.26
N SER L 297 15.09 -38.28 -63.38
CA SER L 297 15.10 -37.38 -62.24
C SER L 297 13.69 -36.86 -62.03
N GLY L 298 12.88 -36.97 -63.08
CA GLY L 298 11.55 -36.37 -63.10
C GLY L 298 11.49 -35.11 -63.94
N GLY L 299 12.66 -34.52 -64.22
CA GLY L 299 12.70 -33.22 -64.88
C GLY L 299 12.18 -32.13 -63.96
N TYR L 300 11.67 -31.04 -64.52
CA TYR L 300 11.15 -29.95 -63.68
C TYR L 300 10.07 -30.41 -62.71
N ASN L 301 9.32 -31.45 -63.08
CA ASN L 301 8.47 -32.14 -62.10
C ASN L 301 9.32 -33.11 -61.30
N LEU L 302 10.25 -32.54 -60.54
CA LEU L 302 11.32 -33.29 -59.87
C LEU L 302 10.77 -34.32 -58.91
N LYS L 303 11.43 -35.48 -58.83
CA LYS L 303 11.03 -36.51 -57.88
C LYS L 303 11.50 -36.10 -56.50
N ALA L 304 10.66 -35.30 -55.84
CA ALA L 304 10.96 -34.73 -54.53
C ALA L 304 9.97 -35.22 -53.46
N ALA L 305 8.84 -35.75 -53.91
CA ALA L 305 7.79 -36.23 -53.00
C ALA L 305 8.24 -37.45 -52.21
N PRO L 306 7.79 -37.57 -50.95
CA PRO L 306 8.12 -38.75 -50.16
C PRO L 306 7.69 -40.01 -50.91
N GLY L 307 8.57 -40.99 -51.01
CA GLY L 307 8.22 -42.22 -51.71
C GLY L 307 8.42 -42.21 -53.22
N SER L 308 8.96 -41.13 -53.76
CA SER L 308 9.19 -41.07 -55.21
C SER L 308 10.45 -41.85 -55.62
N MET L 309 11.25 -42.24 -54.62
CA MET L 309 12.43 -43.10 -54.79
C MET L 309 13.37 -42.72 -55.93
N ILE L 310 13.78 -41.46 -55.97
CA ILE L 310 14.68 -40.98 -57.02
C ILE L 310 15.98 -41.79 -57.09
N ASP L 311 16.36 -42.45 -56.00
CA ASP L 311 17.64 -43.15 -55.96
C ASP L 311 17.60 -44.48 -56.71
N LEU L 312 16.39 -44.94 -56.99
CA LEU L 312 16.16 -46.17 -57.76
C LEU L 312 16.15 -45.90 -59.28
N MET L 313 16.14 -44.63 -59.68
CA MET L 313 15.75 -44.29 -61.04
C MET L 313 16.78 -44.58 -62.13
N LYS L 314 17.94 -45.11 -61.76
CA LYS L 314 18.82 -45.73 -62.75
C LYS L 314 18.11 -46.94 -63.38
N PHE L 315 17.08 -47.45 -62.70
CA PHE L 315 16.39 -48.67 -63.18
C PHE L 315 15.40 -48.39 -64.30
N ASP L 316 15.26 -47.12 -64.66
CA ASP L 316 14.23 -46.71 -65.61
C ASP L 316 14.54 -47.07 -67.07
N MET L 317 15.64 -47.78 -67.29
CA MET L 317 15.92 -48.37 -68.59
C MET L 317 15.75 -49.91 -68.55
N SER L 318 15.02 -50.41 -67.55
CA SER L 318 14.78 -51.84 -67.39
C SER L 318 14.13 -52.44 -68.64
N GLY L 319 13.29 -51.64 -69.30
CA GLY L 319 12.61 -52.08 -70.50
C GLY L 319 13.60 -52.33 -71.62
N CYS L 320 14.47 -51.34 -71.85
CA CYS L 320 15.57 -51.49 -72.79
C CYS L 320 16.44 -52.72 -72.47
N ALA L 321 16.79 -52.88 -71.20
CA ALA L 321 17.62 -54.03 -70.79
C ALA L 321 16.93 -55.36 -71.09
N ALA L 322 15.64 -55.45 -70.80
CA ALA L 322 14.90 -56.69 -71.07
C ALA L 322 14.92 -57.02 -72.56
N VAL L 323 14.78 -55.98 -73.39
CA VAL L 323 14.81 -56.16 -74.84
C VAL L 323 16.21 -56.57 -75.35
N LEU L 324 17.26 -56.01 -74.75
CA LEU L 324 18.61 -56.40 -75.15
C LEU L 324 18.95 -57.81 -74.65
N GLY L 325 18.47 -58.14 -73.45
CA GLY L 325 18.66 -59.47 -72.92
C GLY L 325 17.97 -60.46 -73.83
N CYS L 326 16.79 -60.09 -74.31
CA CYS L 326 16.05 -60.92 -75.23
C CYS L 326 16.84 -61.10 -76.53
N ALA L 327 17.46 -60.01 -77.00
CA ALA L 327 18.31 -60.09 -78.18
C ALA L 327 19.43 -61.11 -78.00
N TYR L 328 19.99 -61.19 -76.79
CA TYR L 328 21.02 -62.19 -76.51
C TYR L 328 20.46 -63.60 -76.65
N CYS L 329 19.32 -63.84 -76.02
CA CYS L 329 18.72 -65.17 -76.03
C CYS L 329 18.33 -65.59 -77.44
N VAL L 330 17.67 -64.67 -78.15
CA VAL L 330 17.25 -64.94 -79.52
C VAL L 330 18.46 -65.12 -80.43
N GLY L 331 19.43 -64.22 -80.31
CA GLY L 331 20.64 -64.29 -81.13
C GLY L 331 21.42 -65.57 -80.91
N THR L 332 21.23 -66.17 -79.74
CA THR L 332 21.98 -67.37 -79.35
C THR L 332 21.26 -68.66 -79.72
N LEU L 333 19.96 -68.73 -79.46
CA LEU L 333 19.17 -69.94 -79.71
C LEU L 333 18.73 -70.03 -81.17
N LYS L 334 18.75 -68.89 -81.86
CA LYS L 334 18.46 -68.83 -83.30
C LYS L 334 17.17 -69.53 -83.72
N PRO L 335 16.01 -69.02 -83.25
CA PRO L 335 14.74 -69.64 -83.62
C PRO L 335 14.43 -69.43 -85.10
N GLU L 336 13.56 -70.25 -85.65
CA GLU L 336 13.22 -70.18 -87.06
C GLU L 336 11.95 -69.37 -87.32
N ASN L 337 11.75 -68.99 -88.59
CA ASN L 337 10.49 -68.40 -89.07
C ASN L 337 10.22 -66.98 -88.59
N VAL L 338 11.26 -66.31 -88.12
CA VAL L 338 11.05 -65.12 -87.31
C VAL L 338 11.99 -63.97 -87.66
N GLU L 339 11.46 -62.75 -87.69
CA GLU L 339 12.26 -61.54 -87.84
C GLU L 339 11.94 -60.60 -86.69
N ILE L 340 12.94 -60.30 -85.86
CA ILE L 340 12.71 -59.50 -84.66
C ILE L 340 13.48 -58.19 -84.70
N HIS L 341 12.80 -57.09 -84.36
CA HIS L 341 13.46 -55.80 -84.22
C HIS L 341 13.51 -55.42 -82.75
N PHE L 342 14.71 -55.11 -82.28
CA PHE L 342 14.90 -54.73 -80.89
C PHE L 342 15.14 -53.21 -80.82
N LEU L 343 14.18 -52.50 -80.22
CA LEU L 343 14.15 -51.03 -80.30
C LEU L 343 14.16 -50.39 -78.93
N SER L 344 14.90 -49.29 -78.80
CA SER L 344 14.80 -48.46 -77.60
C SER L 344 15.18 -47.02 -77.90
N ALA L 345 14.29 -46.10 -77.55
CA ALA L 345 14.58 -44.68 -77.62
C ALA L 345 15.27 -44.28 -76.32
N VAL L 346 16.60 -44.24 -76.34
CA VAL L 346 17.36 -44.05 -75.11
C VAL L 346 17.65 -42.57 -74.87
N CYS L 347 17.40 -42.09 -73.65
CA CYS L 347 17.74 -40.72 -73.26
C CYS L 347 17.79 -40.64 -71.74
N GLU L 348 18.02 -39.43 -71.24
CA GLU L 348 18.13 -39.19 -69.81
C GLU L 348 17.28 -37.95 -69.47
N ASN L 349 16.45 -38.03 -68.42
CA ASN L 349 15.46 -36.99 -68.10
C ASN L 349 15.98 -36.11 -66.96
N MET L 350 16.51 -34.93 -67.30
CA MET L 350 17.29 -34.12 -66.34
C MET L 350 16.77 -32.70 -66.14
N VAL L 351 17.31 -32.03 -65.13
CA VAL L 351 16.92 -30.64 -64.85
C VAL L 351 18.05 -29.71 -65.26
N SER L 352 17.72 -28.75 -66.12
CA SER L 352 18.73 -27.94 -66.77
C SER L 352 18.10 -26.66 -67.32
N LYS L 353 18.92 -25.71 -67.75
CA LYS L 353 18.37 -24.56 -68.46
C LYS L 353 17.75 -25.05 -69.78
N ASN L 354 18.26 -26.17 -70.29
CA ASN L 354 17.84 -26.72 -71.59
C ASN L 354 16.65 -27.67 -71.57
N SER L 355 16.11 -27.95 -70.39
CA SER L 355 15.06 -28.97 -70.25
C SER L 355 13.73 -28.53 -70.85
N TYR L 356 12.92 -29.49 -71.28
CA TYR L 356 11.53 -29.18 -71.56
C TYR L 356 10.79 -28.85 -70.28
N ARG L 357 9.70 -28.09 -70.42
CA ARG L 357 8.95 -27.58 -69.28
C ARG L 357 7.56 -28.16 -69.22
N PRO L 358 7.00 -28.26 -68.00
CA PRO L 358 5.57 -28.52 -67.82
C PRO L 358 4.80 -27.49 -68.63
N GLY L 359 3.85 -27.94 -69.45
CA GLY L 359 3.06 -27.05 -70.27
C GLY L 359 3.54 -26.94 -71.70
N ASP L 360 4.80 -27.29 -71.95
CA ASP L 360 5.35 -27.29 -73.32
C ASP L 360 4.46 -28.10 -74.25
N ILE L 361 4.31 -27.63 -75.49
CA ILE L 361 3.62 -28.39 -76.52
C ILE L 361 4.64 -28.80 -77.56
N ILE L 362 4.76 -30.10 -77.76
CA ILE L 362 5.78 -30.67 -78.63
C ILE L 362 5.10 -31.55 -79.66
N THR L 363 5.80 -31.86 -80.75
CA THR L 363 5.16 -32.56 -81.86
C THR L 363 5.82 -33.92 -82.11
N ALA L 364 5.03 -34.99 -82.02
CA ALA L 364 5.55 -36.35 -82.27
C ALA L 364 5.78 -36.60 -83.77
N SER L 365 6.47 -37.70 -84.07
CA SER L 365 6.85 -38.01 -85.46
C SER L 365 5.68 -38.32 -86.38
N ASN L 366 4.52 -38.65 -85.82
CA ASN L 366 3.35 -38.84 -86.66
C ASN L 366 2.55 -37.55 -86.82
N GLY L 367 3.11 -36.46 -86.32
CA GLY L 367 2.48 -35.16 -86.47
C GLY L 367 1.56 -34.74 -85.33
N LYS L 368 1.29 -35.64 -84.39
CA LYS L 368 0.39 -35.30 -83.28
C LYS L 368 1.06 -34.36 -82.30
N THR L 369 0.39 -33.25 -81.98
CA THR L 369 0.90 -32.32 -80.99
C THR L 369 0.44 -32.80 -79.60
N ILE L 370 1.33 -32.66 -78.62
CA ILE L 370 1.11 -33.17 -77.28
C ILE L 370 1.35 -32.10 -76.22
N GLU L 371 0.38 -31.87 -75.35
CA GLU L 371 0.62 -30.98 -74.22
C GLU L 371 1.23 -31.72 -73.03
N VAL L 372 2.45 -31.31 -72.63
CA VAL L 372 3.13 -31.92 -71.48
C VAL L 372 2.52 -31.38 -70.19
N GLY L 373 1.88 -32.25 -69.42
CA GLY L 373 1.28 -31.81 -68.17
C GLY L 373 2.21 -32.10 -67.01
N ASN L 374 3.22 -32.94 -67.27
CA ASN L 374 4.13 -33.40 -66.23
C ASN L 374 5.40 -34.00 -66.88
N THR L 375 6.55 -33.38 -66.64
CA THR L 375 7.80 -33.82 -67.27
C THR L 375 8.25 -35.17 -66.76
N ASP L 376 7.64 -35.62 -65.67
CA ASP L 376 7.97 -36.91 -65.07
C ASP L 376 7.08 -38.01 -65.66
N ALA L 377 6.25 -37.66 -66.64
CA ALA L 377 5.60 -38.70 -67.44
C ALA L 377 6.33 -38.81 -68.78
N GLU L 378 7.66 -38.98 -68.71
CA GLU L 378 8.50 -38.87 -69.89
C GLU L 378 8.56 -40.17 -70.68
N GLY L 379 8.35 -41.30 -70.02
CA GLY L 379 8.50 -42.58 -70.70
C GLY L 379 7.55 -42.73 -71.87
N ARG L 380 6.30 -42.32 -71.67
CA ARG L 380 5.29 -42.49 -72.71
C ARG L 380 5.61 -41.58 -73.89
N LEU L 381 6.28 -40.47 -73.63
CA LEU L 381 6.67 -39.58 -74.72
C LEU L 381 7.72 -40.22 -75.62
N THR L 382 8.72 -40.87 -75.03
CA THR L 382 9.76 -41.53 -75.80
C THR L 382 9.21 -42.77 -76.53
N LEU L 383 8.29 -43.48 -75.87
CA LEU L 383 7.64 -44.64 -76.47
C LEU L 383 6.72 -44.27 -77.63
N ALA L 384 6.07 -43.12 -77.53
CA ALA L 384 5.22 -42.64 -78.61
C ALA L 384 6.01 -42.60 -79.93
N ASP L 385 7.16 -41.92 -79.90
CA ASP L 385 8.01 -41.85 -81.09
C ASP L 385 8.60 -43.22 -81.48
N ALA L 386 8.93 -44.03 -80.49
CA ALA L 386 9.46 -45.37 -80.76
C ALA L 386 8.40 -46.25 -81.42
N LEU L 387 7.14 -46.11 -80.98
CA LEU L 387 6.03 -46.88 -81.54
C LEU L 387 5.71 -46.49 -83.00
N VAL L 388 5.75 -45.20 -83.30
CA VAL L 388 5.63 -44.71 -84.68
C VAL L 388 6.72 -45.30 -85.57
N TYR L 389 7.95 -45.26 -85.07
CA TYR L 389 9.09 -45.87 -85.74
C TYR L 389 8.85 -47.35 -85.96
N ALA L 390 8.38 -48.03 -84.93
CA ALA L 390 8.17 -49.48 -85.01
C ALA L 390 7.12 -49.83 -86.05
N GLU L 391 6.01 -49.10 -86.07
CA GLU L 391 4.92 -49.44 -86.99
C GLU L 391 5.33 -49.25 -88.47
N LYS L 392 6.22 -48.30 -88.72
CA LYS L 392 6.74 -48.07 -90.07
C LYS L 392 7.58 -49.23 -90.59
N LEU L 393 8.07 -50.09 -89.70
CA LEU L 393 8.86 -51.26 -90.10
C LEU L 393 8.01 -52.35 -90.77
N GLY L 394 6.69 -52.26 -90.61
CA GLY L 394 5.77 -53.20 -91.22
C GLY L 394 5.76 -54.57 -90.56
N VAL L 395 5.64 -54.60 -89.24
CA VAL L 395 5.63 -55.86 -88.50
C VAL L 395 4.24 -56.35 -88.19
N ASP L 396 4.14 -57.58 -87.70
CA ASP L 396 2.85 -58.18 -87.40
C ASP L 396 2.45 -57.89 -85.95
N TYR L 397 3.43 -57.85 -85.06
CA TYR L 397 3.18 -57.55 -83.66
C TYR L 397 4.17 -56.48 -83.17
N ILE L 398 3.68 -55.52 -82.40
CA ILE L 398 4.54 -54.61 -81.66
C ILE L 398 4.29 -54.83 -80.18
N VAL L 399 5.33 -55.15 -79.43
CA VAL L 399 5.22 -55.30 -77.99
C VAL L 399 6.19 -54.32 -77.33
N ASP L 400 5.69 -53.45 -76.48
CA ASP L 400 6.62 -52.61 -75.71
C ASP L 400 6.70 -53.10 -74.26
N ILE L 401 7.83 -52.84 -73.62
CA ILE L 401 8.02 -53.22 -72.23
C ILE L 401 8.65 -52.03 -71.51
N ALA L 402 8.07 -51.62 -70.38
CA ALA L 402 8.42 -50.34 -69.77
C ALA L 402 8.15 -50.30 -68.27
N THR L 403 9.04 -49.65 -67.53
CA THR L 403 8.78 -49.28 -66.13
C THR L 403 8.01 -47.97 -66.15
N LEU L 404 6.75 -48.05 -66.55
CA LEU L 404 6.03 -46.86 -66.96
C LEU L 404 5.32 -46.12 -65.83
N THR L 405 4.63 -46.85 -64.97
CA THR L 405 3.79 -46.19 -63.99
C THR L 405 3.92 -46.82 -62.61
N GLY L 406 4.28 -45.99 -61.63
CA GLY L 406 4.32 -46.40 -60.23
C GLY L 406 2.99 -46.94 -59.71
N ALA L 407 1.90 -46.60 -60.39
CA ALA L 407 0.59 -47.11 -60.03
C ALA L 407 0.50 -48.65 -60.05
N MET L 408 1.42 -49.31 -60.75
CA MET L 408 1.42 -50.78 -60.82
C MET L 408 1.62 -51.41 -59.44
N LEU L 409 2.36 -50.71 -58.58
CA LEU L 409 2.55 -51.19 -57.20
C LEU L 409 1.23 -51.30 -56.43
N TYR L 410 0.24 -50.49 -56.80
CA TYR L 410 -1.04 -50.51 -56.09
C TYR L 410 -2.06 -51.40 -56.78
N SER L 411 -1.75 -51.81 -57.99
CA SER L 411 -2.66 -52.67 -58.74
C SER L 411 -2.23 -54.13 -58.60
N LEU L 412 -1.08 -54.46 -59.17
CA LEU L 412 -0.62 -55.85 -59.18
C LEU L 412 0.53 -56.13 -58.21
N GLY L 413 1.22 -55.07 -57.78
CA GLY L 413 2.28 -55.20 -56.79
C GLY L 413 3.63 -55.53 -57.40
N THR L 414 4.47 -56.20 -56.62
CA THR L 414 5.85 -56.44 -56.98
C THR L 414 6.08 -57.74 -57.73
N SER L 415 5.07 -58.61 -57.77
CA SER L 415 5.22 -59.95 -58.38
C SER L 415 4.72 -60.10 -59.83
N TYR L 416 3.58 -59.50 -60.16
CA TYR L 416 2.96 -59.67 -61.47
C TYR L 416 3.05 -58.39 -62.29
N ALA L 417 3.55 -58.48 -63.52
CA ALA L 417 3.52 -57.34 -64.45
C ALA L 417 2.11 -57.22 -65.04
N GLY L 418 1.74 -56.01 -65.44
CA GLY L 418 0.49 -55.83 -66.16
C GLY L 418 0.70 -55.83 -67.65
N VAL L 419 -0.24 -56.43 -68.39
CA VAL L 419 -0.21 -56.33 -69.85
C VAL L 419 -1.52 -55.73 -70.37
N PHE L 420 -1.38 -54.77 -71.29
CA PHE L 420 -2.50 -54.06 -71.91
C PHE L 420 -2.34 -54.17 -73.42
N GLY L 421 -3.43 -54.07 -74.18
CA GLY L 421 -3.26 -54.14 -75.63
C GLY L 421 -4.48 -53.83 -76.44
N ASN L 422 -4.31 -53.77 -77.76
CA ASN L 422 -5.41 -53.50 -78.68
C ASN L 422 -5.86 -54.77 -79.42
N ASN L 423 -5.31 -55.92 -79.03
CA ASN L 423 -5.52 -57.15 -79.79
C ASN L 423 -5.51 -58.36 -78.88
N GLU L 424 -6.66 -58.98 -78.73
CA GLU L 424 -6.82 -60.14 -77.85
C GLU L 424 -5.88 -61.29 -78.14
N GLU L 425 -5.70 -61.60 -79.43
CA GLU L 425 -4.84 -62.71 -79.84
C GLU L 425 -3.42 -62.52 -79.31
N LEU L 426 -2.90 -61.32 -79.49
CA LEU L 426 -1.52 -61.02 -79.10
C LEU L 426 -1.38 -61.06 -77.59
N ILE L 427 -2.38 -60.51 -76.89
CA ILE L 427 -2.40 -60.54 -75.44
C ILE L 427 -2.34 -61.97 -74.90
N ASN L 428 -3.11 -62.86 -75.52
CA ASN L 428 -3.16 -64.25 -75.09
C ASN L 428 -1.81 -64.93 -75.33
N LYS L 429 -1.15 -64.55 -76.41
CA LYS L 429 0.20 -65.04 -76.67
C LYS L 429 1.17 -64.61 -75.56
N ILE L 430 1.08 -63.35 -75.13
CA ILE L 430 1.90 -62.87 -74.02
C ILE L 430 1.59 -63.68 -72.77
N LEU L 431 0.31 -63.89 -72.49
CA LEU L 431 -0.10 -64.68 -71.31
C LEU L 431 0.41 -66.12 -71.37
N GLN L 432 0.43 -66.71 -72.56
CA GLN L 432 0.96 -68.06 -72.70
C GLN L 432 2.46 -68.07 -72.42
N SER L 433 3.14 -67.02 -72.86
CA SER L 433 4.59 -66.89 -72.64
C SER L 433 4.90 -66.67 -71.17
N SER L 434 3.97 -66.04 -70.47
CA SER L 434 4.15 -65.77 -69.06
C SER L 434 4.16 -67.10 -68.34
N LYS L 435 3.32 -68.00 -68.83
CA LYS L 435 3.20 -69.31 -68.22
C LYS L 435 4.42 -70.20 -68.51
N THR L 436 4.94 -70.16 -69.73
CA THR L 436 6.06 -71.04 -70.06
C THR L 436 7.40 -70.47 -69.58
N SER L 437 7.49 -69.15 -69.46
CA SER L 437 8.69 -68.52 -68.90
C SER L 437 8.67 -68.49 -67.38
N ASN L 438 7.48 -68.63 -66.80
CA ASN L 438 7.29 -68.45 -65.35
C ASN L 438 7.65 -67.05 -64.84
N GLU L 439 7.53 -66.05 -65.72
CA GLU L 439 7.54 -64.65 -65.31
C GLU L 439 6.09 -64.17 -65.35
N PRO L 440 5.49 -63.92 -64.18
CA PRO L 440 4.03 -63.74 -64.14
C PRO L 440 3.51 -62.39 -64.64
N VAL L 441 2.45 -62.44 -65.43
CA VAL L 441 1.85 -61.27 -66.05
C VAL L 441 0.33 -61.37 -65.91
N TRP L 442 -0.35 -60.25 -65.75
CA TRP L 442 -1.80 -60.25 -65.66
C TRP L 442 -2.40 -59.26 -66.63
N TRP L 443 -3.44 -59.67 -67.33
CA TRP L 443 -4.07 -58.84 -68.32
C TRP L 443 -4.96 -57.76 -67.65
N LEU L 444 -4.67 -56.50 -67.96
CA LEU L 444 -5.44 -55.37 -67.45
C LEU L 444 -6.11 -54.64 -68.63
N PRO L 445 -7.27 -53.98 -68.38
CA PRO L 445 -8.01 -53.42 -69.52
C PRO L 445 -7.54 -52.01 -69.92
N ILE L 446 -7.66 -51.73 -71.22
CA ILE L 446 -7.62 -50.37 -71.71
C ILE L 446 -9.07 -49.87 -71.75
N ILE L 447 -9.42 -48.98 -70.82
CA ILE L 447 -10.82 -48.54 -70.68
C ILE L 447 -11.08 -47.28 -71.52
N ASN L 448 -11.76 -47.49 -72.65
CA ASN L 448 -11.96 -46.42 -73.62
C ASN L 448 -12.69 -45.20 -73.05
N GLU L 449 -13.50 -45.42 -72.03
CA GLU L 449 -14.19 -44.31 -71.38
C GLU L 449 -13.24 -43.26 -70.79
N TYR L 450 -12.01 -43.64 -70.44
CA TYR L 450 -11.09 -42.66 -69.87
C TYR L 450 -10.40 -41.81 -70.95
N ARG L 451 -10.54 -42.21 -72.22
CA ARG L 451 -9.84 -41.50 -73.30
C ARG L 451 -10.08 -39.99 -73.27
N ALA L 452 -11.32 -39.59 -72.98
CA ALA L 452 -11.70 -38.18 -73.04
C ALA L 452 -10.86 -37.32 -72.12
N THR L 453 -10.33 -37.91 -71.05
CA THR L 453 -9.50 -37.16 -70.11
C THR L 453 -8.18 -36.72 -70.73
N LEU L 454 -7.86 -37.25 -71.91
CA LEU L 454 -6.63 -36.86 -72.61
C LEU L 454 -6.85 -35.75 -73.64
N ASN L 455 -8.11 -35.34 -73.81
CA ASN L 455 -8.39 -34.23 -74.71
C ASN L 455 -7.74 -32.96 -74.18
N SER L 456 -6.89 -32.35 -75.00
CA SER L 456 -6.19 -31.14 -74.60
C SER L 456 -6.96 -29.93 -75.09
N LYS L 457 -6.92 -28.84 -74.33
CA LYS L 457 -7.57 -27.62 -74.77
C LYS L 457 -6.89 -27.02 -76.01
N TYR L 458 -5.57 -27.20 -76.09
CA TYR L 458 -4.78 -26.52 -77.11
C TYR L 458 -4.08 -27.45 -78.10
N ALA L 459 -3.47 -28.52 -77.59
CA ALA L 459 -2.80 -29.50 -78.45
C ALA L 459 -3.76 -30.60 -78.93
N ASP L 460 -3.27 -31.48 -79.79
CA ASP L 460 -4.06 -32.64 -80.23
C ASP L 460 -4.40 -33.58 -79.09
N ILE L 461 -3.46 -33.79 -78.17
CA ILE L 461 -3.68 -34.70 -77.05
C ILE L 461 -2.88 -34.27 -75.80
N ASN L 462 -3.40 -34.62 -74.63
CA ASN L 462 -2.68 -34.44 -73.37
C ASN L 462 -1.76 -35.63 -73.12
N GLN L 463 -0.63 -35.36 -72.49
CA GLN L 463 0.31 -36.41 -72.08
C GLN L 463 -0.29 -37.20 -70.91
N ILE L 464 -0.87 -36.47 -69.96
CA ILE L 464 -1.43 -37.07 -68.75
C ILE L 464 -2.86 -36.60 -68.55
N SER L 465 -3.56 -37.30 -67.66
CA SER L 465 -4.91 -36.90 -67.25
C SER L 465 -4.78 -35.94 -66.08
N SER L 466 -5.75 -35.06 -65.92
CA SER L 466 -5.78 -34.22 -64.74
C SER L 466 -6.58 -34.91 -63.62
N SER L 467 -7.65 -35.60 -64.00
CA SER L 467 -8.58 -36.19 -63.04
C SER L 467 -8.36 -37.69 -62.77
N VAL L 468 -8.23 -38.48 -63.82
CA VAL L 468 -8.21 -39.94 -63.71
C VAL L 468 -6.97 -40.50 -63.00
N LYS L 469 -7.16 -41.19 -61.89
CA LYS L 469 -6.05 -41.74 -61.10
C LYS L 469 -5.61 -43.13 -61.57
N ALA L 470 -6.34 -43.71 -62.50
CA ALA L 470 -5.96 -45.01 -63.09
C ALA L 470 -4.84 -44.79 -64.10
N SER L 471 -3.66 -44.44 -63.61
CA SER L 471 -2.62 -43.90 -64.49
C SER L 471 -2.00 -44.94 -65.43
N SER L 472 -1.99 -46.20 -65.02
CA SER L 472 -1.45 -47.25 -65.87
C SER L 472 -2.33 -47.39 -67.11
N ILE L 473 -3.64 -47.22 -66.92
CA ILE L 473 -4.60 -47.30 -68.01
C ILE L 473 -4.56 -46.07 -68.90
N VAL L 474 -4.48 -44.89 -68.29
CA VAL L 474 -4.38 -43.63 -69.03
C VAL L 474 -3.13 -43.64 -69.90
N ALA L 475 -2.02 -44.11 -69.32
CA ALA L 475 -0.77 -44.18 -70.05
C ALA L 475 -0.91 -45.11 -71.25
N SER L 476 -1.63 -46.20 -71.08
CA SER L 476 -1.87 -47.14 -72.16
C SER L 476 -2.74 -46.52 -73.26
N LEU L 477 -3.72 -45.72 -72.87
CA LEU L 477 -4.58 -45.03 -73.82
C LEU L 477 -3.75 -44.05 -74.65
N PHE L 478 -2.84 -43.34 -74.00
CA PHE L 478 -1.94 -42.43 -74.69
C PHE L 478 -1.09 -43.20 -75.72
N LEU L 479 -0.54 -44.33 -75.29
CA LEU L 479 0.37 -45.09 -76.16
C LEU L 479 -0.40 -45.62 -77.36
N LYS L 480 -1.64 -46.02 -77.12
CA LYS L 480 -2.50 -46.63 -78.14
C LYS L 480 -2.75 -45.66 -79.29
N GLU L 481 -2.66 -44.36 -78.98
CA GLU L 481 -2.81 -43.33 -80.00
C GLU L 481 -1.69 -43.33 -81.04
N PHE L 482 -0.60 -44.02 -80.75
CA PHE L 482 0.56 -44.00 -81.66
C PHE L 482 0.78 -45.30 -82.41
N VAL L 483 -0.22 -46.18 -82.36
CA VAL L 483 -0.28 -47.37 -83.17
C VAL L 483 -1.61 -47.35 -83.91
N GLN L 484 -1.55 -47.33 -85.23
CA GLN L 484 -2.76 -47.10 -86.02
C GLN L 484 -3.40 -48.38 -86.54
N ASN L 485 -2.58 -49.35 -86.91
CA ASN L 485 -3.08 -50.49 -87.66
C ASN L 485 -2.36 -51.80 -87.40
N THR L 486 -1.75 -51.93 -86.22
CA THR L 486 -0.94 -53.09 -85.93
C THR L 486 -1.33 -53.65 -84.57
N ALA L 487 -1.43 -54.98 -84.47
CA ALA L 487 -1.62 -55.64 -83.18
C ALA L 487 -0.50 -55.18 -82.24
N TRP L 488 -0.88 -54.69 -81.06
CA TRP L 488 0.09 -54.12 -80.13
C TRP L 488 -0.22 -54.45 -78.68
N ALA L 489 0.82 -54.74 -77.90
CA ALA L 489 0.66 -54.98 -76.48
C ALA L 489 1.74 -54.21 -75.70
N HIS L 490 1.39 -53.87 -74.46
CA HIS L 490 2.22 -53.02 -73.62
C HIS L 490 2.37 -53.69 -72.27
N ILE L 491 3.60 -54.00 -71.89
CA ILE L 491 3.87 -54.65 -70.62
C ILE L 491 4.46 -53.61 -69.66
N ASP L 492 3.75 -53.34 -68.56
CA ASP L 492 4.22 -52.33 -67.61
C ASP L 492 4.92 -53.06 -66.46
N ILE L 493 6.23 -52.86 -66.35
CA ILE L 493 7.01 -53.57 -65.34
C ILE L 493 7.54 -52.65 -64.24
N ALA L 494 6.91 -51.50 -64.05
CA ALA L 494 7.36 -50.56 -63.02
C ALA L 494 7.38 -51.20 -61.63
N GLY L 495 6.43 -52.09 -61.36
CA GLY L 495 6.33 -52.68 -60.05
C GLY L 495 7.21 -53.89 -59.82
N VAL L 496 7.50 -54.63 -60.90
CA VAL L 496 8.18 -55.91 -60.76
C VAL L 496 9.67 -55.87 -61.07
N SER L 497 10.14 -54.79 -61.68
CA SER L 497 11.50 -54.78 -62.20
C SER L 497 12.58 -54.93 -61.13
N TRP L 498 12.40 -54.24 -60.03
CA TRP L 498 13.42 -54.19 -59.00
C TRP L 498 13.06 -55.11 -57.82
N ASN L 499 14.00 -55.93 -57.38
CA ASN L 499 13.78 -56.77 -56.21
C ASN L 499 14.18 -55.98 -54.98
N PHE L 500 13.18 -55.39 -54.32
CA PHE L 500 13.44 -54.47 -53.21
C PHE L 500 14.07 -55.17 -52.02
N LYS L 501 13.70 -56.43 -51.80
CA LYS L 501 14.23 -57.15 -50.65
C LYS L 501 15.71 -57.53 -50.81
N ALA L 502 16.10 -57.97 -52.01
CA ALA L 502 17.50 -58.37 -52.22
C ALA L 502 18.34 -57.22 -52.78
N ARG L 503 17.70 -56.07 -53.01
CA ARG L 503 18.38 -54.86 -53.46
C ARG L 503 19.13 -55.02 -54.78
N LYS L 504 18.45 -55.65 -55.74
CA LYS L 504 19.01 -55.87 -57.06
C LYS L 504 17.90 -55.96 -58.11
N PRO L 505 18.24 -55.85 -59.40
CA PRO L 505 17.23 -56.06 -60.44
C PRO L 505 16.83 -57.52 -60.57
N LYS L 506 15.67 -57.74 -61.18
CA LYS L 506 15.26 -59.08 -61.53
C LYS L 506 15.65 -59.46 -62.95
N GLY L 507 15.97 -58.46 -63.76
CA GLY L 507 16.10 -58.68 -65.19
C GLY L 507 14.77 -59.13 -65.78
N PHE L 508 13.67 -58.63 -65.21
CA PHE L 508 12.34 -59.11 -65.58
C PHE L 508 11.99 -58.86 -67.06
N GLY L 509 11.46 -59.90 -67.69
CA GLY L 509 10.92 -59.79 -69.03
C GLY L 509 11.78 -60.38 -70.15
N VAL L 510 13.05 -60.65 -69.86
CA VAL L 510 13.91 -61.29 -70.87
C VAL L 510 13.36 -62.65 -71.27
N ARG L 511 13.05 -63.46 -70.27
CA ARG L 511 12.58 -64.80 -70.55
C ARG L 511 11.16 -64.78 -71.11
N LEU L 512 10.35 -63.84 -70.62
CA LEU L 512 8.99 -63.63 -71.13
C LEU L 512 9.00 -63.34 -72.64
N LEU L 513 9.79 -62.35 -73.04
CA LEU L 513 9.87 -62.00 -74.45
C LEU L 513 10.48 -63.09 -75.33
N THR L 514 11.47 -63.81 -74.82
CA THR L 514 12.10 -64.89 -75.59
C THR L 514 11.12 -66.05 -75.79
N GLU L 515 10.40 -66.43 -74.72
CA GLU L 515 9.33 -67.41 -74.87
C GLU L 515 8.29 -66.95 -75.88
N PHE L 516 7.93 -65.67 -75.84
CA PHE L 516 6.99 -65.10 -76.80
C PHE L 516 7.47 -65.33 -78.24
N VAL L 517 8.74 -65.05 -78.46
CA VAL L 517 9.34 -65.23 -79.77
C VAL L 517 9.41 -66.72 -80.15
N LEU L 518 9.87 -67.55 -79.23
CA LEU L 518 10.06 -68.98 -79.53
C LEU L 518 8.75 -69.73 -79.73
N ASN L 519 7.75 -69.42 -78.90
CA ASN L 519 6.44 -70.04 -79.04
C ASN L 519 5.81 -69.74 -80.38
N ASP L 520 5.94 -68.50 -80.83
CA ASP L 520 5.44 -68.12 -82.15
C ASP L 520 6.23 -68.81 -83.26
N ALA L 521 7.55 -68.81 -83.11
CA ALA L 521 8.45 -69.48 -84.04
C ALA L 521 8.04 -70.94 -84.26
N LEU L 522 7.58 -71.59 -83.19
CA LEU L 522 6.89 -72.87 -83.34
C LEU L 522 5.53 -72.58 -83.97
#